data_2KW8
#
_entry.id   2KW8
#
_entity_poly.entity_id   1
_entity_poly.type   'polypeptide(L)'
_entity_poly.pdbx_seq_one_letter_code
;GSHMDASKIDQPDLAEVANASLDKKQVIGRISIPSVSLELPVLKSSTEKNLLSGAATVKENQVMGKGNYALAGHNMSKKG
VLFSDIASLKKGDKIYLYDNENEYEYAVTGVSEVTPDKWEVVEDHGKDEITLITCVSVKDNSKRYVVAGDLVGTKAKK
;
_entity_poly.pdbx_strand_id   A
#
# COMPACT_ATOMS: atom_id res chain seq x y z
N GLY A 1 5.34 -7.76 -14.94
CA GLY A 1 4.04 -7.25 -14.41
C GLY A 1 3.27 -6.57 -15.53
N SER A 2 2.54 -7.36 -16.31
CA SER A 2 1.76 -6.83 -17.42
C SER A 2 2.63 -5.95 -18.31
N HIS A 3 2.03 -4.93 -18.90
CA HIS A 3 2.77 -4.03 -19.78
C HIS A 3 3.55 -3.00 -18.97
N MET A 4 3.64 -3.22 -17.67
CA MET A 4 4.37 -2.31 -16.78
C MET A 4 3.83 -0.88 -16.90
N ASP A 5 2.84 -0.72 -17.76
CA ASP A 5 2.23 0.59 -17.99
C ASP A 5 1.03 0.80 -17.09
N ALA A 6 0.79 -0.15 -16.20
CA ALA A 6 -0.33 -0.09 -15.28
C ALA A 6 -0.10 0.97 -14.20
N SER A 7 1.14 1.10 -13.75
CA SER A 7 1.48 2.05 -12.68
C SER A 7 1.80 3.43 -13.25
N LYS A 8 1.37 3.66 -14.49
CA LYS A 8 1.60 4.94 -15.16
C LYS A 8 0.82 6.07 -14.48
N ILE A 9 0.75 6.06 -13.16
CA ILE A 9 0.02 7.08 -12.43
C ILE A 9 0.68 8.43 -12.60
N ASP A 10 2.00 8.44 -12.48
CA ASP A 10 2.75 9.69 -12.62
C ASP A 10 2.30 10.68 -11.56
N GLN A 11 3.24 11.16 -10.74
CA GLN A 11 2.92 12.11 -9.66
C GLN A 11 1.84 13.10 -10.12
N PRO A 12 0.57 12.82 -9.88
CA PRO A 12 -0.52 13.74 -10.32
C PRO A 12 -0.60 15.01 -9.48
N ASP A 13 -1.19 16.05 -10.05
CA ASP A 13 -1.34 17.31 -9.34
C ASP A 13 -2.39 17.19 -8.23
N LEU A 14 -2.19 17.96 -7.16
CA LEU A 14 -3.10 17.93 -6.02
C LEU A 14 -4.52 18.29 -6.45
N ALA A 15 -4.63 19.01 -7.56
CA ALA A 15 -5.94 19.41 -8.05
C ALA A 15 -6.74 18.18 -8.49
N GLU A 16 -6.04 17.22 -9.09
CA GLU A 16 -6.68 15.99 -9.56
C GLU A 16 -7.04 15.10 -8.38
N VAL A 17 -6.17 15.12 -7.38
CA VAL A 17 -6.36 14.31 -6.19
C VAL A 17 -7.44 14.92 -5.29
N ALA A 18 -7.38 16.23 -5.13
CA ALA A 18 -8.36 16.93 -4.30
C ALA A 18 -9.75 16.84 -4.91
N ASN A 19 -9.81 16.92 -6.22
CA ASN A 19 -11.10 16.86 -6.92
C ASN A 19 -11.54 15.42 -7.15
N ALA A 20 -10.59 14.49 -7.09
CA ALA A 20 -10.91 13.08 -7.31
C ALA A 20 -11.90 12.59 -6.25
N SER A 21 -12.96 11.91 -6.71
CA SER A 21 -13.96 11.38 -5.79
C SER A 21 -13.63 9.95 -5.39
N LEU A 22 -14.09 9.54 -4.20
CA LEU A 22 -13.83 8.20 -3.69
C LEU A 22 -15.13 7.42 -3.52
N ASP A 23 -15.15 6.20 -4.06
CA ASP A 23 -16.32 5.34 -3.96
C ASP A 23 -16.18 4.41 -2.75
N LYS A 24 -16.65 4.87 -1.60
CA LYS A 24 -16.57 4.07 -0.37
C LYS A 24 -17.11 2.68 -0.62
N LYS A 25 -17.76 2.51 -1.76
CA LYS A 25 -18.35 1.22 -2.12
C LYS A 25 -17.26 0.23 -2.53
N GLN A 26 -16.04 0.74 -2.69
CA GLN A 26 -14.91 -0.08 -3.09
C GLN A 26 -13.98 -0.33 -1.91
N VAL A 27 -14.50 -0.07 -0.70
CA VAL A 27 -13.73 -0.27 0.52
C VAL A 27 -13.94 -1.70 1.04
N ILE A 28 -12.84 -2.42 1.26
CA ILE A 28 -12.91 -3.81 1.73
C ILE A 28 -12.16 -4.00 3.04
N GLY A 29 -11.50 -2.94 3.49
CA GLY A 29 -10.73 -3.01 4.73
C GLY A 29 -10.11 -1.66 5.03
N ARG A 30 -9.17 -1.63 5.99
CA ARG A 30 -8.53 -0.37 6.36
C ARG A 30 -7.08 -0.60 6.77
N ILE A 31 -6.25 0.43 6.64
CA ILE A 31 -4.85 0.35 6.99
C ILE A 31 -4.49 1.48 7.93
N SER A 32 -3.91 1.12 9.07
CA SER A 32 -3.49 2.11 10.07
C SER A 32 -2.02 1.93 10.40
N ILE A 33 -1.29 3.05 10.37
CA ILE A 33 0.15 3.03 10.61
C ILE A 33 0.56 4.14 11.59
N PRO A 34 0.37 3.95 12.89
CA PRO A 34 0.75 4.95 13.93
C PRO A 34 2.12 5.59 13.69
N SER A 35 3.06 4.79 13.18
CA SER A 35 4.41 5.25 12.97
C SER A 35 4.44 6.59 12.23
N VAL A 36 3.54 6.76 11.27
CA VAL A 36 3.47 7.99 10.48
C VAL A 36 2.16 8.73 10.74
N SER A 37 1.33 8.18 11.61
CA SER A 37 0.04 8.81 11.89
C SER A 37 -0.78 8.77 10.61
N LEU A 38 -0.81 7.59 10.00
CA LEU A 38 -1.55 7.40 8.74
C LEU A 38 -2.71 6.42 8.94
N GLU A 39 -3.88 6.84 8.51
CA GLU A 39 -5.10 6.04 8.61
C GLU A 39 -5.80 6.13 7.26
N LEU A 40 -6.01 4.99 6.59
CA LEU A 40 -6.63 5.02 5.27
C LEU A 40 -7.50 3.79 5.01
N PRO A 41 -8.39 3.84 4.02
CA PRO A 41 -9.25 2.68 3.65
C PRO A 41 -8.51 1.78 2.66
N VAL A 42 -8.82 0.50 2.65
CA VAL A 42 -8.18 -0.43 1.71
C VAL A 42 -9.11 -0.66 0.53
N LEU A 43 -8.71 -0.21 -0.65
CA LEU A 43 -9.52 -0.37 -1.85
C LEU A 43 -9.00 -1.54 -2.68
N LYS A 44 -9.88 -2.50 -2.92
CA LYS A 44 -9.51 -3.67 -3.70
C LYS A 44 -9.20 -3.30 -5.14
N SER A 45 -10.05 -2.47 -5.72
CA SER A 45 -9.87 -2.04 -7.09
C SER A 45 -8.69 -1.09 -7.22
N SER A 46 -7.59 -1.60 -7.76
CA SER A 46 -6.40 -0.77 -7.92
C SER A 46 -6.51 0.04 -9.20
N THR A 47 -6.88 1.31 -9.04
CA THR A 47 -7.03 2.20 -10.17
C THR A 47 -6.31 3.50 -9.88
N GLU A 48 -5.98 4.22 -10.94
CA GLU A 48 -5.28 5.48 -10.81
C GLU A 48 -6.12 6.48 -10.03
N LYS A 49 -7.43 6.31 -10.11
CA LYS A 49 -8.36 7.20 -9.44
C LYS A 49 -8.54 6.81 -7.97
N ASN A 50 -8.62 5.52 -7.73
CA ASN A 50 -8.81 5.01 -6.37
C ASN A 50 -7.59 5.29 -5.49
N LEU A 51 -6.41 5.21 -6.09
CA LEU A 51 -5.17 5.44 -5.34
C LEU A 51 -5.06 6.89 -4.87
N LEU A 52 -5.87 7.77 -5.42
CA LEU A 52 -5.79 9.19 -5.05
C LEU A 52 -6.39 9.49 -3.68
N SER A 53 -7.15 8.55 -3.11
CA SER A 53 -7.79 8.79 -1.81
C SER A 53 -7.38 7.77 -0.73
N GLY A 54 -6.59 6.77 -1.10
CA GLY A 54 -6.19 5.76 -0.12
C GLY A 54 -5.22 4.74 -0.70
N ALA A 55 -4.88 3.75 0.13
CA ALA A 55 -3.97 2.68 -0.28
C ALA A 55 -4.75 1.59 -0.99
N ALA A 56 -4.33 1.26 -2.21
CA ALA A 56 -5.02 0.21 -2.98
C ALA A 56 -4.20 -1.08 -3.00
N THR A 57 -4.91 -2.20 -2.99
CA THR A 57 -4.24 -3.50 -3.02
C THR A 57 -3.65 -3.72 -4.41
N VAL A 58 -2.55 -4.45 -4.49
CA VAL A 58 -1.89 -4.66 -5.78
C VAL A 58 -2.50 -5.81 -6.58
N LYS A 59 -2.79 -6.94 -5.92
CA LYS A 59 -3.34 -8.09 -6.63
C LYS A 59 -4.86 -8.07 -6.60
N GLU A 60 -5.47 -9.17 -7.05
CA GLU A 60 -6.94 -9.27 -7.12
C GLU A 60 -7.46 -10.22 -6.05
N ASN A 61 -6.96 -11.44 -6.07
CA ASN A 61 -7.40 -12.46 -5.13
C ASN A 61 -6.52 -12.47 -3.89
N GLN A 62 -6.25 -11.29 -3.35
CA GLN A 62 -5.43 -11.17 -2.14
C GLN A 62 -6.30 -11.36 -0.90
N VAL A 63 -5.68 -11.88 0.16
CA VAL A 63 -6.39 -12.11 1.42
C VAL A 63 -5.53 -11.64 2.60
N MET A 64 -6.14 -10.88 3.50
CA MET A 64 -5.42 -10.40 4.67
C MET A 64 -5.20 -11.52 5.65
N GLY A 65 -3.94 -11.71 6.05
CA GLY A 65 -3.60 -12.75 7.01
C GLY A 65 -3.19 -14.02 6.28
N LYS A 66 -3.23 -13.97 4.96
CA LYS A 66 -2.84 -15.13 4.16
C LYS A 66 -2.00 -14.70 2.97
N GLY A 67 -0.77 -15.21 2.92
CA GLY A 67 0.15 -14.87 1.83
C GLY A 67 0.71 -13.47 2.04
N ASN A 68 1.42 -12.97 1.04
CA ASN A 68 2.00 -11.64 1.13
C ASN A 68 0.96 -10.60 0.69
N TYR A 69 0.49 -9.79 1.64
CA TYR A 69 -0.51 -8.77 1.33
C TYR A 69 0.19 -7.52 0.80
N ALA A 70 0.07 -7.29 -0.50
CA ALA A 70 0.71 -6.15 -1.13
C ALA A 70 -0.19 -4.92 -1.16
N LEU A 71 0.36 -3.80 -0.67
CA LEU A 71 -0.39 -2.53 -0.66
C LEU A 71 0.43 -1.44 -1.36
N ALA A 72 -0.21 -0.72 -2.28
CA ALA A 72 0.46 0.34 -3.03
C ALA A 72 -0.12 1.70 -2.68
N GLY A 73 0.76 2.69 -2.59
CA GLY A 73 0.35 4.06 -2.26
C GLY A 73 1.17 5.08 -3.04
N HIS A 74 0.92 6.38 -2.78
CA HIS A 74 1.65 7.45 -3.45
C HIS A 74 2.99 7.71 -2.79
N ASN A 75 3.96 8.16 -3.58
CA ASN A 75 5.30 8.46 -3.08
C ASN A 75 5.60 9.94 -3.29
N MET A 76 4.55 10.75 -3.30
CA MET A 76 4.69 12.18 -3.51
C MET A 76 5.83 12.77 -2.69
N SER A 77 6.32 12.02 -1.71
CA SER A 77 7.41 12.50 -0.87
C SER A 77 6.98 13.74 -0.10
N LYS A 78 5.75 13.69 0.40
CA LYS A 78 5.18 14.81 1.16
C LYS A 78 4.50 14.29 2.41
N LYS A 79 5.10 14.57 3.56
CA LYS A 79 4.52 14.12 4.81
C LYS A 79 3.05 14.52 4.89
N GLY A 80 2.22 13.54 5.17
CA GLY A 80 0.78 13.75 5.26
C GLY A 80 0.05 13.08 4.09
N VAL A 81 0.75 12.88 2.96
CA VAL A 81 0.12 12.22 1.81
C VAL A 81 0.19 10.71 1.99
N LEU A 82 -0.38 9.96 1.06
CA LEU A 82 -0.41 8.51 1.18
C LEU A 82 0.99 7.94 0.95
N PHE A 83 1.38 6.98 1.79
CA PHE A 83 2.68 6.33 1.65
C PHE A 83 3.78 7.36 1.40
N SER A 84 3.61 8.54 1.97
CA SER A 84 4.58 9.62 1.77
C SER A 84 5.79 9.49 2.69
N ASP A 85 5.73 8.55 3.64
CA ASP A 85 6.84 8.39 4.58
C ASP A 85 6.97 6.94 5.06
N ILE A 86 6.83 6.00 4.13
CA ILE A 86 6.94 4.58 4.46
C ILE A 86 8.38 4.21 4.84
N ALA A 87 9.36 4.87 4.23
CA ALA A 87 10.75 4.58 4.52
C ALA A 87 11.13 5.07 5.90
N SER A 88 10.15 5.56 6.66
CA SER A 88 10.40 6.04 8.00
C SER A 88 10.13 4.93 8.98
N LEU A 89 9.41 3.91 8.50
CA LEU A 89 9.06 2.77 9.32
C LEU A 89 10.30 2.00 9.73
N LYS A 90 10.44 1.83 11.04
CA LYS A 90 11.58 1.10 11.60
C LYS A 90 11.18 -0.34 11.91
N LYS A 91 12.19 -1.22 11.96
CA LYS A 91 11.97 -2.63 12.25
C LYS A 91 11.25 -2.80 13.58
N GLY A 92 10.16 -3.55 13.55
CA GLY A 92 9.37 -3.81 14.75
C GLY A 92 8.30 -2.74 14.89
N ASP A 93 7.97 -2.10 13.77
CA ASP A 93 6.93 -1.05 13.78
C ASP A 93 5.57 -1.70 13.70
N LYS A 94 4.63 -1.25 14.53
CA LYS A 94 3.29 -1.85 14.54
C LYS A 94 2.41 -1.31 13.43
N ILE A 95 1.93 -2.24 12.59
CA ILE A 95 1.05 -1.92 11.47
C ILE A 95 -0.28 -2.63 11.68
N TYR A 96 -1.34 -1.85 11.81
CA TYR A 96 -2.68 -2.40 12.04
C TYR A 96 -3.46 -2.39 10.73
N LEU A 97 -3.85 -3.58 10.29
CA LEU A 97 -4.61 -3.73 9.04
C LEU A 97 -5.98 -4.31 9.32
N TYR A 98 -7.00 -3.87 8.56
CA TYR A 98 -8.37 -4.36 8.77
C TYR A 98 -8.88 -5.12 7.56
N ASP A 99 -9.54 -6.23 7.85
CA ASP A 99 -10.14 -7.08 6.83
C ASP A 99 -11.64 -7.04 7.02
N ASN A 100 -12.37 -7.90 6.29
CA ASN A 100 -13.84 -7.98 6.41
C ASN A 100 -14.33 -7.41 7.74
N GLU A 101 -14.10 -8.16 8.81
CA GLU A 101 -14.48 -7.74 10.16
C GLU A 101 -13.35 -8.11 11.11
N ASN A 102 -12.12 -8.19 10.58
CA ASN A 102 -10.97 -8.60 11.38
C ASN A 102 -9.87 -7.54 11.39
N GLU A 103 -9.15 -7.47 12.51
CA GLU A 103 -8.04 -6.54 12.66
C GLU A 103 -6.75 -7.35 12.75
N TYR A 104 -5.82 -7.13 11.81
CA TYR A 104 -4.56 -7.87 11.78
C TYR A 104 -3.41 -7.02 12.29
N GLU A 105 -2.62 -7.59 13.19
CA GLU A 105 -1.46 -6.89 13.72
C GLU A 105 -0.24 -7.31 12.92
N TYR A 106 0.36 -6.37 12.20
CA TYR A 106 1.56 -6.65 11.39
C TYR A 106 2.75 -5.88 11.94
N ALA A 107 3.93 -6.51 11.93
CA ALA A 107 5.15 -5.83 12.42
C ALA A 107 6.23 -5.79 11.34
N VAL A 108 6.85 -4.61 11.23
CA VAL A 108 7.90 -4.40 10.24
C VAL A 108 9.11 -5.22 10.62
N THR A 109 9.64 -5.92 9.62
CA THR A 109 10.80 -6.78 9.78
C THR A 109 12.04 -6.14 9.15
N GLY A 110 11.83 -5.32 8.14
CA GLY A 110 12.98 -4.69 7.50
C GLY A 110 12.57 -3.86 6.28
N VAL A 111 13.23 -2.71 6.14
CA VAL A 111 12.98 -1.79 5.03
C VAL A 111 14.13 -1.88 4.04
N SER A 112 13.79 -1.85 2.74
CA SER A 112 14.81 -1.93 1.71
C SER A 112 14.37 -1.27 0.42
N GLU A 113 15.32 -1.06 -0.48
CA GLU A 113 15.06 -0.45 -1.78
C GLU A 113 15.35 -1.45 -2.90
N VAL A 114 14.37 -1.67 -3.77
CA VAL A 114 14.54 -2.63 -4.87
C VAL A 114 14.03 -2.05 -6.19
N THR A 115 14.57 -2.53 -7.30
CA THR A 115 14.16 -2.05 -8.60
C THR A 115 12.65 -2.32 -8.77
N PRO A 116 12.00 -1.75 -9.76
CA PRO A 116 10.54 -1.96 -9.98
C PRO A 116 10.27 -3.29 -10.70
N ASP A 117 11.32 -3.86 -11.26
CA ASP A 117 11.20 -5.12 -11.99
C ASP A 117 11.22 -6.31 -11.04
N LYS A 118 11.71 -6.09 -9.83
CA LYS A 118 11.78 -7.14 -8.81
C LYS A 118 10.47 -7.21 -8.04
N TRP A 119 9.45 -7.76 -8.68
CA TRP A 119 8.14 -7.88 -8.05
C TRP A 119 8.10 -9.01 -7.02
N GLU A 120 9.17 -9.78 -6.94
CA GLU A 120 9.25 -10.88 -6.00
C GLU A 120 8.94 -10.39 -4.58
N VAL A 121 9.18 -9.10 -4.36
CA VAL A 121 8.95 -8.48 -3.05
C VAL A 121 7.48 -8.23 -2.78
N VAL A 122 6.68 -8.28 -3.83
CA VAL A 122 5.25 -8.02 -3.73
C VAL A 122 4.48 -9.32 -3.91
N GLU A 123 5.21 -10.31 -4.40
CA GLU A 123 4.62 -11.61 -4.68
C GLU A 123 4.57 -12.48 -3.42
N ASP A 124 3.60 -13.39 -3.42
CA ASP A 124 3.40 -14.31 -2.30
C ASP A 124 4.60 -15.25 -2.15
N HIS A 125 5.08 -15.41 -0.92
CA HIS A 125 6.22 -16.29 -0.65
C HIS A 125 5.77 -17.63 -0.09
N GLY A 126 4.76 -17.61 0.77
CA GLY A 126 4.24 -18.85 1.38
C GLY A 126 4.02 -18.66 2.88
N LYS A 127 3.69 -17.43 3.26
CA LYS A 127 3.41 -17.14 4.67
C LYS A 127 2.54 -15.91 4.82
N ASP A 128 2.23 -15.58 6.07
CA ASP A 128 1.43 -14.39 6.36
C ASP A 128 2.36 -13.21 6.52
N GLU A 129 2.62 -12.53 5.42
CA GLU A 129 3.53 -11.38 5.39
C GLU A 129 2.81 -10.17 4.78
N ILE A 130 3.40 -8.98 4.95
CA ILE A 130 2.83 -7.75 4.40
C ILE A 130 3.91 -6.98 3.63
N THR A 131 3.53 -6.36 2.51
CA THR A 131 4.47 -5.59 1.70
C THR A 131 3.87 -4.25 1.31
N LEU A 132 4.60 -3.16 1.59
CA LEU A 132 4.13 -1.81 1.23
C LEU A 132 5.06 -1.22 0.17
N ILE A 133 4.45 -0.76 -0.92
CA ILE A 133 5.20 -0.18 -2.04
C ILE A 133 4.46 1.03 -2.61
N THR A 134 4.92 1.51 -3.76
CA THR A 134 4.28 2.67 -4.40
C THR A 134 4.16 2.44 -5.92
N CYS A 135 3.16 3.07 -6.53
CA CYS A 135 2.95 2.94 -7.97
C CYS A 135 4.09 3.57 -8.74
N VAL A 136 4.46 4.79 -8.34
CA VAL A 136 5.54 5.51 -9.01
C VAL A 136 6.35 6.31 -7.98
N SER A 137 7.65 6.42 -8.22
CA SER A 137 8.53 7.15 -7.31
C SER A 137 9.63 7.88 -8.07
N VAL A 138 9.82 9.15 -7.71
CA VAL A 138 10.86 9.95 -8.35
C VAL A 138 10.78 9.84 -9.86
N LYS A 139 11.43 8.81 -10.40
CA LYS A 139 11.44 8.59 -11.84
C LYS A 139 11.45 7.08 -12.12
N ASP A 140 11.04 6.70 -13.33
CA ASP A 140 10.99 5.28 -13.70
C ASP A 140 12.38 4.65 -13.53
N ASN A 141 13.39 5.34 -14.04
CA ASN A 141 14.76 4.84 -13.95
C ASN A 141 15.18 4.76 -12.49
N SER A 142 14.79 5.76 -11.71
CA SER A 142 15.13 5.80 -10.30
C SER A 142 14.58 4.57 -9.58
N LYS A 143 14.97 4.41 -8.33
CA LYS A 143 14.51 3.27 -7.52
C LYS A 143 13.34 3.68 -6.64
N ARG A 144 12.91 2.78 -5.76
CA ARG A 144 11.77 3.04 -4.87
C ARG A 144 12.03 2.49 -3.47
N TYR A 145 11.25 2.98 -2.49
CA TYR A 145 11.37 2.51 -1.12
C TYR A 145 10.29 1.47 -0.84
N VAL A 146 10.67 0.36 -0.22
CA VAL A 146 9.73 -0.71 0.08
C VAL A 146 9.88 -1.20 1.53
N VAL A 147 8.76 -1.41 2.19
CA VAL A 147 8.75 -1.88 3.58
C VAL A 147 8.12 -3.26 3.68
N ALA A 148 8.82 -4.19 4.32
CA ALA A 148 8.32 -5.57 4.49
C ALA A 148 8.10 -5.85 5.97
N GLY A 149 6.98 -6.49 6.27
CA GLY A 149 6.63 -6.82 7.64
C GLY A 149 6.04 -8.21 7.74
N ASP A 150 6.05 -8.74 8.97
CA ASP A 150 5.52 -10.09 9.24
C ASP A 150 4.30 -10.06 10.16
N LEU A 151 3.41 -11.04 9.99
CA LEU A 151 2.21 -11.13 10.81
C LEU A 151 2.58 -11.53 12.24
N VAL A 152 2.09 -10.73 13.20
CA VAL A 152 2.38 -10.97 14.62
C VAL A 152 1.13 -11.45 15.34
N GLY A 153 -0.04 -11.12 14.81
CA GLY A 153 -1.27 -11.54 15.46
C GLY A 153 -2.52 -11.06 14.73
N THR A 154 -3.69 -11.50 15.21
CA THR A 154 -4.96 -11.10 14.64
C THR A 154 -6.07 -11.16 15.68
N LYS A 155 -7.07 -10.32 15.47
CA LYS A 155 -8.23 -10.26 16.36
C LYS A 155 -9.46 -9.83 15.57
N ALA A 156 -10.60 -9.75 16.23
CA ALA A 156 -11.83 -9.34 15.56
C ALA A 156 -12.04 -7.83 15.71
N LYS A 157 -12.62 -7.23 14.67
CA LYS A 157 -12.88 -5.81 14.67
C LYS A 157 -14.05 -5.46 15.56
N LYS A 158 -13.78 -5.40 16.86
CA LYS A 158 -14.81 -5.06 17.83
C LYS A 158 -16.05 -5.92 17.62
N GLY A 1 -3.81 7.60 -31.52
CA GLY A 1 -2.32 7.60 -31.46
C GLY A 1 -1.86 7.72 -30.01
N SER A 2 -2.28 6.78 -29.18
CA SER A 2 -1.92 6.79 -27.77
C SER A 2 -0.47 6.33 -27.59
N HIS A 3 0.11 6.64 -26.44
CA HIS A 3 1.48 6.24 -26.16
C HIS A 3 1.54 4.75 -25.83
N MET A 4 2.72 4.17 -25.99
CA MET A 4 2.90 2.74 -25.70
C MET A 4 2.55 2.45 -24.25
N ASP A 5 3.01 3.31 -23.35
CA ASP A 5 2.75 3.16 -21.92
C ASP A 5 1.54 3.99 -21.51
N ALA A 6 0.40 3.32 -21.32
CA ALA A 6 -0.84 3.98 -20.93
C ALA A 6 -0.83 4.40 -19.46
N SER A 7 0.19 3.96 -18.72
CA SER A 7 0.27 4.28 -17.30
C SER A 7 0.92 5.65 -17.11
N LYS A 8 2.23 5.68 -16.92
CA LYS A 8 2.92 6.95 -16.74
C LYS A 8 2.24 7.80 -15.66
N ILE A 9 1.80 7.16 -14.60
CA ILE A 9 1.12 7.87 -13.52
C ILE A 9 2.06 8.87 -12.87
N ASP A 10 3.29 8.44 -12.63
CA ASP A 10 4.28 9.31 -12.02
C ASP A 10 3.79 9.83 -10.66
N GLN A 11 3.50 11.12 -10.58
CA GLN A 11 3.02 11.71 -9.34
C GLN A 11 1.95 12.77 -9.63
N PRO A 12 0.72 12.36 -9.87
CA PRO A 12 -0.37 13.34 -10.18
C PRO A 12 -0.31 14.56 -9.28
N ASP A 13 -0.73 15.69 -9.80
CA ASP A 13 -0.71 16.93 -9.04
C ASP A 13 -1.80 16.90 -7.97
N LEU A 14 -1.69 17.78 -6.98
CA LEU A 14 -2.68 17.85 -5.90
C LEU A 14 -4.06 18.16 -6.47
N ALA A 15 -4.08 18.81 -7.63
CA ALA A 15 -5.36 19.18 -8.24
C ALA A 15 -6.16 17.93 -8.59
N GLU A 16 -5.47 16.90 -9.04
CA GLU A 16 -6.12 15.64 -9.40
C GLU A 16 -6.55 14.87 -8.14
N VAL A 17 -5.76 15.01 -7.09
CA VAL A 17 -6.04 14.32 -5.82
C VAL A 17 -7.18 15.01 -5.09
N ALA A 18 -7.12 16.33 -5.02
CA ALA A 18 -8.16 17.10 -4.34
C ALA A 18 -9.50 16.98 -5.07
N ASN A 19 -9.45 16.99 -6.40
CA ASN A 19 -10.65 16.91 -7.23
C ASN A 19 -11.12 15.46 -7.37
N ALA A 20 -10.21 14.52 -7.19
CA ALA A 20 -10.56 13.11 -7.28
C ALA A 20 -11.57 12.73 -6.21
N SER A 21 -12.52 11.87 -6.56
CA SER A 21 -13.55 11.43 -5.62
C SER A 21 -13.84 9.94 -5.77
N LEU A 22 -13.60 9.18 -4.69
CA LEU A 22 -13.81 7.73 -4.71
C LEU A 22 -14.85 7.32 -3.66
N ASP A 23 -15.71 6.37 -4.02
CA ASP A 23 -16.73 5.89 -3.11
C ASP A 23 -16.10 5.15 -1.93
N LYS A 24 -16.62 5.38 -0.73
CA LYS A 24 -16.09 4.73 0.48
C LYS A 24 -16.68 3.34 0.61
N LYS A 25 -17.67 3.05 -0.21
CA LYS A 25 -18.34 1.75 -0.19
C LYS A 25 -17.52 0.72 -0.97
N GLN A 26 -16.50 1.19 -1.68
CA GLN A 26 -15.66 0.31 -2.49
C GLN A 26 -14.47 -0.21 -1.69
N VAL A 27 -14.50 -0.01 -0.38
CA VAL A 27 -13.42 -0.45 0.49
C VAL A 27 -13.67 -1.87 0.96
N ILE A 28 -12.59 -2.63 1.14
CA ILE A 28 -12.70 -4.02 1.56
C ILE A 28 -11.94 -4.26 2.86
N GLY A 29 -11.22 -3.25 3.30
CA GLY A 29 -10.44 -3.37 4.54
C GLY A 29 -9.86 -2.03 4.92
N ARG A 30 -8.97 -2.01 5.92
CA ARG A 30 -8.39 -0.74 6.37
C ARG A 30 -6.96 -0.91 6.82
N ILE A 31 -6.15 0.12 6.63
CA ILE A 31 -4.75 0.10 7.03
C ILE A 31 -4.48 1.25 7.99
N SER A 32 -4.03 0.91 9.19
CA SER A 32 -3.74 1.93 10.19
C SER A 32 -2.29 1.81 10.65
N ILE A 33 -1.56 2.92 10.63
CA ILE A 33 -0.14 2.92 11.00
C ILE A 33 0.17 4.01 12.04
N PRO A 34 0.77 3.67 13.17
CA PRO A 34 1.09 4.69 14.23
C PRO A 34 2.39 5.44 13.95
N SER A 35 3.38 4.71 13.45
CA SER A 35 4.69 5.27 13.19
C SER A 35 4.59 6.55 12.38
N VAL A 36 3.69 6.59 11.41
CA VAL A 36 3.51 7.78 10.57
C VAL A 36 2.11 8.38 10.76
N SER A 37 1.28 7.74 11.59
CA SER A 37 -0.09 8.25 11.81
C SER A 37 -0.84 8.19 10.49
N LEU A 38 -0.80 7.01 9.86
CA LEU A 38 -1.45 6.81 8.57
C LEU A 38 -2.68 5.93 8.72
N GLU A 39 -3.78 6.40 8.15
CA GLU A 39 -5.04 5.67 8.18
C GLU A 39 -5.65 5.76 6.80
N LEU A 40 -5.77 4.63 6.11
CA LEU A 40 -6.30 4.67 4.74
C LEU A 40 -7.14 3.43 4.36
N PRO A 41 -8.44 3.56 4.19
CA PRO A 41 -9.28 2.42 3.73
C PRO A 41 -8.55 1.63 2.63
N VAL A 42 -8.71 0.32 2.64
CA VAL A 42 -8.07 -0.52 1.64
C VAL A 42 -9.01 -0.74 0.47
N LEU A 43 -8.57 -0.37 -0.73
CA LEU A 43 -9.39 -0.52 -1.93
C LEU A 43 -8.95 -1.75 -2.71
N LYS A 44 -9.93 -2.55 -3.13
CA LYS A 44 -9.65 -3.76 -3.89
C LYS A 44 -9.10 -3.39 -5.28
N SER A 45 -9.49 -2.21 -5.76
CA SER A 45 -9.05 -1.74 -7.07
C SER A 45 -7.56 -1.41 -7.05
N SER A 46 -7.04 -0.96 -8.19
CA SER A 46 -5.63 -0.61 -8.26
C SER A 46 -5.38 0.33 -9.45
N THR A 47 -6.19 1.37 -9.53
CA THR A 47 -6.07 2.33 -10.61
C THR A 47 -5.50 3.63 -10.11
N GLU A 48 -4.88 4.37 -11.01
CA GLU A 48 -4.28 5.64 -10.64
C GLU A 48 -5.32 6.55 -10.02
N LYS A 49 -6.56 6.39 -10.48
CA LYS A 49 -7.66 7.20 -9.97
C LYS A 49 -8.04 6.80 -8.54
N ASN A 50 -8.20 5.50 -8.33
CA ASN A 50 -8.58 5.01 -7.00
C ASN A 50 -7.47 5.25 -5.98
N LEU A 51 -6.23 5.08 -6.41
CA LEU A 51 -5.09 5.27 -5.52
C LEU A 51 -5.09 6.68 -4.91
N LEU A 52 -5.87 7.57 -5.49
CA LEU A 52 -5.91 8.95 -5.00
C LEU A 52 -6.60 9.07 -3.64
N SER A 53 -7.57 8.20 -3.38
CA SER A 53 -8.32 8.27 -2.12
C SER A 53 -7.69 7.41 -1.01
N GLY A 54 -6.74 6.55 -1.36
CA GLY A 54 -6.13 5.70 -0.34
C GLY A 54 -5.23 4.63 -0.95
N ALA A 55 -4.72 3.76 -0.11
CA ALA A 55 -3.86 2.68 -0.57
C ALA A 55 -4.69 1.63 -1.31
N ALA A 56 -4.23 1.25 -2.50
CA ALA A 56 -4.96 0.26 -3.30
C ALA A 56 -4.24 -1.09 -3.25
N THR A 57 -5.01 -2.18 -3.22
CA THR A 57 -4.43 -3.51 -3.21
C THR A 57 -3.78 -3.80 -4.55
N VAL A 58 -2.66 -4.52 -4.55
CA VAL A 58 -1.95 -4.80 -5.79
C VAL A 58 -2.56 -5.97 -6.58
N LYS A 59 -2.79 -7.10 -5.92
CA LYS A 59 -3.36 -8.26 -6.61
C LYS A 59 -4.88 -8.31 -6.44
N GLU A 60 -5.56 -8.83 -7.47
CA GLU A 60 -7.02 -8.92 -7.49
C GLU A 60 -7.50 -10.21 -6.83
N ASN A 61 -6.58 -11.09 -6.47
CA ASN A 61 -6.93 -12.38 -5.86
C ASN A 61 -6.19 -12.60 -4.55
N GLN A 62 -5.91 -11.50 -3.85
CA GLN A 62 -5.22 -11.57 -2.58
C GLN A 62 -6.20 -11.53 -1.42
N VAL A 63 -5.76 -11.98 -0.24
CA VAL A 63 -6.60 -12.00 0.95
C VAL A 63 -5.88 -11.32 2.12
N MET A 64 -6.64 -10.71 3.03
CA MET A 64 -6.06 -10.03 4.18
C MET A 64 -5.77 -11.03 5.31
N GLY A 65 -4.53 -11.06 5.77
CA GLY A 65 -4.15 -11.95 6.85
C GLY A 65 -3.69 -13.30 6.30
N LYS A 66 -3.62 -13.39 4.97
CA LYS A 66 -3.21 -14.63 4.33
C LYS A 66 -2.32 -14.37 3.12
N GLY A 67 -1.10 -14.91 3.15
CA GLY A 67 -0.18 -14.69 2.05
C GLY A 67 0.46 -13.32 2.16
N ASN A 68 1.20 -12.92 1.14
CA ASN A 68 1.84 -11.62 1.14
C ASN A 68 0.86 -10.56 0.67
N TYR A 69 0.42 -9.69 1.57
CA TYR A 69 -0.53 -8.63 1.24
C TYR A 69 0.23 -7.40 0.74
N ALA A 70 0.19 -7.20 -0.58
CA ALA A 70 0.87 -6.07 -1.20
C ALA A 70 -0.04 -4.87 -1.35
N LEU A 71 0.37 -3.77 -0.75
CA LEU A 71 -0.39 -2.52 -0.82
C LEU A 71 0.44 -1.44 -1.51
N ALA A 72 -0.18 -0.76 -2.47
CA ALA A 72 0.51 0.28 -3.24
C ALA A 72 -0.04 1.64 -2.88
N GLY A 73 0.86 2.61 -2.79
CA GLY A 73 0.50 3.97 -2.43
C GLY A 73 1.25 5.00 -3.28
N HIS A 74 1.02 6.28 -2.99
CA HIS A 74 1.67 7.36 -3.72
C HIS A 74 2.95 7.81 -3.01
N ASN A 75 4.04 7.89 -3.77
CA ASN A 75 5.33 8.31 -3.22
C ASN A 75 5.49 9.82 -3.37
N MET A 76 4.36 10.53 -3.36
CA MET A 76 4.37 11.98 -3.51
C MET A 76 5.58 12.61 -2.80
N SER A 77 6.10 11.94 -1.79
CA SER A 77 7.24 12.47 -1.06
C SER A 77 6.83 13.76 -0.36
N LYS A 78 5.60 13.78 0.10
CA LYS A 78 5.06 14.96 0.78
C LYS A 78 4.28 14.52 2.00
N LYS A 79 4.85 14.74 3.17
CA LYS A 79 4.18 14.35 4.39
C LYS A 79 2.74 14.85 4.38
N GLY A 80 1.81 13.94 4.63
CA GLY A 80 0.38 14.28 4.62
C GLY A 80 -0.33 13.57 3.47
N VAL A 81 0.41 13.17 2.42
CA VAL A 81 -0.20 12.46 1.30
C VAL A 81 -0.16 10.97 1.58
N LEU A 82 -0.71 10.17 0.67
CA LEU A 82 -0.76 8.75 0.87
C LEU A 82 0.65 8.15 0.76
N PHE A 83 0.98 7.26 1.69
CA PHE A 83 2.29 6.59 1.66
C PHE A 83 3.40 7.60 1.39
N SER A 84 3.28 8.78 1.97
CA SER A 84 4.28 9.82 1.77
C SER A 84 5.51 9.63 2.64
N ASP A 85 5.45 8.68 3.59
CA ASP A 85 6.57 8.46 4.51
C ASP A 85 6.70 6.98 4.93
N ILE A 86 6.46 6.08 3.99
CA ILE A 86 6.55 4.66 4.29
C ILE A 86 8.00 4.22 4.52
N ALA A 87 8.93 4.89 3.87
CA ALA A 87 10.34 4.54 4.03
C ALA A 87 10.86 5.00 5.38
N SER A 88 9.97 5.51 6.22
CA SER A 88 10.37 5.98 7.54
C SER A 88 10.10 4.90 8.57
N LEU A 89 9.32 3.90 8.17
CA LEU A 89 8.98 2.81 9.06
C LEU A 89 10.22 1.99 9.41
N LYS A 90 10.48 1.89 10.72
CA LYS A 90 11.62 1.14 11.21
C LYS A 90 11.20 -0.28 11.59
N LYS A 91 12.19 -1.13 11.86
CA LYS A 91 11.93 -2.51 12.24
C LYS A 91 11.26 -2.58 13.62
N GLY A 92 10.13 -3.26 13.67
CA GLY A 92 9.38 -3.42 14.92
C GLY A 92 8.28 -2.38 15.02
N ASP A 93 7.92 -1.81 13.88
CA ASP A 93 6.85 -0.81 13.86
C ASP A 93 5.51 -1.54 13.76
N LYS A 94 4.56 -1.16 14.61
CA LYS A 94 3.27 -1.84 14.63
C LYS A 94 2.36 -1.35 13.50
N ILE A 95 1.79 -2.30 12.76
CA ILE A 95 0.89 -2.00 11.65
C ILE A 95 -0.43 -2.75 11.87
N TYR A 96 -1.53 -2.02 11.84
CA TYR A 96 -2.86 -2.60 12.06
C TYR A 96 -3.59 -2.76 10.74
N LEU A 97 -3.93 -4.00 10.38
CA LEU A 97 -4.63 -4.26 9.12
C LEU A 97 -6.02 -4.84 9.42
N TYR A 98 -7.04 -4.32 8.75
CA TYR A 98 -8.41 -4.78 8.98
C TYR A 98 -8.87 -5.71 7.87
N ASP A 99 -9.45 -6.83 8.29
CA ASP A 99 -9.99 -7.82 7.38
C ASP A 99 -11.51 -7.79 7.50
N ASN A 100 -12.18 -8.79 6.94
CA ASN A 100 -13.65 -8.85 6.99
C ASN A 100 -14.20 -8.20 8.26
N GLU A 101 -14.00 -8.87 9.38
CA GLU A 101 -14.45 -8.38 10.68
C GLU A 101 -13.34 -8.62 11.69
N ASN A 102 -12.10 -8.63 11.22
CA ASN A 102 -10.97 -8.93 12.09
C ASN A 102 -9.83 -7.92 11.97
N GLU A 103 -9.11 -7.75 13.08
CA GLU A 103 -7.98 -6.82 13.11
C GLU A 103 -6.68 -7.60 13.18
N TYR A 104 -5.79 -7.36 12.22
CA TYR A 104 -4.50 -8.05 12.16
C TYR A 104 -3.36 -7.15 12.62
N GLU A 105 -2.55 -7.66 13.53
CA GLU A 105 -1.40 -6.91 14.03
C GLU A 105 -0.14 -7.34 13.26
N TYR A 106 0.42 -6.40 12.51
CA TYR A 106 1.62 -6.67 11.72
C TYR A 106 2.79 -5.84 12.25
N ALA A 107 3.99 -6.44 12.22
CA ALA A 107 5.19 -5.72 12.68
C ALA A 107 6.25 -5.66 11.59
N VAL A 108 6.79 -4.46 11.39
CA VAL A 108 7.82 -4.23 10.39
C VAL A 108 9.08 -4.96 10.78
N THR A 109 9.67 -5.64 9.78
CA THR A 109 10.90 -6.40 9.98
C THR A 109 12.08 -5.69 9.34
N GLY A 110 11.82 -4.94 8.29
CA GLY A 110 12.91 -4.23 7.60
C GLY A 110 12.41 -3.53 6.35
N VAL A 111 13.17 -2.53 5.93
CA VAL A 111 12.85 -1.74 4.75
C VAL A 111 14.05 -1.69 3.81
N SER A 112 13.79 -1.57 2.51
CA SER A 112 14.87 -1.55 1.53
C SER A 112 14.44 -0.84 0.25
N GLU A 113 15.43 -0.55 -0.60
CA GLU A 113 15.18 0.11 -1.88
C GLU A 113 15.33 -0.90 -3.01
N VAL A 114 14.35 -0.91 -3.92
CA VAL A 114 14.37 -1.86 -5.04
C VAL A 114 14.07 -1.15 -6.35
N THR A 115 14.46 -1.77 -7.46
CA THR A 115 14.21 -1.20 -8.77
C THR A 115 12.74 -1.43 -9.16
N PRO A 116 12.08 -0.49 -9.80
CA PRO A 116 10.65 -0.65 -10.18
C PRO A 116 10.39 -2.01 -10.83
N ASP A 117 11.45 -2.64 -11.31
CA ASP A 117 11.32 -3.94 -11.98
C ASP A 117 11.21 -5.07 -10.96
N LYS A 118 11.31 -4.73 -9.69
CA LYS A 118 11.22 -5.71 -8.62
C LYS A 118 9.75 -6.00 -8.34
N TRP A 119 9.42 -7.26 -8.08
CA TRP A 119 8.03 -7.63 -7.81
C TRP A 119 7.93 -8.94 -7.03
N GLU A 120 8.96 -9.76 -7.10
CA GLU A 120 8.97 -11.01 -6.35
C GLU A 120 8.76 -10.75 -4.86
N VAL A 121 8.98 -9.50 -4.47
CA VAL A 121 8.86 -9.09 -3.07
C VAL A 121 7.43 -8.76 -2.67
N VAL A 122 6.55 -8.76 -3.65
CA VAL A 122 5.14 -8.44 -3.45
C VAL A 122 4.30 -9.44 -4.22
N GLU A 123 4.68 -10.70 -4.15
CA GLU A 123 3.98 -11.72 -4.92
C GLU A 123 3.90 -13.04 -4.17
N ASP A 124 2.90 -13.15 -3.31
CA ASP A 124 2.63 -14.36 -2.53
C ASP A 124 3.89 -15.20 -2.28
N HIS A 125 4.37 -15.20 -1.04
CA HIS A 125 5.57 -15.96 -0.69
C HIS A 125 5.20 -17.31 -0.08
N GLY A 126 4.17 -17.34 0.76
CA GLY A 126 3.74 -18.59 1.39
C GLY A 126 3.61 -18.43 2.90
N LYS A 127 3.30 -17.22 3.32
CA LYS A 127 3.14 -16.94 4.74
C LYS A 127 2.24 -15.73 4.98
N ASP A 128 2.01 -15.42 6.26
CA ASP A 128 1.20 -14.26 6.62
C ASP A 128 2.11 -13.04 6.83
N GLU A 129 2.35 -12.34 5.74
CA GLU A 129 3.21 -11.17 5.74
C GLU A 129 2.51 -10.00 5.03
N ILE A 130 3.07 -8.79 5.19
CA ILE A 130 2.49 -7.60 4.55
C ILE A 130 3.59 -6.81 3.84
N THR A 131 3.27 -6.22 2.70
CA THR A 131 4.28 -5.46 1.94
C THR A 131 3.70 -4.15 1.43
N LEU A 132 4.42 -3.05 1.68
CA LEU A 132 3.98 -1.72 1.23
C LEU A 132 4.92 -1.18 0.15
N ILE A 133 4.33 -0.78 -0.96
CA ILE A 133 5.08 -0.24 -2.10
C ILE A 133 4.33 0.93 -2.75
N THR A 134 4.77 1.32 -3.94
CA THR A 134 4.14 2.43 -4.66
C THR A 134 4.05 2.12 -6.16
N CYS A 135 3.08 2.73 -6.83
CA CYS A 135 2.90 2.51 -8.26
C CYS A 135 3.92 3.33 -9.05
N VAL A 136 3.51 4.49 -9.55
CA VAL A 136 4.44 5.34 -10.30
C VAL A 136 5.05 4.59 -11.48
N SER A 137 4.69 3.32 -11.63
CA SER A 137 5.22 2.53 -12.74
C SER A 137 6.72 2.74 -12.88
N VAL A 138 7.14 3.35 -14.00
CA VAL A 138 8.55 3.62 -14.24
C VAL A 138 8.74 5.08 -14.60
N LYS A 139 9.66 5.75 -13.91
CA LYS A 139 9.91 7.17 -14.15
C LYS A 139 11.05 7.34 -15.17
N ASP A 140 12.01 8.20 -14.84
CA ASP A 140 13.15 8.46 -15.73
C ASP A 140 14.33 7.54 -15.40
N ASN A 141 14.18 6.74 -14.35
CA ASN A 141 15.25 5.85 -13.93
C ASN A 141 14.73 4.76 -13.00
N SER A 142 15.34 4.64 -11.83
CA SER A 142 14.93 3.63 -10.84
C SER A 142 14.95 4.23 -9.44
N LYS A 143 13.80 4.24 -8.79
CA LYS A 143 13.72 4.81 -7.45
C LYS A 143 12.41 4.39 -6.76
N ARG A 144 12.49 3.41 -5.87
CA ARG A 144 11.30 2.92 -5.18
C ARG A 144 11.63 2.38 -3.79
N TYR A 145 10.72 2.59 -2.83
CA TYR A 145 10.91 2.11 -1.45
C TYR A 145 9.90 1.01 -1.13
N VAL A 146 10.35 -0.03 -0.42
CA VAL A 146 9.48 -1.15 -0.06
C VAL A 146 9.66 -1.53 1.41
N VAL A 147 8.54 -1.78 2.09
CA VAL A 147 8.55 -2.15 3.50
C VAL A 147 7.85 -3.50 3.69
N ALA A 148 8.47 -4.39 4.47
CA ALA A 148 7.89 -5.71 4.73
C ALA A 148 7.59 -5.88 6.21
N GLY A 149 6.43 -6.46 6.51
CA GLY A 149 6.02 -6.68 7.90
C GLY A 149 5.56 -8.12 8.14
N ASP A 150 5.96 -8.65 9.29
CA ASP A 150 5.61 -10.02 9.67
C ASP A 150 4.42 -10.06 10.61
N LEU A 151 3.49 -10.99 10.38
CA LEU A 151 2.31 -11.12 11.23
C LEU A 151 2.70 -11.49 12.65
N VAL A 152 2.23 -10.68 13.60
CA VAL A 152 2.52 -10.91 15.02
C VAL A 152 1.30 -11.44 15.76
N GLY A 153 0.12 -11.15 15.25
CA GLY A 153 -1.10 -11.64 15.90
C GLY A 153 -2.35 -11.01 15.32
N THR A 154 -3.49 -11.66 15.53
CA THR A 154 -4.77 -11.17 15.02
C THR A 154 -5.84 -11.28 16.09
N LYS A 155 -6.87 -10.47 15.95
CA LYS A 155 -7.98 -10.45 16.88
C LYS A 155 -9.26 -10.08 16.15
N ALA A 156 -10.37 -10.05 16.87
CA ALA A 156 -11.66 -9.71 16.24
C ALA A 156 -11.94 -8.22 16.36
N LYS A 157 -12.58 -7.68 15.33
CA LYS A 157 -12.91 -6.27 15.29
C LYS A 157 -14.08 -5.97 16.20
N LYS A 158 -13.79 -5.83 17.49
CA LYS A 158 -14.84 -5.51 18.45
C LYS A 158 -16.02 -6.47 18.31
N GLY A 1 -10.37 -0.66 -25.25
CA GLY A 1 -9.47 0.50 -25.46
C GLY A 1 -8.14 0.01 -25.99
N SER A 2 -7.59 0.72 -26.97
CA SER A 2 -6.32 0.36 -27.58
C SER A 2 -5.21 0.35 -26.53
N HIS A 3 -5.19 1.39 -25.71
CA HIS A 3 -4.18 1.52 -24.65
C HIS A 3 -4.63 0.74 -23.40
N MET A 4 -3.71 -0.04 -22.84
CA MET A 4 -4.03 -0.82 -21.65
C MET A 4 -4.11 0.10 -20.43
N ASP A 5 -3.29 -0.17 -19.42
CA ASP A 5 -3.27 0.63 -18.21
C ASP A 5 -2.54 1.96 -18.47
N ALA A 6 -2.96 3.02 -17.78
CA ALA A 6 -2.35 4.34 -17.95
C ALA A 6 -0.92 4.37 -17.41
N SER A 7 -0.71 3.72 -16.27
CA SER A 7 0.63 3.68 -15.69
C SER A 7 1.19 5.09 -15.44
N LYS A 8 0.37 6.10 -15.72
CA LYS A 8 0.77 7.49 -15.54
C LYS A 8 0.23 8.04 -14.22
N ILE A 9 1.04 7.97 -13.18
CA ILE A 9 0.62 8.43 -11.84
C ILE A 9 1.76 9.10 -11.11
N ASP A 10 2.64 8.30 -10.51
CA ASP A 10 3.78 8.83 -9.80
C ASP A 10 3.34 9.83 -8.73
N GLN A 11 3.08 11.05 -9.15
CA GLN A 11 2.65 12.11 -8.24
C GLN A 11 1.56 12.95 -8.88
N PRO A 12 0.38 12.41 -9.04
CA PRO A 12 -0.76 13.14 -9.65
C PRO A 12 -0.85 14.56 -9.11
N ASP A 13 -1.30 15.47 -9.95
CA ASP A 13 -1.44 16.87 -9.56
C ASP A 13 -2.61 17.02 -8.60
N LEU A 14 -2.53 18.02 -7.72
CA LEU A 14 -3.58 18.25 -6.74
C LEU A 14 -4.94 18.42 -7.42
N ALA A 15 -4.90 18.87 -8.66
CA ALA A 15 -6.13 19.07 -9.42
C ALA A 15 -6.84 17.75 -9.65
N GLU A 16 -6.06 16.72 -9.93
CA GLU A 16 -6.60 15.38 -10.17
C GLU A 16 -7.07 14.75 -8.86
N VAL A 17 -6.39 15.10 -7.77
CA VAL A 17 -6.71 14.57 -6.45
C VAL A 17 -7.97 15.23 -5.90
N ALA A 18 -8.02 16.54 -5.99
CA ALA A 18 -9.16 17.29 -5.49
C ALA A 18 -10.43 16.98 -6.30
N ASN A 19 -10.27 16.87 -7.62
CA ASN A 19 -11.38 16.58 -8.51
C ASN A 19 -11.78 15.11 -8.45
N ALA A 20 -10.80 14.25 -8.18
CA ALA A 20 -11.05 12.82 -8.09
C ALA A 20 -12.08 12.53 -7.00
N SER A 21 -12.74 11.37 -7.09
CA SER A 21 -13.77 11.00 -6.11
C SER A 21 -13.64 9.53 -5.73
N LEU A 22 -14.19 9.17 -4.57
CA LEU A 22 -14.10 7.78 -4.10
C LEU A 22 -15.42 7.33 -3.48
N ASP A 23 -15.99 6.27 -4.04
CA ASP A 23 -17.24 5.70 -3.51
C ASP A 23 -16.93 4.79 -2.33
N LYS A 24 -17.33 5.22 -1.14
CA LYS A 24 -17.08 4.44 0.07
C LYS A 24 -17.48 2.98 -0.15
N LYS A 25 -18.24 2.75 -1.20
CA LYS A 25 -18.70 1.42 -1.54
C LYS A 25 -17.52 0.54 -1.99
N GLN A 26 -16.54 1.16 -2.64
CA GLN A 26 -15.36 0.46 -3.15
C GLN A 26 -14.35 0.17 -2.03
N VAL A 27 -14.77 0.41 -0.80
CA VAL A 27 -13.93 0.17 0.38
C VAL A 27 -14.18 -1.23 0.92
N ILE A 28 -13.11 -1.98 1.13
CA ILE A 28 -13.22 -3.36 1.62
C ILE A 28 -12.53 -3.54 2.97
N GLY A 29 -11.90 -2.48 3.44
CA GLY A 29 -11.21 -2.53 4.72
C GLY A 29 -10.40 -1.27 4.94
N ARG A 30 -9.45 -1.31 5.85
CA ARG A 30 -8.64 -0.12 6.11
C ARG A 30 -7.29 -0.48 6.73
N ILE A 31 -6.38 0.48 6.71
CA ILE A 31 -5.04 0.27 7.28
C ILE A 31 -4.70 1.44 8.20
N SER A 32 -4.07 1.11 9.31
CA SER A 32 -3.70 2.13 10.29
C SER A 32 -2.26 1.95 10.73
N ILE A 33 -1.51 3.05 10.74
CA ILE A 33 -0.09 2.99 11.11
C ILE A 33 0.27 4.08 12.12
N PRO A 34 0.93 3.75 13.23
CA PRO A 34 1.32 4.75 14.27
C PRO A 34 2.63 5.45 13.94
N SER A 35 3.55 4.69 13.34
CA SER A 35 4.86 5.22 13.02
C SER A 35 4.78 6.57 12.33
N VAL A 36 3.79 6.74 11.46
CA VAL A 36 3.62 7.98 10.71
C VAL A 36 2.26 8.60 11.00
N SER A 37 1.45 7.96 11.84
CA SER A 37 0.12 8.50 12.15
C SER A 37 -0.69 8.56 10.85
N LEU A 38 -0.76 7.43 10.18
CA LEU A 38 -1.46 7.33 8.90
C LEU A 38 -2.64 6.37 8.98
N GLU A 39 -3.77 6.81 8.44
CA GLU A 39 -4.99 6.01 8.42
C GLU A 39 -5.58 6.13 7.04
N LEU A 40 -5.67 5.00 6.32
CA LEU A 40 -6.18 5.05 4.96
C LEU A 40 -7.03 3.85 4.57
N PRO A 41 -8.32 4.03 4.31
CA PRO A 41 -9.19 2.92 3.86
C PRO A 41 -8.45 2.08 2.80
N VAL A 42 -8.73 0.78 2.79
CA VAL A 42 -8.10 -0.11 1.81
C VAL A 42 -9.04 -0.26 0.63
N LEU A 43 -8.56 0.04 -0.57
CA LEU A 43 -9.38 -0.06 -1.78
C LEU A 43 -8.95 -1.26 -2.61
N LYS A 44 -9.87 -2.16 -2.88
CA LYS A 44 -9.56 -3.35 -3.66
C LYS A 44 -9.19 -2.99 -5.10
N SER A 45 -10.00 -2.12 -5.71
CA SER A 45 -9.78 -1.68 -7.08
C SER A 45 -8.54 -0.79 -7.19
N SER A 46 -7.44 -1.36 -7.68
CA SER A 46 -6.21 -0.61 -7.84
C SER A 46 -6.22 0.19 -9.12
N THR A 47 -6.45 1.48 -8.98
CA THR A 47 -6.51 2.38 -10.13
C THR A 47 -5.88 3.72 -9.78
N GLU A 48 -5.46 4.43 -10.80
CA GLU A 48 -4.84 5.73 -10.59
C GLU A 48 -5.76 6.64 -9.79
N LYS A 49 -7.05 6.46 -9.97
CA LYS A 49 -8.05 7.27 -9.29
C LYS A 49 -8.27 6.81 -7.86
N ASN A 50 -8.38 5.50 -7.69
CA ASN A 50 -8.63 4.93 -6.36
C ASN A 50 -7.44 5.18 -5.43
N LEU A 51 -6.24 5.15 -5.99
CA LEU A 51 -5.04 5.36 -5.19
C LEU A 51 -5.02 6.74 -4.54
N LEU A 52 -5.78 7.65 -5.09
CA LEU A 52 -5.83 9.01 -4.57
C LEU A 52 -6.48 9.11 -3.18
N SER A 53 -7.45 8.25 -2.91
CA SER A 53 -8.15 8.30 -1.62
C SER A 53 -7.47 7.47 -0.53
N GLY A 54 -6.53 6.61 -0.90
CA GLY A 54 -5.86 5.77 0.09
C GLY A 54 -4.99 4.71 -0.57
N ALA A 55 -4.48 3.81 0.25
CA ALA A 55 -3.63 2.73 -0.24
C ALA A 55 -4.48 1.65 -0.91
N ALA A 56 -4.13 1.30 -2.14
CA ALA A 56 -4.88 0.27 -2.89
C ALA A 56 -4.10 -1.04 -2.94
N THR A 57 -4.83 -2.16 -2.92
CA THR A 57 -4.19 -3.47 -2.97
C THR A 57 -3.69 -3.72 -4.39
N VAL A 58 -2.63 -4.52 -4.55
CA VAL A 58 -2.06 -4.76 -5.88
C VAL A 58 -2.79 -5.86 -6.65
N LYS A 59 -3.13 -6.95 -5.99
CA LYS A 59 -3.81 -8.05 -6.66
C LYS A 59 -5.32 -7.86 -6.65
N GLU A 60 -6.04 -8.90 -7.10
CA GLU A 60 -7.51 -8.83 -7.18
C GLU A 60 -8.18 -9.84 -6.26
N ASN A 61 -7.39 -10.75 -5.69
CA ASN A 61 -7.94 -11.80 -4.83
C ASN A 61 -6.97 -12.14 -3.70
N GLN A 62 -6.41 -11.12 -3.09
CA GLN A 62 -5.47 -11.31 -2.00
C GLN A 62 -6.24 -11.45 -0.69
N VAL A 63 -5.55 -11.93 0.35
CA VAL A 63 -6.19 -12.13 1.66
C VAL A 63 -5.28 -11.61 2.78
N MET A 64 -5.83 -10.83 3.68
CA MET A 64 -5.05 -10.31 4.80
C MET A 64 -4.75 -11.43 5.79
N GLY A 65 -3.47 -11.57 6.15
CA GLY A 65 -3.07 -12.60 7.10
C GLY A 65 -2.69 -13.90 6.38
N LYS A 66 -2.75 -13.87 5.04
CA LYS A 66 -2.42 -15.05 4.26
C LYS A 66 -1.65 -14.69 3.00
N GLY A 67 -0.47 -15.27 2.84
CA GLY A 67 0.34 -14.98 1.68
C GLY A 67 0.95 -13.59 1.82
N ASN A 68 1.46 -13.05 0.71
CA ASN A 68 2.06 -11.72 0.72
C ASN A 68 1.02 -10.67 0.38
N TYR A 69 0.63 -9.87 1.38
CA TYR A 69 -0.37 -8.82 1.17
C TYR A 69 0.31 -7.56 0.66
N ALA A 70 0.17 -7.31 -0.64
CA ALA A 70 0.79 -6.13 -1.24
C ALA A 70 -0.14 -4.92 -1.25
N LEU A 71 0.38 -3.81 -0.75
CA LEU A 71 -0.36 -2.55 -0.69
C LEU A 71 0.43 -1.48 -1.43
N ALA A 72 -0.25 -0.76 -2.33
CA ALA A 72 0.41 0.29 -3.11
C ALA A 72 -0.07 1.67 -2.70
N GLY A 73 0.84 2.61 -2.66
CA GLY A 73 0.52 3.98 -2.26
C GLY A 73 1.29 5.00 -3.11
N HIS A 74 1.09 6.26 -2.80
CA HIS A 74 1.75 7.35 -3.52
C HIS A 74 3.04 7.77 -2.81
N ASN A 75 4.07 8.07 -3.59
CA ASN A 75 5.38 8.47 -3.04
C ASN A 75 5.60 9.96 -3.25
N MET A 76 4.51 10.70 -3.27
CA MET A 76 4.55 12.15 -3.47
C MET A 76 5.69 12.79 -2.67
N SER A 77 6.23 12.06 -1.70
CA SER A 77 7.33 12.59 -0.91
C SER A 77 6.88 13.84 -0.16
N LYS A 78 5.64 13.80 0.31
CA LYS A 78 5.05 14.93 1.02
C LYS A 78 4.37 14.42 2.27
N LYS A 79 4.96 14.68 3.41
CA LYS A 79 4.39 14.22 4.67
C LYS A 79 2.94 14.66 4.76
N GLY A 80 2.06 13.70 5.01
CA GLY A 80 0.62 13.98 5.09
C GLY A 80 -0.12 13.29 3.95
N VAL A 81 0.56 13.01 2.84
CA VAL A 81 -0.08 12.34 1.70
C VAL A 81 0.00 10.83 1.91
N LEU A 82 -0.52 10.07 0.97
CA LEU A 82 -0.52 8.63 1.11
C LEU A 82 0.91 8.09 0.96
N PHE A 83 1.32 7.20 1.86
CA PHE A 83 2.65 6.59 1.77
C PHE A 83 3.72 7.65 1.52
N SER A 84 3.60 8.77 2.18
CA SER A 84 4.56 9.85 2.01
C SER A 84 5.83 9.63 2.84
N ASP A 85 5.78 8.68 3.75
CA ASP A 85 6.93 8.42 4.64
C ASP A 85 7.04 6.94 5.07
N ILE A 86 6.83 6.04 4.13
CA ILE A 86 6.91 4.61 4.43
C ILE A 86 8.34 4.17 4.74
N ALA A 87 9.31 4.76 4.07
CA ALA A 87 10.70 4.41 4.29
C ALA A 87 11.15 4.84 5.69
N SER A 88 10.23 5.40 6.45
CA SER A 88 10.53 5.86 7.80
C SER A 88 10.22 4.77 8.81
N LEU A 89 9.49 3.77 8.35
CA LEU A 89 9.12 2.65 9.20
C LEU A 89 10.35 1.85 9.59
N LYS A 90 10.55 1.74 10.90
CA LYS A 90 11.70 1.01 11.43
C LYS A 90 11.31 -0.43 11.79
N LYS A 91 12.29 -1.30 11.86
CA LYS A 91 12.05 -2.69 12.19
C LYS A 91 11.43 -2.83 13.58
N GLY A 92 10.31 -3.55 13.64
CA GLY A 92 9.60 -3.78 14.91
C GLY A 92 8.49 -2.76 15.09
N ASP A 93 8.13 -2.11 14.00
CA ASP A 93 7.05 -1.12 14.02
C ASP A 93 5.71 -1.84 13.87
N LYS A 94 4.74 -1.49 14.71
CA LYS A 94 3.43 -2.16 14.65
C LYS A 94 2.54 -1.58 13.54
N ILE A 95 1.92 -2.48 12.79
CA ILE A 95 1.01 -2.08 11.71
C ILE A 95 -0.33 -2.81 11.88
N TYR A 96 -1.39 -2.03 12.02
CA TYR A 96 -2.72 -2.61 12.21
C TYR A 96 -3.49 -2.57 10.90
N LEU A 97 -3.88 -3.74 10.41
CA LEU A 97 -4.64 -3.85 9.15
C LEU A 97 -6.01 -4.43 9.40
N TYR A 98 -7.00 -4.01 8.60
CA TYR A 98 -8.37 -4.49 8.76
C TYR A 98 -8.90 -5.15 7.50
N ASP A 99 -9.48 -6.32 7.70
CA ASP A 99 -10.07 -7.10 6.62
C ASP A 99 -11.57 -7.11 6.83
N ASN A 100 -12.28 -8.00 6.15
CA ASN A 100 -13.73 -8.11 6.28
C ASN A 100 -14.21 -7.53 7.62
N GLU A 101 -14.03 -8.29 8.67
CA GLU A 101 -14.40 -7.87 10.02
C GLU A 101 -13.27 -8.25 10.98
N ASN A 102 -12.06 -8.35 10.44
CA ASN A 102 -10.91 -8.80 11.24
C ASN A 102 -9.77 -7.79 11.24
N GLU A 103 -9.11 -7.66 12.41
CA GLU A 103 -7.98 -6.76 12.56
C GLU A 103 -6.70 -7.57 12.67
N TYR A 104 -5.78 -7.34 11.74
CA TYR A 104 -4.50 -8.08 11.72
C TYR A 104 -3.36 -7.24 12.24
N GLU A 105 -2.59 -7.80 13.16
CA GLU A 105 -1.44 -7.11 13.72
C GLU A 105 -0.20 -7.50 12.93
N TYR A 106 0.38 -6.53 12.25
CA TYR A 106 1.58 -6.75 11.45
C TYR A 106 2.76 -5.95 11.98
N ALA A 107 3.95 -6.56 12.02
CA ALA A 107 5.14 -5.85 12.51
C ALA A 107 6.19 -5.76 11.42
N VAL A 108 6.80 -4.57 11.32
CA VAL A 108 7.83 -4.31 10.33
C VAL A 108 9.11 -5.05 10.68
N THR A 109 9.71 -5.69 9.66
CA THR A 109 10.93 -6.47 9.85
C THR A 109 12.13 -5.77 9.24
N GLY A 110 11.88 -4.89 8.27
CA GLY A 110 12.96 -4.18 7.63
C GLY A 110 12.50 -3.51 6.34
N VAL A 111 13.33 -2.61 5.84
CA VAL A 111 13.04 -1.85 4.62
C VAL A 111 14.19 -2.03 3.64
N SER A 112 13.89 -1.94 2.35
CA SER A 112 14.92 -2.11 1.32
C SER A 112 14.57 -1.35 0.05
N GLU A 113 15.57 -1.12 -0.78
CA GLU A 113 15.40 -0.39 -2.04
C GLU A 113 15.66 -1.33 -3.23
N VAL A 114 14.64 -1.55 -4.04
CA VAL A 114 14.76 -2.45 -5.18
C VAL A 114 14.17 -1.85 -6.44
N THR A 115 14.60 -2.35 -7.59
CA THR A 115 14.09 -1.84 -8.85
C THR A 115 12.62 -2.25 -9.00
N PRO A 116 11.73 -1.36 -9.40
CA PRO A 116 10.28 -1.69 -9.54
C PRO A 116 10.07 -3.02 -10.27
N ASP A 117 11.13 -3.53 -10.88
CA ASP A 117 11.04 -4.77 -11.63
C ASP A 117 11.10 -5.98 -10.71
N LYS A 118 11.40 -5.74 -9.44
CA LYS A 118 11.48 -6.79 -8.44
C LYS A 118 10.09 -7.06 -7.86
N TRP A 119 9.24 -7.65 -8.66
CA TRP A 119 7.89 -7.96 -8.23
C TRP A 119 7.87 -9.08 -7.20
N GLU A 120 8.83 -9.99 -7.31
CA GLU A 120 8.91 -11.11 -6.39
C GLU A 120 8.79 -10.62 -4.94
N VAL A 121 8.96 -9.32 -4.77
CA VAL A 121 8.90 -8.70 -3.45
C VAL A 121 7.47 -8.59 -2.91
N VAL A 122 6.50 -8.56 -3.81
CA VAL A 122 5.09 -8.42 -3.44
C VAL A 122 4.36 -9.73 -3.67
N GLU A 123 5.09 -10.65 -4.26
CA GLU A 123 4.54 -11.94 -4.60
C GLU A 123 4.49 -12.88 -3.40
N ASP A 124 3.55 -13.79 -3.46
CA ASP A 124 3.34 -14.79 -2.40
C ASP A 124 4.54 -15.73 -2.30
N HIS A 125 5.07 -15.89 -1.08
CA HIS A 125 6.23 -16.77 -0.87
C HIS A 125 5.83 -18.04 -0.11
N GLY A 126 4.99 -17.88 0.92
CA GLY A 126 4.54 -19.04 1.71
C GLY A 126 4.31 -18.64 3.17
N LYS A 127 4.05 -17.37 3.40
CA LYS A 127 3.82 -16.88 4.75
C LYS A 127 2.93 -15.63 4.74
N ASP A 128 2.52 -15.21 5.93
CA ASP A 128 1.67 -14.01 6.05
C ASP A 128 2.53 -12.79 6.32
N GLU A 129 2.99 -12.16 5.25
CA GLU A 129 3.85 -10.98 5.36
C GLU A 129 3.27 -9.83 4.52
N ILE A 130 3.08 -8.67 5.14
CA ILE A 130 2.55 -7.51 4.42
C ILE A 130 3.68 -6.85 3.64
N THR A 131 3.35 -6.26 2.49
CA THR A 131 4.36 -5.59 1.67
C THR A 131 3.86 -4.24 1.15
N LEU A 132 4.58 -3.16 1.49
CA LEU A 132 4.19 -1.81 1.05
C LEU A 132 5.11 -1.31 -0.06
N ILE A 133 4.49 -0.90 -1.15
CA ILE A 133 5.22 -0.41 -2.32
C ILE A 133 4.58 0.88 -2.86
N THR A 134 5.27 1.54 -3.78
CA THR A 134 4.77 2.79 -4.36
C THR A 134 4.51 2.61 -5.85
N CYS A 135 3.44 3.22 -6.36
CA CYS A 135 3.15 3.10 -7.78
C CYS A 135 3.01 1.62 -8.15
N VAL A 136 2.40 1.33 -9.29
CA VAL A 136 2.20 -0.05 -9.74
C VAL A 136 2.99 -0.35 -11.02
N SER A 137 3.73 0.64 -11.49
CA SER A 137 4.50 0.48 -12.72
C SER A 137 5.82 1.24 -12.62
N VAL A 138 6.68 1.06 -13.62
CA VAL A 138 7.97 1.73 -13.65
C VAL A 138 7.76 3.21 -13.92
N LYS A 139 8.46 4.06 -13.17
CA LYS A 139 8.32 5.51 -13.34
C LYS A 139 9.62 6.12 -13.89
N ASP A 140 9.74 7.44 -13.79
CA ASP A 140 10.92 8.13 -14.29
C ASP A 140 12.18 7.64 -13.57
N ASN A 141 12.07 7.46 -12.25
CA ASN A 141 13.19 7.00 -11.43
C ASN A 141 13.02 5.52 -11.07
N SER A 142 14.07 4.73 -11.25
CA SER A 142 14.01 3.31 -10.95
C SER A 142 14.14 3.05 -9.46
N LYS A 143 14.59 4.05 -8.72
CA LYS A 143 14.77 3.94 -7.28
C LYS A 143 13.40 3.88 -6.59
N ARG A 144 13.21 2.87 -5.73
CA ARG A 144 11.93 2.70 -5.04
C ARG A 144 12.14 2.16 -3.63
N TYR A 145 11.29 2.60 -2.70
CA TYR A 145 11.38 2.16 -1.30
C TYR A 145 10.26 1.16 -0.99
N VAL A 146 10.61 0.05 -0.35
CA VAL A 146 9.63 -0.99 -0.02
C VAL A 146 9.81 -1.47 1.43
N VAL A 147 8.69 -1.63 2.13
CA VAL A 147 8.69 -2.08 3.53
C VAL A 147 7.93 -3.39 3.68
N ALA A 148 8.54 -4.35 4.38
CA ALA A 148 7.92 -5.66 4.58
C ALA A 148 7.64 -5.88 6.06
N GLY A 149 6.45 -6.42 6.37
CA GLY A 149 6.06 -6.67 7.76
C GLY A 149 5.57 -8.08 7.95
N ASP A 150 5.94 -8.66 9.08
CA ASP A 150 5.58 -10.04 9.39
C ASP A 150 4.34 -10.08 10.30
N LEU A 151 3.47 -11.05 10.05
CA LEU A 151 2.25 -11.20 10.85
C LEU A 151 2.58 -11.59 12.29
N VAL A 152 2.09 -10.81 13.23
CA VAL A 152 2.35 -11.07 14.65
C VAL A 152 1.10 -11.59 15.36
N GLY A 153 -0.06 -11.30 14.81
CA GLY A 153 -1.30 -11.77 15.44
C GLY A 153 -2.53 -11.25 14.71
N THR A 154 -3.70 -11.66 15.20
CA THR A 154 -4.97 -11.25 14.60
C THR A 154 -6.09 -11.29 15.62
N LYS A 155 -7.09 -10.46 15.40
CA LYS A 155 -8.24 -10.40 16.30
C LYS A 155 -9.47 -9.94 15.50
N ALA A 156 -10.61 -9.86 16.17
CA ALA A 156 -11.84 -9.44 15.49
C ALA A 156 -12.02 -7.94 15.59
N LYS A 157 -12.59 -7.34 14.55
CA LYS A 157 -12.81 -5.90 14.52
C LYS A 157 -13.92 -5.50 15.47
N LYS A 158 -13.62 -5.44 16.75
CA LYS A 158 -14.62 -5.05 17.72
C LYS A 158 -15.91 -5.84 17.53
N GLY A 1 -1.58 -1.10 -32.16
CA GLY A 1 -1.15 0.24 -32.66
C GLY A 1 -0.64 1.07 -31.50
N SER A 2 -1.37 2.15 -31.19
CA SER A 2 -0.99 3.02 -30.08
C SER A 2 -1.08 2.27 -28.76
N HIS A 3 -0.10 2.46 -27.89
CA HIS A 3 -0.08 1.76 -26.59
C HIS A 3 0.46 2.68 -25.49
N MET A 4 -0.45 3.14 -24.64
CA MET A 4 -0.07 4.03 -23.52
C MET A 4 0.37 3.20 -22.31
N ASP A 5 1.36 3.74 -21.59
CA ASP A 5 1.87 3.04 -20.40
C ASP A 5 0.78 2.96 -19.33
N ALA A 6 0.67 1.79 -18.72
CA ALA A 6 -0.35 1.57 -17.68
C ALA A 6 -0.01 2.32 -16.40
N SER A 7 1.27 2.33 -16.03
CA SER A 7 1.72 3.00 -14.81
C SER A 7 2.06 4.47 -15.07
N LYS A 8 1.35 5.08 -16.01
CA LYS A 8 1.58 6.47 -16.36
C LYS A 8 1.06 7.42 -15.27
N ILE A 9 0.72 6.85 -14.13
CA ILE A 9 0.20 7.63 -13.02
C ILE A 9 1.27 8.58 -12.48
N ASP A 10 2.47 8.04 -12.32
CA ASP A 10 3.59 8.83 -11.82
C ASP A 10 3.24 9.49 -10.48
N GLN A 11 2.85 10.76 -10.51
CA GLN A 11 2.51 11.47 -9.28
C GLN A 11 1.48 12.56 -9.58
N PRO A 12 0.21 12.23 -9.73
CA PRO A 12 -0.84 13.24 -10.02
C PRO A 12 -0.67 14.49 -9.16
N ASP A 13 -1.04 15.63 -9.72
CA ASP A 13 -0.92 16.88 -8.99
C ASP A 13 -1.93 16.92 -7.86
N LEU A 14 -1.64 17.69 -6.82
CA LEU A 14 -2.52 17.80 -5.66
C LEU A 14 -3.92 18.25 -6.09
N ALA A 15 -3.99 18.98 -7.20
CA ALA A 15 -5.27 19.45 -7.70
C ALA A 15 -6.14 18.28 -8.13
N GLU A 16 -5.50 17.29 -8.75
CA GLU A 16 -6.22 16.10 -9.21
C GLU A 16 -6.59 15.19 -8.04
N VAL A 17 -5.70 15.14 -7.06
CA VAL A 17 -5.90 14.30 -5.88
C VAL A 17 -6.94 14.91 -4.96
N ALA A 18 -6.85 16.22 -4.75
CA ALA A 18 -7.79 16.92 -3.89
C ALA A 18 -9.20 16.92 -4.51
N ASN A 19 -9.26 17.06 -5.82
CA ASN A 19 -10.53 17.10 -6.53
C ASN A 19 -11.04 15.69 -6.83
N ALA A 20 -10.12 14.73 -6.86
CA ALA A 20 -10.49 13.35 -7.14
C ALA A 20 -11.43 12.82 -6.05
N SER A 21 -12.46 12.09 -6.47
CA SER A 21 -13.43 11.53 -5.52
C SER A 21 -13.83 10.11 -5.91
N LEU A 22 -14.16 9.29 -4.90
CA LEU A 22 -14.55 7.90 -5.14
C LEU A 22 -15.71 7.48 -4.24
N ASP A 23 -16.32 6.34 -4.57
CA ASP A 23 -17.41 5.81 -3.76
C ASP A 23 -16.85 5.19 -2.47
N LYS A 24 -17.57 5.40 -1.37
CA LYS A 24 -17.13 4.87 -0.08
C LYS A 24 -17.49 3.39 0.02
N LYS A 25 -18.14 2.89 -1.01
CA LYS A 25 -18.56 1.50 -1.05
C LYS A 25 -17.46 0.62 -1.66
N GLN A 26 -16.41 1.26 -2.18
CA GLN A 26 -15.31 0.54 -2.80
C GLN A 26 -14.27 0.10 -1.77
N VAL A 27 -14.54 0.44 -0.51
CA VAL A 27 -13.64 0.11 0.59
C VAL A 27 -13.97 -1.28 1.13
N ILE A 28 -12.95 -2.09 1.36
CA ILE A 28 -13.15 -3.46 1.85
C ILE A 28 -12.24 -3.78 3.02
N GLY A 29 -11.44 -2.80 3.42
CA GLY A 29 -10.52 -3.00 4.54
C GLY A 29 -9.94 -1.66 4.96
N ARG A 30 -9.04 -1.67 5.95
CA ARG A 30 -8.44 -0.41 6.41
C ARG A 30 -7.01 -0.61 6.89
N ILE A 31 -6.20 0.44 6.77
CA ILE A 31 -4.80 0.39 7.17
C ILE A 31 -4.53 1.52 8.15
N SER A 32 -4.03 1.14 9.32
CA SER A 32 -3.72 2.11 10.36
C SER A 32 -2.25 1.98 10.77
N ILE A 33 -1.54 3.10 10.76
CA ILE A 33 -0.11 3.10 11.08
C ILE A 33 0.24 4.24 12.06
N PRO A 34 0.70 3.95 13.28
CA PRO A 34 1.04 5.00 14.28
C PRO A 34 2.41 5.63 14.02
N SER A 35 3.34 4.82 13.50
CA SER A 35 4.69 5.27 13.25
C SER A 35 4.72 6.57 12.46
N VAL A 36 3.79 6.72 11.51
CA VAL A 36 3.72 7.92 10.67
C VAL A 36 2.41 8.67 10.91
N SER A 37 1.49 8.06 11.67
CA SER A 37 0.19 8.70 11.91
C SER A 37 -0.64 8.63 10.63
N LEU A 38 -0.67 7.43 10.04
CA LEU A 38 -1.42 7.21 8.81
C LEU A 38 -2.66 6.34 9.05
N GLU A 39 -3.79 6.85 8.59
CA GLU A 39 -5.07 6.15 8.71
C GLU A 39 -5.75 6.23 7.35
N LEU A 40 -5.92 5.08 6.68
CA LEU A 40 -6.52 5.10 5.34
C LEU A 40 -7.39 3.87 5.08
N PRO A 41 -8.20 3.90 4.04
CA PRO A 41 -9.06 2.76 3.64
C PRO A 41 -8.29 1.87 2.67
N VAL A 42 -8.66 0.61 2.58
CA VAL A 42 -8.00 -0.31 1.65
C VAL A 42 -8.93 -0.62 0.50
N LEU A 43 -8.54 -0.19 -0.71
CA LEU A 43 -9.36 -0.40 -1.90
C LEU A 43 -8.79 -1.56 -2.72
N LYS A 44 -9.60 -2.58 -2.94
CA LYS A 44 -9.14 -3.73 -3.73
C LYS A 44 -8.91 -3.32 -5.18
N SER A 45 -9.86 -2.57 -5.73
CA SER A 45 -9.76 -2.14 -7.12
C SER A 45 -8.59 -1.16 -7.30
N SER A 46 -7.50 -1.64 -7.87
CA SER A 46 -6.33 -0.80 -8.10
C SER A 46 -6.51 0.02 -9.36
N THR A 47 -6.71 1.31 -9.17
CA THR A 47 -6.89 2.22 -10.30
C THR A 47 -6.23 3.56 -10.00
N GLU A 48 -5.88 4.28 -11.05
CA GLU A 48 -5.25 5.57 -10.89
C GLU A 48 -6.17 6.54 -10.15
N LYS A 49 -7.46 6.30 -10.28
CA LYS A 49 -8.45 7.16 -9.65
C LYS A 49 -8.64 6.80 -8.17
N ASN A 50 -8.77 5.51 -7.89
CA ASN A 50 -8.98 5.06 -6.52
C ASN A 50 -7.72 5.28 -5.66
N LEU A 51 -6.56 5.19 -6.29
CA LEU A 51 -5.29 5.36 -5.58
C LEU A 51 -5.19 6.76 -4.95
N LEU A 52 -5.97 7.70 -5.46
CA LEU A 52 -5.91 9.06 -4.97
C LEU A 52 -6.56 9.23 -3.59
N SER A 53 -7.33 8.23 -3.16
CA SER A 53 -8.02 8.32 -1.86
C SER A 53 -7.34 7.50 -0.76
N GLY A 54 -6.38 6.66 -1.13
CA GLY A 54 -5.72 5.83 -0.12
C GLY A 54 -4.79 4.79 -0.75
N ALA A 55 -4.60 3.69 -0.02
CA ALA A 55 -3.74 2.60 -0.49
C ALA A 55 -4.58 1.49 -1.11
N ALA A 56 -4.23 1.10 -2.33
CA ALA A 56 -4.97 0.04 -3.03
C ALA A 56 -4.15 -1.25 -3.10
N THR A 57 -4.84 -2.39 -3.09
CA THR A 57 -4.17 -3.69 -3.19
C THR A 57 -3.67 -3.88 -4.62
N VAL A 58 -2.57 -4.61 -4.79
CA VAL A 58 -2.01 -4.82 -6.13
C VAL A 58 -2.65 -5.98 -6.89
N LYS A 59 -2.89 -7.10 -6.21
CA LYS A 59 -3.46 -8.27 -6.88
C LYS A 59 -4.99 -8.23 -6.83
N GLU A 60 -5.62 -9.33 -7.28
CA GLU A 60 -7.10 -9.42 -7.31
C GLU A 60 -7.61 -10.37 -6.21
N ASN A 61 -7.15 -11.60 -6.25
CA ASN A 61 -7.57 -12.63 -5.29
C ASN A 61 -6.63 -12.69 -4.10
N GLN A 62 -6.27 -11.53 -3.55
CA GLN A 62 -5.38 -11.47 -2.41
C GLN A 62 -6.18 -11.64 -1.11
N VAL A 63 -5.51 -12.12 -0.07
CA VAL A 63 -6.15 -12.32 1.23
C VAL A 63 -5.32 -11.66 2.33
N MET A 64 -5.98 -10.95 3.24
CA MET A 64 -5.29 -10.27 4.32
C MET A 64 -4.93 -11.27 5.42
N GLY A 65 -3.64 -11.37 5.73
CA GLY A 65 -3.18 -12.30 6.76
C GLY A 65 -2.69 -13.59 6.13
N LYS A 66 -2.71 -13.65 4.80
CA LYS A 66 -2.27 -14.86 4.10
C LYS A 66 -1.47 -14.51 2.86
N GLY A 67 -0.28 -15.08 2.74
CA GLY A 67 0.57 -14.82 1.58
C GLY A 67 1.14 -13.41 1.67
N ASN A 68 1.75 -12.95 0.59
CA ASN A 68 2.32 -11.62 0.58
C ASN A 68 1.25 -10.60 0.22
N TYR A 69 0.81 -9.82 1.21
CA TYR A 69 -0.23 -8.81 0.99
C TYR A 69 0.41 -7.53 0.48
N ALA A 70 0.27 -7.29 -0.81
CA ALA A 70 0.86 -6.11 -1.43
C ALA A 70 -0.11 -4.93 -1.44
N LEU A 71 0.37 -3.81 -0.90
CA LEU A 71 -0.41 -2.57 -0.87
C LEU A 71 0.34 -1.47 -1.62
N ALA A 72 -0.35 -0.78 -2.51
CA ALA A 72 0.27 0.28 -3.31
C ALA A 72 -0.23 1.65 -2.88
N GLY A 73 0.71 2.58 -2.81
CA GLY A 73 0.39 3.95 -2.40
C GLY A 73 1.13 4.98 -3.27
N HIS A 74 0.92 6.25 -2.94
CA HIS A 74 1.56 7.35 -3.67
C HIS A 74 2.90 7.72 -3.03
N ASN A 75 3.90 8.01 -3.87
CA ASN A 75 5.24 8.37 -3.40
C ASN A 75 5.43 9.88 -3.51
N MET A 76 4.33 10.61 -3.41
CA MET A 76 4.37 12.06 -3.51
C MET A 76 5.60 12.65 -2.81
N SER A 77 6.14 11.91 -1.85
CA SER A 77 7.30 12.39 -1.12
C SER A 77 6.93 13.64 -0.33
N LYS A 78 5.71 13.65 0.19
CA LYS A 78 5.21 14.79 0.95
C LYS A 78 4.53 14.30 2.21
N LYS A 79 5.12 14.58 3.36
CA LYS A 79 4.54 14.16 4.61
C LYS A 79 3.09 14.61 4.69
N GLY A 80 2.22 13.65 4.95
CA GLY A 80 0.79 13.90 5.02
C GLY A 80 0.06 13.21 3.86
N VAL A 81 0.75 13.02 2.73
CA VAL A 81 0.12 12.35 1.58
C VAL A 81 0.11 10.84 1.81
N LEU A 82 -0.46 10.08 0.89
CA LEU A 82 -0.55 8.64 1.05
C LEU A 82 0.84 8.00 0.88
N PHE A 83 1.19 7.10 1.78
CA PHE A 83 2.46 6.41 1.71
C PHE A 83 3.60 7.40 1.42
N SER A 84 3.46 8.60 1.94
CA SER A 84 4.46 9.65 1.70
C SER A 84 5.67 9.51 2.64
N ASP A 85 5.58 8.61 3.62
CA ASP A 85 6.68 8.44 4.60
C ASP A 85 6.82 6.99 5.06
N ILE A 86 6.66 6.04 4.14
CA ILE A 86 6.77 4.63 4.48
C ILE A 86 8.21 4.25 4.82
N ALA A 87 9.17 4.94 4.22
CA ALA A 87 10.58 4.64 4.48
C ALA A 87 10.99 5.11 5.86
N SER A 88 10.04 5.64 6.63
CA SER A 88 10.33 6.13 7.96
C SER A 88 10.01 5.05 8.98
N LEU A 89 9.28 4.03 8.52
CA LEU A 89 8.89 2.93 9.39
C LEU A 89 10.10 2.14 9.84
N LYS A 90 10.23 1.99 11.14
CA LYS A 90 11.35 1.25 11.73
C LYS A 90 10.94 -0.19 12.04
N LYS A 91 11.92 -1.06 12.16
CA LYS A 91 11.65 -2.47 12.43
C LYS A 91 10.92 -2.64 13.76
N GLY A 92 9.94 -3.53 13.76
CA GLY A 92 9.17 -3.81 14.96
C GLY A 92 8.08 -2.76 15.14
N ASP A 93 7.76 -2.07 14.05
CA ASP A 93 6.71 -1.04 14.10
C ASP A 93 5.34 -1.71 14.02
N LYS A 94 4.39 -1.28 14.85
CA LYS A 94 3.07 -1.91 14.84
C LYS A 94 2.22 -1.42 13.67
N ILE A 95 1.77 -2.37 12.86
CA ILE A 95 0.95 -2.07 11.69
C ILE A 95 -0.43 -2.70 11.91
N TYR A 96 -1.46 -1.87 11.92
CA TYR A 96 -2.83 -2.35 12.14
C TYR A 96 -3.61 -2.36 10.84
N LEU A 97 -4.05 -3.55 10.43
CA LEU A 97 -4.80 -3.69 9.18
C LEU A 97 -6.18 -4.27 9.47
N TYR A 98 -7.15 -4.00 8.59
CA TYR A 98 -8.51 -4.50 8.78
C TYR A 98 -9.04 -5.25 7.56
N ASP A 99 -9.67 -6.38 7.84
CA ASP A 99 -10.29 -7.21 6.81
C ASP A 99 -11.78 -7.22 7.06
N ASN A 100 -12.49 -8.13 6.39
CA ASN A 100 -13.95 -8.24 6.53
C ASN A 100 -14.43 -7.65 7.86
N GLU A 101 -14.19 -8.41 8.93
CA GLU A 101 -14.57 -7.97 10.28
C GLU A 101 -13.43 -8.32 11.22
N ASN A 102 -12.21 -8.34 10.69
CA ASN A 102 -11.04 -8.74 11.49
C ASN A 102 -9.92 -7.72 11.45
N GLU A 103 -9.28 -7.54 12.60
CA GLU A 103 -8.16 -6.61 12.72
C GLU A 103 -6.86 -7.41 12.76
N TYR A 104 -5.96 -7.14 11.82
CA TYR A 104 -4.69 -7.87 11.74
C TYR A 104 -3.54 -7.02 12.26
N GLU A 105 -2.79 -7.59 13.20
CA GLU A 105 -1.63 -6.91 13.76
C GLU A 105 -0.38 -7.36 12.99
N TYR A 106 0.23 -6.42 12.29
CA TYR A 106 1.44 -6.71 11.51
C TYR A 106 2.62 -5.91 12.06
N ALA A 107 3.81 -6.51 12.02
CA ALA A 107 5.02 -5.82 12.50
C ALA A 107 6.03 -5.66 11.37
N VAL A 108 6.59 -4.45 11.28
CA VAL A 108 7.57 -4.14 10.25
C VAL A 108 8.85 -4.90 10.53
N THR A 109 9.39 -5.52 9.47
CA THR A 109 10.60 -6.31 9.55
C THR A 109 11.79 -5.56 8.98
N GLY A 110 11.52 -4.65 8.07
CA GLY A 110 12.59 -3.88 7.46
C GLY A 110 12.17 -3.23 6.17
N VAL A 111 12.99 -2.29 5.72
CA VAL A 111 12.76 -1.53 4.50
C VAL A 111 13.93 -1.73 3.54
N SER A 112 13.66 -1.68 2.24
CA SER A 112 14.70 -1.86 1.24
C SER A 112 14.36 -1.15 -0.07
N GLU A 113 15.37 -0.99 -0.92
CA GLU A 113 15.19 -0.32 -2.21
C GLU A 113 15.27 -1.36 -3.33
N VAL A 114 14.11 -1.72 -3.87
CA VAL A 114 14.04 -2.73 -4.93
C VAL A 114 13.48 -2.13 -6.21
N THR A 115 13.99 -2.58 -7.35
CA THR A 115 13.51 -2.09 -8.63
C THR A 115 12.02 -2.42 -8.77
N PRO A 116 11.32 -1.86 -9.74
CA PRO A 116 9.87 -2.14 -9.93
C PRO A 116 9.64 -3.45 -10.68
N ASP A 117 10.70 -3.97 -11.30
CA ASP A 117 10.60 -5.21 -12.05
C ASP A 117 10.75 -6.41 -11.13
N LYS A 118 11.33 -6.20 -9.96
CA LYS A 118 11.52 -7.27 -8.98
C LYS A 118 10.27 -7.42 -8.11
N TRP A 119 9.28 -8.11 -8.64
CA TRP A 119 8.04 -8.32 -7.93
C TRP A 119 8.18 -9.36 -6.81
N GLU A 120 9.26 -10.12 -6.85
CA GLU A 120 9.51 -11.14 -5.83
C GLU A 120 9.41 -10.55 -4.42
N VAL A 121 9.25 -9.23 -4.36
CA VAL A 121 9.15 -8.52 -3.09
C VAL A 121 7.71 -8.44 -2.57
N VAL A 122 6.75 -8.64 -3.46
CA VAL A 122 5.33 -8.57 -3.11
C VAL A 122 4.70 -9.93 -3.29
N GLU A 123 5.49 -10.84 -3.83
CA GLU A 123 4.99 -12.16 -4.13
C GLU A 123 5.02 -13.07 -2.90
N ASP A 124 4.08 -14.01 -2.89
CA ASP A 124 3.95 -14.98 -1.81
C ASP A 124 5.21 -15.82 -1.66
N HIS A 125 5.75 -15.86 -0.44
CA HIS A 125 6.98 -16.61 -0.17
C HIS A 125 6.73 -17.76 0.81
N GLY A 126 5.50 -18.24 0.90
CA GLY A 126 5.17 -19.35 1.80
C GLY A 126 4.90 -18.85 3.20
N LYS A 127 4.67 -17.55 3.32
CA LYS A 127 4.39 -16.94 4.62
C LYS A 127 3.48 -15.72 4.47
N ASP A 128 2.96 -15.25 5.61
CA ASP A 128 2.06 -14.10 5.63
C ASP A 128 2.81 -12.84 6.05
N GLU A 129 3.20 -12.07 5.05
CA GLU A 129 3.93 -10.82 5.27
C GLU A 129 3.32 -9.69 4.43
N ILE A 130 3.13 -8.53 5.03
CA ILE A 130 2.57 -7.39 4.30
C ILE A 130 3.68 -6.70 3.51
N THR A 131 3.34 -6.12 2.36
CA THR A 131 4.35 -5.44 1.55
C THR A 131 3.80 -4.11 1.02
N LEU A 132 4.42 -2.99 1.41
CA LEU A 132 3.99 -1.66 0.95
C LEU A 132 4.91 -1.16 -0.15
N ILE A 133 4.30 -0.83 -1.29
CA ILE A 133 5.05 -0.36 -2.46
C ILE A 133 4.34 0.82 -3.12
N THR A 134 4.88 1.29 -4.24
CA THR A 134 4.30 2.43 -4.97
C THR A 134 4.31 2.15 -6.48
N CYS A 135 3.29 2.68 -7.17
CA CYS A 135 3.18 2.50 -8.64
C CYS A 135 3.72 3.72 -9.38
N VAL A 136 4.76 4.33 -8.82
CA VAL A 136 5.36 5.52 -9.44
C VAL A 136 6.56 5.14 -10.31
N SER A 137 6.55 5.60 -11.56
CA SER A 137 7.65 5.31 -12.47
C SER A 137 8.92 6.00 -12.00
N VAL A 138 10.06 5.34 -12.21
CA VAL A 138 11.36 5.89 -11.79
C VAL A 138 12.29 5.97 -12.99
N LYS A 139 12.95 7.12 -13.15
CA LYS A 139 13.85 7.32 -14.28
C LYS A 139 15.03 8.21 -13.92
N ASP A 140 14.75 9.46 -13.55
CA ASP A 140 15.79 10.43 -13.18
C ASP A 140 16.05 10.41 -11.69
N ASN A 141 17.20 9.86 -11.28
CA ASN A 141 17.51 9.80 -9.85
C ASN A 141 16.30 9.29 -9.09
N SER A 142 16.28 9.46 -7.78
CA SER A 142 15.13 9.01 -7.00
C SER A 142 14.97 7.50 -7.12
N LYS A 143 14.62 6.85 -6.02
CA LYS A 143 14.45 5.38 -6.01
C LYS A 143 13.20 4.97 -5.25
N ARG A 144 12.54 3.93 -5.76
CA ARG A 144 11.33 3.42 -5.12
C ARG A 144 11.65 2.77 -3.77
N TYR A 145 10.83 3.07 -2.78
CA TYR A 145 11.01 2.52 -1.43
C TYR A 145 9.92 1.51 -1.12
N VAL A 146 10.31 0.40 -0.47
CA VAL A 146 9.36 -0.66 -0.12
C VAL A 146 9.57 -1.15 1.31
N VAL A 147 8.46 -1.38 2.01
CA VAL A 147 8.48 -1.85 3.40
C VAL A 147 7.80 -3.21 3.53
N ALA A 148 8.48 -4.15 4.19
CA ALA A 148 7.93 -5.49 4.40
C ALA A 148 7.70 -5.74 5.88
N GLY A 149 6.55 -6.31 6.19
CA GLY A 149 6.19 -6.60 7.58
C GLY A 149 5.69 -8.02 7.73
N ASP A 150 5.85 -8.54 8.94
CA ASP A 150 5.45 -9.92 9.27
C ASP A 150 4.21 -9.94 10.17
N LEU A 151 3.33 -10.91 9.92
CA LEU A 151 2.11 -11.05 10.72
C LEU A 151 2.44 -11.48 12.15
N VAL A 152 1.91 -10.72 13.10
CA VAL A 152 2.16 -11.00 14.52
C VAL A 152 0.92 -11.56 15.19
N GLY A 153 -0.26 -11.25 14.66
CA GLY A 153 -1.48 -11.78 15.25
C GLY A 153 -2.73 -11.11 14.68
N THR A 154 -3.88 -11.75 14.87
CA THR A 154 -5.14 -11.20 14.37
C THR A 154 -6.23 -11.37 15.42
N LYS A 155 -7.24 -10.52 15.32
CA LYS A 155 -8.36 -10.55 16.25
C LYS A 155 -9.61 -10.05 15.56
N ALA A 156 -10.73 -10.03 16.27
CA ALA A 156 -11.98 -9.56 15.69
C ALA A 156 -12.20 -8.08 16.00
N LYS A 157 -12.75 -7.38 15.02
CA LYS A 157 -13.02 -5.97 15.16
C LYS A 157 -14.00 -5.71 16.29
N LYS A 158 -13.53 -5.68 17.51
CA LYS A 158 -14.41 -5.41 18.64
C LYS A 158 -15.61 -6.34 18.61
N GLY A 1 -3.45 9.08 -24.95
CA GLY A 1 -3.61 8.74 -23.51
C GLY A 1 -3.57 7.23 -23.34
N SER A 2 -2.95 6.55 -24.30
CA SER A 2 -2.85 5.09 -24.25
C SER A 2 -2.13 4.65 -22.98
N HIS A 3 -1.05 5.35 -22.64
CA HIS A 3 -0.26 5.02 -21.44
C HIS A 3 -0.08 3.51 -21.33
N MET A 4 0.92 3.00 -22.04
CA MET A 4 1.21 1.57 -22.01
C MET A 4 1.67 1.14 -20.63
N ASP A 5 2.49 1.98 -19.99
CA ASP A 5 2.99 1.67 -18.65
C ASP A 5 2.01 2.14 -17.59
N ALA A 6 1.43 1.18 -16.86
CA ALA A 6 0.46 1.49 -15.82
C ALA A 6 1.14 2.09 -14.59
N SER A 7 2.46 1.99 -14.52
CA SER A 7 3.20 2.52 -13.37
C SER A 7 3.58 3.99 -13.59
N LYS A 8 3.20 4.52 -14.73
CA LYS A 8 3.50 5.91 -15.09
C LYS A 8 2.76 6.89 -14.17
N ILE A 9 2.24 6.38 -13.07
CA ILE A 9 1.50 7.21 -12.13
C ILE A 9 2.42 8.26 -11.52
N ASP A 10 3.61 7.83 -11.12
CA ASP A 10 4.59 8.73 -10.54
C ASP A 10 4.00 9.50 -9.36
N GLN A 11 3.51 10.71 -9.63
CA GLN A 11 2.91 11.56 -8.59
C GLN A 11 1.82 12.46 -9.18
N PRO A 12 0.62 11.97 -9.43
CA PRO A 12 -0.48 12.82 -10.00
C PRO A 12 -0.55 14.19 -9.34
N ASP A 13 -0.95 15.18 -10.12
CA ASP A 13 -1.06 16.53 -9.61
C ASP A 13 -2.27 16.65 -8.69
N LEU A 14 -2.24 17.66 -7.83
CA LEU A 14 -3.34 17.89 -6.89
C LEU A 14 -4.66 18.01 -7.62
N ALA A 15 -4.61 18.42 -8.89
CA ALA A 15 -5.81 18.57 -9.68
C ALA A 15 -6.48 17.22 -9.91
N GLU A 16 -5.67 16.21 -10.17
CA GLU A 16 -6.19 14.86 -10.42
C GLU A 16 -6.63 14.22 -9.10
N VAL A 17 -6.04 14.67 -8.01
CA VAL A 17 -6.35 14.15 -6.69
C VAL A 17 -7.64 14.76 -6.16
N ALA A 18 -7.72 16.08 -6.21
CA ALA A 18 -8.92 16.78 -5.72
C ALA A 18 -10.14 16.46 -6.58
N ASN A 19 -9.95 16.48 -7.89
CA ASN A 19 -11.04 16.21 -8.82
C ASN A 19 -11.47 14.75 -8.76
N ALA A 20 -10.52 13.86 -8.49
CA ALA A 20 -10.81 12.44 -8.43
C ALA A 20 -11.84 12.13 -7.34
N SER A 21 -13.02 11.68 -7.75
CA SER A 21 -14.08 11.34 -6.81
C SER A 21 -14.01 9.85 -6.46
N LEU A 22 -14.10 9.54 -5.17
CA LEU A 22 -14.03 8.15 -4.71
C LEU A 22 -15.20 7.84 -3.77
N ASP A 23 -15.82 6.69 -3.98
CA ASP A 23 -16.94 6.27 -3.14
C ASP A 23 -16.43 5.37 -2.01
N LYS A 24 -16.86 5.66 -0.79
CA LYS A 24 -16.44 4.86 0.37
C LYS A 24 -16.99 3.45 0.27
N LYS A 25 -17.87 3.24 -0.70
CA LYS A 25 -18.48 1.94 -0.92
C LYS A 25 -17.43 0.92 -1.38
N GLN A 26 -16.46 1.39 -2.14
CA GLN A 26 -15.40 0.53 -2.66
C GLN A 26 -14.39 0.19 -1.56
N VAL A 27 -14.80 0.39 -0.31
CA VAL A 27 -13.94 0.11 0.83
C VAL A 27 -14.21 -1.32 1.33
N ILE A 28 -13.15 -2.11 1.47
CA ILE A 28 -13.27 -3.51 1.90
C ILE A 28 -12.44 -3.78 3.15
N GLY A 29 -11.73 -2.76 3.60
CA GLY A 29 -10.89 -2.90 4.79
C GLY A 29 -10.28 -1.55 5.16
N ARG A 30 -9.35 -1.56 6.11
CA ARG A 30 -8.72 -0.30 6.54
C ARG A 30 -7.28 -0.55 6.96
N ILE A 31 -6.45 0.48 6.84
CA ILE A 31 -5.04 0.38 7.22
C ILE A 31 -4.70 1.47 8.23
N SER A 32 -4.22 1.06 9.39
CA SER A 32 -3.85 1.99 10.46
C SER A 32 -2.38 1.81 10.81
N ILE A 33 -1.63 2.91 10.81
CA ILE A 33 -0.20 2.87 11.09
C ILE A 33 0.20 3.97 12.09
N PRO A 34 0.75 3.66 13.27
CA PRO A 34 1.16 4.71 14.25
C PRO A 34 2.50 5.36 13.91
N SER A 35 3.39 4.59 13.30
CA SER A 35 4.72 5.07 12.98
C SER A 35 4.69 6.42 12.29
N VAL A 36 3.70 6.65 11.44
CA VAL A 36 3.57 7.92 10.72
C VAL A 36 2.26 8.61 11.09
N SER A 37 1.48 8.00 11.97
CA SER A 37 0.19 8.60 12.34
C SER A 37 -0.68 8.65 11.09
N LEU A 38 -0.81 7.49 10.45
CA LEU A 38 -1.59 7.38 9.22
C LEU A 38 -2.76 6.41 9.39
N GLU A 39 -3.92 6.85 8.94
CA GLU A 39 -5.15 6.06 8.99
C GLU A 39 -5.84 6.21 7.64
N LEU A 40 -6.04 5.10 6.92
CA LEU A 40 -6.66 5.18 5.59
C LEU A 40 -7.55 3.97 5.30
N PRO A 41 -8.36 4.03 4.26
CA PRO A 41 -9.23 2.90 3.84
C PRO A 41 -8.47 1.98 2.89
N VAL A 42 -8.79 0.70 2.89
CA VAL A 42 -8.13 -0.24 1.97
C VAL A 42 -9.08 -0.53 0.82
N LEU A 43 -8.69 -0.10 -0.38
CA LEU A 43 -9.54 -0.31 -1.56
C LEU A 43 -9.02 -1.49 -2.37
N LYS A 44 -9.90 -2.45 -2.62
CA LYS A 44 -9.51 -3.63 -3.40
C LYS A 44 -9.16 -3.24 -4.83
N SER A 45 -10.00 -2.41 -5.42
CA SER A 45 -9.80 -1.99 -6.81
C SER A 45 -8.61 -1.04 -6.92
N SER A 46 -7.51 -1.53 -7.48
CA SER A 46 -6.32 -0.69 -7.63
C SER A 46 -6.42 0.14 -8.90
N THR A 47 -6.66 1.43 -8.72
CA THR A 47 -6.77 2.35 -9.86
C THR A 47 -6.03 3.64 -9.55
N GLU A 48 -5.64 4.33 -10.61
CA GLU A 48 -4.92 5.58 -10.46
C GLU A 48 -5.75 6.57 -9.65
N LYS A 49 -7.06 6.53 -9.84
CA LYS A 49 -7.97 7.43 -9.13
C LYS A 49 -8.16 7.03 -7.67
N ASN A 50 -8.33 5.74 -7.46
CA ASN A 50 -8.56 5.23 -6.11
C ASN A 50 -7.32 5.41 -5.24
N LEU A 51 -6.14 5.27 -5.84
CA LEU A 51 -4.89 5.40 -5.10
C LEU A 51 -4.68 6.82 -4.57
N LEU A 52 -5.43 7.78 -5.10
CA LEU A 52 -5.25 9.17 -4.69
C LEU A 52 -5.83 9.48 -3.31
N SER A 53 -6.67 8.59 -2.78
CA SER A 53 -7.31 8.83 -1.48
C SER A 53 -6.90 7.80 -0.43
N GLY A 54 -6.17 6.77 -0.83
CA GLY A 54 -5.78 5.75 0.16
C GLY A 54 -4.84 4.71 -0.45
N ALA A 55 -4.71 3.60 0.26
CA ALA A 55 -3.85 2.50 -0.18
C ALA A 55 -4.69 1.38 -0.79
N ALA A 56 -4.30 0.94 -1.99
CA ALA A 56 -5.04 -0.13 -2.68
C ALA A 56 -4.22 -1.41 -2.74
N THR A 57 -4.91 -2.54 -2.70
CA THR A 57 -4.22 -3.83 -2.78
C THR A 57 -3.80 -4.08 -4.22
N VAL A 58 -2.75 -4.87 -4.41
CA VAL A 58 -2.26 -5.16 -5.76
C VAL A 58 -2.98 -6.32 -6.43
N LYS A 59 -3.15 -7.42 -5.70
CA LYS A 59 -3.80 -8.61 -6.27
C LYS A 59 -5.30 -8.60 -5.99
N GLU A 60 -6.06 -9.05 -6.99
CA GLU A 60 -7.52 -9.09 -6.89
C GLU A 60 -7.99 -10.00 -5.75
N ASN A 61 -7.49 -11.23 -5.75
CA ASN A 61 -7.88 -12.21 -4.73
C ASN A 61 -6.87 -12.26 -3.59
N GLN A 62 -6.49 -11.10 -3.07
CA GLN A 62 -5.54 -11.03 -1.98
C GLN A 62 -6.27 -11.22 -0.65
N VAL A 63 -5.55 -11.71 0.37
CA VAL A 63 -6.15 -11.95 1.68
C VAL A 63 -5.20 -11.46 2.79
N MET A 64 -5.73 -10.68 3.73
CA MET A 64 -4.92 -10.17 4.83
C MET A 64 -4.60 -11.28 5.83
N GLY A 65 -3.32 -11.43 6.15
CA GLY A 65 -2.89 -12.47 7.09
C GLY A 65 -2.60 -13.76 6.37
N LYS A 66 -2.67 -13.74 5.04
CA LYS A 66 -2.41 -14.93 4.26
C LYS A 66 -1.63 -14.60 2.99
N GLY A 67 -0.45 -15.19 2.85
CA GLY A 67 0.39 -14.95 1.67
C GLY A 67 1.01 -13.56 1.75
N ASN A 68 1.58 -13.09 0.64
CA ASN A 68 2.19 -11.77 0.62
C ASN A 68 1.13 -10.72 0.33
N TYR A 69 0.75 -9.96 1.36
CA TYR A 69 -0.27 -8.92 1.19
C TYR A 69 0.38 -7.65 0.68
N ALA A 70 0.25 -7.40 -0.61
CA ALA A 70 0.85 -6.24 -1.23
C ALA A 70 -0.10 -5.04 -1.23
N LEU A 71 0.42 -3.90 -0.79
CA LEU A 71 -0.35 -2.64 -0.76
C LEU A 71 0.39 -1.58 -1.54
N ALA A 72 -0.32 -0.88 -2.43
CA ALA A 72 0.30 0.15 -3.25
C ALA A 72 -0.16 1.54 -2.81
N GLY A 73 0.79 2.47 -2.75
CA GLY A 73 0.50 3.84 -2.33
C GLY A 73 1.35 4.85 -3.09
N HIS A 74 1.21 6.12 -2.72
CA HIS A 74 1.95 7.20 -3.38
C HIS A 74 3.26 7.52 -2.65
N ASN A 75 4.20 8.12 -3.38
CA ASN A 75 5.51 8.49 -2.82
C ASN A 75 5.75 9.99 -2.97
N MET A 76 4.67 10.76 -2.96
CA MET A 76 4.75 12.21 -3.11
C MET A 76 5.96 12.78 -2.39
N SER A 77 6.49 12.04 -1.42
CA SER A 77 7.65 12.50 -0.67
C SER A 77 7.32 13.80 0.05
N LYS A 78 6.08 13.88 0.53
CA LYS A 78 5.60 15.07 1.23
C LYS A 78 4.82 14.67 2.46
N LYS A 79 5.41 14.89 3.60
CA LYS A 79 4.77 14.54 4.85
C LYS A 79 3.42 15.25 4.99
N GLY A 80 2.40 14.47 5.32
CA GLY A 80 1.04 14.98 5.47
C GLY A 80 0.11 14.38 4.41
N VAL A 81 0.68 13.84 3.31
CA VAL A 81 -0.14 13.22 2.25
C VAL A 81 -0.19 11.71 2.48
N LEU A 82 -0.93 10.98 1.64
CA LEU A 82 -1.05 9.54 1.78
C LEU A 82 0.25 8.81 1.39
N PHE A 83 0.62 7.82 2.22
CA PHE A 83 1.81 7.02 1.98
C PHE A 83 3.03 7.91 1.64
N SER A 84 3.06 9.12 2.20
CA SER A 84 4.16 10.05 1.92
C SER A 84 5.41 9.78 2.77
N ASP A 85 5.32 8.84 3.71
CA ASP A 85 6.47 8.57 4.58
C ASP A 85 6.54 7.09 4.98
N ILE A 86 6.29 6.21 4.02
CA ILE A 86 6.35 4.78 4.29
C ILE A 86 7.78 4.31 4.53
N ALA A 87 8.74 4.98 3.90
CA ALA A 87 10.14 4.61 4.07
C ALA A 87 10.65 5.05 5.43
N SER A 88 9.74 5.54 6.28
CA SER A 88 10.10 5.98 7.61
C SER A 88 9.85 4.85 8.59
N LEU A 89 9.10 3.86 8.14
CA LEU A 89 8.78 2.72 8.97
C LEU A 89 10.04 1.97 9.38
N LYS A 90 10.20 1.84 10.69
CA LYS A 90 11.36 1.14 11.26
C LYS A 90 11.02 -0.31 11.60
N LYS A 91 12.03 -1.16 11.60
CA LYS A 91 11.85 -2.58 11.90
C LYS A 91 11.23 -2.77 13.28
N GLY A 92 10.19 -3.59 13.31
CA GLY A 92 9.47 -3.88 14.55
C GLY A 92 8.37 -2.85 14.77
N ASP A 93 7.94 -2.21 13.67
CA ASP A 93 6.86 -1.21 13.77
C ASP A 93 5.50 -1.91 13.65
N LYS A 94 4.55 -1.55 14.51
CA LYS A 94 3.24 -2.18 14.49
C LYS A 94 2.33 -1.58 13.42
N ILE A 95 1.75 -2.46 12.62
CA ILE A 95 0.82 -2.08 11.55
C ILE A 95 -0.50 -2.82 11.77
N TYR A 96 -1.60 -2.06 11.86
CA TYR A 96 -2.91 -2.66 12.10
C TYR A 96 -3.74 -2.65 10.81
N LEU A 97 -4.16 -3.84 10.37
CA LEU A 97 -4.95 -3.97 9.14
C LEU A 97 -6.36 -4.44 9.49
N TYR A 98 -7.33 -4.09 8.63
CA TYR A 98 -8.72 -4.49 8.85
C TYR A 98 -9.30 -5.19 7.63
N ASP A 99 -9.92 -6.33 7.88
CA ASP A 99 -10.59 -7.09 6.84
C ASP A 99 -12.08 -7.11 7.16
N ASN A 100 -12.85 -7.94 6.48
CA ASN A 100 -14.31 -8.05 6.70
C ASN A 100 -14.72 -7.50 8.08
N GLU A 101 -14.40 -8.27 9.12
CA GLU A 101 -14.69 -7.89 10.50
C GLU A 101 -13.52 -8.29 11.38
N ASN A 102 -12.33 -8.37 10.78
CA ASN A 102 -11.15 -8.82 11.52
C ASN A 102 -10.02 -7.80 11.49
N GLU A 103 -9.32 -7.69 12.62
CA GLU A 103 -8.19 -6.77 12.73
C GLU A 103 -6.90 -7.58 12.72
N TYR A 104 -6.01 -7.29 11.76
CA TYR A 104 -4.74 -8.00 11.63
C TYR A 104 -3.57 -7.17 12.15
N GLU A 105 -2.79 -7.75 13.06
CA GLU A 105 -1.62 -7.08 13.61
C GLU A 105 -0.39 -7.49 12.82
N TYR A 106 0.25 -6.53 12.16
CA TYR A 106 1.45 -6.79 11.35
C TYR A 106 2.65 -6.04 11.93
N ALA A 107 3.85 -6.62 11.81
CA ALA A 107 5.07 -5.98 12.31
C ALA A 107 6.09 -5.81 11.18
N VAL A 108 6.67 -4.63 11.10
CA VAL A 108 7.67 -4.35 10.09
C VAL A 108 8.94 -5.12 10.39
N THR A 109 9.48 -5.76 9.35
CA THR A 109 10.69 -6.57 9.46
C THR A 109 11.90 -5.80 8.94
N GLY A 110 11.64 -4.83 8.06
CA GLY A 110 12.74 -4.05 7.52
C GLY A 110 12.38 -3.38 6.20
N VAL A 111 13.09 -2.30 5.91
CA VAL A 111 12.89 -1.53 4.68
C VAL A 111 14.05 -1.79 3.72
N SER A 112 13.78 -1.76 2.41
CA SER A 112 14.82 -1.99 1.42
C SER A 112 14.56 -1.21 0.14
N GLU A 113 15.62 -1.02 -0.64
CA GLU A 113 15.53 -0.29 -1.90
C GLU A 113 15.62 -1.27 -3.07
N VAL A 114 14.58 -1.32 -3.89
CA VAL A 114 14.55 -2.24 -5.03
C VAL A 114 14.07 -1.51 -6.28
N THR A 115 14.38 -2.07 -7.44
CA THR A 115 13.95 -1.46 -8.69
C THR A 115 12.45 -1.77 -8.90
N PRO A 116 11.68 -0.85 -9.44
CA PRO A 116 10.22 -1.08 -9.66
C PRO A 116 9.95 -2.39 -10.38
N ASP A 117 10.98 -2.92 -11.03
CA ASP A 117 10.85 -4.15 -11.78
C ASP A 117 10.99 -5.36 -10.86
N LYS A 118 11.34 -5.13 -9.60
CA LYS A 118 11.50 -6.21 -8.63
C LYS A 118 10.14 -6.60 -8.04
N TRP A 119 9.30 -7.23 -8.86
CA TRP A 119 7.98 -7.63 -8.40
C TRP A 119 8.06 -8.81 -7.43
N GLU A 120 9.08 -9.63 -7.57
CA GLU A 120 9.26 -10.77 -6.68
C GLU A 120 9.12 -10.35 -5.22
N VAL A 121 9.12 -9.03 -4.99
CA VAL A 121 9.02 -8.47 -3.65
C VAL A 121 7.58 -8.44 -3.13
N VAL A 122 6.60 -8.46 -4.04
CA VAL A 122 5.19 -8.41 -3.67
C VAL A 122 4.55 -9.76 -3.94
N GLU A 123 5.33 -10.61 -4.58
CA GLU A 123 4.84 -11.92 -4.97
C GLU A 123 4.82 -12.89 -3.79
N ASP A 124 3.74 -13.65 -3.72
CA ASP A 124 3.54 -14.64 -2.67
C ASP A 124 4.74 -15.58 -2.58
N HIS A 125 5.29 -15.71 -1.37
CA HIS A 125 6.45 -16.58 -1.14
C HIS A 125 6.03 -17.88 -0.45
N GLY A 126 5.18 -17.75 0.57
CA GLY A 126 4.71 -18.92 1.32
C GLY A 126 4.50 -18.59 2.79
N LYS A 127 4.24 -17.31 3.07
CA LYS A 127 3.99 -16.87 4.44
C LYS A 127 3.10 -15.65 4.47
N ASP A 128 2.71 -15.26 5.68
CA ASP A 128 1.88 -14.09 5.87
C ASP A 128 2.77 -12.88 6.16
N GLU A 129 3.18 -12.21 5.10
CA GLU A 129 4.06 -11.05 5.19
C GLU A 129 3.46 -9.88 4.41
N ILE A 130 3.31 -8.71 5.04
CA ILE A 130 2.75 -7.55 4.35
C ILE A 130 3.85 -6.86 3.54
N THR A 131 3.48 -6.27 2.39
CA THR A 131 4.46 -5.59 1.55
C THR A 131 3.90 -4.25 1.05
N LEU A 132 4.57 -3.14 1.41
CA LEU A 132 4.12 -1.80 0.98
C LEU A 132 5.04 -1.28 -0.12
N ILE A 133 4.44 -0.92 -1.26
CA ILE A 133 5.19 -0.41 -2.40
C ILE A 133 4.50 0.80 -3.01
N THR A 134 5.15 1.44 -3.98
CA THR A 134 4.58 2.62 -4.64
C THR A 134 4.70 2.52 -6.16
N CYS A 135 3.80 3.21 -6.87
CA CYS A 135 3.81 3.21 -8.33
C CYS A 135 4.76 4.28 -8.84
N VAL A 136 5.64 3.89 -9.77
CA VAL A 136 6.61 4.83 -10.32
C VAL A 136 6.88 4.53 -11.80
N SER A 137 7.23 5.57 -12.56
CA SER A 137 7.53 5.39 -13.98
C SER A 137 8.72 4.46 -14.17
N VAL A 138 8.67 3.65 -15.22
CA VAL A 138 9.75 2.72 -15.51
C VAL A 138 11.05 3.47 -15.81
N LYS A 139 10.91 4.71 -16.24
CA LYS A 139 12.07 5.54 -16.57
C LYS A 139 13.13 5.44 -15.48
N ASP A 140 14.36 5.84 -15.82
CA ASP A 140 15.46 5.79 -14.86
C ASP A 140 15.38 7.00 -13.94
N ASN A 141 15.09 6.75 -12.65
CA ASN A 141 14.97 7.82 -11.67
C ASN A 141 15.34 7.32 -10.27
N SER A 142 14.71 7.91 -9.26
CA SER A 142 14.97 7.52 -7.88
C SER A 142 14.55 6.08 -7.64
N LYS A 143 15.28 5.40 -6.77
CA LYS A 143 14.98 4.01 -6.46
C LYS A 143 13.69 3.90 -5.66
N ARG A 144 12.91 2.89 -5.98
CA ARG A 144 11.64 2.67 -5.29
C ARG A 144 11.88 2.17 -3.87
N TYR A 145 11.06 2.64 -2.93
CA TYR A 145 11.17 2.23 -1.53
C TYR A 145 10.07 1.22 -1.20
N VAL A 146 10.46 0.11 -0.58
CA VAL A 146 9.50 -0.93 -0.21
C VAL A 146 9.71 -1.40 1.22
N VAL A 147 8.61 -1.59 1.95
CA VAL A 147 8.67 -2.03 3.34
C VAL A 147 7.95 -3.37 3.51
N ALA A 148 8.63 -4.33 4.15
CA ALA A 148 8.05 -5.66 4.38
C ALA A 148 7.82 -5.90 5.86
N GLY A 149 6.67 -6.46 6.20
CA GLY A 149 6.33 -6.75 7.60
C GLY A 149 5.76 -8.14 7.76
N ASP A 150 6.03 -8.73 8.92
CA ASP A 150 5.57 -10.09 9.22
C ASP A 150 4.33 -10.10 10.12
N LEU A 151 3.41 -11.02 9.84
CA LEU A 151 2.18 -11.15 10.62
C LEU A 151 2.52 -11.56 12.05
N VAL A 152 1.97 -10.82 13.00
CA VAL A 152 2.21 -11.10 14.41
C VAL A 152 0.97 -11.70 15.07
N GLY A 153 -0.20 -11.38 14.54
CA GLY A 153 -1.43 -11.93 15.12
C GLY A 153 -2.69 -11.25 14.56
N THR A 154 -3.84 -11.91 14.73
CA THR A 154 -5.12 -11.36 14.26
C THR A 154 -6.18 -11.52 15.34
N LYS A 155 -7.19 -10.67 15.27
CA LYS A 155 -8.30 -10.69 16.23
C LYS A 155 -9.55 -10.20 15.52
N ALA A 156 -10.65 -10.17 16.26
CA ALA A 156 -11.92 -9.71 15.68
C ALA A 156 -12.10 -8.22 15.88
N LYS A 157 -12.72 -7.58 14.89
CA LYS A 157 -12.96 -6.15 14.94
C LYS A 157 -14.08 -5.83 15.91
N LYS A 158 -13.74 -5.78 17.19
CA LYS A 158 -14.72 -5.46 18.21
C LYS A 158 -15.92 -6.41 18.13
N GLY A 1 2.37 3.63 -29.73
CA GLY A 1 2.54 4.00 -28.29
C GLY A 1 1.19 4.43 -27.73
N SER A 2 0.76 5.64 -28.09
CA SER A 2 -0.51 6.16 -27.61
C SER A 2 -0.64 5.94 -26.11
N HIS A 3 -1.73 5.27 -25.69
CA HIS A 3 -1.97 5.00 -24.28
C HIS A 3 -1.56 3.57 -23.92
N MET A 4 -0.38 3.17 -24.40
CA MET A 4 0.14 1.82 -24.15
C MET A 4 0.33 1.59 -22.65
N ASP A 5 0.88 2.59 -21.97
CA ASP A 5 1.13 2.48 -20.53
C ASP A 5 -0.05 3.08 -19.75
N ALA A 6 -0.83 2.21 -19.12
CA ALA A 6 -1.99 2.63 -18.34
C ALA A 6 -1.59 3.26 -17.01
N SER A 7 -0.31 3.16 -16.65
CA SER A 7 0.16 3.71 -15.39
C SER A 7 0.47 5.19 -15.54
N LYS A 8 1.74 5.49 -15.79
CA LYS A 8 2.14 6.89 -15.96
C LYS A 8 1.53 7.79 -14.89
N ILE A 9 1.26 7.21 -13.74
CA ILE A 9 0.66 7.95 -12.64
C ILE A 9 1.60 9.04 -12.16
N ASP A 10 2.86 8.66 -11.95
CA ASP A 10 3.87 9.62 -11.50
C ASP A 10 3.48 10.23 -10.15
N GLN A 11 2.96 11.45 -10.17
CA GLN A 11 2.55 12.13 -8.94
C GLN A 11 1.39 13.10 -9.25
N PRO A 12 0.18 12.60 -9.40
CA PRO A 12 -1.00 13.45 -9.71
C PRO A 12 -0.99 14.74 -8.89
N ASP A 13 -1.52 15.82 -9.47
CA ASP A 13 -1.57 17.09 -8.79
C ASP A 13 -2.67 17.09 -7.73
N LEU A 14 -2.57 17.98 -6.75
CA LEU A 14 -3.56 18.04 -5.69
C LEU A 14 -4.94 18.35 -6.22
N ALA A 15 -5.00 18.88 -7.44
CA ALA A 15 -6.26 19.24 -8.07
C ALA A 15 -7.09 18.00 -8.42
N GLU A 16 -6.47 17.07 -9.12
CA GLU A 16 -7.15 15.84 -9.54
C GLU A 16 -7.31 14.88 -8.36
N VAL A 17 -6.55 15.14 -7.31
CA VAL A 17 -6.58 14.30 -6.13
C VAL A 17 -7.81 14.63 -5.29
N ALA A 18 -7.94 15.90 -4.94
CA ALA A 18 -9.08 16.34 -4.16
C ALA A 18 -10.36 16.22 -4.97
N ASN A 19 -10.27 16.55 -6.25
CA ASN A 19 -11.42 16.51 -7.13
C ASN A 19 -11.87 15.06 -7.41
N ALA A 20 -10.90 14.15 -7.39
CA ALA A 20 -11.19 12.75 -7.65
C ALA A 20 -12.14 12.19 -6.59
N SER A 21 -13.37 11.89 -7.00
CA SER A 21 -14.37 11.33 -6.08
C SER A 21 -14.37 9.81 -6.16
N LEU A 22 -14.10 9.17 -5.01
CA LEU A 22 -14.05 7.71 -4.95
C LEU A 22 -15.17 7.15 -4.08
N ASP A 23 -15.90 6.18 -4.63
CA ASP A 23 -17.00 5.56 -3.90
C ASP A 23 -16.47 4.73 -2.73
N LYS A 24 -17.15 4.81 -1.60
CA LYS A 24 -16.75 4.07 -0.41
C LYS A 24 -17.05 2.58 -0.59
N LYS A 25 -17.76 2.27 -1.66
CA LYS A 25 -18.13 0.90 -1.96
C LYS A 25 -16.89 0.06 -2.28
N GLN A 26 -15.89 0.70 -2.88
CA GLN A 26 -14.65 0.02 -3.26
C GLN A 26 -13.75 -0.21 -2.05
N VAL A 27 -14.30 0.01 -0.87
CA VAL A 27 -13.56 -0.18 0.37
C VAL A 27 -13.77 -1.61 0.87
N ILE A 28 -12.67 -2.34 1.07
CA ILE A 28 -12.73 -3.74 1.51
C ILE A 28 -11.97 -3.95 2.81
N GLY A 29 -11.30 -2.92 3.27
CA GLY A 29 -10.53 -3.01 4.49
C GLY A 29 -9.91 -1.67 4.83
N ARG A 30 -9.00 -1.65 5.81
CA ARG A 30 -8.37 -0.39 6.19
C ARG A 30 -6.93 -0.62 6.64
N ILE A 31 -6.11 0.42 6.49
CA ILE A 31 -4.70 0.35 6.88
C ILE A 31 -4.42 1.44 7.92
N SER A 32 -3.90 1.03 9.06
CA SER A 32 -3.60 1.98 10.13
C SER A 32 -2.16 1.81 10.58
N ILE A 33 -1.42 2.91 10.65
CA ILE A 33 -0.01 2.86 11.04
C ILE A 33 0.33 3.94 12.09
N PRO A 34 0.98 3.59 13.21
CA PRO A 34 1.34 4.57 14.27
C PRO A 34 2.63 5.33 13.95
N SER A 35 3.58 4.62 13.33
CA SER A 35 4.88 5.18 13.03
C SER A 35 4.75 6.52 12.34
N VAL A 36 3.80 6.66 11.42
CA VAL A 36 3.59 7.89 10.68
C VAL A 36 2.19 8.45 10.94
N SER A 37 1.39 7.76 11.74
CA SER A 37 0.04 8.23 12.02
C SER A 37 -0.73 8.28 10.71
N LEU A 38 -0.71 7.15 10.00
CA LEU A 38 -1.39 7.05 8.72
C LEU A 38 -2.58 6.12 8.80
N GLU A 39 -3.71 6.61 8.30
CA GLU A 39 -4.96 5.85 8.29
C GLU A 39 -5.54 5.97 6.90
N LEU A 40 -5.63 4.86 6.17
CA LEU A 40 -6.14 4.93 4.79
C LEU A 40 -6.99 3.71 4.38
N PRO A 41 -8.30 3.85 4.18
CA PRO A 41 -9.15 2.73 3.70
C PRO A 41 -8.43 1.92 2.63
N VAL A 42 -8.50 0.59 2.71
CA VAL A 42 -7.87 -0.26 1.72
C VAL A 42 -8.81 -0.45 0.54
N LEU A 43 -8.35 -0.09 -0.64
CA LEU A 43 -9.18 -0.20 -1.85
C LEU A 43 -8.74 -1.42 -2.67
N LYS A 44 -9.71 -2.24 -3.07
CA LYS A 44 -9.44 -3.42 -3.85
C LYS A 44 -9.04 -3.06 -5.28
N SER A 45 -9.78 -2.10 -5.85
CA SER A 45 -9.53 -1.67 -7.22
C SER A 45 -8.28 -0.81 -7.31
N SER A 46 -7.19 -1.40 -7.79
CA SER A 46 -5.93 -0.67 -7.91
C SER A 46 -5.93 0.14 -9.19
N THR A 47 -6.33 1.41 -9.07
CA THR A 47 -6.37 2.31 -10.21
C THR A 47 -5.76 3.65 -9.83
N GLU A 48 -5.25 4.35 -10.84
CA GLU A 48 -4.63 5.64 -10.60
C GLU A 48 -5.60 6.57 -9.91
N LYS A 49 -6.86 6.46 -10.28
CA LYS A 49 -7.90 7.30 -9.69
C LYS A 49 -8.21 6.89 -8.25
N ASN A 50 -8.36 5.60 -8.04
CA ASN A 50 -8.68 5.08 -6.72
C ASN A 50 -7.53 5.31 -5.73
N LEU A 51 -6.30 5.19 -6.23
CA LEU A 51 -5.12 5.37 -5.39
C LEU A 51 -5.07 6.77 -4.76
N LEU A 52 -5.87 7.68 -5.29
CA LEU A 52 -5.88 9.06 -4.80
C LEU A 52 -6.50 9.18 -3.41
N SER A 53 -7.41 8.26 -3.08
CA SER A 53 -8.10 8.32 -1.79
C SER A 53 -7.42 7.48 -0.70
N GLY A 54 -6.45 6.65 -1.07
CA GLY A 54 -5.79 5.81 -0.06
C GLY A 54 -4.93 4.72 -0.70
N ALA A 55 -4.40 3.85 0.14
CA ALA A 55 -3.56 2.75 -0.34
C ALA A 55 -4.43 1.66 -0.97
N ALA A 56 -4.06 1.24 -2.17
CA ALA A 56 -4.80 0.19 -2.89
C ALA A 56 -4.06 -1.12 -2.87
N THR A 57 -4.80 -2.23 -2.84
CA THR A 57 -4.19 -3.55 -2.86
C THR A 57 -3.66 -3.84 -4.25
N VAL A 58 -2.59 -4.62 -4.34
CA VAL A 58 -1.98 -4.92 -5.65
C VAL A 58 -2.67 -6.08 -6.38
N LYS A 59 -3.01 -7.15 -5.66
CA LYS A 59 -3.63 -8.31 -6.30
C LYS A 59 -5.16 -8.19 -6.28
N GLU A 60 -5.78 -8.63 -7.39
CA GLU A 60 -7.23 -8.56 -7.54
C GLU A 60 -7.94 -9.40 -6.49
N ASN A 61 -7.19 -10.29 -5.83
CA ASN A 61 -7.78 -11.17 -4.81
C ASN A 61 -6.81 -11.41 -3.67
N GLN A 62 -6.36 -10.34 -3.04
CA GLN A 62 -5.43 -10.46 -1.92
C GLN A 62 -6.19 -10.85 -0.66
N VAL A 63 -5.47 -11.40 0.32
CA VAL A 63 -6.08 -11.83 1.58
C VAL A 63 -5.25 -11.40 2.77
N MET A 64 -5.84 -10.63 3.68
CA MET A 64 -5.13 -10.16 4.86
C MET A 64 -4.94 -11.32 5.84
N GLY A 65 -3.70 -11.51 6.27
CA GLY A 65 -3.38 -12.57 7.21
C GLY A 65 -3.01 -13.84 6.49
N LYS A 66 -3.01 -13.79 5.16
CA LYS A 66 -2.66 -14.97 4.38
C LYS A 66 -1.85 -14.57 3.14
N GLY A 67 -0.65 -15.11 3.02
CA GLY A 67 0.20 -14.80 1.88
C GLY A 67 0.81 -13.42 2.07
N ASN A 68 1.53 -12.95 1.06
CA ASN A 68 2.14 -11.62 1.13
C ASN A 68 1.11 -10.58 0.72
N TYR A 69 0.66 -9.77 1.68
CA TYR A 69 -0.33 -8.75 1.42
C TYR A 69 0.34 -7.51 0.87
N ALA A 70 0.23 -7.30 -0.43
CA ALA A 70 0.85 -6.17 -1.10
C ALA A 70 -0.08 -4.96 -1.14
N LEU A 71 0.45 -3.81 -0.72
CA LEU A 71 -0.30 -2.55 -0.73
C LEU A 71 0.49 -1.48 -1.46
N ALA A 72 -0.17 -0.79 -2.39
CA ALA A 72 0.48 0.26 -3.18
C ALA A 72 -0.07 1.63 -2.81
N GLY A 73 0.83 2.60 -2.73
CA GLY A 73 0.46 3.97 -2.38
C GLY A 73 1.26 5.00 -3.17
N HIS A 74 0.98 6.28 -2.91
CA HIS A 74 1.68 7.37 -3.59
C HIS A 74 2.99 7.70 -2.88
N ASN A 75 3.93 8.27 -3.64
CA ASN A 75 5.25 8.63 -3.10
C ASN A 75 5.51 10.12 -3.30
N MET A 76 4.45 10.90 -3.31
CA MET A 76 4.57 12.34 -3.52
C MET A 76 5.73 12.93 -2.71
N SER A 77 6.26 12.17 -1.76
CA SER A 77 7.36 12.67 -0.97
C SER A 77 6.94 13.91 -0.19
N LYS A 78 5.70 13.88 0.30
CA LYS A 78 5.15 15.01 1.05
C LYS A 78 4.43 14.48 2.28
N LYS A 79 5.03 14.70 3.43
CA LYS A 79 4.43 14.25 4.66
C LYS A 79 2.99 14.72 4.73
N GLY A 80 2.10 13.77 4.94
CA GLY A 80 0.66 14.05 4.99
C GLY A 80 -0.07 13.36 3.83
N VAL A 81 0.64 13.10 2.71
CA VAL A 81 0.02 12.42 1.55
C VAL A 81 0.05 10.92 1.78
N LEU A 82 -0.48 10.16 0.84
CA LEU A 82 -0.51 8.71 0.99
C LEU A 82 0.90 8.13 0.81
N PHE A 83 1.30 7.25 1.72
CA PHE A 83 2.60 6.60 1.64
C PHE A 83 3.72 7.62 1.39
N SER A 84 3.61 8.78 2.02
CA SER A 84 4.61 9.84 1.85
C SER A 84 5.83 9.64 2.74
N ASP A 85 5.73 8.72 3.69
CA ASP A 85 6.85 8.49 4.62
C ASP A 85 6.94 7.04 5.09
N ILE A 86 6.59 6.11 4.21
CA ILE A 86 6.66 4.69 4.55
C ILE A 86 8.10 4.22 4.70
N ALA A 87 9.01 4.81 3.95
CA ALA A 87 10.42 4.43 4.02
C ALA A 87 11.00 4.80 5.38
N SER A 88 10.17 5.34 6.26
CA SER A 88 10.60 5.74 7.58
C SER A 88 10.36 4.61 8.56
N LEU A 89 9.54 3.65 8.11
CA LEU A 89 9.20 2.51 8.95
C LEU A 89 10.43 1.65 9.23
N LYS A 90 10.74 1.51 10.51
CA LYS A 90 11.89 0.71 10.94
C LYS A 90 11.43 -0.61 11.53
N LYS A 91 12.33 -1.59 11.49
CA LYS A 91 12.02 -2.92 12.01
C LYS A 91 11.53 -2.85 13.45
N GLY A 92 10.27 -3.24 13.63
CA GLY A 92 9.65 -3.23 14.96
C GLY A 92 8.52 -2.22 15.00
N ASP A 93 8.01 -1.88 13.82
CA ASP A 93 6.89 -0.93 13.74
C ASP A 93 5.59 -1.69 13.59
N LYS A 94 4.61 -1.39 14.44
CA LYS A 94 3.34 -2.10 14.39
C LYS A 94 2.42 -1.54 13.33
N ILE A 95 1.83 -2.43 12.54
CA ILE A 95 0.92 -2.07 11.46
C ILE A 95 -0.38 -2.83 11.65
N TYR A 96 -1.51 -2.12 11.70
CA TYR A 96 -2.80 -2.77 11.89
C TYR A 96 -3.62 -2.74 10.61
N LEU A 97 -4.02 -3.93 10.15
CA LEU A 97 -4.83 -4.05 8.91
C LEU A 97 -6.23 -4.52 9.25
N TYR A 98 -7.21 -4.05 8.48
CA TYR A 98 -8.61 -4.44 8.69
C TYR A 98 -9.15 -5.20 7.51
N ASP A 99 -9.78 -6.33 7.80
CA ASP A 99 -10.41 -7.16 6.78
C ASP A 99 -11.90 -7.13 7.04
N ASN A 100 -12.65 -8.05 6.41
CA ASN A 100 -14.11 -8.12 6.59
C ASN A 100 -14.56 -7.50 7.91
N GLU A 101 -14.31 -8.23 9.00
CA GLU A 101 -14.65 -7.78 10.34
C GLU A 101 -13.52 -8.14 11.28
N ASN A 102 -12.29 -8.18 10.73
CA ASN A 102 -11.13 -8.59 11.52
C ASN A 102 -9.98 -7.60 11.43
N GLU A 103 -9.26 -7.46 12.55
CA GLU A 103 -8.11 -6.56 12.61
C GLU A 103 -6.84 -7.39 12.72
N TYR A 104 -5.92 -7.22 11.77
CA TYR A 104 -4.66 -7.97 11.75
C TYR A 104 -3.51 -7.13 12.24
N GLU A 105 -2.71 -7.71 13.12
CA GLU A 105 -1.53 -7.03 13.65
C GLU A 105 -0.29 -7.43 12.85
N TYR A 106 0.33 -6.46 12.20
CA TYR A 106 1.52 -6.70 11.39
C TYR A 106 2.70 -5.91 11.94
N ALA A 107 3.89 -6.51 11.95
CA ALA A 107 5.09 -5.81 12.42
C ALA A 107 6.13 -5.74 11.32
N VAL A 108 6.72 -4.56 11.18
CA VAL A 108 7.72 -4.32 10.17
C VAL A 108 8.98 -5.07 10.51
N THR A 109 9.55 -5.72 9.48
CA THR A 109 10.77 -6.50 9.63
C THR A 109 11.97 -5.74 9.13
N GLY A 110 11.75 -4.79 8.23
CA GLY A 110 12.86 -4.03 7.69
C GLY A 110 12.50 -3.32 6.40
N VAL A 111 13.21 -2.23 6.15
CA VAL A 111 13.02 -1.43 4.94
C VAL A 111 14.07 -1.80 3.90
N SER A 112 13.63 -2.09 2.68
CA SER A 112 14.55 -2.47 1.61
C SER A 112 14.28 -1.69 0.33
N GLU A 113 15.34 -1.47 -0.45
CA GLU A 113 15.23 -0.72 -1.71
C GLU A 113 15.42 -1.69 -2.88
N VAL A 114 14.38 -1.85 -3.70
CA VAL A 114 14.44 -2.77 -4.84
C VAL A 114 13.91 -2.11 -6.10
N THR A 115 14.38 -2.57 -7.25
CA THR A 115 13.91 -2.03 -8.51
C THR A 115 12.43 -2.35 -8.68
N PRO A 116 11.74 -1.78 -9.64
CA PRO A 116 10.30 -2.05 -9.85
C PRO A 116 10.07 -3.36 -10.60
N ASP A 117 11.14 -3.88 -11.20
CA ASP A 117 11.04 -5.12 -11.97
C ASP A 117 11.08 -6.32 -11.05
N LYS A 118 11.58 -6.13 -9.83
CA LYS A 118 11.67 -7.21 -8.85
C LYS A 118 10.36 -7.31 -8.09
N TRP A 119 9.34 -7.87 -8.73
CA TRP A 119 8.03 -8.01 -8.13
C TRP A 119 8.00 -9.12 -7.09
N GLU A 120 9.07 -9.90 -7.02
CA GLU A 120 9.16 -10.99 -6.06
C GLU A 120 8.89 -10.49 -4.65
N VAL A 121 9.10 -9.19 -4.46
CA VAL A 121 8.91 -8.56 -3.16
C VAL A 121 7.44 -8.25 -2.88
N VAL A 122 6.61 -8.38 -3.91
CA VAL A 122 5.19 -8.08 -3.80
C VAL A 122 4.37 -9.34 -3.97
N GLU A 123 5.06 -10.37 -4.43
CA GLU A 123 4.43 -11.65 -4.69
C GLU A 123 4.33 -12.52 -3.43
N ASP A 124 3.39 -13.46 -3.48
CA ASP A 124 3.16 -14.40 -2.38
C ASP A 124 4.35 -15.33 -2.19
N HIS A 125 4.81 -15.47 -0.95
CA HIS A 125 5.95 -16.34 -0.64
C HIS A 125 5.48 -17.68 -0.05
N GLY A 126 4.49 -17.61 0.84
CA GLY A 126 3.97 -18.83 1.48
C GLY A 126 3.73 -18.60 2.96
N LYS A 127 3.43 -17.36 3.31
CA LYS A 127 3.14 -17.03 4.71
C LYS A 127 2.31 -15.77 4.81
N ASP A 128 1.99 -15.39 6.05
CA ASP A 128 1.22 -14.18 6.31
C ASP A 128 2.16 -13.00 6.50
N GLU A 129 2.49 -12.36 5.40
CA GLU A 129 3.41 -11.22 5.41
C GLU A 129 2.74 -10.00 4.77
N ILE A 130 3.35 -8.83 4.95
CA ILE A 130 2.81 -7.59 4.40
C ILE A 130 3.91 -6.85 3.63
N THR A 131 3.55 -6.25 2.50
CA THR A 131 4.52 -5.53 1.67
C THR A 131 3.97 -4.19 1.20
N LEU A 132 4.68 -3.09 1.51
CA LEU A 132 4.24 -1.75 1.09
C LEU A 132 5.21 -1.19 0.05
N ILE A 133 4.63 -0.81 -1.09
CA ILE A 133 5.40 -0.26 -2.21
C ILE A 133 4.74 0.99 -2.77
N THR A 134 5.52 1.77 -3.52
CA THR A 134 4.99 2.99 -4.14
C THR A 134 4.40 2.69 -5.51
N CYS A 135 3.68 3.66 -6.06
CA CYS A 135 3.07 3.47 -7.38
C CYS A 135 4.12 3.60 -8.47
N VAL A 136 4.12 2.64 -9.40
CA VAL A 136 5.06 2.67 -10.50
C VAL A 136 4.97 4.00 -11.24
N SER A 137 6.06 4.43 -11.85
CA SER A 137 6.09 5.70 -12.57
C SER A 137 6.92 5.60 -13.83
N VAL A 138 7.53 6.72 -14.22
CA VAL A 138 8.37 6.75 -15.41
C VAL A 138 9.51 5.74 -15.26
N LYS A 139 10.18 5.45 -16.36
CA LYS A 139 11.28 4.50 -16.35
C LYS A 139 12.49 5.09 -15.63
N ASP A 140 13.16 4.28 -14.82
CA ASP A 140 14.34 4.74 -14.09
C ASP A 140 14.11 6.15 -13.53
N ASN A 141 12.87 6.41 -13.11
CA ASN A 141 12.51 7.72 -12.59
C ASN A 141 13.28 8.05 -11.33
N SER A 142 13.27 7.14 -10.36
CA SER A 142 13.97 7.36 -9.10
C SER A 142 14.02 6.08 -8.28
N LYS A 143 14.90 6.05 -7.28
CA LYS A 143 15.02 4.87 -6.44
C LYS A 143 13.73 4.70 -5.64
N ARG A 144 13.20 3.48 -5.67
CA ARG A 144 11.95 3.17 -4.97
C ARG A 144 12.24 2.52 -3.62
N TYR A 145 11.36 2.80 -2.65
CA TYR A 145 11.51 2.25 -1.29
C TYR A 145 10.41 1.23 -1.01
N VAL A 146 10.78 0.13 -0.36
CA VAL A 146 9.81 -0.93 -0.03
C VAL A 146 9.96 -1.38 1.42
N VAL A 147 8.82 -1.55 2.08
CA VAL A 147 8.79 -1.99 3.48
C VAL A 147 8.11 -3.34 3.61
N ALA A 148 8.79 -4.28 4.28
CA ALA A 148 8.25 -5.63 4.49
C ALA A 148 8.04 -5.89 5.97
N GLY A 149 6.90 -6.49 6.29
CA GLY A 149 6.56 -6.79 7.67
C GLY A 149 5.96 -8.18 7.81
N ASP A 150 6.03 -8.71 9.02
CA ASP A 150 5.51 -10.06 9.31
C ASP A 150 4.32 -10.01 10.27
N LEU A 151 3.37 -10.93 10.08
CA LEU A 151 2.18 -10.99 10.94
C LEU A 151 2.55 -11.41 12.35
N VAL A 152 2.06 -10.64 13.32
CA VAL A 152 2.35 -10.92 14.73
C VAL A 152 1.11 -11.38 15.48
N GLY A 153 -0.07 -11.03 14.95
CA GLY A 153 -1.30 -11.44 15.62
C GLY A 153 -2.55 -10.93 14.90
N THR A 154 -3.71 -11.33 15.40
CA THR A 154 -4.99 -10.90 14.84
C THR A 154 -6.09 -10.93 15.87
N LYS A 155 -7.10 -10.11 15.65
CA LYS A 155 -8.24 -10.03 16.55
C LYS A 155 -9.48 -9.67 15.76
N ALA A 156 -10.63 -9.62 16.44
CA ALA A 156 -11.88 -9.28 15.77
C ALA A 156 -12.24 -7.81 15.96
N LYS A 157 -12.80 -7.23 14.90
CA LYS A 157 -13.19 -5.84 14.92
C LYS A 157 -14.24 -5.59 16.00
N LYS A 158 -13.79 -5.46 17.23
CA LYS A 158 -14.71 -5.18 18.33
C LYS A 158 -15.83 -6.21 18.35
N GLY A 1 -1.65 1.17 -24.46
CA GLY A 1 -1.67 -0.11 -25.22
C GLY A 1 -0.25 -0.48 -25.62
N SER A 2 0.00 -0.49 -26.92
CA SER A 2 1.33 -0.82 -27.44
C SER A 2 2.31 0.30 -27.11
N HIS A 3 3.56 -0.06 -26.84
CA HIS A 3 4.55 0.95 -26.53
C HIS A 3 4.00 1.90 -25.46
N MET A 4 4.62 3.06 -25.29
CA MET A 4 4.11 4.01 -24.31
C MET A 4 3.99 3.35 -22.94
N ASP A 5 3.59 4.12 -21.93
CA ASP A 5 3.45 3.59 -20.57
C ASP A 5 2.22 4.18 -19.88
N ALA A 6 1.23 3.33 -19.61
CA ALA A 6 -0.02 3.76 -18.96
C ALA A 6 0.20 4.08 -17.47
N SER A 7 1.35 3.67 -16.95
CA SER A 7 1.67 3.89 -15.53
C SER A 7 2.33 5.26 -15.32
N LYS A 8 2.08 6.18 -16.23
CA LYS A 8 2.65 7.52 -16.14
C LYS A 8 2.06 8.31 -14.97
N ILE A 9 1.71 7.61 -13.90
CA ILE A 9 1.11 8.26 -12.73
C ILE A 9 2.08 9.26 -12.12
N ASP A 10 3.31 8.81 -11.90
CA ASP A 10 4.32 9.67 -11.33
C ASP A 10 3.82 10.35 -10.05
N GLN A 11 3.23 11.54 -10.20
CA GLN A 11 2.73 12.28 -9.05
C GLN A 11 1.55 13.16 -9.47
N PRO A 12 0.36 12.60 -9.60
CA PRO A 12 -0.85 13.38 -9.99
C PRO A 12 -0.91 14.72 -9.28
N ASP A 13 -1.40 15.72 -9.98
CA ASP A 13 -1.51 17.05 -9.41
C ASP A 13 -2.69 17.11 -8.45
N LEU A 14 -2.66 18.07 -7.53
CA LEU A 14 -3.73 18.21 -6.54
C LEU A 14 -5.08 18.37 -7.23
N ALA A 15 -5.05 18.93 -8.44
CA ALA A 15 -6.28 19.15 -9.18
C ALA A 15 -6.95 17.82 -9.51
N GLU A 16 -6.15 16.83 -9.87
CA GLU A 16 -6.66 15.51 -10.19
C GLU A 16 -7.10 14.76 -8.93
N VAL A 17 -6.42 15.06 -7.85
CA VAL A 17 -6.71 14.41 -6.56
C VAL A 17 -7.97 14.98 -5.94
N ALA A 18 -8.08 16.31 -5.94
CA ALA A 18 -9.25 16.96 -5.39
C ALA A 18 -10.50 16.66 -6.21
N ASN A 19 -10.35 16.69 -7.53
CA ASN A 19 -11.47 16.43 -8.44
C ASN A 19 -11.83 14.94 -8.45
N ALA A 20 -10.82 14.10 -8.22
CA ALA A 20 -11.05 12.66 -8.22
C ALA A 20 -12.01 12.25 -7.10
N SER A 21 -13.14 11.65 -7.48
CA SER A 21 -14.14 11.22 -6.50
C SER A 21 -13.90 9.76 -6.11
N LEU A 22 -14.39 9.37 -4.93
CA LEU A 22 -14.20 8.01 -4.45
C LEU A 22 -15.48 7.48 -3.81
N ASP A 23 -15.98 6.37 -4.33
CA ASP A 23 -17.17 5.74 -3.77
C ASP A 23 -16.78 4.84 -2.60
N LYS A 24 -17.12 5.27 -1.39
CA LYS A 24 -16.80 4.49 -0.19
C LYS A 24 -17.18 3.03 -0.38
N LYS A 25 -17.99 2.78 -1.39
CA LYS A 25 -18.44 1.43 -1.71
C LYS A 25 -17.28 0.58 -2.25
N GLN A 26 -16.15 1.23 -2.49
CA GLN A 26 -14.97 0.56 -3.03
C GLN A 26 -14.00 0.17 -1.91
N VAL A 27 -14.43 0.40 -0.68
CA VAL A 27 -13.61 0.08 0.48
C VAL A 27 -13.89 -1.34 0.95
N ILE A 28 -12.83 -2.13 1.12
CA ILE A 28 -12.96 -3.53 1.53
C ILE A 28 -12.26 -3.80 2.85
N GLY A 29 -11.54 -2.81 3.35
CA GLY A 29 -10.82 -2.95 4.61
C GLY A 29 -10.15 -1.64 4.99
N ARG A 30 -9.26 -1.69 5.97
CA ARG A 30 -8.58 -0.47 6.39
C ARG A 30 -7.20 -0.77 6.94
N ILE A 31 -6.34 0.25 6.91
CA ILE A 31 -4.97 0.14 7.40
C ILE A 31 -4.66 1.28 8.35
N SER A 32 -4.04 0.93 9.46
CA SER A 32 -3.70 1.93 10.48
C SER A 32 -2.25 1.76 10.90
N ILE A 33 -1.51 2.87 10.96
CA ILE A 33 -0.09 2.81 11.31
C ILE A 33 0.27 3.93 12.31
N PRO A 34 0.91 3.62 13.44
CA PRO A 34 1.30 4.65 14.45
C PRO A 34 2.62 5.33 14.09
N SER A 35 3.52 4.57 13.47
CA SER A 35 4.83 5.08 13.13
C SER A 35 4.75 6.43 12.43
N VAL A 36 3.81 6.57 11.52
CA VAL A 36 3.65 7.82 10.76
C VAL A 36 2.30 8.48 11.08
N SER A 37 1.49 7.84 11.92
CA SER A 37 0.19 8.41 12.25
C SER A 37 -0.66 8.43 10.99
N LEU A 38 -0.71 7.28 10.31
CA LEU A 38 -1.45 7.15 9.07
C LEU A 38 -2.64 6.21 9.23
N GLU A 39 -3.78 6.68 8.77
CA GLU A 39 -5.03 5.90 8.84
C GLU A 39 -5.71 6.02 7.49
N LEU A 40 -5.86 4.90 6.77
CA LEU A 40 -6.46 4.97 5.44
C LEU A 40 -7.33 3.75 5.13
N PRO A 41 -8.18 3.85 4.12
CA PRO A 41 -9.05 2.73 3.70
C PRO A 41 -8.31 1.89 2.66
N VAL A 42 -8.70 0.64 2.50
CA VAL A 42 -8.07 -0.23 1.52
C VAL A 42 -9.02 -0.44 0.35
N LEU A 43 -8.61 0.00 -0.84
CA LEU A 43 -9.44 -0.13 -2.03
C LEU A 43 -8.96 -1.31 -2.87
N LYS A 44 -9.89 -2.18 -3.25
CA LYS A 44 -9.56 -3.35 -4.05
C LYS A 44 -9.19 -2.94 -5.49
N SER A 45 -9.90 -1.94 -5.99
CA SER A 45 -9.66 -1.46 -7.36
C SER A 45 -8.38 -0.64 -7.45
N SER A 46 -7.30 -1.25 -7.92
CA SER A 46 -6.03 -0.56 -8.05
C SER A 46 -5.98 0.22 -9.33
N THR A 47 -6.38 1.49 -9.24
CA THR A 47 -6.40 2.37 -10.39
C THR A 47 -5.76 3.71 -10.04
N GLU A 48 -5.27 4.40 -11.05
CA GLU A 48 -4.64 5.70 -10.84
C GLU A 48 -5.60 6.64 -10.10
N LYS A 49 -6.88 6.47 -10.37
CA LYS A 49 -7.90 7.30 -9.74
C LYS A 49 -8.18 6.87 -8.29
N ASN A 50 -8.32 5.58 -8.08
CA ASN A 50 -8.60 5.07 -6.75
C ASN A 50 -7.43 5.29 -5.79
N LEU A 51 -6.22 5.21 -6.31
CA LEU A 51 -5.03 5.40 -5.50
C LEU A 51 -4.99 6.78 -4.85
N LEU A 52 -5.77 7.71 -5.41
CA LEU A 52 -5.78 9.08 -4.90
C LEU A 52 -6.49 9.21 -3.56
N SER A 53 -7.30 8.22 -3.20
CA SER A 53 -8.06 8.29 -1.93
C SER A 53 -7.42 7.49 -0.80
N GLY A 54 -6.43 6.67 -1.11
CA GLY A 54 -5.80 5.86 -0.06
C GLY A 54 -4.86 4.81 -0.65
N ALA A 55 -4.64 3.76 0.12
CA ALA A 55 -3.77 2.66 -0.29
C ALA A 55 -4.58 1.59 -1.02
N ALA A 56 -4.15 1.25 -2.23
CA ALA A 56 -4.86 0.23 -3.02
C ALA A 56 -4.09 -1.09 -3.03
N THR A 57 -4.82 -2.21 -3.01
CA THR A 57 -4.19 -3.52 -3.03
C THR A 57 -3.68 -3.81 -4.44
N VAL A 58 -2.65 -4.64 -4.57
CA VAL A 58 -2.08 -4.93 -5.88
C VAL A 58 -2.81 -6.07 -6.60
N LYS A 59 -3.05 -7.18 -5.91
CA LYS A 59 -3.71 -8.33 -6.53
C LYS A 59 -5.22 -8.26 -6.31
N GLU A 60 -5.98 -8.57 -7.36
CA GLU A 60 -7.44 -8.52 -7.31
C GLU A 60 -8.00 -9.53 -6.30
N ASN A 61 -7.51 -10.75 -6.36
CA ASN A 61 -7.98 -11.83 -5.48
C ASN A 61 -7.07 -11.99 -4.26
N GLN A 62 -6.74 -10.88 -3.62
CA GLN A 62 -5.87 -10.92 -2.44
C GLN A 62 -6.73 -11.03 -1.18
N VAL A 63 -6.14 -11.57 -0.12
CA VAL A 63 -6.84 -11.74 1.15
C VAL A 63 -6.01 -11.19 2.30
N MET A 64 -6.64 -10.42 3.17
CA MET A 64 -5.95 -9.83 4.31
C MET A 64 -5.64 -10.90 5.36
N GLY A 65 -4.38 -11.02 5.76
CA GLY A 65 -3.99 -12.00 6.77
C GLY A 65 -3.62 -13.32 6.12
N LYS A 66 -3.54 -13.34 4.80
CA LYS A 66 -3.20 -14.57 4.08
C LYS A 66 -2.30 -14.29 2.89
N GLY A 67 -1.12 -14.88 2.90
CA GLY A 67 -0.17 -14.67 1.81
C GLY A 67 0.43 -13.28 1.92
N ASN A 68 1.30 -12.93 0.97
CA ASN A 68 1.92 -11.62 0.98
C ASN A 68 0.91 -10.57 0.56
N TYR A 69 0.45 -9.76 1.50
CA TYR A 69 -0.54 -8.73 1.21
C TYR A 69 0.17 -7.47 0.71
N ALA A 70 0.11 -7.25 -0.60
CA ALA A 70 0.76 -6.11 -1.21
C ALA A 70 -0.17 -4.90 -1.26
N LEU A 71 0.32 -3.78 -0.73
CA LEU A 71 -0.43 -2.53 -0.72
C LEU A 71 0.36 -1.45 -1.44
N ALA A 72 -0.30 -0.73 -2.35
CA ALA A 72 0.35 0.31 -3.12
C ALA A 72 -0.13 1.68 -2.71
N GLY A 73 0.80 2.62 -2.62
CA GLY A 73 0.49 3.99 -2.20
C GLY A 73 1.26 5.01 -3.01
N HIS A 74 1.08 6.29 -2.66
CA HIS A 74 1.75 7.38 -3.36
C HIS A 74 3.08 7.73 -2.67
N ASN A 75 4.06 8.14 -3.48
CA ASN A 75 5.39 8.50 -2.97
C ASN A 75 5.59 10.02 -3.05
N MET A 76 4.49 10.74 -2.99
CA MET A 76 4.53 12.20 -3.07
C MET A 76 5.68 12.78 -2.26
N SER A 77 6.24 11.97 -1.36
CA SER A 77 7.35 12.46 -0.55
C SER A 77 6.95 13.75 0.17
N LYS A 78 5.70 13.79 0.60
CA LYS A 78 5.16 14.97 1.29
C LYS A 78 4.40 14.53 2.52
N LYS A 79 4.92 14.86 3.67
CA LYS A 79 4.27 14.48 4.90
C LYS A 79 2.84 15.00 4.92
N GLY A 80 1.91 14.08 5.09
CA GLY A 80 0.48 14.42 5.09
C GLY A 80 -0.21 13.88 3.84
N VAL A 81 0.35 12.83 3.23
CA VAL A 81 -0.25 12.21 2.03
C VAL A 81 -0.18 10.70 2.16
N LEU A 82 -0.72 9.98 1.18
CA LEU A 82 -0.74 8.52 1.24
C LEU A 82 0.68 7.96 1.06
N PHE A 83 1.09 7.09 1.99
CA PHE A 83 2.41 6.47 1.90
C PHE A 83 3.47 7.52 1.62
N SER A 84 3.33 8.68 2.22
CA SER A 84 4.28 9.78 1.99
C SER A 84 5.52 9.62 2.87
N ASP A 85 5.53 8.64 3.77
CA ASP A 85 6.67 8.45 4.68
C ASP A 85 6.85 6.99 5.09
N ILE A 86 6.65 6.07 4.16
CA ILE A 86 6.79 4.65 4.45
C ILE A 86 8.24 4.26 4.73
N ALA A 87 9.17 4.96 4.11
CA ALA A 87 10.58 4.66 4.31
C ALA A 87 11.03 5.07 5.70
N SER A 88 10.10 5.54 6.52
CA SER A 88 10.42 5.98 7.87
C SER A 88 10.15 4.85 8.84
N LEU A 89 9.43 3.85 8.37
CA LEU A 89 9.10 2.70 9.19
C LEU A 89 10.35 1.91 9.54
N LYS A 90 10.56 1.72 10.84
CA LYS A 90 11.72 0.99 11.34
C LYS A 90 11.36 -0.46 11.61
N LYS A 91 12.36 -1.32 11.60
CA LYS A 91 12.16 -2.74 11.85
C LYS A 91 11.52 -2.98 13.22
N GLY A 92 10.44 -3.75 13.20
CA GLY A 92 9.72 -4.07 14.44
C GLY A 92 8.65 -3.03 14.70
N ASP A 93 8.25 -2.33 13.64
CA ASP A 93 7.20 -1.30 13.76
C ASP A 93 5.84 -1.97 13.70
N LYS A 94 4.93 -1.57 14.58
CA LYS A 94 3.60 -2.18 14.61
C LYS A 94 2.68 -1.62 13.52
N ILE A 95 2.10 -2.52 12.73
CA ILE A 95 1.18 -2.15 11.65
C ILE A 95 -0.14 -2.89 11.86
N TYR A 96 -1.21 -2.14 12.07
CA TYR A 96 -2.52 -2.73 12.29
C TYR A 96 -3.34 -2.70 11.01
N LEU A 97 -3.76 -3.87 10.55
CA LEU A 97 -4.53 -3.98 9.30
C LEU A 97 -5.94 -4.47 9.61
N TYR A 98 -6.93 -3.95 8.89
CA TYR A 98 -8.32 -4.33 9.10
C TYR A 98 -8.82 -5.24 7.99
N ASP A 99 -9.54 -6.28 8.43
CA ASP A 99 -10.14 -7.26 7.53
C ASP A 99 -11.64 -7.12 7.61
N ASN A 100 -12.36 -7.90 6.81
CA ASN A 100 -13.83 -7.85 6.81
C ASN A 100 -14.37 -7.59 8.22
N GLU A 101 -13.96 -8.45 9.14
CA GLU A 101 -14.37 -8.35 10.54
C GLU A 101 -13.19 -8.69 11.44
N ASN A 102 -12.00 -8.68 10.86
CA ASN A 102 -10.80 -9.09 11.62
C ASN A 102 -9.68 -8.06 11.54
N GLU A 103 -8.97 -7.89 12.67
CA GLU A 103 -7.84 -6.97 12.72
C GLU A 103 -6.55 -7.78 12.82
N TYR A 104 -5.64 -7.54 11.88
CA TYR A 104 -4.37 -8.27 11.84
C TYR A 104 -3.22 -7.39 12.30
N GLU A 105 -2.36 -7.96 13.14
CA GLU A 105 -1.20 -7.25 13.63
C GLU A 105 0.01 -7.60 12.77
N TYR A 106 0.58 -6.59 12.12
CA TYR A 106 1.73 -6.79 11.25
C TYR A 106 2.94 -6.04 11.81
N ALA A 107 4.12 -6.68 11.77
CA ALA A 107 5.34 -6.04 12.26
C ALA A 107 6.38 -5.95 11.15
N VAL A 108 6.96 -4.76 11.03
CA VAL A 108 7.99 -4.50 10.02
C VAL A 108 9.24 -5.30 10.33
N THR A 109 9.77 -5.94 9.28
CA THR A 109 10.95 -6.78 9.40
C THR A 109 12.18 -6.04 8.90
N GLY A 110 11.99 -5.13 7.97
CA GLY A 110 13.12 -4.38 7.43
C GLY A 110 12.70 -3.50 6.26
N VAL A 111 13.33 -2.33 6.19
CA VAL A 111 13.06 -1.35 5.13
C VAL A 111 14.18 -1.41 4.10
N SER A 112 13.83 -1.37 2.82
CA SER A 112 14.82 -1.44 1.77
C SER A 112 14.29 -0.89 0.45
N GLU A 113 15.18 -0.74 -0.53
CA GLU A 113 14.82 -0.22 -1.84
C GLU A 113 15.19 -1.24 -2.91
N VAL A 114 14.25 -1.56 -3.80
CA VAL A 114 14.50 -2.55 -4.85
C VAL A 114 13.95 -2.09 -6.18
N THR A 115 14.49 -2.64 -7.26
CA THR A 115 14.02 -2.27 -8.58
C THR A 115 12.58 -2.80 -8.78
N PRO A 116 11.64 -1.99 -9.22
CA PRO A 116 10.22 -2.45 -9.40
C PRO A 116 10.16 -3.80 -10.13
N ASP A 117 11.28 -4.22 -10.68
CA ASP A 117 11.33 -5.48 -11.42
C ASP A 117 11.29 -6.67 -10.47
N LYS A 118 11.69 -6.46 -9.22
CA LYS A 118 11.68 -7.50 -8.22
C LYS A 118 10.31 -7.61 -7.58
N TRP A 119 9.37 -8.16 -8.34
CA TRP A 119 8.01 -8.30 -7.84
C TRP A 119 7.91 -9.40 -6.79
N GLU A 120 8.94 -10.20 -6.68
CA GLU A 120 8.96 -11.27 -5.67
C GLU A 120 8.67 -10.68 -4.30
N VAL A 121 9.15 -9.46 -4.08
CA VAL A 121 8.97 -8.77 -2.79
C VAL A 121 7.52 -8.34 -2.59
N VAL A 122 6.68 -8.53 -3.59
CA VAL A 122 5.28 -8.14 -3.54
C VAL A 122 4.38 -9.35 -3.70
N GLU A 123 5.00 -10.43 -4.16
CA GLU A 123 4.28 -11.67 -4.40
C GLU A 123 4.18 -12.53 -3.15
N ASP A 124 3.48 -13.63 -3.30
CA ASP A 124 3.27 -14.60 -2.20
C ASP A 124 4.48 -15.52 -2.04
N HIS A 125 4.94 -15.67 -0.81
CA HIS A 125 6.10 -16.55 -0.53
C HIS A 125 5.64 -17.87 0.09
N GLY A 126 4.69 -17.81 1.01
CA GLY A 126 4.18 -19.02 1.66
C GLY A 126 3.85 -18.76 3.13
N LYS A 127 3.52 -17.51 3.43
CA LYS A 127 3.17 -17.13 4.78
C LYS A 127 2.32 -15.86 4.81
N ASP A 128 1.95 -15.44 6.02
CA ASP A 128 1.16 -14.21 6.18
C ASP A 128 2.09 -13.03 6.35
N GLU A 129 2.45 -12.43 5.24
CA GLU A 129 3.37 -11.28 5.23
C GLU A 129 2.68 -10.06 4.60
N ILE A 130 3.29 -8.88 4.77
CA ILE A 130 2.74 -7.64 4.21
C ILE A 130 3.83 -6.87 3.49
N THR A 131 3.47 -6.22 2.38
CA THR A 131 4.45 -5.46 1.61
C THR A 131 3.89 -4.09 1.19
N LEU A 132 4.61 -3.02 1.52
CA LEU A 132 4.18 -1.66 1.17
C LEU A 132 5.12 -1.05 0.13
N ILE A 133 4.54 -0.74 -1.03
CA ILE A 133 5.30 -0.18 -2.15
C ILE A 133 4.54 1.01 -2.75
N THR A 134 5.20 1.72 -3.67
CA THR A 134 4.58 2.89 -4.32
C THR A 134 4.62 2.76 -5.84
N CYS A 135 3.48 2.99 -6.49
CA CYS A 135 3.40 2.89 -7.94
C CYS A 135 3.88 4.19 -8.59
N VAL A 136 4.82 4.08 -9.54
CA VAL A 136 5.37 5.25 -10.21
C VAL A 136 5.28 5.12 -11.73
N SER A 137 6.35 4.64 -12.36
CA SER A 137 6.37 4.48 -13.80
C SER A 137 7.41 3.46 -14.23
N VAL A 138 7.22 2.86 -15.39
CA VAL A 138 8.15 1.85 -15.90
C VAL A 138 9.49 2.50 -16.25
N LYS A 139 9.44 3.79 -16.55
CA LYS A 139 10.63 4.54 -16.91
C LYS A 139 11.72 4.38 -15.85
N ASP A 140 11.32 4.13 -14.61
CA ASP A 140 12.29 3.94 -13.53
C ASP A 140 13.25 5.12 -13.48
N ASN A 141 12.74 6.31 -13.72
CA ASN A 141 13.55 7.53 -13.70
C ASN A 141 13.95 7.90 -12.28
N SER A 142 13.46 7.14 -11.32
CA SER A 142 13.75 7.44 -9.92
C SER A 142 13.70 6.16 -9.08
N LYS A 143 14.31 6.20 -7.90
CA LYS A 143 14.34 5.04 -7.01
C LYS A 143 13.19 5.14 -6.00
N ARG A 144 12.63 3.98 -5.65
CA ARG A 144 11.52 3.93 -4.70
C ARG A 144 11.92 3.19 -3.44
N TYR A 145 11.09 3.31 -2.40
CA TYR A 145 11.33 2.66 -1.11
C TYR A 145 10.31 1.55 -0.89
N VAL A 146 10.78 0.43 -0.32
CA VAL A 146 9.91 -0.72 -0.08
C VAL A 146 10.04 -1.21 1.37
N VAL A 147 8.90 -1.43 2.01
CA VAL A 147 8.87 -1.88 3.40
C VAL A 147 8.22 -3.26 3.50
N ALA A 148 8.93 -4.20 4.14
CA ALA A 148 8.42 -5.56 4.30
C ALA A 148 8.20 -5.88 5.77
N GLY A 149 7.07 -6.50 6.07
CA GLY A 149 6.72 -6.84 7.46
C GLY A 149 6.08 -8.22 7.55
N ASP A 150 6.17 -8.80 8.74
CA ASP A 150 5.60 -10.14 8.98
C ASP A 150 4.45 -10.08 9.99
N LEU A 151 3.53 -11.03 9.89
CA LEU A 151 2.39 -11.09 10.79
C LEU A 151 2.81 -11.53 12.19
N VAL A 152 2.40 -10.75 13.19
CA VAL A 152 2.76 -11.05 14.57
C VAL A 152 1.55 -11.57 15.36
N GLY A 153 0.35 -11.20 14.92
CA GLY A 153 -0.86 -11.65 15.62
C GLY A 153 -2.14 -11.19 14.91
N THR A 154 -3.28 -11.64 15.42
CA THR A 154 -4.57 -11.28 14.86
C THR A 154 -5.66 -11.31 15.91
N LYS A 155 -6.66 -10.48 15.73
CA LYS A 155 -7.78 -10.40 16.65
C LYS A 155 -9.04 -10.01 15.88
N ALA A 156 -10.17 -9.93 16.58
CA ALA A 156 -11.43 -9.58 15.93
C ALA A 156 -11.65 -8.06 15.95
N LYS A 157 -12.35 -7.58 14.94
CA LYS A 157 -12.62 -6.15 14.84
C LYS A 157 -13.72 -5.73 15.80
N LYS A 158 -13.36 -5.55 17.06
CA LYS A 158 -14.33 -5.13 18.06
C LYS A 158 -15.55 -6.02 18.03
N GLY A 1 5.78 -3.03 -24.15
CA GLY A 1 4.80 -2.15 -23.45
C GLY A 1 4.03 -1.34 -24.47
N SER A 2 4.59 -0.19 -24.88
CA SER A 2 3.92 0.64 -25.88
C SER A 2 2.44 0.79 -25.50
N HIS A 3 1.62 1.24 -26.43
CA HIS A 3 0.20 1.36 -26.17
C HIS A 3 -0.05 2.06 -24.83
N MET A 4 0.97 2.70 -24.29
CA MET A 4 0.81 3.39 -23.02
C MET A 4 0.13 2.46 -22.01
N ASP A 5 -0.20 2.99 -20.82
CA ASP A 5 -0.82 2.17 -19.78
C ASP A 5 -1.67 3.05 -18.84
N ALA A 6 -2.70 2.44 -18.26
CA ALA A 6 -3.61 3.14 -17.35
C ALA A 6 -2.94 3.47 -16.02
N SER A 7 -1.80 2.84 -15.77
CA SER A 7 -1.06 3.02 -14.52
C SER A 7 -0.09 4.19 -14.60
N LYS A 8 -0.23 5.00 -15.65
CA LYS A 8 0.64 6.15 -15.87
C LYS A 8 0.41 7.24 -14.82
N ILE A 9 0.24 6.82 -13.57
CA ILE A 9 0.01 7.75 -12.48
C ILE A 9 1.18 8.70 -12.31
N ASP A 10 2.37 8.15 -12.27
CA ASP A 10 3.56 8.98 -12.15
C ASP A 10 3.43 9.98 -11.00
N GLN A 11 3.01 11.20 -11.31
CA GLN A 11 2.86 12.23 -10.31
C GLN A 11 1.77 13.22 -10.72
N PRO A 12 0.53 12.92 -10.39
CA PRO A 12 -0.63 13.80 -10.71
C PRO A 12 -0.66 15.01 -9.80
N ASP A 13 -1.29 16.08 -10.27
CA ASP A 13 -1.39 17.30 -9.50
C ASP A 13 -2.43 17.11 -8.39
N LEU A 14 -2.37 17.96 -7.36
CA LEU A 14 -3.29 17.88 -6.24
C LEU A 14 -4.72 18.15 -6.68
N ALA A 15 -4.85 18.83 -7.81
CA ALA A 15 -6.16 19.18 -8.34
C ALA A 15 -6.94 17.93 -8.70
N GLU A 16 -6.24 16.95 -9.28
CA GLU A 16 -6.85 15.70 -9.67
C GLU A 16 -7.17 14.85 -8.44
N VAL A 17 -6.32 14.95 -7.43
CA VAL A 17 -6.49 14.18 -6.20
C VAL A 17 -7.59 14.77 -5.33
N ALA A 18 -7.57 16.09 -5.20
CA ALA A 18 -8.56 16.79 -4.41
C ALA A 18 -9.96 16.65 -5.02
N ASN A 19 -10.02 16.68 -6.35
CA ASN A 19 -11.28 16.58 -7.07
C ASN A 19 -11.70 15.13 -7.26
N ALA A 20 -10.73 14.22 -7.19
CA ALA A 20 -10.99 12.79 -7.34
C ALA A 20 -11.93 12.31 -6.24
N SER A 21 -13.09 11.80 -6.64
CA SER A 21 -14.08 11.29 -5.70
C SER A 21 -13.93 9.77 -5.53
N LEU A 22 -14.08 9.30 -4.29
CA LEU A 22 -13.93 7.88 -3.97
C LEU A 22 -15.25 7.28 -3.49
N ASP A 23 -15.52 6.05 -3.92
CA ASP A 23 -16.75 5.36 -3.55
C ASP A 23 -16.50 4.46 -2.34
N LYS A 24 -16.91 4.92 -1.16
CA LYS A 24 -16.72 4.16 0.07
C LYS A 24 -17.16 2.73 -0.13
N LYS A 25 -17.94 2.51 -1.17
CA LYS A 25 -18.45 1.19 -1.50
C LYS A 25 -17.31 0.25 -1.92
N GLN A 26 -16.30 0.82 -2.57
CA GLN A 26 -15.15 0.06 -3.06
C GLN A 26 -14.15 -0.23 -1.95
N VAL A 27 -14.58 -0.03 -0.72
CA VAL A 27 -13.73 -0.26 0.45
C VAL A 27 -13.93 -1.69 0.95
N ILE A 28 -12.82 -2.41 1.11
CA ILE A 28 -12.88 -3.81 1.54
C ILE A 28 -12.15 -4.04 2.86
N GLY A 29 -11.48 -3.00 3.34
CA GLY A 29 -10.75 -3.08 4.59
C GLY A 29 -10.12 -1.73 4.89
N ARG A 30 -9.30 -1.68 5.94
CA ARG A 30 -8.68 -0.42 6.35
C ARG A 30 -7.26 -0.64 6.81
N ILE A 31 -6.44 0.41 6.68
CA ILE A 31 -5.05 0.34 7.09
C ILE A 31 -4.74 1.48 8.07
N SER A 32 -4.12 1.12 9.16
CA SER A 32 -3.79 2.11 10.17
C SER A 32 -2.36 1.91 10.63
N ILE A 33 -1.62 3.02 10.68
CA ILE A 33 -0.20 2.94 11.06
C ILE A 33 0.17 4.04 12.07
N PRO A 34 0.80 3.70 13.20
CA PRO A 34 1.18 4.70 14.23
C PRO A 34 2.49 5.40 13.91
N SER A 35 3.42 4.64 13.34
CA SER A 35 4.74 5.13 13.03
C SER A 35 4.68 6.47 12.31
N VAL A 36 3.72 6.61 11.39
CA VAL A 36 3.56 7.83 10.60
C VAL A 36 2.17 8.45 10.85
N SER A 37 1.34 7.81 11.67
CA SER A 37 0.01 8.36 11.94
C SER A 37 -0.77 8.41 10.64
N LEU A 38 -0.77 7.28 9.94
CA LEU A 38 -1.45 7.17 8.65
C LEU A 38 -2.65 6.24 8.73
N GLU A 39 -3.77 6.70 8.19
CA GLU A 39 -5.01 5.94 8.19
C GLU A 39 -5.61 6.07 6.82
N LEU A 40 -5.67 4.95 6.10
CA LEU A 40 -6.18 5.01 4.73
C LEU A 40 -7.04 3.81 4.32
N PRO A 41 -8.32 3.99 4.09
CA PRO A 41 -9.20 2.88 3.61
C PRO A 41 -8.45 2.03 2.58
N VAL A 42 -8.64 0.71 2.65
CA VAL A 42 -8.00 -0.19 1.72
C VAL A 42 -8.94 -0.44 0.56
N LEU A 43 -8.48 -0.13 -0.66
CA LEU A 43 -9.30 -0.31 -1.86
C LEU A 43 -8.78 -1.48 -2.69
N LYS A 44 -9.66 -2.45 -2.95
CA LYS A 44 -9.29 -3.62 -3.72
C LYS A 44 -8.92 -3.25 -5.16
N SER A 45 -9.78 -2.44 -5.78
CA SER A 45 -9.56 -2.00 -7.15
C SER A 45 -8.42 -0.98 -7.22
N SER A 46 -7.28 -1.42 -7.74
CA SER A 46 -6.11 -0.55 -7.87
C SER A 46 -6.19 0.22 -9.18
N THR A 47 -6.60 1.47 -9.08
CA THR A 47 -6.73 2.35 -10.23
C THR A 47 -6.07 3.68 -9.97
N GLU A 48 -5.70 4.37 -11.03
CA GLU A 48 -5.04 5.64 -10.89
C GLU A 48 -5.88 6.60 -10.06
N LYS A 49 -7.19 6.42 -10.14
CA LYS A 49 -8.14 7.27 -9.43
C LYS A 49 -8.31 6.84 -7.97
N ASN A 50 -8.40 5.54 -7.77
CA ASN A 50 -8.61 4.98 -6.44
C ASN A 50 -7.41 5.25 -5.55
N LEU A 51 -6.20 5.17 -6.12
CA LEU A 51 -4.98 5.38 -5.37
C LEU A 51 -4.91 6.79 -4.79
N LEU A 52 -5.69 7.70 -5.35
CA LEU A 52 -5.66 9.07 -4.93
C LEU A 52 -6.27 9.29 -3.56
N SER A 53 -7.27 8.50 -3.20
CA SER A 53 -7.97 8.66 -1.93
C SER A 53 -7.44 7.74 -0.82
N GLY A 54 -6.58 6.79 -1.16
CA GLY A 54 -6.05 5.87 -0.16
C GLY A 54 -5.13 4.84 -0.80
N ALA A 55 -4.61 3.97 0.07
CA ALA A 55 -3.73 2.90 -0.37
C ALA A 55 -4.54 1.79 -1.02
N ALA A 56 -4.14 1.40 -2.23
CA ALA A 56 -4.86 0.35 -2.97
C ALA A 56 -4.05 -0.95 -2.98
N THR A 57 -4.75 -2.08 -2.95
CA THR A 57 -4.08 -3.39 -2.97
C THR A 57 -3.61 -3.69 -4.39
N VAL A 58 -2.56 -4.51 -4.53
CA VAL A 58 -2.02 -4.80 -5.86
C VAL A 58 -2.74 -5.93 -6.57
N LYS A 59 -2.94 -7.05 -5.88
CA LYS A 59 -3.60 -8.22 -6.47
C LYS A 59 -5.11 -8.18 -6.22
N GLU A 60 -5.87 -8.51 -7.25
CA GLU A 60 -7.33 -8.49 -7.17
C GLU A 60 -7.87 -9.45 -6.10
N ASN A 61 -7.36 -10.67 -6.09
CA ASN A 61 -7.78 -11.71 -5.15
C ASN A 61 -6.82 -11.83 -3.98
N GLN A 62 -6.47 -10.70 -3.39
CA GLN A 62 -5.55 -10.68 -2.25
C GLN A 62 -6.33 -10.90 -0.97
N VAL A 63 -5.64 -11.41 0.05
CA VAL A 63 -6.27 -11.68 1.35
C VAL A 63 -5.38 -11.23 2.50
N MET A 64 -5.95 -10.49 3.44
CA MET A 64 -5.21 -10.02 4.60
C MET A 64 -4.96 -11.18 5.57
N GLY A 65 -3.70 -11.38 5.96
CA GLY A 65 -3.36 -12.46 6.89
C GLY A 65 -3.00 -13.73 6.15
N LYS A 66 -3.03 -13.68 4.82
CA LYS A 66 -2.71 -14.86 4.02
C LYS A 66 -1.86 -14.49 2.81
N GLY A 67 -0.65 -15.04 2.75
CA GLY A 67 0.25 -14.74 1.66
C GLY A 67 0.82 -13.34 1.84
N ASN A 68 1.53 -12.86 0.83
CA ASN A 68 2.13 -11.52 0.89
C ASN A 68 1.10 -10.48 0.50
N TYR A 69 0.68 -9.67 1.46
CA TYR A 69 -0.31 -8.63 1.22
C TYR A 69 0.37 -7.38 0.70
N ALA A 70 0.28 -7.15 -0.60
CA ALA A 70 0.91 -6.00 -1.23
C ALA A 70 -0.03 -4.79 -1.26
N LEU A 71 0.49 -3.67 -0.79
CA LEU A 71 -0.27 -2.40 -0.76
C LEU A 71 0.51 -1.34 -1.50
N ALA A 72 -0.16 -0.63 -2.41
CA ALA A 72 0.49 0.39 -3.21
C ALA A 72 -0.01 1.78 -2.82
N GLY A 73 0.92 2.72 -2.73
CA GLY A 73 0.60 4.08 -2.36
C GLY A 73 1.39 5.09 -3.18
N HIS A 74 1.17 6.37 -2.90
CA HIS A 74 1.85 7.45 -3.60
C HIS A 74 3.19 7.76 -2.94
N ASN A 75 4.19 8.11 -3.76
CA ASN A 75 5.54 8.41 -3.26
C ASN A 75 5.84 9.90 -3.44
N MET A 76 4.78 10.70 -3.41
CA MET A 76 4.91 12.14 -3.57
C MET A 76 6.00 12.72 -2.69
N SER A 77 6.52 11.92 -1.76
CA SER A 77 7.59 12.40 -0.91
C SER A 77 7.15 13.67 -0.18
N LYS A 78 5.89 13.67 0.26
CA LYS A 78 5.31 14.80 0.96
C LYS A 78 4.61 14.33 2.21
N LYS A 79 5.22 14.58 3.36
CA LYS A 79 4.62 14.16 4.60
C LYS A 79 3.18 14.63 4.65
N GLY A 80 2.27 13.67 4.87
CA GLY A 80 0.83 13.95 4.91
C GLY A 80 0.09 13.26 3.77
N VAL A 81 0.79 13.00 2.65
CA VAL A 81 0.17 12.32 1.51
C VAL A 81 0.18 10.83 1.78
N LEU A 82 -0.34 10.05 0.84
CA LEU A 82 -0.41 8.62 1.02
C LEU A 82 1.00 8.01 0.88
N PHE A 83 1.39 7.14 1.81
CA PHE A 83 2.69 6.47 1.71
C PHE A 83 3.81 7.46 1.44
N SER A 84 3.72 8.64 2.03
CA SER A 84 4.71 9.67 1.83
C SER A 84 5.95 9.47 2.70
N ASP A 85 5.84 8.56 3.66
CA ASP A 85 6.94 8.32 4.61
C ASP A 85 7.05 6.85 5.03
N ILE A 86 6.83 5.94 4.11
CA ILE A 86 6.92 4.51 4.39
C ILE A 86 8.34 4.09 4.72
N ALA A 87 9.31 4.70 4.06
CA ALA A 87 10.71 4.38 4.29
C ALA A 87 11.15 4.81 5.67
N SER A 88 10.20 5.35 6.44
CA SER A 88 10.48 5.84 7.78
C SER A 88 10.14 4.78 8.81
N LEU A 89 9.44 3.74 8.35
CA LEU A 89 9.05 2.66 9.22
C LEU A 89 10.27 1.87 9.66
N LYS A 90 10.43 1.79 10.97
CA LYS A 90 11.55 1.06 11.56
C LYS A 90 11.12 -0.35 11.94
N LYS A 91 12.10 -1.22 12.12
CA LYS A 91 11.83 -2.60 12.48
C LYS A 91 11.09 -2.69 13.82
N GLY A 92 10.06 -3.53 13.85
CA GLY A 92 9.28 -3.71 15.08
C GLY A 92 8.17 -2.68 15.19
N ASP A 93 7.86 -2.09 14.05
CA ASP A 93 6.79 -1.08 13.99
C ASP A 93 5.46 -1.81 13.83
N LYS A 94 4.49 -1.46 14.67
CA LYS A 94 3.18 -2.11 14.62
C LYS A 94 2.30 -1.54 13.52
N ILE A 95 1.71 -2.44 12.71
CA ILE A 95 0.82 -2.03 11.62
C ILE A 95 -0.54 -2.71 11.83
N TYR A 96 -1.60 -1.90 11.91
CA TYR A 96 -2.93 -2.41 12.14
C TYR A 96 -3.72 -2.48 10.84
N LEU A 97 -4.13 -3.69 10.47
CA LEU A 97 -4.88 -3.92 9.23
C LEU A 97 -6.29 -4.38 9.55
N TYR A 98 -7.24 -4.03 8.67
CA TYR A 98 -8.64 -4.39 8.88
C TYR A 98 -9.20 -5.15 7.69
N ASP A 99 -9.82 -6.28 7.98
CA ASP A 99 -10.45 -7.12 6.96
C ASP A 99 -11.94 -7.07 7.21
N ASN A 100 -12.70 -7.95 6.54
CA ASN A 100 -14.15 -8.00 6.71
C ASN A 100 -14.57 -7.45 8.07
N GLU A 101 -14.28 -8.22 9.12
CA GLU A 101 -14.58 -7.82 10.48
C GLU A 101 -13.42 -8.22 11.39
N ASN A 102 -12.23 -8.29 10.78
CA ASN A 102 -11.03 -8.74 11.50
C ASN A 102 -9.94 -7.67 11.57
N GLU A 103 -9.20 -7.70 12.68
CA GLU A 103 -8.09 -6.78 12.89
C GLU A 103 -6.79 -7.56 12.88
N TYR A 104 -5.92 -7.24 11.92
CA TYR A 104 -4.63 -7.93 11.77
C TYR A 104 -3.48 -7.08 12.26
N GLU A 105 -2.66 -7.66 13.13
CA GLU A 105 -1.49 -6.97 13.64
C GLU A 105 -0.25 -7.41 12.88
N TYR A 106 0.44 -6.45 12.29
CA TYR A 106 1.65 -6.72 11.49
C TYR A 106 2.82 -5.93 12.07
N ALA A 107 4.01 -6.55 12.06
CA ALA A 107 5.21 -5.90 12.57
C ALA A 107 6.27 -5.80 11.48
N VAL A 108 6.89 -4.62 11.38
CA VAL A 108 7.93 -4.36 10.42
C VAL A 108 9.17 -5.12 10.76
N THR A 109 9.76 -5.78 9.73
CA THR A 109 10.96 -6.58 9.91
C THR A 109 12.18 -5.90 9.30
N GLY A 110 11.96 -5.04 8.31
CA GLY A 110 13.06 -4.33 7.68
C GLY A 110 12.59 -3.61 6.42
N VAL A 111 13.27 -2.51 6.13
CA VAL A 111 12.98 -1.69 4.96
C VAL A 111 14.05 -1.93 3.91
N SER A 112 13.62 -2.12 2.66
CA SER A 112 14.55 -2.40 1.56
C SER A 112 14.21 -1.59 0.32
N GLU A 113 15.23 -1.29 -0.48
CA GLU A 113 15.06 -0.52 -1.71
C GLU A 113 15.21 -1.43 -2.93
N VAL A 114 14.15 -1.58 -3.71
CA VAL A 114 14.17 -2.46 -4.87
C VAL A 114 13.63 -1.75 -6.10
N THR A 115 14.06 -2.22 -7.27
CA THR A 115 13.61 -1.62 -8.51
C THR A 115 12.19 -2.12 -8.82
N PRO A 116 11.30 -1.28 -9.32
CA PRO A 116 9.90 -1.71 -9.61
C PRO A 116 9.86 -3.06 -10.35
N ASP A 117 10.98 -3.43 -10.93
CA ASP A 117 11.06 -4.65 -11.71
C ASP A 117 11.14 -5.87 -10.80
N LYS A 118 11.57 -5.64 -9.57
CA LYS A 118 11.69 -6.70 -8.56
C LYS A 118 10.35 -6.95 -7.89
N TRP A 119 9.44 -7.54 -8.65
CA TRP A 119 8.10 -7.82 -8.15
C TRP A 119 8.12 -8.93 -7.12
N GLU A 120 9.10 -9.81 -7.22
CA GLU A 120 9.23 -10.92 -6.29
C GLU A 120 9.13 -10.43 -4.84
N VAL A 121 9.16 -9.11 -4.68
CA VAL A 121 9.10 -8.48 -3.37
C VAL A 121 7.68 -8.39 -2.83
N VAL A 122 6.71 -8.41 -3.73
CA VAL A 122 5.30 -8.30 -3.36
C VAL A 122 4.58 -9.61 -3.60
N GLU A 123 5.33 -10.53 -4.19
CA GLU A 123 4.79 -11.82 -4.55
C GLU A 123 4.71 -12.76 -3.36
N ASP A 124 3.62 -13.53 -3.35
CA ASP A 124 3.36 -14.50 -2.28
C ASP A 124 4.54 -15.45 -2.11
N HIS A 125 5.01 -15.59 -0.86
CA HIS A 125 6.15 -16.47 -0.55
C HIS A 125 5.68 -17.79 0.08
N GLY A 126 4.71 -17.71 1.00
CA GLY A 126 4.17 -18.91 1.65
C GLY A 126 3.87 -18.64 3.12
N LYS A 127 3.55 -17.39 3.42
CA LYS A 127 3.23 -17.02 4.79
C LYS A 127 2.39 -15.75 4.82
N ASP A 128 2.03 -15.32 6.04
CA ASP A 128 1.22 -14.12 6.22
C ASP A 128 2.14 -12.93 6.45
N GLU A 129 2.44 -12.22 5.37
CA GLU A 129 3.33 -11.07 5.41
C GLU A 129 2.66 -9.86 4.76
N ILE A 130 3.29 -8.70 4.88
CA ILE A 130 2.76 -7.46 4.30
C ILE A 130 3.86 -6.73 3.54
N THR A 131 3.51 -6.11 2.41
CA THR A 131 4.50 -5.41 1.59
C THR A 131 3.96 -4.07 1.07
N LEU A 132 4.60 -2.98 1.49
CA LEU A 132 4.16 -1.64 1.05
C LEU A 132 5.10 -1.11 -0.03
N ILE A 133 4.51 -0.84 -1.20
CA ILE A 133 5.27 -0.37 -2.35
C ILE A 133 4.58 0.85 -2.97
N THR A 134 5.05 1.26 -4.15
CA THR A 134 4.48 2.43 -4.82
C THR A 134 4.25 2.14 -6.30
N CYS A 135 3.28 2.81 -6.90
CA CYS A 135 2.94 2.62 -8.31
C CYS A 135 3.60 3.72 -9.15
N VAL A 136 4.24 3.32 -10.26
CA VAL A 136 4.93 4.28 -11.12
C VAL A 136 4.78 3.94 -12.60
N SER A 137 4.87 2.66 -12.92
CA SER A 137 4.71 2.23 -14.30
C SER A 137 5.58 3.08 -15.22
N VAL A 138 4.99 4.16 -15.74
CA VAL A 138 5.71 5.07 -16.63
C VAL A 138 6.85 5.73 -15.86
N LYS A 139 8.03 5.81 -16.47
CA LYS A 139 9.15 6.44 -15.78
C LYS A 139 9.34 5.85 -14.38
N ASP A 140 10.11 4.78 -14.30
CA ASP A 140 10.35 4.12 -13.01
C ASP A 140 11.12 5.04 -12.07
N ASN A 141 10.76 5.03 -10.79
CA ASN A 141 11.41 5.87 -9.78
C ASN A 141 12.67 5.19 -9.24
N SER A 142 13.83 5.76 -9.53
CA SER A 142 15.09 5.18 -9.08
C SER A 142 15.13 5.06 -7.56
N LYS A 143 14.50 6.02 -6.88
CA LYS A 143 14.45 6.03 -5.42
C LYS A 143 13.23 5.28 -4.91
N ARG A 144 13.13 4.01 -5.31
CA ARG A 144 12.01 3.18 -4.89
C ARG A 144 12.23 2.66 -3.46
N TYR A 145 11.22 2.87 -2.60
CA TYR A 145 11.27 2.43 -1.20
C TYR A 145 10.19 1.39 -0.92
N VAL A 146 10.58 0.28 -0.27
CA VAL A 146 9.65 -0.80 0.04
C VAL A 146 9.82 -1.29 1.47
N VAL A 147 8.70 -1.51 2.15
CA VAL A 147 8.70 -1.95 3.55
C VAL A 147 8.01 -3.31 3.68
N ALA A 148 8.67 -4.25 4.35
CA ALA A 148 8.13 -5.59 4.54
C ALA A 148 7.83 -5.84 6.01
N GLY A 149 6.65 -6.37 6.31
CA GLY A 149 6.25 -6.66 7.69
C GLY A 149 5.75 -8.08 7.86
N ASP A 150 6.02 -8.62 9.04
CA ASP A 150 5.63 -9.99 9.36
C ASP A 150 4.43 -10.01 10.31
N LEU A 151 3.49 -10.92 10.06
CA LEU A 151 2.29 -11.01 10.88
C LEU A 151 2.64 -11.46 12.30
N VAL A 152 2.14 -10.70 13.28
CA VAL A 152 2.43 -10.99 14.69
C VAL A 152 1.20 -11.58 15.38
N GLY A 153 0.01 -11.28 14.87
CA GLY A 153 -1.21 -11.81 15.46
C GLY A 153 -2.45 -11.16 14.87
N THR A 154 -3.59 -11.84 15.01
CA THR A 154 -4.86 -11.35 14.48
C THR A 154 -5.95 -11.53 15.53
N LYS A 155 -6.98 -10.71 15.42
CA LYS A 155 -8.10 -10.76 16.35
C LYS A 155 -9.37 -10.32 15.62
N ALA A 156 -10.50 -10.35 16.31
CA ALA A 156 -11.76 -9.95 15.69
C ALA A 156 -12.06 -8.49 15.96
N LYS A 157 -12.66 -7.81 14.98
CA LYS A 157 -12.98 -6.40 15.11
C LYS A 157 -14.13 -6.19 16.09
N LYS A 158 -13.81 -6.23 17.38
CA LYS A 158 -14.83 -6.01 18.39
C LYS A 158 -16.03 -6.90 18.13
N GLY A 1 -0.62 -4.58 -28.87
CA GLY A 1 -0.79 -4.28 -27.41
C GLY A 1 -1.69 -5.33 -26.79
N SER A 2 -1.18 -6.00 -25.75
CA SER A 2 -1.93 -7.07 -25.09
C SER A 2 -1.89 -6.93 -23.58
N HIS A 3 -0.99 -6.09 -23.10
CA HIS A 3 -0.81 -5.87 -21.66
C HIS A 3 -1.39 -4.51 -21.26
N MET A 4 -2.24 -4.52 -20.24
CA MET A 4 -2.86 -3.28 -19.75
C MET A 4 -1.80 -2.42 -19.08
N ASP A 5 -2.11 -1.13 -18.88
CA ASP A 5 -1.18 -0.22 -18.22
C ASP A 5 -0.95 -0.64 -16.77
N ALA A 6 0.30 -0.95 -16.43
CA ALA A 6 0.64 -1.39 -15.08
C ALA A 6 0.53 -0.26 -14.06
N SER A 7 0.98 0.92 -14.43
CA SER A 7 0.94 2.07 -13.52
C SER A 7 0.81 3.37 -14.29
N LYS A 8 1.92 3.92 -14.74
CA LYS A 8 1.89 5.14 -15.53
C LYS A 8 1.15 6.26 -14.78
N ILE A 9 1.25 6.24 -13.46
CA ILE A 9 0.58 7.24 -12.64
C ILE A 9 1.16 8.61 -12.88
N ASP A 10 2.49 8.68 -12.92
CA ASP A 10 3.14 9.97 -13.16
C ASP A 10 2.78 10.93 -12.04
N GLN A 11 3.78 11.42 -11.31
CA GLN A 11 3.55 12.35 -10.20
C GLN A 11 2.43 13.33 -10.57
N PRO A 12 1.20 13.03 -10.20
CA PRO A 12 0.03 13.91 -10.52
C PRO A 12 0.01 15.13 -9.61
N ASP A 13 -0.61 16.19 -10.11
CA ASP A 13 -0.70 17.42 -9.35
C ASP A 13 -1.71 17.25 -8.21
N LEU A 14 -1.50 18.00 -7.14
CA LEU A 14 -2.39 17.92 -5.97
C LEU A 14 -3.82 18.24 -6.36
N ALA A 15 -3.98 18.99 -7.45
CA ALA A 15 -5.29 19.41 -7.92
C ALA A 15 -6.12 18.19 -8.33
N GLU A 16 -5.46 17.24 -8.96
CA GLU A 16 -6.12 16.02 -9.40
C GLU A 16 -6.42 15.11 -8.21
N VAL A 17 -5.54 15.16 -7.22
CA VAL A 17 -5.68 14.33 -6.02
C VAL A 17 -6.70 14.94 -5.06
N ALA A 18 -6.62 16.25 -4.90
CA ALA A 18 -7.53 16.97 -4.01
C ALA A 18 -8.97 16.89 -4.49
N ASN A 19 -9.15 17.01 -5.80
CA ASN A 19 -10.49 16.98 -6.40
C ASN A 19 -10.95 15.55 -6.68
N ALA A 20 -10.01 14.61 -6.64
CA ALA A 20 -10.32 13.21 -6.90
C ALA A 20 -11.30 12.68 -5.86
N SER A 21 -12.47 12.22 -6.33
CA SER A 21 -13.50 11.68 -5.44
C SER A 21 -13.31 10.18 -5.28
N LEU A 22 -13.89 9.62 -4.20
CA LEU A 22 -13.76 8.19 -3.91
C LEU A 22 -15.11 7.60 -3.49
N ASP A 23 -15.37 6.37 -3.93
CA ASP A 23 -16.62 5.70 -3.59
C ASP A 23 -16.44 4.81 -2.35
N LYS A 24 -16.89 5.31 -1.21
CA LYS A 24 -16.77 4.56 0.05
C LYS A 24 -17.46 3.21 -0.07
N LYS A 25 -18.27 3.08 -1.12
CA LYS A 25 -19.00 1.85 -1.36
C LYS A 25 -18.09 0.77 -1.94
N GLN A 26 -16.91 1.19 -2.41
CA GLN A 26 -15.94 0.29 -3.02
C GLN A 26 -14.85 -0.11 -2.04
N VAL A 27 -15.08 0.18 -0.75
CA VAL A 27 -14.13 -0.12 0.31
C VAL A 27 -14.40 -1.51 0.87
N ILE A 28 -13.34 -2.28 1.08
CA ILE A 28 -13.47 -3.65 1.59
C ILE A 28 -12.79 -3.82 2.94
N GLY A 29 -12.15 -2.77 3.41
CA GLY A 29 -11.48 -2.81 4.70
C GLY A 29 -10.69 -1.53 4.91
N ARG A 30 -9.77 -1.55 5.87
CA ARG A 30 -8.99 -0.35 6.15
C ARG A 30 -7.64 -0.69 6.76
N ILE A 31 -6.75 0.30 6.76
CA ILE A 31 -5.41 0.11 7.32
C ILE A 31 -5.06 1.30 8.21
N SER A 32 -4.40 0.99 9.31
CA SER A 32 -4.01 2.03 10.26
C SER A 32 -2.56 1.86 10.68
N ILE A 33 -1.83 2.97 10.72
CA ILE A 33 -0.41 2.92 11.08
C ILE A 33 -0.04 4.02 12.09
N PRO A 34 0.60 3.69 13.20
CA PRO A 34 0.98 4.69 14.23
C PRO A 34 2.30 5.41 13.91
N SER A 35 3.24 4.64 13.38
CA SER A 35 4.55 5.15 13.06
C SER A 35 4.48 6.48 12.33
N VAL A 36 3.54 6.59 11.39
CA VAL A 36 3.37 7.81 10.60
C VAL A 36 2.00 8.44 10.86
N SER A 37 1.16 7.80 11.67
CA SER A 37 -0.17 8.35 11.95
C SER A 37 -1.00 8.31 10.68
N LEU A 38 -1.01 7.14 10.05
CA LEU A 38 -1.73 6.96 8.80
C LEU A 38 -2.99 6.11 9.01
N GLU A 39 -4.10 6.64 8.57
CA GLU A 39 -5.39 5.94 8.69
C GLU A 39 -6.11 6.13 7.39
N LEU A 40 -6.36 5.05 6.66
CA LEU A 40 -7.02 5.19 5.38
C LEU A 40 -7.73 3.91 4.91
N PRO A 41 -9.00 3.95 4.55
CA PRO A 41 -9.72 2.78 4.02
C PRO A 41 -8.83 2.05 3.00
N VAL A 42 -9.13 0.78 2.77
CA VAL A 42 -8.37 -0.02 1.82
C VAL A 42 -9.28 -0.36 0.65
N LEU A 43 -8.84 -0.02 -0.57
CA LEU A 43 -9.62 -0.27 -1.77
C LEU A 43 -9.07 -1.48 -2.52
N LYS A 44 -9.93 -2.42 -2.84
CA LYS A 44 -9.51 -3.62 -3.57
C LYS A 44 -9.01 -3.27 -4.97
N SER A 45 -9.65 -2.26 -5.56
CA SER A 45 -9.29 -1.81 -6.91
C SER A 45 -7.82 -1.42 -6.96
N SER A 46 -7.37 -0.91 -8.12
CA SER A 46 -5.98 -0.52 -8.27
C SER A 46 -5.82 0.39 -9.48
N THR A 47 -6.57 1.47 -9.48
CA THR A 47 -6.54 2.43 -10.57
C THR A 47 -5.80 3.69 -10.16
N GLU A 48 -5.34 4.44 -11.14
CA GLU A 48 -4.61 5.66 -10.86
C GLU A 48 -5.47 6.63 -10.08
N LYS A 49 -6.77 6.58 -10.33
CA LYS A 49 -7.72 7.47 -9.67
C LYS A 49 -8.01 7.03 -8.23
N ASN A 50 -8.14 5.73 -8.04
CA ASN A 50 -8.44 5.19 -6.71
C ASN A 50 -7.28 5.42 -5.75
N LEU A 51 -6.06 5.25 -6.25
CA LEU A 51 -4.87 5.42 -5.43
C LEU A 51 -4.77 6.83 -4.85
N LEU A 52 -5.49 7.76 -5.46
CA LEU A 52 -5.44 9.15 -5.03
C LEU A 52 -6.09 9.38 -3.69
N SER A 53 -7.14 8.63 -3.39
CA SER A 53 -7.87 8.84 -2.13
C SER A 53 -7.46 7.87 -1.02
N GLY A 54 -6.64 6.88 -1.34
CA GLY A 54 -6.23 5.90 -0.33
C GLY A 54 -5.28 4.88 -0.92
N ALA A 55 -4.94 3.88 -0.10
CA ALA A 55 -4.05 2.82 -0.52
C ALA A 55 -4.83 1.75 -1.26
N ALA A 56 -4.37 1.38 -2.45
CA ALA A 56 -5.05 0.36 -3.26
C ALA A 56 -4.29 -0.97 -3.20
N THR A 57 -5.03 -2.07 -3.15
CA THR A 57 -4.42 -3.39 -3.13
C THR A 57 -3.84 -3.71 -4.51
N VAL A 58 -2.74 -4.46 -4.54
CA VAL A 58 -2.08 -4.77 -5.82
C VAL A 58 -2.67 -5.98 -6.53
N LYS A 59 -2.87 -7.08 -5.81
CA LYS A 59 -3.42 -8.30 -6.41
C LYS A 59 -4.93 -8.34 -6.28
N GLU A 60 -5.51 -9.49 -6.62
CA GLU A 60 -6.97 -9.66 -6.58
C GLU A 60 -7.41 -10.65 -5.50
N ASN A 61 -6.83 -11.85 -5.54
CA ASN A 61 -7.17 -12.92 -4.59
C ASN A 61 -6.22 -12.93 -3.40
N GLN A 62 -5.97 -11.75 -2.86
CA GLN A 62 -5.09 -11.62 -1.70
C GLN A 62 -5.91 -11.65 -0.41
N VAL A 63 -5.27 -12.06 0.68
CA VAL A 63 -5.94 -12.15 1.98
C VAL A 63 -5.06 -11.58 3.09
N MET A 64 -5.65 -10.75 3.94
CA MET A 64 -4.92 -10.17 5.05
C MET A 64 -4.58 -11.25 6.08
N GLY A 65 -3.30 -11.34 6.46
CA GLY A 65 -2.87 -12.33 7.44
C GLY A 65 -2.47 -13.63 6.76
N LYS A 66 -2.55 -13.66 5.44
CA LYS A 66 -2.21 -14.87 4.70
C LYS A 66 -1.49 -14.52 3.39
N GLY A 67 -0.29 -15.08 3.22
CA GLY A 67 0.49 -14.81 2.02
C GLY A 67 1.08 -13.40 2.12
N ASN A 68 1.54 -12.87 1.00
CA ASN A 68 2.13 -11.54 0.96
C ASN A 68 1.08 -10.51 0.57
N TYR A 69 0.67 -9.69 1.53
CA TYR A 69 -0.33 -8.67 1.29
C TYR A 69 0.33 -7.41 0.74
N ALA A 70 0.24 -7.24 -0.58
CA ALA A 70 0.85 -6.08 -1.24
C ALA A 70 -0.12 -4.90 -1.32
N LEU A 71 0.33 -3.77 -0.80
CA LEU A 71 -0.45 -2.52 -0.81
C LEU A 71 0.34 -1.43 -1.53
N ALA A 72 -0.33 -0.74 -2.45
CA ALA A 72 0.34 0.30 -3.22
C ALA A 72 -0.17 1.68 -2.82
N GLY A 73 0.76 2.62 -2.72
CA GLY A 73 0.43 3.98 -2.33
C GLY A 73 1.26 5.00 -3.08
N HIS A 74 1.08 6.27 -2.74
CA HIS A 74 1.80 7.36 -3.38
C HIS A 74 3.15 7.59 -2.73
N ASN A 75 4.17 7.90 -3.54
CA ASN A 75 5.53 8.14 -3.02
C ASN A 75 5.88 9.62 -3.15
N MET A 76 4.86 10.46 -3.13
CA MET A 76 5.03 11.89 -3.25
C MET A 76 6.14 12.41 -2.35
N SER A 77 6.58 11.59 -1.40
CA SER A 77 7.66 12.01 -0.51
C SER A 77 7.29 13.32 0.16
N LYS A 78 6.03 13.42 0.57
CA LYS A 78 5.51 14.63 1.21
C LYS A 78 4.72 14.25 2.44
N LYS A 79 5.02 14.87 3.55
CA LYS A 79 4.31 14.57 4.77
C LYS A 79 2.91 15.18 4.72
N GLY A 80 1.91 14.33 4.92
CA GLY A 80 0.51 14.77 4.85
C GLY A 80 -0.26 14.04 3.74
N VAL A 81 0.44 13.63 2.69
CA VAL A 81 -0.22 12.92 1.59
C VAL A 81 -0.44 11.47 2.03
N LEU A 82 -1.20 10.71 1.25
CA LEU A 82 -1.49 9.33 1.59
C LEU A 82 -0.28 8.44 1.32
N PHE A 83 0.07 7.58 2.27
CA PHE A 83 1.20 6.65 2.07
C PHE A 83 2.43 7.40 1.56
N SER A 84 2.65 8.59 2.07
CA SER A 84 3.79 9.39 1.64
C SER A 84 5.07 8.93 2.33
N ASP A 85 5.10 9.04 3.66
CA ASP A 85 6.29 8.71 4.45
C ASP A 85 6.34 7.25 4.87
N ILE A 86 5.94 6.38 3.97
CA ILE A 86 5.94 4.95 4.25
C ILE A 86 7.34 4.37 4.36
N ALA A 87 8.29 5.01 3.69
CA ALA A 87 9.67 4.54 3.72
C ALA A 87 10.33 4.91 5.03
N SER A 88 9.53 5.45 5.96
CA SER A 88 10.04 5.87 7.26
C SER A 88 9.82 4.77 8.27
N LEU A 89 9.01 3.80 7.90
CA LEU A 89 8.73 2.68 8.77
C LEU A 89 9.98 1.86 9.03
N LYS A 90 10.37 1.80 10.30
CA LYS A 90 11.56 1.05 10.70
C LYS A 90 11.18 -0.32 11.24
N LYS A 91 12.15 -1.21 11.28
CA LYS A 91 11.92 -2.56 11.76
C LYS A 91 11.39 -2.55 13.20
N GLY A 92 10.18 -3.07 13.37
CA GLY A 92 9.57 -3.14 14.71
C GLY A 92 8.43 -2.17 14.83
N ASP A 93 7.89 -1.78 13.68
CA ASP A 93 6.76 -0.85 13.65
C ASP A 93 5.47 -1.65 13.52
N LYS A 94 4.52 -1.39 14.40
CA LYS A 94 3.25 -2.13 14.37
C LYS A 94 2.31 -1.58 13.31
N ILE A 95 1.64 -2.48 12.59
CA ILE A 95 0.68 -2.11 11.55
C ILE A 95 -0.62 -2.86 11.77
N TYR A 96 -1.71 -2.12 11.90
CA TYR A 96 -3.02 -2.72 12.15
C TYR A 96 -3.82 -2.76 10.86
N LEU A 97 -4.18 -3.98 10.44
CA LEU A 97 -4.95 -4.16 9.20
C LEU A 97 -6.37 -4.62 9.51
N TYR A 98 -7.29 -4.41 8.58
CA TYR A 98 -8.68 -4.79 8.79
C TYR A 98 -9.32 -5.34 7.54
N ASP A 99 -9.79 -6.58 7.65
CA ASP A 99 -10.47 -7.26 6.55
C ASP A 99 -11.90 -7.48 7.00
N ASN A 100 -12.65 -8.32 6.28
CA ASN A 100 -14.04 -8.64 6.64
C ASN A 100 -14.45 -7.96 7.95
N GLU A 101 -14.21 -8.66 9.05
CA GLU A 101 -14.50 -8.13 10.38
C GLU A 101 -13.36 -8.51 11.31
N ASN A 102 -12.14 -8.61 10.75
CA ASN A 102 -10.98 -9.06 11.53
C ASN A 102 -9.86 -8.03 11.54
N GLU A 103 -9.22 -7.91 12.70
CA GLU A 103 -8.10 -6.98 12.88
C GLU A 103 -6.79 -7.76 12.86
N TYR A 104 -5.91 -7.42 11.92
CA TYR A 104 -4.63 -8.10 11.77
C TYR A 104 -3.48 -7.25 12.28
N GLU A 105 -2.70 -7.80 13.20
CA GLU A 105 -1.55 -7.10 13.74
C GLU A 105 -0.30 -7.49 12.96
N TYR A 106 0.28 -6.51 12.27
CA TYR A 106 1.47 -6.72 11.45
C TYR A 106 2.64 -5.90 11.98
N ALA A 107 3.84 -6.46 11.91
CA ALA A 107 5.04 -5.76 12.37
C ALA A 107 6.07 -5.66 11.25
N VAL A 108 6.58 -4.46 11.06
CA VAL A 108 7.58 -4.19 10.03
C VAL A 108 8.87 -4.88 10.35
N THR A 109 9.47 -5.51 9.32
CA THR A 109 10.70 -6.25 9.47
C THR A 109 11.89 -5.45 8.96
N GLY A 110 11.64 -4.53 8.05
CA GLY A 110 12.71 -3.71 7.50
C GLY A 110 12.30 -3.07 6.18
N VAL A 111 13.20 -2.27 5.65
CA VAL A 111 12.96 -1.55 4.40
C VAL A 111 14.17 -1.75 3.47
N SER A 112 13.92 -1.74 2.16
CA SER A 112 15.00 -1.95 1.20
C SER A 112 14.68 -1.28 -0.13
N GLU A 113 15.72 -1.07 -0.93
CA GLU A 113 15.57 -0.43 -2.25
C GLU A 113 15.55 -1.51 -3.34
N VAL A 114 14.46 -1.55 -4.10
CA VAL A 114 14.32 -2.57 -5.15
C VAL A 114 13.87 -1.94 -6.45
N THR A 115 14.14 -2.62 -7.56
CA THR A 115 13.74 -2.09 -8.86
C THR A 115 12.27 -2.44 -9.11
N PRO A 116 11.46 -1.53 -9.60
CA PRO A 116 10.01 -1.81 -9.85
C PRO A 116 9.79 -3.14 -10.55
N ASP A 117 10.86 -3.69 -11.12
CA ASP A 117 10.77 -4.95 -11.86
C ASP A 117 10.86 -6.15 -10.92
N LYS A 118 11.45 -5.94 -9.75
CA LYS A 118 11.60 -6.98 -8.75
C LYS A 118 10.35 -7.12 -7.91
N TRP A 119 9.31 -7.67 -8.51
CA TRP A 119 8.03 -7.86 -7.84
C TRP A 119 8.07 -9.00 -6.84
N GLU A 120 9.22 -9.67 -6.77
CA GLU A 120 9.38 -10.78 -5.85
C GLU A 120 9.05 -10.37 -4.43
N VAL A 121 9.45 -9.16 -4.07
CA VAL A 121 9.21 -8.63 -2.73
C VAL A 121 7.76 -8.21 -2.54
N VAL A 122 6.92 -8.48 -3.52
CA VAL A 122 5.49 -8.10 -3.47
C VAL A 122 4.63 -9.34 -3.63
N GLU A 123 5.27 -10.38 -4.10
CA GLU A 123 4.61 -11.66 -4.35
C GLU A 123 4.64 -12.56 -3.12
N ASP A 124 3.82 -13.59 -3.18
CA ASP A 124 3.71 -14.59 -2.11
C ASP A 124 5.00 -15.41 -1.99
N HIS A 125 5.53 -15.51 -0.77
CA HIS A 125 6.76 -16.28 -0.53
C HIS A 125 6.45 -17.63 0.12
N GLY A 126 5.51 -17.63 1.06
CA GLY A 126 5.13 -18.88 1.74
C GLY A 126 4.78 -18.63 3.20
N LYS A 127 4.36 -17.41 3.49
CA LYS A 127 3.99 -17.05 4.85
C LYS A 127 3.03 -15.85 4.85
N ASP A 128 2.61 -15.44 6.05
CA ASP A 128 1.70 -14.30 6.21
C ASP A 128 2.48 -13.05 6.54
N GLU A 129 2.82 -12.31 5.50
CA GLU A 129 3.58 -11.07 5.63
C GLU A 129 2.86 -9.92 4.94
N ILE A 130 3.41 -8.71 5.07
CA ILE A 130 2.82 -7.52 4.46
C ILE A 130 3.87 -6.75 3.69
N THR A 131 3.48 -6.16 2.55
CA THR A 131 4.43 -5.41 1.73
C THR A 131 3.82 -4.09 1.25
N LEU A 132 4.50 -2.99 1.56
CA LEU A 132 4.03 -1.65 1.15
C LEU A 132 4.96 -1.03 0.12
N ILE A 133 4.38 -0.71 -1.03
CA ILE A 133 5.13 -0.13 -2.15
C ILE A 133 4.34 1.00 -2.80
N THR A 134 4.88 1.54 -3.90
CA THR A 134 4.23 2.63 -4.61
C THR A 134 4.31 2.43 -6.11
N CYS A 135 3.42 3.07 -6.85
CA CYS A 135 3.40 2.94 -8.30
C CYS A 135 4.68 3.45 -8.92
N VAL A 136 5.20 4.55 -8.38
CA VAL A 136 6.42 5.18 -8.90
C VAL A 136 7.39 5.45 -7.75
N SER A 137 8.06 6.60 -7.81
CA SER A 137 9.04 6.95 -6.78
C SER A 137 9.24 8.45 -6.74
N VAL A 138 9.87 8.93 -5.67
CA VAL A 138 10.14 10.36 -5.52
C VAL A 138 11.08 10.82 -6.62
N LYS A 139 10.73 11.91 -7.32
CA LYS A 139 11.60 12.39 -8.37
C LYS A 139 12.07 11.23 -9.26
N ASP A 140 13.33 11.26 -9.68
CA ASP A 140 13.87 10.19 -10.52
C ASP A 140 13.93 8.89 -9.72
N ASN A 141 14.95 8.74 -8.88
CA ASN A 141 15.05 7.53 -8.06
C ASN A 141 14.78 6.28 -8.89
N SER A 142 15.83 5.76 -9.53
CA SER A 142 15.69 4.57 -10.35
C SER A 142 15.16 3.39 -9.54
N LYS A 143 15.73 3.20 -8.36
CA LYS A 143 15.32 2.12 -7.47
C LYS A 143 14.13 2.54 -6.62
N ARG A 144 13.16 1.65 -6.46
CA ARG A 144 11.96 1.93 -5.69
C ARG A 144 12.09 1.42 -4.26
N TYR A 145 11.66 2.24 -3.30
CA TYR A 145 11.74 1.87 -1.88
C TYR A 145 10.56 0.94 -1.54
N VAL A 146 10.82 -0.08 -0.71
CA VAL A 146 9.77 -1.03 -0.34
C VAL A 146 9.87 -1.42 1.14
N VAL A 147 8.72 -1.62 1.79
CA VAL A 147 8.68 -1.99 3.20
C VAL A 147 8.00 -3.35 3.37
N ALA A 148 8.65 -4.24 4.11
CA ALA A 148 8.12 -5.59 4.35
C ALA A 148 7.94 -5.83 5.85
N GLY A 149 6.83 -6.47 6.19
CA GLY A 149 6.52 -6.76 7.59
C GLY A 149 5.98 -8.17 7.77
N ASP A 150 6.05 -8.64 9.00
CA ASP A 150 5.60 -10.00 9.34
C ASP A 150 4.36 -9.96 10.25
N LEU A 151 3.51 -10.98 10.14
CA LEU A 151 2.30 -11.05 10.95
C LEU A 151 2.63 -11.41 12.38
N VAL A 152 2.05 -10.65 13.31
CA VAL A 152 2.29 -10.87 14.75
C VAL A 152 1.08 -11.48 15.42
N GLY A 153 -0.11 -11.24 14.88
CA GLY A 153 -1.32 -11.81 15.47
C GLY A 153 -2.57 -11.19 14.87
N THR A 154 -3.70 -11.89 15.01
CA THR A 154 -4.97 -11.42 14.48
C THR A 154 -6.08 -11.64 15.50
N LYS A 155 -7.13 -10.84 15.39
CA LYS A 155 -8.25 -10.93 16.31
C LYS A 155 -9.51 -10.48 15.58
N ALA A 156 -10.65 -10.50 16.27
CA ALA A 156 -11.91 -10.08 15.65
C ALA A 156 -12.15 -8.59 15.89
N LYS A 157 -12.71 -7.93 14.88
CA LYS A 157 -12.98 -6.51 14.96
C LYS A 157 -14.16 -6.24 15.87
N LYS A 158 -13.93 -6.23 17.17
CA LYS A 158 -15.01 -5.94 18.11
C LYS A 158 -16.16 -6.92 17.90
N GLY A 1 -8.16 3.21 -32.49
CA GLY A 1 -7.47 1.94 -32.16
C GLY A 1 -6.39 2.23 -31.13
N SER A 2 -6.73 2.06 -29.86
CA SER A 2 -5.78 2.32 -28.78
C SER A 2 -6.13 1.49 -27.54
N HIS A 3 -5.11 1.17 -26.75
CA HIS A 3 -5.30 0.37 -25.54
C HIS A 3 -5.08 1.24 -24.30
N MET A 4 -5.74 0.86 -23.20
CA MET A 4 -5.61 1.60 -21.95
C MET A 4 -4.29 1.28 -21.27
N ASP A 5 -3.71 2.27 -20.60
CA ASP A 5 -2.44 2.08 -19.92
C ASP A 5 -2.62 1.14 -18.71
N ALA A 6 -1.67 0.23 -18.53
CA ALA A 6 -1.74 -0.73 -17.44
C ALA A 6 -1.53 -0.08 -16.08
N SER A 7 -0.58 0.84 -16.00
CA SER A 7 -0.26 1.52 -14.76
C SER A 7 0.27 2.93 -15.06
N LYS A 8 1.59 3.07 -15.09
CA LYS A 8 2.19 4.36 -15.39
C LYS A 8 1.55 5.46 -14.55
N ILE A 9 1.30 5.17 -13.29
CA ILE A 9 0.67 6.13 -12.40
C ILE A 9 1.57 7.35 -12.23
N ASP A 10 2.85 7.11 -12.01
CA ASP A 10 3.81 8.20 -11.85
C ASP A 10 3.53 8.94 -10.53
N GLN A 11 3.30 10.26 -10.61
CA GLN A 11 3.03 11.05 -9.42
C GLN A 11 1.94 12.09 -9.73
N PRO A 12 0.70 11.68 -9.86
CA PRO A 12 -0.42 12.60 -10.17
C PRO A 12 -0.32 13.88 -9.34
N ASP A 13 -0.73 14.99 -9.93
CA ASP A 13 -0.71 16.26 -9.24
C ASP A 13 -1.87 16.35 -8.25
N LEU A 14 -1.77 17.30 -7.33
CA LEU A 14 -2.82 17.50 -6.32
C LEU A 14 -4.15 17.84 -6.97
N ALA A 15 -4.08 18.34 -8.20
CA ALA A 15 -5.29 18.73 -8.92
C ALA A 15 -6.17 17.52 -9.18
N GLU A 16 -5.54 16.42 -9.52
CA GLU A 16 -6.27 15.18 -9.79
C GLU A 16 -6.78 14.58 -8.49
N VAL A 17 -6.04 14.81 -7.41
CA VAL A 17 -6.40 14.29 -6.10
C VAL A 17 -7.53 15.10 -5.48
N ALA A 18 -7.41 16.41 -5.56
CA ALA A 18 -8.43 17.30 -5.01
C ALA A 18 -9.74 17.15 -5.76
N ASN A 19 -9.65 16.95 -7.08
CA ASN A 19 -10.84 16.82 -7.92
C ASN A 19 -11.37 15.38 -7.90
N ALA A 20 -10.47 14.42 -7.64
CA ALA A 20 -10.86 13.02 -7.60
C ALA A 20 -11.90 12.79 -6.50
N SER A 21 -12.90 11.95 -6.80
CA SER A 21 -13.96 11.65 -5.83
C SER A 21 -14.36 10.17 -5.86
N LEU A 22 -13.62 9.35 -5.14
CA LEU A 22 -13.89 7.91 -5.09
C LEU A 22 -15.01 7.62 -4.08
N ASP A 23 -15.96 6.78 -4.48
CA ASP A 23 -17.06 6.41 -3.59
C ASP A 23 -16.54 5.56 -2.42
N LYS A 24 -17.05 5.82 -1.23
CA LYS A 24 -16.64 5.07 -0.04
C LYS A 24 -17.05 3.61 -0.20
N LYS A 25 -17.83 3.34 -1.23
CA LYS A 25 -18.30 1.98 -1.50
C LYS A 25 -17.13 1.06 -1.83
N GLN A 26 -16.07 1.63 -2.41
CA GLN A 26 -14.90 0.87 -2.79
C GLN A 26 -14.03 0.54 -1.58
N VAL A 27 -14.56 0.81 -0.40
CA VAL A 27 -13.83 0.54 0.85
C VAL A 27 -14.20 -0.85 1.36
N ILE A 28 -13.20 -1.69 1.57
CA ILE A 28 -13.43 -3.07 2.02
C ILE A 28 -12.57 -3.42 3.22
N GLY A 29 -11.72 -2.51 3.63
CA GLY A 29 -10.85 -2.75 4.78
C GLY A 29 -10.19 -1.45 5.20
N ARG A 30 -9.22 -1.53 6.10
CA ARG A 30 -8.56 -0.31 6.57
C ARG A 30 -7.14 -0.63 7.03
N ILE A 31 -6.25 0.37 6.91
CA ILE A 31 -4.87 0.24 7.34
C ILE A 31 -4.57 1.33 8.35
N SER A 32 -4.04 0.94 9.49
CA SER A 32 -3.71 1.91 10.54
C SER A 32 -2.28 1.70 11.00
N ILE A 33 -1.50 2.79 11.02
CA ILE A 33 -0.09 2.69 11.42
C ILE A 33 0.29 3.82 12.40
N PRO A 34 0.78 3.52 13.60
CA PRO A 34 1.17 4.56 14.59
C PRO A 34 2.55 5.15 14.35
N SER A 35 3.45 4.31 13.85
CA SER A 35 4.84 4.72 13.63
C SER A 35 4.91 6.03 12.84
N VAL A 36 3.99 6.22 11.90
CA VAL A 36 3.99 7.43 11.08
C VAL A 36 2.68 8.19 11.24
N SER A 37 1.73 7.59 11.96
CA SER A 37 0.42 8.24 12.15
C SER A 37 -0.34 8.21 10.83
N LEU A 38 -0.39 7.04 10.20
CA LEU A 38 -1.09 6.87 8.94
C LEU A 38 -2.35 6.03 9.08
N GLU A 39 -3.43 6.57 8.55
CA GLU A 39 -4.72 5.90 8.58
C GLU A 39 -5.34 6.04 7.21
N LEU A 40 -5.54 4.92 6.52
CA LEU A 40 -6.06 4.99 5.16
C LEU A 40 -6.97 3.81 4.77
N PRO A 41 -8.27 4.01 4.60
CA PRO A 41 -9.17 2.92 4.15
C PRO A 41 -8.49 2.07 3.06
N VAL A 42 -8.80 0.79 3.01
CA VAL A 42 -8.23 -0.09 2.00
C VAL A 42 -9.20 -0.22 0.83
N LEU A 43 -8.72 0.10 -0.37
CA LEU A 43 -9.56 0.03 -1.56
C LEU A 43 -9.19 -1.19 -2.38
N LYS A 44 -10.18 -1.80 -3.02
CA LYS A 44 -9.96 -3.00 -3.83
C LYS A 44 -9.66 -2.62 -5.28
N SER A 45 -10.30 -1.56 -5.75
CA SER A 45 -10.12 -1.10 -7.14
C SER A 45 -8.79 -0.36 -7.30
N SER A 46 -7.78 -1.08 -7.79
CA SER A 46 -6.48 -0.48 -8.00
C SER A 46 -6.44 0.26 -9.32
N THR A 47 -6.80 1.54 -9.26
CA THR A 47 -6.81 2.38 -10.45
C THR A 47 -6.13 3.70 -10.14
N GLU A 48 -5.67 4.37 -11.20
CA GLU A 48 -4.98 5.65 -11.06
C GLU A 48 -5.86 6.65 -10.32
N LYS A 49 -7.16 6.49 -10.47
CA LYS A 49 -8.13 7.37 -9.82
C LYS A 49 -8.40 6.96 -8.38
N ASN A 50 -8.57 5.67 -8.17
CA ASN A 50 -8.85 5.16 -6.83
C ASN A 50 -7.67 5.35 -5.89
N LEU A 51 -6.46 5.25 -6.42
CA LEU A 51 -5.26 5.41 -5.62
C LEU A 51 -5.19 6.81 -4.98
N LEU A 52 -5.91 7.75 -5.56
CA LEU A 52 -5.89 9.12 -5.07
C LEU A 52 -6.64 9.30 -3.76
N SER A 53 -7.52 8.36 -3.41
CA SER A 53 -8.31 8.49 -2.18
C SER A 53 -7.80 7.63 -1.04
N GLY A 54 -6.91 6.69 -1.33
CA GLY A 54 -6.40 5.80 -0.27
C GLY A 54 -5.46 4.74 -0.82
N ALA A 55 -4.96 3.89 0.07
CA ALA A 55 -4.05 2.81 -0.31
C ALA A 55 -4.85 1.73 -1.05
N ALA A 56 -4.40 1.38 -2.25
CA ALA A 56 -5.09 0.37 -3.05
C ALA A 56 -4.30 -0.95 -3.06
N THR A 57 -5.03 -2.06 -3.03
CA THR A 57 -4.39 -3.38 -3.05
C THR A 57 -3.89 -3.67 -4.47
N VAL A 58 -2.87 -4.50 -4.58
CA VAL A 58 -2.30 -4.80 -5.90
C VAL A 58 -3.03 -5.94 -6.61
N LYS A 59 -3.12 -7.11 -5.99
CA LYS A 59 -3.79 -8.26 -6.61
C LYS A 59 -5.23 -8.36 -6.13
N GLU A 60 -6.12 -8.72 -7.05
CA GLU A 60 -7.55 -8.84 -6.76
C GLU A 60 -7.88 -10.19 -6.12
N ASN A 61 -6.86 -10.98 -5.82
CA ASN A 61 -7.07 -12.31 -5.25
C ASN A 61 -6.20 -12.52 -4.01
N GLN A 62 -5.83 -11.43 -3.37
CA GLN A 62 -5.01 -11.49 -2.17
C GLN A 62 -5.88 -11.49 -0.93
N VAL A 63 -5.35 -12.02 0.16
CA VAL A 63 -6.10 -12.09 1.43
C VAL A 63 -5.24 -11.61 2.59
N MET A 64 -5.82 -10.77 3.45
CA MET A 64 -5.10 -10.27 4.62
C MET A 64 -4.84 -11.40 5.60
N GLY A 65 -3.59 -11.56 5.99
CA GLY A 65 -3.21 -12.61 6.94
C GLY A 65 -2.83 -13.89 6.22
N LYS A 66 -2.83 -13.84 4.89
CA LYS A 66 -2.50 -15.03 4.12
C LYS A 66 -1.67 -14.62 2.89
N GLY A 67 -0.48 -15.18 2.79
CA GLY A 67 0.40 -14.86 1.67
C GLY A 67 0.97 -13.45 1.85
N ASN A 68 1.60 -12.94 0.81
CA ASN A 68 2.17 -11.60 0.87
C ASN A 68 1.12 -10.57 0.47
N TYR A 69 0.66 -9.78 1.43
CA TYR A 69 -0.36 -8.77 1.17
C TYR A 69 0.30 -7.51 0.63
N ALA A 70 0.19 -7.29 -0.67
CA ALA A 70 0.79 -6.14 -1.32
C ALA A 70 -0.16 -4.94 -1.36
N LEU A 71 0.33 -3.81 -0.88
CA LEU A 71 -0.44 -2.56 -0.88
C LEU A 71 0.33 -1.48 -1.62
N ALA A 72 -0.36 -0.77 -2.51
CA ALA A 72 0.28 0.28 -3.30
C ALA A 72 -0.22 1.65 -2.87
N GLY A 73 0.72 2.59 -2.80
CA GLY A 73 0.42 3.95 -2.38
C GLY A 73 1.16 4.99 -3.21
N HIS A 74 1.00 6.26 -2.85
CA HIS A 74 1.65 7.36 -3.57
C HIS A 74 2.93 7.79 -2.85
N ASN A 75 3.96 8.11 -3.63
CA ASN A 75 5.25 8.55 -3.09
C ASN A 75 5.38 10.06 -3.20
N MET A 76 4.24 10.75 -3.18
CA MET A 76 4.21 12.20 -3.29
C MET A 76 5.38 12.83 -2.51
N SER A 77 5.93 12.11 -1.54
CA SER A 77 7.04 12.64 -0.75
C SER A 77 6.58 13.88 -0.01
N LYS A 78 5.34 13.84 0.45
CA LYS A 78 4.75 14.96 1.16
C LYS A 78 4.06 14.46 2.41
N LYS A 79 4.64 14.73 3.56
CA LYS A 79 4.04 14.29 4.81
C LYS A 79 2.58 14.70 4.86
N GLY A 80 1.75 13.70 5.10
CA GLY A 80 0.30 13.91 5.15
C GLY A 80 -0.38 13.21 3.97
N VAL A 81 0.32 13.09 2.83
CA VAL A 81 -0.26 12.42 1.66
C VAL A 81 -0.24 10.91 1.88
N LEU A 82 -0.74 10.15 0.92
CA LEU A 82 -0.79 8.72 1.06
C LEU A 82 0.62 8.13 0.94
N PHE A 83 0.95 7.18 1.81
CA PHE A 83 2.24 6.53 1.77
C PHE A 83 3.36 7.56 1.56
N SER A 84 3.14 8.75 2.09
CA SER A 84 4.12 9.82 1.92
C SER A 84 5.27 9.73 2.93
N ASP A 85 5.13 8.86 3.94
CA ASP A 85 6.16 8.75 4.99
C ASP A 85 6.34 7.30 5.46
N ILE A 86 6.03 6.35 4.59
CA ILE A 86 6.18 4.93 4.94
C ILE A 86 7.65 4.54 5.05
N ALA A 87 8.52 5.24 4.35
CA ALA A 87 9.94 4.93 4.40
C ALA A 87 10.53 5.30 5.76
N SER A 88 9.69 5.81 6.65
CA SER A 88 10.13 6.21 7.97
C SER A 88 9.88 5.08 8.95
N LEU A 89 9.12 4.09 8.50
CA LEU A 89 8.79 2.95 9.34
C LEU A 89 10.05 2.18 9.68
N LYS A 90 10.27 2.01 10.98
CA LYS A 90 11.45 1.29 11.46
C LYS A 90 11.10 -0.17 11.76
N LYS A 91 12.12 -1.01 11.77
CA LYS A 91 11.93 -2.43 12.04
C LYS A 91 11.25 -2.65 13.38
N GLY A 92 10.26 -3.54 13.38
CA GLY A 92 9.51 -3.85 14.58
C GLY A 92 8.40 -2.83 14.79
N ASP A 93 8.06 -2.14 13.71
CA ASP A 93 6.98 -1.13 13.80
C ASP A 93 5.64 -1.85 13.70
N LYS A 94 4.71 -1.53 14.59
CA LYS A 94 3.42 -2.20 14.59
C LYS A 94 2.49 -1.64 13.51
N ILE A 95 1.91 -2.55 12.72
CA ILE A 95 0.98 -2.19 11.65
C ILE A 95 -0.35 -2.89 11.88
N TYR A 96 -1.42 -2.11 11.99
CA TYR A 96 -2.75 -2.68 12.22
C TYR A 96 -3.55 -2.67 10.92
N LEU A 97 -3.96 -3.86 10.50
CA LEU A 97 -4.74 -3.99 9.25
C LEU A 97 -6.17 -4.40 9.58
N TYR A 98 -7.08 -4.15 8.64
CA TYR A 98 -8.48 -4.49 8.84
C TYR A 98 -9.07 -5.19 7.62
N ASP A 99 -9.68 -6.34 7.88
CA ASP A 99 -10.34 -7.13 6.85
C ASP A 99 -11.83 -7.11 7.14
N ASN A 100 -12.59 -8.00 6.50
CA ASN A 100 -14.05 -8.09 6.72
C ASN A 100 -14.46 -7.49 8.07
N GLU A 101 -14.16 -8.23 9.13
CA GLU A 101 -14.45 -7.79 10.50
C GLU A 101 -13.30 -8.21 11.39
N ASN A 102 -12.10 -8.31 10.81
CA ASN A 102 -10.94 -8.78 11.56
C ASN A 102 -9.79 -7.78 11.57
N GLU A 103 -9.08 -7.73 12.70
CA GLU A 103 -7.94 -6.83 12.84
C GLU A 103 -6.64 -7.65 12.81
N TYR A 104 -5.75 -7.32 11.88
CA TYR A 104 -4.48 -8.06 11.75
C TYR A 104 -3.31 -7.24 12.26
N GLU A 105 -2.53 -7.83 13.15
CA GLU A 105 -1.36 -7.15 13.70
C GLU A 105 -0.13 -7.55 12.88
N TYR A 106 0.48 -6.58 12.21
CA TYR A 106 1.67 -6.81 11.39
C TYR A 106 2.85 -6.02 11.95
N ALA A 107 4.05 -6.61 11.90
CA ALA A 107 5.25 -5.93 12.38
C ALA A 107 6.28 -5.80 11.25
N VAL A 108 6.84 -4.60 11.14
CA VAL A 108 7.84 -4.31 10.11
C VAL A 108 9.10 -5.10 10.39
N THR A 109 9.63 -5.72 9.33
CA THR A 109 10.83 -6.52 9.42
C THR A 109 12.04 -5.76 8.88
N GLY A 110 11.80 -4.80 7.99
CA GLY A 110 12.90 -4.04 7.42
C GLY A 110 12.49 -3.31 6.16
N VAL A 111 13.02 -2.11 6.01
CA VAL A 111 12.74 -1.28 4.84
C VAL A 111 13.96 -1.28 3.91
N SER A 112 13.73 -1.09 2.61
CA SER A 112 14.82 -1.12 1.66
C SER A 112 14.39 -0.58 0.29
N GLU A 113 15.35 -0.54 -0.64
CA GLU A 113 15.07 -0.06 -2.00
C GLU A 113 15.26 -1.21 -2.98
N VAL A 114 14.16 -1.61 -3.64
CA VAL A 114 14.18 -2.73 -4.58
C VAL A 114 13.83 -2.27 -5.98
N THR A 115 14.53 -2.81 -6.97
CA THR A 115 14.27 -2.44 -8.35
C THR A 115 12.79 -2.66 -8.66
N PRO A 116 12.26 -2.09 -9.73
CA PRO A 116 10.82 -2.25 -10.07
C PRO A 116 10.55 -3.58 -10.79
N ASP A 117 11.61 -4.16 -11.34
CA ASP A 117 11.48 -5.41 -12.06
C ASP A 117 11.47 -6.60 -11.10
N LYS A 118 11.95 -6.38 -9.89
CA LYS A 118 12.00 -7.42 -8.87
C LYS A 118 10.70 -7.44 -8.07
N TRP A 119 9.65 -7.97 -8.69
CA TRP A 119 8.34 -8.04 -8.04
C TRP A 119 8.29 -9.13 -6.99
N GLU A 120 9.35 -9.93 -6.91
CA GLU A 120 9.41 -11.00 -5.93
C GLU A 120 9.13 -10.46 -4.52
N VAL A 121 9.41 -9.19 -4.34
CA VAL A 121 9.22 -8.52 -3.04
C VAL A 121 7.75 -8.18 -2.78
N VAL A 122 6.90 -8.49 -3.74
CA VAL A 122 5.47 -8.18 -3.63
C VAL A 122 4.66 -9.44 -3.86
N GLU A 123 5.34 -10.46 -4.35
CA GLU A 123 4.71 -11.73 -4.65
C GLU A 123 4.64 -12.63 -3.42
N ASP A 124 3.67 -13.54 -3.46
CA ASP A 124 3.46 -14.50 -2.37
C ASP A 124 4.64 -15.47 -2.25
N HIS A 125 5.14 -15.65 -1.03
CA HIS A 125 6.26 -16.57 -0.80
C HIS A 125 5.79 -17.88 -0.15
N GLY A 126 4.84 -17.78 0.78
CA GLY A 126 4.30 -18.97 1.45
C GLY A 126 4.05 -18.68 2.93
N LYS A 127 3.75 -17.42 3.23
CA LYS A 127 3.47 -17.03 4.60
C LYS A 127 2.60 -15.77 4.66
N ASP A 128 2.21 -15.40 5.87
CA ASP A 128 1.40 -14.20 6.05
C ASP A 128 2.32 -12.99 6.27
N GLU A 129 2.68 -12.37 5.16
CA GLU A 129 3.57 -11.21 5.18
C GLU A 129 2.86 -9.99 4.59
N ILE A 130 3.46 -8.81 4.76
CA ILE A 130 2.88 -7.57 4.23
C ILE A 130 3.93 -6.79 3.45
N THR A 131 3.53 -6.17 2.33
CA THR A 131 4.47 -5.42 1.50
C THR A 131 3.84 -4.10 1.05
N LEU A 132 4.51 -2.99 1.36
CA LEU A 132 4.02 -1.66 0.95
C LEU A 132 4.97 -1.04 -0.08
N ILE A 133 4.40 -0.71 -1.24
CA ILE A 133 5.17 -0.14 -2.34
C ILE A 133 4.45 1.08 -2.92
N THR A 134 5.15 1.84 -3.77
CA THR A 134 4.57 3.03 -4.39
C THR A 134 4.97 3.13 -5.85
N CYS A 135 4.20 3.87 -6.63
CA CYS A 135 4.52 4.03 -8.05
C CYS A 135 4.86 2.68 -8.68
N VAL A 136 3.86 2.04 -9.28
CA VAL A 136 4.07 0.74 -9.90
C VAL A 136 5.10 0.84 -11.02
N SER A 137 4.94 1.83 -11.88
CA SER A 137 5.86 2.04 -12.99
C SER A 137 7.10 2.77 -12.51
N VAL A 138 8.15 2.77 -13.33
CA VAL A 138 9.42 3.44 -12.98
C VAL A 138 9.76 4.47 -14.04
N LYS A 139 10.08 5.69 -13.63
CA LYS A 139 10.40 6.74 -14.58
C LYS A 139 11.22 7.86 -13.94
N ASP A 140 10.55 8.76 -13.23
CA ASP A 140 11.23 9.88 -12.58
C ASP A 140 12.19 9.37 -11.51
N ASN A 141 11.77 8.37 -10.74
CA ASN A 141 12.58 7.81 -9.67
C ASN A 141 13.10 6.43 -10.09
N SER A 142 14.42 6.30 -10.18
CA SER A 142 15.05 5.04 -10.58
C SER A 142 14.71 3.94 -9.58
N LYS A 143 14.81 4.27 -8.29
CA LYS A 143 14.53 3.31 -7.23
C LYS A 143 13.45 3.87 -6.31
N ARG A 144 12.66 2.97 -5.72
CA ARG A 144 11.58 3.36 -4.82
C ARG A 144 11.80 2.82 -3.42
N TYR A 145 11.01 3.31 -2.46
CA TYR A 145 11.10 2.84 -1.07
C TYR A 145 10.04 1.76 -0.81
N VAL A 146 10.46 0.65 -0.21
CA VAL A 146 9.54 -0.45 0.07
C VAL A 146 9.68 -0.93 1.52
N VAL A 147 8.54 -1.11 2.18
CA VAL A 147 8.52 -1.57 3.58
C VAL A 147 7.94 -2.99 3.65
N ALA A 148 8.70 -3.91 4.23
CA ALA A 148 8.26 -5.30 4.36
C ALA A 148 8.07 -5.66 5.83
N GLY A 149 6.95 -6.31 6.13
CA GLY A 149 6.64 -6.68 7.50
C GLY A 149 6.06 -8.08 7.58
N ASP A 150 6.11 -8.66 8.78
CA ASP A 150 5.61 -10.02 9.02
C ASP A 150 4.40 -9.99 9.96
N LEU A 151 3.50 -10.98 9.81
CA LEU A 151 2.32 -11.08 10.65
C LEU A 151 2.69 -11.56 12.06
N VAL A 152 2.20 -10.83 13.06
CA VAL A 152 2.48 -11.17 14.46
C VAL A 152 1.25 -11.76 15.13
N GLY A 153 0.07 -11.45 14.62
CA GLY A 153 -1.15 -11.99 15.21
C GLY A 153 -2.40 -11.34 14.65
N THR A 154 -3.55 -11.98 14.86
CA THR A 154 -4.83 -11.46 14.37
C THR A 154 -5.89 -11.61 15.44
N LYS A 155 -6.89 -10.75 15.36
CA LYS A 155 -8.00 -10.77 16.31
C LYS A 155 -9.26 -10.29 15.60
N ALA A 156 -10.38 -10.27 16.33
CA ALA A 156 -11.64 -9.82 15.74
C ALA A 156 -11.85 -8.32 15.99
N LYS A 157 -12.48 -7.68 15.02
CA LYS A 157 -12.75 -6.25 15.09
C LYS A 157 -13.87 -5.97 16.08
N LYS A 158 -13.53 -5.96 17.35
CA LYS A 158 -14.53 -5.68 18.38
C LYS A 158 -15.69 -6.66 18.28
N GLY A 1 -1.83 -7.00 -22.06
CA GLY A 1 -2.52 -7.48 -23.29
C GLY A 1 -2.84 -6.31 -24.21
N SER A 2 -3.95 -5.64 -23.92
CA SER A 2 -4.38 -4.50 -24.74
C SER A 2 -5.02 -3.43 -23.86
N HIS A 3 -4.34 -2.29 -23.71
CA HIS A 3 -4.85 -1.21 -22.87
C HIS A 3 -4.44 0.15 -23.44
N MET A 4 -5.37 1.09 -23.42
CA MET A 4 -5.10 2.45 -23.94
C MET A 4 -4.05 3.15 -23.09
N ASP A 5 -4.16 2.99 -21.77
CA ASP A 5 -3.22 3.62 -20.83
C ASP A 5 -2.73 2.59 -19.81
N ALA A 6 -1.46 2.23 -19.91
CA ALA A 6 -0.87 1.25 -19.00
C ALA A 6 -0.69 1.81 -17.58
N SER A 7 0.10 2.87 -17.44
CA SER A 7 0.36 3.46 -16.13
C SER A 7 0.74 4.93 -16.25
N LYS A 8 -0.01 5.66 -17.08
CA LYS A 8 0.25 7.08 -17.30
C LYS A 8 -0.13 7.91 -16.07
N ILE A 9 -0.22 7.26 -14.93
CA ILE A 9 -0.59 7.94 -13.69
C ILE A 9 0.45 8.97 -13.32
N ASP A 10 1.71 8.57 -13.37
CA ASP A 10 2.80 9.47 -13.05
C ASP A 10 2.65 10.04 -11.64
N GLN A 11 2.15 11.27 -11.55
CA GLN A 11 1.95 11.93 -10.25
C GLN A 11 0.78 12.91 -10.33
N PRO A 12 -0.45 12.44 -10.28
CA PRO A 12 -1.65 13.33 -10.36
C PRO A 12 -1.46 14.59 -9.52
N ASP A 13 -1.85 15.72 -10.10
CA ASP A 13 -1.74 16.99 -9.41
C ASP A 13 -2.90 17.17 -8.45
N LEU A 14 -2.80 18.14 -7.56
CA LEU A 14 -3.85 18.40 -6.58
C LEU A 14 -5.20 18.53 -7.27
N ALA A 15 -5.17 18.98 -8.51
CA ALA A 15 -6.41 19.16 -9.27
C ALA A 15 -7.07 17.80 -9.52
N GLU A 16 -6.25 16.80 -9.81
CA GLU A 16 -6.75 15.46 -10.06
C GLU A 16 -7.20 14.79 -8.77
N VAL A 17 -6.53 15.15 -7.68
CA VAL A 17 -6.84 14.58 -6.37
C VAL A 17 -8.11 15.20 -5.79
N ALA A 18 -8.20 16.52 -5.87
CA ALA A 18 -9.36 17.23 -5.35
C ALA A 18 -10.63 16.87 -6.15
N ASN A 19 -10.50 16.89 -7.47
CA ASN A 19 -11.62 16.57 -8.36
C ASN A 19 -11.99 15.09 -8.27
N ALA A 20 -10.99 14.27 -7.97
CA ALA A 20 -11.22 12.84 -7.85
C ALA A 20 -12.20 12.53 -6.71
N SER A 21 -13.45 12.26 -7.08
CA SER A 21 -14.49 11.94 -6.09
C SER A 21 -14.66 10.43 -5.97
N LEU A 22 -14.27 9.90 -4.81
CA LEU A 22 -14.36 8.46 -4.54
C LEU A 22 -15.41 8.17 -3.47
N ASP A 23 -16.32 7.25 -3.79
CA ASP A 23 -17.37 6.87 -2.86
C ASP A 23 -16.79 6.05 -1.71
N LYS A 24 -17.26 6.31 -0.49
CA LYS A 24 -16.78 5.60 0.70
C LYS A 24 -17.16 4.12 0.60
N LYS A 25 -17.82 3.77 -0.51
CA LYS A 25 -18.27 2.40 -0.73
C LYS A 25 -17.21 1.61 -1.51
N GLN A 26 -16.19 2.32 -2.00
CA GLN A 26 -15.13 1.68 -2.77
C GLN A 26 -14.07 1.06 -1.86
N VAL A 27 -14.20 1.31 -0.57
CA VAL A 27 -13.26 0.80 0.42
C VAL A 27 -13.69 -0.59 0.85
N ILE A 28 -12.71 -1.49 0.99
CA ILE A 28 -12.99 -2.87 1.39
C ILE A 28 -12.36 -3.20 2.73
N GLY A 29 -11.63 -2.25 3.29
CA GLY A 29 -10.96 -2.45 4.56
C GLY A 29 -10.25 -1.19 4.98
N ARG A 30 -9.29 -1.31 5.90
CA ARG A 30 -8.55 -0.15 6.37
C ARG A 30 -7.16 -0.54 6.85
N ILE A 31 -6.26 0.44 6.82
CA ILE A 31 -4.89 0.23 7.28
C ILE A 31 -4.45 1.38 8.17
N SER A 32 -3.79 1.03 9.27
CA SER A 32 -3.32 2.04 10.22
C SER A 32 -1.84 1.82 10.52
N ILE A 33 -1.07 2.91 10.50
CA ILE A 33 0.37 2.82 10.72
C ILE A 33 0.82 3.89 11.73
N PRO A 34 0.54 3.70 12.99
CA PRO A 34 0.92 4.67 14.08
C PRO A 34 2.37 5.14 13.95
N SER A 35 3.26 4.25 13.57
CA SER A 35 4.67 4.56 13.46
C SER A 35 4.90 5.84 12.68
N VAL A 36 4.04 6.12 11.71
CA VAL A 36 4.18 7.31 10.89
C VAL A 36 2.97 8.24 11.07
N SER A 37 1.96 7.78 11.80
CA SER A 37 0.77 8.61 12.01
C SER A 37 -0.05 8.60 10.73
N LEU A 38 -0.12 7.44 10.10
CA LEU A 38 -0.84 7.29 8.84
C LEU A 38 -2.02 6.35 9.00
N GLU A 39 -3.17 6.79 8.55
CA GLU A 39 -4.40 6.00 8.65
C GLU A 39 -5.24 6.28 7.42
N LEU A 40 -5.70 5.23 6.75
CA LEU A 40 -6.49 5.45 5.54
C LEU A 40 -7.26 4.19 5.10
N PRO A 41 -8.37 4.37 4.43
CA PRO A 41 -9.16 3.22 3.89
C PRO A 41 -8.26 2.35 3.01
N VAL A 42 -8.69 1.12 2.74
CA VAL A 42 -7.93 0.22 1.87
C VAL A 42 -8.78 -0.13 0.65
N LEU A 43 -8.25 0.12 -0.55
CA LEU A 43 -8.99 -0.15 -1.78
C LEU A 43 -8.51 -1.46 -2.41
N LYS A 44 -9.44 -2.28 -2.87
CA LYS A 44 -9.08 -3.55 -3.49
C LYS A 44 -8.52 -3.35 -4.89
N SER A 45 -9.23 -2.56 -5.68
CA SER A 45 -8.82 -2.31 -7.07
C SER A 45 -7.75 -1.23 -7.14
N SER A 46 -6.61 -1.56 -7.74
CA SER A 46 -5.51 -0.62 -7.86
C SER A 46 -5.73 0.31 -9.03
N THR A 47 -6.78 1.11 -8.93
CA THR A 47 -7.11 2.08 -9.96
C THR A 47 -6.44 3.41 -9.64
N GLU A 48 -5.99 4.09 -10.68
CA GLU A 48 -5.32 5.37 -10.52
C GLU A 48 -6.20 6.34 -9.76
N LYS A 49 -7.46 6.38 -10.14
CA LYS A 49 -8.44 7.27 -9.52
C LYS A 49 -8.68 6.90 -8.06
N ASN A 50 -8.88 5.62 -7.81
CA ASN A 50 -9.14 5.15 -6.45
C ASN A 50 -7.92 5.32 -5.55
N LEU A 51 -6.74 5.10 -6.11
CA LEU A 51 -5.50 5.22 -5.35
C LEU A 51 -5.38 6.60 -4.68
N LEU A 52 -6.18 7.54 -5.14
CA LEU A 52 -6.14 8.89 -4.60
C LEU A 52 -6.70 8.97 -3.18
N SER A 53 -7.64 8.09 -2.86
CA SER A 53 -8.27 8.12 -1.53
C SER A 53 -7.55 7.25 -0.50
N GLY A 54 -6.60 6.43 -0.96
CA GLY A 54 -5.89 5.57 -0.02
C GLY A 54 -5.01 4.55 -0.75
N ALA A 55 -4.30 3.75 0.03
CA ALA A 55 -3.44 2.71 -0.51
C ALA A 55 -4.29 1.58 -1.07
N ALA A 56 -3.97 1.15 -2.27
CA ALA A 56 -4.73 0.08 -2.92
C ALA A 56 -3.94 -1.24 -2.90
N THR A 57 -4.66 -2.35 -2.87
CA THR A 57 -4.01 -3.66 -2.87
C THR A 57 -3.48 -3.95 -4.27
N VAL A 58 -2.44 -4.77 -4.37
CA VAL A 58 -1.83 -5.08 -5.67
C VAL A 58 -2.58 -6.17 -6.42
N LYS A 59 -2.82 -7.32 -5.79
CA LYS A 59 -3.52 -8.41 -6.47
C LYS A 59 -5.03 -8.33 -6.23
N GLU A 60 -5.80 -8.64 -7.26
CA GLU A 60 -7.26 -8.59 -7.21
C GLU A 60 -7.83 -9.72 -6.34
N ASN A 61 -6.96 -10.57 -5.84
CA ASN A 61 -7.40 -11.72 -5.03
C ASN A 61 -6.47 -11.96 -3.86
N GLN A 62 -6.04 -10.88 -3.22
CA GLN A 62 -5.14 -10.98 -2.08
C GLN A 62 -5.94 -11.21 -0.81
N VAL A 63 -5.29 -11.76 0.21
CA VAL A 63 -5.96 -12.04 1.48
C VAL A 63 -5.10 -11.58 2.65
N MET A 64 -5.69 -10.82 3.57
CA MET A 64 -4.96 -10.35 4.74
C MET A 64 -4.73 -11.48 5.73
N GLY A 65 -3.48 -11.67 6.13
CA GLY A 65 -3.13 -12.72 7.08
C GLY A 65 -2.73 -13.99 6.35
N LYS A 66 -2.75 -13.96 5.03
CA LYS A 66 -2.40 -15.13 4.24
C LYS A 66 -1.58 -14.74 3.02
N GLY A 67 -0.38 -15.29 2.92
CA GLY A 67 0.50 -14.98 1.80
C GLY A 67 1.09 -13.59 1.97
N ASN A 68 1.78 -13.11 0.94
CA ASN A 68 2.37 -11.79 1.00
C ASN A 68 1.33 -10.74 0.62
N TYR A 69 0.91 -9.94 1.60
CA TYR A 69 -0.09 -8.91 1.37
C TYR A 69 0.59 -7.65 0.84
N ALA A 70 0.54 -7.47 -0.46
CA ALA A 70 1.16 -6.31 -1.10
C ALA A 70 0.19 -5.14 -1.20
N LEU A 71 0.65 -3.97 -0.76
CA LEU A 71 -0.14 -2.74 -0.81
C LEU A 71 0.66 -1.66 -1.53
N ALA A 72 -0.01 -0.96 -2.45
CA ALA A 72 0.64 0.11 -3.22
C ALA A 72 0.04 1.46 -2.88
N GLY A 73 0.90 2.47 -2.82
CA GLY A 73 0.45 3.81 -2.49
C GLY A 73 1.20 4.87 -3.31
N HIS A 74 0.88 6.13 -3.06
CA HIS A 74 1.51 7.24 -3.77
C HIS A 74 2.87 7.59 -3.13
N ASN A 75 3.80 8.07 -3.96
CA ASN A 75 5.14 8.43 -3.49
C ASN A 75 5.34 9.95 -3.58
N MET A 76 4.25 10.68 -3.46
CA MET A 76 4.30 12.13 -3.55
C MET A 76 5.42 12.72 -2.69
N SER A 77 6.00 11.89 -1.84
CA SER A 77 7.10 12.36 -0.99
C SER A 77 6.65 13.60 -0.21
N LYS A 78 5.43 13.55 0.28
CA LYS A 78 4.86 14.67 1.03
C LYS A 78 4.17 14.14 2.27
N LYS A 79 4.68 14.53 3.42
CA LYS A 79 4.11 14.08 4.67
C LYS A 79 2.64 14.46 4.75
N GLY A 80 1.82 13.46 4.99
CA GLY A 80 0.37 13.64 5.07
C GLY A 80 -0.33 12.94 3.91
N VAL A 81 0.37 12.77 2.78
CA VAL A 81 -0.23 12.11 1.61
C VAL A 81 -0.20 10.59 1.83
N LEU A 82 -0.72 9.84 0.87
CA LEU A 82 -0.77 8.40 1.01
C LEU A 82 0.64 7.79 0.87
N PHE A 83 0.98 6.90 1.78
CA PHE A 83 2.27 6.21 1.73
C PHE A 83 3.40 7.22 1.44
N SER A 84 3.25 8.41 1.93
CA SER A 84 4.25 9.46 1.69
C SER A 84 5.43 9.35 2.66
N ASP A 85 5.33 8.48 3.66
CA ASP A 85 6.40 8.34 4.68
C ASP A 85 6.54 6.91 5.19
N ILE A 86 6.38 5.94 4.32
CA ILE A 86 6.50 4.53 4.72
C ILE A 86 7.96 4.14 4.96
N ALA A 87 8.88 4.84 4.32
CA ALA A 87 10.30 4.52 4.49
C ALA A 87 10.78 4.94 5.87
N SER A 88 9.88 5.50 6.68
CA SER A 88 10.23 5.94 8.02
C SER A 88 9.93 4.83 9.01
N LEU A 89 9.21 3.82 8.55
CA LEU A 89 8.86 2.69 9.39
C LEU A 89 10.11 1.92 9.79
N LYS A 90 10.27 1.76 11.09
CA LYS A 90 11.43 1.05 11.64
C LYS A 90 11.08 -0.40 11.93
N LYS A 91 12.11 -1.24 12.00
CA LYS A 91 11.91 -2.65 12.27
C LYS A 91 11.28 -2.88 13.64
N GLY A 92 10.27 -3.74 13.66
CA GLY A 92 9.55 -4.05 14.89
C GLY A 92 8.47 -3.03 15.14
N ASP A 93 8.09 -2.32 14.09
CA ASP A 93 7.04 -1.30 14.21
C ASP A 93 5.68 -1.98 14.10
N LYS A 94 4.73 -1.60 14.94
CA LYS A 94 3.40 -2.23 14.91
C LYS A 94 2.53 -1.65 13.81
N ILE A 95 1.93 -2.53 13.01
CA ILE A 95 1.05 -2.13 11.92
C ILE A 95 -0.28 -2.88 12.06
N TYR A 96 -1.38 -2.13 12.08
CA TYR A 96 -2.70 -2.73 12.21
C TYR A 96 -3.44 -2.65 10.88
N LEU A 97 -3.81 -3.82 10.35
CA LEU A 97 -4.52 -3.88 9.07
C LEU A 97 -5.93 -4.40 9.27
N TYR A 98 -6.88 -3.87 8.50
CA TYR A 98 -8.29 -4.28 8.62
C TYR A 98 -8.77 -4.99 7.37
N ASP A 99 -9.34 -6.17 7.57
CA ASP A 99 -9.91 -6.98 6.50
C ASP A 99 -11.42 -6.88 6.60
N ASN A 100 -12.14 -7.75 5.90
CA ASN A 100 -13.61 -7.75 5.93
C ASN A 100 -14.15 -7.21 7.26
N GLU A 101 -13.98 -8.00 8.30
CA GLU A 101 -14.42 -7.62 9.65
C GLU A 101 -13.33 -8.02 10.62
N ASN A 102 -12.10 -8.17 10.13
CA ASN A 102 -10.99 -8.62 10.96
C ASN A 102 -9.85 -7.60 11.04
N GLU A 103 -9.18 -7.57 12.18
CA GLU A 103 -8.05 -6.68 12.40
C GLU A 103 -6.79 -7.53 12.54
N TYR A 104 -5.85 -7.32 11.63
CA TYR A 104 -4.60 -8.09 11.62
C TYR A 104 -3.44 -7.27 12.16
N GLU A 105 -2.70 -7.86 13.08
CA GLU A 105 -1.54 -7.19 13.66
C GLU A 105 -0.29 -7.57 12.88
N TYR A 106 0.33 -6.57 12.28
CA TYR A 106 1.53 -6.78 11.47
C TYR A 106 2.72 -6.04 12.09
N ALA A 107 3.89 -6.68 12.08
CA ALA A 107 5.11 -6.04 12.63
C ALA A 107 6.17 -5.92 11.54
N VAL A 108 6.76 -4.74 11.45
CA VAL A 108 7.80 -4.46 10.46
C VAL A 108 9.03 -5.26 10.76
N THR A 109 9.57 -5.89 9.71
CA THR A 109 10.76 -6.72 9.83
C THR A 109 11.99 -5.97 9.33
N GLY A 110 11.79 -5.02 8.44
CA GLY A 110 12.90 -4.26 7.91
C GLY A 110 12.55 -3.54 6.61
N VAL A 111 13.12 -2.35 6.45
CA VAL A 111 12.91 -1.54 5.27
C VAL A 111 14.04 -1.78 4.29
N SER A 112 13.72 -1.82 2.99
CA SER A 112 14.73 -2.08 1.98
C SER A 112 14.39 -1.40 0.65
N GLU A 113 15.40 -1.26 -0.20
CA GLU A 113 15.23 -0.62 -1.51
C GLU A 113 15.48 -1.64 -2.62
N VAL A 114 14.48 -1.81 -3.49
CA VAL A 114 14.58 -2.77 -4.58
C VAL A 114 14.15 -2.15 -5.90
N THR A 115 14.74 -2.64 -7.00
CA THR A 115 14.38 -2.13 -8.31
C THR A 115 12.87 -2.23 -8.50
N PRO A 116 12.31 -1.60 -9.51
CA PRO A 116 10.84 -1.64 -9.74
C PRO A 116 10.42 -2.93 -10.48
N ASP A 117 11.40 -3.61 -11.07
CA ASP A 117 11.12 -4.84 -11.82
C ASP A 117 11.17 -6.06 -10.89
N LYS A 118 11.65 -5.87 -9.67
CA LYS A 118 11.76 -6.95 -8.69
C LYS A 118 10.47 -7.11 -7.90
N TRP A 119 9.41 -7.54 -8.57
CA TRP A 119 8.12 -7.71 -7.93
C TRP A 119 8.07 -8.99 -7.07
N GLU A 120 9.11 -9.80 -7.18
CA GLU A 120 9.18 -11.03 -6.41
C GLU A 120 8.97 -10.76 -4.92
N VAL A 121 9.24 -9.53 -4.51
CA VAL A 121 9.12 -9.10 -3.12
C VAL A 121 7.66 -8.85 -2.73
N VAL A 122 6.80 -8.79 -3.72
CA VAL A 122 5.37 -8.53 -3.52
C VAL A 122 4.56 -9.52 -4.32
N GLU A 123 4.97 -10.77 -4.26
CA GLU A 123 4.28 -11.80 -5.05
C GLU A 123 4.26 -13.14 -4.32
N ASP A 124 3.29 -13.29 -3.42
CA ASP A 124 3.09 -14.53 -2.67
C ASP A 124 4.36 -15.38 -2.55
N HIS A 125 4.92 -15.44 -1.35
CA HIS A 125 6.14 -16.23 -1.12
C HIS A 125 5.82 -17.56 -0.45
N GLY A 126 4.95 -17.52 0.57
CA GLY A 126 4.57 -18.74 1.27
C GLY A 126 4.37 -18.47 2.77
N LYS A 127 4.09 -17.22 3.09
CA LYS A 127 3.87 -16.84 4.47
C LYS A 127 2.97 -15.61 4.57
N ASP A 128 2.60 -15.25 5.80
CA ASP A 128 1.76 -14.08 6.04
C ASP A 128 2.63 -12.88 6.40
N GLU A 129 3.05 -12.16 5.38
CA GLU A 129 3.91 -10.98 5.56
C GLU A 129 3.35 -9.80 4.75
N ILE A 130 3.21 -8.64 5.38
CA ILE A 130 2.68 -7.46 4.69
C ILE A 130 3.82 -6.78 3.92
N THR A 131 3.51 -6.21 2.76
CA THR A 131 4.54 -5.55 1.96
C THR A 131 4.04 -4.24 1.37
N LEU A 132 4.64 -3.13 1.77
CA LEU A 132 4.24 -1.81 1.26
C LEU A 132 5.27 -1.29 0.25
N ILE A 133 4.76 -0.79 -0.87
CA ILE A 133 5.61 -0.28 -1.95
C ILE A 133 5.08 1.06 -2.48
N THR A 134 5.99 1.86 -3.05
CA THR A 134 5.64 3.17 -3.58
C THR A 134 6.37 3.41 -4.91
N CYS A 135 5.65 3.25 -6.02
CA CYS A 135 6.27 3.46 -7.32
C CYS A 135 5.23 3.36 -8.44
N VAL A 136 4.75 2.14 -8.71
CA VAL A 136 3.76 1.95 -9.76
C VAL A 136 4.31 2.48 -11.08
N SER A 137 3.81 1.98 -12.20
CA SER A 137 4.30 2.46 -13.49
C SER A 137 5.79 2.13 -13.63
N VAL A 138 6.16 1.51 -14.75
CA VAL A 138 7.56 1.15 -15.00
C VAL A 138 8.32 2.30 -15.64
N LYS A 139 7.58 3.30 -16.12
CA LYS A 139 8.19 4.45 -16.78
C LYS A 139 9.07 5.23 -15.81
N ASP A 140 8.60 5.40 -14.59
CA ASP A 140 9.34 6.14 -13.57
C ASP A 140 10.28 5.20 -12.82
N ASN A 141 11.56 5.22 -13.18
CA ASN A 141 12.55 4.37 -12.53
C ASN A 141 12.75 4.81 -11.09
N SER A 142 13.88 5.41 -10.79
CA SER A 142 14.14 5.89 -9.43
C SER A 142 14.11 4.73 -8.45
N LYS A 143 14.90 4.84 -7.39
CA LYS A 143 14.95 3.79 -6.37
C LYS A 143 13.61 3.72 -5.64
N ARG A 144 13.07 2.51 -5.53
CA ARG A 144 11.79 2.29 -4.85
C ARG A 144 12.00 1.84 -3.41
N TYR A 145 11.20 2.40 -2.50
CA TYR A 145 11.27 2.04 -1.08
C TYR A 145 10.21 0.99 -0.77
N VAL A 146 10.63 -0.10 -0.13
CA VAL A 146 9.70 -1.18 0.21
C VAL A 146 9.85 -1.59 1.68
N VAL A 147 8.72 -1.72 2.36
CA VAL A 147 8.69 -2.12 3.77
C VAL A 147 8.03 -3.48 3.93
N ALA A 148 8.73 -4.41 4.60
CA ALA A 148 8.21 -5.76 4.81
C ALA A 148 7.91 -6.00 6.29
N GLY A 149 6.73 -6.54 6.57
CA GLY A 149 6.33 -6.81 7.96
C GLY A 149 5.71 -8.19 8.10
N ASP A 150 6.01 -8.83 9.23
CA ASP A 150 5.52 -10.17 9.52
C ASP A 150 4.30 -10.13 10.44
N LEU A 151 3.35 -11.03 10.19
CA LEU A 151 2.14 -11.10 11.00
C LEU A 151 2.47 -11.55 12.41
N VAL A 152 1.99 -10.79 13.39
CA VAL A 152 2.25 -11.09 14.80
C VAL A 152 0.98 -11.59 15.50
N GLY A 153 -0.18 -11.26 14.93
CA GLY A 153 -1.44 -11.67 15.55
C GLY A 153 -2.65 -11.19 14.76
N THR A 154 -3.83 -11.61 15.20
CA THR A 154 -5.08 -11.20 14.56
C THR A 154 -6.23 -11.25 15.55
N LYS A 155 -7.23 -10.43 15.30
CA LYS A 155 -8.43 -10.38 16.13
C LYS A 155 -9.62 -9.98 15.28
N ALA A 156 -10.80 -9.91 15.89
CA ALA A 156 -12.02 -9.54 15.16
C ALA A 156 -12.37 -8.07 15.40
N LYS A 157 -12.85 -7.43 14.35
CA LYS A 157 -13.23 -6.03 14.41
C LYS A 157 -14.28 -5.82 15.49
N LYS A 158 -13.84 -5.74 16.73
CA LYS A 158 -14.76 -5.52 17.82
C LYS A 158 -15.87 -6.57 17.83
N GLY A 1 -9.02 -1.26 -30.25
CA GLY A 1 -8.85 0.04 -29.54
C GLY A 1 -7.37 0.32 -29.31
N SER A 2 -7.05 1.01 -28.21
CA SER A 2 -5.67 1.35 -27.88
C SER A 2 -5.36 0.95 -26.44
N HIS A 3 -4.31 0.15 -26.28
CA HIS A 3 -3.90 -0.31 -24.95
C HIS A 3 -3.45 0.87 -24.09
N MET A 4 -2.66 1.76 -24.68
CA MET A 4 -2.20 2.93 -23.94
C MET A 4 -1.51 2.49 -22.65
N ASP A 5 -0.96 3.45 -21.93
CA ASP A 5 -0.28 3.16 -20.68
C ASP A 5 -1.28 2.58 -19.67
N ALA A 6 -0.83 1.59 -18.92
CA ALA A 6 -1.69 0.94 -17.93
C ALA A 6 -2.02 1.85 -16.76
N SER A 7 -1.03 2.62 -16.32
CA SER A 7 -1.22 3.52 -15.18
C SER A 7 -0.27 4.72 -15.27
N LYS A 8 -0.55 5.62 -16.20
CA LYS A 8 0.28 6.82 -16.39
C LYS A 8 0.10 7.80 -15.24
N ILE A 9 0.03 7.28 -14.02
CA ILE A 9 -0.17 8.15 -12.86
C ILE A 9 0.99 9.12 -12.70
N ASP A 10 2.19 8.60 -12.81
CA ASP A 10 3.38 9.43 -12.69
C ASP A 10 3.32 10.30 -11.44
N GLN A 11 2.90 11.55 -11.60
CA GLN A 11 2.81 12.49 -10.49
C GLN A 11 1.70 13.51 -10.71
N PRO A 12 0.48 13.19 -10.36
CA PRO A 12 -0.69 14.11 -10.54
C PRO A 12 -0.66 15.23 -9.52
N ASP A 13 -1.22 16.38 -9.88
CA ASP A 13 -1.26 17.51 -8.97
C ASP A 13 -2.08 17.17 -7.74
N LEU A 14 -1.94 17.94 -6.67
CA LEU A 14 -2.68 17.66 -5.44
C LEU A 14 -4.14 18.10 -5.56
N ALA A 15 -4.42 18.90 -6.58
CA ALA A 15 -5.78 19.40 -6.79
C ALA A 15 -6.74 18.27 -7.14
N GLU A 16 -6.35 17.44 -8.09
CA GLU A 16 -7.18 16.32 -8.53
C GLU A 16 -7.20 15.21 -7.48
N VAL A 17 -6.17 15.20 -6.64
CA VAL A 17 -6.04 14.18 -5.60
C VAL A 17 -6.96 14.48 -4.42
N ALA A 18 -6.85 15.69 -3.91
CA ALA A 18 -7.68 16.11 -2.78
C ALA A 18 -9.15 16.20 -3.20
N ASN A 19 -9.36 16.66 -4.44
CA ASN A 19 -10.71 16.80 -4.97
C ASN A 19 -11.30 15.45 -5.37
N ALA A 20 -10.45 14.42 -5.40
CA ALA A 20 -10.89 13.09 -5.78
C ALA A 20 -12.01 12.62 -4.85
N SER A 21 -12.96 11.85 -5.40
CA SER A 21 -14.09 11.35 -4.62
C SER A 21 -14.43 9.90 -5.00
N LEU A 22 -13.65 8.97 -4.44
CA LEU A 22 -13.86 7.54 -4.69
C LEU A 22 -15.00 7.01 -3.83
N ASP A 23 -15.74 6.04 -4.36
CA ASP A 23 -16.84 5.44 -3.64
C ASP A 23 -16.32 4.66 -2.43
N LYS A 24 -16.95 4.86 -1.29
CA LYS A 24 -16.53 4.19 -0.06
C LYS A 24 -17.08 2.76 -0.03
N LYS A 25 -17.90 2.45 -1.02
CA LYS A 25 -18.51 1.13 -1.12
C LYS A 25 -17.54 0.12 -1.73
N GLN A 26 -16.44 0.63 -2.27
CA GLN A 26 -15.44 -0.21 -2.91
C GLN A 26 -14.33 -0.60 -1.93
N VAL A 27 -14.51 -0.22 -0.68
CA VAL A 27 -13.53 -0.51 0.37
C VAL A 27 -13.71 -1.95 0.85
N ILE A 28 -12.60 -2.65 1.02
CA ILE A 28 -12.64 -4.05 1.46
C ILE A 28 -11.92 -4.25 2.78
N GLY A 29 -11.21 -3.23 3.22
CA GLY A 29 -10.48 -3.31 4.47
C GLY A 29 -9.84 -1.97 4.77
N ARG A 30 -8.97 -1.92 5.78
CA ARG A 30 -8.32 -0.66 6.14
C ARG A 30 -6.91 -0.89 6.66
N ILE A 31 -6.06 0.13 6.48
CA ILE A 31 -4.68 0.06 6.93
C ILE A 31 -4.42 1.24 7.85
N SER A 32 -4.03 0.93 9.08
CA SER A 32 -3.76 1.96 10.08
C SER A 32 -2.36 1.78 10.63
N ILE A 33 -1.61 2.87 10.67
CA ILE A 33 -0.22 2.83 11.15
C ILE A 33 0.09 4.00 12.10
N PRO A 34 0.61 3.75 13.31
CA PRO A 34 0.93 4.85 14.28
C PRO A 34 2.29 5.50 14.01
N SER A 35 3.24 4.69 13.56
CA SER A 35 4.58 5.14 13.31
C SER A 35 4.61 6.38 12.42
N VAL A 36 3.74 6.42 11.41
CA VAL A 36 3.68 7.54 10.49
C VAL A 36 2.34 8.27 10.60
N SER A 37 1.44 7.73 11.42
CA SER A 37 0.11 8.34 11.58
C SER A 37 -0.64 8.25 10.25
N LEU A 38 -0.66 7.04 9.70
CA LEU A 38 -1.32 6.81 8.42
C LEU A 38 -2.57 5.95 8.58
N GLU A 39 -3.65 6.43 8.00
CA GLU A 39 -4.93 5.75 8.02
C GLU A 39 -5.52 5.84 6.63
N LEU A 40 -5.64 4.70 5.96
CA LEU A 40 -6.15 4.72 4.59
C LEU A 40 -7.00 3.49 4.22
N PRO A 41 -8.31 3.60 4.09
CA PRO A 41 -9.15 2.47 3.66
C PRO A 41 -8.49 1.67 2.53
N VAL A 42 -8.51 0.36 2.63
CA VAL A 42 -7.91 -0.48 1.60
C VAL A 42 -8.89 -0.62 0.43
N LEU A 43 -8.43 -0.28 -0.77
CA LEU A 43 -9.28 -0.35 -1.96
C LEU A 43 -8.83 -1.50 -2.85
N LYS A 44 -9.74 -2.44 -3.10
CA LYS A 44 -9.43 -3.59 -3.94
C LYS A 44 -9.20 -3.15 -5.38
N SER A 45 -10.10 -2.32 -5.89
CA SER A 45 -10.00 -1.84 -7.26
C SER A 45 -8.82 -0.87 -7.42
N SER A 46 -7.69 -1.39 -7.88
CA SER A 46 -6.50 -0.57 -8.07
C SER A 46 -6.56 0.13 -9.41
N THR A 47 -6.79 1.43 -9.36
CA THR A 47 -6.88 2.24 -10.57
C THR A 47 -6.14 3.54 -10.37
N GLU A 48 -5.90 4.23 -11.46
CA GLU A 48 -5.20 5.49 -11.40
C GLU A 48 -5.98 6.49 -10.57
N LYS A 49 -7.30 6.43 -10.67
CA LYS A 49 -8.16 7.36 -9.94
C LYS A 49 -8.38 6.90 -8.50
N ASN A 50 -8.51 5.60 -8.32
CA ASN A 50 -8.75 5.05 -7.00
C ASN A 50 -7.56 5.26 -6.07
N LEU A 51 -6.37 5.43 -6.65
CA LEU A 51 -5.18 5.61 -5.84
C LEU A 51 -5.15 6.98 -5.16
N LEU A 52 -6.02 7.86 -5.61
CA LEU A 52 -6.07 9.21 -5.08
C LEU A 52 -6.75 9.27 -3.71
N SER A 53 -7.46 8.21 -3.31
CA SER A 53 -8.18 8.22 -2.02
C SER A 53 -7.51 7.37 -0.94
N GLY A 54 -6.60 6.49 -1.32
CA GLY A 54 -5.97 5.63 -0.33
C GLY A 54 -5.08 4.59 -0.98
N ALA A 55 -4.53 3.71 -0.14
CA ALA A 55 -3.67 2.65 -0.62
C ALA A 55 -4.50 1.59 -1.32
N ALA A 56 -4.10 1.22 -2.53
CA ALA A 56 -4.83 0.20 -3.30
C ALA A 56 -4.08 -1.13 -3.29
N THR A 57 -4.85 -2.23 -3.27
CA THR A 57 -4.26 -3.56 -3.28
C THR A 57 -3.74 -3.85 -4.68
N VAL A 58 -2.66 -4.62 -4.78
CA VAL A 58 -2.06 -4.91 -6.08
C VAL A 58 -2.74 -6.06 -6.82
N LYS A 59 -2.99 -7.16 -6.12
CA LYS A 59 -3.63 -8.32 -6.76
C LYS A 59 -5.15 -8.25 -6.63
N GLU A 60 -5.84 -8.71 -7.67
CA GLU A 60 -7.30 -8.69 -7.71
C GLU A 60 -7.91 -9.73 -6.78
N ASN A 61 -7.07 -10.55 -6.17
CA ASN A 61 -7.55 -11.62 -5.30
C ASN A 61 -6.62 -11.79 -4.09
N GLN A 62 -6.18 -10.66 -3.54
CA GLN A 62 -5.30 -10.68 -2.38
C GLN A 62 -6.13 -10.81 -1.11
N VAL A 63 -5.52 -11.35 -0.05
CA VAL A 63 -6.20 -11.53 1.23
C VAL A 63 -5.34 -11.04 2.38
N MET A 64 -5.90 -10.19 3.22
CA MET A 64 -5.18 -9.68 4.38
C MET A 64 -5.10 -10.77 5.44
N GLY A 65 -3.88 -11.08 5.90
CA GLY A 65 -3.70 -12.10 6.93
C GLY A 65 -3.30 -13.42 6.29
N LYS A 66 -3.31 -13.46 4.97
CA LYS A 66 -2.96 -14.69 4.26
C LYS A 66 -2.06 -14.37 3.07
N GLY A 67 -0.85 -14.92 3.08
CA GLY A 67 0.09 -14.68 1.99
C GLY A 67 0.69 -13.29 2.14
N ASN A 68 1.45 -12.87 1.14
CA ASN A 68 2.06 -11.56 1.17
C ASN A 68 1.05 -10.52 0.69
N TYR A 69 0.59 -9.67 1.61
CA TYR A 69 -0.38 -8.64 1.26
C TYR A 69 0.31 -7.41 0.70
N ALA A 70 0.25 -7.27 -0.62
CA ALA A 70 0.90 -6.15 -1.28
C ALA A 70 -0.03 -4.96 -1.41
N LEU A 71 0.40 -3.84 -0.84
CA LEU A 71 -0.37 -2.58 -0.89
C LEU A 71 0.43 -1.52 -1.63
N ALA A 72 -0.23 -0.85 -2.57
CA ALA A 72 0.41 0.19 -3.36
C ALA A 72 -0.14 1.56 -3.02
N GLY A 73 0.76 2.54 -2.97
CA GLY A 73 0.37 3.91 -2.64
C GLY A 73 1.21 4.93 -3.41
N HIS A 74 0.96 6.21 -3.15
CA HIS A 74 1.68 7.30 -3.82
C HIS A 74 3.01 7.57 -3.12
N ASN A 75 4.08 7.64 -3.92
CA ASN A 75 5.42 7.91 -3.39
C ASN A 75 5.77 9.37 -3.63
N MET A 76 4.74 10.21 -3.70
CA MET A 76 4.94 11.62 -3.97
C MET A 76 6.05 12.21 -3.11
N SER A 77 6.46 11.48 -2.08
CA SER A 77 7.52 11.97 -1.21
C SER A 77 7.11 13.29 -0.58
N LYS A 78 5.85 13.34 -0.16
CA LYS A 78 5.29 14.55 0.47
C LYS A 78 4.53 14.18 1.71
N LYS A 79 5.10 14.48 2.87
CA LYS A 79 4.45 14.17 4.12
C LYS A 79 3.02 14.67 4.10
N GLY A 80 2.10 13.77 4.37
CA GLY A 80 0.67 14.08 4.36
C GLY A 80 -0.03 13.35 3.22
N VAL A 81 0.69 13.01 2.14
CA VAL A 81 0.08 12.28 1.02
C VAL A 81 0.06 10.79 1.34
N LEU A 82 -0.50 9.99 0.45
CA LEU A 82 -0.60 8.57 0.69
C LEU A 82 0.79 7.91 0.59
N PHE A 83 1.08 6.99 1.49
CA PHE A 83 2.37 6.28 1.45
C PHE A 83 3.53 7.25 1.23
N SER A 84 3.38 8.46 1.73
CA SER A 84 4.41 9.47 1.54
C SER A 84 5.56 9.31 2.54
N ASP A 85 5.37 8.47 3.56
CA ASP A 85 6.39 8.29 4.61
C ASP A 85 6.54 6.81 5.01
N ILE A 86 6.41 5.92 4.04
CA ILE A 86 6.52 4.49 4.33
C ILE A 86 7.95 4.11 4.72
N ALA A 87 8.92 4.67 4.02
CA ALA A 87 10.33 4.38 4.30
C ALA A 87 10.73 4.91 5.67
N SER A 88 9.78 5.50 6.39
CA SER A 88 10.05 6.03 7.71
C SER A 88 9.82 4.94 8.73
N LEU A 89 9.04 3.95 8.36
CA LEU A 89 8.73 2.84 9.24
C LEU A 89 9.97 2.03 9.55
N LYS A 90 10.28 1.94 10.84
CA LYS A 90 11.43 1.18 11.29
C LYS A 90 11.01 -0.22 11.75
N LYS A 91 11.98 -1.13 11.74
CA LYS A 91 11.72 -2.50 12.14
C LYS A 91 11.16 -2.58 13.55
N GLY A 92 10.01 -3.25 13.66
CA GLY A 92 9.35 -3.43 14.95
C GLY A 92 8.23 -2.41 15.11
N ASP A 93 7.79 -1.84 13.99
CA ASP A 93 6.70 -0.87 14.02
C ASP A 93 5.37 -1.60 13.87
N LYS A 94 4.41 -1.25 14.72
CA LYS A 94 3.10 -1.91 14.68
C LYS A 94 2.23 -1.36 13.55
N ILE A 95 1.60 -2.30 12.83
CA ILE A 95 0.70 -1.96 11.73
C ILE A 95 -0.64 -2.67 11.93
N TYR A 96 -1.72 -1.89 11.95
CA TYR A 96 -3.05 -2.45 12.16
C TYR A 96 -3.82 -2.48 10.84
N LEU A 97 -4.25 -3.68 10.46
CA LEU A 97 -5.00 -3.87 9.21
C LEU A 97 -6.41 -4.39 9.51
N TYR A 98 -7.35 -4.08 8.61
CA TYR A 98 -8.74 -4.52 8.80
C TYR A 98 -9.20 -5.38 7.65
N ASP A 99 -9.79 -6.51 8.01
CA ASP A 99 -10.34 -7.46 7.03
C ASP A 99 -11.85 -7.46 7.22
N ASN A 100 -12.54 -8.43 6.63
CA ASN A 100 -14.00 -8.54 6.75
C ASN A 100 -14.52 -7.85 8.02
N GLU A 101 -14.29 -8.51 9.15
CA GLU A 101 -14.70 -7.98 10.46
C GLU A 101 -13.59 -8.24 11.44
N ASN A 102 -12.36 -8.29 10.94
CA ASN A 102 -11.20 -8.62 11.79
C ASN A 102 -10.11 -7.58 11.73
N GLU A 103 -9.36 -7.46 12.83
CA GLU A 103 -8.25 -6.50 12.92
C GLU A 103 -6.93 -7.29 12.98
N TYR A 104 -6.04 -7.01 12.04
CA TYR A 104 -4.75 -7.70 11.96
C TYR A 104 -3.61 -6.81 12.42
N GLU A 105 -2.82 -7.32 13.35
CA GLU A 105 -1.66 -6.60 13.84
C GLU A 105 -0.41 -7.09 13.11
N TYR A 106 0.24 -6.18 12.39
CA TYR A 106 1.45 -6.51 11.62
C TYR A 106 2.65 -5.75 12.17
N ALA A 107 3.83 -6.39 12.14
CA ALA A 107 5.05 -5.74 12.62
C ALA A 107 6.07 -5.60 11.49
N VAL A 108 6.57 -4.40 11.33
CA VAL A 108 7.54 -4.08 10.29
C VAL A 108 8.86 -4.76 10.59
N THR A 109 9.44 -5.37 9.55
CA THR A 109 10.70 -6.09 9.69
C THR A 109 11.85 -5.22 9.19
N GLY A 110 11.54 -4.25 8.35
CA GLY A 110 12.58 -3.38 7.83
C GLY A 110 12.21 -2.81 6.46
N VAL A 111 13.13 -2.03 5.94
CA VAL A 111 12.97 -1.39 4.63
C VAL A 111 14.14 -1.76 3.73
N SER A 112 13.84 -1.94 2.44
CA SER A 112 14.86 -2.33 1.47
C SER A 112 14.74 -1.53 0.18
N GLU A 113 15.87 -1.29 -0.47
CA GLU A 113 15.90 -0.55 -1.73
C GLU A 113 16.15 -1.52 -2.88
N VAL A 114 15.15 -1.68 -3.74
CA VAL A 114 15.25 -2.61 -4.86
C VAL A 114 14.82 -1.95 -6.15
N THR A 115 15.25 -2.52 -7.28
CA THR A 115 14.88 -1.97 -8.56
C THR A 115 13.39 -2.25 -8.83
N PRO A 116 12.66 -1.34 -9.43
CA PRO A 116 11.20 -1.55 -9.70
C PRO A 116 10.92 -2.92 -10.33
N ASP A 117 11.98 -3.56 -10.84
CA ASP A 117 11.83 -4.86 -11.49
C ASP A 117 11.82 -5.98 -10.46
N LYS A 118 12.18 -5.67 -9.22
CA LYS A 118 12.22 -6.65 -8.15
C LYS A 118 10.83 -6.84 -7.55
N TRP A 119 9.90 -7.30 -8.36
CA TRP A 119 8.53 -7.49 -7.89
C TRP A 119 8.43 -8.70 -6.97
N GLU A 120 9.39 -9.62 -7.07
CA GLU A 120 9.40 -10.82 -6.25
C GLU A 120 9.22 -10.46 -4.77
N VAL A 121 9.30 -9.17 -4.48
CA VAL A 121 9.17 -8.65 -3.12
C VAL A 121 7.73 -8.62 -2.61
N VAL A 122 6.79 -8.45 -3.55
CA VAL A 122 5.36 -8.37 -3.22
C VAL A 122 4.66 -9.65 -3.67
N GLU A 123 5.46 -10.53 -4.24
CA GLU A 123 4.93 -11.80 -4.75
C GLU A 123 4.80 -12.84 -3.64
N ASP A 124 3.55 -13.24 -3.42
CA ASP A 124 3.20 -14.26 -2.41
C ASP A 124 4.35 -15.22 -2.16
N HIS A 125 4.78 -15.32 -0.90
CA HIS A 125 5.89 -16.21 -0.54
C HIS A 125 5.37 -17.52 0.05
N GLY A 126 4.31 -17.43 0.85
CA GLY A 126 3.72 -18.62 1.48
C GLY A 126 3.58 -18.43 2.98
N LYS A 127 3.32 -17.19 3.37
CA LYS A 127 3.16 -16.88 4.78
C LYS A 127 2.30 -15.64 4.99
N ASP A 128 2.04 -15.31 6.25
CA ASP A 128 1.26 -14.13 6.58
C ASP A 128 2.21 -12.94 6.77
N GLU A 129 2.47 -12.27 5.67
CA GLU A 129 3.37 -11.11 5.65
C GLU A 129 2.68 -9.92 4.97
N ILE A 130 3.27 -8.74 5.11
CA ILE A 130 2.73 -7.51 4.50
C ILE A 130 3.83 -6.79 3.72
N THR A 131 3.46 -6.21 2.56
CA THR A 131 4.44 -5.50 1.75
C THR A 131 3.86 -4.19 1.21
N LEU A 132 4.58 -3.10 1.44
CA LEU A 132 4.13 -1.77 0.98
C LEU A 132 5.06 -1.23 -0.11
N ILE A 133 4.46 -0.82 -1.22
CA ILE A 133 5.20 -0.29 -2.37
C ILE A 133 4.47 0.90 -2.98
N THR A 134 4.91 1.30 -4.17
CA THR A 134 4.30 2.44 -4.86
C THR A 134 4.17 2.19 -6.37
N CYS A 135 3.24 2.90 -7.00
CA CYS A 135 3.03 2.75 -8.44
C CYS A 135 4.12 3.51 -9.22
N VAL A 136 4.38 3.07 -10.45
CA VAL A 136 5.41 3.68 -11.28
C VAL A 136 4.89 3.90 -12.70
N SER A 137 5.44 4.90 -13.38
CA SER A 137 5.01 5.22 -14.75
C SER A 137 6.17 5.76 -15.59
N VAL A 138 5.91 6.84 -16.32
CA VAL A 138 6.92 7.46 -17.17
C VAL A 138 8.07 7.99 -16.33
N LYS A 139 7.79 8.25 -15.06
CA LYS A 139 8.79 8.77 -14.14
C LYS A 139 9.98 7.82 -14.03
N ASP A 140 9.70 6.53 -13.85
CA ASP A 140 10.77 5.54 -13.76
C ASP A 140 11.87 6.01 -12.79
N ASN A 141 11.57 5.96 -11.50
CA ASN A 141 12.53 6.38 -10.49
C ASN A 141 13.74 5.44 -10.50
N SER A 142 14.88 5.96 -10.06
CA SER A 142 16.11 5.17 -10.04
C SER A 142 15.93 3.93 -9.17
N LYS A 143 15.31 4.13 -8.02
CA LYS A 143 15.08 3.04 -7.06
C LYS A 143 13.76 3.24 -6.34
N ARG A 144 13.12 2.13 -5.98
CA ARG A 144 11.84 2.17 -5.27
C ARG A 144 11.98 1.68 -3.84
N TYR A 145 11.49 2.48 -2.89
CA TYR A 145 11.53 2.12 -1.48
C TYR A 145 10.44 1.08 -1.19
N VAL A 146 10.82 0.02 -0.48
CA VAL A 146 9.86 -1.04 -0.15
C VAL A 146 9.95 -1.42 1.34
N VAL A 147 8.78 -1.55 1.97
CA VAL A 147 8.70 -1.91 3.40
C VAL A 147 8.00 -3.26 3.57
N ALA A 148 8.63 -4.16 4.32
CA ALA A 148 8.08 -5.49 4.57
C ALA A 148 7.86 -5.69 6.05
N GLY A 149 6.74 -6.33 6.38
CA GLY A 149 6.38 -6.58 7.77
C GLY A 149 5.85 -8.00 7.96
N ASP A 150 6.04 -8.51 9.17
CA ASP A 150 5.60 -9.88 9.51
C ASP A 150 4.38 -9.85 10.44
N LEU A 151 3.50 -10.86 10.28
CA LEU A 151 2.30 -10.97 11.11
C LEU A 151 2.67 -11.32 12.54
N VAL A 152 2.18 -10.50 13.48
CA VAL A 152 2.45 -10.70 14.90
C VAL A 152 1.22 -11.23 15.62
N GLY A 153 0.03 -10.92 15.09
CA GLY A 153 -1.20 -11.40 15.72
C GLY A 153 -2.44 -10.76 15.11
N THR A 154 -3.59 -11.39 15.34
CA THR A 154 -4.87 -10.90 14.82
C THR A 154 -5.95 -11.05 15.86
N LYS A 155 -7.00 -10.25 15.70
CA LYS A 155 -8.12 -10.26 16.62
C LYS A 155 -9.39 -9.89 15.87
N ALA A 156 -10.51 -9.88 16.57
CA ALA A 156 -11.79 -9.54 15.94
C ALA A 156 -12.08 -8.05 16.08
N LYS A 157 -12.75 -7.51 15.07
CA LYS A 157 -13.10 -6.09 15.05
C LYS A 157 -14.27 -5.82 15.97
N LYS A 158 -13.99 -5.75 17.26
CA LYS A 158 -15.01 -5.45 18.24
C LYS A 158 -16.22 -6.37 18.04
N GLY A 1 -8.69 -1.46 -26.24
CA GLY A 1 -9.62 -0.56 -25.51
C GLY A 1 -9.37 0.88 -25.94
N SER A 2 -9.24 1.77 -24.96
CA SER A 2 -8.99 3.17 -25.25
C SER A 2 -7.52 3.36 -25.68
N HIS A 3 -7.26 4.46 -26.38
CA HIS A 3 -5.91 4.76 -26.84
C HIS A 3 -5.07 5.39 -25.74
N MET A 4 -5.75 5.90 -24.72
CA MET A 4 -5.08 6.55 -23.60
C MET A 4 -4.61 5.51 -22.58
N ASP A 5 -3.46 5.78 -21.96
CA ASP A 5 -2.91 4.86 -20.98
C ASP A 5 -3.82 4.82 -19.74
N ALA A 6 -4.03 3.62 -19.20
CA ALA A 6 -4.88 3.43 -18.03
C ALA A 6 -4.26 4.01 -16.76
N SER A 7 -2.96 3.80 -16.60
CA SER A 7 -2.25 4.27 -15.41
C SER A 7 -1.79 5.72 -15.62
N LYS A 8 -0.58 5.89 -16.12
CA LYS A 8 -0.06 7.23 -16.38
C LYS A 8 -0.16 8.10 -15.12
N ILE A 9 -0.12 7.48 -13.97
CA ILE A 9 -0.23 8.21 -12.71
C ILE A 9 0.93 9.19 -12.54
N ASP A 10 2.13 8.68 -12.75
CA ASP A 10 3.32 9.50 -12.63
C ASP A 10 3.26 10.39 -11.39
N GLN A 11 2.77 11.61 -11.56
CA GLN A 11 2.67 12.56 -10.45
C GLN A 11 1.49 13.51 -10.67
N PRO A 12 0.30 13.14 -10.25
CA PRO A 12 -0.90 13.99 -10.41
C PRO A 12 -0.89 15.17 -9.43
N ASP A 13 -1.51 16.27 -9.84
CA ASP A 13 -1.56 17.45 -9.00
C ASP A 13 -2.58 17.24 -7.88
N LEU A 14 -2.43 18.02 -6.80
CA LEU A 14 -3.33 17.91 -5.67
C LEU A 14 -4.77 18.22 -6.08
N ALA A 15 -4.91 18.97 -7.15
CA ALA A 15 -6.24 19.35 -7.64
C ALA A 15 -7.01 18.13 -8.10
N GLU A 16 -6.30 17.22 -8.76
CA GLU A 16 -6.92 15.99 -9.26
C GLU A 16 -7.21 15.04 -8.12
N VAL A 17 -6.32 15.04 -7.14
CA VAL A 17 -6.45 14.16 -5.98
C VAL A 17 -7.50 14.69 -5.00
N ALA A 18 -7.48 16.00 -4.79
CA ALA A 18 -8.43 16.65 -3.88
C ALA A 18 -9.85 16.57 -4.41
N ASN A 19 -10.02 16.78 -5.71
CA ASN A 19 -11.34 16.75 -6.32
C ASN A 19 -11.75 15.32 -6.69
N ALA A 20 -10.77 14.42 -6.76
CA ALA A 20 -11.04 13.04 -7.12
C ALA A 20 -12.04 12.40 -6.15
N SER A 21 -13.24 12.11 -6.66
CA SER A 21 -14.28 11.50 -5.84
C SER A 21 -14.28 9.98 -6.03
N LEU A 22 -14.03 9.26 -4.93
CA LEU A 22 -13.99 7.80 -4.95
C LEU A 22 -15.10 7.19 -4.10
N ASP A 23 -15.82 6.24 -4.68
CA ASP A 23 -16.90 5.57 -3.96
C ASP A 23 -16.34 4.73 -2.81
N LYS A 24 -16.97 4.83 -1.65
CA LYS A 24 -16.53 4.08 -0.48
C LYS A 24 -16.94 2.63 -0.60
N LYS A 25 -17.76 2.35 -1.59
CA LYS A 25 -18.24 1.00 -1.83
C LYS A 25 -17.11 0.10 -2.32
N GLN A 26 -15.99 0.71 -2.70
CA GLN A 26 -14.82 -0.03 -3.21
C GLN A 26 -13.82 -0.31 -2.09
N VAL A 27 -14.25 -0.09 -0.87
CA VAL A 27 -13.41 -0.30 0.31
C VAL A 27 -13.59 -1.74 0.81
N ILE A 28 -12.47 -2.44 1.00
CA ILE A 28 -12.51 -3.85 1.45
C ILE A 28 -11.78 -4.04 2.76
N GLY A 29 -11.14 -2.99 3.24
CA GLY A 29 -10.39 -3.07 4.49
C GLY A 29 -9.77 -1.72 4.79
N ARG A 30 -8.91 -1.66 5.81
CA ARG A 30 -8.28 -0.39 6.17
C ARG A 30 -6.86 -0.61 6.70
N ILE A 31 -6.04 0.44 6.62
CA ILE A 31 -4.67 0.38 7.09
C ILE A 31 -4.43 1.49 8.10
N SER A 32 -3.91 1.11 9.26
CA SER A 32 -3.64 2.07 10.32
C SER A 32 -2.20 1.93 10.78
N ILE A 33 -1.48 3.04 10.84
CA ILE A 33 -0.07 3.01 11.24
C ILE A 33 0.25 4.11 12.27
N PRO A 34 0.88 3.80 13.40
CA PRO A 34 1.23 4.82 14.43
C PRO A 34 2.53 5.55 14.10
N SER A 35 3.47 4.81 13.50
CA SER A 35 4.78 5.36 13.18
C SER A 35 4.67 6.72 12.51
N VAL A 36 3.68 6.86 11.63
CA VAL A 36 3.48 8.11 10.91
C VAL A 36 2.10 8.70 11.20
N SER A 37 1.29 8.01 12.00
CA SER A 37 -0.05 8.51 12.30
C SER A 37 -0.85 8.55 11.00
N LEU A 38 -0.83 7.42 10.30
CA LEU A 38 -1.51 7.30 9.02
C LEU A 38 -2.66 6.30 9.11
N GLU A 39 -3.79 6.72 8.56
CA GLU A 39 -5.00 5.90 8.53
C GLU A 39 -5.56 6.04 7.14
N LEU A 40 -5.53 4.97 6.33
CA LEU A 40 -6.03 5.07 4.96
C LEU A 40 -6.86 3.84 4.53
N PRO A 41 -8.13 3.97 4.27
CA PRO A 41 -8.96 2.84 3.77
C PRO A 41 -8.19 2.05 2.71
N VAL A 42 -8.43 0.74 2.65
CA VAL A 42 -7.76 -0.10 1.65
C VAL A 42 -8.71 -0.34 0.49
N LEU A 43 -8.26 -0.01 -0.73
CA LEU A 43 -9.09 -0.18 -1.92
C LEU A 43 -8.61 -1.39 -2.73
N LYS A 44 -9.52 -2.30 -3.01
CA LYS A 44 -9.18 -3.48 -3.79
C LYS A 44 -8.81 -3.10 -5.23
N SER A 45 -9.63 -2.25 -5.81
CA SER A 45 -9.41 -1.81 -7.20
C SER A 45 -8.21 -0.87 -7.28
N SER A 46 -7.09 -1.39 -7.78
CA SER A 46 -5.89 -0.57 -7.93
C SER A 46 -5.92 0.15 -9.26
N THR A 47 -6.38 1.39 -9.20
CA THR A 47 -6.49 2.24 -10.39
C THR A 47 -5.93 3.62 -10.11
N GLU A 48 -5.61 4.33 -11.16
CA GLU A 48 -5.06 5.68 -11.03
C GLU A 48 -6.02 6.56 -10.26
N LYS A 49 -7.30 6.31 -10.43
CA LYS A 49 -8.33 7.10 -9.77
C LYS A 49 -8.50 6.66 -8.31
N ASN A 50 -8.56 5.36 -8.09
CA ASN A 50 -8.76 4.83 -6.75
C ASN A 50 -7.54 5.11 -5.86
N LEU A 51 -6.36 5.07 -6.45
CA LEU A 51 -5.12 5.30 -5.69
C LEU A 51 -5.09 6.70 -5.07
N LEU A 52 -5.93 7.59 -5.58
CA LEU A 52 -5.95 8.97 -5.10
C LEU A 52 -6.58 9.12 -3.72
N SER A 53 -7.33 8.11 -3.28
CA SER A 53 -8.02 8.19 -1.98
C SER A 53 -7.38 7.28 -0.92
N GLY A 54 -6.46 6.41 -1.31
CA GLY A 54 -5.84 5.52 -0.34
C GLY A 54 -4.97 4.46 -1.00
N ALA A 55 -4.32 3.68 -0.16
CA ALA A 55 -3.45 2.62 -0.64
C ALA A 55 -4.29 1.49 -1.21
N ALA A 56 -3.99 1.09 -2.44
CA ALA A 56 -4.74 0.01 -3.08
C ALA A 56 -3.93 -1.28 -3.09
N THR A 57 -4.64 -2.41 -3.07
CA THR A 57 -3.99 -3.71 -3.09
C THR A 57 -3.43 -3.96 -4.49
N VAL A 58 -2.34 -4.73 -4.58
CA VAL A 58 -1.71 -4.99 -5.87
C VAL A 58 -2.34 -6.14 -6.64
N LYS A 59 -2.53 -7.28 -5.98
CA LYS A 59 -3.10 -8.45 -6.65
C LYS A 59 -4.62 -8.48 -6.49
N GLU A 60 -5.31 -8.93 -7.54
CA GLU A 60 -6.78 -8.98 -7.55
C GLU A 60 -7.31 -9.92 -6.47
N ASN A 61 -6.77 -11.13 -6.42
CA ASN A 61 -7.20 -12.14 -5.45
C ASN A 61 -6.30 -12.15 -4.23
N GLN A 62 -6.06 -10.97 -3.65
CA GLN A 62 -5.22 -10.86 -2.46
C GLN A 62 -6.05 -11.02 -1.20
N VAL A 63 -5.43 -11.51 -0.15
CA VAL A 63 -6.13 -11.72 1.13
C VAL A 63 -5.28 -11.25 2.31
N MET A 64 -5.86 -10.41 3.14
CA MET A 64 -5.16 -9.91 4.31
C MET A 64 -5.12 -10.99 5.40
N GLY A 65 -3.93 -11.25 5.92
CA GLY A 65 -3.77 -12.26 6.97
C GLY A 65 -3.30 -13.58 6.37
N LYS A 66 -3.25 -13.64 5.05
CA LYS A 66 -2.82 -14.86 4.38
C LYS A 66 -2.00 -14.54 3.13
N GLY A 67 -0.82 -15.13 3.06
CA GLY A 67 0.06 -14.89 1.90
C GLY A 67 0.72 -13.52 2.04
N ASN A 68 1.24 -13.02 0.93
CA ASN A 68 1.89 -11.71 0.92
C ASN A 68 0.90 -10.64 0.53
N TYR A 69 0.50 -9.80 1.51
CA TYR A 69 -0.46 -8.73 1.25
C TYR A 69 0.28 -7.50 0.74
N ALA A 70 0.25 -7.30 -0.58
CA ALA A 70 0.94 -6.16 -1.18
C ALA A 70 0.00 -4.96 -1.27
N LEU A 71 0.47 -3.84 -0.72
CA LEU A 71 -0.29 -2.58 -0.76
C LEU A 71 0.51 -1.51 -1.49
N ALA A 72 -0.14 -0.83 -2.43
CA ALA A 72 0.52 0.22 -3.20
C ALA A 72 -0.06 1.58 -2.86
N GLY A 73 0.82 2.57 -2.77
CA GLY A 73 0.42 3.94 -2.44
C GLY A 73 1.25 4.97 -3.20
N HIS A 74 0.97 6.24 -2.93
CA HIS A 74 1.68 7.34 -3.59
C HIS A 74 2.99 7.64 -2.86
N ASN A 75 4.02 7.96 -3.64
CA ASN A 75 5.34 8.28 -3.07
C ASN A 75 5.63 9.77 -3.24
N MET A 76 4.57 10.56 -3.25
CA MET A 76 4.69 12.00 -3.42
C MET A 76 5.82 12.57 -2.57
N SER A 77 6.29 11.80 -1.59
CA SER A 77 7.37 12.28 -0.74
C SER A 77 6.97 13.58 -0.08
N LYS A 78 5.72 13.66 0.32
CA LYS A 78 5.16 14.86 0.96
C LYS A 78 4.38 14.47 2.19
N LYS A 79 4.93 14.76 3.35
CA LYS A 79 4.25 14.44 4.59
C LYS A 79 2.83 14.99 4.56
N GLY A 80 1.87 14.10 4.73
CA GLY A 80 0.45 14.48 4.69
C GLY A 80 -0.23 13.91 3.43
N VAL A 81 0.33 12.84 2.85
CA VAL A 81 -0.26 12.20 1.68
C VAL A 81 -0.20 10.68 1.85
N LEU A 82 -0.76 9.94 0.90
CA LEU A 82 -0.77 8.48 1.00
C LEU A 82 0.64 7.92 0.83
N PHE A 83 1.03 7.04 1.74
CA PHE A 83 2.35 6.41 1.66
C PHE A 83 3.44 7.46 1.42
N SER A 84 3.26 8.63 2.02
CA SER A 84 4.22 9.71 1.85
C SER A 84 5.44 9.58 2.77
N ASP A 85 5.38 8.65 3.74
CA ASP A 85 6.50 8.49 4.69
C ASP A 85 6.63 7.05 5.20
N ILE A 86 6.29 6.09 4.35
CA ILE A 86 6.38 4.68 4.72
C ILE A 86 7.83 4.22 4.82
N ALA A 87 8.74 4.94 4.17
CA ALA A 87 10.14 4.58 4.21
C ALA A 87 10.76 4.98 5.55
N SER A 88 9.93 5.48 6.46
CA SER A 88 10.40 5.90 7.77
C SER A 88 10.13 4.81 8.79
N LEU A 89 9.36 3.83 8.36
CA LEU A 89 9.00 2.72 9.24
C LEU A 89 10.24 1.92 9.63
N LYS A 90 10.43 1.76 10.92
CA LYS A 90 11.58 1.02 11.45
C LYS A 90 11.18 -0.42 11.76
N LYS A 91 12.18 -1.28 11.83
CA LYS A 91 11.95 -2.69 12.11
C LYS A 91 11.23 -2.87 13.45
N GLY A 92 10.19 -3.69 13.42
CA GLY A 92 9.40 -3.96 14.62
C GLY A 92 8.36 -2.87 14.82
N ASP A 93 8.03 -2.19 13.74
CA ASP A 93 7.01 -1.12 13.80
C ASP A 93 5.62 -1.76 13.78
N LYS A 94 4.74 -1.28 14.66
CA LYS A 94 3.39 -1.85 14.73
C LYS A 94 2.49 -1.33 13.62
N ILE A 95 1.96 -2.25 12.83
CA ILE A 95 1.07 -1.93 11.73
C ILE A 95 -0.26 -2.65 11.93
N TYR A 96 -1.34 -1.89 12.04
CA TYR A 96 -2.67 -2.46 12.25
C TYR A 96 -3.45 -2.46 10.95
N LEU A 97 -3.81 -3.64 10.49
CA LEU A 97 -4.55 -3.78 9.23
C LEU A 97 -5.96 -4.30 9.50
N TYR A 98 -6.94 -3.82 8.73
CA TYR A 98 -8.33 -4.23 8.92
C TYR A 98 -8.80 -5.16 7.81
N ASP A 99 -9.43 -6.24 8.23
CA ASP A 99 -9.99 -7.24 7.33
C ASP A 99 -11.51 -7.06 7.33
N ASN A 100 -12.22 -7.97 6.69
CA ASN A 100 -13.68 -7.89 6.64
C ASN A 100 -14.25 -7.36 7.95
N GLU A 101 -14.03 -8.13 9.01
CA GLU A 101 -14.49 -7.76 10.35
C GLU A 101 -13.39 -8.07 11.34
N ASN A 102 -12.15 -8.10 10.85
CA ASN A 102 -11.02 -8.47 11.72
C ASN A 102 -9.89 -7.45 11.68
N GLU A 103 -9.13 -7.40 12.78
CA GLU A 103 -7.99 -6.49 12.88
C GLU A 103 -6.71 -7.33 12.99
N TYR A 104 -5.79 -7.12 12.05
CA TYR A 104 -4.53 -7.86 12.02
C TYR A 104 -3.38 -7.01 12.52
N GLU A 105 -2.58 -7.58 13.41
CA GLU A 105 -1.41 -6.89 13.93
C GLU A 105 -0.19 -7.30 13.13
N TYR A 106 0.39 -6.36 12.42
CA TYR A 106 1.57 -6.63 11.59
C TYR A 106 2.79 -5.89 12.11
N ALA A 107 3.96 -6.55 12.06
CA ALA A 107 5.20 -5.89 12.51
C ALA A 107 6.24 -5.87 11.40
N VAL A 108 6.83 -4.69 11.21
CA VAL A 108 7.84 -4.49 10.18
C VAL A 108 9.07 -5.29 10.51
N THR A 109 9.58 -5.98 9.49
CA THR A 109 10.76 -6.83 9.62
C THR A 109 11.99 -6.14 9.05
N GLY A 110 11.79 -5.27 8.07
CA GLY A 110 12.93 -4.57 7.46
C GLY A 110 12.53 -3.83 6.21
N VAL A 111 13.10 -2.65 6.05
CA VAL A 111 12.84 -1.79 4.88
C VAL A 111 14.04 -1.83 3.95
N SER A 112 13.78 -1.71 2.66
CA SER A 112 14.86 -1.76 1.67
C SER A 112 14.47 -1.07 0.37
N GLU A 113 15.46 -0.84 -0.48
CA GLU A 113 15.25 -0.19 -1.78
C GLU A 113 15.64 -1.14 -2.91
N VAL A 114 14.68 -1.45 -3.78
CA VAL A 114 14.93 -2.38 -4.88
C VAL A 114 14.35 -1.86 -6.18
N THR A 115 14.87 -2.35 -7.30
CA THR A 115 14.37 -1.93 -8.60
C THR A 115 12.88 -2.23 -8.68
N PRO A 116 12.16 -1.68 -9.64
CA PRO A 116 10.70 -1.92 -9.76
C PRO A 116 10.40 -3.24 -10.48
N ASP A 117 11.43 -3.85 -11.04
CA ASP A 117 11.26 -5.10 -11.77
C ASP A 117 11.25 -6.29 -10.81
N LYS A 118 11.61 -6.03 -9.55
CA LYS A 118 11.64 -7.08 -8.54
C LYS A 118 10.26 -7.26 -7.90
N TRP A 119 9.30 -7.67 -8.69
CA TRP A 119 7.95 -7.87 -8.20
C TRP A 119 7.84 -9.11 -7.32
N GLU A 120 8.89 -9.91 -7.31
CA GLU A 120 8.90 -11.11 -6.49
C GLU A 120 8.73 -10.76 -5.00
N VAL A 121 9.31 -9.64 -4.61
CA VAL A 121 9.26 -9.17 -3.22
C VAL A 121 7.84 -8.82 -2.78
N VAL A 122 6.91 -8.81 -3.73
CA VAL A 122 5.51 -8.47 -3.46
C VAL A 122 4.60 -9.45 -4.16
N GLU A 123 4.95 -10.72 -4.08
CA GLU A 123 4.18 -11.75 -4.77
C GLU A 123 4.12 -13.03 -3.97
N ASP A 124 2.94 -13.29 -3.41
CA ASP A 124 2.64 -14.49 -2.62
C ASP A 124 3.86 -15.39 -2.43
N HIS A 125 4.34 -15.48 -1.18
CA HIS A 125 5.51 -16.30 -0.90
C HIS A 125 5.12 -17.62 -0.25
N GLY A 126 4.18 -17.57 0.69
CA GLY A 126 3.70 -18.78 1.37
C GLY A 126 3.58 -18.53 2.87
N LYS A 127 3.29 -17.28 3.23
CA LYS A 127 3.13 -16.93 4.64
C LYS A 127 2.21 -15.72 4.81
N ASP A 128 1.90 -15.41 6.06
CA ASP A 128 1.06 -14.26 6.38
C ASP A 128 1.92 -13.05 6.71
N GLU A 129 2.27 -12.32 5.67
CA GLU A 129 3.11 -11.12 5.80
C GLU A 129 2.47 -9.94 5.09
N ILE A 130 3.09 -8.76 5.22
CA ILE A 130 2.59 -7.54 4.58
C ILE A 130 3.72 -6.83 3.84
N THR A 131 3.40 -6.25 2.69
CA THR A 131 4.41 -5.54 1.90
C THR A 131 3.86 -4.22 1.35
N LEU A 132 4.54 -3.12 1.66
CA LEU A 132 4.11 -1.80 1.17
C LEU A 132 5.11 -1.25 0.17
N ILE A 133 4.58 -0.78 -0.96
CA ILE A 133 5.39 -0.25 -2.05
C ILE A 133 4.76 1.00 -2.64
N THR A 134 5.50 1.67 -3.52
CA THR A 134 4.99 2.86 -4.18
C THR A 134 4.01 2.49 -5.28
N CYS A 135 3.31 3.49 -5.82
CA CYS A 135 2.33 3.24 -6.87
C CYS A 135 2.84 2.18 -7.86
N VAL A 136 3.57 2.61 -8.87
CA VAL A 136 4.09 1.67 -9.85
C VAL A 136 5.14 2.33 -10.75
N SER A 137 5.07 3.65 -10.88
CA SER A 137 6.02 4.35 -11.72
C SER A 137 5.91 3.87 -13.16
N VAL A 138 5.58 4.79 -14.06
CA VAL A 138 5.43 4.45 -15.47
C VAL A 138 6.75 3.94 -16.04
N LYS A 139 7.83 4.66 -15.74
CA LYS A 139 9.15 4.31 -16.23
C LYS A 139 10.19 4.41 -15.12
N ASP A 140 11.45 4.13 -15.46
CA ASP A 140 12.53 4.22 -14.48
C ASP A 140 12.67 5.66 -13.99
N ASN A 141 12.86 5.84 -12.70
CA ASN A 141 12.98 7.19 -12.13
C ASN A 141 13.68 7.15 -10.78
N SER A 142 13.04 7.71 -9.77
CA SER A 142 13.61 7.74 -8.43
C SER A 142 13.62 6.33 -7.84
N LYS A 143 14.50 6.11 -6.88
CA LYS A 143 14.60 4.80 -6.26
C LYS A 143 13.33 4.47 -5.49
N ARG A 144 12.76 3.31 -5.78
CA ARG A 144 11.53 2.88 -5.12
C ARG A 144 11.83 2.29 -3.74
N TYR A 145 10.98 2.63 -2.77
CA TYR A 145 11.15 2.14 -1.40
C TYR A 145 10.06 1.12 -1.08
N VAL A 146 10.46 0.05 -0.39
CA VAL A 146 9.52 -1.02 -0.03
C VAL A 146 9.71 -1.46 1.43
N VAL A 147 8.59 -1.67 2.11
CA VAL A 147 8.60 -2.09 3.52
C VAL A 147 7.96 -3.47 3.67
N ALA A 148 8.67 -4.38 4.34
CA ALA A 148 8.18 -5.74 4.55
C ALA A 148 7.97 -6.01 6.02
N GLY A 149 6.83 -6.62 6.34
CA GLY A 149 6.48 -6.93 7.72
C GLY A 149 5.86 -8.30 7.85
N ASP A 150 5.95 -8.85 9.06
CA ASP A 150 5.41 -10.20 9.35
C ASP A 150 4.21 -10.13 10.29
N LEU A 151 3.34 -11.13 10.22
CA LEU A 151 2.16 -11.18 11.08
C LEU A 151 2.54 -11.56 12.50
N VAL A 152 2.09 -10.74 13.45
CA VAL A 152 2.40 -10.98 14.86
C VAL A 152 1.16 -11.44 15.63
N GLY A 153 -0.02 -11.09 15.12
CA GLY A 153 -1.25 -11.49 15.79
C GLY A 153 -2.49 -11.02 15.06
N THR A 154 -3.65 -11.43 15.57
CA THR A 154 -4.92 -11.03 14.97
C THR A 154 -6.04 -11.07 16.01
N LYS A 155 -7.04 -10.23 15.78
CA LYS A 155 -8.18 -10.16 16.68
C LYS A 155 -9.43 -9.74 15.89
N ALA A 156 -10.57 -9.68 16.55
CA ALA A 156 -11.81 -9.30 15.88
C ALA A 156 -12.05 -7.80 16.01
N LYS A 157 -12.63 -7.20 14.98
CA LYS A 157 -12.90 -5.76 14.97
C LYS A 157 -14.09 -5.45 15.85
N LYS A 158 -13.85 -5.38 17.14
CA LYS A 158 -14.91 -5.05 18.08
C LYS A 158 -16.12 -5.95 17.86
N GLY A 1 5.11 9.23 -27.61
CA GLY A 1 4.12 8.25 -28.17
C GLY A 1 4.59 6.84 -27.84
N SER A 2 4.99 6.10 -28.86
CA SER A 2 5.47 4.75 -28.65
C SER A 2 4.53 3.97 -27.75
N HIS A 3 3.32 4.47 -27.55
CA HIS A 3 2.35 3.78 -26.72
C HIS A 3 3.00 3.34 -25.39
N MET A 4 2.96 4.22 -24.41
CA MET A 4 3.55 3.94 -23.10
C MET A 4 2.53 3.24 -22.20
N ASP A 5 2.98 2.81 -21.03
CA ASP A 5 2.10 2.12 -20.08
C ASP A 5 1.01 3.09 -19.61
N ALA A 6 -0.21 2.57 -19.47
CA ALA A 6 -1.36 3.38 -19.05
C ALA A 6 -1.27 3.76 -17.57
N SER A 7 -0.36 3.14 -16.85
CA SER A 7 -0.18 3.38 -15.41
C SER A 7 0.78 4.55 -15.15
N LYS A 8 0.78 5.51 -16.05
CA LYS A 8 1.64 6.69 -15.96
C LYS A 8 1.21 7.62 -14.81
N ILE A 9 0.66 7.04 -13.76
CA ILE A 9 0.17 7.82 -12.62
C ILE A 9 1.29 8.62 -12.01
N ASP A 10 2.38 7.95 -11.70
CA ASP A 10 3.54 8.62 -11.13
C ASP A 10 3.12 9.58 -10.01
N GLN A 11 2.88 10.83 -10.37
CA GLN A 11 2.49 11.84 -9.39
C GLN A 11 1.56 12.88 -10.02
N PRO A 12 0.27 12.65 -9.96
CA PRO A 12 -0.73 13.60 -10.53
C PRO A 12 -0.86 14.85 -9.66
N ASP A 13 -1.35 15.92 -10.25
CA ASP A 13 -1.52 17.17 -9.55
C ASP A 13 -2.66 17.03 -8.54
N LEU A 14 -2.75 17.98 -7.61
CA LEU A 14 -3.77 17.95 -6.58
C LEU A 14 -5.15 18.23 -7.18
N ALA A 15 -5.16 18.76 -8.38
CA ALA A 15 -6.40 19.07 -9.05
C ALA A 15 -7.19 17.80 -9.35
N GLU A 16 -6.46 16.77 -9.77
CA GLU A 16 -7.08 15.49 -10.09
C GLU A 16 -7.51 14.77 -8.81
N VAL A 17 -6.74 14.96 -7.76
CA VAL A 17 -7.00 14.32 -6.47
C VAL A 17 -8.18 14.97 -5.77
N ALA A 18 -8.18 16.30 -5.76
CA ALA A 18 -9.26 17.05 -5.12
C ALA A 18 -10.59 16.83 -5.87
N ASN A 19 -10.51 16.77 -7.19
CA ASN A 19 -11.68 16.59 -8.04
C ASN A 19 -12.11 15.12 -8.10
N ALA A 20 -11.14 14.23 -7.94
CA ALA A 20 -11.40 12.80 -7.98
C ALA A 20 -12.35 12.38 -6.85
N SER A 21 -13.59 12.07 -7.22
CA SER A 21 -14.60 11.65 -6.24
C SER A 21 -14.67 10.13 -6.16
N LEU A 22 -14.31 9.58 -5.00
CA LEU A 22 -14.31 8.12 -4.79
C LEU A 22 -15.35 7.72 -3.74
N ASP A 23 -16.22 6.78 -4.11
CA ASP A 23 -17.25 6.29 -3.20
C ASP A 23 -16.61 5.48 -2.07
N LYS A 24 -17.12 5.67 -0.85
CA LYS A 24 -16.59 4.96 0.30
C LYS A 24 -17.09 3.52 0.30
N LYS A 25 -17.87 3.19 -0.70
CA LYS A 25 -18.44 1.85 -0.84
C LYS A 25 -17.47 0.90 -1.53
N GLN A 26 -16.38 1.46 -2.07
CA GLN A 26 -15.38 0.68 -2.79
C GLN A 26 -14.27 0.17 -1.85
N VAL A 27 -14.41 0.46 -0.58
CA VAL A 27 -13.44 0.05 0.43
C VAL A 27 -13.76 -1.35 0.94
N ILE A 28 -12.73 -2.16 1.10
CA ILE A 28 -12.91 -3.54 1.56
C ILE A 28 -12.17 -3.81 2.86
N GLY A 29 -11.42 -2.83 3.31
CA GLY A 29 -10.65 -2.97 4.55
C GLY A 29 -10.02 -1.64 4.93
N ARG A 30 -9.11 -1.66 5.89
CA ARG A 30 -8.46 -0.44 6.32
C ARG A 30 -7.07 -0.70 6.88
N ILE A 31 -6.21 0.31 6.77
CA ILE A 31 -4.84 0.22 7.27
C ILE A 31 -4.55 1.38 8.22
N SER A 32 -4.01 1.04 9.37
CA SER A 32 -3.69 2.04 10.39
C SER A 32 -2.26 1.89 10.83
N ILE A 33 -1.52 3.01 10.83
CA ILE A 33 -0.11 2.98 11.20
C ILE A 33 0.24 4.12 12.17
N PRO A 34 0.87 3.84 13.31
CA PRO A 34 1.23 4.89 14.30
C PRO A 34 2.56 5.58 13.95
N SER A 35 3.47 4.80 13.39
CA SER A 35 4.79 5.28 13.06
C SER A 35 4.74 6.63 12.35
N VAL A 36 3.76 6.80 11.47
CA VAL A 36 3.62 8.04 10.71
C VAL A 36 2.26 8.70 11.00
N SER A 37 1.44 8.08 11.85
CA SER A 37 0.13 8.66 12.14
C SER A 37 -0.70 8.67 10.88
N LEU A 38 -0.79 7.49 10.25
CA LEU A 38 -1.51 7.35 8.99
C LEU A 38 -2.70 6.40 9.15
N GLU A 39 -3.84 6.84 8.64
CA GLU A 39 -5.06 6.06 8.69
C GLU A 39 -5.71 6.12 7.32
N LEU A 40 -5.84 4.96 6.66
CA LEU A 40 -6.39 4.95 5.31
C LEU A 40 -7.28 3.74 5.03
N PRO A 41 -8.11 3.82 4.00
CA PRO A 41 -8.96 2.69 3.59
C PRO A 41 -8.20 1.81 2.61
N VAL A 42 -8.59 0.56 2.51
CA VAL A 42 -7.94 -0.37 1.59
C VAL A 42 -8.86 -0.61 0.41
N LEU A 43 -8.40 -0.24 -0.79
CA LEU A 43 -9.20 -0.41 -2.00
C LEU A 43 -8.75 -1.66 -2.76
N LYS A 44 -9.70 -2.56 -3.01
CA LYS A 44 -9.38 -3.79 -3.73
C LYS A 44 -8.95 -3.51 -5.16
N SER A 45 -9.73 -2.69 -5.86
CA SER A 45 -9.44 -2.35 -7.24
C SER A 45 -8.36 -1.28 -7.33
N SER A 46 -7.19 -1.66 -7.87
CA SER A 46 -6.07 -0.72 -8.00
C SER A 46 -6.22 0.08 -9.28
N THR A 47 -6.50 1.36 -9.12
CA THR A 47 -6.69 2.26 -10.25
C THR A 47 -6.03 3.61 -9.98
N GLU A 48 -5.90 4.40 -11.01
CA GLU A 48 -5.28 5.70 -10.85
C GLU A 48 -6.14 6.63 -10.01
N LYS A 49 -7.44 6.43 -10.11
CA LYS A 49 -8.40 7.26 -9.38
C LYS A 49 -8.56 6.80 -7.93
N ASN A 50 -8.66 5.50 -7.74
CA ASN A 50 -8.84 4.94 -6.41
C ASN A 50 -7.60 5.18 -5.53
N LEU A 51 -6.43 5.21 -6.17
CA LEU A 51 -5.17 5.40 -5.45
C LEU A 51 -5.12 6.76 -4.79
N LEU A 52 -5.93 7.68 -5.28
CA LEU A 52 -5.94 9.04 -4.76
C LEU A 52 -6.56 9.14 -3.37
N SER A 53 -7.34 8.13 -2.97
CA SER A 53 -8.02 8.15 -1.67
C SER A 53 -7.27 7.38 -0.59
N GLY A 54 -6.28 6.57 -0.98
CA GLY A 54 -5.53 5.80 0.00
C GLY A 54 -4.63 4.78 -0.66
N ALA A 55 -4.44 3.67 0.04
CA ALA A 55 -3.60 2.58 -0.45
C ALA A 55 -4.46 1.49 -1.05
N ALA A 56 -4.10 1.07 -2.27
CA ALA A 56 -4.86 0.03 -2.98
C ALA A 56 -4.07 -1.28 -3.02
N THR A 57 -4.78 -2.41 -3.00
CA THR A 57 -4.14 -3.72 -3.07
C THR A 57 -3.56 -3.92 -4.46
N VAL A 58 -2.46 -4.67 -4.58
CA VAL A 58 -1.81 -4.86 -5.87
C VAL A 58 -2.44 -5.99 -6.70
N LYS A 59 -2.81 -7.09 -6.05
CA LYS A 59 -3.39 -8.22 -6.77
C LYS A 59 -4.92 -8.09 -6.84
N GLU A 60 -5.50 -8.64 -7.92
CA GLU A 60 -6.94 -8.58 -8.15
C GLU A 60 -7.73 -9.35 -7.09
N ASN A 61 -7.04 -10.24 -6.38
CA ASN A 61 -7.68 -11.07 -5.37
C ASN A 61 -6.75 -11.32 -4.18
N GLN A 62 -6.27 -10.23 -3.59
CA GLN A 62 -5.38 -10.34 -2.44
C GLN A 62 -6.18 -10.60 -1.17
N VAL A 63 -5.53 -11.18 -0.17
CA VAL A 63 -6.20 -11.49 1.10
C VAL A 63 -5.30 -11.10 2.27
N MET A 64 -5.84 -10.27 3.16
CA MET A 64 -5.10 -9.86 4.34
C MET A 64 -5.06 -11.01 5.34
N GLY A 65 -3.87 -11.37 5.80
CA GLY A 65 -3.72 -12.47 6.75
C GLY A 65 -3.32 -13.75 6.05
N LYS A 66 -3.33 -13.73 4.73
CA LYS A 66 -2.98 -14.92 3.95
C LYS A 66 -2.04 -14.56 2.81
N GLY A 67 -0.83 -15.11 2.84
CA GLY A 67 0.15 -14.83 1.80
C GLY A 67 0.73 -13.44 2.03
N ASN A 68 1.44 -12.93 1.03
CA ASN A 68 2.03 -11.61 1.13
C ASN A 68 1.02 -10.56 0.68
N TYR A 69 0.56 -9.74 1.62
CA TYR A 69 -0.41 -8.70 1.32
C TYR A 69 0.30 -7.45 0.80
N ALA A 70 0.23 -7.25 -0.52
CA ALA A 70 0.87 -6.11 -1.14
C ALA A 70 -0.06 -4.91 -1.21
N LEU A 71 0.39 -3.80 -0.62
CA LEU A 71 -0.37 -2.55 -0.62
C LEU A 71 0.43 -1.48 -1.34
N ALA A 72 -0.22 -0.76 -2.25
CA ALA A 72 0.45 0.29 -3.03
C ALA A 72 -0.10 1.66 -2.69
N GLY A 73 0.80 2.63 -2.62
CA GLY A 73 0.41 3.99 -2.30
C GLY A 73 1.20 5.00 -3.13
N HIS A 74 0.94 6.29 -2.88
CA HIS A 74 1.61 7.37 -3.60
C HIS A 74 2.96 7.69 -2.96
N ASN A 75 3.94 8.06 -3.79
CA ASN A 75 5.29 8.40 -3.30
C ASN A 75 5.56 9.89 -3.45
N MET A 76 4.49 10.66 -3.39
CA MET A 76 4.59 12.11 -3.53
C MET A 76 5.75 12.68 -2.72
N SER A 77 6.28 11.89 -1.80
CA SER A 77 7.41 12.36 -1.00
C SER A 77 7.03 13.62 -0.24
N LYS A 78 5.80 13.64 0.25
CA LYS A 78 5.27 14.79 0.99
C LYS A 78 4.58 14.30 2.25
N LYS A 79 5.19 14.53 3.38
CA LYS A 79 4.61 14.11 4.64
C LYS A 79 3.15 14.59 4.71
N GLY A 80 2.25 13.66 4.96
CA GLY A 80 0.81 13.97 5.03
C GLY A 80 0.05 13.30 3.89
N VAL A 81 0.74 12.97 2.79
CA VAL A 81 0.08 12.31 1.66
C VAL A 81 0.12 10.80 1.88
N LEU A 82 -0.44 10.05 0.95
CA LEU A 82 -0.49 8.61 1.11
C LEU A 82 0.91 7.99 0.93
N PHE A 83 1.27 7.04 1.79
CA PHE A 83 2.57 6.38 1.68
C PHE A 83 3.68 7.40 1.41
N SER A 84 3.53 8.58 1.97
CA SER A 84 4.52 9.63 1.76
C SER A 84 5.72 9.49 2.68
N ASP A 85 5.64 8.59 3.66
CA ASP A 85 6.74 8.41 4.63
C ASP A 85 6.84 6.98 5.14
N ILE A 86 6.57 6.02 4.28
CA ILE A 86 6.64 4.61 4.66
C ILE A 86 8.08 4.16 4.88
N ALA A 87 9.01 4.80 4.20
CA ALA A 87 10.42 4.43 4.34
C ALA A 87 10.94 4.83 5.71
N SER A 88 10.05 5.39 6.52
CA SER A 88 10.42 5.85 7.86
C SER A 88 10.14 4.75 8.86
N LEU A 89 9.38 3.75 8.42
CA LEU A 89 9.03 2.64 9.27
C LEU A 89 10.27 1.85 9.65
N LYS A 90 10.49 1.73 10.95
CA LYS A 90 11.65 1.00 11.47
C LYS A 90 11.26 -0.44 11.81
N LYS A 91 12.26 -1.31 11.85
CA LYS A 91 12.03 -2.71 12.16
C LYS A 91 11.30 -2.87 13.49
N GLY A 92 10.27 -3.70 13.51
CA GLY A 92 9.48 -3.94 14.71
C GLY A 92 8.43 -2.87 14.89
N ASP A 93 8.13 -2.19 13.79
CA ASP A 93 7.10 -1.15 13.82
C ASP A 93 5.74 -1.82 13.74
N LYS A 94 4.80 -1.38 14.57
CA LYS A 94 3.47 -2.00 14.60
C LYS A 94 2.59 -1.47 13.47
N ILE A 95 2.00 -2.39 12.70
CA ILE A 95 1.10 -2.03 11.61
C ILE A 95 -0.24 -2.73 11.82
N TYR A 96 -1.31 -1.92 11.90
CA TYR A 96 -2.64 -2.46 12.11
C TYR A 96 -3.42 -2.50 10.80
N LEU A 97 -3.81 -3.70 10.39
CA LEU A 97 -4.55 -3.90 9.14
C LEU A 97 -5.94 -4.46 9.42
N TYR A 98 -6.95 -3.95 8.72
CA TYR A 98 -8.32 -4.39 8.93
C TYR A 98 -8.80 -5.26 7.78
N ASP A 99 -9.46 -6.35 8.16
CA ASP A 99 -10.03 -7.30 7.20
C ASP A 99 -11.54 -7.17 7.27
N ASN A 100 -12.25 -8.09 6.62
CA ASN A 100 -13.72 -8.06 6.63
C ASN A 100 -14.26 -7.51 7.95
N GLU A 101 -14.04 -8.29 9.00
CA GLU A 101 -14.47 -7.92 10.34
C GLU A 101 -13.36 -8.24 11.32
N ASN A 102 -12.13 -8.30 10.81
CA ASN A 102 -10.98 -8.70 11.65
C ASN A 102 -9.85 -7.67 11.61
N GLU A 103 -9.16 -7.58 12.75
CA GLU A 103 -8.02 -6.66 12.87
C GLU A 103 -6.74 -7.48 12.92
N TYR A 104 -5.84 -7.20 11.99
CA TYR A 104 -4.56 -7.92 11.90
C TYR A 104 -3.40 -7.07 12.40
N GLU A 105 -2.63 -7.65 13.32
CA GLU A 105 -1.46 -6.96 13.85
C GLU A 105 -0.22 -7.40 13.07
N TYR A 106 0.40 -6.46 12.36
CA TYR A 106 1.58 -6.73 11.55
C TYR A 106 2.79 -5.98 12.09
N ALA A 107 3.95 -6.62 12.07
CA ALA A 107 5.18 -5.97 12.54
C ALA A 107 6.23 -5.93 11.44
N VAL A 108 6.84 -4.76 11.29
CA VAL A 108 7.86 -4.54 10.27
C VAL A 108 9.10 -5.35 10.59
N THR A 109 9.62 -6.03 9.56
CA THR A 109 10.80 -6.88 9.69
C THR A 109 12.05 -6.18 9.17
N GLY A 110 11.86 -5.25 8.25
CA GLY A 110 13.01 -4.54 7.69
C GLY A 110 12.65 -3.84 6.38
N VAL A 111 13.26 -2.69 6.17
CA VAL A 111 13.05 -1.89 4.96
C VAL A 111 14.26 -2.05 4.04
N SER A 112 14.04 -1.92 2.73
CA SER A 112 15.13 -2.08 1.78
C SER A 112 14.87 -1.31 0.50
N GLU A 113 15.93 -1.08 -0.28
CA GLU A 113 15.82 -0.34 -1.55
C GLU A 113 16.08 -1.29 -2.71
N VAL A 114 15.06 -1.46 -3.57
CA VAL A 114 15.18 -2.38 -4.71
C VAL A 114 14.69 -1.73 -5.99
N THR A 115 15.13 -2.25 -7.12
CA THR A 115 14.70 -1.72 -8.40
C THR A 115 13.17 -1.83 -8.51
N PRO A 116 12.55 -1.22 -9.49
CA PRO A 116 11.07 -1.28 -9.64
C PRO A 116 10.62 -2.57 -10.33
N ASP A 117 11.58 -3.30 -10.88
CA ASP A 117 11.28 -4.54 -11.59
C ASP A 117 11.27 -5.73 -10.64
N LYS A 118 11.58 -5.47 -9.37
CA LYS A 118 11.61 -6.51 -8.35
C LYS A 118 10.22 -6.76 -7.80
N TRP A 119 9.36 -7.32 -8.63
CA TRP A 119 8.01 -7.61 -8.24
C TRP A 119 7.93 -8.75 -7.24
N GLU A 120 8.88 -9.67 -7.33
CA GLU A 120 8.92 -10.80 -6.44
C GLU A 120 8.79 -10.35 -4.99
N VAL A 121 9.02 -9.06 -4.77
CA VAL A 121 8.94 -8.48 -3.43
C VAL A 121 7.50 -8.37 -2.92
N VAL A 122 6.54 -8.35 -3.85
CA VAL A 122 5.12 -8.20 -3.50
C VAL A 122 4.41 -9.52 -3.74
N GLU A 123 5.16 -10.44 -4.32
CA GLU A 123 4.60 -11.74 -4.68
C GLU A 123 4.53 -12.67 -3.49
N ASP A 124 3.43 -13.38 -3.41
CA ASP A 124 3.17 -14.34 -2.34
C ASP A 124 4.35 -15.31 -2.17
N HIS A 125 4.83 -15.43 -0.93
CA HIS A 125 5.96 -16.32 -0.63
C HIS A 125 5.48 -17.66 -0.07
N GLY A 126 4.46 -17.61 0.79
CA GLY A 126 3.91 -18.84 1.39
C GLY A 126 3.67 -18.66 2.88
N LYS A 127 3.39 -17.43 3.28
CA LYS A 127 3.13 -17.14 4.68
C LYS A 127 2.31 -15.86 4.84
N ASP A 128 2.02 -15.50 6.09
CA ASP A 128 1.26 -14.29 6.36
C ASP A 128 2.21 -13.12 6.55
N GLU A 129 2.51 -12.46 5.45
CA GLU A 129 3.43 -11.32 5.45
C GLU A 129 2.75 -10.09 4.83
N ILE A 130 3.37 -8.93 4.96
CA ILE A 130 2.83 -7.68 4.42
C ILE A 130 3.91 -6.94 3.65
N THR A 131 3.54 -6.30 2.55
CA THR A 131 4.51 -5.57 1.73
C THR A 131 3.95 -4.22 1.28
N LEU A 132 4.67 -3.14 1.61
CA LEU A 132 4.24 -1.79 1.23
C LEU A 132 5.14 -1.22 0.14
N ILE A 133 4.52 -0.85 -0.98
CA ILE A 133 5.24 -0.31 -2.12
C ILE A 133 4.54 0.93 -2.68
N THR A 134 4.94 1.35 -3.87
CA THR A 134 4.36 2.54 -4.51
C THR A 134 4.06 2.26 -5.98
N CYS A 135 3.17 3.06 -6.56
CA CYS A 135 2.79 2.90 -7.97
C CYS A 135 3.86 3.54 -8.86
N VAL A 136 4.39 2.75 -9.80
CA VAL A 136 5.45 3.24 -10.71
C VAL A 136 5.15 2.83 -12.15
N SER A 137 5.72 3.56 -13.11
CA SER A 137 5.46 3.25 -14.52
C SER A 137 6.51 3.88 -15.45
N VAL A 138 7.57 4.40 -14.85
CA VAL A 138 8.63 5.05 -15.63
C VAL A 138 9.96 4.31 -15.43
N LYS A 139 10.61 3.98 -16.54
CA LYS A 139 11.88 3.27 -16.48
C LYS A 139 13.02 4.24 -16.19
N ASP A 140 13.82 3.95 -15.17
CA ASP A 140 14.91 4.85 -14.80
C ASP A 140 15.85 4.18 -13.80
N ASN A 141 16.90 4.90 -13.40
CA ASN A 141 17.89 4.36 -12.45
C ASN A 141 17.53 4.73 -11.01
N SER A 142 16.31 5.20 -10.83
CA SER A 142 15.84 5.59 -9.51
C SER A 142 15.66 4.34 -8.63
N LYS A 143 15.70 4.54 -7.32
CA LYS A 143 15.56 3.43 -6.36
C LYS A 143 14.19 3.48 -5.68
N ARG A 144 13.55 2.33 -5.56
CA ARG A 144 12.22 2.23 -4.95
C ARG A 144 12.34 1.79 -3.49
N TYR A 145 11.62 2.50 -2.62
CA TYR A 145 11.62 2.18 -1.19
C TYR A 145 10.49 1.20 -0.88
N VAL A 146 10.82 0.11 -0.19
CA VAL A 146 9.81 -0.91 0.15
C VAL A 146 9.97 -1.40 1.58
N VAL A 147 8.83 -1.58 2.26
CA VAL A 147 8.82 -2.04 3.66
C VAL A 147 8.14 -3.40 3.76
N ALA A 148 8.83 -4.35 4.40
CA ALA A 148 8.31 -5.71 4.57
C ALA A 148 8.07 -6.00 6.04
N GLY A 149 6.92 -6.60 6.33
CA GLY A 149 6.56 -6.94 7.71
C GLY A 149 5.97 -8.33 7.81
N ASP A 150 6.01 -8.88 9.00
CA ASP A 150 5.50 -10.23 9.27
C ASP A 150 4.29 -10.18 10.19
N LEU A 151 3.39 -11.16 10.04
CA LEU A 151 2.19 -11.23 10.86
C LEU A 151 2.53 -11.67 12.28
N VAL A 152 2.07 -10.87 13.25
CA VAL A 152 2.34 -11.15 14.67
C VAL A 152 1.10 -11.68 15.37
N GLY A 153 -0.08 -11.34 14.87
CA GLY A 153 -1.31 -11.83 15.48
C GLY A 153 -2.54 -11.12 14.90
N THR A 154 -3.70 -11.73 15.11
CA THR A 154 -4.95 -11.17 14.61
C THR A 154 -6.05 -11.34 15.64
N LYS A 155 -7.07 -10.51 15.54
CA LYS A 155 -8.20 -10.55 16.46
C LYS A 155 -9.45 -10.09 15.73
N ALA A 156 -10.59 -10.10 16.42
CA ALA A 156 -11.84 -9.68 15.80
C ALA A 156 -12.08 -8.18 16.03
N LYS A 157 -12.65 -7.53 15.01
CA LYS A 157 -12.90 -6.10 15.08
C LYS A 157 -14.05 -5.82 16.05
N LYS A 158 -13.74 -5.83 17.34
CA LYS A 158 -14.76 -5.53 18.34
C LYS A 158 -16.00 -6.38 18.12
N GLY A 1 -2.50 5.97 -29.71
CA GLY A 1 -2.82 4.64 -30.30
C GLY A 1 -3.75 3.89 -29.36
N SER A 2 -4.12 2.69 -29.76
CA SER A 2 -5.01 1.85 -28.95
C SER A 2 -4.40 1.59 -27.58
N HIS A 3 -3.11 1.30 -27.57
CA HIS A 3 -2.38 1.04 -26.33
C HIS A 3 -2.02 2.36 -25.64
N MET A 4 -2.16 2.40 -24.31
CA MET A 4 -1.86 3.61 -23.53
C MET A 4 -1.10 3.28 -22.25
N ASP A 5 -0.28 4.22 -21.81
CA ASP A 5 0.52 4.03 -20.59
C ASP A 5 -0.33 4.30 -19.35
N ALA A 6 -0.69 3.23 -18.65
CA ALA A 6 -1.53 3.33 -17.45
C ALA A 6 -0.77 3.89 -16.26
N SER A 7 0.56 3.96 -16.38
CA SER A 7 1.41 4.46 -15.31
C SER A 7 1.57 5.97 -15.34
N LYS A 8 0.76 6.62 -16.17
CA LYS A 8 0.80 8.07 -16.32
C LYS A 8 0.37 8.78 -15.04
N ILE A 9 0.57 8.12 -13.91
CA ILE A 9 0.19 8.66 -12.61
C ILE A 9 1.34 9.45 -12.00
N ASP A 10 2.40 8.74 -11.65
CA ASP A 10 3.58 9.39 -11.08
C ASP A 10 3.22 10.14 -9.80
N GLN A 11 2.72 11.36 -9.94
CA GLN A 11 2.36 12.19 -8.80
C GLN A 11 1.23 13.15 -9.19
N PRO A 12 0.03 12.67 -9.38
CA PRO A 12 -1.12 13.52 -9.76
C PRO A 12 -1.11 14.83 -8.97
N ASP A 13 -1.58 15.89 -9.62
CA ASP A 13 -1.62 17.19 -8.99
C ASP A 13 -2.71 17.21 -7.94
N LEU A 14 -2.56 18.10 -6.94
CA LEU A 14 -3.53 18.20 -5.86
C LEU A 14 -4.90 18.54 -6.39
N ALA A 15 -4.94 19.21 -7.53
CA ALA A 15 -6.19 19.60 -8.15
C ALA A 15 -6.99 18.37 -8.56
N GLU A 16 -6.29 17.37 -9.07
CA GLU A 16 -6.92 16.13 -9.51
C GLU A 16 -7.37 15.31 -8.31
N VAL A 17 -6.55 15.34 -7.26
CA VAL A 17 -6.82 14.58 -6.04
C VAL A 17 -7.97 15.21 -5.27
N ALA A 18 -7.94 16.53 -5.16
CA ALA A 18 -8.98 17.26 -4.46
C ALA A 18 -10.33 17.13 -5.18
N ASN A 19 -10.27 17.17 -6.51
CA ASN A 19 -11.48 17.10 -7.34
C ASN A 19 -11.91 15.65 -7.57
N ALA A 20 -10.94 14.74 -7.50
CA ALA A 20 -11.22 13.33 -7.70
C ALA A 20 -12.26 12.84 -6.69
N SER A 21 -13.21 12.04 -7.17
CA SER A 21 -14.27 11.50 -6.31
C SER A 21 -13.85 10.12 -5.78
N LEU A 22 -14.47 9.70 -4.67
CA LEU A 22 -14.15 8.42 -4.04
C LEU A 22 -15.39 7.54 -3.93
N ASP A 23 -15.27 6.31 -4.42
CA ASP A 23 -16.38 5.35 -4.39
C ASP A 23 -16.24 4.43 -3.19
N LYS A 24 -16.98 4.74 -2.12
CA LYS A 24 -16.93 3.93 -0.91
C LYS A 24 -17.27 2.49 -1.22
N LYS A 25 -18.17 2.31 -2.16
CA LYS A 25 -18.59 0.98 -2.57
C LYS A 25 -17.39 0.10 -2.92
N GLN A 26 -16.23 0.75 -3.06
CA GLN A 26 -14.99 0.05 -3.42
C GLN A 26 -14.09 -0.16 -2.20
N VAL A 27 -14.65 0.09 -1.03
CA VAL A 27 -13.92 -0.07 0.24
C VAL A 27 -14.15 -1.47 0.79
N ILE A 28 -13.04 -2.18 1.05
CA ILE A 28 -13.10 -3.55 1.55
C ILE A 28 -12.44 -3.69 2.92
N GLY A 29 -11.84 -2.62 3.39
CA GLY A 29 -11.18 -2.63 4.68
C GLY A 29 -10.38 -1.35 4.87
N ARG A 30 -9.45 -1.38 5.82
CA ARG A 30 -8.64 -0.19 6.07
C ARG A 30 -7.31 -0.54 6.71
N ILE A 31 -6.39 0.42 6.70
CA ILE A 31 -5.07 0.23 7.29
C ILE A 31 -4.73 1.40 8.19
N SER A 32 -4.12 1.07 9.33
CA SER A 32 -3.76 2.10 10.30
C SER A 32 -2.31 1.92 10.73
N ILE A 33 -1.56 3.01 10.73
CA ILE A 33 -0.15 2.96 11.10
C ILE A 33 0.23 4.02 12.13
N PRO A 34 0.85 3.67 13.27
CA PRO A 34 1.23 4.67 14.32
C PRO A 34 2.55 5.37 14.01
N SER A 35 3.48 4.60 13.46
CA SER A 35 4.80 5.10 13.16
C SER A 35 4.76 6.43 12.44
N VAL A 36 3.80 6.58 11.53
CA VAL A 36 3.64 7.81 10.75
C VAL A 36 2.27 8.46 11.04
N SER A 37 1.44 7.82 11.87
CA SER A 37 0.13 8.39 12.18
C SER A 37 -0.66 8.48 10.88
N LEU A 38 -0.78 7.33 10.22
CA LEU A 38 -1.47 7.25 8.93
C LEU A 38 -2.66 6.28 8.99
N GLU A 39 -3.75 6.70 8.37
CA GLU A 39 -4.96 5.90 8.31
C GLU A 39 -5.52 6.02 6.93
N LEU A 40 -5.63 4.89 6.24
CA LEU A 40 -6.12 4.94 4.86
C LEU A 40 -7.02 3.76 4.46
N PRO A 41 -8.31 3.96 4.26
CA PRO A 41 -9.21 2.88 3.79
C PRO A 41 -8.51 2.06 2.71
N VAL A 42 -8.69 0.75 2.75
CA VAL A 42 -8.09 -0.14 1.77
C VAL A 42 -9.05 -0.31 0.61
N LEU A 43 -8.63 0.11 -0.58
CA LEU A 43 -9.47 0.00 -1.78
C LEU A 43 -9.01 -1.17 -2.63
N LYS A 44 -9.92 -2.11 -2.87
CA LYS A 44 -9.61 -3.29 -3.68
C LYS A 44 -9.28 -2.91 -5.12
N SER A 45 -10.13 -2.06 -5.69
CA SER A 45 -9.95 -1.61 -7.06
C SER A 45 -8.74 -0.68 -7.19
N SER A 46 -7.64 -1.22 -7.70
CA SER A 46 -6.42 -0.43 -7.87
C SER A 46 -6.51 0.39 -9.14
N THR A 47 -6.86 1.65 -8.96
CA THR A 47 -7.01 2.57 -10.08
C THR A 47 -6.39 3.92 -9.74
N GLU A 48 -6.06 4.66 -10.78
CA GLU A 48 -5.44 5.96 -10.59
C GLU A 48 -6.32 6.85 -9.74
N LYS A 49 -7.62 6.61 -9.81
CA LYS A 49 -8.58 7.39 -9.04
C LYS A 49 -8.71 6.91 -7.60
N ASN A 50 -8.77 5.60 -7.44
CA ASN A 50 -8.92 5.01 -6.12
C ASN A 50 -7.68 5.26 -5.26
N LEU A 51 -6.51 5.28 -5.90
CA LEU A 51 -5.26 5.49 -5.19
C LEU A 51 -5.21 6.86 -4.53
N LEU A 52 -6.02 7.78 -5.04
CA LEU A 52 -6.02 9.15 -4.53
C LEU A 52 -6.59 9.25 -3.12
N SER A 53 -7.46 8.31 -2.75
CA SER A 53 -8.09 8.34 -1.42
C SER A 53 -7.35 7.51 -0.38
N GLY A 54 -6.39 6.69 -0.81
CA GLY A 54 -5.67 5.85 0.14
C GLY A 54 -4.88 4.77 -0.57
N ALA A 55 -4.35 3.84 0.23
CA ALA A 55 -3.59 2.73 -0.29
C ALA A 55 -4.51 1.70 -0.93
N ALA A 56 -4.18 1.32 -2.17
CA ALA A 56 -4.99 0.34 -2.90
C ALA A 56 -4.27 -1.01 -2.95
N THR A 57 -5.06 -2.09 -2.98
CA THR A 57 -4.50 -3.43 -3.05
C THR A 57 -3.91 -3.66 -4.44
N VAL A 58 -2.80 -4.38 -4.52
CA VAL A 58 -2.13 -4.60 -5.81
C VAL A 58 -2.72 -5.75 -6.62
N LYS A 59 -2.99 -6.88 -5.96
CA LYS A 59 -3.54 -8.05 -6.66
C LYS A 59 -5.06 -8.01 -6.66
N GLU A 60 -5.66 -9.10 -7.13
CA GLU A 60 -7.12 -9.18 -7.25
C GLU A 60 -7.70 -10.32 -6.41
N ASN A 61 -6.82 -11.16 -5.87
CA ASN A 61 -7.24 -12.34 -5.10
C ASN A 61 -6.36 -12.54 -3.88
N GLN A 62 -5.98 -11.45 -3.24
CA GLN A 62 -5.15 -11.50 -2.05
C GLN A 62 -6.01 -11.56 -0.81
N VAL A 63 -5.44 -12.07 0.28
CA VAL A 63 -6.15 -12.20 1.55
C VAL A 63 -5.31 -11.70 2.70
N MET A 64 -5.91 -10.85 3.54
CA MET A 64 -5.20 -10.32 4.70
C MET A 64 -4.92 -11.45 5.71
N GLY A 65 -3.67 -11.56 6.13
CA GLY A 65 -3.27 -12.58 7.09
C GLY A 65 -2.85 -13.86 6.40
N LYS A 66 -2.86 -13.84 5.07
CA LYS A 66 -2.51 -15.03 4.30
C LYS A 66 -1.71 -14.66 3.05
N GLY A 67 -0.51 -15.20 2.95
CA GLY A 67 0.36 -14.90 1.81
C GLY A 67 0.93 -13.51 1.97
N ASN A 68 1.49 -12.98 0.89
CA ASN A 68 2.07 -11.64 0.90
C ASN A 68 1.01 -10.62 0.52
N TYR A 69 0.59 -9.83 1.50
CA TYR A 69 -0.41 -8.80 1.26
C TYR A 69 0.24 -7.53 0.74
N ALA A 70 0.14 -7.32 -0.57
CA ALA A 70 0.74 -6.16 -1.21
C ALA A 70 -0.22 -4.97 -1.26
N LEU A 71 0.27 -3.84 -0.78
CA LEU A 71 -0.49 -2.57 -0.78
C LEU A 71 0.31 -1.49 -1.48
N ALA A 72 -0.35 -0.77 -2.38
CA ALA A 72 0.30 0.29 -3.14
C ALA A 72 -0.24 1.66 -2.75
N GLY A 73 0.67 2.62 -2.68
CA GLY A 73 0.32 3.99 -2.31
C GLY A 73 1.09 5.01 -3.13
N HIS A 74 0.83 6.29 -2.85
CA HIS A 74 1.50 7.38 -3.55
C HIS A 74 2.87 7.63 -2.94
N ASN A 75 3.79 8.17 -3.75
CA ASN A 75 5.17 8.44 -3.30
C ASN A 75 5.52 9.91 -3.48
N MET A 76 4.50 10.76 -3.42
CA MET A 76 4.68 12.19 -3.57
C MET A 76 5.89 12.70 -2.79
N SER A 77 6.39 11.88 -1.87
CA SER A 77 7.57 12.29 -1.09
C SER A 77 7.27 13.57 -0.32
N LYS A 78 6.04 13.64 0.18
CA LYS A 78 5.58 14.81 0.93
C LYS A 78 4.86 14.36 2.19
N LYS A 79 5.36 14.79 3.33
CA LYS A 79 4.73 14.41 4.58
C LYS A 79 3.29 14.89 4.61
N GLY A 80 2.38 13.96 4.86
CA GLY A 80 0.95 14.25 4.88
C GLY A 80 0.21 13.55 3.74
N VAL A 81 0.92 13.24 2.66
CA VAL A 81 0.31 12.55 1.52
C VAL A 81 0.23 11.07 1.85
N LEU A 82 -0.37 10.29 0.96
CA LEU A 82 -0.52 8.86 1.20
C LEU A 82 0.82 8.16 0.99
N PHE A 83 1.16 7.24 1.88
CA PHE A 83 2.42 6.48 1.75
C PHE A 83 3.58 7.42 1.42
N SER A 84 3.50 8.64 1.91
CA SER A 84 4.54 9.63 1.67
C SER A 84 5.74 9.46 2.59
N ASP A 85 5.61 8.58 3.58
CA ASP A 85 6.69 8.38 4.58
C ASP A 85 6.82 6.91 5.02
N ILE A 86 6.60 6.00 4.10
CA ILE A 86 6.71 4.58 4.41
C ILE A 86 8.14 4.14 4.68
N ALA A 87 9.09 4.82 4.06
CA ALA A 87 10.49 4.49 4.23
C ALA A 87 10.99 4.90 5.62
N SER A 88 10.07 5.45 6.43
CA SER A 88 10.40 5.91 7.76
C SER A 88 10.14 4.80 8.75
N LEU A 89 9.40 3.79 8.32
CA LEU A 89 9.07 2.66 9.17
C LEU A 89 10.32 1.87 9.50
N LYS A 90 10.61 1.80 10.79
CA LYS A 90 11.77 1.06 11.27
C LYS A 90 11.38 -0.34 11.70
N LYS A 91 12.36 -1.23 11.70
CA LYS A 91 12.13 -2.62 12.08
C LYS A 91 11.52 -2.71 13.49
N GLY A 92 10.34 -3.32 13.57
CA GLY A 92 9.67 -3.49 14.87
C GLY A 92 8.54 -2.49 15.02
N ASP A 93 8.11 -1.94 13.91
CA ASP A 93 7.02 -0.97 13.91
C ASP A 93 5.70 -1.72 13.75
N LYS A 94 4.73 -1.40 14.60
CA LYS A 94 3.44 -2.09 14.54
C LYS A 94 2.55 -1.51 13.44
N ILE A 95 1.92 -2.41 12.68
CA ILE A 95 1.02 -2.04 11.60
C ILE A 95 -0.30 -2.80 11.76
N TYR A 96 -1.38 -2.04 11.86
CA TYR A 96 -2.71 -2.62 12.05
C TYR A 96 -3.47 -2.61 10.73
N LEU A 97 -3.85 -3.80 10.27
CA LEU A 97 -4.59 -3.94 9.00
C LEU A 97 -5.97 -4.51 9.26
N TYR A 98 -6.96 -4.03 8.49
CA TYR A 98 -8.34 -4.48 8.66
C TYR A 98 -8.87 -5.17 7.42
N ASP A 99 -9.46 -6.34 7.64
CA ASP A 99 -10.06 -7.14 6.59
C ASP A 99 -11.55 -7.13 6.80
N ASN A 100 -12.26 -8.04 6.13
CA ASN A 100 -13.72 -8.14 6.25
C ASN A 100 -14.22 -7.54 7.56
N GLU A 101 -14.00 -8.27 8.65
CA GLU A 101 -14.37 -7.82 9.98
C GLU A 101 -13.26 -8.18 10.95
N ASN A 102 -12.04 -8.27 10.43
CA ASN A 102 -10.89 -8.71 11.23
C ASN A 102 -9.74 -7.72 11.21
N GLU A 103 -9.08 -7.58 12.37
CA GLU A 103 -7.93 -6.68 12.51
C GLU A 103 -6.66 -7.51 12.64
N TYR A 104 -5.72 -7.29 11.73
CA TYR A 104 -4.46 -8.03 11.71
C TYR A 104 -3.31 -7.18 12.21
N GLU A 105 -2.54 -7.74 13.13
CA GLU A 105 -1.38 -7.04 13.68
C GLU A 105 -0.13 -7.43 12.91
N TYR A 106 0.46 -6.45 12.23
CA TYR A 106 1.66 -6.67 11.42
C TYR A 106 2.83 -5.86 11.98
N ALA A 107 4.00 -6.48 12.04
CA ALA A 107 5.20 -5.79 12.53
C ALA A 107 6.26 -5.70 11.44
N VAL A 108 6.84 -4.51 11.31
CA VAL A 108 7.86 -4.24 10.31
C VAL A 108 9.14 -4.95 10.68
N THR A 109 9.75 -5.59 9.67
CA THR A 109 10.99 -6.34 9.85
C THR A 109 12.18 -5.59 9.26
N GLY A 110 11.91 -4.72 8.29
CA GLY A 110 12.99 -3.96 7.65
C GLY A 110 12.57 -3.43 6.29
N VAL A 111 13.23 -2.36 5.89
CA VAL A 111 12.98 -1.71 4.60
C VAL A 111 14.10 -2.03 3.65
N SER A 112 13.78 -2.20 2.37
CA SER A 112 14.78 -2.56 1.35
C SER A 112 14.56 -1.78 0.07
N GLU A 113 15.66 -1.55 -0.66
CA GLU A 113 15.63 -0.80 -1.93
C GLU A 113 15.79 -1.78 -3.09
N VAL A 114 14.72 -1.98 -3.84
CA VAL A 114 14.74 -2.91 -4.97
C VAL A 114 14.19 -2.28 -6.24
N THR A 115 14.64 -2.77 -7.38
CA THR A 115 14.17 -2.27 -8.65
C THR A 115 12.67 -2.56 -8.78
N PRO A 116 11.98 -2.00 -9.75
CA PRO A 116 10.54 -2.24 -9.93
C PRO A 116 10.26 -3.55 -10.66
N ASP A 117 11.32 -4.11 -11.24
CA ASP A 117 11.19 -5.35 -12.00
C ASP A 117 11.29 -6.56 -11.09
N LYS A 118 11.88 -6.37 -9.92
CA LYS A 118 12.05 -7.43 -8.93
C LYS A 118 10.82 -7.52 -8.03
N TRP A 119 9.76 -8.11 -8.57
CA TRP A 119 8.50 -8.25 -7.84
C TRP A 119 8.57 -9.35 -6.78
N GLU A 120 9.61 -10.16 -6.86
CA GLU A 120 9.79 -11.25 -5.90
C GLU A 120 9.68 -10.75 -4.46
N VAL A 121 9.59 -9.43 -4.31
CA VAL A 121 9.51 -8.79 -3.01
C VAL A 121 8.07 -8.60 -2.53
N VAL A 122 7.13 -8.74 -3.46
CA VAL A 122 5.69 -8.56 -3.18
C VAL A 122 4.95 -9.84 -3.51
N GLU A 123 5.71 -10.81 -3.96
CA GLU A 123 5.17 -12.11 -4.35
C GLU A 123 4.99 -13.03 -3.16
N ASP A 124 3.92 -13.80 -3.23
CA ASP A 124 3.57 -14.75 -2.19
C ASP A 124 4.70 -15.75 -1.96
N HIS A 125 5.11 -15.89 -0.69
CA HIS A 125 6.20 -16.81 -0.32
C HIS A 125 5.66 -18.08 0.34
N GLY A 126 4.69 -17.93 1.24
CA GLY A 126 4.09 -19.08 1.93
C GLY A 126 3.85 -18.77 3.40
N LYS A 127 3.58 -17.50 3.67
CA LYS A 127 3.33 -17.06 5.03
C LYS A 127 2.46 -15.81 5.07
N ASP A 128 2.08 -15.40 6.27
CA ASP A 128 1.25 -14.20 6.46
C ASP A 128 2.16 -13.00 6.67
N GLU A 129 2.50 -12.36 5.56
CA GLU A 129 3.37 -11.19 5.56
C GLU A 129 2.66 -10.01 4.88
N ILE A 130 3.26 -8.83 5.00
CA ILE A 130 2.70 -7.60 4.41
C ILE A 130 3.78 -6.85 3.65
N THR A 131 3.41 -6.26 2.52
CA THR A 131 4.37 -5.53 1.68
C THR A 131 3.78 -4.22 1.18
N LEU A 132 4.47 -3.11 1.47
CA LEU A 132 4.02 -1.78 1.03
C LEU A 132 4.92 -1.23 -0.06
N ILE A 133 4.29 -0.86 -1.18
CA ILE A 133 4.99 -0.34 -2.34
C ILE A 133 4.25 0.88 -2.90
N THR A 134 4.68 1.34 -4.07
CA THR A 134 4.07 2.51 -4.69
C THR A 134 3.91 2.30 -6.19
N CYS A 135 2.84 2.82 -6.77
CA CYS A 135 2.63 2.67 -8.21
C CYS A 135 2.68 1.19 -8.59
N VAL A 136 1.53 0.63 -8.92
CA VAL A 136 1.45 -0.78 -9.30
C VAL A 136 2.30 -1.05 -10.55
N SER A 137 2.20 -0.16 -11.52
CA SER A 137 2.95 -0.29 -12.76
C SER A 137 4.41 0.11 -12.52
N VAL A 138 5.27 -0.25 -13.48
CA VAL A 138 6.68 0.08 -13.38
C VAL A 138 6.92 1.53 -13.80
N LYS A 139 7.65 2.27 -12.97
CA LYS A 139 7.94 3.68 -13.25
C LYS A 139 9.30 3.81 -13.95
N ASP A 140 9.50 4.95 -14.60
CA ASP A 140 10.74 5.20 -15.33
C ASP A 140 11.93 5.16 -14.37
N ASN A 141 11.73 5.68 -13.17
CA ASN A 141 12.76 5.70 -12.15
C ASN A 141 12.88 4.32 -11.51
N SER A 142 14.08 3.75 -11.55
CA SER A 142 14.33 2.42 -10.98
C SER A 142 14.99 2.52 -9.60
N LYS A 143 14.29 3.13 -8.66
CA LYS A 143 14.84 3.29 -7.31
C LYS A 143 13.75 3.65 -6.30
N ARG A 144 12.79 2.75 -6.15
CA ARG A 144 11.69 2.94 -5.21
C ARG A 144 12.01 2.30 -3.86
N TYR A 145 11.20 2.65 -2.85
CA TYR A 145 11.35 2.11 -1.49
C TYR A 145 10.27 1.09 -1.21
N VAL A 146 10.65 0.00 -0.53
CA VAL A 146 9.71 -1.08 -0.20
C VAL A 146 9.84 -1.49 1.27
N VAL A 147 8.69 -1.65 1.93
CA VAL A 147 8.65 -2.04 3.34
C VAL A 147 7.93 -3.38 3.51
N ALA A 148 8.56 -4.29 4.25
CA ALA A 148 7.99 -5.63 4.49
C ALA A 148 7.76 -5.84 5.97
N GLY A 149 6.61 -6.40 6.31
CA GLY A 149 6.25 -6.67 7.70
C GLY A 149 5.74 -8.08 7.91
N ASP A 150 5.98 -8.59 9.11
CA ASP A 150 5.57 -9.96 9.46
C ASP A 150 4.34 -9.94 10.39
N LEU A 151 3.45 -10.91 10.20
CA LEU A 151 2.25 -11.00 11.03
C LEU A 151 2.58 -11.41 12.44
N VAL A 152 2.09 -10.62 13.40
CA VAL A 152 2.35 -10.88 14.83
C VAL A 152 1.10 -11.37 15.54
N GLY A 153 -0.07 -11.06 15.00
CA GLY A 153 -1.31 -11.51 15.62
C GLY A 153 -2.53 -11.02 14.87
N THR A 154 -3.70 -11.44 15.34
CA THR A 154 -4.97 -11.06 14.72
C THR A 154 -6.10 -11.09 15.73
N LYS A 155 -7.09 -10.26 15.48
CA LYS A 155 -8.27 -10.18 16.34
C LYS A 155 -9.48 -9.76 15.51
N ALA A 156 -10.64 -9.66 16.16
CA ALA A 156 -11.86 -9.27 15.47
C ALA A 156 -12.07 -7.76 15.55
N LYS A 157 -12.61 -7.20 14.47
CA LYS A 157 -12.85 -5.77 14.40
C LYS A 157 -14.00 -5.37 15.29
N LYS A 158 -13.74 -5.27 16.58
CA LYS A 158 -14.77 -4.85 17.52
C LYS A 158 -16.03 -5.68 17.32
N GLY A 1 -7.41 12.73 -22.69
CA GLY A 1 -8.14 11.45 -22.45
C GLY A 1 -7.26 10.27 -22.87
N SER A 2 -6.72 10.35 -24.08
CA SER A 2 -5.86 9.30 -24.60
C SER A 2 -4.54 9.29 -23.83
N HIS A 3 -3.97 8.10 -23.64
CA HIS A 3 -2.72 7.97 -22.90
C HIS A 3 -1.95 6.73 -23.35
N MET A 4 -0.65 6.72 -23.06
CA MET A 4 0.20 5.60 -23.43
C MET A 4 -0.23 4.32 -22.72
N ASP A 5 -0.60 4.46 -21.45
CA ASP A 5 -1.02 3.32 -20.64
C ASP A 5 -2.19 3.71 -19.74
N ALA A 6 -2.86 2.70 -19.20
CA ALA A 6 -4.02 2.93 -18.34
C ALA A 6 -3.63 3.58 -17.01
N SER A 7 -2.47 3.17 -16.50
CA SER A 7 -1.97 3.70 -15.22
C SER A 7 -1.23 5.01 -15.44
N LYS A 8 0.06 4.92 -15.77
CA LYS A 8 0.85 6.12 -16.03
C LYS A 8 0.63 7.18 -14.95
N ILE A 9 0.32 6.73 -13.75
CA ILE A 9 0.05 7.65 -12.64
C ILE A 9 1.26 8.50 -12.33
N ASP A 10 2.40 7.84 -12.19
CA ASP A 10 3.65 8.54 -11.92
C ASP A 10 3.49 9.54 -10.77
N GLN A 11 3.20 10.79 -11.10
CA GLN A 11 3.05 11.83 -10.09
C GLN A 11 2.07 12.90 -10.58
N PRO A 12 0.79 12.72 -10.36
CA PRO A 12 -0.24 13.70 -10.78
C PRO A 12 -0.24 14.94 -9.89
N ASP A 13 -0.62 16.06 -10.47
CA ASP A 13 -0.68 17.32 -9.72
C ASP A 13 -1.90 17.33 -8.83
N LEU A 14 -1.99 18.34 -7.98
CA LEU A 14 -3.12 18.46 -7.05
C LEU A 14 -4.44 18.57 -7.80
N ALA A 15 -4.36 18.98 -9.05
CA ALA A 15 -5.55 19.14 -9.87
C ALA A 15 -6.22 17.79 -10.12
N GLU A 16 -5.41 16.78 -10.37
CA GLU A 16 -5.90 15.43 -10.63
C GLU A 16 -6.31 14.75 -9.32
N VAL A 17 -5.79 15.27 -8.21
CA VAL A 17 -6.08 14.70 -6.90
C VAL A 17 -7.41 15.22 -6.37
N ALA A 18 -7.57 16.53 -6.40
CA ALA A 18 -8.80 17.16 -5.93
C ALA A 18 -9.98 16.79 -6.82
N ASN A 19 -9.73 16.71 -8.12
CA ASN A 19 -10.77 16.38 -9.10
C ASN A 19 -11.20 14.92 -8.95
N ALA A 20 -10.26 14.08 -8.56
CA ALA A 20 -10.54 12.67 -8.37
C ALA A 20 -11.56 12.48 -7.26
N SER A 21 -12.41 11.46 -7.39
CA SER A 21 -13.46 11.20 -6.39
C SER A 21 -13.58 9.71 -6.11
N LEU A 22 -13.82 9.37 -4.84
CA LEU A 22 -13.94 7.97 -4.42
C LEU A 22 -15.08 7.78 -3.43
N ASP A 23 -16.02 6.93 -3.79
CA ASP A 23 -17.14 6.60 -2.93
C ASP A 23 -16.65 5.79 -1.75
N LYS A 24 -16.71 6.37 -0.57
CA LYS A 24 -16.25 5.71 0.65
C LYS A 24 -16.92 4.35 0.80
N LYS A 25 -17.90 4.11 -0.06
CA LYS A 25 -18.65 2.87 -0.04
C LYS A 25 -17.90 1.77 -0.81
N GLN A 26 -16.78 2.16 -1.42
CA GLN A 26 -15.96 1.23 -2.22
C GLN A 26 -14.82 0.64 -1.40
N VAL A 27 -14.87 0.87 -0.09
CA VAL A 27 -13.84 0.36 0.83
C VAL A 27 -14.29 -0.97 1.41
N ILE A 28 -13.31 -1.85 1.67
CA ILE A 28 -13.62 -3.17 2.20
C ILE A 28 -12.70 -3.53 3.37
N GLY A 29 -11.88 -2.59 3.78
CA GLY A 29 -10.94 -2.82 4.87
C GLY A 29 -10.29 -1.52 5.29
N ARG A 30 -9.34 -1.59 6.20
CA ARG A 30 -8.67 -0.38 6.68
C ARG A 30 -7.24 -0.68 7.14
N ILE A 31 -6.40 0.35 7.06
CA ILE A 31 -5.01 0.24 7.49
C ILE A 31 -4.68 1.38 8.44
N SER A 32 -4.08 1.01 9.57
CA SER A 32 -3.73 1.99 10.60
C SER A 32 -2.27 1.82 10.98
N ILE A 33 -1.52 2.93 10.97
CA ILE A 33 -0.10 2.90 11.30
C ILE A 33 0.28 4.05 12.26
N PRO A 34 0.73 3.76 13.48
CA PRO A 34 1.11 4.82 14.48
C PRO A 34 2.48 5.42 14.21
N SER A 35 3.37 4.59 13.69
CA SER A 35 4.74 5.00 13.43
C SER A 35 4.81 6.29 12.66
N VAL A 36 3.93 6.46 11.67
CA VAL A 36 3.93 7.64 10.83
C VAL A 36 2.65 8.46 11.05
N SER A 37 1.72 7.91 11.83
CA SER A 37 0.46 8.63 12.09
C SER A 37 -0.40 8.59 10.84
N LEU A 38 -0.52 7.41 10.26
CA LEU A 38 -1.29 7.22 9.03
C LEU A 38 -2.46 6.30 9.24
N GLU A 39 -3.62 6.76 8.80
CA GLU A 39 -4.87 6.00 8.92
C GLU A 39 -5.62 6.16 7.61
N LEU A 40 -5.87 5.04 6.92
CA LEU A 40 -6.54 5.12 5.62
C LEU A 40 -7.45 3.92 5.34
N PRO A 41 -8.30 4.02 4.34
CA PRO A 41 -9.20 2.91 3.92
C PRO A 41 -8.45 2.02 2.94
N VAL A 42 -8.85 0.76 2.87
CA VAL A 42 -8.21 -0.17 1.95
C VAL A 42 -9.16 -0.41 0.78
N LEU A 43 -8.68 -0.10 -0.41
CA LEU A 43 -9.49 -0.27 -1.63
C LEU A 43 -8.98 -1.46 -2.42
N LYS A 44 -9.90 -2.33 -2.84
CA LYS A 44 -9.53 -3.51 -3.61
C LYS A 44 -9.29 -3.16 -5.08
N SER A 45 -10.00 -2.14 -5.55
CA SER A 45 -9.89 -1.70 -6.94
C SER A 45 -8.64 -0.85 -7.15
N SER A 46 -7.60 -1.47 -7.73
CA SER A 46 -6.35 -0.76 -7.99
C SER A 46 -6.47 0.07 -9.25
N THR A 47 -6.75 1.36 -9.05
CA THR A 47 -6.91 2.29 -10.16
C THR A 47 -6.28 3.63 -9.80
N GLU A 48 -5.96 4.40 -10.83
CA GLU A 48 -5.37 5.70 -10.62
C GLU A 48 -6.29 6.57 -9.79
N LYS A 49 -7.58 6.44 -10.02
CA LYS A 49 -8.57 7.20 -9.29
C LYS A 49 -8.68 6.77 -7.84
N ASN A 50 -8.74 5.47 -7.64
CA ASN A 50 -8.86 4.90 -6.30
C ASN A 50 -7.63 5.19 -5.46
N LEU A 51 -6.46 5.11 -6.09
CA LEU A 51 -5.20 5.34 -5.40
C LEU A 51 -5.16 6.74 -4.78
N LEU A 52 -5.89 7.66 -5.38
CA LEU A 52 -5.88 9.05 -4.90
C LEU A 52 -6.65 9.24 -3.59
N SER A 53 -7.45 8.25 -3.21
CA SER A 53 -8.25 8.36 -1.99
C SER A 53 -7.71 7.51 -0.83
N GLY A 54 -6.78 6.61 -1.11
CA GLY A 54 -6.25 5.76 -0.05
C GLY A 54 -5.30 4.72 -0.60
N ALA A 55 -4.92 3.78 0.26
CA ALA A 55 -4.02 2.70 -0.13
C ALA A 55 -4.81 1.63 -0.87
N ALA A 56 -4.38 1.33 -2.10
CA ALA A 56 -5.06 0.31 -2.92
C ALA A 56 -4.26 -0.97 -2.98
N THR A 57 -4.95 -2.10 -2.96
CA THR A 57 -4.30 -3.41 -3.03
C THR A 57 -3.81 -3.63 -4.46
N VAL A 58 -2.75 -4.41 -4.63
CA VAL A 58 -2.16 -4.65 -5.95
C VAL A 58 -2.83 -5.79 -6.72
N LYS A 59 -3.12 -6.90 -6.03
CA LYS A 59 -3.73 -8.05 -6.68
C LYS A 59 -5.26 -7.96 -6.64
N GLU A 60 -5.93 -9.03 -7.05
CA GLU A 60 -7.39 -9.06 -7.11
C GLU A 60 -7.96 -10.22 -6.29
N ASN A 61 -7.08 -11.10 -5.83
CA ASN A 61 -7.53 -12.28 -5.06
C ASN A 61 -6.60 -12.56 -3.89
N GLN A 62 -6.15 -11.49 -3.24
CA GLN A 62 -5.27 -11.60 -2.09
C GLN A 62 -6.08 -11.62 -0.81
N VAL A 63 -5.48 -12.13 0.27
CA VAL A 63 -6.14 -12.21 1.57
C VAL A 63 -5.25 -11.70 2.69
N MET A 64 -5.80 -10.87 3.56
CA MET A 64 -5.04 -10.33 4.68
C MET A 64 -4.70 -11.44 5.67
N GLY A 65 -3.42 -11.56 6.00
CA GLY A 65 -2.97 -12.57 6.95
C GLY A 65 -2.62 -13.86 6.23
N LYS A 66 -2.64 -13.82 4.91
CA LYS A 66 -2.32 -15.01 4.11
C LYS A 66 -1.57 -14.63 2.85
N GLY A 67 -0.40 -15.23 2.67
CA GLY A 67 0.41 -14.92 1.50
C GLY A 67 1.00 -13.53 1.62
N ASN A 68 1.50 -12.99 0.50
CA ASN A 68 2.08 -11.65 0.50
C ASN A 68 1.02 -10.62 0.21
N TYR A 69 0.64 -9.86 1.23
CA TYR A 69 -0.37 -8.81 1.09
C TYR A 69 0.29 -7.53 0.59
N ALA A 70 0.17 -7.28 -0.72
CA ALA A 70 0.76 -6.11 -1.33
C ALA A 70 -0.19 -4.92 -1.33
N LEU A 71 0.31 -3.80 -0.81
CA LEU A 71 -0.44 -2.54 -0.77
C LEU A 71 0.34 -1.46 -1.48
N ALA A 72 -0.35 -0.75 -2.38
CA ALA A 72 0.29 0.32 -3.16
C ALA A 72 -0.26 1.68 -2.77
N GLY A 73 0.65 2.64 -2.69
CA GLY A 73 0.29 4.01 -2.32
C GLY A 73 1.10 5.03 -3.10
N HIS A 74 0.85 6.30 -2.79
CA HIS A 74 1.54 7.42 -3.45
C HIS A 74 2.85 7.76 -2.72
N ASN A 75 3.89 8.04 -3.49
CA ASN A 75 5.20 8.40 -2.91
C ASN A 75 5.48 9.87 -3.13
N MET A 76 4.42 10.65 -3.22
CA MET A 76 4.54 12.08 -3.44
C MET A 76 5.61 12.72 -2.57
N SER A 77 6.07 11.99 -1.56
CA SER A 77 7.11 12.51 -0.69
C SER A 77 6.61 13.76 0.02
N LYS A 78 5.37 13.70 0.47
CA LYS A 78 4.73 14.81 1.16
C LYS A 78 4.05 14.31 2.42
N LYS A 79 4.62 14.64 3.56
CA LYS A 79 4.04 14.20 4.81
C LYS A 79 2.56 14.55 4.86
N GLY A 80 1.75 13.54 5.11
CA GLY A 80 0.30 13.71 5.15
C GLY A 80 -0.38 13.00 3.97
N VAL A 81 0.32 12.90 2.84
CA VAL A 81 -0.24 12.23 1.67
C VAL A 81 -0.20 10.73 1.92
N LEU A 82 -0.72 9.95 0.98
CA LEU A 82 -0.76 8.52 1.13
C LEU A 82 0.64 7.94 0.98
N PHE A 83 1.00 6.99 1.84
CA PHE A 83 2.30 6.33 1.77
C PHE A 83 3.41 7.36 1.54
N SER A 84 3.22 8.54 2.08
CA SER A 84 4.19 9.61 1.91
C SER A 84 5.35 9.50 2.91
N ASP A 85 5.21 8.66 3.92
CA ASP A 85 6.25 8.53 4.96
C ASP A 85 6.40 7.08 5.46
N ILE A 86 6.03 6.13 4.62
CA ILE A 86 6.14 4.71 4.98
C ILE A 86 7.60 4.27 5.06
N ALA A 87 8.47 4.97 4.37
CA ALA A 87 9.88 4.61 4.39
C ALA A 87 10.51 4.97 5.73
N SER A 88 9.69 5.42 6.67
CA SER A 88 10.17 5.82 7.99
C SER A 88 9.96 4.68 8.95
N LEU A 89 9.15 3.72 8.54
CA LEU A 89 8.87 2.56 9.36
C LEU A 89 10.14 1.77 9.63
N LYS A 90 10.34 1.43 10.89
CA LYS A 90 11.52 0.68 11.30
C LYS A 90 11.15 -0.76 11.65
N LYS A 91 12.16 -1.57 11.94
CA LYS A 91 11.95 -2.96 12.29
C LYS A 91 11.26 -3.10 13.65
N GLY A 92 10.27 -3.99 13.69
CA GLY A 92 9.51 -4.24 14.90
C GLY A 92 8.44 -3.18 15.09
N ASP A 93 8.15 -2.47 14.01
CA ASP A 93 7.12 -1.42 14.04
C ASP A 93 5.75 -2.06 13.96
N LYS A 94 4.80 -1.60 14.79
CA LYS A 94 3.47 -2.20 14.81
C LYS A 94 2.58 -1.65 13.70
N ILE A 95 1.99 -2.55 12.90
CA ILE A 95 1.09 -2.16 11.81
C ILE A 95 -0.26 -2.84 12.02
N TYR A 96 -1.32 -2.03 12.07
CA TYR A 96 -2.67 -2.54 12.26
C TYR A 96 -3.43 -2.53 10.95
N LEU A 97 -3.78 -3.72 10.49
CA LEU A 97 -4.51 -3.87 9.22
C LEU A 97 -5.90 -4.44 9.49
N TYR A 98 -6.87 -4.06 8.66
CA TYR A 98 -8.25 -4.52 8.83
C TYR A 98 -8.76 -5.22 7.58
N ASP A 99 -9.39 -6.37 7.80
CA ASP A 99 -9.99 -7.16 6.74
C ASP A 99 -11.50 -7.12 6.94
N ASN A 100 -12.22 -8.01 6.26
CA ASN A 100 -13.69 -8.07 6.36
C ASN A 100 -14.18 -7.48 7.69
N GLU A 101 -14.01 -8.25 8.75
CA GLU A 101 -14.40 -7.82 10.10
C GLU A 101 -13.30 -8.20 11.08
N ASN A 102 -12.07 -8.29 10.56
CA ASN A 102 -10.93 -8.73 11.37
C ASN A 102 -9.79 -7.73 11.39
N GLU A 103 -9.11 -7.66 12.54
CA GLU A 103 -7.97 -6.76 12.72
C GLU A 103 -6.69 -7.59 12.76
N TYR A 104 -5.80 -7.32 11.82
CA TYR A 104 -4.53 -8.05 11.73
C TYR A 104 -3.36 -7.22 12.23
N GLU A 105 -2.58 -7.81 13.12
CA GLU A 105 -1.40 -7.14 13.66
C GLU A 105 -0.18 -7.57 12.86
N TYR A 106 0.46 -6.61 12.21
CA TYR A 106 1.65 -6.90 11.40
C TYR A 106 2.85 -6.15 11.97
N ALA A 107 4.01 -6.82 11.98
CA ALA A 107 5.24 -6.20 12.49
C ALA A 107 6.29 -6.06 11.38
N VAL A 108 6.85 -4.86 11.29
CA VAL A 108 7.87 -4.56 10.29
C VAL A 108 9.15 -5.30 10.60
N THR A 109 9.73 -5.89 9.56
CA THR A 109 10.97 -6.67 9.70
C THR A 109 12.16 -5.90 9.13
N GLY A 110 11.89 -5.01 8.20
CA GLY A 110 12.97 -4.23 7.59
C GLY A 110 12.48 -3.46 6.38
N VAL A 111 13.26 -2.46 6.00
CA VAL A 111 12.95 -1.60 4.85
C VAL A 111 14.15 -1.52 3.92
N SER A 112 13.90 -1.24 2.65
CA SER A 112 14.98 -1.17 1.67
C SER A 112 14.55 -0.46 0.39
N GLU A 113 15.51 -0.26 -0.51
CA GLU A 113 15.24 0.43 -1.79
C GLU A 113 15.62 -0.50 -2.94
N VAL A 114 14.63 -0.86 -3.74
CA VAL A 114 14.86 -1.77 -4.87
C VAL A 114 14.21 -1.25 -6.14
N THR A 115 14.70 -1.74 -7.28
CA THR A 115 14.14 -1.32 -8.55
C THR A 115 12.68 -1.77 -8.64
N PRO A 116 11.90 -1.28 -9.59
CA PRO A 116 10.47 -1.65 -9.71
C PRO A 116 10.28 -2.99 -10.43
N ASP A 117 11.35 -3.49 -11.01
CA ASP A 117 11.30 -4.74 -11.75
C ASP A 117 11.35 -5.95 -10.81
N LYS A 118 11.68 -5.69 -9.55
CA LYS A 118 11.76 -6.73 -8.52
C LYS A 118 10.38 -6.96 -7.92
N TRP A 119 9.50 -7.59 -8.68
CA TRP A 119 8.15 -7.86 -8.22
C TRP A 119 8.13 -8.95 -7.17
N GLU A 120 9.11 -9.84 -7.23
CA GLU A 120 9.21 -10.94 -6.28
C GLU A 120 9.10 -10.44 -4.84
N VAL A 121 9.15 -9.12 -4.70
CA VAL A 121 9.09 -8.45 -3.40
C VAL A 121 7.67 -8.39 -2.83
N VAL A 122 6.67 -8.52 -3.71
CA VAL A 122 5.27 -8.44 -3.31
C VAL A 122 4.58 -9.77 -3.57
N GLU A 123 5.35 -10.66 -4.16
CA GLU A 123 4.84 -11.97 -4.53
C GLU A 123 4.79 -12.93 -3.36
N ASP A 124 3.86 -13.86 -3.45
CA ASP A 124 3.65 -14.87 -2.43
C ASP A 124 4.87 -15.78 -2.31
N HIS A 125 5.40 -15.92 -1.10
CA HIS A 125 6.58 -16.76 -0.86
C HIS A 125 6.20 -18.06 -0.12
N GLY A 126 5.36 -17.93 0.89
CA GLY A 126 4.92 -19.10 1.67
C GLY A 126 4.60 -18.72 3.11
N LYS A 127 4.30 -17.45 3.32
CA LYS A 127 3.97 -16.96 4.65
C LYS A 127 3.08 -15.73 4.58
N ASP A 128 2.61 -15.29 5.74
CA ASP A 128 1.75 -14.11 5.82
C ASP A 128 2.58 -12.87 6.14
N GLU A 129 3.07 -12.25 5.09
CA GLU A 129 3.91 -11.05 5.21
C GLU A 129 3.30 -9.89 4.41
N ILE A 130 3.11 -8.74 5.05
CA ILE A 130 2.56 -7.57 4.37
C ILE A 130 3.66 -6.86 3.60
N THR A 131 3.33 -6.26 2.46
CA THR A 131 4.32 -5.56 1.65
C THR A 131 3.78 -4.22 1.14
N LEU A 132 4.48 -3.13 1.49
CA LEU A 132 4.06 -1.79 1.08
C LEU A 132 4.99 -1.24 -0.01
N ILE A 133 4.38 -0.83 -1.11
CA ILE A 133 5.10 -0.29 -2.26
C ILE A 133 4.38 0.94 -2.82
N THR A 134 4.97 1.52 -3.86
CA THR A 134 4.41 2.72 -4.48
C THR A 134 4.53 2.65 -6.00
N CYS A 135 3.74 3.46 -6.70
CA CYS A 135 3.81 3.45 -8.16
C CYS A 135 3.53 2.04 -8.67
N VAL A 136 3.74 1.82 -9.97
CA VAL A 136 3.48 0.51 -10.58
C VAL A 136 4.61 0.11 -11.53
N SER A 137 4.29 -0.06 -12.81
CA SER A 137 5.28 -0.45 -13.81
C SER A 137 6.06 0.77 -14.31
N VAL A 138 5.59 1.95 -13.93
CA VAL A 138 6.22 3.19 -14.33
C VAL A 138 7.59 3.33 -13.66
N LYS A 139 8.59 3.68 -14.45
CA LYS A 139 9.95 3.81 -13.94
C LYS A 139 10.02 4.90 -12.88
N ASP A 140 9.41 6.04 -13.15
CA ASP A 140 9.40 7.13 -12.19
C ASP A 140 10.81 7.38 -11.65
N ASN A 141 11.07 6.88 -10.45
CA ASN A 141 12.38 7.03 -9.82
C ASN A 141 13.23 5.80 -10.08
N SER A 142 14.53 5.93 -9.90
CA SER A 142 15.44 4.80 -10.14
C SER A 142 15.08 3.62 -9.26
N LYS A 143 14.82 3.90 -7.98
CA LYS A 143 14.46 2.86 -7.03
C LYS A 143 13.36 3.35 -6.10
N ARG A 144 12.49 2.44 -5.68
CA ARG A 144 11.37 2.78 -4.80
C ARG A 144 11.57 2.18 -3.41
N TYR A 145 11.03 2.87 -2.41
CA TYR A 145 11.12 2.41 -1.03
C TYR A 145 10.05 1.35 -0.78
N VAL A 146 10.46 0.23 -0.16
CA VAL A 146 9.54 -0.87 0.13
C VAL A 146 9.70 -1.35 1.57
N VAL A 147 8.56 -1.53 2.24
CA VAL A 147 8.54 -1.99 3.64
C VAL A 147 7.85 -3.35 3.75
N ALA A 148 8.52 -4.29 4.40
CA ALA A 148 7.97 -5.64 4.57
C ALA A 148 7.67 -5.91 6.05
N GLY A 149 6.52 -6.50 6.32
CA GLY A 149 6.11 -6.81 7.68
C GLY A 149 5.58 -8.22 7.81
N ASP A 150 5.93 -8.83 8.93
CA ASP A 150 5.54 -10.21 9.22
C ASP A 150 4.33 -10.26 10.16
N LEU A 151 3.43 -11.21 9.90
CA LEU A 151 2.24 -11.37 10.73
C LEU A 151 2.60 -11.85 12.12
N VAL A 152 2.14 -11.11 13.13
CA VAL A 152 2.43 -11.44 14.52
C VAL A 152 1.17 -11.95 15.23
N GLY A 153 0.00 -11.60 14.72
CA GLY A 153 -1.24 -12.06 15.34
C GLY A 153 -2.46 -11.36 14.75
N THR A 154 -3.63 -12.00 14.90
CA THR A 154 -4.88 -11.46 14.38
C THR A 154 -5.96 -11.57 15.43
N LYS A 155 -6.97 -10.72 15.29
CA LYS A 155 -8.09 -10.71 16.21
C LYS A 155 -9.34 -10.24 15.47
N ALA A 156 -10.47 -10.19 16.16
CA ALA A 156 -11.72 -9.75 15.54
C ALA A 156 -11.93 -8.26 15.76
N LYS A 157 -12.56 -7.62 14.78
CA LYS A 157 -12.80 -6.19 14.83
C LYS A 157 -13.94 -5.88 15.77
N LYS A 158 -13.66 -5.86 17.06
CA LYS A 158 -14.68 -5.54 18.05
C LYS A 158 -15.86 -6.50 17.91
N GLY A 1 -11.04 1.30 -23.76
CA GLY A 1 -11.00 -0.11 -24.24
C GLY A 1 -9.58 -0.46 -24.66
N SER A 2 -8.81 0.57 -25.04
CA SER A 2 -7.43 0.36 -25.46
C SER A 2 -6.56 -0.07 -24.28
N HIS A 3 -5.59 -0.93 -24.55
CA HIS A 3 -4.69 -1.42 -23.50
C HIS A 3 -3.56 -0.43 -23.28
N MET A 4 -3.29 -0.10 -22.01
CA MET A 4 -2.24 0.86 -21.68
C MET A 4 -1.65 0.58 -20.29
N ASP A 5 -0.56 1.30 -19.97
CA ASP A 5 0.10 1.13 -18.68
C ASP A 5 -0.52 2.07 -17.64
N ALA A 6 -1.22 1.47 -16.70
CA ALA A 6 -1.90 2.21 -15.62
C ALA A 6 -0.91 2.73 -14.59
N SER A 7 0.36 2.39 -14.75
CA SER A 7 1.39 2.81 -13.80
C SER A 7 1.90 4.21 -14.10
N LYS A 8 1.33 4.84 -15.13
CA LYS A 8 1.73 6.19 -15.51
C LYS A 8 1.36 7.22 -14.45
N ILE A 9 1.02 6.73 -13.26
CA ILE A 9 0.63 7.62 -12.17
C ILE A 9 1.77 8.54 -11.79
N ASP A 10 2.94 7.96 -11.60
CA ASP A 10 4.13 8.74 -11.25
C ASP A 10 3.83 9.71 -10.09
N GLN A 11 3.46 10.94 -10.44
CA GLN A 11 3.17 11.95 -9.42
C GLN A 11 2.13 12.96 -9.94
N PRO A 12 0.87 12.66 -9.80
CA PRO A 12 -0.22 13.56 -10.27
C PRO A 12 -0.39 14.77 -9.35
N ASP A 13 -0.93 15.85 -9.89
CA ASP A 13 -1.14 17.06 -9.12
C ASP A 13 -2.23 16.84 -8.09
N LEU A 14 -2.31 17.72 -7.11
CA LEU A 14 -3.29 17.59 -6.05
C LEU A 14 -4.68 18.00 -6.52
N ALA A 15 -4.73 18.66 -7.66
CA ALA A 15 -6.00 19.13 -8.22
C ALA A 15 -6.91 17.95 -8.57
N GLU A 16 -6.36 16.96 -9.27
CA GLU A 16 -7.13 15.79 -9.67
C GLU A 16 -7.36 14.87 -8.49
N VAL A 17 -6.56 15.05 -7.44
CA VAL A 17 -6.66 14.23 -6.24
C VAL A 17 -7.82 14.68 -5.38
N ALA A 18 -7.84 15.97 -5.06
CA ALA A 18 -8.91 16.52 -4.26
C ALA A 18 -10.24 16.46 -5.03
N ASN A 19 -10.16 16.74 -6.32
CA ASN A 19 -11.34 16.73 -7.18
C ASN A 19 -11.83 15.30 -7.44
N ALA A 20 -10.91 14.35 -7.41
CA ALA A 20 -11.27 12.95 -7.65
C ALA A 20 -12.26 12.45 -6.60
N SER A 21 -13.28 11.72 -7.06
CA SER A 21 -14.28 11.17 -6.16
C SER A 21 -13.87 9.80 -5.66
N LEU A 22 -14.44 9.36 -4.54
CA LEU A 22 -14.10 8.06 -3.94
C LEU A 22 -15.35 7.19 -3.79
N ASP A 23 -15.25 5.95 -4.28
CA ASP A 23 -16.36 5.00 -4.20
C ASP A 23 -16.19 4.07 -3.00
N LYS A 24 -16.75 4.46 -1.85
CA LYS A 24 -16.65 3.66 -0.65
C LYS A 24 -17.07 2.22 -0.95
N LYS A 25 -17.70 2.04 -2.10
CA LYS A 25 -18.16 0.73 -2.52
C LYS A 25 -16.98 -0.18 -2.89
N GLN A 26 -15.79 0.41 -2.95
CA GLN A 26 -14.58 -0.33 -3.31
C GLN A 26 -13.70 -0.56 -2.09
N VAL A 27 -14.26 -0.32 -0.91
CA VAL A 27 -13.54 -0.50 0.34
C VAL A 27 -13.69 -1.96 0.82
N ILE A 28 -12.55 -2.63 1.02
CA ILE A 28 -12.57 -4.04 1.44
C ILE A 28 -11.85 -4.25 2.77
N GLY A 29 -11.22 -3.20 3.25
CA GLY A 29 -10.50 -3.27 4.51
C GLY A 29 -9.85 -1.94 4.83
N ARG A 30 -8.97 -1.90 5.83
CA ARG A 30 -8.32 -0.64 6.19
C ARG A 30 -6.90 -0.88 6.69
N ILE A 31 -6.05 0.14 6.57
CA ILE A 31 -4.67 0.06 7.02
C ILE A 31 -4.39 1.20 7.98
N SER A 32 -3.85 0.84 9.14
CA SER A 32 -3.53 1.83 10.17
C SER A 32 -2.09 1.69 10.59
N ILE A 33 -1.39 2.81 10.62
CA ILE A 33 0.03 2.82 10.97
C ILE A 33 0.34 3.88 12.05
N PRO A 34 0.90 3.50 13.20
CA PRO A 34 1.21 4.49 14.29
C PRO A 34 2.52 5.23 14.06
N SER A 35 3.51 4.51 13.52
CA SER A 35 4.82 5.06 13.30
C SER A 35 4.75 6.40 12.58
N VAL A 36 3.82 6.53 11.64
CA VAL A 36 3.65 7.76 10.87
C VAL A 36 2.27 8.37 11.12
N SER A 37 1.43 7.69 11.89
CA SER A 37 0.08 8.20 12.13
C SER A 37 -0.69 8.20 10.81
N LEU A 38 -0.67 7.04 10.16
CA LEU A 38 -1.33 6.87 8.87
C LEU A 38 -2.58 5.98 9.00
N GLU A 39 -3.67 6.49 8.47
CA GLU A 39 -4.95 5.78 8.49
C GLU A 39 -5.55 5.93 7.11
N LEU A 40 -5.67 4.83 6.36
CA LEU A 40 -6.20 4.92 5.01
C LEU A 40 -7.01 3.68 4.59
N PRO A 41 -8.33 3.78 4.40
CA PRO A 41 -9.13 2.63 3.90
C PRO A 41 -8.40 1.90 2.77
N VAL A 42 -8.51 0.58 2.74
CA VAL A 42 -7.86 -0.21 1.69
C VAL A 42 -8.85 -0.42 0.55
N LEU A 43 -8.48 0.06 -0.64
CA LEU A 43 -9.33 -0.07 -1.82
C LEU A 43 -8.81 -1.19 -2.72
N LYS A 44 -9.66 -2.17 -2.96
CA LYS A 44 -9.29 -3.29 -3.80
C LYS A 44 -9.03 -2.83 -5.23
N SER A 45 -9.95 -2.03 -5.75
CA SER A 45 -9.84 -1.52 -7.11
C SER A 45 -8.57 -0.69 -7.29
N SER A 46 -7.52 -1.32 -7.82
CA SER A 46 -6.26 -0.61 -8.02
C SER A 46 -6.33 0.22 -9.29
N THR A 47 -6.61 1.50 -9.11
CA THR A 47 -6.71 2.41 -10.24
C THR A 47 -6.07 3.75 -9.90
N GLU A 48 -5.70 4.48 -10.93
CA GLU A 48 -5.08 5.78 -10.74
C GLU A 48 -6.02 6.72 -10.00
N LYS A 49 -7.31 6.44 -10.11
CA LYS A 49 -8.32 7.26 -9.46
C LYS A 49 -8.52 6.85 -7.99
N ASN A 50 -8.60 5.54 -7.77
CA ASN A 50 -8.81 5.01 -6.42
C ASN A 50 -7.60 5.27 -5.54
N LEU A 51 -6.40 5.22 -6.12
CA LEU A 51 -5.18 5.44 -5.36
C LEU A 51 -5.12 6.85 -4.78
N LEU A 52 -5.93 7.74 -5.31
CA LEU A 52 -5.92 9.14 -4.86
C LEU A 52 -6.52 9.31 -3.47
N SER A 53 -7.43 8.42 -3.08
CA SER A 53 -8.10 8.54 -1.77
C SER A 53 -7.49 7.64 -0.70
N GLY A 54 -6.55 6.77 -1.07
CA GLY A 54 -5.96 5.88 -0.08
C GLY A 54 -5.03 4.85 -0.71
N ALA A 55 -4.61 3.88 0.10
CA ALA A 55 -3.72 2.83 -0.37
C ALA A 55 -4.54 1.70 -1.01
N ALA A 56 -4.21 1.39 -2.28
CA ALA A 56 -4.94 0.33 -2.99
C ALA A 56 -4.10 -0.94 -3.08
N THR A 57 -4.77 -2.09 -3.12
CA THR A 57 -4.08 -3.37 -3.22
C THR A 57 -3.58 -3.54 -4.66
N VAL A 58 -2.50 -4.28 -4.84
CA VAL A 58 -1.93 -4.46 -6.18
C VAL A 58 -2.55 -5.65 -6.93
N LYS A 59 -2.89 -6.72 -6.21
CA LYS A 59 -3.46 -7.91 -6.86
C LYS A 59 -4.98 -7.81 -6.94
N GLU A 60 -5.52 -8.33 -8.05
CA GLU A 60 -6.96 -8.31 -8.30
C GLU A 60 -7.72 -9.25 -7.37
N ASN A 61 -6.99 -10.18 -6.75
CA ASN A 61 -7.62 -11.16 -5.86
C ASN A 61 -6.78 -11.42 -4.63
N GLN A 62 -6.40 -10.35 -3.94
CA GLN A 62 -5.59 -10.47 -2.74
C GLN A 62 -6.49 -10.65 -1.52
N VAL A 63 -5.92 -11.21 -0.45
CA VAL A 63 -6.67 -11.43 0.79
C VAL A 63 -5.89 -10.86 1.97
N MET A 64 -6.57 -10.14 2.84
CA MET A 64 -5.94 -9.54 4.00
C MET A 64 -5.72 -10.59 5.09
N GLY A 65 -4.46 -10.75 5.52
CA GLY A 65 -4.14 -11.72 6.57
C GLY A 65 -3.75 -13.04 5.96
N LYS A 66 -3.67 -13.09 4.63
CA LYS A 66 -3.30 -14.33 3.95
C LYS A 66 -2.38 -14.08 2.77
N GLY A 67 -1.19 -14.67 2.81
CA GLY A 67 -0.23 -14.48 1.74
C GLY A 67 0.42 -13.10 1.85
N ASN A 68 1.21 -12.75 0.85
CA ASN A 68 1.87 -11.45 0.86
C ASN A 68 0.88 -10.39 0.44
N TYR A 69 0.43 -9.57 1.38
CA TYR A 69 -0.53 -8.51 1.10
C TYR A 69 0.19 -7.26 0.60
N ALA A 70 0.14 -7.03 -0.70
CA ALA A 70 0.80 -5.89 -1.30
C ALA A 70 -0.12 -4.67 -1.34
N LEU A 71 0.34 -3.59 -0.72
CA LEU A 71 -0.41 -2.32 -0.71
C LEU A 71 0.38 -1.25 -1.43
N ALA A 72 -0.27 -0.57 -2.38
CA ALA A 72 0.38 0.47 -3.16
C ALA A 72 -0.15 1.83 -2.79
N GLY A 73 0.77 2.79 -2.70
CA GLY A 73 0.41 4.15 -2.33
C GLY A 73 1.21 5.19 -3.12
N HIS A 74 0.98 6.46 -2.82
CA HIS A 74 1.67 7.56 -3.50
C HIS A 74 2.99 7.88 -2.78
N ASN A 75 4.00 8.22 -3.57
CA ASN A 75 5.32 8.56 -3.04
C ASN A 75 5.59 10.06 -3.21
N MET A 76 4.51 10.82 -3.22
CA MET A 76 4.61 12.27 -3.38
C MET A 76 5.76 12.85 -2.57
N SER A 77 6.24 12.11 -1.58
CA SER A 77 7.34 12.60 -0.77
C SER A 77 6.93 13.87 -0.05
N LYS A 78 5.66 13.91 0.39
CA LYS A 78 5.13 15.07 1.10
C LYS A 78 4.36 14.61 2.31
N LYS A 79 4.95 14.82 3.48
CA LYS A 79 4.29 14.43 4.70
C LYS A 79 2.88 14.96 4.74
N GLY A 80 1.94 14.03 4.95
CA GLY A 80 0.52 14.37 4.96
C GLY A 80 -0.22 13.67 3.82
N VAL A 81 0.50 13.28 2.75
CA VAL A 81 -0.13 12.60 1.61
C VAL A 81 -0.09 11.09 1.86
N LEU A 82 -0.64 10.33 0.92
CA LEU A 82 -0.68 8.88 1.07
C LEU A 82 0.72 8.28 0.92
N PHE A 83 1.06 7.36 1.81
CA PHE A 83 2.37 6.69 1.75
C PHE A 83 3.48 7.71 1.53
N SER A 84 3.33 8.88 2.11
CA SER A 84 4.31 9.93 1.94
C SER A 84 5.53 9.76 2.87
N ASP A 85 5.44 8.82 3.80
CA ASP A 85 6.56 8.61 4.76
C ASP A 85 6.71 7.14 5.14
N ILE A 86 6.51 6.25 4.17
CA ILE A 86 6.64 4.82 4.43
C ILE A 86 8.10 4.42 4.70
N ALA A 87 9.02 5.13 4.07
CA ALA A 87 10.44 4.83 4.25
C ALA A 87 10.91 5.25 5.64
N SER A 88 9.98 5.70 6.48
CA SER A 88 10.32 6.13 7.81
C SER A 88 10.11 4.98 8.78
N LEU A 89 9.37 3.98 8.31
CA LEU A 89 9.08 2.81 9.14
C LEU A 89 10.35 2.04 9.44
N LYS A 90 10.59 1.84 10.72
CA LYS A 90 11.77 1.12 11.17
C LYS A 90 11.41 -0.34 11.47
N LYS A 91 12.40 -1.21 11.34
CA LYS A 91 12.20 -2.63 11.59
C LYS A 91 11.62 -2.88 12.98
N GLY A 92 10.53 -3.63 13.00
CA GLY A 92 9.84 -3.96 14.24
C GLY A 92 8.77 -2.93 14.54
N ASP A 93 8.33 -2.24 13.49
CA ASP A 93 7.27 -1.22 13.64
C ASP A 93 5.90 -1.90 13.58
N LYS A 94 5.00 -1.54 14.49
CA LYS A 94 3.68 -2.15 14.51
C LYS A 94 2.76 -1.55 13.46
N ILE A 95 2.10 -2.43 12.71
CA ILE A 95 1.16 -2.04 11.67
C ILE A 95 -0.17 -2.76 11.88
N TYR A 96 -1.26 -2.00 11.95
CA TYR A 96 -2.58 -2.57 12.18
C TYR A 96 -3.36 -2.58 10.87
N LEU A 97 -3.75 -3.78 10.44
CA LEU A 97 -4.50 -3.96 9.19
C LEU A 97 -5.89 -4.50 9.49
N TYR A 98 -6.88 -4.04 8.73
CA TYR A 98 -8.27 -4.50 8.94
C TYR A 98 -8.72 -5.42 7.82
N ASP A 99 -9.17 -6.60 8.23
CA ASP A 99 -9.70 -7.59 7.31
C ASP A 99 -11.21 -7.47 7.33
N ASN A 100 -11.91 -8.41 6.66
CA ASN A 100 -13.38 -8.39 6.62
C ASN A 100 -13.96 -7.78 7.90
N GLU A 101 -13.81 -8.52 8.98
CA GLU A 101 -14.30 -8.12 10.30
C GLU A 101 -13.21 -8.38 11.33
N ASN A 102 -11.96 -8.38 10.88
CA ASN A 102 -10.83 -8.71 11.76
C ASN A 102 -9.73 -7.65 11.72
N GLU A 103 -8.94 -7.64 12.79
CA GLU A 103 -7.81 -6.71 12.90
C GLU A 103 -6.52 -7.53 12.94
N TYR A 104 -5.63 -7.26 12.00
CA TYR A 104 -4.35 -7.98 11.91
C TYR A 104 -3.20 -7.12 12.38
N GLU A 105 -2.36 -7.69 13.24
CA GLU A 105 -1.19 -6.99 13.74
C GLU A 105 0.03 -7.40 12.91
N TYR A 106 0.59 -6.45 12.18
CA TYR A 106 1.76 -6.71 11.34
C TYR A 106 2.98 -5.96 11.86
N ALA A 107 4.15 -6.61 11.79
CA ALA A 107 5.39 -5.95 12.24
C ALA A 107 6.40 -5.84 11.10
N VAL A 108 6.94 -4.63 10.95
CA VAL A 108 7.93 -4.37 9.92
C VAL A 108 9.19 -5.15 10.16
N THR A 109 9.69 -5.77 9.10
CA THR A 109 10.88 -6.60 9.16
C THR A 109 12.09 -5.83 8.63
N GLY A 110 11.85 -4.92 7.70
CA GLY A 110 12.94 -4.14 7.15
C GLY A 110 12.52 -3.34 5.93
N VAL A 111 13.27 -2.28 5.67
CA VAL A 111 13.01 -1.39 4.54
C VAL A 111 14.27 -1.24 3.70
N SER A 112 14.10 -0.92 2.41
CA SER A 112 15.24 -0.77 1.52
C SER A 112 14.85 -0.11 0.21
N GLU A 113 15.85 0.11 -0.66
CA GLU A 113 15.62 0.72 -1.98
C GLU A 113 15.90 -0.31 -3.06
N VAL A 114 14.95 -0.48 -3.95
CA VAL A 114 15.07 -1.48 -5.01
C VAL A 114 14.23 -1.14 -6.22
N THR A 115 14.37 -1.94 -7.28
CA THR A 115 13.59 -1.72 -8.49
C THR A 115 12.29 -2.53 -8.43
N PRO A 116 11.16 -1.96 -8.81
CA PRO A 116 9.83 -2.67 -8.75
C PRO A 116 9.87 -4.01 -9.48
N ASP A 117 11.01 -4.35 -10.06
CA ASP A 117 11.13 -5.58 -10.83
C ASP A 117 11.15 -6.80 -9.92
N LYS A 118 11.47 -6.58 -8.66
CA LYS A 118 11.53 -7.64 -7.66
C LYS A 118 10.15 -7.89 -7.06
N TRP A 119 9.26 -8.50 -7.83
CA TRP A 119 7.91 -8.76 -7.35
C TRP A 119 7.88 -9.91 -6.35
N GLU A 120 9.01 -10.54 -6.14
CA GLU A 120 9.11 -11.66 -5.21
C GLU A 120 8.72 -11.24 -3.77
N VAL A 121 8.75 -9.94 -3.52
CA VAL A 121 8.47 -9.41 -2.18
C VAL A 121 7.00 -9.03 -1.97
N VAL A 122 6.19 -9.23 -2.99
CA VAL A 122 4.76 -8.88 -2.93
C VAL A 122 3.94 -10.13 -3.25
N GLU A 123 4.66 -11.18 -3.64
CA GLU A 123 4.03 -12.44 -4.00
C GLU A 123 3.83 -13.35 -2.79
N ASP A 124 2.81 -14.19 -2.90
CA ASP A 124 2.47 -15.13 -1.83
C ASP A 124 3.64 -16.06 -1.54
N HIS A 125 4.04 -16.14 -0.25
CA HIS A 125 5.17 -16.98 0.15
C HIS A 125 4.75 -18.04 1.16
N GLY A 126 3.49 -18.48 1.12
CA GLY A 126 3.01 -19.52 2.04
C GLY A 126 2.92 -18.99 3.46
N LYS A 127 2.86 -17.68 3.59
CA LYS A 127 2.77 -17.05 4.90
C LYS A 127 1.99 -15.75 4.83
N ASP A 128 1.58 -15.25 6.00
CA ASP A 128 0.85 -14.00 6.08
C ASP A 128 1.81 -12.85 6.29
N GLU A 129 2.24 -12.27 5.18
CA GLU A 129 3.19 -11.15 5.20
C GLU A 129 2.53 -9.91 4.59
N ILE A 130 3.13 -8.73 4.82
CA ILE A 130 2.59 -7.47 4.28
C ILE A 130 3.70 -6.72 3.55
N THR A 131 3.34 -6.10 2.43
CA THR A 131 4.32 -5.36 1.63
C THR A 131 3.78 -4.01 1.18
N LEU A 132 4.52 -2.94 1.47
CA LEU A 132 4.11 -1.60 1.06
C LEU A 132 5.02 -1.10 -0.06
N ILE A 133 4.39 -0.80 -1.20
CA ILE A 133 5.09 -0.35 -2.40
C ILE A 133 4.42 0.91 -2.97
N THR A 134 4.95 1.41 -4.08
CA THR A 134 4.42 2.62 -4.70
C THR A 134 4.36 2.46 -6.23
N CYS A 135 3.49 3.26 -6.86
CA CYS A 135 3.35 3.22 -8.32
C CYS A 135 4.38 4.13 -8.97
N VAL A 136 5.31 3.53 -9.71
CA VAL A 136 6.37 4.28 -10.38
C VAL A 136 6.67 3.67 -11.75
N SER A 137 6.86 4.52 -12.77
CA SER A 137 7.14 4.03 -14.11
C SER A 137 7.83 5.08 -14.97
N VAL A 138 8.61 5.95 -14.32
CA VAL A 138 9.32 6.99 -15.04
C VAL A 138 10.54 6.43 -15.77
N LYS A 139 11.53 7.28 -16.02
CA LYS A 139 12.74 6.85 -16.72
C LYS A 139 13.76 6.22 -15.76
N ASP A 140 13.28 5.48 -14.77
CA ASP A 140 14.18 4.84 -13.82
C ASP A 140 15.16 5.86 -13.26
N ASN A 141 14.65 7.04 -12.95
CA ASN A 141 15.48 8.12 -12.42
C ASN A 141 16.09 7.73 -11.08
N SER A 142 15.30 7.08 -10.24
CA SER A 142 15.79 6.67 -8.92
C SER A 142 15.00 5.47 -8.42
N LYS A 143 15.57 4.78 -7.44
CA LYS A 143 14.91 3.60 -6.87
C LYS A 143 13.90 4.03 -5.81
N ARG A 144 12.80 3.30 -5.72
CA ARG A 144 11.76 3.61 -4.76
C ARG A 144 12.04 2.94 -3.42
N TYR A 145 11.28 3.32 -2.40
CA TYR A 145 11.43 2.74 -1.07
C TYR A 145 10.36 1.66 -0.86
N VAL A 146 10.77 0.53 -0.27
CA VAL A 146 9.84 -0.58 -0.03
C VAL A 146 9.96 -1.09 1.42
N VAL A 147 8.81 -1.33 2.05
CA VAL A 147 8.77 -1.82 3.43
C VAL A 147 8.07 -3.18 3.50
N ALA A 148 8.72 -4.13 4.18
CA ALA A 148 8.17 -5.48 4.34
C ALA A 148 7.95 -5.79 5.80
N GLY A 149 6.81 -6.41 6.10
CA GLY A 149 6.47 -6.76 7.47
C GLY A 149 5.87 -8.14 7.58
N ASP A 150 6.07 -8.75 8.74
CA ASP A 150 5.58 -10.12 8.98
C ASP A 150 4.42 -10.13 9.99
N LEU A 151 3.49 -11.07 9.82
CA LEU A 151 2.35 -11.20 10.72
C LEU A 151 2.81 -11.64 12.11
N VAL A 152 2.41 -10.87 13.12
CA VAL A 152 2.78 -11.15 14.49
C VAL A 152 1.57 -11.61 15.30
N GLY A 153 0.38 -11.25 14.85
CA GLY A 153 -0.83 -11.64 15.57
C GLY A 153 -2.10 -11.16 14.87
N THR A 154 -3.25 -11.61 15.38
CA THR A 154 -4.54 -11.22 14.82
C THR A 154 -5.62 -11.28 15.90
N LYS A 155 -6.63 -10.44 15.72
CA LYS A 155 -7.75 -10.38 16.65
C LYS A 155 -9.02 -10.00 15.88
N ALA A 156 -10.16 -9.98 16.56
CA ALA A 156 -11.43 -9.63 15.91
C ALA A 156 -11.72 -8.14 16.07
N LYS A 157 -12.34 -7.57 15.04
CA LYS A 157 -12.68 -6.16 15.05
C LYS A 157 -13.84 -5.89 15.98
N LYS A 158 -13.54 -5.80 17.26
CA LYS A 158 -14.57 -5.51 18.25
C LYS A 158 -15.78 -6.42 18.07
N GLY A 1 1.11 -3.15 -25.18
CA GLY A 1 1.62 -2.37 -24.01
C GLY A 1 0.45 -1.98 -23.11
N SER A 2 0.70 -1.03 -22.22
CA SER A 2 -0.33 -0.57 -21.30
C SER A 2 -1.39 0.22 -22.06
N HIS A 3 -2.64 0.04 -21.68
CA HIS A 3 -3.74 0.75 -22.34
C HIS A 3 -3.52 2.25 -22.31
N MET A 4 -3.81 2.88 -21.17
CA MET A 4 -3.66 4.31 -21.03
C MET A 4 -3.44 4.70 -19.56
N ASP A 5 -4.52 5.02 -18.86
CA ASP A 5 -4.44 5.39 -17.45
C ASP A 5 -4.31 4.15 -16.58
N ALA A 6 -3.80 3.09 -17.18
CA ALA A 6 -3.64 1.81 -16.48
C ALA A 6 -2.55 1.89 -15.39
N SER A 7 -1.45 2.58 -15.68
CA SER A 7 -0.35 2.68 -14.72
C SER A 7 0.43 3.97 -14.92
N LYS A 8 -0.14 4.91 -15.66
CA LYS A 8 0.51 6.18 -15.95
C LYS A 8 0.32 7.16 -14.79
N ILE A 9 0.33 6.63 -13.58
CA ILE A 9 0.14 7.46 -12.40
C ILE A 9 1.26 8.48 -12.28
N ASP A 10 2.48 7.98 -12.38
CA ASP A 10 3.65 8.84 -12.31
C ASP A 10 3.55 9.83 -11.13
N GLN A 11 3.04 11.03 -11.42
CA GLN A 11 2.91 12.07 -10.38
C GLN A 11 1.74 12.99 -10.71
N PRO A 12 0.53 12.59 -10.39
CA PRO A 12 -0.67 13.43 -10.67
C PRO A 12 -0.77 14.63 -9.72
N ASP A 13 -1.32 15.73 -10.24
CA ASP A 13 -1.47 16.93 -9.43
C ASP A 13 -2.67 16.78 -8.49
N LEU A 14 -2.81 17.73 -7.58
CA LEU A 14 -3.91 17.69 -6.61
C LEU A 14 -5.25 17.90 -7.31
N ALA A 15 -5.20 18.37 -8.55
CA ALA A 15 -6.42 18.61 -9.31
C ALA A 15 -7.12 17.28 -9.61
N GLU A 16 -6.33 16.27 -9.94
CA GLU A 16 -6.89 14.95 -10.25
C GLU A 16 -7.30 14.23 -8.96
N VAL A 17 -6.72 14.66 -7.86
CA VAL A 17 -7.00 14.06 -6.56
C VAL A 17 -8.30 14.62 -5.99
N ALA A 18 -8.41 15.94 -5.98
CA ALA A 18 -9.61 16.58 -5.46
C ALA A 18 -10.82 16.27 -6.34
N ASN A 19 -10.64 16.33 -7.65
CA ASN A 19 -11.72 16.08 -8.58
C ASN A 19 -12.13 14.61 -8.57
N ALA A 20 -11.15 13.74 -8.31
CA ALA A 20 -11.42 12.31 -8.29
C ALA A 20 -12.39 11.95 -7.18
N SER A 21 -13.61 11.56 -7.56
CA SER A 21 -14.63 11.17 -6.59
C SER A 21 -14.66 9.65 -6.45
N LEU A 22 -14.28 9.16 -5.27
CA LEU A 22 -14.25 7.73 -5.00
C LEU A 22 -15.34 7.34 -4.00
N ASP A 23 -16.19 6.40 -4.40
CA ASP A 23 -17.27 5.93 -3.53
C ASP A 23 -16.70 5.08 -2.40
N LYS A 24 -17.25 5.25 -1.21
CA LYS A 24 -16.80 4.51 -0.03
C LYS A 24 -17.09 3.02 -0.22
N LYS A 25 -17.77 2.71 -1.31
CA LYS A 25 -18.14 1.35 -1.63
C LYS A 25 -16.92 0.57 -2.13
N GLN A 26 -15.82 1.28 -2.37
CA GLN A 26 -14.59 0.65 -2.86
C GLN A 26 -13.66 0.33 -1.69
N VAL A 27 -14.14 0.59 -0.49
CA VAL A 27 -13.36 0.31 0.72
C VAL A 27 -13.63 -1.12 1.19
N ILE A 28 -12.55 -1.89 1.37
CA ILE A 28 -12.68 -3.29 1.79
C ILE A 28 -11.91 -3.58 3.06
N GLY A 29 -11.14 -2.62 3.51
CA GLY A 29 -10.36 -2.80 4.72
C GLY A 29 -9.70 -1.49 5.10
N ARG A 30 -8.82 -1.52 6.10
CA ARG A 30 -8.15 -0.28 6.51
C ARG A 30 -6.74 -0.56 7.02
N ILE A 31 -5.88 0.45 6.92
CA ILE A 31 -4.49 0.34 7.39
C ILE A 31 -4.22 1.45 8.41
N SER A 32 -3.79 1.04 9.59
CA SER A 32 -3.48 1.99 10.66
C SER A 32 -2.06 1.76 11.16
N ILE A 33 -1.26 2.83 11.24
CA ILE A 33 0.14 2.71 11.66
C ILE A 33 0.50 3.80 12.70
N PRO A 34 0.99 3.45 13.89
CA PRO A 34 1.34 4.48 14.93
C PRO A 34 2.72 5.10 14.72
N SER A 35 3.66 4.28 14.23
CA SER A 35 5.02 4.71 14.02
C SER A 35 5.09 6.00 13.20
N VAL A 36 4.22 6.13 12.21
CA VAL A 36 4.20 7.32 11.36
C VAL A 36 2.86 8.04 11.47
N SER A 37 1.94 7.46 12.22
CA SER A 37 0.61 8.06 12.37
C SER A 37 -0.12 8.03 11.03
N LEU A 38 -0.12 6.85 10.41
CA LEU A 38 -0.77 6.69 9.11
C LEU A 38 -2.07 5.91 9.25
N GLU A 39 -3.13 6.50 8.73
CA GLU A 39 -4.46 5.89 8.76
C GLU A 39 -5.05 6.03 7.36
N LEU A 40 -5.28 4.91 6.67
CA LEU A 40 -5.79 5.03 5.30
C LEU A 40 -6.68 3.83 4.88
N PRO A 41 -7.97 4.02 4.63
CA PRO A 41 -8.84 2.91 4.13
C PRO A 41 -8.09 2.10 3.06
N VAL A 42 -8.52 0.85 2.84
CA VAL A 42 -7.89 0.01 1.82
C VAL A 42 -8.84 -0.16 0.65
N LEU A 43 -8.38 0.19 -0.55
CA LEU A 43 -9.20 0.11 -1.75
C LEU A 43 -8.79 -1.10 -2.58
N LYS A 44 -9.75 -1.97 -2.86
CA LYS A 44 -9.49 -3.16 -3.66
C LYS A 44 -9.12 -2.78 -5.09
N SER A 45 -9.91 -1.88 -5.67
CA SER A 45 -9.68 -1.45 -7.04
C SER A 45 -8.44 -0.57 -7.15
N SER A 46 -7.34 -1.14 -7.64
CA SER A 46 -6.11 -0.39 -7.80
C SER A 46 -6.12 0.36 -9.11
N THR A 47 -6.49 1.62 -9.03
CA THR A 47 -6.55 2.48 -10.20
C THR A 47 -5.96 3.84 -9.88
N GLU A 48 -5.49 4.52 -10.91
CA GLU A 48 -4.89 5.83 -10.75
C GLU A 48 -5.84 6.77 -10.03
N LYS A 49 -7.12 6.48 -10.15
CA LYS A 49 -8.15 7.28 -9.51
C LYS A 49 -8.39 6.86 -8.07
N ASN A 50 -8.53 5.56 -7.87
CA ASN A 50 -8.79 5.04 -6.53
C ASN A 50 -7.58 5.28 -5.62
N LEU A 51 -6.38 5.17 -6.17
CA LEU A 51 -5.17 5.36 -5.37
C LEU A 51 -5.09 6.76 -4.76
N LEU A 52 -5.85 7.69 -5.31
CA LEU A 52 -5.82 9.07 -4.85
C LEU A 52 -6.47 9.24 -3.47
N SER A 53 -7.48 8.44 -3.17
CA SER A 53 -8.19 8.57 -1.89
C SER A 53 -7.62 7.66 -0.80
N GLY A 54 -6.73 6.75 -1.14
CA GLY A 54 -6.19 5.84 -0.14
C GLY A 54 -5.27 4.78 -0.74
N ALA A 55 -4.68 3.96 0.13
CA ALA A 55 -3.79 2.90 -0.32
C ALA A 55 -4.61 1.79 -0.96
N ALA A 56 -4.22 1.40 -2.18
CA ALA A 56 -4.94 0.35 -2.90
C ALA A 56 -4.15 -0.96 -2.91
N THR A 57 -4.88 -2.08 -2.89
CA THR A 57 -4.23 -3.39 -2.93
C THR A 57 -3.74 -3.67 -4.34
N VAL A 58 -2.71 -4.49 -4.46
CA VAL A 58 -2.14 -4.79 -5.78
C VAL A 58 -2.89 -5.90 -6.51
N LYS A 59 -3.20 -7.00 -5.82
CA LYS A 59 -3.90 -8.11 -6.48
C LYS A 59 -5.41 -7.95 -6.35
N GLU A 60 -6.12 -8.29 -7.43
CA GLU A 60 -7.57 -8.18 -7.49
C GLU A 60 -8.24 -9.15 -6.53
N ASN A 61 -7.46 -10.01 -5.91
CA ASN A 61 -8.00 -11.02 -5.00
C ASN A 61 -7.04 -11.29 -3.84
N GLN A 62 -6.51 -10.22 -3.25
CA GLN A 62 -5.59 -10.36 -2.15
C GLN A 62 -6.34 -10.82 -0.90
N VAL A 63 -5.62 -11.36 0.06
CA VAL A 63 -6.24 -11.83 1.31
C VAL A 63 -5.40 -11.42 2.52
N MET A 64 -6.02 -10.72 3.46
CA MET A 64 -5.32 -10.28 4.67
C MET A 64 -5.11 -11.46 5.61
N GLY A 65 -3.87 -11.66 6.03
CA GLY A 65 -3.53 -12.73 6.94
C GLY A 65 -3.14 -13.98 6.18
N LYS A 66 -3.13 -13.89 4.86
CA LYS A 66 -2.78 -15.05 4.04
C LYS A 66 -1.95 -14.59 2.84
N GLY A 67 -0.74 -15.14 2.73
CA GLY A 67 0.13 -14.77 1.62
C GLY A 67 0.72 -13.40 1.85
N ASN A 68 1.42 -12.88 0.84
CA ASN A 68 2.02 -11.55 0.95
C ASN A 68 0.99 -10.50 0.57
N TYR A 69 0.57 -9.71 1.54
CA TYR A 69 -0.43 -8.66 1.30
C TYR A 69 0.27 -7.42 0.76
N ALA A 70 0.16 -7.20 -0.54
CA ALA A 70 0.80 -6.07 -1.18
C ALA A 70 -0.12 -4.85 -1.22
N LEU A 71 0.40 -3.72 -0.75
CA LEU A 71 -0.34 -2.46 -0.75
C LEU A 71 0.47 -1.38 -1.46
N ALA A 72 -0.19 -0.67 -2.38
CA ALA A 72 0.48 0.37 -3.16
C ALA A 72 -0.07 1.74 -2.78
N GLY A 73 0.83 2.71 -2.71
CA GLY A 73 0.47 4.08 -2.34
C GLY A 73 1.27 5.11 -3.14
N HIS A 74 1.04 6.38 -2.84
CA HIS A 74 1.74 7.47 -3.53
C HIS A 74 3.09 7.76 -2.85
N ASN A 75 4.06 8.21 -3.66
CA ASN A 75 5.40 8.53 -3.17
C ASN A 75 5.66 10.02 -3.31
N MET A 76 4.61 10.81 -3.28
CA MET A 76 4.72 12.24 -3.45
C MET A 76 5.83 12.83 -2.57
N SER A 77 6.34 12.02 -1.65
CA SER A 77 7.40 12.49 -0.77
C SER A 77 6.95 13.75 -0.03
N LYS A 78 5.70 13.71 0.42
CA LYS A 78 5.10 14.84 1.12
C LYS A 78 4.41 14.36 2.38
N LYS A 79 4.96 14.70 3.53
CA LYS A 79 4.37 14.29 4.78
C LYS A 79 2.92 14.70 4.84
N GLY A 80 2.08 13.71 5.10
CA GLY A 80 0.64 13.92 5.15
C GLY A 80 -0.05 13.22 3.98
N VAL A 81 0.65 13.07 2.84
CA VAL A 81 0.06 12.39 1.68
C VAL A 81 0.08 10.88 1.89
N LEU A 82 -0.45 10.14 0.94
CA LEU A 82 -0.51 8.69 1.08
C LEU A 82 0.88 8.07 0.94
N PHE A 83 1.18 7.13 1.83
CA PHE A 83 2.47 6.44 1.79
C PHE A 83 3.60 7.44 1.59
N SER A 84 3.42 8.64 2.09
CA SER A 84 4.43 9.69 1.94
C SER A 84 5.56 9.57 2.98
N ASP A 85 5.38 8.73 3.99
CA ASP A 85 6.39 8.60 5.06
C ASP A 85 6.55 7.15 5.53
N ILE A 86 6.14 6.20 4.71
CA ILE A 86 6.25 4.79 5.05
C ILE A 86 7.71 4.34 5.11
N ALA A 87 8.58 5.04 4.38
CA ALA A 87 9.99 4.68 4.36
C ALA A 87 10.66 5.05 5.67
N SER A 88 9.88 5.49 6.64
CA SER A 88 10.42 5.85 7.94
C SER A 88 10.22 4.71 8.90
N LEU A 89 9.33 3.79 8.52
CA LEU A 89 9.03 2.65 9.36
C LEU A 89 10.24 1.74 9.52
N LYS A 90 10.59 1.51 10.78
CA LYS A 90 11.73 0.65 11.11
C LYS A 90 11.26 -0.75 11.49
N LYS A 91 12.21 -1.65 11.70
CA LYS A 91 11.91 -3.03 12.06
C LYS A 91 11.32 -3.12 13.47
N GLY A 92 10.15 -3.75 13.54
CA GLY A 92 9.44 -3.94 14.80
C GLY A 92 8.38 -2.87 14.97
N ASP A 93 8.01 -2.23 13.86
CA ASP A 93 6.97 -1.20 13.92
C ASP A 93 5.61 -1.87 13.83
N LYS A 94 4.68 -1.49 14.71
CA LYS A 94 3.37 -2.11 14.73
C LYS A 94 2.46 -1.54 13.63
N ILE A 95 1.89 -2.45 12.84
CA ILE A 95 0.99 -2.08 11.76
C ILE A 95 -0.36 -2.80 11.94
N TYR A 96 -1.42 -2.00 12.05
CA TYR A 96 -2.76 -2.55 12.23
C TYR A 96 -3.53 -2.51 10.92
N LEU A 97 -3.97 -3.69 10.48
CA LEU A 97 -4.71 -3.81 9.21
C LEU A 97 -6.10 -4.36 9.48
N TYR A 98 -7.08 -3.87 8.72
CA TYR A 98 -8.47 -4.31 8.88
C TYR A 98 -8.96 -5.09 7.68
N ASP A 99 -9.54 -6.25 7.97
CA ASP A 99 -10.10 -7.13 6.96
C ASP A 99 -11.62 -7.08 7.09
N ASN A 100 -12.33 -7.94 6.34
CA ASN A 100 -13.79 -7.97 6.38
C ASN A 100 -14.34 -7.47 7.72
N GLU A 101 -14.08 -8.25 8.77
CA GLU A 101 -14.51 -7.90 10.13
C GLU A 101 -13.40 -8.27 11.08
N ASN A 102 -12.17 -8.36 10.57
CA ASN A 102 -11.03 -8.77 11.38
C ASN A 102 -9.93 -7.71 11.44
N GLU A 103 -9.19 -7.73 12.54
CA GLU A 103 -8.06 -6.80 12.72
C GLU A 103 -6.78 -7.62 12.75
N TYR A 104 -5.87 -7.33 11.83
CA TYR A 104 -4.61 -8.07 11.75
C TYR A 104 -3.44 -7.22 12.25
N GLU A 105 -2.65 -7.79 13.14
CA GLU A 105 -1.48 -7.10 13.67
C GLU A 105 -0.25 -7.48 12.85
N TYR A 106 0.33 -6.51 12.18
CA TYR A 106 1.51 -6.74 11.34
C TYR A 106 2.72 -6.00 11.93
N ALA A 107 3.90 -6.63 11.86
CA ALA A 107 5.12 -6.01 12.38
C ALA A 107 6.16 -5.88 11.27
N VAL A 108 6.72 -4.69 11.16
CA VAL A 108 7.72 -4.40 10.15
C VAL A 108 9.01 -5.14 10.46
N THR A 109 9.59 -5.73 9.41
CA THR A 109 10.82 -6.49 9.53
C THR A 109 12.00 -5.66 9.06
N GLY A 110 11.74 -4.67 8.22
CA GLY A 110 12.82 -3.83 7.72
C GLY A 110 12.50 -3.22 6.36
N VAL A 111 13.17 -2.11 6.09
CA VAL A 111 13.02 -1.39 4.84
C VAL A 111 14.13 -1.76 3.88
N SER A 112 13.78 -1.94 2.60
CA SER A 112 14.77 -2.33 1.60
C SER A 112 14.63 -1.51 0.32
N GLU A 113 15.76 -1.30 -0.36
CA GLU A 113 15.79 -0.55 -1.62
C GLU A 113 15.93 -1.50 -2.78
N VAL A 114 14.87 -1.62 -3.59
CA VAL A 114 14.88 -2.53 -4.73
C VAL A 114 14.33 -1.85 -5.98
N THR A 115 14.68 -2.40 -7.14
CA THR A 115 14.20 -1.84 -8.39
C THR A 115 12.69 -2.06 -8.49
N PRO A 116 11.99 -1.45 -9.43
CA PRO A 116 10.52 -1.61 -9.56
C PRO A 116 10.17 -2.90 -10.31
N ASP A 117 11.17 -3.53 -10.91
CA ASP A 117 10.96 -4.76 -11.66
C ASP A 117 11.04 -5.99 -10.76
N LYS A 118 11.56 -5.80 -9.54
CA LYS A 118 11.68 -6.88 -8.57
C LYS A 118 10.40 -7.00 -7.75
N TRP A 119 9.35 -7.51 -8.38
CA TRP A 119 8.07 -7.67 -7.71
C TRP A 119 8.08 -8.87 -6.76
N GLU A 120 9.20 -9.58 -6.72
CA GLU A 120 9.32 -10.74 -5.85
C GLU A 120 8.98 -10.39 -4.41
N VAL A 121 9.25 -9.14 -4.05
CA VAL A 121 9.00 -8.66 -2.70
C VAL A 121 7.55 -8.20 -2.51
N VAL A 122 6.74 -8.39 -3.54
CA VAL A 122 5.34 -7.99 -3.51
C VAL A 122 4.46 -9.20 -3.77
N GLU A 123 5.10 -10.23 -4.30
CA GLU A 123 4.39 -11.45 -4.66
C GLU A 123 4.27 -12.40 -3.47
N ASP A 124 3.33 -13.32 -3.57
CA ASP A 124 3.08 -14.30 -2.53
C ASP A 124 4.26 -15.26 -2.39
N HIS A 125 4.75 -15.43 -1.16
CA HIS A 125 5.88 -16.34 -0.91
C HIS A 125 5.41 -17.66 -0.32
N GLY A 126 4.41 -17.59 0.57
CA GLY A 126 3.88 -18.81 1.20
C GLY A 126 3.64 -18.59 2.69
N LYS A 127 3.35 -17.35 3.05
CA LYS A 127 3.08 -17.00 4.44
C LYS A 127 2.24 -15.74 4.55
N ASP A 128 1.90 -15.39 5.79
CA ASP A 128 1.13 -14.19 6.05
C ASP A 128 2.06 -13.02 6.29
N GLU A 129 2.43 -12.36 5.20
CA GLU A 129 3.34 -11.22 5.24
C GLU A 129 2.65 -9.98 4.66
N ILE A 130 3.27 -8.81 4.88
CA ILE A 130 2.73 -7.54 4.36
C ILE A 130 3.82 -6.79 3.61
N THR A 131 3.46 -6.15 2.50
CA THR A 131 4.42 -5.39 1.71
C THR A 131 3.85 -4.04 1.29
N LEU A 132 4.58 -2.97 1.60
CA LEU A 132 4.13 -1.60 1.24
C LEU A 132 5.10 -1.02 0.21
N ILE A 133 4.54 -0.72 -0.96
CA ILE A 133 5.32 -0.16 -2.06
C ILE A 133 4.63 1.07 -2.62
N THR A 134 5.06 1.52 -3.80
CA THR A 134 4.50 2.70 -4.43
C THR A 134 4.16 2.44 -5.89
N CYS A 135 3.34 3.31 -6.47
CA CYS A 135 2.96 3.16 -7.87
C CYS A 135 4.18 2.80 -8.71
N VAL A 136 3.93 2.31 -9.92
CA VAL A 136 5.02 1.92 -10.81
C VAL A 136 5.38 3.08 -11.73
N SER A 137 6.67 3.42 -11.77
CA SER A 137 7.13 4.53 -12.60
C SER A 137 8.61 4.35 -12.97
N VAL A 138 9.04 5.09 -13.99
CA VAL A 138 10.42 5.03 -14.46
C VAL A 138 10.95 6.44 -14.69
N LYS A 139 12.23 6.67 -14.34
CA LYS A 139 12.83 7.99 -14.50
C LYS A 139 14.30 7.92 -14.91
N ASP A 140 15.18 7.64 -13.95
CA ASP A 140 16.61 7.58 -14.25
C ASP A 140 17.33 6.60 -13.33
N ASN A 141 16.98 5.32 -13.42
CA ASN A 141 17.63 4.32 -12.60
C ASN A 141 17.50 4.69 -11.12
N SER A 142 16.35 5.27 -10.78
CA SER A 142 16.10 5.67 -9.40
C SER A 142 15.77 4.47 -8.53
N LYS A 143 16.18 4.54 -7.26
CA LYS A 143 15.95 3.46 -6.31
C LYS A 143 14.59 3.65 -5.64
N ARG A 144 13.86 2.55 -5.47
CA ARG A 144 12.53 2.59 -4.86
C ARG A 144 12.58 2.12 -3.41
N TYR A 145 11.72 2.73 -2.57
CA TYR A 145 11.66 2.37 -1.15
C TYR A 145 10.53 1.37 -0.90
N VAL A 146 10.86 0.26 -0.25
CA VAL A 146 9.87 -0.78 0.04
C VAL A 146 9.97 -1.25 1.49
N VAL A 147 8.81 -1.41 2.14
CA VAL A 147 8.75 -1.85 3.54
C VAL A 147 8.10 -3.22 3.64
N ALA A 148 8.79 -4.16 4.28
CA ALA A 148 8.27 -5.52 4.45
C ALA A 148 8.05 -5.82 5.92
N GLY A 149 6.93 -6.44 6.21
CA GLY A 149 6.58 -6.78 7.60
C GLY A 149 5.98 -8.17 7.70
N ASP A 150 6.09 -8.75 8.89
CA ASP A 150 5.56 -10.10 9.14
C ASP A 150 4.39 -10.09 10.11
N LEU A 151 3.43 -11.00 9.90
CA LEU A 151 2.27 -11.09 10.77
C LEU A 151 2.65 -11.55 12.17
N VAL A 152 2.22 -10.78 13.16
CA VAL A 152 2.52 -11.07 14.57
C VAL A 152 1.28 -11.60 15.29
N GLY A 153 0.09 -11.27 14.77
CA GLY A 153 -1.13 -11.73 15.42
C GLY A 153 -2.39 -11.25 14.71
N THR A 154 -3.55 -11.71 15.19
CA THR A 154 -4.83 -11.33 14.62
C THR A 154 -5.93 -11.41 15.67
N LYS A 155 -6.94 -10.58 15.50
CA LYS A 155 -8.09 -10.54 16.39
C LYS A 155 -9.33 -10.12 15.61
N ALA A 156 -10.48 -10.12 16.26
CA ALA A 156 -11.73 -9.73 15.61
C ALA A 156 -12.03 -8.25 15.82
N LYS A 157 -12.63 -7.65 14.80
CA LYS A 157 -12.99 -6.24 14.84
C LYS A 157 -14.09 -6.00 15.86
N LYS A 158 -13.70 -5.95 17.11
CA LYS A 158 -14.66 -5.69 18.17
C LYS A 158 -15.87 -6.61 18.04
N GLY A 1 -8.01 2.58 -25.10
CA GLY A 1 -8.08 1.59 -26.22
C GLY A 1 -7.06 0.49 -25.99
N SER A 2 -6.45 0.01 -27.08
CA SER A 2 -5.45 -1.04 -26.99
C SER A 2 -4.28 -0.61 -26.14
N HIS A 3 -3.84 0.63 -26.35
CA HIS A 3 -2.70 1.17 -25.59
C HIS A 3 -3.09 1.40 -24.14
N MET A 4 -4.04 2.30 -23.91
CA MET A 4 -4.49 2.59 -22.56
C MET A 4 -3.31 2.89 -21.65
N ASP A 5 -3.59 3.31 -20.42
CA ASP A 5 -2.54 3.64 -19.45
C ASP A 5 -2.52 2.61 -18.31
N ALA A 6 -1.46 1.80 -18.27
CA ALA A 6 -1.35 0.76 -17.25
C ALA A 6 -1.04 1.35 -15.88
N SER A 7 -0.01 2.19 -15.80
CA SER A 7 0.38 2.80 -14.54
C SER A 7 1.08 4.13 -14.78
N LYS A 8 0.36 5.08 -15.37
CA LYS A 8 0.92 6.40 -15.68
C LYS A 8 0.54 7.42 -14.63
N ILE A 9 0.32 6.96 -13.41
CA ILE A 9 -0.06 7.83 -12.32
C ILE A 9 1.06 8.81 -12.02
N ASP A 10 2.27 8.30 -11.93
CA ASP A 10 3.44 9.12 -11.67
C ASP A 10 3.20 10.05 -10.47
N GLN A 11 2.74 11.26 -10.75
CA GLN A 11 2.49 12.25 -9.68
C GLN A 11 1.37 13.21 -10.09
N PRO A 12 0.13 12.90 -9.79
CA PRO A 12 -1.01 13.78 -10.14
C PRO A 12 -1.05 15.03 -9.25
N ASP A 13 -1.63 16.10 -9.78
CA ASP A 13 -1.72 17.35 -9.03
C ASP A 13 -2.75 17.22 -7.91
N LEU A 14 -2.57 18.00 -6.85
CA LEU A 14 -3.46 17.98 -5.70
C LEU A 14 -4.88 18.31 -6.12
N ALA A 15 -5.01 19.05 -7.22
CA ALA A 15 -6.33 19.44 -7.71
C ALA A 15 -7.10 18.21 -8.15
N GLU A 16 -6.41 17.27 -8.77
CA GLU A 16 -7.03 16.03 -9.26
C GLU A 16 -7.34 15.12 -8.08
N VAL A 17 -6.47 15.15 -7.07
CA VAL A 17 -6.63 14.33 -5.89
C VAL A 17 -7.75 14.86 -5.00
N ALA A 18 -7.75 16.17 -4.81
CA ALA A 18 -8.77 16.81 -4.00
C ALA A 18 -10.15 16.68 -4.64
N ASN A 19 -10.19 16.83 -5.96
CA ASN A 19 -11.45 16.76 -6.69
C ASN A 19 -11.86 15.31 -6.96
N ALA A 20 -10.87 14.42 -6.98
CA ALA A 20 -11.13 13.01 -7.24
C ALA A 20 -12.07 12.42 -6.18
N SER A 21 -13.31 12.13 -6.57
CA SER A 21 -14.29 11.56 -5.66
C SER A 21 -14.32 10.04 -5.81
N LEU A 22 -14.06 9.34 -4.70
CA LEU A 22 -14.03 7.87 -4.69
C LEU A 22 -15.14 7.30 -3.82
N ASP A 23 -15.94 6.39 -4.39
CA ASP A 23 -17.03 5.77 -3.65
C ASP A 23 -16.48 4.86 -2.54
N LYS A 24 -17.10 4.92 -1.37
CA LYS A 24 -16.69 4.10 -0.24
C LYS A 24 -17.03 2.64 -0.49
N LYS A 25 -17.75 2.40 -1.57
CA LYS A 25 -18.17 1.06 -1.92
C LYS A 25 -16.96 0.19 -2.28
N GLN A 26 -15.97 0.80 -2.92
CA GLN A 26 -14.77 0.08 -3.33
C GLN A 26 -13.83 -0.16 -2.16
N VAL A 27 -14.34 0.04 -0.95
CA VAL A 27 -13.56 -0.17 0.26
C VAL A 27 -13.79 -1.59 0.79
N ILE A 28 -12.71 -2.33 1.00
CA ILE A 28 -12.79 -3.72 1.45
C ILE A 28 -12.03 -3.93 2.75
N GLY A 29 -11.34 -2.90 3.20
CA GLY A 29 -10.57 -3.00 4.43
C GLY A 29 -9.94 -1.65 4.75
N ARG A 30 -9.05 -1.62 5.74
CA ARG A 30 -8.42 -0.35 6.12
C ARG A 30 -7.00 -0.57 6.59
N ILE A 31 -6.14 0.45 6.42
CA ILE A 31 -4.75 0.38 6.85
C ILE A 31 -4.50 1.47 7.89
N SER A 32 -4.00 1.05 9.05
CA SER A 32 -3.72 2.01 10.12
C SER A 32 -2.28 1.82 10.59
N ILE A 33 -1.53 2.92 10.65
CA ILE A 33 -0.12 2.86 11.05
C ILE A 33 0.21 3.92 12.12
N PRO A 34 0.84 3.57 13.25
CA PRO A 34 1.18 4.56 14.31
C PRO A 34 2.48 5.32 14.00
N SER A 35 3.42 4.62 13.40
CA SER A 35 4.73 5.18 13.11
C SER A 35 4.61 6.53 12.42
N VAL A 36 3.66 6.67 11.51
CA VAL A 36 3.45 7.90 10.76
C VAL A 36 2.06 8.48 11.04
N SER A 37 1.26 7.78 11.84
CA SER A 37 -0.09 8.26 12.13
C SER A 37 -0.86 8.32 10.82
N LEU A 38 -0.86 7.19 10.11
CA LEU A 38 -1.53 7.10 8.82
C LEU A 38 -2.72 6.16 8.88
N GLU A 39 -3.84 6.63 8.36
CA GLU A 39 -5.08 5.87 8.32
C GLU A 39 -5.63 5.99 6.92
N LEU A 40 -5.70 4.88 6.18
CA LEU A 40 -6.17 4.95 4.79
C LEU A 40 -7.02 3.74 4.34
N PRO A 41 -8.32 3.89 4.09
CA PRO A 41 -9.15 2.76 3.60
C PRO A 41 -8.39 1.93 2.55
N VAL A 42 -8.50 0.61 2.63
CA VAL A 42 -7.83 -0.25 1.67
C VAL A 42 -8.75 -0.53 0.49
N LEU A 43 -8.29 -0.19 -0.71
CA LEU A 43 -9.09 -0.38 -1.91
C LEU A 43 -8.65 -1.65 -2.63
N LYS A 44 -9.62 -2.43 -3.10
CA LYS A 44 -9.33 -3.67 -3.80
C LYS A 44 -8.86 -3.39 -5.23
N SER A 45 -9.40 -2.34 -5.84
CA SER A 45 -9.04 -1.98 -7.22
C SER A 45 -7.92 -0.95 -7.26
N SER A 46 -6.78 -1.36 -7.81
CA SER A 46 -5.63 -0.46 -7.90
C SER A 46 -5.76 0.44 -9.12
N THR A 47 -6.76 1.31 -9.07
CA THR A 47 -7.02 2.23 -10.16
C THR A 47 -6.33 3.57 -9.86
N GLU A 48 -5.95 4.28 -10.91
CA GLU A 48 -5.27 5.56 -10.75
C GLU A 48 -6.10 6.50 -9.88
N LYS A 49 -7.37 6.66 -10.24
CA LYS A 49 -8.27 7.52 -9.51
C LYS A 49 -8.51 6.99 -8.09
N ASN A 50 -8.69 5.69 -7.97
CA ASN A 50 -8.94 5.08 -6.68
C ASN A 50 -7.74 5.21 -5.75
N LEU A 51 -6.53 5.18 -6.31
CA LEU A 51 -5.31 5.29 -5.52
C LEU A 51 -5.18 6.66 -4.85
N LEU A 52 -5.97 7.61 -5.32
CA LEU A 52 -5.91 8.96 -4.79
C LEU A 52 -6.50 9.09 -3.39
N SER A 53 -7.39 8.15 -3.02
CA SER A 53 -8.04 8.20 -1.70
C SER A 53 -7.32 7.37 -0.64
N GLY A 54 -6.34 6.56 -1.05
CA GLY A 54 -5.65 5.72 -0.06
C GLY A 54 -4.75 4.69 -0.73
N ALA A 55 -4.36 3.68 0.04
CA ALA A 55 -3.51 2.61 -0.47
C ALA A 55 -4.35 1.50 -1.06
N ALA A 56 -4.05 1.12 -2.30
CA ALA A 56 -4.79 0.06 -2.99
C ALA A 56 -4.00 -1.24 -3.01
N THR A 57 -4.71 -2.37 -2.99
CA THR A 57 -4.05 -3.66 -3.03
C THR A 57 -3.50 -3.89 -4.44
N VAL A 58 -2.41 -4.65 -4.53
CA VAL A 58 -1.76 -4.89 -5.84
C VAL A 58 -2.42 -6.02 -6.62
N LYS A 59 -2.69 -7.14 -5.96
CA LYS A 59 -3.28 -8.30 -6.66
C LYS A 59 -4.81 -8.27 -6.55
N GLU A 60 -5.45 -9.36 -6.98
CA GLU A 60 -6.91 -9.47 -6.98
C GLU A 60 -7.40 -10.41 -5.89
N ASN A 61 -6.89 -11.64 -5.91
CA ASN A 61 -7.29 -12.66 -4.95
C ASN A 61 -6.40 -12.65 -3.71
N GLN A 62 -6.14 -11.46 -3.16
CA GLN A 62 -5.30 -11.33 -1.97
C GLN A 62 -6.17 -11.29 -0.71
N VAL A 63 -5.65 -11.84 0.38
CA VAL A 63 -6.37 -11.87 1.65
C VAL A 63 -5.46 -11.39 2.79
N MET A 64 -5.99 -10.49 3.61
CA MET A 64 -5.22 -9.99 4.75
C MET A 64 -4.97 -11.12 5.74
N GLY A 65 -3.70 -11.30 6.11
CA GLY A 65 -3.35 -12.36 7.05
C GLY A 65 -3.04 -13.65 6.32
N LYS A 66 -3.02 -13.58 4.99
CA LYS A 66 -2.73 -14.78 4.19
C LYS A 66 -1.85 -14.44 3.01
N GLY A 67 -0.66 -15.03 2.96
CA GLY A 67 0.26 -14.76 1.87
C GLY A 67 0.88 -13.38 2.05
N ASN A 68 1.57 -12.91 1.02
CA ASN A 68 2.18 -11.59 1.08
C ASN A 68 1.15 -10.55 0.66
N TYR A 69 0.68 -9.75 1.62
CA TYR A 69 -0.32 -8.73 1.33
C TYR A 69 0.37 -7.47 0.80
N ALA A 70 0.29 -7.27 -0.51
CA ALA A 70 0.93 -6.13 -1.15
C ALA A 70 0.00 -4.93 -1.22
N LEU A 71 0.48 -3.79 -0.72
CA LEU A 71 -0.29 -2.53 -0.74
C LEU A 71 0.52 -1.46 -1.47
N ALA A 72 -0.15 -0.76 -2.38
CA ALA A 72 0.50 0.29 -3.17
C ALA A 72 -0.07 1.64 -2.82
N GLY A 73 0.81 2.64 -2.74
CA GLY A 73 0.40 4.00 -2.41
C GLY A 73 1.20 5.02 -3.21
N HIS A 74 0.94 6.31 -2.96
CA HIS A 74 1.63 7.38 -3.67
C HIS A 74 3.01 7.63 -3.03
N ASN A 75 3.91 8.21 -3.82
CA ASN A 75 5.28 8.51 -3.38
C ASN A 75 5.56 10.00 -3.50
N MET A 76 4.51 10.82 -3.41
CA MET A 76 4.66 12.26 -3.54
C MET A 76 5.84 12.78 -2.71
N SER A 77 6.36 11.95 -1.82
CA SER A 77 7.48 12.37 -0.99
C SER A 77 7.10 13.62 -0.20
N LYS A 78 5.86 13.63 0.28
CA LYS A 78 5.33 14.77 1.04
C LYS A 78 4.63 14.28 2.29
N LYS A 79 5.22 14.58 3.43
CA LYS A 79 4.62 14.16 4.67
C LYS A 79 3.18 14.59 4.74
N GLY A 80 2.31 13.60 4.95
CA GLY A 80 0.87 13.83 4.99
C GLY A 80 0.17 13.14 3.82
N VAL A 81 0.86 12.99 2.67
CA VAL A 81 0.26 12.34 1.50
C VAL A 81 0.22 10.83 1.75
N LEU A 82 -0.37 10.08 0.81
CA LEU A 82 -0.47 8.65 0.97
C LEU A 82 0.91 7.99 0.81
N PHE A 83 1.24 7.06 1.71
CA PHE A 83 2.52 6.37 1.63
C PHE A 83 3.67 7.34 1.38
N SER A 84 3.53 8.55 1.92
CA SER A 84 4.54 9.59 1.71
C SER A 84 5.71 9.45 2.68
N ASP A 85 5.60 8.58 3.68
CA ASP A 85 6.66 8.41 4.69
C ASP A 85 6.76 6.97 5.19
N ILE A 86 6.38 6.02 4.35
CA ILE A 86 6.45 4.61 4.72
C ILE A 86 7.90 4.12 4.82
N ALA A 87 8.80 4.75 4.07
CA ALA A 87 10.20 4.37 4.10
C ALA A 87 10.83 4.70 5.44
N SER A 88 10.03 5.28 6.34
CA SER A 88 10.52 5.65 7.66
C SER A 88 10.29 4.50 8.61
N LEU A 89 9.44 3.57 8.19
CA LEU A 89 9.12 2.42 9.01
C LEU A 89 10.34 1.54 9.23
N LYS A 90 10.73 1.43 10.50
CA LYS A 90 11.89 0.63 10.88
C LYS A 90 11.44 -0.70 11.51
N LYS A 91 12.31 -1.70 11.42
CA LYS A 91 12.01 -3.01 11.97
C LYS A 91 11.54 -2.92 13.42
N GLY A 92 10.27 -3.26 13.62
CA GLY A 92 9.67 -3.23 14.95
C GLY A 92 8.54 -2.22 14.99
N ASP A 93 8.02 -1.88 13.81
CA ASP A 93 6.91 -0.92 13.73
C ASP A 93 5.61 -1.69 13.53
N LYS A 94 4.61 -1.39 14.37
CA LYS A 94 3.34 -2.10 14.28
C LYS A 94 2.44 -1.50 13.22
N ILE A 95 1.84 -2.37 12.42
CA ILE A 95 0.93 -1.98 11.36
C ILE A 95 -0.41 -2.69 11.56
N TYR A 96 -1.49 -1.91 11.64
CA TYR A 96 -2.81 -2.48 11.86
C TYR A 96 -3.64 -2.47 10.57
N LEU A 97 -4.09 -3.66 10.16
CA LEU A 97 -4.88 -3.80 8.94
C LEU A 97 -6.28 -4.31 9.27
N TYR A 98 -7.26 -3.92 8.43
CA TYR A 98 -8.65 -4.35 8.64
C TYR A 98 -9.14 -5.16 7.46
N ASP A 99 -9.72 -6.31 7.79
CA ASP A 99 -10.31 -7.21 6.80
C ASP A 99 -11.81 -7.17 6.98
N ASN A 100 -12.53 -8.07 6.31
CA ASN A 100 -14.00 -8.14 6.42
C ASN A 100 -14.48 -7.60 7.77
N GLU A 101 -14.22 -8.37 8.81
CA GLU A 101 -14.59 -8.00 10.17
C GLU A 101 -13.45 -8.32 11.11
N ASN A 102 -12.22 -8.23 10.60
CA ASN A 102 -11.05 -8.61 11.40
C ASN A 102 -9.94 -7.56 11.33
N GLU A 103 -9.33 -7.32 12.49
CA GLU A 103 -8.23 -6.39 12.58
C GLU A 103 -6.94 -7.19 12.69
N TYR A 104 -6.03 -6.98 11.75
CA TYR A 104 -4.75 -7.71 11.72
C TYR A 104 -3.60 -6.85 12.20
N GLU A 105 -2.79 -7.44 13.07
CA GLU A 105 -1.61 -6.75 13.58
C GLU A 105 -0.38 -7.22 12.80
N TYR A 106 0.29 -6.29 12.13
CA TYR A 106 1.48 -6.61 11.35
C TYR A 106 2.68 -5.85 11.88
N ALA A 107 3.84 -6.50 11.94
CA ALA A 107 5.06 -5.83 12.42
C ALA A 107 6.09 -5.74 11.30
N VAL A 108 6.69 -4.57 11.17
CA VAL A 108 7.69 -4.33 10.15
C VAL A 108 8.95 -5.09 10.48
N THR A 109 9.51 -5.73 9.45
CA THR A 109 10.73 -6.53 9.59
C THR A 109 11.93 -5.77 9.05
N GLY A 110 11.69 -4.83 8.15
CA GLY A 110 12.80 -4.06 7.59
C GLY A 110 12.45 -3.44 6.25
N VAL A 111 13.16 -2.36 5.94
CA VAL A 111 12.97 -1.63 4.69
C VAL A 111 14.12 -1.93 3.74
N SER A 112 13.83 -1.96 2.44
CA SER A 112 14.85 -2.26 1.44
C SER A 112 14.62 -1.49 0.15
N GLU A 113 15.69 -1.28 -0.61
CA GLU A 113 15.62 -0.56 -1.89
C GLU A 113 15.82 -1.54 -3.03
N VAL A 114 14.80 -1.66 -3.88
CA VAL A 114 14.85 -2.59 -5.00
C VAL A 114 14.34 -1.93 -6.28
N THR A 115 14.75 -2.45 -7.43
CA THR A 115 14.31 -1.90 -8.69
C THR A 115 12.80 -2.13 -8.83
N PRO A 116 12.01 -1.17 -9.27
CA PRO A 116 10.53 -1.35 -9.41
C PRO A 116 10.18 -2.65 -10.14
N ASP A 117 11.19 -3.27 -10.75
CA ASP A 117 10.98 -4.51 -11.50
C ASP A 117 11.07 -5.73 -10.59
N LYS A 118 11.53 -5.54 -9.36
CA LYS A 118 11.65 -6.62 -8.39
C LYS A 118 10.36 -6.84 -7.63
N TRP A 119 9.39 -7.45 -8.29
CA TRP A 119 8.09 -7.71 -7.68
C TRP A 119 8.13 -8.91 -6.75
N GLU A 120 9.26 -9.59 -6.71
CA GLU A 120 9.41 -10.76 -5.86
C GLU A 120 9.04 -10.44 -4.41
N VAL A 121 9.37 -9.22 -4.00
CA VAL A 121 9.11 -8.77 -2.63
C VAL A 121 7.67 -8.32 -2.44
N VAL A 122 6.86 -8.47 -3.49
CA VAL A 122 5.47 -8.07 -3.47
C VAL A 122 4.58 -9.27 -3.72
N GLU A 123 5.21 -10.32 -4.21
CA GLU A 123 4.50 -11.56 -4.53
C GLU A 123 4.36 -12.46 -3.31
N ASP A 124 3.44 -13.42 -3.45
CA ASP A 124 3.17 -14.38 -2.37
C ASP A 124 4.33 -15.36 -2.20
N HIS A 125 4.79 -15.52 -0.94
CA HIS A 125 5.91 -16.42 -0.66
C HIS A 125 5.42 -17.74 -0.06
N GLY A 126 4.45 -17.64 0.86
CA GLY A 126 3.90 -18.85 1.50
C GLY A 126 3.71 -18.63 2.99
N LYS A 127 3.44 -17.38 3.37
CA LYS A 127 3.22 -17.05 4.77
C LYS A 127 2.40 -15.78 4.91
N ASP A 128 2.09 -15.43 6.15
CA ASP A 128 1.33 -14.23 6.44
C ASP A 128 2.28 -13.06 6.59
N GLU A 129 2.57 -12.41 5.48
CA GLU A 129 3.49 -11.27 5.44
C GLU A 129 2.79 -10.05 4.82
N ILE A 130 3.40 -8.88 4.99
CA ILE A 130 2.85 -7.64 4.42
C ILE A 130 3.94 -6.88 3.66
N THR A 131 3.56 -6.24 2.55
CA THR A 131 4.52 -5.48 1.75
C THR A 131 3.93 -4.14 1.33
N LEU A 132 4.63 -3.05 1.63
CA LEU A 132 4.17 -1.69 1.26
C LEU A 132 5.11 -1.09 0.22
N ILE A 133 4.54 -0.67 -0.91
CA ILE A 133 5.31 -0.11 -2.01
C ILE A 133 4.58 1.07 -2.65
N THR A 134 5.17 1.65 -3.70
CA THR A 134 4.55 2.79 -4.39
C THR A 134 4.69 2.65 -5.90
N CYS A 135 3.76 3.24 -6.65
CA CYS A 135 3.77 3.17 -8.11
C CYS A 135 4.35 4.44 -8.71
N VAL A 136 5.68 4.57 -8.65
CA VAL A 136 6.35 5.74 -9.19
C VAL A 136 6.19 5.82 -10.70
N SER A 137 6.31 4.69 -11.38
CA SER A 137 6.16 4.66 -12.83
C SER A 137 7.03 5.74 -13.48
N VAL A 138 8.34 5.65 -13.28
CA VAL A 138 9.27 6.63 -13.85
C VAL A 138 10.36 5.92 -14.67
N LYS A 139 10.62 6.43 -15.86
CA LYS A 139 11.62 5.83 -16.74
C LYS A 139 13.00 5.87 -16.12
N ASP A 140 13.34 7.02 -15.54
CA ASP A 140 14.63 7.20 -14.87
C ASP A 140 14.51 6.77 -13.42
N ASN A 141 15.59 6.89 -12.66
CA ASN A 141 15.55 6.52 -11.26
C ASN A 141 14.93 5.13 -11.09
N SER A 142 15.52 4.12 -11.72
CA SER A 142 15.01 2.76 -11.63
C SER A 142 15.17 2.21 -10.22
N LYS A 143 14.50 2.85 -9.26
CA LYS A 143 14.57 2.42 -7.86
C LYS A 143 13.24 2.66 -7.16
N ARG A 144 12.90 1.78 -6.22
CA ARG A 144 11.64 1.90 -5.48
C ARG A 144 11.80 1.50 -4.02
N TYR A 145 11.22 2.30 -3.12
CA TYR A 145 11.29 2.02 -1.68
C TYR A 145 10.18 1.05 -1.31
N VAL A 146 10.54 -0.02 -0.60
CA VAL A 146 9.55 -1.02 -0.19
C VAL A 146 9.78 -1.48 1.25
N VAL A 147 8.68 -1.65 1.98
CA VAL A 147 8.74 -2.09 3.38
C VAL A 147 8.04 -3.44 3.55
N ALA A 148 8.72 -4.37 4.22
CA ALA A 148 8.16 -5.70 4.45
C ALA A 148 7.98 -5.96 5.94
N GLY A 149 6.84 -6.54 6.29
CA GLY A 149 6.51 -6.83 7.68
C GLY A 149 5.94 -8.23 7.84
N ASP A 150 5.99 -8.72 9.07
CA ASP A 150 5.50 -10.06 9.39
C ASP A 150 4.25 -10.03 10.29
N LEU A 151 3.34 -10.99 10.08
CA LEU A 151 2.12 -11.08 10.88
C LEU A 151 2.45 -11.46 12.31
N VAL A 152 1.95 -10.67 13.27
CA VAL A 152 2.20 -10.93 14.68
C VAL A 152 0.94 -11.38 15.39
N GLY A 153 -0.23 -11.05 14.84
CA GLY A 153 -1.48 -11.45 15.49
C GLY A 153 -2.70 -10.90 14.76
N THR A 154 -3.87 -11.28 15.26
CA THR A 154 -5.14 -10.81 14.68
C THR A 154 -6.25 -10.83 15.73
N LYS A 155 -7.23 -9.96 15.52
CA LYS A 155 -8.37 -9.86 16.43
C LYS A 155 -9.60 -9.40 15.64
N ALA A 156 -10.74 -9.29 16.34
CA ALA A 156 -11.97 -8.85 15.68
C ALA A 156 -12.15 -7.34 15.81
N LYS A 157 -12.79 -6.73 14.82
CA LYS A 157 -13.02 -5.30 14.81
C LYS A 157 -13.93 -4.90 15.96
N LYS A 158 -13.40 -4.80 17.16
CA LYS A 158 -14.22 -4.39 18.28
C LYS A 158 -15.48 -5.24 18.37
N GLY A 1 -8.71 1.24 -25.08
CA GLY A 1 -7.83 2.31 -24.50
C GLY A 1 -6.54 1.68 -23.98
N SER A 2 -6.08 0.63 -24.64
CA SER A 2 -4.85 -0.05 -24.24
C SER A 2 -3.67 0.91 -24.25
N HIS A 3 -3.59 1.73 -25.29
CA HIS A 3 -2.52 2.70 -25.42
C HIS A 3 -2.66 3.78 -24.35
N MET A 4 -1.92 4.87 -24.47
CA MET A 4 -2.04 5.95 -23.49
C MET A 4 -1.56 5.50 -22.10
N ASP A 5 -1.52 4.19 -21.88
CA ASP A 5 -1.07 3.69 -20.59
C ASP A 5 -1.78 4.40 -19.45
N ALA A 6 -2.87 3.79 -18.98
CA ALA A 6 -3.68 4.38 -17.89
C ALA A 6 -2.97 4.30 -16.53
N SER A 7 -1.90 3.52 -16.48
CA SER A 7 -1.15 3.34 -15.23
C SER A 7 -0.06 4.40 -15.07
N LYS A 8 0.01 5.30 -16.04
CA LYS A 8 1.01 6.37 -16.03
C LYS A 8 0.68 7.41 -14.94
N ILE A 9 0.42 6.94 -13.73
CA ILE A 9 0.07 7.83 -12.63
C ILE A 9 1.22 8.76 -12.30
N ASP A 10 2.42 8.20 -12.20
CA ASP A 10 3.59 8.99 -11.92
C ASP A 10 3.35 9.96 -10.76
N GLN A 11 2.98 11.19 -11.08
CA GLN A 11 2.73 12.20 -10.05
C GLN A 11 1.67 13.20 -10.53
N PRO A 12 0.42 12.91 -10.28
CA PRO A 12 -0.70 13.80 -10.67
C PRO A 12 -0.78 15.00 -9.74
N ASP A 13 -1.35 16.08 -10.25
CA ASP A 13 -1.48 17.30 -9.46
C ASP A 13 -2.57 17.12 -8.42
N LEU A 14 -2.62 18.02 -7.46
CA LEU A 14 -3.61 17.94 -6.38
C LEU A 14 -5.01 18.22 -6.90
N ALA A 15 -5.08 18.81 -8.09
CA ALA A 15 -6.35 19.13 -8.69
C ALA A 15 -7.13 17.87 -9.01
N GLU A 16 -6.43 16.85 -9.51
CA GLU A 16 -7.03 15.59 -9.85
C GLU A 16 -7.41 14.81 -8.59
N VAL A 17 -6.60 14.97 -7.55
CA VAL A 17 -6.81 14.28 -6.29
C VAL A 17 -7.99 14.89 -5.52
N ALA A 18 -8.00 16.21 -5.46
CA ALA A 18 -9.06 16.92 -4.77
C ALA A 18 -10.40 16.74 -5.49
N ASN A 19 -10.34 16.70 -6.82
CA ASN A 19 -11.55 16.55 -7.64
C ASN A 19 -11.96 15.09 -7.76
N ALA A 20 -10.99 14.19 -7.67
CA ALA A 20 -11.24 12.76 -7.77
C ALA A 20 -12.16 12.30 -6.64
N SER A 21 -13.41 12.01 -6.99
CA SER A 21 -14.40 11.55 -6.00
C SER A 21 -14.51 10.02 -6.02
N LEU A 22 -14.12 9.39 -4.92
CA LEU A 22 -14.17 7.93 -4.81
C LEU A 22 -15.29 7.48 -3.89
N ASP A 23 -16.15 6.60 -4.39
CA ASP A 23 -17.27 6.08 -3.61
C ASP A 23 -16.76 5.18 -2.49
N LYS A 24 -17.35 5.32 -1.31
CA LYS A 24 -16.94 4.52 -0.16
C LYS A 24 -17.21 3.04 -0.42
N LYS A 25 -17.89 2.79 -1.52
CA LYS A 25 -18.24 1.43 -1.92
C LYS A 25 -17.00 0.66 -2.39
N GLN A 26 -15.93 1.39 -2.66
CA GLN A 26 -14.68 0.79 -3.13
C GLN A 26 -13.73 0.45 -1.98
N VAL A 27 -14.20 0.72 -0.76
CA VAL A 27 -13.43 0.45 0.45
C VAL A 27 -13.69 -0.97 0.92
N ILE A 28 -12.62 -1.75 1.02
CA ILE A 28 -12.72 -3.15 1.44
C ILE A 28 -12.27 -3.33 2.88
N GLY A 29 -11.25 -2.58 3.28
CA GLY A 29 -10.74 -2.69 4.64
C GLY A 29 -10.05 -1.39 5.01
N ARG A 30 -9.16 -1.44 6.00
CA ARG A 30 -8.49 -0.22 6.44
C ARG A 30 -7.07 -0.50 6.90
N ILE A 31 -6.20 0.48 6.75
CA ILE A 31 -4.80 0.35 7.16
C ILE A 31 -4.47 1.44 8.17
N SER A 32 -3.93 1.03 9.31
CA SER A 32 -3.59 1.98 10.35
C SER A 32 -2.14 1.79 10.76
N ILE A 33 -1.39 2.89 10.79
CA ILE A 33 0.04 2.83 11.13
C ILE A 33 0.42 3.93 12.14
N PRO A 34 0.87 3.57 13.33
CA PRO A 34 1.23 4.57 14.38
C PRO A 34 2.62 5.16 14.18
N SER A 35 3.54 4.31 13.74
CA SER A 35 4.91 4.71 13.54
C SER A 35 5.00 5.99 12.73
N VAL A 36 4.11 6.16 11.76
CA VAL A 36 4.12 7.35 10.91
C VAL A 36 2.79 8.11 11.02
N SER A 37 1.82 7.53 11.73
CA SER A 37 0.52 8.20 11.90
C SER A 37 -0.26 8.14 10.59
N LEU A 38 -0.28 6.96 9.99
CA LEU A 38 -0.96 6.76 8.72
C LEU A 38 -2.26 5.98 8.90
N GLU A 39 -3.34 6.55 8.41
CA GLU A 39 -4.66 5.93 8.50
C GLU A 39 -5.32 6.11 7.16
N LEU A 40 -5.49 5.01 6.43
CA LEU A 40 -6.07 5.13 5.09
C LEU A 40 -6.93 3.93 4.67
N PRO A 41 -8.21 4.12 4.44
CA PRO A 41 -9.09 3.02 3.94
C PRO A 41 -8.35 2.21 2.88
N VAL A 42 -8.51 0.89 2.92
CA VAL A 42 -7.87 0.03 1.93
C VAL A 42 -8.81 -0.15 0.75
N LEU A 43 -8.31 0.11 -0.46
CA LEU A 43 -9.13 -0.02 -1.67
C LEU A 43 -8.74 -1.30 -2.41
N LYS A 44 -9.73 -2.16 -2.67
CA LYS A 44 -9.48 -3.41 -3.36
C LYS A 44 -9.12 -3.16 -4.84
N SER A 45 -9.74 -2.15 -5.42
CA SER A 45 -9.52 -1.80 -6.82
C SER A 45 -8.31 -0.87 -6.96
N SER A 46 -7.22 -1.40 -7.52
CA SER A 46 -6.01 -0.61 -7.71
C SER A 46 -6.12 0.22 -8.97
N THR A 47 -6.98 1.21 -8.92
CA THR A 47 -7.20 2.11 -10.04
C THR A 47 -6.48 3.43 -9.79
N GLU A 48 -6.08 4.09 -10.86
CA GLU A 48 -5.39 5.36 -10.74
C GLU A 48 -6.19 6.34 -9.88
N LYS A 49 -7.46 6.49 -10.21
CA LYS A 49 -8.35 7.39 -9.48
C LYS A 49 -8.56 6.93 -8.03
N ASN A 50 -8.72 5.64 -7.85
CA ASN A 50 -8.95 5.09 -6.52
C ASN A 50 -7.73 5.28 -5.61
N LEU A 51 -6.55 5.16 -6.18
CA LEU A 51 -5.31 5.32 -5.42
C LEU A 51 -5.22 6.71 -4.78
N LEU A 52 -6.00 7.64 -5.29
CA LEU A 52 -5.97 9.00 -4.80
C LEU A 52 -6.62 9.15 -3.42
N SER A 53 -7.42 8.18 -3.02
CA SER A 53 -8.13 8.26 -1.73
C SER A 53 -7.45 7.45 -0.62
N GLY A 54 -6.51 6.59 -0.97
CA GLY A 54 -5.84 5.78 0.05
C GLY A 54 -4.99 4.70 -0.58
N ALA A 55 -4.43 3.84 0.28
CA ALA A 55 -3.60 2.73 -0.18
C ALA A 55 -4.47 1.66 -0.82
N ALA A 56 -4.12 1.26 -2.04
CA ALA A 56 -4.90 0.24 -2.75
C ALA A 56 -4.15 -1.10 -2.76
N THR A 57 -4.91 -2.19 -2.72
CA THR A 57 -4.31 -3.54 -2.73
C THR A 57 -3.84 -3.85 -4.15
N VAL A 58 -2.81 -4.67 -4.29
CA VAL A 58 -2.27 -4.98 -5.62
C VAL A 58 -3.00 -6.13 -6.32
N LYS A 59 -3.18 -7.25 -5.64
CA LYS A 59 -3.86 -8.40 -6.23
C LYS A 59 -5.36 -8.36 -5.96
N GLU A 60 -6.14 -8.72 -6.97
CA GLU A 60 -7.61 -8.69 -6.88
C GLU A 60 -8.12 -9.62 -5.77
N ASN A 61 -7.62 -10.84 -5.74
CA ASN A 61 -8.03 -11.83 -4.75
C ASN A 61 -7.03 -11.92 -3.59
N GLN A 62 -6.65 -10.78 -3.06
CA GLN A 62 -5.70 -10.73 -1.96
C GLN A 62 -6.40 -11.13 -0.65
N VAL A 63 -5.60 -11.54 0.34
CA VAL A 63 -6.15 -11.97 1.62
C VAL A 63 -5.28 -11.48 2.77
N MET A 64 -5.88 -10.77 3.71
CA MET A 64 -5.15 -10.27 4.86
C MET A 64 -4.89 -11.41 5.85
N GLY A 65 -3.63 -11.57 6.24
CA GLY A 65 -3.26 -12.62 7.19
C GLY A 65 -2.85 -13.89 6.46
N LYS A 66 -2.89 -13.86 5.14
CA LYS A 66 -2.53 -15.03 4.36
C LYS A 66 -1.79 -14.64 3.08
N GLY A 67 -0.63 -15.22 2.87
CA GLY A 67 0.15 -14.91 1.69
C GLY A 67 0.76 -13.52 1.83
N ASN A 68 1.39 -13.03 0.77
CA ASN A 68 2.00 -11.71 0.80
C ASN A 68 0.98 -10.65 0.43
N TYR A 69 0.60 -9.84 1.42
CA TYR A 69 -0.38 -8.78 1.20
C TYR A 69 0.30 -7.53 0.68
N ALA A 70 0.21 -7.32 -0.63
CA ALA A 70 0.84 -6.16 -1.25
C ALA A 70 -0.10 -4.96 -1.29
N LEU A 71 0.37 -3.85 -0.75
CA LEU A 71 -0.39 -2.59 -0.73
C LEU A 71 0.38 -1.52 -1.48
N ALA A 72 -0.31 -0.83 -2.40
CA ALA A 72 0.34 0.20 -3.20
C ALA A 72 -0.19 1.57 -2.84
N GLY A 73 0.73 2.53 -2.77
CA GLY A 73 0.37 3.91 -2.43
C GLY A 73 1.17 4.91 -3.23
N HIS A 74 0.93 6.19 -2.95
CA HIS A 74 1.62 7.27 -3.65
C HIS A 74 2.96 7.58 -2.97
N ASN A 75 3.99 7.85 -3.77
CA ASN A 75 5.33 8.16 -3.24
C ASN A 75 5.67 9.63 -3.47
N MET A 76 4.64 10.45 -3.53
CA MET A 76 4.79 11.88 -3.74
C MET A 76 5.91 12.46 -2.88
N SER A 77 6.33 11.73 -1.86
CA SER A 77 7.41 12.20 -1.00
C SER A 77 6.97 13.49 -0.30
N LYS A 78 5.72 13.50 0.14
CA LYS A 78 5.16 14.66 0.81
C LYS A 78 4.47 14.21 2.09
N LYS A 79 5.05 14.55 3.23
CA LYS A 79 4.47 14.14 4.49
C LYS A 79 3.01 14.58 4.54
N GLY A 80 2.12 13.61 4.76
CA GLY A 80 0.67 13.87 4.80
C GLY A 80 -0.05 13.16 3.65
N VAL A 81 0.64 12.96 2.53
CA VAL A 81 0.03 12.27 1.39
C VAL A 81 0.02 10.79 1.67
N LEU A 82 -0.54 10.01 0.77
CA LEU A 82 -0.65 8.58 0.97
C LEU A 82 0.74 7.92 0.85
N PHE A 83 1.07 6.99 1.75
CA PHE A 83 2.36 6.30 1.68
C PHE A 83 3.50 7.29 1.41
N SER A 84 3.34 8.49 1.91
CA SER A 84 4.36 9.52 1.69
C SER A 84 5.52 9.40 2.67
N ASP A 85 5.35 8.58 3.71
CA ASP A 85 6.38 8.45 4.75
C ASP A 85 6.54 7.00 5.25
N ILE A 86 6.18 6.05 4.41
CA ILE A 86 6.30 4.63 4.77
C ILE A 86 7.75 4.19 4.86
N ALA A 87 8.63 4.89 4.19
CA ALA A 87 10.04 4.53 4.20
C ALA A 87 10.67 4.89 5.54
N SER A 88 9.85 5.39 6.46
CA SER A 88 10.34 5.80 7.77
C SER A 88 10.06 4.72 8.80
N LEU A 89 9.26 3.76 8.40
CA LEU A 89 8.91 2.65 9.28
C LEU A 89 10.14 1.85 9.65
N LYS A 90 10.36 1.71 10.93
CA LYS A 90 11.52 0.96 11.43
C LYS A 90 11.12 -0.46 11.79
N LYS A 91 12.12 -1.33 11.93
CA LYS A 91 11.88 -2.72 12.26
C LYS A 91 11.19 -2.87 13.62
N GLY A 92 10.19 -3.74 13.67
CA GLY A 92 9.45 -3.96 14.91
C GLY A 92 8.36 -2.92 15.09
N ASP A 93 7.97 -2.32 13.97
CA ASP A 93 6.91 -1.32 14.00
C ASP A 93 5.56 -2.00 13.87
N LYS A 94 4.62 -1.64 14.74
CA LYS A 94 3.30 -2.28 14.71
C LYS A 94 2.44 -1.72 13.59
N ILE A 95 1.86 -2.62 12.79
CA ILE A 95 0.99 -2.24 11.69
C ILE A 95 -0.35 -2.94 11.84
N TYR A 96 -1.43 -2.17 11.89
CA TYR A 96 -2.76 -2.73 12.07
C TYR A 96 -3.52 -2.71 10.76
N LEU A 97 -3.92 -3.90 10.29
CA LEU A 97 -4.65 -4.02 9.02
C LEU A 97 -6.06 -4.52 9.25
N TYR A 98 -7.04 -3.93 8.57
CA TYR A 98 -8.44 -4.32 8.73
C TYR A 98 -8.94 -5.06 7.51
N ASP A 99 -9.56 -6.21 7.74
CA ASP A 99 -10.13 -7.02 6.68
C ASP A 99 -11.63 -7.02 6.87
N ASN A 100 -12.35 -7.92 6.21
CA ASN A 100 -13.81 -8.01 6.33
C ASN A 100 -14.27 -7.42 7.67
N GLU A 101 -14.07 -8.18 8.73
CA GLU A 101 -14.44 -7.75 10.07
C GLU A 101 -13.31 -8.10 11.03
N ASN A 102 -12.10 -8.19 10.50
CA ASN A 102 -10.95 -8.62 11.31
C ASN A 102 -9.79 -7.64 11.26
N GLU A 103 -9.11 -7.49 12.41
CA GLU A 103 -7.97 -6.61 12.52
C GLU A 103 -6.70 -7.46 12.64
N TYR A 104 -5.78 -7.28 11.70
CA TYR A 104 -4.54 -8.03 11.68
C TYR A 104 -3.37 -7.20 12.18
N GLU A 105 -2.59 -7.77 13.08
CA GLU A 105 -1.43 -7.08 13.62
C GLU A 105 -0.19 -7.54 12.85
N TYR A 106 0.50 -6.58 12.22
CA TYR A 106 1.69 -6.87 11.43
C TYR A 106 2.88 -6.11 12.00
N ALA A 107 4.03 -6.78 12.08
CA ALA A 107 5.26 -6.16 12.58
C ALA A 107 6.31 -6.07 11.48
N VAL A 108 6.90 -4.88 11.37
CA VAL A 108 7.92 -4.63 10.36
C VAL A 108 9.19 -5.37 10.70
N THR A 109 9.78 -6.01 9.69
CA THR A 109 11.02 -6.77 9.86
C THR A 109 12.22 -6.03 9.29
N GLY A 110 11.97 -5.14 8.34
CA GLY A 110 13.07 -4.38 7.73
C GLY A 110 12.63 -3.70 6.44
N VAL A 111 13.22 -2.55 6.19
CA VAL A 111 12.92 -1.76 4.99
C VAL A 111 14.12 -1.78 4.06
N SER A 112 13.88 -1.57 2.77
CA SER A 112 14.97 -1.61 1.80
C SER A 112 14.57 -0.91 0.50
N GLU A 113 15.56 -0.69 -0.36
CA GLU A 113 15.33 -0.03 -1.65
C GLU A 113 15.74 -0.95 -2.79
N VAL A 114 14.81 -1.22 -3.71
CA VAL A 114 15.10 -2.11 -4.83
C VAL A 114 14.57 -1.55 -6.14
N THR A 115 15.15 -2.00 -7.24
CA THR A 115 14.72 -1.52 -8.53
C THR A 115 13.24 -1.84 -8.72
N PRO A 116 12.42 -0.90 -9.14
CA PRO A 116 10.95 -1.14 -9.30
C PRO A 116 10.67 -2.46 -10.03
N ASP A 117 11.69 -3.03 -10.64
CA ASP A 117 11.54 -4.27 -11.39
C ASP A 117 11.65 -5.48 -10.47
N LYS A 118 12.02 -5.24 -9.23
CA LYS A 118 12.18 -6.30 -8.24
C LYS A 118 10.85 -6.57 -7.53
N TRP A 119 9.87 -7.00 -8.29
CA TRP A 119 8.54 -7.27 -7.74
C TRP A 119 8.54 -8.53 -6.89
N GLU A 120 9.55 -9.36 -7.06
CA GLU A 120 9.65 -10.60 -6.29
C GLU A 120 9.46 -10.33 -4.80
N VAL A 121 9.43 -9.06 -4.44
CA VAL A 121 9.29 -8.63 -3.05
C VAL A 121 7.82 -8.60 -2.59
N VAL A 122 6.92 -8.42 -3.55
CA VAL A 122 5.47 -8.35 -3.27
C VAL A 122 4.78 -9.60 -3.80
N GLU A 123 5.58 -10.44 -4.41
CA GLU A 123 5.07 -11.68 -5.00
C GLU A 123 4.92 -12.78 -3.95
N ASP A 124 3.68 -13.23 -3.81
CA ASP A 124 3.32 -14.31 -2.87
C ASP A 124 4.49 -15.27 -2.64
N HIS A 125 4.93 -15.37 -1.38
CA HIS A 125 6.04 -16.26 -1.03
C HIS A 125 5.52 -17.58 -0.45
N GLY A 126 4.53 -17.50 0.43
CA GLY A 126 3.95 -18.70 1.04
C GLY A 126 3.77 -18.53 2.54
N LYS A 127 3.47 -17.30 2.94
CA LYS A 127 3.29 -17.02 4.36
C LYS A 127 2.36 -15.81 4.56
N ASP A 128 2.05 -15.51 5.82
CA ASP A 128 1.18 -14.38 6.15
C ASP A 128 2.02 -13.15 6.52
N GLU A 129 2.36 -12.39 5.50
CA GLU A 129 3.18 -11.19 5.68
C GLU A 129 2.53 -10.00 4.95
N ILE A 130 3.15 -8.83 5.09
CA ILE A 130 2.64 -7.61 4.46
C ILE A 130 3.74 -6.89 3.70
N THR A 131 3.38 -6.30 2.56
CA THR A 131 4.37 -5.60 1.74
C THR A 131 3.84 -4.28 1.20
N LEU A 132 4.55 -3.19 1.49
CA LEU A 132 4.12 -1.86 1.04
C LEU A 132 5.05 -1.30 -0.03
N ILE A 133 4.45 -0.87 -1.15
CA ILE A 133 5.21 -0.34 -2.26
C ILE A 133 4.52 0.90 -2.84
N THR A 134 4.95 1.31 -4.04
CA THR A 134 4.37 2.49 -4.69
C THR A 134 4.02 2.19 -6.14
N CYS A 135 3.21 3.05 -6.74
CA CYS A 135 2.79 2.86 -8.12
C CYS A 135 3.98 2.93 -9.08
N VAL A 136 5.20 2.98 -8.53
CA VAL A 136 6.38 3.04 -9.38
C VAL A 136 6.21 4.10 -10.46
N SER A 137 6.71 5.31 -10.21
CA SER A 137 6.59 6.40 -11.16
C SER A 137 7.71 6.30 -12.21
N VAL A 138 7.40 6.71 -13.44
CA VAL A 138 8.39 6.67 -14.52
C VAL A 138 9.56 7.62 -14.24
N LYS A 139 9.23 8.82 -13.80
CA LYS A 139 10.23 9.84 -13.50
C LYS A 139 10.75 9.71 -12.07
N ASP A 140 11.04 8.49 -11.65
CA ASP A 140 11.53 8.22 -10.29
C ASP A 140 13.06 8.28 -10.23
N ASN A 141 13.59 9.44 -9.88
CA ASN A 141 15.04 9.62 -9.80
C ASN A 141 15.65 8.72 -8.72
N SER A 142 14.98 8.65 -7.58
CA SER A 142 15.43 7.82 -6.47
C SER A 142 14.93 6.39 -6.64
N LYS A 143 15.51 5.46 -5.90
CA LYS A 143 15.11 4.07 -5.97
C LYS A 143 13.80 3.86 -5.22
N ARG A 144 12.98 2.94 -5.69
CA ARG A 144 11.69 2.67 -5.06
C ARG A 144 11.90 2.14 -3.64
N TYR A 145 11.10 2.64 -2.69
CA TYR A 145 11.20 2.22 -1.29
C TYR A 145 10.10 1.19 -0.98
N VAL A 146 10.48 0.10 -0.30
CA VAL A 146 9.51 -0.95 0.04
C VAL A 146 9.71 -1.42 1.49
N VAL A 147 8.59 -1.64 2.18
CA VAL A 147 8.61 -2.09 3.57
C VAL A 147 7.97 -3.47 3.69
N ALA A 148 8.68 -4.40 4.34
CA ALA A 148 8.17 -5.76 4.52
C ALA A 148 7.88 -6.03 5.99
N GLY A 149 6.72 -6.59 6.28
CA GLY A 149 6.31 -6.90 7.65
C GLY A 149 5.74 -8.29 7.78
N ASP A 150 5.87 -8.85 8.96
CA ASP A 150 5.39 -10.20 9.25
C ASP A 150 4.20 -10.16 10.21
N LEU A 151 3.30 -11.14 10.09
CA LEU A 151 2.12 -11.20 10.94
C LEU A 151 2.50 -11.66 12.34
N VAL A 152 2.08 -10.89 13.33
CA VAL A 152 2.38 -11.21 14.73
C VAL A 152 1.13 -11.61 15.51
N GLY A 153 -0.04 -11.21 15.00
CA GLY A 153 -1.29 -11.56 15.69
C GLY A 153 -2.50 -11.02 14.94
N THR A 154 -3.68 -11.36 15.44
CA THR A 154 -4.92 -10.91 14.82
C THR A 154 -6.06 -10.92 15.84
N LYS A 155 -7.06 -10.10 15.58
CA LYS A 155 -8.21 -9.99 16.46
C LYS A 155 -9.44 -9.60 15.64
N ALA A 156 -10.60 -9.48 16.29
CA ALA A 156 -11.81 -9.10 15.57
C ALA A 156 -11.99 -7.58 15.60
N LYS A 157 -12.58 -7.05 14.53
CA LYS A 157 -12.79 -5.62 14.43
C LYS A 157 -13.92 -5.17 15.35
N LYS A 158 -13.62 -5.03 16.63
CA LYS A 158 -14.64 -4.57 17.57
C LYS A 158 -15.84 -5.52 17.56
N GLY A 1 10.19 -4.66 -26.05
CA GLY A 1 9.48 -3.67 -26.93
C GLY A 1 8.73 -2.66 -26.06
N SER A 2 8.62 -1.43 -26.57
CA SER A 2 7.92 -0.39 -25.85
C SER A 2 6.45 -0.76 -25.68
N HIS A 3 5.90 -0.45 -24.52
CA HIS A 3 4.50 -0.78 -24.22
C HIS A 3 3.88 0.22 -23.25
N MET A 4 2.59 0.49 -23.43
CA MET A 4 1.86 1.43 -22.57
C MET A 4 1.09 0.68 -21.49
N ASP A 5 0.72 1.39 -20.43
CA ASP A 5 -0.02 0.78 -19.33
C ASP A 5 -0.98 1.77 -18.66
N ALA A 6 -1.99 1.23 -17.98
CA ALA A 6 -2.99 2.05 -17.28
C ALA A 6 -2.41 2.67 -16.01
N SER A 7 -1.21 2.24 -15.64
CA SER A 7 -0.55 2.75 -14.42
C SER A 7 0.23 4.03 -14.70
N LYS A 8 -0.32 4.88 -15.56
CA LYS A 8 0.33 6.14 -15.91
C LYS A 8 0.11 7.19 -14.82
N ILE A 9 0.06 6.75 -13.58
CA ILE A 9 -0.16 7.66 -12.46
C ILE A 9 0.98 8.65 -12.34
N ASP A 10 2.19 8.12 -12.41
CA ASP A 10 3.38 8.95 -12.32
C ASP A 10 3.33 9.89 -11.12
N GLN A 11 2.90 11.13 -11.36
CA GLN A 11 2.81 12.12 -10.29
C GLN A 11 1.70 13.14 -10.58
N PRO A 12 0.47 12.81 -10.28
CA PRO A 12 -0.67 13.72 -10.52
C PRO A 12 -0.71 14.87 -9.51
N ASP A 13 -1.26 16.00 -9.94
CA ASP A 13 -1.36 17.17 -9.08
C ASP A 13 -2.51 16.98 -8.10
N LEU A 14 -2.60 17.88 -7.14
CA LEU A 14 -3.65 17.82 -6.12
C LEU A 14 -5.01 18.11 -6.73
N ALA A 15 -5.01 18.70 -7.92
CA ALA A 15 -6.24 19.05 -8.59
C ALA A 15 -7.04 17.80 -8.95
N GLU A 16 -6.31 16.77 -9.38
CA GLU A 16 -6.93 15.51 -9.76
C GLU A 16 -7.36 14.74 -8.52
N VAL A 17 -6.60 14.92 -7.44
CA VAL A 17 -6.88 14.23 -6.19
C VAL A 17 -8.07 14.86 -5.49
N ALA A 18 -8.08 16.18 -5.44
CA ALA A 18 -9.18 16.90 -4.80
C ALA A 18 -10.48 16.70 -5.56
N ASN A 19 -10.38 16.74 -6.89
CA ASN A 19 -11.54 16.58 -7.76
C ASN A 19 -11.97 15.12 -7.85
N ALA A 20 -11.01 14.22 -7.69
CA ALA A 20 -11.29 12.79 -7.77
C ALA A 20 -12.27 12.36 -6.68
N SER A 21 -13.51 12.07 -7.10
CA SER A 21 -14.55 11.63 -6.16
C SER A 21 -14.64 10.10 -6.15
N LEU A 22 -14.41 9.51 -4.98
CA LEU A 22 -14.45 8.04 -4.84
C LEU A 22 -15.52 7.61 -3.84
N ASP A 23 -16.36 6.67 -4.26
CA ASP A 23 -17.42 6.14 -3.40
C ASP A 23 -16.81 5.28 -2.30
N LYS A 24 -17.34 5.43 -1.09
CA LYS A 24 -16.85 4.67 0.06
C LYS A 24 -17.19 3.20 -0.10
N LYS A 25 -18.00 2.91 -1.11
CA LYS A 25 -18.44 1.56 -1.40
C LYS A 25 -17.30 0.73 -2.00
N GLN A 26 -16.20 1.41 -2.36
CA GLN A 26 -15.04 0.74 -2.96
C GLN A 26 -14.04 0.33 -1.87
N VAL A 27 -14.39 0.60 -0.63
CA VAL A 27 -13.54 0.26 0.50
C VAL A 27 -13.84 -1.16 0.99
N ILE A 28 -12.79 -1.95 1.17
CA ILE A 28 -12.95 -3.35 1.59
C ILE A 28 -12.18 -3.64 2.87
N GLY A 29 -11.42 -2.67 3.32
CA GLY A 29 -10.63 -2.84 4.54
C GLY A 29 -10.01 -1.52 4.93
N ARG A 30 -9.10 -1.54 5.90
CA ARG A 30 -8.46 -0.30 6.34
C ARG A 30 -7.01 -0.53 6.76
N ILE A 31 -6.18 0.51 6.59
CA ILE A 31 -4.77 0.44 6.96
C ILE A 31 -4.48 1.55 7.97
N SER A 32 -3.95 1.17 9.11
CA SER A 32 -3.63 2.15 10.16
C SER A 32 -2.21 1.92 10.65
N ILE A 33 -1.44 3.00 10.71
CA ILE A 33 -0.03 2.91 11.13
C ILE A 33 0.32 3.99 12.17
N PRO A 34 0.96 3.65 13.30
CA PRO A 34 1.33 4.66 14.34
C PRO A 34 2.65 5.36 14.00
N SER A 35 3.57 4.61 13.40
CA SER A 35 4.89 5.12 13.08
C SER A 35 4.82 6.47 12.40
N VAL A 36 3.85 6.63 11.49
CA VAL A 36 3.68 7.87 10.74
C VAL A 36 2.30 8.49 11.01
N SER A 37 1.47 7.82 11.82
CA SER A 37 0.13 8.35 12.09
C SER A 37 -0.64 8.41 10.78
N LEU A 38 -0.66 7.26 10.09
CA LEU A 38 -1.34 7.14 8.81
C LEU A 38 -2.55 6.23 8.90
N GLU A 39 -3.65 6.72 8.37
CA GLU A 39 -4.91 5.97 8.36
C GLU A 39 -5.48 6.10 6.97
N LEU A 40 -5.59 4.99 6.24
CA LEU A 40 -6.09 5.06 4.86
C LEU A 40 -6.96 3.84 4.46
N PRO A 41 -8.26 4.02 4.19
CA PRO A 41 -9.12 2.90 3.72
C PRO A 41 -8.38 2.05 2.69
N VAL A 42 -8.66 0.76 2.66
CA VAL A 42 -8.02 -0.14 1.69
C VAL A 42 -8.95 -0.32 0.50
N LEU A 43 -8.46 0.00 -0.69
CA LEU A 43 -9.26 -0.12 -1.90
C LEU A 43 -8.83 -1.33 -2.70
N LYS A 44 -9.78 -2.21 -2.98
CA LYS A 44 -9.50 -3.43 -3.73
C LYS A 44 -9.13 -3.11 -5.17
N SER A 45 -9.92 -2.24 -5.81
CA SER A 45 -9.69 -1.86 -7.20
C SER A 45 -8.49 -0.93 -7.32
N SER A 46 -7.37 -1.45 -7.82
CA SER A 46 -6.17 -0.64 -7.99
C SER A 46 -6.26 0.17 -9.28
N THR A 47 -6.58 1.44 -9.12
CA THR A 47 -6.72 2.35 -10.25
C THR A 47 -6.03 3.67 -9.95
N GLU A 48 -5.80 4.45 -10.99
CA GLU A 48 -5.14 5.72 -10.82
C GLU A 48 -6.01 6.69 -10.03
N LYS A 49 -7.32 6.49 -10.13
CA LYS A 49 -8.27 7.35 -9.44
C LYS A 49 -8.47 6.91 -7.99
N ASN A 50 -8.57 5.61 -7.79
CA ASN A 50 -8.79 5.07 -6.45
C ASN A 50 -7.58 5.32 -5.54
N LEU A 51 -6.39 5.26 -6.13
CA LEU A 51 -5.15 5.46 -5.36
C LEU A 51 -5.07 6.86 -4.77
N LEU A 52 -5.88 7.77 -5.28
CA LEU A 52 -5.85 9.15 -4.82
C LEU A 52 -6.49 9.33 -3.44
N SER A 53 -7.27 8.35 -2.99
CA SER A 53 -7.96 8.45 -1.69
C SER A 53 -7.33 7.58 -0.60
N GLY A 54 -6.41 6.70 -0.98
CA GLY A 54 -5.80 5.81 0.01
C GLY A 54 -4.92 4.74 -0.64
N ALA A 55 -4.46 3.81 0.19
CA ALA A 55 -3.63 2.71 -0.29
C ALA A 55 -4.48 1.65 -0.96
N ALA A 56 -4.09 1.27 -2.18
CA ALA A 56 -4.84 0.26 -2.93
C ALA A 56 -4.09 -1.06 -2.95
N THR A 57 -4.84 -2.16 -2.94
CA THR A 57 -4.23 -3.49 -2.97
C THR A 57 -3.72 -3.77 -4.38
N VAL A 58 -2.66 -4.57 -4.49
CA VAL A 58 -2.06 -4.86 -5.80
C VAL A 58 -2.76 -6.00 -6.54
N LYS A 59 -3.12 -7.05 -5.82
CA LYS A 59 -3.76 -8.21 -6.47
C LYS A 59 -5.28 -8.04 -6.52
N GLU A 60 -5.98 -9.09 -6.95
CA GLU A 60 -7.44 -9.06 -7.08
C GLU A 60 -8.10 -10.14 -6.23
N ASN A 61 -7.30 -11.07 -5.71
CA ASN A 61 -7.84 -12.16 -4.91
C ASN A 61 -6.92 -12.50 -3.73
N GLN A 62 -6.42 -11.45 -3.08
CA GLN A 62 -5.55 -11.61 -1.93
C GLN A 62 -6.38 -11.66 -0.65
N VAL A 63 -5.79 -12.20 0.42
CA VAL A 63 -6.49 -12.31 1.71
C VAL A 63 -5.60 -11.79 2.84
N MET A 64 -6.16 -10.95 3.70
CA MET A 64 -5.42 -10.43 4.84
C MET A 64 -5.13 -11.54 5.84
N GLY A 65 -3.86 -11.67 6.23
CA GLY A 65 -3.47 -12.70 7.19
C GLY A 65 -3.08 -13.97 6.47
N LYS A 66 -3.11 -13.94 5.14
CA LYS A 66 -2.77 -15.12 4.35
C LYS A 66 -1.96 -14.72 3.14
N GLY A 67 -0.76 -15.27 3.04
CA GLY A 67 0.13 -14.97 1.93
C GLY A 67 0.74 -13.59 2.13
N ASN A 68 1.27 -13.01 1.05
CA ASN A 68 1.87 -11.67 1.11
C ASN A 68 0.85 -10.63 0.70
N TYR A 69 0.41 -9.82 1.66
CA TYR A 69 -0.57 -8.77 1.40
C TYR A 69 0.12 -7.53 0.88
N ALA A 70 0.02 -7.30 -0.43
CA ALA A 70 0.68 -6.16 -1.06
C ALA A 70 -0.25 -4.95 -1.10
N LEU A 71 0.29 -3.82 -0.63
CA LEU A 71 -0.44 -2.55 -0.63
C LEU A 71 0.38 -1.49 -1.38
N ALA A 72 -0.27 -0.81 -2.32
CA ALA A 72 0.39 0.21 -3.12
C ALA A 72 -0.14 1.59 -2.77
N GLY A 73 0.79 2.55 -2.70
CA GLY A 73 0.43 3.93 -2.36
C GLY A 73 1.24 4.93 -3.17
N HIS A 74 1.01 6.22 -2.92
CA HIS A 74 1.72 7.28 -3.62
C HIS A 74 3.09 7.52 -2.97
N ASN A 75 4.02 8.06 -3.76
CA ASN A 75 5.38 8.32 -3.30
C ASN A 75 5.71 9.80 -3.45
N MET A 76 4.68 10.64 -3.41
CA MET A 76 4.88 12.08 -3.57
C MET A 76 6.08 12.59 -2.76
N SER A 77 6.56 11.78 -1.83
CA SER A 77 7.69 12.20 -1.02
C SER A 77 7.34 13.47 -0.26
N LYS A 78 6.11 13.51 0.24
CA LYS A 78 5.61 14.66 0.97
C LYS A 78 4.86 14.20 2.21
N LYS A 79 5.36 14.60 3.36
CA LYS A 79 4.73 14.21 4.60
C LYS A 79 3.28 14.66 4.63
N GLY A 80 2.42 13.70 4.86
CA GLY A 80 0.97 13.95 4.88
C GLY A 80 0.28 13.24 3.71
N VAL A 81 1.00 13.00 2.61
CA VAL A 81 0.41 12.31 1.45
C VAL A 81 0.36 10.81 1.73
N LEU A 82 -0.23 10.06 0.83
CA LEU A 82 -0.36 8.63 1.02
C LEU A 82 1.01 7.94 0.85
N PHE A 83 1.33 7.03 1.75
CA PHE A 83 2.59 6.30 1.68
C PHE A 83 3.75 7.25 1.40
N SER A 84 3.65 8.47 1.91
CA SER A 84 4.67 9.48 1.67
C SER A 84 5.86 9.34 2.63
N ASP A 85 5.74 8.46 3.62
CA ASP A 85 6.81 8.29 4.62
C ASP A 85 6.92 6.85 5.11
N ILE A 86 6.61 5.90 4.26
CA ILE A 86 6.68 4.48 4.62
C ILE A 86 8.13 4.02 4.75
N ALA A 87 9.05 4.72 4.10
CA ALA A 87 10.45 4.36 4.17
C ALA A 87 11.04 4.75 5.52
N SER A 88 10.20 5.28 6.40
CA SER A 88 10.64 5.69 7.72
C SER A 88 10.35 4.59 8.72
N LEU A 89 9.57 3.61 8.28
CA LEU A 89 9.20 2.50 9.14
C LEU A 89 10.43 1.68 9.51
N LYS A 90 10.67 1.56 10.81
CA LYS A 90 11.79 0.80 11.32
C LYS A 90 11.37 -0.61 11.70
N LYS A 91 12.31 -1.53 11.61
CA LYS A 91 12.04 -2.92 11.94
C LYS A 91 11.46 -3.07 13.34
N GLY A 92 10.29 -3.70 13.41
CA GLY A 92 9.61 -3.92 14.68
C GLY A 92 8.52 -2.87 14.87
N ASP A 93 8.11 -2.26 13.77
CA ASP A 93 7.03 -1.25 13.82
C ASP A 93 5.69 -1.94 13.69
N LYS A 94 4.74 -1.61 14.56
CA LYS A 94 3.44 -2.25 14.54
C LYS A 94 2.51 -1.63 13.49
N ILE A 95 1.84 -2.50 12.75
CA ILE A 95 0.91 -2.09 11.70
C ILE A 95 -0.44 -2.76 11.91
N TYR A 96 -1.50 -1.96 11.98
CA TYR A 96 -2.84 -2.49 12.19
C TYR A 96 -3.62 -2.49 10.87
N LEU A 97 -4.01 -3.68 10.44
CA LEU A 97 -4.74 -3.84 9.19
C LEU A 97 -6.14 -4.39 9.45
N TYR A 98 -7.10 -3.94 8.64
CA TYR A 98 -8.50 -4.37 8.81
C TYR A 98 -8.97 -5.17 7.61
N ASP A 99 -9.58 -6.30 7.93
CA ASP A 99 -10.15 -7.20 6.93
C ASP A 99 -11.67 -7.17 7.10
N ASN A 100 -12.37 -8.08 6.43
CA ASN A 100 -13.84 -8.16 6.51
C ASN A 100 -14.37 -7.54 7.82
N GLU A 101 -14.19 -8.27 8.91
CA GLU A 101 -14.62 -7.80 10.23
C GLU A 101 -13.53 -8.14 11.23
N ASN A 102 -12.29 -8.19 10.75
CA ASN A 102 -11.17 -8.60 11.59
C ASN A 102 -10.02 -7.61 11.57
N GLU A 103 -9.32 -7.53 12.70
CA GLU A 103 -8.16 -6.63 12.82
C GLU A 103 -6.90 -7.47 12.90
N TYR A 104 -5.97 -7.24 11.96
CA TYR A 104 -4.71 -7.97 11.91
C TYR A 104 -3.55 -7.13 12.39
N GLU A 105 -2.74 -7.70 13.27
CA GLU A 105 -1.57 -7.02 13.80
C GLU A 105 -0.34 -7.44 13.00
N TYR A 106 0.23 -6.50 12.27
CA TYR A 106 1.41 -6.77 11.45
C TYR A 106 2.61 -5.99 11.96
N ALA A 107 3.79 -6.62 11.97
CA ALA A 107 5.01 -5.95 12.42
C ALA A 107 6.07 -5.90 11.32
N VAL A 108 6.68 -4.72 11.17
CA VAL A 108 7.71 -4.51 10.17
C VAL A 108 8.94 -5.31 10.51
N THR A 109 9.46 -5.99 9.48
CA THR A 109 10.64 -6.85 9.62
C THR A 109 11.88 -6.16 9.06
N GLY A 110 11.68 -5.28 8.08
CA GLY A 110 12.80 -4.59 7.49
C GLY A 110 12.42 -3.87 6.21
N VAL A 111 13.16 -2.81 5.92
CA VAL A 111 12.93 -2.00 4.73
C VAL A 111 14.15 -2.08 3.81
N SER A 112 13.91 -1.95 2.51
CA SER A 112 14.99 -2.04 1.53
C SER A 112 14.69 -1.22 0.27
N GLU A 113 15.75 -0.94 -0.50
CA GLU A 113 15.63 -0.17 -1.74
C GLU A 113 15.91 -1.08 -2.92
N VAL A 114 14.99 -1.12 -3.87
CA VAL A 114 15.13 -1.97 -5.04
C VAL A 114 14.81 -1.21 -6.32
N THR A 115 15.23 -1.75 -7.46
CA THR A 115 14.95 -1.09 -8.72
C THR A 115 13.44 -1.24 -9.04
N PRO A 116 12.79 -0.23 -9.60
CA PRO A 116 11.33 -0.31 -9.91
C PRO A 116 10.97 -1.62 -10.61
N ASP A 117 11.98 -2.29 -11.14
CA ASP A 117 11.77 -3.53 -11.88
C ASP A 117 11.66 -4.72 -10.93
N LYS A 118 11.83 -4.46 -9.64
CA LYS A 118 11.74 -5.49 -8.63
C LYS A 118 10.27 -5.73 -8.29
N TRP A 119 9.93 -6.97 -7.94
CA TRP A 119 8.54 -7.29 -7.61
C TRP A 119 8.45 -8.55 -6.75
N GLU A 120 9.43 -9.42 -6.85
CA GLU A 120 9.42 -10.65 -6.05
C GLU A 120 9.22 -10.31 -4.57
N VAL A 121 9.27 -9.02 -4.27
CA VAL A 121 9.12 -8.52 -2.91
C VAL A 121 7.67 -8.56 -2.42
N VAL A 122 6.72 -8.42 -3.34
CA VAL A 122 5.30 -8.42 -2.99
C VAL A 122 4.66 -9.73 -3.40
N GLU A 123 5.47 -10.54 -4.06
CA GLU A 123 5.01 -11.82 -4.56
C GLU A 123 4.98 -12.88 -3.46
N ASP A 124 3.76 -13.38 -3.21
CA ASP A 124 3.51 -14.42 -2.20
C ASP A 124 4.74 -15.32 -2.02
N HIS A 125 5.22 -15.42 -0.78
CA HIS A 125 6.40 -16.24 -0.49
C HIS A 125 5.99 -17.61 0.06
N GLY A 126 4.99 -17.61 0.95
CA GLY A 126 4.50 -18.87 1.54
C GLY A 126 4.23 -18.69 3.03
N LYS A 127 3.88 -17.46 3.41
CA LYS A 127 3.57 -17.17 4.80
C LYS A 127 2.67 -15.95 4.92
N ASP A 128 2.32 -15.62 6.16
CA ASP A 128 1.47 -14.46 6.44
C ASP A 128 2.33 -13.25 6.73
N GLU A 129 2.46 -12.42 5.71
CA GLU A 129 3.28 -11.21 5.79
C GLU A 129 2.58 -10.04 5.09
N ILE A 130 3.18 -8.86 5.20
CA ILE A 130 2.64 -7.65 4.56
C ILE A 130 3.74 -6.91 3.78
N THR A 131 3.37 -6.32 2.64
CA THR A 131 4.34 -5.59 1.82
C THR A 131 3.76 -4.26 1.34
N LEU A 132 4.49 -3.17 1.61
CA LEU A 132 4.04 -1.83 1.18
C LEU A 132 4.98 -1.27 0.13
N ILE A 133 4.38 -0.85 -0.99
CA ILE A 133 5.13 -0.30 -2.12
C ILE A 133 4.39 0.87 -2.76
N THR A 134 4.91 1.35 -3.89
CA THR A 134 4.30 2.47 -4.61
C THR A 134 4.33 2.24 -6.12
N CYS A 135 3.30 2.76 -6.81
CA CYS A 135 3.21 2.61 -8.27
C CYS A 135 3.64 3.91 -8.96
N VAL A 136 4.85 3.90 -9.51
CA VAL A 136 5.39 5.07 -10.19
C VAL A 136 6.29 4.67 -11.37
N SER A 137 6.17 5.40 -12.48
CA SER A 137 6.98 5.14 -13.67
C SER A 137 8.28 5.92 -13.58
N VAL A 138 8.70 6.53 -14.69
CA VAL A 138 9.93 7.31 -14.67
C VAL A 138 11.08 6.49 -14.08
N LYS A 139 11.91 5.94 -14.97
CA LYS A 139 13.04 5.11 -14.54
C LYS A 139 14.26 5.96 -14.20
N ASP A 140 14.26 7.20 -14.63
CA ASP A 140 15.37 8.09 -14.37
C ASP A 140 15.55 8.31 -12.86
N ASN A 141 14.46 8.60 -12.17
CA ASN A 141 14.51 8.84 -10.74
C ASN A 141 14.94 7.58 -9.98
N SER A 142 14.39 6.43 -10.39
CA SER A 142 14.76 5.17 -9.75
C SER A 142 14.43 5.19 -8.26
N LYS A 143 13.54 6.08 -7.87
CA LYS A 143 13.14 6.21 -6.46
C LYS A 143 12.09 5.16 -6.11
N ARG A 144 12.52 4.17 -5.32
CA ARG A 144 11.61 3.09 -4.93
C ARG A 144 11.94 2.60 -3.51
N TYR A 145 10.92 2.60 -2.66
CA TYR A 145 11.04 2.13 -1.27
C TYR A 145 10.07 0.98 -1.01
N VAL A 146 10.58 -0.11 -0.43
CA VAL A 146 9.76 -1.28 -0.14
C VAL A 146 9.87 -1.69 1.32
N VAL A 147 8.70 -1.83 1.98
CA VAL A 147 8.65 -2.22 3.38
C VAL A 147 7.94 -3.56 3.54
N ALA A 148 8.57 -4.48 4.27
CA ALA A 148 8.02 -5.81 4.50
C ALA A 148 7.84 -6.07 5.98
N GLY A 149 6.71 -6.66 6.32
CA GLY A 149 6.38 -6.97 7.70
C GLY A 149 5.80 -8.37 7.85
N ASP A 150 5.89 -8.88 9.08
CA ASP A 150 5.39 -10.22 9.41
C ASP A 150 4.15 -10.16 10.30
N LEU A 151 3.32 -11.20 10.22
CA LEU A 151 2.11 -11.30 11.02
C LEU A 151 2.43 -11.64 12.46
N VAL A 152 1.91 -10.83 13.38
CA VAL A 152 2.15 -11.00 14.81
C VAL A 152 0.91 -11.52 15.51
N GLY A 153 -0.26 -11.25 14.94
CA GLY A 153 -1.50 -11.71 15.57
C GLY A 153 -2.73 -11.19 14.85
N THR A 154 -3.90 -11.64 15.33
CA THR A 154 -5.18 -11.21 14.77
C THR A 154 -6.29 -11.29 15.81
N LYS A 155 -7.29 -10.45 15.62
CA LYS A 155 -8.44 -10.41 16.52
C LYS A 155 -9.68 -9.97 15.73
N ALA A 156 -10.82 -9.95 16.40
CA ALA A 156 -12.07 -9.54 15.74
C ALA A 156 -12.34 -8.05 15.97
N LYS A 157 -12.86 -7.41 14.93
CA LYS A 157 -13.15 -5.99 14.98
C LYS A 157 -14.30 -5.71 15.94
N LYS A 158 -13.98 -5.68 17.22
CA LYS A 158 -14.99 -5.39 18.23
C LYS A 158 -16.17 -6.37 18.10
N GLY A 1 -11.12 5.92 -24.56
CA GLY A 1 -9.88 5.72 -25.37
C GLY A 1 -9.18 4.44 -24.94
N SER A 2 -7.93 4.29 -25.37
CA SER A 2 -7.15 3.10 -25.02
C SER A 2 -6.92 3.05 -23.51
N HIS A 3 -6.99 1.85 -22.95
CA HIS A 3 -6.80 1.67 -21.51
C HIS A 3 -5.31 1.59 -21.16
N MET A 4 -4.49 1.31 -22.14
CA MET A 4 -3.05 1.21 -21.92
C MET A 4 -2.75 0.39 -20.67
N ASP A 5 -2.63 1.06 -19.53
CA ASP A 5 -2.33 0.38 -18.27
C ASP A 5 -3.10 1.03 -17.12
N ALA A 6 -3.50 0.20 -16.15
CA ALA A 6 -4.27 0.68 -15.00
C ALA A 6 -3.40 1.49 -14.05
N SER A 7 -2.08 1.36 -14.17
CA SER A 7 -1.16 2.08 -13.31
C SER A 7 -0.85 3.45 -13.91
N LYS A 8 0.33 3.58 -14.50
CA LYS A 8 0.72 4.84 -15.13
C LYS A 8 0.44 6.02 -14.20
N ILE A 9 0.57 5.79 -12.90
CA ILE A 9 0.31 6.85 -11.92
C ILE A 9 1.33 7.97 -12.07
N ASP A 10 2.59 7.60 -12.21
CA ASP A 10 3.64 8.59 -12.37
C ASP A 10 3.59 9.63 -11.26
N GLN A 11 3.09 10.83 -11.59
CA GLN A 11 3.01 11.90 -10.60
C GLN A 11 1.84 12.83 -10.94
N PRO A 12 0.64 12.46 -10.56
CA PRO A 12 -0.56 13.29 -10.83
C PRO A 12 -0.61 14.52 -9.93
N ASP A 13 -1.12 15.62 -10.48
CA ASP A 13 -1.22 16.86 -9.73
C ASP A 13 -2.45 16.82 -8.81
N LEU A 14 -2.57 17.81 -7.94
CA LEU A 14 -3.69 17.87 -7.01
C LEU A 14 -5.00 18.08 -7.75
N ALA A 15 -4.90 18.46 -9.02
CA ALA A 15 -6.09 18.69 -9.83
C ALA A 15 -6.85 17.39 -10.05
N GLU A 16 -6.11 16.31 -10.29
CA GLU A 16 -6.72 15.00 -10.51
C GLU A 16 -7.22 14.42 -9.20
N VAL A 17 -6.60 14.83 -8.11
CA VAL A 17 -6.96 14.35 -6.78
C VAL A 17 -8.20 15.05 -6.27
N ALA A 18 -8.20 16.38 -6.38
CA ALA A 18 -9.35 17.16 -5.93
C ALA A 18 -10.58 16.86 -6.78
N ASN A 19 -10.38 16.75 -8.08
CA ASN A 19 -11.48 16.46 -9.01
C ASN A 19 -11.95 15.02 -8.84
N ALA A 20 -11.03 14.13 -8.48
CA ALA A 20 -11.36 12.73 -8.29
C ALA A 20 -12.36 12.56 -7.14
N SER A 21 -13.27 11.59 -7.28
CA SER A 21 -14.28 11.34 -6.25
C SER A 21 -14.48 9.85 -6.02
N LEU A 22 -14.00 9.36 -4.87
CA LEU A 22 -14.12 7.94 -4.52
C LEU A 22 -15.20 7.73 -3.45
N ASP A 23 -16.13 6.82 -3.73
CA ASP A 23 -17.20 6.52 -2.80
C ASP A 23 -16.67 5.70 -1.62
N LYS A 24 -17.11 6.05 -0.41
CA LYS A 24 -16.67 5.34 0.79
C LYS A 24 -17.22 3.92 0.79
N LYS A 25 -18.12 3.66 -0.15
CA LYS A 25 -18.74 2.35 -0.27
C LYS A 25 -17.80 1.39 -1.00
N GLN A 26 -16.75 1.93 -1.61
CA GLN A 26 -15.79 1.12 -2.35
C GLN A 26 -14.67 0.59 -1.46
N VAL A 27 -14.81 0.82 -0.15
CA VAL A 27 -13.82 0.37 0.81
C VAL A 27 -14.11 -1.04 1.27
N ILE A 28 -13.07 -1.86 1.39
CA ILE A 28 -13.23 -3.26 1.81
C ILE A 28 -12.46 -3.55 3.08
N GLY A 29 -11.70 -2.59 3.54
CA GLY A 29 -10.92 -2.75 4.76
C GLY A 29 -10.24 -1.46 5.15
N ARG A 30 -9.26 -1.53 6.05
CA ARG A 30 -8.56 -0.32 6.47
C ARG A 30 -7.15 -0.65 6.93
N ILE A 31 -6.26 0.35 6.84
CA ILE A 31 -4.88 0.19 7.25
C ILE A 31 -4.49 1.32 8.21
N SER A 32 -3.90 0.94 9.33
CA SER A 32 -3.49 1.91 10.36
C SER A 32 -2.01 1.74 10.70
N ILE A 33 -1.28 2.85 10.68
CA ILE A 33 0.15 2.82 10.95
C ILE A 33 0.56 3.95 11.93
N PRO A 34 0.75 3.64 13.19
CA PRO A 34 1.15 4.66 14.22
C PRO A 34 2.57 5.19 13.98
N SER A 35 3.44 4.32 13.49
CA SER A 35 4.83 4.68 13.26
C SER A 35 4.95 5.94 12.43
N VAL A 36 4.07 6.09 11.42
CA VAL A 36 4.12 7.26 10.56
C VAL A 36 2.92 8.17 10.80
N SER A 37 1.96 7.69 11.59
CA SER A 37 0.77 8.48 11.88
C SER A 37 -0.12 8.49 10.64
N LEU A 38 -0.24 7.32 10.01
CA LEU A 38 -1.04 7.19 8.79
C LEU A 38 -2.23 6.28 9.03
N GLU A 39 -3.40 6.76 8.62
CA GLU A 39 -4.65 6.01 8.76
C GLU A 39 -5.39 6.12 7.45
N LEU A 40 -5.64 4.99 6.77
CA LEU A 40 -6.31 5.06 5.47
C LEU A 40 -7.24 3.86 5.23
N PRO A 41 -8.13 3.97 4.27
CA PRO A 41 -9.07 2.87 3.91
C PRO A 41 -8.39 1.96 2.87
N VAL A 42 -8.75 0.69 2.87
CA VAL A 42 -8.18 -0.24 1.89
C VAL A 42 -9.14 -0.36 0.72
N LEU A 43 -8.70 0.05 -0.46
CA LEU A 43 -9.55 0.00 -1.65
C LEU A 43 -9.16 -1.20 -2.52
N LYS A 44 -10.13 -2.06 -2.78
CA LYS A 44 -9.88 -3.24 -3.60
C LYS A 44 -9.54 -2.86 -5.03
N SER A 45 -10.33 -1.94 -5.58
CA SER A 45 -10.13 -1.50 -6.96
C SER A 45 -8.95 -0.56 -7.08
N SER A 46 -7.82 -1.07 -7.60
CA SER A 46 -6.63 -0.25 -7.76
C SER A 46 -6.69 0.49 -9.08
N THR A 47 -7.07 1.76 -8.99
CA THR A 47 -7.17 2.62 -10.17
C THR A 47 -6.48 3.94 -9.89
N GLU A 48 -6.14 4.65 -10.95
CA GLU A 48 -5.47 5.93 -10.84
C GLU A 48 -6.28 6.90 -10.00
N LYS A 49 -7.59 6.71 -10.02
CA LYS A 49 -8.49 7.58 -9.26
C LYS A 49 -8.62 7.10 -7.80
N ASN A 50 -8.73 5.79 -7.63
CA ASN A 50 -8.87 5.20 -6.31
C ASN A 50 -7.62 5.43 -5.46
N LEU A 51 -6.45 5.37 -6.09
CA LEU A 51 -5.20 5.55 -5.38
C LEU A 51 -5.12 6.93 -4.72
N LEU A 52 -5.92 7.87 -5.22
CA LEU A 52 -5.89 9.23 -4.72
C LEU A 52 -6.59 9.37 -3.36
N SER A 53 -7.38 8.38 -2.96
CA SER A 53 -8.11 8.46 -1.69
C SER A 53 -7.47 7.61 -0.58
N GLY A 54 -6.52 6.75 -0.92
CA GLY A 54 -5.91 5.90 0.09
C GLY A 54 -5.03 4.82 -0.51
N ALA A 55 -4.67 3.85 0.32
CA ALA A 55 -3.84 2.74 -0.13
C ALA A 55 -4.68 1.73 -0.88
N ALA A 56 -4.29 1.41 -2.12
CA ALA A 56 -5.04 0.44 -2.92
C ALA A 56 -4.33 -0.90 -2.98
N THR A 57 -5.11 -1.99 -2.97
CA THR A 57 -4.54 -3.33 -3.06
C THR A 57 -3.98 -3.54 -4.46
N VAL A 58 -2.88 -4.26 -4.55
CA VAL A 58 -2.23 -4.49 -5.85
C VAL A 58 -2.84 -5.65 -6.63
N LYS A 59 -3.11 -6.78 -5.97
CA LYS A 59 -3.67 -7.93 -6.67
C LYS A 59 -5.20 -7.89 -6.67
N GLU A 60 -5.82 -8.95 -7.19
CA GLU A 60 -7.29 -9.03 -7.28
C GLU A 60 -7.85 -10.15 -6.40
N ASN A 61 -6.97 -11.02 -5.91
CA ASN A 61 -7.41 -12.16 -5.09
C ASN A 61 -6.51 -12.36 -3.88
N GLN A 62 -6.15 -11.25 -3.22
CA GLN A 62 -5.29 -11.31 -2.04
C GLN A 62 -6.14 -11.41 -0.78
N VAL A 63 -5.56 -11.97 0.28
CA VAL A 63 -6.27 -12.11 1.55
C VAL A 63 -5.37 -11.64 2.71
N MET A 64 -5.94 -10.82 3.59
CA MET A 64 -5.18 -10.34 4.74
C MET A 64 -4.91 -11.47 5.72
N GLY A 65 -3.64 -11.62 6.09
CA GLY A 65 -3.23 -12.67 7.01
C GLY A 65 -2.89 -13.94 6.28
N LYS A 66 -2.90 -13.89 4.96
CA LYS A 66 -2.60 -15.06 4.14
C LYS A 66 -1.82 -14.66 2.90
N GLY A 67 -0.63 -15.23 2.75
CA GLY A 67 0.21 -14.92 1.61
C GLY A 67 0.83 -13.55 1.77
N ASN A 68 1.44 -13.03 0.70
CA ASN A 68 2.06 -11.71 0.75
C ASN A 68 1.04 -10.64 0.36
N TYR A 69 0.63 -9.83 1.34
CA TYR A 69 -0.35 -8.76 1.09
C TYR A 69 0.36 -7.52 0.57
N ALA A 70 0.22 -7.28 -0.72
CA ALA A 70 0.87 -6.14 -1.37
C ALA A 70 -0.04 -4.92 -1.44
N LEU A 71 0.40 -3.84 -0.82
CA LEU A 71 -0.34 -2.58 -0.83
C LEU A 71 0.46 -1.50 -1.53
N ALA A 72 -0.20 -0.79 -2.44
CA ALA A 72 0.45 0.27 -3.21
C ALA A 72 -0.07 1.63 -2.80
N GLY A 73 0.83 2.59 -2.76
CA GLY A 73 0.48 3.95 -2.37
C GLY A 73 1.27 4.99 -3.17
N HIS A 74 1.04 6.27 -2.87
CA HIS A 74 1.72 7.37 -3.56
C HIS A 74 3.08 7.65 -2.91
N ASN A 75 4.01 8.17 -3.73
CA ASN A 75 5.35 8.51 -3.25
C ASN A 75 5.58 10.00 -3.36
N MET A 76 4.50 10.76 -3.26
CA MET A 76 4.58 12.21 -3.38
C MET A 76 5.68 12.79 -2.47
N SER A 77 6.25 11.94 -1.62
CA SER A 77 7.30 12.41 -0.72
C SER A 77 6.82 13.64 0.04
N LYS A 78 5.59 13.57 0.52
CA LYS A 78 4.99 14.68 1.26
C LYS A 78 4.31 14.16 2.51
N LYS A 79 4.84 14.53 3.65
CA LYS A 79 4.28 14.09 4.90
C LYS A 79 2.80 14.47 4.99
N GLY A 80 1.99 13.47 5.23
CA GLY A 80 0.54 13.65 5.29
C GLY A 80 -0.15 12.96 4.11
N VAL A 81 0.54 12.85 2.97
CA VAL A 81 -0.06 12.20 1.80
C VAL A 81 -0.02 10.68 1.99
N LEU A 82 -0.56 9.93 1.03
CA LEU A 82 -0.59 8.49 1.14
C LEU A 82 0.81 7.89 1.01
N PHE A 83 1.13 6.92 1.87
CA PHE A 83 2.42 6.26 1.80
C PHE A 83 3.54 7.27 1.58
N SER A 84 3.36 8.47 2.09
CA SER A 84 4.36 9.52 1.92
C SER A 84 5.50 9.41 2.93
N ASP A 85 5.35 8.56 3.95
CA ASP A 85 6.38 8.42 4.99
C ASP A 85 6.53 6.98 5.46
N ILE A 86 6.12 6.03 4.63
CA ILE A 86 6.23 4.62 4.97
C ILE A 86 7.69 4.16 5.01
N ALA A 87 8.54 4.80 4.23
CA ALA A 87 9.95 4.43 4.20
C ALA A 87 10.63 4.76 5.53
N SER A 88 9.84 5.26 6.48
CA SER A 88 10.34 5.61 7.79
C SER A 88 10.10 4.47 8.75
N LEU A 89 9.28 3.53 8.33
CA LEU A 89 8.95 2.38 9.15
C LEU A 89 10.21 1.58 9.48
N LYS A 90 10.48 1.44 10.76
CA LYS A 90 11.66 0.71 11.23
C LYS A 90 11.27 -0.72 11.63
N LYS A 91 12.29 -1.53 11.93
CA LYS A 91 12.05 -2.91 12.31
C LYS A 91 11.50 -3.04 13.74
N GLY A 92 10.33 -3.66 13.82
CA GLY A 92 9.67 -3.87 15.12
C GLY A 92 8.55 -2.86 15.30
N ASP A 93 8.10 -2.29 14.19
CA ASP A 93 7.01 -1.30 14.25
C ASP A 93 5.68 -2.02 14.03
N LYS A 94 4.67 -1.71 14.85
CA LYS A 94 3.38 -2.37 14.71
C LYS A 94 2.52 -1.72 13.64
N ILE A 95 1.87 -2.58 12.85
CA ILE A 95 0.98 -2.14 11.78
C ILE A 95 -0.37 -2.84 11.95
N TYR A 96 -1.43 -2.04 12.06
CA TYR A 96 -2.77 -2.58 12.24
C TYR A 96 -3.52 -2.56 10.92
N LEU A 97 -3.88 -3.75 10.45
CA LEU A 97 -4.59 -3.87 9.17
C LEU A 97 -5.99 -4.43 9.41
N TYR A 98 -6.97 -3.98 8.63
CA TYR A 98 -8.36 -4.44 8.80
C TYR A 98 -8.85 -5.18 7.57
N ASP A 99 -9.43 -6.35 7.82
CA ASP A 99 -10.02 -7.18 6.77
C ASP A 99 -11.53 -7.10 6.89
N ASN A 100 -12.24 -7.98 6.20
CA ASN A 100 -13.71 -8.01 6.23
C ASN A 100 -14.24 -7.50 7.58
N GLU A 101 -13.99 -8.29 8.62
CA GLU A 101 -14.41 -7.97 9.97
C GLU A 101 -13.28 -8.32 10.92
N ASN A 102 -12.06 -8.41 10.40
CA ASN A 102 -10.91 -8.82 11.21
C ASN A 102 -9.82 -7.76 11.27
N GLU A 103 -9.14 -7.69 12.42
CA GLU A 103 -8.04 -6.76 12.61
C GLU A 103 -6.76 -7.58 12.71
N TYR A 104 -5.84 -7.35 11.78
CA TYR A 104 -4.57 -8.07 11.75
C TYR A 104 -3.44 -7.22 12.26
N GLU A 105 -2.66 -7.79 13.18
CA GLU A 105 -1.50 -7.10 13.73
C GLU A 105 -0.27 -7.50 12.93
N TYR A 106 0.36 -6.54 12.27
CA TYR A 106 1.56 -6.80 11.48
C TYR A 106 2.75 -6.04 12.07
N ALA A 107 3.92 -6.70 12.13
CA ALA A 107 5.12 -6.06 12.67
C ALA A 107 6.18 -5.91 11.58
N VAL A 108 6.76 -4.71 11.50
CA VAL A 108 7.80 -4.42 10.52
C VAL A 108 9.06 -5.17 10.85
N THR A 109 9.64 -5.81 9.81
CA THR A 109 10.86 -6.59 9.95
C THR A 109 12.05 -5.84 9.40
N GLY A 110 11.79 -4.93 8.45
CA GLY A 110 12.87 -4.18 7.86
C GLY A 110 12.47 -3.58 6.52
N VAL A 111 13.14 -2.48 6.18
CA VAL A 111 12.91 -1.76 4.93
C VAL A 111 14.14 -1.91 4.02
N SER A 112 13.94 -1.78 2.72
CA SER A 112 15.03 -1.93 1.78
C SER A 112 14.81 -1.10 0.52
N GLU A 113 15.87 -0.87 -0.24
CA GLU A 113 15.79 -0.09 -1.47
C GLU A 113 16.12 -0.99 -2.65
N VAL A 114 15.12 -1.22 -3.51
CA VAL A 114 15.30 -2.10 -4.67
C VAL A 114 14.74 -1.45 -5.93
N THR A 115 15.20 -1.94 -7.08
CA THR A 115 14.72 -1.41 -8.35
C THR A 115 13.21 -1.63 -8.45
N PRO A 116 12.53 -1.02 -9.40
CA PRO A 116 11.06 -1.19 -9.54
C PRO A 116 10.70 -2.49 -10.27
N ASP A 117 11.71 -3.12 -10.85
CA ASP A 117 11.48 -4.37 -11.59
C ASP A 117 11.52 -5.57 -10.66
N LYS A 118 11.86 -5.34 -9.40
CA LYS A 118 11.93 -6.40 -8.41
C LYS A 118 10.56 -6.63 -7.80
N TRP A 119 9.64 -7.13 -8.61
CA TRP A 119 8.29 -7.39 -8.14
C TRP A 119 8.25 -8.60 -7.24
N GLU A 120 9.22 -9.49 -7.39
CA GLU A 120 9.27 -10.68 -6.58
C GLU A 120 9.10 -10.34 -5.10
N VAL A 121 9.30 -9.05 -4.79
CA VAL A 121 9.20 -8.55 -3.43
C VAL A 121 7.76 -8.55 -2.89
N VAL A 122 6.78 -8.43 -3.79
CA VAL A 122 5.36 -8.39 -3.41
C VAL A 122 4.68 -9.68 -3.84
N GLU A 123 5.46 -10.55 -4.44
CA GLU A 123 4.94 -11.82 -4.93
C GLU A 123 4.87 -12.89 -3.83
N ASP A 124 3.67 -13.44 -3.70
CA ASP A 124 3.40 -14.49 -2.72
C ASP A 124 4.62 -15.42 -2.53
N HIS A 125 5.11 -15.52 -1.30
CA HIS A 125 6.27 -16.37 -1.01
C HIS A 125 5.85 -17.68 -0.35
N GLY A 126 4.95 -17.58 0.63
CA GLY A 126 4.46 -18.77 1.34
C GLY A 126 4.27 -18.49 2.82
N LYS A 127 3.98 -17.24 3.14
CA LYS A 127 3.75 -16.85 4.52
C LYS A 127 2.85 -15.63 4.61
N ASP A 128 2.47 -15.26 5.83
CA ASP A 128 1.62 -14.10 6.05
C ASP A 128 2.48 -12.88 6.36
N GLU A 129 2.88 -12.19 5.30
CA GLU A 129 3.74 -11.01 5.42
C GLU A 129 3.18 -9.86 4.57
N ILE A 130 2.98 -8.69 5.17
CA ILE A 130 2.46 -7.54 4.43
C ILE A 130 3.60 -6.88 3.67
N THR A 131 3.30 -6.29 2.50
CA THR A 131 4.33 -5.63 1.71
C THR A 131 3.84 -4.28 1.19
N LEU A 132 4.61 -3.23 1.47
CA LEU A 132 4.24 -1.87 1.03
C LEU A 132 5.20 -1.36 -0.04
N ILE A 133 4.61 -0.92 -1.16
CA ILE A 133 5.38 -0.40 -2.29
C ILE A 133 4.77 0.91 -2.76
N THR A 134 5.59 1.76 -3.38
CA THR A 134 5.14 3.06 -3.86
C THR A 134 5.80 3.38 -5.21
N CYS A 135 5.24 4.34 -5.94
CA CYS A 135 5.82 4.72 -7.22
C CYS A 135 5.86 3.53 -8.18
N VAL A 136 4.69 2.96 -8.46
CA VAL A 136 4.59 1.82 -9.36
C VAL A 136 5.05 2.18 -10.77
N SER A 137 4.65 3.35 -11.23
CA SER A 137 5.02 3.82 -12.56
C SER A 137 6.48 4.26 -12.60
N VAL A 138 7.02 4.42 -13.81
CA VAL A 138 8.41 4.85 -13.96
C VAL A 138 8.55 6.31 -13.52
N LYS A 139 9.56 6.59 -12.70
CA LYS A 139 9.77 7.94 -12.19
C LYS A 139 11.26 8.27 -12.11
N ASP A 140 11.58 9.56 -12.01
CA ASP A 140 12.97 10.01 -11.93
C ASP A 140 13.64 9.43 -10.69
N ASN A 141 12.83 9.01 -9.73
CA ASN A 141 13.34 8.44 -8.50
C ASN A 141 14.09 7.13 -8.78
N SER A 142 13.55 6.33 -9.68
CA SER A 142 14.18 5.06 -10.02
C SER A 142 14.16 4.11 -8.82
N LYS A 143 14.91 4.47 -7.79
CA LYS A 143 14.98 3.65 -6.59
C LYS A 143 13.63 3.66 -5.88
N ARG A 144 13.14 2.48 -5.52
CA ARG A 144 11.84 2.35 -4.83
C ARG A 144 12.01 1.87 -3.40
N TYR A 145 11.24 2.47 -2.49
CA TYR A 145 11.30 2.09 -1.08
C TYR A 145 10.23 1.04 -0.79
N VAL A 146 10.64 -0.07 -0.18
CA VAL A 146 9.70 -1.16 0.15
C VAL A 146 9.83 -1.59 1.61
N VAL A 147 8.68 -1.71 2.27
CA VAL A 147 8.64 -2.12 3.69
C VAL A 147 7.88 -3.43 3.84
N ALA A 148 8.49 -4.39 4.54
CA ALA A 148 7.86 -5.70 4.74
C ALA A 148 7.52 -5.90 6.20
N GLY A 149 6.33 -6.45 6.47
CA GLY A 149 5.88 -6.68 7.85
C GLY A 149 5.43 -8.11 8.05
N ASP A 150 5.86 -8.69 9.17
CA ASP A 150 5.54 -10.08 9.51
C ASP A 150 4.34 -10.16 10.43
N LEU A 151 3.40 -11.06 10.11
CA LEU A 151 2.20 -11.24 10.93
C LEU A 151 2.58 -11.70 12.33
N VAL A 152 2.14 -10.93 13.33
CA VAL A 152 2.44 -11.24 14.73
C VAL A 152 1.18 -11.71 15.47
N GLY A 153 0.02 -11.35 14.94
CA GLY A 153 -1.23 -11.75 15.60
C GLY A 153 -2.46 -11.27 14.82
N THR A 154 -3.64 -11.68 15.30
CA THR A 154 -4.90 -11.27 14.68
C THR A 154 -6.03 -11.32 15.69
N LYS A 155 -7.04 -10.49 15.47
CA LYS A 155 -8.21 -10.43 16.33
C LYS A 155 -9.42 -10.01 15.52
N ALA A 156 -10.59 -9.95 16.16
CA ALA A 156 -11.81 -9.55 15.46
C ALA A 156 -12.03 -8.05 15.59
N LYS A 157 -12.64 -7.47 14.56
CA LYS A 157 -12.93 -6.05 14.54
C LYS A 157 -14.03 -5.70 15.54
N LYS A 158 -13.65 -5.60 16.80
CA LYS A 158 -14.60 -5.24 17.83
C LYS A 158 -15.85 -6.13 17.74
N GLY A 1 -5.62 3.31 -30.30
CA GLY A 1 -4.55 4.06 -29.58
C GLY A 1 -4.61 3.77 -28.08
N SER A 2 -5.04 2.56 -27.75
CA SER A 2 -5.14 2.14 -26.36
C SER A 2 -3.79 2.17 -25.68
N HIS A 3 -2.74 1.78 -26.40
CA HIS A 3 -1.41 1.81 -25.82
C HIS A 3 -1.42 1.14 -24.45
N MET A 4 -0.29 1.21 -23.75
CA MET A 4 -0.17 0.61 -22.42
C MET A 4 -0.92 1.45 -21.40
N ASP A 5 -0.38 2.61 -21.06
CA ASP A 5 -1.04 3.50 -20.11
C ASP A 5 -1.50 2.76 -18.87
N ALA A 6 -0.76 1.71 -18.54
CA ALA A 6 -1.08 0.87 -17.39
C ALA A 6 -0.80 1.56 -16.07
N SER A 7 -0.03 2.64 -16.11
CA SER A 7 0.34 3.36 -14.90
C SER A 7 0.51 4.85 -15.20
N LYS A 8 1.74 5.28 -15.48
CA LYS A 8 1.99 6.67 -15.82
C LYS A 8 1.40 7.61 -14.77
N ILE A 9 1.19 7.08 -13.58
CA ILE A 9 0.62 7.85 -12.48
C ILE A 9 1.56 8.96 -12.07
N ASP A 10 2.83 8.63 -11.91
CA ASP A 10 3.81 9.62 -11.52
C ASP A 10 3.40 10.35 -10.25
N GLN A 11 2.83 11.54 -10.41
CA GLN A 11 2.40 12.34 -9.27
C GLN A 11 1.22 13.23 -9.65
N PRO A 12 0.03 12.69 -9.73
CA PRO A 12 -1.18 13.46 -10.09
C PRO A 12 -1.19 14.81 -9.38
N ASP A 13 -1.74 15.81 -10.04
CA ASP A 13 -1.83 17.14 -9.49
C ASP A 13 -2.86 17.17 -8.35
N LEU A 14 -2.62 18.00 -7.35
CA LEU A 14 -3.51 18.10 -6.20
C LEU A 14 -4.94 18.39 -6.64
N ALA A 15 -5.07 19.01 -7.80
CA ALA A 15 -6.37 19.35 -8.34
C ALA A 15 -7.16 18.08 -8.66
N GLU A 16 -6.48 17.10 -9.21
CA GLU A 16 -7.10 15.82 -9.57
C GLU A 16 -7.40 15.01 -8.33
N VAL A 17 -6.55 15.14 -7.32
CA VAL A 17 -6.70 14.40 -6.08
C VAL A 17 -7.82 14.99 -5.23
N ALA A 18 -7.82 16.32 -5.12
CA ALA A 18 -8.83 17.01 -4.33
C ALA A 18 -10.22 16.84 -4.95
N ASN A 19 -10.26 16.86 -6.28
CA ASN A 19 -11.51 16.75 -7.03
C ASN A 19 -11.94 15.29 -7.17
N ALA A 20 -10.96 14.39 -7.12
CA ALA A 20 -11.22 12.97 -7.24
C ALA A 20 -12.11 12.49 -6.10
N SER A 21 -13.17 11.73 -6.44
CA SER A 21 -14.10 11.21 -5.45
C SER A 21 -13.71 9.78 -5.07
N LEU A 22 -14.18 9.32 -3.90
CA LEU A 22 -13.86 7.98 -3.40
C LEU A 22 -15.14 7.19 -3.12
N ASP A 23 -15.15 5.94 -3.58
CA ASP A 23 -16.30 5.06 -3.39
C ASP A 23 -16.04 4.05 -2.28
N LYS A 24 -16.66 4.27 -1.13
CA LYS A 24 -16.49 3.36 0.02
C LYS A 24 -17.04 1.98 -0.31
N LYS A 25 -17.70 1.89 -1.45
CA LYS A 25 -18.28 0.64 -1.91
C LYS A 25 -17.22 -0.41 -2.18
N GLN A 26 -16.10 0.03 -2.76
CA GLN A 26 -14.98 -0.86 -3.11
C GLN A 26 -13.99 -1.00 -1.97
N VAL A 27 -14.44 -0.69 -0.76
CA VAL A 27 -13.62 -0.78 0.44
C VAL A 27 -13.64 -2.21 0.98
N ILE A 28 -12.47 -2.79 1.19
CA ILE A 28 -12.38 -4.17 1.66
C ILE A 28 -11.68 -4.27 3.00
N GLY A 29 -11.10 -3.17 3.44
CA GLY A 29 -10.40 -3.13 4.71
C GLY A 29 -9.77 -1.77 4.92
N ARG A 30 -8.87 -1.68 5.89
CA ARG A 30 -8.22 -0.38 6.16
C ARG A 30 -6.80 -0.56 6.64
N ILE A 31 -5.95 0.43 6.35
CA ILE A 31 -4.55 0.39 6.76
C ILE A 31 -4.28 1.48 7.80
N SER A 32 -3.80 1.06 8.96
CA SER A 32 -3.52 2.01 10.03
C SER A 32 -2.11 1.83 10.50
N ILE A 33 -1.37 2.94 10.54
CA ILE A 33 0.04 2.89 10.94
C ILE A 33 0.40 4.03 11.92
N PRO A 34 0.91 3.73 13.12
CA PRO A 34 1.26 4.77 14.13
C PRO A 34 2.63 5.40 13.86
N SER A 35 3.54 4.56 13.36
CA SER A 35 4.90 4.98 13.12
C SER A 35 4.95 6.26 12.30
N VAL A 36 4.06 6.38 11.30
CA VAL A 36 4.01 7.54 10.42
C VAL A 36 2.68 8.27 10.54
N SER A 37 1.71 7.66 11.24
CA SER A 37 0.40 8.29 11.40
C SER A 37 -0.38 8.18 10.10
N LEU A 38 -0.40 6.98 9.54
CA LEU A 38 -1.09 6.74 8.28
C LEU A 38 -2.38 5.96 8.51
N GLU A 39 -3.48 6.52 8.06
CA GLU A 39 -4.79 5.89 8.18
C GLU A 39 -5.47 6.05 6.86
N LEU A 40 -5.64 4.95 6.14
CA LEU A 40 -6.26 5.04 4.83
C LEU A 40 -7.06 3.79 4.40
N PRO A 41 -8.37 3.87 4.22
CA PRO A 41 -9.17 2.72 3.74
C PRO A 41 -8.40 1.95 2.66
N VAL A 42 -8.53 0.64 2.66
CA VAL A 42 -7.85 -0.19 1.67
C VAL A 42 -8.83 -0.50 0.54
N LEU A 43 -8.43 -0.15 -0.68
CA LEU A 43 -9.27 -0.37 -1.86
C LEU A 43 -8.73 -1.55 -2.67
N LYS A 44 -9.62 -2.39 -3.15
CA LYS A 44 -9.22 -3.56 -3.93
C LYS A 44 -8.87 -3.17 -5.37
N SER A 45 -9.45 -2.07 -5.83
CA SER A 45 -9.23 -1.58 -7.19
C SER A 45 -8.03 -0.65 -7.25
N SER A 46 -6.91 -1.15 -7.77
CA SER A 46 -5.69 -0.35 -7.89
C SER A 46 -5.76 0.53 -9.12
N THR A 47 -6.73 1.41 -9.11
CA THR A 47 -6.94 2.34 -10.21
C THR A 47 -6.22 3.66 -9.92
N GLU A 48 -6.02 4.46 -10.96
CA GLU A 48 -5.34 5.73 -10.81
C GLU A 48 -6.11 6.67 -9.91
N LYS A 49 -7.41 6.80 -10.17
CA LYS A 49 -8.28 7.67 -9.40
C LYS A 49 -8.46 7.16 -7.96
N ASN A 50 -8.60 5.86 -7.81
CA ASN A 50 -8.79 5.27 -6.49
C ASN A 50 -7.58 5.47 -5.60
N LEU A 51 -6.39 5.39 -6.19
CA LEU A 51 -5.16 5.56 -5.45
C LEU A 51 -5.06 6.93 -4.80
N LEU A 52 -5.84 7.87 -5.32
CA LEU A 52 -5.80 9.24 -4.83
C LEU A 52 -6.44 9.39 -3.46
N SER A 53 -7.26 8.42 -3.05
CA SER A 53 -7.96 8.49 -1.77
C SER A 53 -7.33 7.64 -0.68
N GLY A 54 -6.43 6.73 -1.04
CA GLY A 54 -5.80 5.87 -0.05
C GLY A 54 -4.89 4.85 -0.70
N ALA A 55 -4.57 3.80 0.06
CA ALA A 55 -3.71 2.73 -0.40
C ALA A 55 -4.54 1.62 -1.02
N ALA A 56 -4.21 1.25 -2.26
CA ALA A 56 -4.95 0.20 -2.97
C ALA A 56 -4.15 -1.10 -3.02
N THR A 57 -4.84 -2.24 -2.97
CA THR A 57 -4.17 -3.54 -3.01
C THR A 57 -3.67 -3.79 -4.43
N VAL A 58 -2.61 -4.59 -4.58
CA VAL A 58 -2.04 -4.83 -5.91
C VAL A 58 -2.77 -5.93 -6.69
N LYS A 59 -3.02 -7.07 -6.03
CA LYS A 59 -3.67 -8.19 -6.70
C LYS A 59 -5.19 -8.16 -6.47
N GLU A 60 -5.94 -8.58 -7.49
CA GLU A 60 -7.40 -8.57 -7.44
C GLU A 60 -7.94 -9.47 -6.33
N ASN A 61 -7.47 -10.71 -6.30
CA ASN A 61 -7.90 -11.70 -5.31
C ASN A 61 -6.93 -11.76 -4.13
N GLN A 62 -6.55 -10.60 -3.62
CA GLN A 62 -5.63 -10.53 -2.50
C GLN A 62 -6.38 -10.77 -1.19
N VAL A 63 -5.67 -11.27 -0.18
CA VAL A 63 -6.28 -11.58 1.11
C VAL A 63 -5.38 -11.10 2.26
N MET A 64 -5.91 -10.18 3.06
CA MET A 64 -5.17 -9.67 4.20
C MET A 64 -5.16 -10.71 5.30
N GLY A 65 -3.98 -11.00 5.84
CA GLY A 65 -3.85 -11.99 6.89
C GLY A 65 -3.35 -13.31 6.35
N LYS A 66 -3.28 -13.41 5.02
CA LYS A 66 -2.84 -14.64 4.38
C LYS A 66 -2.02 -14.35 3.12
N GLY A 67 -0.85 -14.99 3.01
CA GLY A 67 -0.01 -14.78 1.85
C GLY A 67 0.61 -13.40 1.92
N ASN A 68 1.20 -12.98 0.81
CA ASN A 68 1.84 -11.66 0.76
C ASN A 68 0.83 -10.59 0.38
N TYR A 69 0.45 -9.77 1.36
CA TYR A 69 -0.51 -8.70 1.13
C TYR A 69 0.20 -7.46 0.63
N ALA A 70 0.14 -7.25 -0.69
CA ALA A 70 0.79 -6.11 -1.30
C ALA A 70 -0.13 -4.89 -1.37
N LEU A 71 0.35 -3.80 -0.78
CA LEU A 71 -0.38 -2.53 -0.77
C LEU A 71 0.42 -1.47 -1.49
N ALA A 72 -0.24 -0.73 -2.39
CA ALA A 72 0.43 0.30 -3.18
C ALA A 72 -0.10 1.68 -2.82
N GLY A 73 0.83 2.63 -2.76
CA GLY A 73 0.48 4.00 -2.42
C GLY A 73 1.27 5.01 -3.26
N HIS A 74 1.03 6.29 -2.99
CA HIS A 74 1.70 7.36 -3.71
C HIS A 74 3.06 7.67 -3.08
N ASN A 75 4.03 8.05 -3.92
CA ASN A 75 5.39 8.37 -3.46
C ASN A 75 5.69 9.84 -3.63
N MET A 76 4.64 10.64 -3.62
CA MET A 76 4.76 12.08 -3.78
C MET A 76 5.92 12.64 -2.98
N SER A 77 6.38 11.90 -1.99
CA SER A 77 7.49 12.37 -1.19
C SER A 77 7.13 13.67 -0.47
N LYS A 78 5.89 13.71 0.01
CA LYS A 78 5.37 14.88 0.71
C LYS A 78 4.69 14.45 1.99
N LYS A 79 5.30 14.76 3.12
CA LYS A 79 4.73 14.39 4.39
C LYS A 79 3.29 14.89 4.48
N GLY A 80 2.37 13.96 4.74
CA GLY A 80 0.94 14.29 4.81
C GLY A 80 0.16 13.60 3.70
N VAL A 81 0.82 13.28 2.59
CA VAL A 81 0.15 12.60 1.49
C VAL A 81 0.11 11.12 1.78
N LEU A 82 -0.48 10.35 0.88
CA LEU A 82 -0.61 8.91 1.08
C LEU A 82 0.75 8.23 0.88
N PHE A 83 1.08 7.30 1.77
CA PHE A 83 2.36 6.57 1.64
C PHE A 83 3.50 7.52 1.31
N SER A 84 3.39 8.74 1.80
CA SER A 84 4.40 9.75 1.52
C SER A 84 5.62 9.59 2.42
N ASP A 85 5.53 8.69 3.39
CA ASP A 85 6.63 8.48 4.35
C ASP A 85 6.75 7.02 4.80
N ILE A 86 6.58 6.09 3.88
CA ILE A 86 6.66 4.67 4.22
C ILE A 86 8.08 4.24 4.53
N ALA A 87 9.05 4.93 3.97
CA ALA A 87 10.45 4.58 4.18
C ALA A 87 10.90 5.01 5.57
N SER A 88 9.98 5.59 6.34
CA SER A 88 10.28 6.05 7.68
C SER A 88 10.01 4.96 8.68
N LEU A 89 9.22 3.97 8.25
CA LEU A 89 8.87 2.85 9.11
C LEU A 89 10.12 2.04 9.44
N LYS A 90 10.35 1.87 10.73
CA LYS A 90 11.50 1.10 11.21
C LYS A 90 11.10 -0.34 11.50
N LYS A 91 12.10 -1.17 11.75
CA LYS A 91 11.87 -2.58 12.04
C LYS A 91 11.24 -2.77 13.42
N GLY A 92 10.16 -3.53 13.46
CA GLY A 92 9.46 -3.79 14.73
C GLY A 92 8.37 -2.77 14.97
N ASP A 93 7.94 -2.15 13.89
CA ASP A 93 6.87 -1.15 13.95
C ASP A 93 5.53 -1.86 13.82
N LYS A 94 4.58 -1.54 14.70
CA LYS A 94 3.27 -2.20 14.66
C LYS A 94 2.38 -1.60 13.59
N ILE A 95 1.72 -2.48 12.83
CA ILE A 95 0.81 -2.09 11.75
C ILE A 95 -0.53 -2.75 11.97
N TYR A 96 -1.59 -1.94 11.98
CA TYR A 96 -2.94 -2.43 12.20
C TYR A 96 -3.67 -2.50 10.86
N LEU A 97 -3.99 -3.74 10.45
CA LEU A 97 -4.68 -3.97 9.18
C LEU A 97 -6.08 -4.52 9.43
N TYR A 98 -7.07 -3.97 8.72
CA TYR A 98 -8.45 -4.40 8.89
C TYR A 98 -8.91 -5.24 7.72
N ASP A 99 -9.57 -6.35 8.05
CA ASP A 99 -10.12 -7.27 7.06
C ASP A 99 -11.63 -7.13 7.10
N ASN A 100 -12.35 -8.02 6.44
CA ASN A 100 -13.80 -7.97 6.41
C ASN A 100 -14.34 -7.44 7.73
N GLU A 101 -14.16 -8.22 8.79
CA GLU A 101 -14.60 -7.85 10.13
C GLU A 101 -13.50 -8.18 11.12
N ASN A 102 -12.27 -8.28 10.60
CA ASN A 102 -11.12 -8.68 11.42
C ASN A 102 -10.01 -7.63 11.46
N GLU A 103 -9.30 -7.62 12.59
CA GLU A 103 -8.18 -6.69 12.78
C GLU A 103 -6.90 -7.51 12.88
N TYR A 104 -5.98 -7.26 11.95
CA TYR A 104 -4.70 -7.97 11.90
C TYR A 104 -3.54 -7.11 12.39
N GLU A 105 -2.75 -7.68 13.30
CA GLU A 105 -1.60 -6.98 13.84
C GLU A 105 -0.36 -7.41 13.04
N TYR A 106 0.26 -6.45 12.37
CA TYR A 106 1.45 -6.72 11.55
C TYR A 106 2.63 -5.92 12.06
N ALA A 107 3.80 -6.53 12.08
CA ALA A 107 5.01 -5.83 12.53
C ALA A 107 6.05 -5.75 11.40
N VAL A 108 6.67 -4.58 11.29
CA VAL A 108 7.69 -4.34 10.27
C VAL A 108 8.91 -5.15 10.57
N THR A 109 9.45 -5.81 9.53
CA THR A 109 10.63 -6.67 9.67
C THR A 109 11.88 -5.96 9.15
N GLY A 110 11.70 -5.04 8.22
CA GLY A 110 12.84 -4.32 7.66
C GLY A 110 12.46 -3.65 6.35
N VAL A 111 13.24 -2.63 6.00
CA VAL A 111 13.04 -1.87 4.78
C VAL A 111 14.24 -2.05 3.86
N SER A 112 14.03 -1.92 2.55
CA SER A 112 15.11 -2.11 1.60
C SER A 112 14.83 -1.37 0.30
N GLU A 113 15.87 -1.23 -0.54
CA GLU A 113 15.75 -0.53 -1.81
C GLU A 113 15.85 -1.54 -2.95
N VAL A 114 14.77 -1.67 -3.73
CA VAL A 114 14.74 -2.64 -4.83
C VAL A 114 14.21 -2.01 -6.10
N THR A 115 14.56 -2.60 -7.23
CA THR A 115 14.10 -2.07 -8.50
C THR A 115 12.61 -2.38 -8.67
N PRO A 116 11.79 -1.45 -9.12
CA PRO A 116 10.32 -1.69 -9.29
C PRO A 116 10.03 -3.01 -10.00
N ASP A 117 11.06 -3.56 -10.63
CA ASP A 117 10.91 -4.81 -11.39
C ASP A 117 11.02 -6.02 -10.47
N LYS A 118 11.47 -5.79 -9.25
CA LYS A 118 11.64 -6.84 -8.25
C LYS A 118 10.36 -7.08 -7.47
N TRP A 119 9.35 -7.59 -8.15
CA TRP A 119 8.05 -7.84 -7.53
C TRP A 119 8.08 -9.05 -6.62
N GLU A 120 9.21 -9.72 -6.58
CA GLU A 120 9.36 -10.89 -5.74
C GLU A 120 8.98 -10.58 -4.30
N VAL A 121 9.37 -9.40 -3.83
CA VAL A 121 9.09 -8.97 -2.47
C VAL A 121 7.65 -8.50 -2.29
N VAL A 122 6.86 -8.61 -3.36
CA VAL A 122 5.45 -8.17 -3.34
C VAL A 122 4.53 -9.34 -3.59
N GLU A 123 5.14 -10.41 -4.07
CA GLU A 123 4.42 -11.63 -4.38
C GLU A 123 4.27 -12.54 -3.17
N ASP A 124 3.63 -13.67 -3.41
CA ASP A 124 3.37 -14.67 -2.38
C ASP A 124 4.55 -15.63 -2.23
N HIS A 125 5.07 -15.75 -1.00
CA HIS A 125 6.21 -16.64 -0.74
C HIS A 125 5.76 -17.92 -0.05
N GLY A 126 4.87 -17.79 0.94
CA GLY A 126 4.37 -18.96 1.67
C GLY A 126 4.05 -18.62 3.11
N LYS A 127 3.76 -17.35 3.35
CA LYS A 127 3.43 -16.90 4.69
C LYS A 127 2.61 -15.61 4.65
N ASP A 128 2.23 -15.13 5.84
CA ASP A 128 1.45 -13.90 5.95
C ASP A 128 2.34 -12.72 6.24
N GLU A 129 2.79 -12.09 5.18
CA GLU A 129 3.69 -10.93 5.26
C GLU A 129 3.11 -9.75 4.47
N ILE A 130 2.99 -8.59 5.09
CA ILE A 130 2.48 -7.40 4.42
C ILE A 130 3.61 -6.70 3.68
N THR A 131 3.28 -6.04 2.56
CA THR A 131 4.29 -5.33 1.78
C THR A 131 3.79 -3.97 1.32
N LEU A 132 4.54 -2.91 1.64
CA LEU A 132 4.17 -1.54 1.26
C LEU A 132 5.11 -1.00 0.20
N ILE A 133 4.52 -0.63 -0.94
CA ILE A 133 5.27 -0.09 -2.07
C ILE A 133 4.52 1.05 -2.73
N THR A 134 5.04 1.52 -3.87
CA THR A 134 4.42 2.63 -4.59
C THR A 134 4.43 2.37 -6.09
N CYS A 135 3.66 3.15 -6.84
CA CYS A 135 3.58 2.99 -8.30
C CYS A 135 4.52 3.97 -8.98
N VAL A 136 5.47 3.45 -9.76
CA VAL A 136 6.45 4.31 -10.43
C VAL A 136 6.84 3.77 -11.80
N SER A 137 6.69 2.46 -12.00
CA SER A 137 7.03 1.87 -13.28
C SER A 137 8.39 2.39 -13.74
N VAL A 138 8.74 2.09 -14.98
CA VAL A 138 10.02 2.53 -15.54
C VAL A 138 10.09 4.05 -15.51
N LYS A 139 9.99 4.68 -16.67
CA LYS A 139 10.01 6.14 -16.73
C LYS A 139 11.16 6.69 -15.89
N ASP A 140 10.86 7.02 -14.64
CA ASP A 140 11.87 7.56 -13.72
C ASP A 140 12.97 6.56 -13.49
N ASN A 141 12.60 5.29 -13.30
CA ASN A 141 13.59 4.24 -13.11
C ASN A 141 14.50 4.56 -11.93
N SER A 142 13.93 5.15 -10.90
CA SER A 142 14.68 5.53 -9.70
C SER A 142 14.59 4.44 -8.65
N LYS A 143 15.42 4.56 -7.60
CA LYS A 143 15.41 3.58 -6.52
C LYS A 143 14.08 3.62 -5.78
N ARG A 144 13.47 2.45 -5.60
CA ARG A 144 12.18 2.36 -4.93
C ARG A 144 12.33 1.83 -3.51
N TYR A 145 11.60 2.44 -2.57
CA TYR A 145 11.64 2.04 -1.16
C TYR A 145 10.49 1.08 -0.86
N VAL A 146 10.81 -0.03 -0.19
CA VAL A 146 9.79 -1.03 0.14
C VAL A 146 9.93 -1.52 1.58
N VAL A 147 8.78 -1.69 2.24
CA VAL A 147 8.75 -2.13 3.64
C VAL A 147 7.96 -3.43 3.77
N ALA A 148 8.56 -4.42 4.42
CA ALA A 148 7.93 -5.73 4.62
C ALA A 148 7.63 -5.96 6.10
N GLY A 149 6.44 -6.47 6.40
CA GLY A 149 6.02 -6.73 7.77
C GLY A 149 5.47 -8.13 7.91
N ASP A 150 5.77 -8.72 9.06
CA ASP A 150 5.33 -10.08 9.37
C ASP A 150 4.14 -10.09 10.32
N LEU A 151 3.21 -11.02 10.11
CA LEU A 151 2.03 -11.12 10.96
C LEU A 151 2.42 -11.52 12.38
N VAL A 152 1.96 -10.72 13.34
CA VAL A 152 2.25 -10.97 14.75
C VAL A 152 1.02 -11.48 15.51
N GLY A 153 -0.17 -11.15 15.01
CA GLY A 153 -1.39 -11.58 15.67
C GLY A 153 -2.63 -11.12 14.93
N THR A 154 -3.78 -11.55 15.42
CA THR A 154 -5.06 -11.19 14.80
C THR A 154 -6.20 -11.26 15.82
N LYS A 155 -7.21 -10.44 15.58
CA LYS A 155 -8.37 -10.40 16.47
C LYS A 155 -9.59 -9.98 15.67
N ALA A 156 -10.75 -9.91 16.33
CA ALA A 156 -11.97 -9.51 15.65
C ALA A 156 -12.19 -8.01 15.78
N LYS A 157 -12.74 -7.40 14.74
CA LYS A 157 -12.97 -5.96 14.72
C LYS A 157 -14.06 -5.58 15.71
N LYS A 158 -13.71 -5.52 16.98
CA LYS A 158 -14.69 -5.12 17.99
C LYS A 158 -15.91 -6.03 17.91
N GLY A 1 8.25 -1.11 -24.39
CA GLY A 1 7.98 -1.32 -22.95
C GLY A 1 6.85 -2.32 -22.77
N SER A 2 6.75 -3.29 -23.68
CA SER A 2 5.72 -4.29 -23.57
C SER A 2 4.36 -3.65 -23.27
N HIS A 3 3.59 -3.35 -24.31
CA HIS A 3 2.29 -2.74 -24.09
C HIS A 3 2.45 -1.55 -23.13
N MET A 4 1.32 -0.98 -22.71
CA MET A 4 1.33 0.14 -21.80
C MET A 4 1.45 -0.35 -20.35
N ASP A 5 2.14 0.43 -19.50
CA ASP A 5 2.31 0.07 -18.10
C ASP A 5 0.95 0.06 -17.39
N ALA A 6 0.79 -0.88 -16.45
CA ALA A 6 -0.47 -1.01 -15.71
C ALA A 6 -0.71 0.18 -14.78
N SER A 7 0.38 0.70 -14.21
CA SER A 7 0.30 1.82 -13.27
C SER A 7 0.23 3.14 -14.04
N LYS A 8 1.38 3.67 -14.43
CA LYS A 8 1.41 4.91 -15.20
C LYS A 8 0.64 6.02 -14.47
N ILE A 9 0.73 6.04 -13.14
CA ILE A 9 0.02 7.03 -12.34
C ILE A 9 0.58 8.41 -12.63
N ASP A 10 1.89 8.52 -12.69
CA ASP A 10 2.49 9.81 -12.98
C ASP A 10 2.14 10.79 -11.87
N GLN A 11 3.15 11.30 -11.16
CA GLN A 11 2.92 12.25 -10.07
C GLN A 11 1.79 13.22 -10.44
N PRO A 12 0.57 12.93 -10.04
CA PRO A 12 -0.60 13.80 -10.36
C PRO A 12 -0.63 15.03 -9.47
N ASP A 13 -1.22 16.10 -9.97
CA ASP A 13 -1.31 17.33 -9.22
C ASP A 13 -2.39 17.21 -8.16
N LEU A 14 -2.37 18.12 -7.18
CA LEU A 14 -3.34 18.09 -6.09
C LEU A 14 -4.74 18.42 -6.59
N ALA A 15 -4.79 19.04 -7.76
CA ALA A 15 -6.06 19.42 -8.35
C ALA A 15 -6.87 18.19 -8.73
N GLU A 16 -6.18 17.17 -9.23
CA GLU A 16 -6.83 15.93 -9.63
C GLU A 16 -7.26 15.14 -8.39
N VAL A 17 -6.43 15.18 -7.36
CA VAL A 17 -6.69 14.47 -6.12
C VAL A 17 -7.84 15.11 -5.34
N ALA A 18 -7.79 16.43 -5.24
CA ALA A 18 -8.82 17.17 -4.54
C ALA A 18 -10.17 17.06 -5.25
N ASN A 19 -10.12 17.05 -6.59
CA ASN A 19 -11.32 16.98 -7.41
C ASN A 19 -11.77 15.53 -7.62
N ALA A 20 -10.82 14.61 -7.55
CA ALA A 20 -11.11 13.20 -7.73
C ALA A 20 -12.13 12.73 -6.70
N SER A 21 -13.09 11.92 -7.15
CA SER A 21 -14.14 11.39 -6.28
C SER A 21 -13.71 10.04 -5.71
N LEU A 22 -14.31 9.65 -4.58
CA LEU A 22 -13.97 8.39 -3.92
C LEU A 22 -15.21 7.54 -3.66
N ASP A 23 -15.17 6.28 -4.11
CA ASP A 23 -16.29 5.37 -3.94
C ASP A 23 -16.04 4.41 -2.77
N LYS A 24 -16.72 4.68 -1.65
CA LYS A 24 -16.55 3.85 -0.46
C LYS A 24 -17.01 2.43 -0.73
N LYS A 25 -17.58 2.24 -1.90
CA LYS A 25 -18.08 0.93 -2.31
C LYS A 25 -16.94 0.00 -2.70
N GLN A 26 -15.75 0.58 -2.87
CA GLN A 26 -14.55 -0.17 -3.29
C GLN A 26 -13.63 -0.45 -2.10
N VAL A 27 -14.13 -0.20 -0.90
CA VAL A 27 -13.38 -0.42 0.33
C VAL A 27 -13.57 -1.85 0.82
N ILE A 28 -12.46 -2.57 1.00
CA ILE A 28 -12.51 -3.96 1.44
C ILE A 28 -11.75 -4.19 2.73
N GLY A 29 -11.05 -3.17 3.18
CA GLY A 29 -10.30 -3.24 4.42
C GLY A 29 -9.69 -1.90 4.75
N ARG A 30 -8.83 -1.86 5.76
CA ARG A 30 -8.22 -0.60 6.16
C ARG A 30 -6.80 -0.79 6.66
N ILE A 31 -5.98 0.26 6.50
CA ILE A 31 -4.58 0.21 6.93
C ILE A 31 -4.35 1.33 7.94
N SER A 32 -3.92 0.95 9.14
CA SER A 32 -3.67 1.91 10.19
C SER A 32 -2.25 1.79 10.67
N ILE A 33 -1.54 2.91 10.70
CA ILE A 33 -0.13 2.90 11.11
C ILE A 33 0.17 4.00 12.15
N PRO A 34 0.82 3.68 13.26
CA PRO A 34 1.14 4.68 14.32
C PRO A 34 2.41 5.47 14.01
N SER A 35 3.39 4.77 13.46
CA SER A 35 4.67 5.35 13.16
C SER A 35 4.53 6.70 12.48
N VAL A 36 3.53 6.81 11.60
CA VAL A 36 3.27 8.05 10.86
C VAL A 36 1.87 8.58 11.15
N SER A 37 1.09 7.88 11.98
CA SER A 37 -0.27 8.34 12.28
C SER A 37 -1.05 8.40 10.99
N LEU A 38 -1.06 7.27 10.29
CA LEU A 38 -1.74 7.17 8.99
C LEU A 38 -2.89 6.17 9.02
N GLU A 39 -4.00 6.57 8.41
CA GLU A 39 -5.19 5.74 8.33
C GLU A 39 -5.73 5.86 6.93
N LEU A 40 -5.73 4.73 6.21
CA LEU A 40 -6.16 4.77 4.81
C LEU A 40 -6.99 3.57 4.37
N PRO A 41 -8.31 3.68 4.27
CA PRO A 41 -9.16 2.59 3.78
C PRO A 41 -8.48 1.87 2.61
N VAL A 42 -8.38 0.55 2.70
CA VAL A 42 -7.76 -0.21 1.64
C VAL A 42 -8.77 -0.41 0.51
N LEU A 43 -8.40 0.03 -0.69
CA LEU A 43 -9.28 -0.09 -1.86
C LEU A 43 -8.81 -1.22 -2.76
N LYS A 44 -9.71 -2.17 -3.03
CA LYS A 44 -9.36 -3.31 -3.87
C LYS A 44 -9.05 -2.87 -5.29
N SER A 45 -9.95 -2.06 -5.85
CA SER A 45 -9.80 -1.55 -7.21
C SER A 45 -8.60 -0.62 -7.32
N SER A 46 -7.48 -1.15 -7.79
CA SER A 46 -6.26 -0.35 -7.94
C SER A 46 -6.34 0.48 -9.20
N THR A 47 -6.72 1.74 -9.04
CA THR A 47 -6.87 2.67 -10.14
C THR A 47 -6.22 4.00 -9.81
N GLU A 48 -5.95 4.78 -10.84
CA GLU A 48 -5.32 6.07 -10.65
C GLU A 48 -6.17 6.97 -9.78
N LYS A 49 -7.48 6.73 -9.80
CA LYS A 49 -8.42 7.53 -9.02
C LYS A 49 -8.52 7.05 -7.57
N ASN A 50 -8.55 5.74 -7.41
CA ASN A 50 -8.67 5.13 -6.09
C ASN A 50 -7.42 5.39 -5.25
N LEU A 51 -6.26 5.40 -5.90
CA LEU A 51 -5.00 5.62 -5.21
C LEU A 51 -4.91 7.00 -4.60
N LEU A 52 -5.75 7.91 -5.08
CA LEU A 52 -5.72 9.29 -4.61
C LEU A 52 -6.28 9.45 -3.20
N SER A 53 -6.99 8.43 -2.70
CA SER A 53 -7.60 8.52 -1.37
C SER A 53 -6.96 7.61 -0.34
N GLY A 54 -6.06 6.73 -0.77
CA GLY A 54 -5.41 5.83 0.18
C GLY A 54 -4.54 4.82 -0.55
N ALA A 55 -4.35 3.68 0.11
CA ALA A 55 -3.54 2.59 -0.42
C ALA A 55 -4.44 1.53 -1.03
N ALA A 56 -4.15 1.16 -2.29
CA ALA A 56 -4.94 0.14 -2.98
C ALA A 56 -4.17 -1.19 -3.05
N THR A 57 -4.91 -2.30 -3.06
CA THR A 57 -4.29 -3.63 -3.14
C THR A 57 -3.82 -3.87 -4.57
N VAL A 58 -2.74 -4.63 -4.74
CA VAL A 58 -2.18 -4.87 -6.07
C VAL A 58 -2.91 -5.98 -6.83
N LYS A 59 -3.14 -7.11 -6.17
CA LYS A 59 -3.81 -8.24 -6.83
C LYS A 59 -5.32 -8.20 -6.60
N GLU A 60 -6.08 -8.52 -7.64
CA GLU A 60 -7.54 -8.50 -7.58
C GLU A 60 -8.11 -9.69 -6.82
N ASN A 61 -7.23 -10.59 -6.37
CA ASN A 61 -7.65 -11.80 -5.67
C ASN A 61 -6.78 -12.05 -4.45
N GLN A 62 -6.41 -10.97 -3.77
CA GLN A 62 -5.59 -11.05 -2.57
C GLN A 62 -6.49 -11.06 -1.33
N VAL A 63 -5.95 -11.60 -0.23
CA VAL A 63 -6.70 -11.70 1.02
C VAL A 63 -5.90 -11.04 2.13
N MET A 64 -6.57 -10.24 2.95
CA MET A 64 -5.92 -9.55 4.05
C MET A 64 -5.65 -10.52 5.18
N GLY A 65 -4.38 -10.58 5.62
CA GLY A 65 -4.01 -11.48 6.73
C GLY A 65 -3.64 -12.85 6.21
N LYS A 66 -3.49 -12.96 4.89
CA LYS A 66 -3.16 -14.25 4.29
C LYS A 66 -2.25 -14.08 3.09
N GLY A 67 -1.07 -14.70 3.13
CA GLY A 67 -0.13 -14.59 2.04
C GLY A 67 0.48 -13.20 2.03
N ASN A 68 1.39 -12.95 1.09
CA ASN A 68 2.02 -11.65 0.98
C ASN A 68 1.00 -10.62 0.51
N TYR A 69 0.54 -9.77 1.42
CA TYR A 69 -0.44 -8.75 1.10
C TYR A 69 0.25 -7.51 0.56
N ALA A 70 0.15 -7.32 -0.76
CA ALA A 70 0.77 -6.18 -1.41
C ALA A 70 -0.16 -4.97 -1.45
N LEU A 71 0.33 -3.85 -0.92
CA LEU A 71 -0.42 -2.59 -0.89
C LEU A 71 0.38 -1.52 -1.60
N ALA A 72 -0.28 -0.80 -2.52
CA ALA A 72 0.38 0.25 -3.30
C ALA A 72 -0.14 1.62 -2.89
N GLY A 73 0.78 2.57 -2.82
CA GLY A 73 0.44 3.94 -2.43
C GLY A 73 1.27 4.95 -3.19
N HIS A 74 1.07 6.23 -2.85
CA HIS A 74 1.79 7.32 -3.48
C HIS A 74 3.14 7.54 -2.81
N ASN A 75 4.13 7.97 -3.59
CA ASN A 75 5.49 8.22 -3.09
C ASN A 75 5.85 9.69 -3.20
N MET A 76 4.83 10.53 -3.21
CA MET A 76 5.00 11.96 -3.33
C MET A 76 6.15 12.47 -2.48
N SER A 77 6.59 11.67 -1.51
CA SER A 77 7.70 12.08 -0.67
C SER A 77 7.39 13.40 0.01
N LYS A 78 6.14 13.53 0.45
CA LYS A 78 5.67 14.75 1.11
C LYS A 78 4.88 14.39 2.34
N LYS A 79 5.35 14.85 3.49
CA LYS A 79 4.67 14.55 4.73
C LYS A 79 3.27 15.14 4.72
N GLY A 80 2.28 14.27 4.95
CA GLY A 80 0.87 14.70 4.94
C GLY A 80 0.06 13.95 3.88
N VAL A 81 0.74 13.41 2.86
CA VAL A 81 0.05 12.67 1.81
C VAL A 81 0.02 11.19 2.19
N LEU A 82 -0.71 10.41 1.41
CA LEU A 82 -0.84 8.98 1.70
C LEU A 82 0.46 8.26 1.31
N PHE A 83 0.89 7.30 2.14
CA PHE A 83 2.11 6.54 1.85
C PHE A 83 3.27 7.48 1.50
N SER A 84 3.23 8.67 2.04
CA SER A 84 4.26 9.67 1.77
C SER A 84 5.47 9.51 2.68
N ASP A 85 5.35 8.64 3.70
CA ASP A 85 6.43 8.47 4.67
C ASP A 85 6.56 7.02 5.18
N ILE A 86 6.21 6.07 4.34
CA ILE A 86 6.30 4.66 4.70
C ILE A 86 7.75 4.19 4.82
N ALA A 87 8.64 4.85 4.12
CA ALA A 87 10.04 4.48 4.15
C ALA A 87 10.67 4.87 5.48
N SER A 88 9.84 5.39 6.39
CA SER A 88 10.30 5.84 7.70
C SER A 88 10.06 4.75 8.73
N LEU A 89 9.28 3.76 8.33
CA LEU A 89 8.97 2.66 9.21
C LEU A 89 10.21 1.86 9.55
N LYS A 90 10.47 1.73 10.83
CA LYS A 90 11.63 0.98 11.30
C LYS A 90 11.25 -0.45 11.68
N LYS A 91 12.24 -1.32 11.76
CA LYS A 91 12.01 -2.72 12.10
C LYS A 91 11.32 -2.83 13.46
N GLY A 92 10.21 -3.57 13.48
CA GLY A 92 9.46 -3.78 14.73
C GLY A 92 8.39 -2.72 14.91
N ASP A 93 8.02 -2.12 13.79
CA ASP A 93 6.98 -1.09 13.81
C ASP A 93 5.62 -1.78 13.75
N LYS A 94 4.67 -1.31 14.57
CA LYS A 94 3.34 -1.92 14.61
C LYS A 94 2.46 -1.45 13.46
N ILE A 95 1.97 -2.40 12.66
CA ILE A 95 1.08 -2.10 11.54
C ILE A 95 -0.22 -2.86 11.73
N TYR A 96 -1.34 -2.13 11.76
CA TYR A 96 -2.65 -2.74 11.97
C TYR A 96 -3.41 -2.81 10.66
N LEU A 97 -3.73 -4.03 10.22
CA LEU A 97 -4.44 -4.23 8.95
C LEU A 97 -5.84 -4.77 9.23
N TYR A 98 -6.85 -4.18 8.59
CA TYR A 98 -8.23 -4.60 8.79
C TYR A 98 -8.70 -5.51 7.67
N ASP A 99 -9.19 -6.68 8.08
CA ASP A 99 -9.73 -7.67 7.16
C ASP A 99 -11.23 -7.51 7.15
N ASN A 100 -11.94 -8.46 6.55
CA ASN A 100 -13.41 -8.41 6.48
C ASN A 100 -13.98 -7.81 7.76
N GLU A 101 -13.82 -8.55 8.85
CA GLU A 101 -14.30 -8.13 10.17
C GLU A 101 -13.21 -8.40 11.20
N ASN A 102 -11.96 -8.44 10.73
CA ASN A 102 -10.82 -8.78 11.59
C ASN A 102 -9.72 -7.72 11.56
N GLU A 103 -8.98 -7.66 12.68
CA GLU A 103 -7.87 -6.72 12.81
C GLU A 103 -6.58 -7.53 12.92
N TYR A 104 -5.68 -7.32 11.95
CA TYR A 104 -4.41 -8.03 11.90
C TYR A 104 -3.26 -7.15 12.37
N GLU A 105 -2.44 -7.70 13.25
CA GLU A 105 -1.27 -6.99 13.74
C GLU A 105 -0.05 -7.43 12.96
N TYR A 106 0.58 -6.48 12.29
CA TYR A 106 1.77 -6.74 11.46
C TYR A 106 2.98 -6.00 12.04
N ALA A 107 4.14 -6.64 11.99
CA ALA A 107 5.37 -6.01 12.48
C ALA A 107 6.42 -5.93 11.38
N VAL A 108 6.97 -4.73 11.22
CA VAL A 108 7.99 -4.46 10.21
C VAL A 108 9.26 -5.19 10.55
N THR A 109 9.85 -5.84 9.55
CA THR A 109 11.08 -6.61 9.72
C THR A 109 12.29 -5.87 9.14
N GLY A 110 12.05 -5.02 8.15
CA GLY A 110 13.13 -4.27 7.53
C GLY A 110 12.66 -3.58 6.25
N VAL A 111 13.26 -2.43 6.00
CA VAL A 111 12.95 -1.62 4.82
C VAL A 111 14.14 -1.65 3.86
N SER A 112 13.86 -1.55 2.57
CA SER A 112 14.92 -1.62 1.56
C SER A 112 14.49 -0.94 0.27
N GLU A 113 15.47 -0.68 -0.60
CA GLU A 113 15.23 -0.03 -1.89
C GLU A 113 15.51 -1.00 -3.03
N VAL A 114 14.46 -1.56 -3.61
CA VAL A 114 14.60 -2.54 -4.70
C VAL A 114 13.97 -2.02 -5.98
N THR A 115 14.49 -2.49 -7.11
CA THR A 115 13.96 -2.08 -8.40
C THR A 115 12.48 -2.44 -8.46
N PRO A 116 11.74 -1.96 -9.43
CA PRO A 116 10.29 -2.27 -9.55
C PRO A 116 10.05 -3.61 -10.23
N ASP A 117 11.11 -4.17 -10.79
CA ASP A 117 11.01 -5.45 -11.50
C ASP A 117 11.12 -6.62 -10.54
N LYS A 118 11.56 -6.34 -9.33
CA LYS A 118 11.71 -7.36 -8.28
C LYS A 118 10.41 -7.54 -7.50
N TRP A 119 9.43 -8.14 -8.15
CA TRP A 119 8.14 -8.35 -7.52
C TRP A 119 8.16 -9.48 -6.51
N GLU A 120 9.31 -10.12 -6.39
CA GLU A 120 9.47 -11.22 -5.45
C GLU A 120 9.05 -10.81 -4.04
N VAL A 121 9.35 -9.57 -3.69
CA VAL A 121 9.05 -9.02 -2.38
C VAL A 121 7.59 -8.57 -2.27
N VAL A 122 6.81 -8.80 -3.33
CA VAL A 122 5.41 -8.39 -3.38
C VAL A 122 4.52 -9.61 -3.57
N GLU A 123 5.16 -10.69 -3.97
CA GLU A 123 4.47 -11.95 -4.21
C GLU A 123 4.33 -12.78 -2.95
N ASP A 124 3.65 -13.90 -3.11
CA ASP A 124 3.39 -14.84 -2.02
C ASP A 124 4.59 -15.75 -1.77
N HIS A 125 5.03 -15.83 -0.52
CA HIS A 125 6.19 -16.67 -0.16
C HIS A 125 5.74 -17.97 0.50
N GLY A 126 4.76 -17.88 1.40
CA GLY A 126 4.25 -19.07 2.10
C GLY A 126 3.90 -18.75 3.55
N LYS A 127 3.55 -17.48 3.79
CA LYS A 127 3.17 -17.07 5.12
C LYS A 127 2.31 -15.80 5.07
N ASP A 128 1.92 -15.33 6.25
CA ASP A 128 1.11 -14.11 6.35
C ASP A 128 2.00 -12.90 6.53
N GLU A 129 2.43 -12.35 5.41
CA GLU A 129 3.32 -11.19 5.40
C GLU A 129 2.62 -9.99 4.74
N ILE A 130 3.22 -8.81 4.87
CA ILE A 130 2.66 -7.58 4.28
C ILE A 130 3.75 -6.83 3.54
N THR A 131 3.39 -6.22 2.41
CA THR A 131 4.35 -5.48 1.60
C THR A 131 3.79 -4.15 1.12
N LEU A 132 4.51 -3.07 1.42
CA LEU A 132 4.08 -1.73 1.01
C LEU A 132 5.00 -1.16 -0.07
N ILE A 133 4.40 -0.86 -1.21
CA ILE A 133 5.12 -0.33 -2.37
C ILE A 133 4.38 0.85 -2.98
N THR A 134 4.81 1.26 -4.18
CA THR A 134 4.21 2.40 -4.87
C THR A 134 3.94 2.06 -6.32
N CYS A 135 2.92 2.69 -6.92
CA CYS A 135 2.55 2.42 -8.31
C CYS A 135 3.16 3.45 -9.25
N VAL A 136 3.23 4.70 -8.80
CA VAL A 136 3.80 5.78 -9.59
C VAL A 136 5.30 5.57 -9.75
N SER A 137 5.88 6.13 -10.82
CA SER A 137 7.30 5.96 -11.08
C SER A 137 7.83 7.14 -11.89
N VAL A 138 9.17 7.28 -11.91
CA VAL A 138 9.82 8.38 -12.63
C VAL A 138 10.68 7.82 -13.76
N LYS A 139 10.51 8.37 -14.96
CA LYS A 139 11.28 7.93 -16.13
C LYS A 139 12.76 7.97 -15.79
N ASP A 140 13.62 7.79 -16.80
CA ASP A 140 15.05 7.84 -16.54
C ASP A 140 15.40 6.97 -15.34
N ASN A 141 16.66 7.03 -14.89
CA ASN A 141 17.09 6.25 -13.73
C ASN A 141 16.34 6.71 -12.49
N SER A 142 15.71 5.77 -11.78
CA SER A 142 14.93 6.11 -10.59
C SER A 142 14.87 4.93 -9.62
N LYS A 143 14.48 5.21 -8.37
CA LYS A 143 14.41 4.18 -7.35
C LYS A 143 13.25 4.44 -6.40
N ARG A 144 12.72 3.37 -5.80
CA ARG A 144 11.59 3.48 -4.87
C ARG A 144 11.90 2.78 -3.55
N TYR A 145 11.07 3.05 -2.54
CA TYR A 145 11.25 2.46 -1.21
C TYR A 145 10.20 1.37 -0.98
N VAL A 146 10.63 0.27 -0.35
CA VAL A 146 9.74 -0.86 -0.09
C VAL A 146 9.88 -1.33 1.36
N VAL A 147 8.73 -1.55 2.00
CA VAL A 147 8.69 -1.98 3.40
C VAL A 147 8.00 -3.34 3.52
N ALA A 148 8.66 -4.27 4.23
CA ALA A 148 8.12 -5.63 4.41
C ALA A 148 7.85 -5.88 5.89
N GLY A 149 6.68 -6.47 6.18
CA GLY A 149 6.29 -6.78 7.56
C GLY A 149 5.75 -8.18 7.70
N ASP A 150 6.01 -8.75 8.87
CA ASP A 150 5.58 -10.11 9.17
C ASP A 150 4.40 -10.11 10.16
N LEU A 151 3.53 -11.11 10.03
CA LEU A 151 2.37 -11.21 10.91
C LEU A 151 2.79 -11.56 12.33
N VAL A 152 2.34 -10.75 13.29
CA VAL A 152 2.68 -10.96 14.70
C VAL A 152 1.47 -11.44 15.50
N GLY A 153 0.26 -11.13 15.00
CA GLY A 153 -0.95 -11.54 15.71
C GLY A 153 -2.21 -11.10 14.96
N THR A 154 -3.35 -11.53 15.48
CA THR A 154 -4.64 -11.19 14.88
C THR A 154 -5.75 -11.26 15.91
N LYS A 155 -6.78 -10.45 15.69
CA LYS A 155 -7.93 -10.41 16.59
C LYS A 155 -9.17 -10.03 15.79
N ALA A 156 -10.32 -9.98 16.46
CA ALA A 156 -11.56 -9.62 15.78
C ALA A 156 -11.82 -8.12 15.90
N LYS A 157 -12.44 -7.56 14.86
CA LYS A 157 -12.73 -6.13 14.83
C LYS A 157 -13.88 -5.81 15.77
N LYS A 158 -13.60 -5.70 17.05
CA LYS A 158 -14.63 -5.36 18.01
C LYS A 158 -15.73 -6.42 17.99
N GLY A 1 12.42 3.01 -29.85
CA GLY A 1 12.06 2.37 -28.56
C GLY A 1 10.64 1.83 -28.64
N SER A 2 9.74 2.46 -27.88
CA SER A 2 8.34 2.04 -27.85
C SER A 2 7.44 3.20 -27.46
N HIS A 3 6.17 3.11 -27.83
CA HIS A 3 5.19 4.17 -27.51
C HIS A 3 4.36 3.78 -26.30
N MET A 4 4.65 4.39 -25.16
CA MET A 4 3.94 4.08 -23.91
C MET A 4 3.54 5.36 -23.17
N ASP A 5 2.38 5.32 -22.51
CA ASP A 5 1.88 6.48 -21.76
C ASP A 5 2.64 6.63 -20.44
N ALA A 6 2.98 7.86 -20.10
CA ALA A 6 3.73 8.16 -18.88
C ALA A 6 2.89 7.91 -17.64
N SER A 7 1.61 8.29 -17.69
CA SER A 7 0.71 8.09 -16.56
C SER A 7 1.07 9.03 -15.41
N LYS A 8 2.36 9.18 -15.16
CA LYS A 8 2.83 10.07 -14.09
C LYS A 8 1.97 9.93 -12.83
N ILE A 9 1.46 8.74 -12.61
CA ILE A 9 0.61 8.46 -11.44
C ILE A 9 1.37 8.57 -10.15
N ASP A 10 2.66 8.38 -10.24
CA ASP A 10 3.54 8.44 -9.06
C ASP A 10 3.34 9.76 -8.29
N GLN A 11 3.25 10.86 -9.03
CA GLN A 11 3.09 12.17 -8.42
C GLN A 11 2.09 12.99 -9.22
N PRO A 12 0.82 12.72 -9.05
CA PRO A 12 -0.25 13.42 -9.78
C PRO A 12 -0.54 14.78 -9.15
N ASP A 13 -1.09 15.69 -9.95
CA ASP A 13 -1.42 17.02 -9.47
C ASP A 13 -2.56 16.93 -8.46
N LEU A 14 -2.62 17.87 -7.54
CA LEU A 14 -3.66 17.87 -6.51
C LEU A 14 -5.04 18.16 -7.11
N ALA A 15 -5.03 18.66 -8.33
CA ALA A 15 -6.27 19.00 -9.03
C ALA A 15 -7.11 17.75 -9.30
N GLU A 16 -6.44 16.71 -9.78
CA GLU A 16 -7.10 15.45 -10.09
C GLU A 16 -7.44 14.68 -8.81
N VAL A 17 -6.72 15.00 -7.74
CA VAL A 17 -6.93 14.33 -6.45
C VAL A 17 -8.17 14.86 -5.76
N ALA A 18 -8.24 16.18 -5.65
CA ALA A 18 -9.39 16.82 -5.01
C ALA A 18 -10.66 16.60 -5.83
N ASN A 19 -10.52 16.72 -7.15
CA ASN A 19 -11.64 16.54 -8.07
C ASN A 19 -12.09 15.08 -8.14
N ALA A 20 -11.13 14.17 -7.96
CA ALA A 20 -11.41 12.74 -8.00
C ALA A 20 -12.43 12.38 -6.90
N SER A 21 -13.39 11.51 -7.25
CA SER A 21 -14.43 11.11 -6.30
C SER A 21 -14.77 9.63 -6.43
N LEU A 22 -14.00 8.79 -5.74
CA LEU A 22 -14.22 7.35 -5.76
C LEU A 22 -15.44 6.98 -4.91
N ASP A 23 -15.84 5.72 -4.99
CA ASP A 23 -16.97 5.21 -4.20
C ASP A 23 -16.48 4.40 -3.00
N LYS A 24 -16.86 4.84 -1.79
CA LYS A 24 -16.45 4.13 -0.58
C LYS A 24 -16.88 2.68 -0.65
N LYS A 25 -17.69 2.36 -1.65
CA LYS A 25 -18.19 1.02 -1.84
C LYS A 25 -17.04 0.04 -2.11
N GLN A 26 -16.02 0.52 -2.82
CA GLN A 26 -14.87 -0.30 -3.17
C GLN A 26 -13.92 -0.50 -1.98
N VAL A 27 -14.44 -0.20 -0.79
CA VAL A 27 -13.67 -0.33 0.45
C VAL A 27 -13.79 -1.77 0.97
N ILE A 28 -12.66 -2.43 1.19
CA ILE A 28 -12.66 -3.81 1.66
C ILE A 28 -11.92 -3.98 2.99
N GLY A 29 -11.30 -2.90 3.43
CA GLY A 29 -10.57 -2.92 4.69
C GLY A 29 -9.92 -1.58 4.92
N ARG A 30 -9.02 -1.50 5.90
CA ARG A 30 -8.36 -0.24 6.21
C ARG A 30 -6.94 -0.46 6.70
N ILE A 31 -6.10 0.56 6.55
CA ILE A 31 -4.71 0.49 6.98
C ILE A 31 -4.44 1.60 7.99
N SER A 32 -3.93 1.21 9.14
CA SER A 32 -3.65 2.17 10.20
C SER A 32 -2.20 2.03 10.65
N ILE A 33 -1.47 3.14 10.65
CA ILE A 33 -0.05 3.11 11.03
C ILE A 33 0.27 4.15 12.11
N PRO A 34 0.91 3.77 13.23
CA PRO A 34 1.23 4.72 14.33
C PRO A 34 2.51 5.50 14.08
N SER A 35 3.50 4.81 13.52
CA SER A 35 4.80 5.39 13.27
C SER A 35 4.68 6.73 12.56
N VAL A 36 3.72 6.85 11.66
CA VAL A 36 3.51 8.08 10.90
C VAL A 36 2.10 8.64 11.15
N SER A 37 1.27 7.95 11.92
CA SER A 37 -0.08 8.44 12.18
C SER A 37 -0.84 8.49 10.87
N LEU A 38 -0.89 7.34 10.20
CA LEU A 38 -1.56 7.23 8.90
C LEU A 38 -2.78 6.30 8.99
N GLU A 39 -3.88 6.77 8.43
CA GLU A 39 -5.12 6.01 8.40
C GLU A 39 -5.69 6.12 7.01
N LEU A 40 -5.73 5.01 6.29
CA LEU A 40 -6.21 5.06 4.90
C LEU A 40 -7.03 3.84 4.47
N PRO A 41 -8.34 3.98 4.27
CA PRO A 41 -9.17 2.86 3.78
C PRO A 41 -8.42 2.07 2.71
N VAL A 42 -8.59 0.76 2.70
CA VAL A 42 -7.93 -0.09 1.72
C VAL A 42 -8.89 -0.36 0.58
N LEU A 43 -8.52 0.06 -0.63
CA LEU A 43 -9.35 -0.13 -1.81
C LEU A 43 -8.76 -1.22 -2.71
N LYS A 44 -9.55 -2.25 -2.98
CA LYS A 44 -9.09 -3.35 -3.83
C LYS A 44 -8.81 -2.86 -5.25
N SER A 45 -9.78 -2.14 -5.80
CA SER A 45 -9.65 -1.60 -7.16
C SER A 45 -8.46 -0.65 -7.27
N SER A 46 -7.35 -1.15 -7.80
CA SER A 46 -6.15 -0.34 -7.96
C SER A 46 -6.26 0.48 -9.24
N THR A 47 -6.59 1.75 -9.07
CA THR A 47 -6.75 2.66 -10.19
C THR A 47 -6.12 4.01 -9.88
N GLU A 48 -5.83 4.78 -10.92
CA GLU A 48 -5.22 6.08 -10.74
C GLU A 48 -6.10 6.98 -9.90
N LYS A 49 -7.40 6.73 -9.96
CA LYS A 49 -8.36 7.53 -9.22
C LYS A 49 -8.52 7.07 -7.77
N ASN A 50 -8.62 5.77 -7.60
CA ASN A 50 -8.78 5.19 -6.27
C ASN A 50 -7.54 5.41 -5.42
N LEU A 51 -6.38 5.42 -6.05
CA LEU A 51 -5.12 5.61 -5.34
C LEU A 51 -5.05 6.97 -4.67
N LEU A 52 -5.85 7.92 -5.16
CA LEU A 52 -5.83 9.27 -4.63
C LEU A 52 -6.49 9.39 -3.26
N SER A 53 -7.23 8.37 -2.85
CA SER A 53 -7.95 8.42 -1.58
C SER A 53 -7.28 7.59 -0.47
N GLY A 54 -6.34 6.74 -0.82
CA GLY A 54 -5.68 5.92 0.18
C GLY A 54 -4.76 4.89 -0.47
N ALA A 55 -4.49 3.82 0.29
CA ALA A 55 -3.64 2.74 -0.18
C ALA A 55 -4.48 1.69 -0.88
N ALA A 56 -4.09 1.36 -2.12
CA ALA A 56 -4.82 0.36 -2.91
C ALA A 56 -4.05 -0.96 -2.96
N THR A 57 -4.78 -2.08 -2.94
CA THR A 57 -4.15 -3.39 -2.99
C THR A 57 -3.68 -3.67 -4.42
N VAL A 58 -2.64 -4.49 -4.57
CA VAL A 58 -2.08 -4.75 -5.90
C VAL A 58 -2.79 -5.89 -6.64
N LYS A 59 -3.14 -6.95 -5.93
CA LYS A 59 -3.79 -8.10 -6.55
C LYS A 59 -5.32 -7.94 -6.54
N GLU A 60 -6.03 -8.99 -6.95
CA GLU A 60 -7.50 -8.94 -7.03
C GLU A 60 -8.14 -10.08 -6.25
N ASN A 61 -7.32 -11.03 -5.80
CA ASN A 61 -7.84 -12.21 -5.08
C ASN A 61 -6.94 -12.56 -3.90
N GLN A 62 -6.42 -11.53 -3.24
CA GLN A 62 -5.56 -11.71 -2.08
C GLN A 62 -6.39 -11.68 -0.80
N VAL A 63 -5.83 -12.21 0.28
CA VAL A 63 -6.54 -12.25 1.57
C VAL A 63 -5.63 -11.74 2.69
N MET A 64 -6.16 -10.83 3.52
CA MET A 64 -5.40 -10.31 4.64
C MET A 64 -5.07 -11.43 5.62
N GLY A 65 -3.80 -11.56 5.98
CA GLY A 65 -3.39 -12.60 6.91
C GLY A 65 -3.02 -13.88 6.18
N LYS A 66 -3.05 -13.84 4.85
CA LYS A 66 -2.74 -15.01 4.05
C LYS A 66 -1.87 -14.65 2.85
N GLY A 67 -0.67 -15.21 2.80
CA GLY A 67 0.25 -14.91 1.73
C GLY A 67 0.84 -13.53 1.93
N ASN A 68 1.37 -12.95 0.86
CA ASN A 68 1.96 -11.62 0.92
C ASN A 68 0.93 -10.56 0.53
N TYR A 69 0.52 -9.76 1.51
CA TYR A 69 -0.47 -8.72 1.27
C TYR A 69 0.22 -7.47 0.74
N ALA A 70 0.11 -7.24 -0.57
CA ALA A 70 0.74 -6.09 -1.20
C ALA A 70 -0.19 -4.87 -1.23
N LEU A 71 0.33 -3.77 -0.71
CA LEU A 71 -0.40 -2.50 -0.66
C LEU A 71 0.40 -1.43 -1.39
N ALA A 72 -0.27 -0.71 -2.30
CA ALA A 72 0.39 0.33 -3.08
C ALA A 72 -0.10 1.71 -2.67
N GLY A 73 0.83 2.65 -2.60
CA GLY A 73 0.52 4.01 -2.21
C GLY A 73 1.29 5.03 -3.05
N HIS A 74 1.09 6.31 -2.74
CA HIS A 74 1.75 7.38 -3.47
C HIS A 74 3.10 7.71 -2.82
N ASN A 75 4.09 8.04 -3.66
CA ASN A 75 5.44 8.36 -3.18
C ASN A 75 5.72 9.85 -3.32
N MET A 76 4.65 10.63 -3.27
CA MET A 76 4.76 12.08 -3.41
C MET A 76 5.94 12.63 -2.63
N SER A 77 6.47 11.86 -1.70
CA SER A 77 7.61 12.32 -0.93
C SER A 77 7.26 13.57 -0.16
N LYS A 78 6.03 13.60 0.35
CA LYS A 78 5.54 14.74 1.12
C LYS A 78 4.81 14.25 2.34
N LYS A 79 5.43 14.41 3.49
CA LYS A 79 4.81 13.98 4.72
C LYS A 79 3.37 14.50 4.80
N GLY A 80 2.44 13.62 5.10
CA GLY A 80 1.02 13.98 5.17
C GLY A 80 0.23 13.36 4.03
N VAL A 81 0.89 13.07 2.92
CA VAL A 81 0.22 12.44 1.78
C VAL A 81 0.20 10.94 2.01
N LEU A 82 -0.40 10.20 1.08
CA LEU A 82 -0.50 8.76 1.23
C LEU A 82 0.87 8.11 1.06
N PHE A 83 1.23 7.20 1.97
CA PHE A 83 2.52 6.50 1.85
C PHE A 83 3.65 7.49 1.56
N SER A 84 3.51 8.70 2.08
CA SER A 84 4.51 9.73 1.84
C SER A 84 5.70 9.60 2.79
N ASP A 85 5.59 8.73 3.80
CA ASP A 85 6.65 8.58 4.81
C ASP A 85 6.77 7.16 5.33
N ILE A 86 6.43 6.19 4.50
CA ILE A 86 6.51 4.79 4.89
C ILE A 86 7.95 4.32 5.03
N ALA A 87 8.84 4.94 4.29
CA ALA A 87 10.25 4.55 4.35
C ALA A 87 10.84 4.90 5.70
N SER A 88 10.02 5.47 6.58
CA SER A 88 10.45 5.88 7.91
C SER A 88 10.22 4.75 8.90
N LEU A 89 9.43 3.79 8.47
CA LEU A 89 9.11 2.64 9.31
C LEU A 89 10.36 1.82 9.56
N LYS A 90 10.63 1.58 10.83
CA LYS A 90 11.80 0.80 11.24
C LYS A 90 11.43 -0.66 11.48
N LYS A 91 12.44 -1.49 11.69
CA LYS A 91 12.23 -2.91 11.94
C LYS A 91 11.62 -3.15 13.31
N GLY A 92 10.58 -3.98 13.36
CA GLY A 92 9.91 -4.30 14.61
C GLY A 92 8.87 -3.24 14.95
N ASP A 93 8.46 -2.51 13.92
CA ASP A 93 7.45 -1.47 14.11
C ASP A 93 6.10 -2.14 14.20
N LYS A 94 5.01 -1.41 13.94
CA LYS A 94 3.68 -2.00 14.04
C LYS A 94 2.72 -1.40 13.02
N ILE A 95 2.06 -2.29 12.27
CA ILE A 95 1.09 -1.89 11.25
C ILE A 95 -0.23 -2.61 11.50
N TYR A 96 -1.31 -1.83 11.65
CA TYR A 96 -2.62 -2.39 11.92
C TYR A 96 -3.45 -2.37 10.64
N LEU A 97 -3.92 -3.55 10.24
CA LEU A 97 -4.71 -3.70 9.01
C LEU A 97 -6.10 -4.24 9.34
N TYR A 98 -7.11 -3.73 8.63
CA TYR A 98 -8.50 -4.16 8.86
C TYR A 98 -9.00 -5.02 7.73
N ASP A 99 -9.59 -6.15 8.10
CA ASP A 99 -10.17 -7.09 7.14
C ASP A 99 -11.67 -6.95 7.22
N ASN A 100 -12.40 -7.84 6.56
CA ASN A 100 -13.86 -7.79 6.57
C ASN A 100 -14.39 -7.33 7.91
N GLU A 101 -14.11 -8.11 8.94
CA GLU A 101 -14.53 -7.81 10.31
C GLU A 101 -13.39 -8.17 11.26
N ASN A 102 -12.18 -8.23 10.71
CA ASN A 102 -11.01 -8.65 11.52
C ASN A 102 -9.90 -7.61 11.52
N GLU A 103 -9.22 -7.52 12.67
CA GLU A 103 -8.10 -6.61 12.83
C GLU A 103 -6.81 -7.41 12.84
N TYR A 104 -5.92 -7.11 11.91
CA TYR A 104 -4.64 -7.80 11.78
C TYR A 104 -3.48 -6.94 12.24
N GLU A 105 -2.66 -7.50 13.12
CA GLU A 105 -1.48 -6.79 13.61
C GLU A 105 -0.25 -7.24 12.81
N TYR A 106 0.40 -6.28 12.16
CA TYR A 106 1.58 -6.57 11.35
C TYR A 106 2.80 -5.86 11.91
N ALA A 107 3.94 -6.54 11.93
CA ALA A 107 5.19 -5.94 12.44
C ALA A 107 6.20 -5.83 11.32
N VAL A 108 6.78 -4.64 11.21
CA VAL A 108 7.78 -4.36 10.18
C VAL A 108 9.06 -5.14 10.44
N THR A 109 9.58 -5.76 9.37
CA THR A 109 10.79 -6.57 9.45
C THR A 109 12.00 -5.81 8.95
N GLY A 110 11.79 -4.85 8.07
CA GLY A 110 12.89 -4.07 7.53
C GLY A 110 12.53 -3.45 6.19
N VAL A 111 13.16 -2.32 5.92
CA VAL A 111 12.94 -1.58 4.67
C VAL A 111 14.07 -1.91 3.70
N SER A 112 13.76 -1.95 2.40
CA SER A 112 14.76 -2.29 1.39
C SER A 112 14.52 -1.51 0.10
N GLU A 113 15.59 -1.31 -0.67
CA GLU A 113 15.52 -0.59 -1.93
C GLU A 113 15.65 -1.56 -3.10
N VAL A 114 14.63 -1.63 -3.94
CA VAL A 114 14.63 -2.56 -5.08
C VAL A 114 14.15 -1.87 -6.34
N THR A 115 14.51 -2.44 -7.49
CA THR A 115 14.09 -1.87 -8.75
C THR A 115 12.62 -2.23 -8.99
N PRO A 116 11.78 -1.32 -9.44
CA PRO A 116 10.33 -1.60 -9.67
C PRO A 116 10.12 -2.94 -10.40
N ASP A 117 11.19 -3.47 -10.98
CA ASP A 117 11.11 -4.71 -11.74
C ASP A 117 11.16 -5.92 -10.80
N LYS A 118 11.55 -5.68 -9.55
CA LYS A 118 11.64 -6.74 -8.54
C LYS A 118 10.29 -6.95 -7.88
N TRP A 119 9.42 -7.64 -8.60
CA TRP A 119 8.08 -7.91 -8.10
C TRP A 119 8.07 -9.00 -7.05
N GLU A 120 9.12 -9.81 -7.04
CA GLU A 120 9.24 -10.90 -6.08
C GLU A 120 9.05 -10.40 -4.64
N VAL A 121 8.95 -9.09 -4.51
CA VAL A 121 8.79 -8.45 -3.21
C VAL A 121 7.34 -8.36 -2.77
N VAL A 122 6.43 -8.38 -3.74
CA VAL A 122 5.00 -8.28 -3.47
C VAL A 122 4.33 -9.62 -3.71
N GLU A 123 5.10 -10.51 -4.29
CA GLU A 123 4.61 -11.83 -4.66
C GLU A 123 4.54 -12.75 -3.45
N ASP A 124 3.47 -13.53 -3.41
CA ASP A 124 3.23 -14.47 -2.34
C ASP A 124 4.39 -15.46 -2.20
N HIS A 125 4.87 -15.63 -0.96
CA HIS A 125 6.00 -16.53 -0.68
C HIS A 125 5.51 -17.86 -0.08
N GLY A 126 4.53 -17.78 0.83
CA GLY A 126 3.99 -18.99 1.46
C GLY A 126 3.77 -18.78 2.96
N LYS A 127 3.50 -17.54 3.32
CA LYS A 127 3.26 -17.20 4.71
C LYS A 127 2.43 -15.93 4.85
N ASP A 128 2.14 -15.55 6.09
CA ASP A 128 1.37 -14.35 6.37
C ASP A 128 2.30 -13.16 6.53
N GLU A 129 2.52 -12.47 5.43
CA GLU A 129 3.43 -11.31 5.40
C GLU A 129 2.71 -10.10 4.78
N ILE A 130 3.33 -8.92 4.89
CA ILE A 130 2.76 -7.70 4.34
C ILE A 130 3.83 -6.93 3.57
N THR A 131 3.43 -6.29 2.46
CA THR A 131 4.38 -5.54 1.65
C THR A 131 3.80 -4.21 1.19
N LEU A 132 4.52 -3.11 1.49
CA LEU A 132 4.07 -1.77 1.11
C LEU A 132 4.97 -1.18 0.04
N ILE A 133 4.35 -0.85 -1.09
CA ILE A 133 5.07 -0.30 -2.24
C ILE A 133 4.31 0.89 -2.83
N THR A 134 4.73 1.32 -4.02
CA THR A 134 4.10 2.47 -4.68
C THR A 134 3.92 2.20 -6.17
N CYS A 135 2.91 2.84 -6.77
CA CYS A 135 2.62 2.67 -8.19
C CYS A 135 3.52 3.60 -9.01
N VAL A 136 4.25 3.03 -9.96
CA VAL A 136 5.15 3.83 -10.79
C VAL A 136 5.13 3.39 -12.25
N SER A 137 6.24 2.82 -12.72
CA SER A 137 6.32 2.38 -14.10
C SER A 137 7.40 1.30 -14.24
N VAL A 138 7.40 0.62 -15.38
CA VAL A 138 8.37 -0.44 -15.63
C VAL A 138 9.61 0.15 -16.31
N LYS A 139 10.74 -0.52 -16.20
CA LYS A 139 11.95 -0.01 -16.86
C LYS A 139 12.15 1.47 -16.56
N ASP A 140 11.78 1.89 -15.36
CA ASP A 140 11.89 3.29 -14.99
C ASP A 140 11.96 3.43 -13.47
N ASN A 141 12.34 4.61 -12.99
CA ASN A 141 12.40 4.81 -11.54
C ASN A 141 13.16 3.68 -10.87
N SER A 142 14.45 3.57 -11.15
CA SER A 142 15.28 2.52 -10.58
C SER A 142 15.35 2.61 -9.05
N LYS A 143 15.03 3.78 -8.52
CA LYS A 143 15.06 4.03 -7.08
C LYS A 143 13.65 3.93 -6.50
N ARG A 144 13.46 2.96 -5.60
CA ARG A 144 12.14 2.75 -4.98
C ARG A 144 12.28 2.26 -3.54
N TYR A 145 11.44 2.81 -2.65
CA TYR A 145 11.45 2.44 -1.23
C TYR A 145 10.32 1.45 -0.95
N VAL A 146 10.67 0.35 -0.28
CA VAL A 146 9.68 -0.69 0.03
C VAL A 146 9.82 -1.17 1.48
N VAL A 147 8.68 -1.33 2.15
CA VAL A 147 8.65 -1.79 3.55
C VAL A 147 7.99 -3.16 3.65
N ALA A 148 8.70 -4.10 4.27
CA ALA A 148 8.19 -5.47 4.44
C ALA A 148 8.02 -5.79 5.91
N GLY A 149 6.88 -6.41 6.23
CA GLY A 149 6.58 -6.78 7.62
C GLY A 149 6.01 -8.18 7.71
N ASP A 150 6.03 -8.71 8.92
CA ASP A 150 5.53 -10.07 9.19
C ASP A 150 4.33 -10.05 10.12
N LEU A 151 3.44 -11.04 9.97
CA LEU A 151 2.25 -11.13 10.81
C LEU A 151 2.61 -11.53 12.23
N VAL A 152 2.15 -10.74 13.19
CA VAL A 152 2.43 -10.99 14.59
C VAL A 152 1.19 -11.51 15.33
N GLY A 153 0.01 -11.18 14.81
CA GLY A 153 -1.22 -11.62 15.46
C GLY A 153 -2.45 -11.04 14.77
N THR A 154 -3.62 -11.44 15.27
CA THR A 154 -4.89 -10.99 14.72
C THR A 154 -5.98 -11.03 15.77
N LYS A 155 -6.99 -10.19 15.59
CA LYS A 155 -8.12 -10.11 16.51
C LYS A 155 -9.37 -9.69 15.75
N ALA A 156 -10.50 -9.63 16.43
CA ALA A 156 -11.75 -9.25 15.78
C ALA A 156 -11.91 -7.73 15.82
N LYS A 157 -12.60 -7.20 14.81
CA LYS A 157 -12.81 -5.75 14.72
C LYS A 157 -13.92 -5.31 15.66
N LYS A 158 -13.58 -5.17 16.93
CA LYS A 158 -14.57 -4.72 17.91
C LYS A 158 -15.85 -5.53 17.78
N GLY A 1 -6.93 4.05 -30.94
CA GLY A 1 -7.03 3.80 -29.48
C GLY A 1 -7.64 5.01 -28.78
N SER A 2 -7.10 5.34 -27.62
CA SER A 2 -7.60 6.48 -26.85
C SER A 2 -6.52 7.04 -25.92
N HIS A 3 -6.72 8.26 -25.45
CA HIS A 3 -5.77 8.90 -24.56
C HIS A 3 -5.68 8.15 -23.22
N MET A 4 -6.57 7.19 -23.07
CA MET A 4 -6.61 6.38 -21.85
C MET A 4 -5.36 5.51 -21.75
N ASP A 5 -4.98 5.14 -20.53
CA ASP A 5 -3.77 4.33 -20.32
C ASP A 5 -3.96 3.36 -19.15
N ALA A 6 -3.03 2.41 -19.03
CA ALA A 6 -3.09 1.40 -17.98
C ALA A 6 -2.81 2.01 -16.60
N SER A 7 -1.78 2.83 -16.51
CA SER A 7 -1.42 3.44 -15.24
C SER A 7 -0.75 4.80 -15.48
N LYS A 8 0.57 4.79 -15.66
CA LYS A 8 1.30 6.03 -15.93
C LYS A 8 1.01 7.07 -14.85
N ILE A 9 0.80 6.60 -13.62
CA ILE A 9 0.49 7.51 -12.52
C ILE A 9 1.64 8.47 -12.29
N ASP A 10 2.84 7.92 -12.21
CA ASP A 10 4.03 8.75 -12.01
C ASP A 10 3.83 9.74 -10.86
N GLN A 11 3.40 10.95 -11.20
CA GLN A 11 3.18 11.98 -10.17
C GLN A 11 2.09 12.95 -10.62
N PRO A 12 0.84 12.61 -10.37
CA PRO A 12 -0.31 13.48 -10.75
C PRO A 12 -0.43 14.68 -9.82
N ASP A 13 -0.97 15.77 -10.34
CA ASP A 13 -1.15 16.97 -9.55
C ASP A 13 -2.37 16.84 -8.65
N LEU A 14 -2.58 17.82 -7.77
CA LEU A 14 -3.71 17.79 -6.85
C LEU A 14 -5.02 17.96 -7.61
N ALA A 15 -4.93 18.36 -8.86
CA ALA A 15 -6.11 18.57 -9.68
C ALA A 15 -6.83 17.23 -9.92
N GLU A 16 -6.03 16.19 -10.16
CA GLU A 16 -6.57 14.86 -10.39
C GLU A 16 -7.05 14.22 -9.08
N VAL A 17 -6.49 14.69 -7.98
CA VAL A 17 -6.83 14.18 -6.66
C VAL A 17 -8.14 14.80 -6.15
N ALA A 18 -8.22 16.12 -6.23
CA ALA A 18 -9.41 16.82 -5.78
C ALA A 18 -10.62 16.48 -6.65
N ASN A 19 -10.40 16.46 -7.96
CA ASN A 19 -11.47 16.15 -8.91
C ASN A 19 -11.90 14.69 -8.80
N ALA A 20 -10.94 13.83 -8.47
CA ALA A 20 -11.22 12.40 -8.34
C ALA A 20 -12.22 12.16 -7.21
N SER A 21 -13.24 11.36 -7.48
CA SER A 21 -14.27 11.07 -6.46
C SER A 21 -14.70 9.61 -6.50
N LEU A 22 -14.00 8.77 -5.76
CA LEU A 22 -14.34 7.34 -5.70
C LEU A 22 -15.51 7.11 -4.74
N ASP A 23 -16.03 5.89 -4.75
CA ASP A 23 -17.14 5.51 -3.85
C ASP A 23 -16.61 4.69 -2.68
N LYS A 24 -17.13 4.94 -1.49
CA LYS A 24 -16.70 4.20 -0.30
C LYS A 24 -17.05 2.73 -0.44
N LYS A 25 -17.78 2.42 -1.50
CA LYS A 25 -18.18 1.05 -1.78
C LYS A 25 -16.96 0.17 -2.07
N GLN A 26 -15.93 0.78 -2.66
CA GLN A 26 -14.70 0.06 -3.00
C GLN A 26 -13.83 -0.18 -1.77
N VAL A 27 -14.39 0.10 -0.60
CA VAL A 27 -13.68 -0.10 0.66
C VAL A 27 -13.85 -1.55 1.12
N ILE A 28 -12.73 -2.25 1.28
CA ILE A 28 -12.76 -3.65 1.68
C ILE A 28 -12.02 -3.89 2.98
N GLY A 29 -11.35 -2.87 3.47
CA GLY A 29 -10.60 -2.99 4.71
C GLY A 29 -9.93 -1.66 5.05
N ARG A 30 -9.06 -1.66 6.05
CA ARG A 30 -8.40 -0.42 6.45
C ARG A 30 -6.98 -0.69 6.95
N ILE A 31 -6.15 0.34 6.90
CA ILE A 31 -4.76 0.22 7.35
C ILE A 31 -4.46 1.33 8.33
N SER A 32 -3.90 0.94 9.46
CA SER A 32 -3.57 1.91 10.50
C SER A 32 -2.12 1.72 10.95
N ILE A 33 -1.38 2.83 11.03
CA ILE A 33 0.02 2.77 11.42
C ILE A 33 0.36 3.86 12.45
N PRO A 34 0.96 3.52 13.59
CA PRO A 34 1.31 4.52 14.65
C PRO A 34 2.64 5.24 14.35
N SER A 35 3.56 4.51 13.76
CA SER A 35 4.89 5.05 13.47
C SER A 35 4.80 6.42 12.79
N VAL A 36 3.83 6.58 11.91
CA VAL A 36 3.66 7.84 11.17
C VAL A 36 2.30 8.46 11.49
N SER A 37 1.48 7.79 12.28
CA SER A 37 0.15 8.32 12.60
C SER A 37 -0.67 8.36 11.31
N LEU A 38 -0.69 7.24 10.62
CA LEU A 38 -1.39 7.13 9.35
C LEU A 38 -2.60 6.21 9.46
N GLU A 39 -3.73 6.71 9.00
CA GLU A 39 -4.99 5.95 9.02
C GLU A 39 -5.57 6.04 7.61
N LEU A 40 -5.48 4.94 6.83
CA LEU A 40 -5.97 4.97 5.45
C LEU A 40 -6.93 3.81 5.14
N PRO A 41 -7.88 4.01 4.25
CA PRO A 41 -8.83 2.93 3.85
C PRO A 41 -8.19 2.09 2.74
N VAL A 42 -8.46 0.80 2.75
CA VAL A 42 -7.90 -0.08 1.73
C VAL A 42 -8.91 -0.24 0.60
N LEU A 43 -8.56 0.29 -0.57
CA LEU A 43 -9.46 0.21 -1.73
C LEU A 43 -8.98 -0.90 -2.67
N LYS A 44 -9.85 -1.86 -2.92
CA LYS A 44 -9.51 -2.97 -3.81
C LYS A 44 -9.26 -2.46 -5.23
N SER A 45 -10.15 -1.62 -5.70
CA SER A 45 -10.03 -1.06 -7.06
C SER A 45 -8.72 -0.28 -7.23
N SER A 46 -7.71 -0.95 -7.76
CA SER A 46 -6.41 -0.31 -7.97
C SER A 46 -6.44 0.49 -9.25
N THR A 47 -6.71 1.77 -9.11
CA THR A 47 -6.78 2.67 -10.25
C THR A 47 -6.06 3.96 -9.94
N GLU A 48 -5.67 4.69 -10.98
CA GLU A 48 -5.00 5.96 -10.80
C GLU A 48 -5.85 6.93 -10.02
N LYS A 49 -7.16 6.77 -10.13
CA LYS A 49 -8.09 7.64 -9.43
C LYS A 49 -8.32 7.20 -7.97
N ASN A 50 -8.49 5.90 -7.80
CA ASN A 50 -8.73 5.37 -6.47
C ASN A 50 -7.51 5.56 -5.55
N LEU A 51 -6.32 5.44 -6.12
CA LEU A 51 -5.09 5.58 -5.34
C LEU A 51 -4.99 6.97 -4.72
N LEU A 52 -5.72 7.93 -5.28
CA LEU A 52 -5.66 9.29 -4.78
C LEU A 52 -6.34 9.45 -3.41
N SER A 53 -7.39 8.68 -3.17
CA SER A 53 -8.12 8.80 -1.90
C SER A 53 -7.58 7.89 -0.81
N GLY A 54 -6.68 6.98 -1.16
CA GLY A 54 -6.12 6.09 -0.15
C GLY A 54 -5.22 5.02 -0.76
N ALA A 55 -4.70 4.17 0.10
CA ALA A 55 -3.82 3.08 -0.34
C ALA A 55 -4.65 2.00 -1.03
N ALA A 56 -4.26 1.65 -2.25
CA ALA A 56 -4.99 0.62 -3.01
C ALA A 56 -4.22 -0.69 -3.04
N THR A 57 -4.94 -1.80 -3.03
CA THR A 57 -4.31 -3.12 -3.08
C THR A 57 -3.78 -3.36 -4.49
N VAL A 58 -2.71 -4.14 -4.61
CA VAL A 58 -2.11 -4.39 -5.92
C VAL A 58 -2.74 -5.58 -6.65
N LYS A 59 -2.95 -6.69 -5.95
CA LYS A 59 -3.53 -7.89 -6.59
C LYS A 59 -5.05 -7.88 -6.47
N GLU A 60 -5.67 -8.99 -6.88
CA GLU A 60 -7.13 -9.11 -6.87
C GLU A 60 -7.61 -10.14 -5.83
N ASN A 61 -7.11 -11.37 -5.96
CA ASN A 61 -7.49 -12.46 -5.07
C ASN A 61 -6.58 -12.55 -3.87
N GLN A 62 -6.30 -11.41 -3.27
CA GLN A 62 -5.44 -11.36 -2.09
C GLN A 62 -6.28 -11.26 -0.82
N VAL A 63 -5.72 -11.71 0.29
CA VAL A 63 -6.42 -11.69 1.57
C VAL A 63 -5.51 -11.20 2.69
N MET A 64 -6.04 -10.31 3.52
CA MET A 64 -5.28 -9.78 4.65
C MET A 64 -5.01 -10.87 5.68
N GLY A 65 -3.76 -11.01 6.08
CA GLY A 65 -3.39 -12.02 7.07
C GLY A 65 -3.10 -13.35 6.38
N LYS A 66 -3.09 -13.32 5.05
CA LYS A 66 -2.83 -14.54 4.30
C LYS A 66 -2.01 -14.25 3.05
N GLY A 67 -0.84 -14.85 2.95
CA GLY A 67 0.03 -14.62 1.81
C GLY A 67 0.67 -13.25 1.92
N ASN A 68 1.31 -12.81 0.84
CA ASN A 68 1.95 -11.50 0.83
C ASN A 68 0.92 -10.44 0.47
N TYR A 69 0.51 -9.65 1.44
CA TYR A 69 -0.49 -8.60 1.20
C TYR A 69 0.20 -7.35 0.69
N ALA A 70 0.11 -7.11 -0.61
CA ALA A 70 0.75 -5.97 -1.23
C ALA A 70 -0.18 -4.76 -1.26
N LEU A 71 0.33 -3.64 -0.77
CA LEU A 71 -0.41 -2.37 -0.77
C LEU A 71 0.40 -1.28 -1.47
N ALA A 72 -0.26 -0.55 -2.36
CA ALA A 72 0.41 0.52 -3.11
C ALA A 72 -0.11 1.88 -2.69
N GLY A 73 0.81 2.83 -2.62
CA GLY A 73 0.47 4.18 -2.21
C GLY A 73 1.30 5.22 -2.97
N HIS A 74 1.10 6.49 -2.64
CA HIS A 74 1.81 7.59 -3.29
C HIS A 74 3.09 7.95 -2.54
N ASN A 75 4.14 8.31 -3.27
CA ASN A 75 5.43 8.69 -2.67
C ASN A 75 5.66 10.18 -2.84
N MET A 76 4.57 10.94 -2.89
CA MET A 76 4.64 12.38 -3.08
C MET A 76 5.74 12.99 -2.21
N SER A 77 6.23 12.24 -1.23
CA SER A 77 7.28 12.76 -0.36
C SER A 77 6.78 13.97 0.40
N LYS A 78 5.54 13.88 0.85
CA LYS A 78 4.91 14.97 1.59
C LYS A 78 4.24 14.41 2.83
N LYS A 79 4.85 14.65 3.98
CA LYS A 79 4.29 14.15 5.22
C LYS A 79 2.82 14.52 5.31
N GLY A 80 2.01 13.51 5.52
CA GLY A 80 0.56 13.69 5.59
C GLY A 80 -0.13 13.02 4.41
N VAL A 81 0.56 12.91 3.26
CA VAL A 81 -0.03 12.26 2.09
C VAL A 81 0.07 10.74 2.25
N LEU A 82 -0.43 10.00 1.28
CA LEU A 82 -0.40 8.56 1.37
C LEU A 82 1.04 8.05 1.19
N PHE A 83 1.42 7.07 1.98
CA PHE A 83 2.75 6.48 1.87
C PHE A 83 3.82 7.56 1.72
N SER A 84 3.61 8.69 2.37
CA SER A 84 4.55 9.79 2.28
C SER A 84 5.75 9.62 3.21
N ASP A 85 5.66 8.70 4.16
CA ASP A 85 6.75 8.52 5.14
C ASP A 85 6.88 7.06 5.58
N ILE A 86 6.57 6.13 4.70
CA ILE A 86 6.64 4.70 5.02
C ILE A 86 8.10 4.24 5.15
N ALA A 87 9.01 4.92 4.46
CA ALA A 87 10.42 4.55 4.54
C ALA A 87 10.99 4.91 5.90
N SER A 88 10.14 5.43 6.78
CA SER A 88 10.57 5.80 8.11
C SER A 88 10.32 4.66 9.07
N LEU A 89 9.54 3.69 8.62
CA LEU A 89 9.22 2.53 9.43
C LEU A 89 10.46 1.70 9.72
N LYS A 90 10.76 1.56 11.00
CA LYS A 90 11.93 0.79 11.43
C LYS A 90 11.52 -0.63 11.83
N LYS A 91 12.44 -1.56 11.64
CA LYS A 91 12.17 -2.95 11.97
C LYS A 91 11.61 -3.10 13.39
N GLY A 92 10.42 -3.67 13.47
CA GLY A 92 9.77 -3.87 14.76
C GLY A 92 8.64 -2.87 14.95
N ASP A 93 8.18 -2.30 13.85
CA ASP A 93 7.08 -1.32 13.91
C ASP A 93 5.75 -2.07 13.75
N LYS A 94 4.78 -1.72 14.60
CA LYS A 94 3.49 -2.41 14.55
C LYS A 94 2.56 -1.81 13.48
N ILE A 95 1.97 -2.69 12.69
CA ILE A 95 1.04 -2.30 11.63
C ILE A 95 -0.29 -3.02 11.82
N TYR A 96 -1.38 -2.26 11.87
CA TYR A 96 -2.70 -2.83 12.09
C TYR A 96 -3.48 -2.90 10.79
N LEU A 97 -3.86 -4.11 10.39
CA LEU A 97 -4.62 -4.30 9.15
C LEU A 97 -6.06 -4.70 9.46
N TYR A 98 -7.00 -4.15 8.69
CA TYR A 98 -8.42 -4.47 8.88
C TYR A 98 -8.99 -5.20 7.67
N ASP A 99 -9.61 -6.34 7.95
CA ASP A 99 -10.26 -7.14 6.93
C ASP A 99 -11.75 -7.09 7.20
N ASN A 100 -12.50 -7.98 6.56
CA ASN A 100 -13.96 -8.04 6.76
C ASN A 100 -14.38 -7.41 8.10
N GLU A 101 -14.16 -8.17 9.15
CA GLU A 101 -14.48 -7.73 10.51
C GLU A 101 -13.34 -8.13 11.43
N ASN A 102 -12.13 -8.18 10.87
CA ASN A 102 -10.97 -8.64 11.65
C ASN A 102 -9.81 -7.67 11.60
N GLU A 103 -9.09 -7.57 12.73
CA GLU A 103 -7.93 -6.69 12.82
C GLU A 103 -6.67 -7.54 12.91
N TYR A 104 -5.76 -7.34 11.95
CA TYR A 104 -4.51 -8.11 11.89
C TYR A 104 -3.32 -7.29 12.38
N GLU A 105 -2.52 -7.89 13.25
CA GLU A 105 -1.34 -7.23 13.77
C GLU A 105 -0.12 -7.65 12.95
N TYR A 106 0.50 -6.67 12.32
CA TYR A 106 1.68 -6.90 11.49
C TYR A 106 2.88 -6.14 12.05
N ALA A 107 4.06 -6.77 12.00
CA ALA A 107 5.29 -6.11 12.48
C ALA A 107 6.31 -5.99 11.35
N VAL A 108 6.87 -4.79 11.23
CA VAL A 108 7.87 -4.51 10.20
C VAL A 108 9.12 -5.30 10.46
N THR A 109 9.61 -5.92 9.39
CA THR A 109 10.81 -6.77 9.46
C THR A 109 12.03 -6.01 8.94
N GLY A 110 11.81 -5.07 8.03
CA GLY A 110 12.92 -4.30 7.49
C GLY A 110 12.54 -3.62 6.18
N VAL A 111 13.18 -2.48 5.94
CA VAL A 111 12.96 -1.70 4.73
C VAL A 111 14.14 -1.87 3.79
N SER A 112 13.89 -1.80 2.48
CA SER A 112 14.95 -1.99 1.50
C SER A 112 14.67 -1.19 0.22
N GLU A 113 15.72 -0.96 -0.55
CA GLU A 113 15.61 -0.21 -1.81
C GLU A 113 15.75 -1.17 -2.99
N VAL A 114 14.70 -1.28 -3.79
CA VAL A 114 14.71 -2.18 -4.93
C VAL A 114 14.16 -1.51 -6.18
N THR A 115 14.50 -2.05 -7.34
CA THR A 115 14.00 -1.50 -8.59
C THR A 115 12.48 -1.73 -8.67
N PRO A 116 11.79 -1.10 -9.61
CA PRO A 116 10.32 -1.27 -9.74
C PRO A 116 9.95 -2.56 -10.48
N ASP A 117 10.94 -3.18 -11.10
CA ASP A 117 10.73 -4.41 -11.85
C ASP A 117 10.83 -5.64 -10.94
N LYS A 118 11.20 -5.43 -9.69
CA LYS A 118 11.34 -6.51 -8.73
C LYS A 118 9.99 -6.81 -8.07
N TRP A 119 9.10 -7.41 -8.83
CA TRP A 119 7.78 -7.74 -8.33
C TRP A 119 7.85 -8.89 -7.31
N GLU A 120 8.83 -9.76 -7.48
CA GLU A 120 9.01 -10.88 -6.58
C GLU A 120 8.95 -10.42 -5.11
N VAL A 121 9.06 -9.10 -4.94
CA VAL A 121 9.05 -8.49 -3.60
C VAL A 121 7.64 -8.49 -2.97
N VAL A 122 6.61 -8.51 -3.80
CA VAL A 122 5.23 -8.46 -3.34
C VAL A 122 4.50 -9.75 -3.68
N GLU A 123 5.25 -10.64 -4.33
CA GLU A 123 4.67 -11.90 -4.79
C GLU A 123 4.62 -12.93 -3.66
N ASP A 124 3.41 -13.41 -3.40
CA ASP A 124 3.17 -14.43 -2.37
C ASP A 124 4.36 -15.38 -2.22
N HIS A 125 4.83 -15.54 -0.97
CA HIS A 125 5.97 -16.42 -0.70
C HIS A 125 5.50 -17.73 -0.07
N GLY A 126 4.56 -17.66 0.87
CA GLY A 126 4.03 -18.86 1.52
C GLY A 126 3.77 -18.60 3.00
N LYS A 127 3.45 -17.35 3.31
CA LYS A 127 3.17 -16.99 4.70
C LYS A 127 2.30 -15.73 4.77
N ASP A 128 1.92 -15.34 5.98
CA ASP A 128 1.13 -14.13 6.19
C ASP A 128 2.06 -12.95 6.41
N GLU A 129 2.42 -12.32 5.30
CA GLU A 129 3.34 -11.18 5.32
C GLU A 129 2.67 -9.96 4.68
N ILE A 130 3.28 -8.80 4.85
CA ILE A 130 2.76 -7.55 4.27
C ILE A 130 3.86 -6.82 3.48
N THR A 131 3.49 -6.21 2.36
CA THR A 131 4.46 -5.50 1.55
C THR A 131 3.92 -4.15 1.09
N LEU A 132 4.61 -3.06 1.45
CA LEU A 132 4.18 -1.71 1.05
C LEU A 132 5.09 -1.17 -0.04
N ILE A 133 4.48 -0.70 -1.12
CA ILE A 133 5.23 -0.18 -2.27
C ILE A 133 4.57 1.10 -2.80
N THR A 134 5.10 1.61 -3.91
CA THR A 134 4.57 2.84 -4.51
C THR A 134 4.54 2.73 -6.04
N CYS A 135 3.67 3.51 -6.67
CA CYS A 135 3.55 3.51 -8.13
C CYS A 135 4.30 4.70 -8.73
N VAL A 136 5.50 4.46 -9.23
CA VAL A 136 6.33 5.51 -9.81
C VAL A 136 6.99 5.04 -11.11
N SER A 137 7.41 5.98 -11.94
CA SER A 137 8.05 5.64 -13.22
C SER A 137 9.01 6.75 -13.68
N VAL A 138 10.30 6.56 -13.43
CA VAL A 138 11.30 7.56 -13.81
C VAL A 138 12.40 6.91 -14.66
N LYS A 139 12.71 7.53 -15.80
CA LYS A 139 13.74 7.02 -16.69
C LYS A 139 15.11 7.12 -16.01
N ASP A 140 16.16 7.05 -16.79
CA ASP A 140 17.51 7.14 -16.23
C ASP A 140 17.65 6.19 -15.03
N ASN A 141 18.16 6.70 -13.92
CA ASN A 141 18.32 5.89 -12.71
C ASN A 141 17.14 6.11 -11.78
N SER A 142 16.60 5.03 -11.23
CA SER A 142 15.45 5.14 -10.33
C SER A 142 15.42 3.97 -9.34
N LYS A 143 14.78 4.20 -8.19
CA LYS A 143 14.67 3.16 -7.16
C LYS A 143 13.32 3.23 -6.46
N ARG A 144 12.82 2.06 -6.04
CA ARG A 144 11.52 1.97 -5.38
C ARG A 144 11.68 1.55 -3.91
N TYR A 145 11.23 2.41 -3.00
CA TYR A 145 11.29 2.10 -1.57
C TYR A 145 10.18 1.13 -1.21
N VAL A 146 10.54 0.07 -0.49
CA VAL A 146 9.55 -0.94 -0.10
C VAL A 146 9.77 -1.41 1.35
N VAL A 147 8.66 -1.64 2.06
CA VAL A 147 8.71 -2.09 3.45
C VAL A 147 8.03 -3.46 3.59
N ALA A 148 8.72 -4.39 4.23
CA ALA A 148 8.19 -5.74 4.44
C ALA A 148 7.92 -6.00 5.90
N GLY A 149 6.76 -6.56 6.20
CA GLY A 149 6.38 -6.84 7.59
C GLY A 149 5.79 -8.24 7.74
N ASP A 150 5.99 -8.83 8.91
CA ASP A 150 5.50 -10.18 9.20
C ASP A 150 4.32 -10.16 10.17
N LEU A 151 3.38 -11.08 9.99
CA LEU A 151 2.22 -11.17 10.86
C LEU A 151 2.61 -11.65 12.26
N VAL A 152 2.16 -10.91 13.27
CA VAL A 152 2.48 -11.25 14.65
C VAL A 152 1.24 -11.70 15.42
N GLY A 153 0.07 -11.33 14.93
CA GLY A 153 -1.17 -11.71 15.62
C GLY A 153 -2.41 -11.16 14.93
N THR A 154 -3.57 -11.55 15.46
CA THR A 154 -4.84 -11.08 14.90
C THR A 154 -5.93 -11.13 15.96
N LYS A 155 -6.95 -10.31 15.76
CA LYS A 155 -8.09 -10.25 16.67
C LYS A 155 -9.35 -9.89 15.88
N ALA A 156 -10.49 -9.84 16.56
CA ALA A 156 -11.75 -9.50 15.89
C ALA A 156 -12.12 -8.04 16.13
N LYS A 157 -12.69 -7.43 15.10
CA LYS A 157 -13.10 -6.03 15.16
C LYS A 157 -14.15 -5.84 16.24
N LYS A 158 -13.72 -5.75 17.47
CA LYS A 158 -14.65 -5.54 18.57
C LYS A 158 -15.74 -6.61 18.56
N GLY A 1 -15.56 11.23 -22.54
CA GLY A 1 -14.08 11.09 -22.68
C GLY A 1 -13.74 9.67 -23.12
N SER A 2 -13.99 9.39 -24.39
CA SER A 2 -13.70 8.07 -24.95
C SER A 2 -12.18 7.84 -24.97
N HIS A 3 -11.76 6.63 -24.64
CA HIS A 3 -10.34 6.32 -24.65
C HIS A 3 -9.54 7.42 -23.95
N MET A 4 -9.52 7.35 -22.62
CA MET A 4 -8.80 8.35 -21.82
C MET A 4 -7.34 7.95 -21.64
N ASP A 5 -6.66 8.62 -20.72
CA ASP A 5 -5.25 8.32 -20.45
C ASP A 5 -5.12 6.91 -19.89
N ALA A 6 -4.10 6.19 -20.37
CA ALA A 6 -3.89 4.81 -19.92
C ALA A 6 -3.40 4.73 -18.48
N SER A 7 -2.35 5.48 -18.18
CA SER A 7 -1.78 5.48 -16.83
C SER A 7 -1.13 6.83 -16.54
N LYS A 8 0.16 6.95 -16.88
CA LYS A 8 0.86 8.21 -16.68
C LYS A 8 0.63 8.74 -15.27
N ILE A 9 0.59 7.84 -14.29
CA ILE A 9 0.36 8.23 -12.91
C ILE A 9 1.55 9.04 -12.38
N ASP A 10 2.62 8.35 -12.06
CA ASP A 10 3.83 9.00 -11.58
C ASP A 10 3.53 9.83 -10.31
N GLN A 11 3.01 11.03 -10.52
CA GLN A 11 2.69 11.94 -9.42
C GLN A 11 1.52 12.83 -9.80
N PRO A 12 0.31 12.31 -9.86
CA PRO A 12 -0.89 13.11 -10.24
C PRO A 12 -0.88 14.48 -9.56
N ASP A 13 -1.32 15.48 -10.30
CA ASP A 13 -1.37 16.84 -9.79
C ASP A 13 -2.48 16.96 -8.75
N LEU A 14 -2.30 17.88 -7.80
CA LEU A 14 -3.28 18.07 -6.75
C LEU A 14 -4.66 18.34 -7.32
N ALA A 15 -4.70 18.88 -8.52
CA ALA A 15 -5.96 19.20 -9.18
C ALA A 15 -6.73 17.91 -9.46
N GLU A 16 -6.01 16.89 -9.88
CA GLU A 16 -6.62 15.59 -10.19
C GLU A 16 -7.02 14.87 -8.91
N VAL A 17 -6.25 15.08 -7.86
CA VAL A 17 -6.49 14.45 -6.57
C VAL A 17 -7.66 15.11 -5.85
N ALA A 18 -7.66 16.43 -5.85
CA ALA A 18 -8.73 17.18 -5.20
C ALA A 18 -10.07 16.96 -5.91
N ASN A 19 -10.02 16.96 -7.23
CA ASN A 19 -11.21 16.78 -8.05
C ASN A 19 -11.65 15.31 -8.06
N ALA A 20 -10.68 14.42 -7.89
CA ALA A 20 -10.97 12.99 -7.89
C ALA A 20 -11.90 12.63 -6.72
N SER A 21 -12.83 11.71 -6.97
CA SER A 21 -13.78 11.29 -5.94
C SER A 21 -14.01 9.78 -6.00
N LEU A 22 -13.74 9.11 -4.87
CA LEU A 22 -13.90 7.65 -4.77
C LEU A 22 -15.01 7.28 -3.78
N ASP A 23 -15.92 6.42 -4.23
CA ASP A 23 -17.03 5.96 -3.40
C ASP A 23 -16.50 5.06 -2.27
N LYS A 24 -16.99 5.31 -1.06
CA LYS A 24 -16.56 4.52 0.10
C LYS A 24 -16.99 3.07 -0.07
N LYS A 25 -17.80 2.84 -1.08
CA LYS A 25 -18.30 1.50 -1.38
C LYS A 25 -17.15 0.56 -1.76
N GLN A 26 -16.14 1.12 -2.43
CA GLN A 26 -14.98 0.33 -2.88
C GLN A 26 -14.02 0.05 -1.73
N VAL A 27 -14.50 0.28 -0.52
CA VAL A 27 -13.69 0.04 0.69
C VAL A 27 -13.99 -1.33 1.26
N ILE A 28 -12.94 -2.12 1.48
CA ILE A 28 -13.10 -3.49 1.98
C ILE A 28 -12.15 -3.80 3.13
N GLY A 29 -11.39 -2.81 3.55
CA GLY A 29 -10.43 -3.00 4.64
C GLY A 29 -9.86 -1.66 5.03
N ARG A 30 -8.95 -1.65 6.01
CA ARG A 30 -8.36 -0.40 6.44
C ARG A 30 -6.92 -0.58 6.88
N ILE A 31 -6.13 0.49 6.73
CA ILE A 31 -4.71 0.47 7.11
C ILE A 31 -4.49 1.54 8.17
N SER A 32 -3.95 1.13 9.31
CA SER A 32 -3.69 2.05 10.41
C SER A 32 -2.25 1.90 10.87
N ILE A 33 -1.54 3.01 10.96
CA ILE A 33 -0.12 2.99 11.35
C ILE A 33 0.19 4.06 12.42
N PRO A 34 0.84 3.72 13.53
CA PRO A 34 1.19 4.71 14.60
C PRO A 34 2.47 5.47 14.27
N SER A 35 3.41 4.76 13.63
CA SER A 35 4.71 5.32 13.31
C SER A 35 4.58 6.70 12.67
N VAL A 36 3.57 6.87 11.81
CA VAL A 36 3.36 8.13 11.11
C VAL A 36 1.95 8.68 11.42
N SER A 37 1.17 7.96 12.22
CA SER A 37 -0.19 8.42 12.52
C SER A 37 -0.98 8.49 11.22
N LEU A 38 -0.99 7.38 10.50
CA LEU A 38 -1.66 7.30 9.21
C LEU A 38 -2.83 6.32 9.25
N GLU A 39 -3.95 6.77 8.71
CA GLU A 39 -5.16 5.96 8.63
C GLU A 39 -5.65 6.03 7.20
N LEU A 40 -5.62 4.90 6.49
CA LEU A 40 -6.03 4.90 5.07
C LEU A 40 -6.92 3.72 4.66
N PRO A 41 -8.23 3.91 4.50
CA PRO A 41 -9.13 2.82 4.02
C PRO A 41 -8.45 2.03 2.89
N VAL A 42 -8.45 0.72 2.99
CA VAL A 42 -7.85 -0.12 1.96
C VAL A 42 -8.85 -0.30 0.83
N LEU A 43 -8.39 -0.02 -0.38
CA LEU A 43 -9.27 -0.13 -1.56
C LEU A 43 -8.80 -1.28 -2.45
N LYS A 44 -9.70 -2.22 -2.70
CA LYS A 44 -9.39 -3.37 -3.54
C LYS A 44 -9.10 -2.93 -4.98
N SER A 45 -9.96 -2.07 -5.50
CA SER A 45 -9.82 -1.57 -6.87
C SER A 45 -8.57 -0.70 -7.00
N SER A 46 -7.50 -1.28 -7.55
CA SER A 46 -6.25 -0.55 -7.74
C SER A 46 -6.28 0.20 -9.06
N THR A 47 -6.61 1.48 -8.98
CA THR A 47 -6.68 2.33 -10.16
C THR A 47 -6.07 3.68 -9.85
N GLU A 48 -5.62 4.34 -10.91
CA GLU A 48 -5.00 5.65 -10.76
C GLU A 48 -5.91 6.57 -9.96
N LYS A 49 -7.20 6.42 -10.16
CA LYS A 49 -8.18 7.24 -9.47
C LYS A 49 -8.35 6.80 -8.01
N ASN A 50 -8.48 5.50 -7.81
CA ASN A 50 -8.69 4.95 -6.47
C ASN A 50 -7.48 5.22 -5.57
N LEU A 51 -6.29 5.13 -6.15
CA LEU A 51 -5.06 5.34 -5.39
C LEU A 51 -5.02 6.72 -4.75
N LEU A 52 -5.80 7.65 -5.29
CA LEU A 52 -5.82 9.01 -4.79
C LEU A 52 -6.47 9.13 -3.40
N SER A 53 -7.44 8.28 -3.13
CA SER A 53 -8.16 8.34 -1.86
C SER A 53 -7.50 7.50 -0.76
N GLY A 54 -6.54 6.66 -1.11
CA GLY A 54 -5.89 5.83 -0.10
C GLY A 54 -5.03 4.73 -0.73
N ALA A 55 -4.45 3.91 0.13
CA ALA A 55 -3.61 2.81 -0.33
C ALA A 55 -4.47 1.72 -0.95
N ALA A 56 -4.12 1.32 -2.17
CA ALA A 56 -4.88 0.27 -2.88
C ALA A 56 -4.11 -1.05 -2.89
N THR A 57 -4.85 -2.16 -2.85
CA THR A 57 -4.24 -3.47 -2.89
C THR A 57 -3.77 -3.77 -4.31
N VAL A 58 -2.74 -4.59 -4.45
CA VAL A 58 -2.19 -4.89 -5.79
C VAL A 58 -2.95 -6.00 -6.51
N LYS A 59 -3.13 -7.14 -5.85
CA LYS A 59 -3.82 -8.28 -6.49
C LYS A 59 -5.31 -8.25 -6.15
N GLU A 60 -6.13 -8.55 -7.15
CA GLU A 60 -7.59 -8.56 -6.99
C GLU A 60 -8.07 -9.77 -6.20
N ASN A 61 -7.15 -10.62 -5.77
CA ASN A 61 -7.51 -11.84 -5.05
C ASN A 61 -6.56 -12.09 -3.88
N GLN A 62 -6.17 -11.01 -3.22
CA GLN A 62 -5.27 -11.09 -2.08
C GLN A 62 -6.09 -11.27 -0.79
N VAL A 63 -5.48 -11.91 0.21
CA VAL A 63 -6.16 -12.14 1.48
C VAL A 63 -5.27 -11.70 2.64
N MET A 64 -5.84 -10.89 3.53
CA MET A 64 -5.08 -10.42 4.69
C MET A 64 -4.83 -11.57 5.66
N GLY A 65 -3.57 -11.74 6.03
CA GLY A 65 -3.19 -12.80 6.96
C GLY A 65 -2.80 -14.06 6.20
N LYS A 66 -2.84 -13.99 4.88
CA LYS A 66 -2.49 -15.14 4.06
C LYS A 66 -1.70 -14.71 2.84
N GLY A 67 -0.50 -15.26 2.70
CA GLY A 67 0.36 -14.92 1.58
C GLY A 67 0.93 -13.53 1.76
N ASN A 68 1.56 -13.00 0.72
CA ASN A 68 2.15 -11.67 0.80
C ASN A 68 1.10 -10.63 0.45
N TYR A 69 0.69 -9.84 1.45
CA TYR A 69 -0.31 -8.80 1.25
C TYR A 69 0.34 -7.54 0.72
N ALA A 70 0.21 -7.30 -0.58
CA ALA A 70 0.81 -6.15 -1.22
C ALA A 70 -0.13 -4.95 -1.23
N LEU A 71 0.40 -3.82 -0.76
CA LEU A 71 -0.33 -2.55 -0.73
C LEU A 71 0.45 -1.48 -1.50
N ALA A 72 -0.24 -0.79 -2.40
CA ALA A 72 0.39 0.24 -3.22
C ALA A 72 -0.11 1.62 -2.82
N GLY A 73 0.81 2.57 -2.78
CA GLY A 73 0.49 3.94 -2.40
C GLY A 73 1.29 4.95 -3.21
N HIS A 74 1.07 6.23 -2.91
CA HIS A 74 1.77 7.32 -3.61
C HIS A 74 3.06 7.69 -2.87
N ASN A 75 4.11 7.98 -3.63
CA ASN A 75 5.42 8.34 -3.06
C ASN A 75 5.69 9.83 -3.29
N MET A 76 4.62 10.61 -3.34
CA MET A 76 4.73 12.04 -3.57
C MET A 76 5.86 12.66 -2.76
N SER A 77 6.35 11.93 -1.76
CA SER A 77 7.43 12.43 -0.93
C SER A 77 7.00 13.71 -0.22
N LYS A 78 5.76 13.72 0.21
CA LYS A 78 5.18 14.88 0.89
C LYS A 78 4.47 14.42 2.13
N LYS A 79 5.07 14.67 3.26
CA LYS A 79 4.47 14.26 4.51
C LYS A 79 3.04 14.74 4.59
N GLY A 80 2.15 13.81 4.82
CA GLY A 80 0.72 14.10 4.90
C GLY A 80 -0.04 13.40 3.76
N VAL A 81 0.63 13.18 2.62
CA VAL A 81 -0.01 12.49 1.49
C VAL A 81 0.04 10.99 1.73
N LEU A 82 -0.50 10.23 0.80
CA LEU A 82 -0.54 8.79 0.95
C LEU A 82 0.87 8.20 0.82
N PHE A 83 1.22 7.29 1.72
CA PHE A 83 2.52 6.62 1.68
C PHE A 83 3.65 7.64 1.49
N SER A 84 3.49 8.81 2.09
CA SER A 84 4.49 9.87 1.97
C SER A 84 5.67 9.69 2.95
N ASP A 85 5.51 8.85 3.96
CA ASP A 85 6.56 8.68 4.98
C ASP A 85 6.66 7.23 5.46
N ILE A 86 6.34 6.29 4.58
CA ILE A 86 6.42 4.88 4.93
C ILE A 86 7.87 4.40 5.08
N ALA A 87 8.78 5.07 4.40
CA ALA A 87 10.18 4.70 4.48
C ALA A 87 10.76 5.08 5.85
N SER A 88 9.91 5.60 6.72
CA SER A 88 10.34 6.01 8.05
C SER A 88 10.07 4.89 9.03
N LEU A 89 9.31 3.91 8.59
CA LEU A 89 8.96 2.78 9.42
C LEU A 89 10.21 1.99 9.79
N LYS A 90 10.41 1.82 11.09
CA LYS A 90 11.56 1.08 11.60
C LYS A 90 11.18 -0.36 11.92
N LYS A 91 12.18 -1.23 11.91
CA LYS A 91 11.96 -2.64 12.17
C LYS A 91 11.35 -2.87 13.55
N GLY A 92 10.27 -3.64 13.57
CA GLY A 92 9.55 -3.94 14.80
C GLY A 92 8.47 -2.91 15.05
N ASP A 93 8.06 -2.23 13.98
CA ASP A 93 7.01 -1.22 14.08
C ASP A 93 5.64 -1.89 13.96
N LYS A 94 4.69 -1.47 14.79
CA LYS A 94 3.37 -2.08 14.78
C LYS A 94 2.47 -1.51 13.68
N ILE A 95 1.91 -2.43 12.87
CA ILE A 95 1.01 -2.05 11.79
C ILE A 95 -0.34 -2.75 11.98
N TYR A 96 -1.41 -1.96 12.01
CA TYR A 96 -2.75 -2.48 12.21
C TYR A 96 -3.51 -2.48 10.89
N LEU A 97 -3.86 -3.68 10.43
CA LEU A 97 -4.57 -3.84 9.16
C LEU A 97 -5.95 -4.44 9.40
N TYR A 98 -6.93 -4.02 8.60
CA TYR A 98 -8.30 -4.51 8.76
C TYR A 98 -8.76 -5.27 7.52
N ASP A 99 -9.35 -6.43 7.78
CA ASP A 99 -9.90 -7.30 6.75
C ASP A 99 -11.42 -7.25 6.85
N ASN A 100 -12.10 -8.17 6.16
CA ASN A 100 -13.56 -8.24 6.19
C ASN A 100 -14.12 -7.73 7.53
N GLU A 101 -13.90 -8.53 8.56
CA GLU A 101 -14.33 -8.20 9.92
C GLU A 101 -13.21 -8.54 10.88
N ASN A 102 -11.97 -8.54 10.38
CA ASN A 102 -10.83 -8.94 11.20
C ASN A 102 -9.73 -7.88 11.22
N GLU A 103 -9.10 -7.74 12.39
CA GLU A 103 -7.99 -6.81 12.56
C GLU A 103 -6.71 -7.61 12.68
N TYR A 104 -5.80 -7.35 11.75
CA TYR A 104 -4.52 -8.07 11.70
C TYR A 104 -3.39 -7.20 12.23
N GLU A 105 -2.60 -7.78 13.13
CA GLU A 105 -1.45 -7.09 13.69
C GLU A 105 -0.21 -7.48 12.90
N TYR A 106 0.40 -6.50 12.26
CA TYR A 106 1.60 -6.75 11.45
C TYR A 106 2.79 -5.99 12.03
N ALA A 107 3.96 -6.63 12.05
CA ALA A 107 5.17 -5.97 12.55
C ALA A 107 6.22 -5.85 11.45
N VAL A 108 6.84 -4.67 11.37
CA VAL A 108 7.87 -4.40 10.38
C VAL A 108 9.10 -5.20 10.68
N THR A 109 9.64 -5.84 9.63
CA THR A 109 10.82 -6.68 9.73
C THR A 109 12.04 -5.98 9.16
N GLY A 110 11.81 -5.08 8.20
CA GLY A 110 12.92 -4.36 7.59
C GLY A 110 12.48 -3.62 6.33
N VAL A 111 13.22 -2.58 6.02
CA VAL A 111 12.95 -1.74 4.85
C VAL A 111 14.06 -1.93 3.82
N SER A 112 13.69 -1.89 2.55
CA SER A 112 14.68 -2.08 1.48
C SER A 112 14.22 -1.43 0.17
N GLU A 113 15.15 -1.30 -0.76
CA GLU A 113 14.88 -0.69 -2.07
C GLU A 113 15.25 -1.67 -3.18
N VAL A 114 14.32 -1.90 -4.09
CA VAL A 114 14.56 -2.84 -5.19
C VAL A 114 14.03 -2.29 -6.50
N THR A 115 14.62 -2.76 -7.61
CA THR A 115 14.19 -2.30 -8.91
C THR A 115 12.69 -2.61 -9.08
N PRO A 116 11.86 -1.66 -9.49
CA PRO A 116 10.39 -1.92 -9.65
C PRO A 116 10.12 -3.23 -10.39
N ASP A 117 11.15 -3.78 -11.01
CA ASP A 117 10.99 -5.02 -11.78
C ASP A 117 11.00 -6.23 -10.88
N LYS A 118 11.37 -6.03 -9.61
CA LYS A 118 11.40 -7.11 -8.63
C LYS A 118 10.02 -7.27 -8.00
N TRP A 119 9.11 -7.84 -8.76
CA TRP A 119 7.75 -8.04 -8.28
C TRP A 119 7.68 -9.16 -7.25
N GLU A 120 8.73 -9.96 -7.19
CA GLU A 120 8.78 -11.05 -6.21
C GLU A 120 8.51 -10.51 -4.81
N VAL A 121 9.00 -9.30 -4.56
CA VAL A 121 8.84 -8.67 -3.25
C VAL A 121 7.39 -8.26 -2.99
N VAL A 122 6.52 -8.49 -3.96
CA VAL A 122 5.12 -8.11 -3.84
C VAL A 122 4.23 -9.33 -4.01
N GLU A 123 4.86 -10.39 -4.49
CA GLU A 123 4.16 -11.64 -4.75
C GLU A 123 4.11 -12.54 -3.52
N ASP A 124 3.37 -13.62 -3.65
CA ASP A 124 3.18 -14.62 -2.59
C ASP A 124 4.37 -15.60 -2.55
N HIS A 125 4.92 -15.81 -1.36
CA HIS A 125 6.05 -16.74 -1.20
C HIS A 125 5.65 -18.00 -0.43
N GLY A 126 4.87 -17.82 0.64
CA GLY A 126 4.42 -18.96 1.45
C GLY A 126 4.28 -18.58 2.92
N LYS A 127 4.05 -17.29 3.15
CA LYS A 127 3.92 -16.79 4.52
C LYS A 127 3.02 -15.56 4.55
N ASP A 128 2.58 -15.17 5.75
CA ASP A 128 1.73 -14.00 5.92
C ASP A 128 2.56 -12.77 6.26
N GLU A 129 3.00 -12.08 5.23
CA GLU A 129 3.82 -10.88 5.38
C GLU A 129 3.26 -9.74 4.55
N ILE A 130 3.06 -8.57 5.16
CA ILE A 130 2.54 -7.41 4.45
C ILE A 130 3.68 -6.75 3.66
N THR A 131 3.35 -6.15 2.51
CA THR A 131 4.38 -5.49 1.70
C THR A 131 3.87 -4.15 1.17
N LEU A 132 4.60 -3.08 1.49
CA LEU A 132 4.24 -1.73 1.04
C LEU A 132 5.22 -1.23 -0.01
N ILE A 133 4.67 -0.82 -1.15
CA ILE A 133 5.46 -0.34 -2.28
C ILE A 133 4.83 0.92 -2.88
N THR A 134 5.63 1.64 -3.67
CA THR A 134 5.15 2.85 -4.32
C THR A 134 4.40 2.50 -5.61
N CYS A 135 3.63 3.46 -6.13
CA CYS A 135 2.84 3.25 -7.35
C CYS A 135 3.55 3.79 -8.59
N VAL A 136 4.88 3.83 -8.53
CA VAL A 136 5.69 4.33 -9.65
C VAL A 136 6.29 3.16 -10.45
N SER A 137 5.67 2.79 -11.57
CA SER A 137 6.17 1.67 -12.36
C SER A 137 5.46 1.57 -13.71
N VAL A 138 4.84 2.66 -14.13
CA VAL A 138 4.10 2.68 -15.40
C VAL A 138 4.93 3.27 -16.53
N LYS A 139 6.13 3.73 -16.19
CA LYS A 139 7.01 4.36 -17.17
C LYS A 139 8.47 3.99 -16.88
N ASP A 140 9.34 4.99 -16.87
CA ASP A 140 10.74 4.77 -16.60
C ASP A 140 10.94 4.29 -15.16
N ASN A 141 11.87 3.36 -14.97
CA ASN A 141 12.14 2.84 -13.63
C ASN A 141 12.57 3.97 -12.71
N SER A 142 12.29 3.83 -11.41
CA SER A 142 12.65 4.86 -10.44
C SER A 142 12.90 4.28 -9.06
N LYS A 143 13.82 4.91 -8.33
CA LYS A 143 14.16 4.47 -6.98
C LYS A 143 12.95 4.64 -6.06
N ARG A 144 12.67 3.61 -5.27
CA ARG A 144 11.53 3.64 -4.36
C ARG A 144 11.84 2.95 -3.03
N TYR A 145 11.00 3.21 -2.03
CA TYR A 145 11.14 2.62 -0.70
C TYR A 145 10.10 1.53 -0.49
N VAL A 146 10.53 0.39 0.04
CA VAL A 146 9.62 -0.74 0.29
C VAL A 146 9.77 -1.25 1.73
N VAL A 147 8.64 -1.43 2.38
CA VAL A 147 8.60 -1.92 3.78
C VAL A 147 7.86 -3.25 3.87
N ALA A 148 8.52 -4.23 4.50
CA ALA A 148 7.93 -5.56 4.67
C ALA A 148 7.65 -5.83 6.13
N GLY A 149 6.47 -6.36 6.42
CA GLY A 149 6.06 -6.66 7.79
C GLY A 149 5.53 -8.06 7.92
N ASP A 150 5.90 -8.69 9.03
CA ASP A 150 5.50 -10.07 9.31
C ASP A 150 4.30 -10.12 10.26
N LEU A 151 3.38 -11.06 9.99
CA LEU A 151 2.19 -11.21 10.82
C LEU A 151 2.58 -11.67 12.22
N VAL A 152 2.13 -10.91 13.21
CA VAL A 152 2.44 -11.21 14.61
C VAL A 152 1.19 -11.67 15.37
N GLY A 153 0.02 -11.32 14.84
CA GLY A 153 -1.22 -11.71 15.52
C GLY A 153 -2.46 -11.22 14.76
N THR A 154 -3.63 -11.64 15.26
CA THR A 154 -4.90 -11.26 14.65
C THR A 154 -6.03 -11.28 15.67
N LYS A 155 -7.02 -10.46 15.44
CA LYS A 155 -8.18 -10.38 16.31
C LYS A 155 -9.41 -9.96 15.50
N ALA A 156 -10.56 -9.90 16.16
CA ALA A 156 -11.79 -9.48 15.48
C ALA A 156 -12.03 -8.00 15.66
N LYS A 157 -12.63 -7.40 14.65
CA LYS A 157 -12.92 -5.98 14.67
C LYS A 157 -13.88 -5.64 15.81
N LYS A 158 -13.35 -5.53 17.02
CA LYS A 158 -14.20 -5.18 18.14
C LYS A 158 -15.32 -6.21 18.30
N GLY A 1 1.74 10.65 -21.98
CA GLY A 1 2.30 9.89 -20.82
C GLY A 1 1.88 8.43 -20.93
N SER A 2 2.86 7.56 -21.06
CA SER A 2 2.57 6.13 -21.19
C SER A 2 1.77 5.87 -22.45
N HIS A 3 2.17 4.86 -23.20
CA HIS A 3 1.47 4.53 -24.44
C HIS A 3 0.05 4.04 -24.17
N MET A 4 -0.12 3.23 -23.13
CA MET A 4 -1.43 2.70 -22.81
C MET A 4 -1.43 2.09 -21.42
N ASP A 5 -0.24 1.80 -20.91
CA ASP A 5 -0.10 1.21 -19.58
C ASP A 5 -0.87 2.02 -18.53
N ALA A 6 -1.55 1.33 -17.64
CA ALA A 6 -2.33 1.97 -16.59
C ALA A 6 -1.43 2.57 -15.51
N SER A 7 -0.14 2.26 -15.57
CA SER A 7 0.81 2.76 -14.57
C SER A 7 1.33 4.15 -14.93
N LYS A 8 0.47 4.95 -15.55
CA LYS A 8 0.84 6.30 -15.97
C LYS A 8 0.57 7.32 -14.85
N ILE A 9 0.63 6.86 -13.63
CA ILE A 9 0.35 7.73 -12.49
C ILE A 9 1.40 8.84 -12.40
N ASP A 10 2.65 8.46 -12.55
CA ASP A 10 3.75 9.40 -12.50
C ASP A 10 3.65 10.29 -11.26
N GLN A 11 3.09 11.49 -11.41
CA GLN A 11 2.96 12.43 -10.30
C GLN A 11 1.76 13.36 -10.50
N PRO A 12 0.58 12.96 -10.08
CA PRO A 12 -0.63 13.81 -10.23
C PRO A 12 -0.62 15.01 -9.26
N ASP A 13 -1.27 16.09 -9.67
CA ASP A 13 -1.31 17.29 -8.82
C ASP A 13 -2.34 17.11 -7.70
N LEU A 14 -2.22 17.93 -6.66
CA LEU A 14 -3.14 17.85 -5.53
C LEU A 14 -4.55 18.22 -5.96
N ALA A 15 -4.68 18.91 -7.07
CA ALA A 15 -5.98 19.31 -7.56
C ALA A 15 -6.80 18.08 -7.95
N GLU A 16 -6.12 17.10 -8.53
CA GLU A 16 -6.79 15.87 -8.95
C GLU A 16 -7.13 15.00 -7.74
N VAL A 17 -6.27 15.08 -6.74
CA VAL A 17 -6.45 14.29 -5.50
C VAL A 17 -7.53 14.90 -4.62
N ALA A 18 -7.48 16.21 -4.49
CA ALA A 18 -8.47 16.91 -3.68
C ALA A 18 -9.86 16.82 -4.31
N ASN A 19 -9.91 16.91 -5.64
CA ASN A 19 -11.17 16.87 -6.36
C ASN A 19 -11.62 15.42 -6.60
N ALA A 20 -10.67 14.50 -6.56
CA ALA A 20 -10.99 13.09 -6.77
C ALA A 20 -11.97 12.59 -5.72
N SER A 21 -13.23 12.43 -6.14
CA SER A 21 -14.29 11.95 -5.25
C SER A 21 -14.47 10.44 -5.42
N LEU A 22 -14.11 9.69 -4.38
CA LEU A 22 -14.21 8.23 -4.42
C LEU A 22 -15.22 7.70 -3.39
N ASP A 23 -16.08 6.81 -3.84
CA ASP A 23 -17.09 6.22 -2.97
C ASP A 23 -16.48 5.09 -2.13
N LYS A 24 -17.01 4.90 -0.92
CA LYS A 24 -16.52 3.85 -0.02
C LYS A 24 -16.87 2.48 -0.60
N LYS A 25 -17.50 2.50 -1.76
CA LYS A 25 -17.89 1.27 -2.43
C LYS A 25 -16.65 0.45 -2.81
N GLN A 26 -15.62 1.13 -3.32
CA GLN A 26 -14.39 0.47 -3.74
C GLN A 26 -13.51 0.16 -2.52
N VAL A 27 -14.01 0.54 -1.35
CA VAL A 27 -13.27 0.31 -0.10
C VAL A 27 -13.83 -0.93 0.59
N ILE A 28 -12.93 -1.84 0.98
CA ILE A 28 -13.34 -3.09 1.62
C ILE A 28 -12.50 -3.40 2.85
N GLY A 29 -11.66 -2.46 3.24
CA GLY A 29 -10.81 -2.66 4.41
C GLY A 29 -10.15 -1.36 4.80
N ARG A 30 -9.23 -1.41 5.76
CA ARG A 30 -8.56 -0.19 6.20
C ARG A 30 -7.17 -0.50 6.76
N ILE A 31 -6.28 0.50 6.67
CA ILE A 31 -4.91 0.36 7.16
C ILE A 31 -4.59 1.52 8.10
N SER A 32 -4.05 1.18 9.27
CA SER A 32 -3.70 2.20 10.27
C SER A 32 -2.25 2.02 10.70
N ILE A 33 -1.50 3.12 10.70
CA ILE A 33 -0.08 3.07 11.07
C ILE A 33 0.28 4.17 12.09
N PRO A 34 0.71 3.83 13.30
CA PRO A 34 1.08 4.85 14.33
C PRO A 34 2.46 5.44 14.05
N SER A 35 3.37 4.59 13.57
CA SER A 35 4.74 5.00 13.30
C SER A 35 4.80 6.25 12.44
N VAL A 36 3.91 6.35 11.46
CA VAL A 36 3.92 7.50 10.55
C VAL A 36 2.67 8.35 10.76
N SER A 37 1.76 7.86 11.59
CA SER A 37 0.53 8.60 11.85
C SER A 37 -0.30 8.62 10.57
N LEU A 38 -0.43 7.44 9.96
CA LEU A 38 -1.18 7.29 8.73
C LEU A 38 -2.43 6.44 8.95
N GLU A 39 -3.55 6.96 8.46
CA GLU A 39 -4.84 6.25 8.56
C GLU A 39 -5.49 6.32 7.19
N LEU A 40 -5.71 5.17 6.54
CA LEU A 40 -6.28 5.19 5.19
C LEU A 40 -7.19 3.98 4.91
N PRO A 41 -7.98 4.04 3.86
CA PRO A 41 -8.87 2.92 3.47
C PRO A 41 -8.09 1.97 2.56
N VAL A 42 -8.57 0.75 2.41
CA VAL A 42 -7.92 -0.22 1.55
C VAL A 42 -8.82 -0.52 0.36
N LEU A 43 -8.31 -0.30 -0.85
CA LEU A 43 -9.10 -0.55 -2.05
C LEU A 43 -8.65 -1.86 -2.70
N LYS A 44 -9.59 -2.76 -2.89
CA LYS A 44 -9.30 -4.06 -3.51
C LYS A 44 -8.86 -3.88 -4.96
N SER A 45 -9.63 -3.10 -5.71
CA SER A 45 -9.31 -2.87 -7.12
C SER A 45 -8.30 -1.75 -7.28
N SER A 46 -7.15 -2.05 -7.87
CA SER A 46 -6.12 -1.03 -8.08
C SER A 46 -6.36 -0.31 -9.40
N THR A 47 -6.59 1.00 -9.30
CA THR A 47 -6.83 1.82 -10.48
C THR A 47 -6.13 3.17 -10.34
N GLU A 48 -6.08 3.92 -11.42
CA GLU A 48 -5.45 5.23 -11.40
C GLU A 48 -6.28 6.22 -10.58
N LYS A 49 -7.58 6.07 -10.64
CA LYS A 49 -8.48 6.97 -9.92
C LYS A 49 -8.62 6.59 -8.44
N ASN A 50 -8.73 5.31 -8.17
CA ASN A 50 -8.88 4.85 -6.79
C ASN A 50 -7.60 5.06 -5.96
N LEU A 51 -6.46 5.21 -6.63
CA LEU A 51 -5.21 5.40 -5.91
C LEU A 51 -5.17 6.76 -5.22
N LEU A 52 -6.03 7.66 -5.65
CA LEU A 52 -6.06 9.01 -5.09
C LEU A 52 -6.71 9.05 -3.69
N SER A 53 -7.43 8.00 -3.31
CA SER A 53 -8.11 7.99 -2.00
C SER A 53 -7.31 7.27 -0.92
N GLY A 54 -6.28 6.52 -1.31
CA GLY A 54 -5.48 5.81 -0.31
C GLY A 54 -4.59 4.75 -0.92
N ALA A 55 -4.35 3.69 -0.15
CA ALA A 55 -3.51 2.59 -0.60
C ALA A 55 -4.39 1.49 -1.20
N ALA A 56 -4.06 1.10 -2.44
CA ALA A 56 -4.82 0.05 -3.12
C ALA A 56 -4.05 -1.27 -3.12
N THR A 57 -4.79 -2.37 -3.07
CA THR A 57 -4.17 -3.69 -3.10
C THR A 57 -3.63 -3.97 -4.50
N VAL A 58 -2.56 -4.74 -4.60
CA VAL A 58 -1.95 -5.03 -5.89
C VAL A 58 -2.62 -6.19 -6.63
N LYS A 59 -2.90 -7.29 -5.94
CA LYS A 59 -3.51 -8.45 -6.60
C LYS A 59 -5.03 -8.34 -6.55
N GLU A 60 -5.71 -9.43 -6.96
CA GLU A 60 -7.17 -9.46 -7.00
C GLU A 60 -7.74 -10.63 -6.19
N ASN A 61 -6.86 -11.47 -5.66
CA ASN A 61 -7.30 -12.63 -4.89
C ASN A 61 -6.40 -12.84 -3.67
N GLN A 62 -5.97 -11.74 -3.07
CA GLN A 62 -5.11 -11.81 -1.90
C GLN A 62 -5.95 -11.78 -0.63
N VAL A 63 -5.39 -12.26 0.47
CA VAL A 63 -6.11 -12.28 1.75
C VAL A 63 -5.22 -11.76 2.87
N MET A 64 -5.76 -10.86 3.69
CA MET A 64 -5.01 -10.31 4.81
C MET A 64 -4.72 -11.39 5.83
N GLY A 65 -3.45 -11.53 6.18
CA GLY A 65 -3.02 -12.53 7.16
C GLY A 65 -2.63 -13.82 6.48
N LYS A 66 -2.69 -13.83 5.15
CA LYS A 66 -2.32 -15.01 4.39
C LYS A 66 -1.60 -14.62 3.12
N GLY A 67 -0.43 -15.21 2.93
CA GLY A 67 0.37 -14.92 1.74
C GLY A 67 0.97 -13.53 1.84
N ASN A 68 1.67 -13.11 0.79
CA ASN A 68 2.29 -11.79 0.81
C ASN A 68 1.24 -10.73 0.48
N TYR A 69 0.84 -9.94 1.48
CA TYR A 69 -0.17 -8.91 1.29
C TYR A 69 0.49 -7.64 0.76
N ALA A 70 0.39 -7.44 -0.54
CA ALA A 70 0.99 -6.27 -1.18
C ALA A 70 0.03 -5.10 -1.27
N LEU A 71 0.50 -3.94 -0.79
CA LEU A 71 -0.29 -2.71 -0.84
C LEU A 71 0.48 -1.62 -1.59
N ALA A 72 -0.20 -0.94 -2.51
CA ALA A 72 0.42 0.10 -3.31
C ALA A 72 -0.13 1.46 -2.93
N GLY A 73 0.77 2.44 -2.89
CA GLY A 73 0.40 3.80 -2.53
C GLY A 73 1.22 4.84 -3.30
N HIS A 74 0.96 6.12 -3.00
CA HIS A 74 1.66 7.22 -3.66
C HIS A 74 3.00 7.51 -2.97
N ASN A 75 3.96 8.01 -3.76
CA ASN A 75 5.29 8.35 -3.25
C ASN A 75 5.52 9.86 -3.35
N MET A 76 4.43 10.60 -3.29
CA MET A 76 4.51 12.05 -3.41
C MET A 76 5.63 12.63 -2.54
N SER A 77 6.16 11.81 -1.65
CA SER A 77 7.24 12.26 -0.77
C SER A 77 6.82 13.56 -0.10
N LYS A 78 5.57 13.60 0.35
CA LYS A 78 5.02 14.79 0.99
C LYS A 78 4.24 14.40 2.22
N LYS A 79 4.67 14.89 3.36
CA LYS A 79 4.00 14.58 4.59
C LYS A 79 2.56 15.08 4.57
N GLY A 80 1.66 14.16 4.81
CA GLY A 80 0.23 14.46 4.77
C GLY A 80 -0.41 13.94 3.47
N VAL A 81 0.15 12.86 2.91
CA VAL A 81 -0.39 12.24 1.69
C VAL A 81 -0.36 10.72 1.82
N LEU A 82 -0.92 10.00 0.84
CA LEU A 82 -0.95 8.54 0.91
C LEU A 82 0.45 7.94 0.78
N PHE A 83 0.79 7.03 1.70
CA PHE A 83 2.08 6.35 1.67
C PHE A 83 3.21 7.37 1.45
N SER A 84 3.02 8.57 1.97
CA SER A 84 4.02 9.62 1.80
C SER A 84 5.16 9.52 2.82
N ASP A 85 5.03 8.67 3.85
CA ASP A 85 6.07 8.57 4.88
C ASP A 85 6.21 7.14 5.39
N ILE A 86 5.78 6.17 4.59
CA ILE A 86 5.89 4.76 4.97
C ILE A 86 7.36 4.30 4.97
N ALA A 87 8.18 4.92 4.16
CA ALA A 87 9.61 4.55 4.10
C ALA A 87 10.30 4.90 5.41
N SER A 88 9.54 5.44 6.36
CA SER A 88 10.11 5.81 7.65
C SER A 88 9.89 4.69 8.64
N LEU A 89 9.07 3.73 8.23
CA LEU A 89 8.76 2.59 9.08
C LEU A 89 10.03 1.80 9.40
N LYS A 90 10.35 1.74 10.68
CA LYS A 90 11.53 1.02 11.16
C LYS A 90 11.17 -0.36 11.65
N LYS A 91 12.18 -1.16 11.93
CA LYS A 91 11.98 -2.51 12.41
C LYS A 91 11.37 -2.56 13.80
N GLY A 92 10.41 -3.47 13.94
CA GLY A 92 9.70 -3.66 15.18
C GLY A 92 8.60 -2.62 15.30
N ASP A 93 8.19 -2.05 14.16
CA ASP A 93 7.11 -1.06 14.16
C ASP A 93 5.78 -1.76 13.96
N LYS A 94 4.77 -1.41 14.76
CA LYS A 94 3.48 -2.08 14.65
C LYS A 94 2.62 -1.46 13.55
N ILE A 95 1.96 -2.33 12.81
CA ILE A 95 1.06 -1.94 11.72
C ILE A 95 -0.26 -2.66 11.85
N TYR A 96 -1.34 -1.90 12.01
CA TYR A 96 -2.67 -2.50 12.16
C TYR A 96 -3.41 -2.43 10.83
N LEU A 97 -3.84 -3.59 10.36
CA LEU A 97 -4.55 -3.68 9.08
C LEU A 97 -5.96 -4.22 9.32
N TYR A 98 -6.92 -3.76 8.51
CA TYR A 98 -8.31 -4.19 8.67
C TYR A 98 -8.77 -5.00 7.48
N ASP A 99 -9.32 -6.17 7.79
CA ASP A 99 -9.87 -7.07 6.78
C ASP A 99 -11.39 -7.05 6.92
N ASN A 100 -12.06 -7.99 6.25
CA ASN A 100 -13.53 -8.07 6.31
C ASN A 100 -14.10 -7.47 7.61
N GLU A 101 -13.90 -8.19 8.70
CA GLU A 101 -14.35 -7.77 10.03
C GLU A 101 -13.27 -8.08 11.04
N ASN A 102 -12.04 -8.19 10.55
CA ASN A 102 -10.92 -8.57 11.42
C ASN A 102 -9.78 -7.57 11.41
N GLU A 103 -9.15 -7.40 12.57
CA GLU A 103 -8.02 -6.48 12.71
C GLU A 103 -6.74 -7.29 12.77
N TYR A 104 -5.83 -7.03 11.84
CA TYR A 104 -4.55 -7.76 11.79
C TYR A 104 -3.41 -6.89 12.27
N GLU A 105 -2.61 -7.43 13.18
CA GLU A 105 -1.45 -6.72 13.70
C GLU A 105 -0.21 -7.17 12.95
N TYR A 106 0.45 -6.24 12.28
CA TYR A 106 1.65 -6.55 11.51
C TYR A 106 2.85 -5.81 12.09
N ALA A 107 4.00 -6.48 12.17
CA ALA A 107 5.23 -5.86 12.70
C ALA A 107 6.28 -5.74 11.61
N VAL A 108 6.87 -4.56 11.50
CA VAL A 108 7.91 -4.29 10.51
C VAL A 108 9.18 -5.04 10.89
N THR A 109 9.76 -5.68 9.87
CA THR A 109 10.99 -6.46 10.04
C THR A 109 12.17 -5.73 9.41
N GLY A 110 11.90 -4.90 8.42
CA GLY A 110 12.97 -4.18 7.75
C GLY A 110 12.49 -3.49 6.49
N VAL A 111 13.31 -2.57 6.02
CA VAL A 111 13.02 -1.79 4.80
C VAL A 111 14.18 -1.88 3.84
N SER A 112 13.90 -1.74 2.54
CA SER A 112 14.95 -1.82 1.53
C SER A 112 14.53 -1.09 0.24
N GLU A 113 15.50 -0.92 -0.65
CA GLU A 113 15.27 -0.25 -1.93
C GLU A 113 15.61 -1.21 -3.07
N VAL A 114 14.67 -1.40 -3.99
CA VAL A 114 14.90 -2.32 -5.11
C VAL A 114 14.35 -1.75 -6.41
N THR A 115 14.84 -2.24 -7.54
CA THR A 115 14.35 -1.76 -8.82
C THR A 115 12.89 -2.22 -9.00
N PRO A 116 11.98 -1.36 -9.47
CA PRO A 116 10.55 -1.77 -9.65
C PRO A 116 10.43 -3.10 -10.37
N ASP A 117 11.52 -3.58 -10.95
CA ASP A 117 11.51 -4.83 -11.68
C ASP A 117 11.53 -6.02 -10.72
N LYS A 118 11.92 -5.78 -9.47
CA LYS A 118 11.95 -6.84 -8.46
C LYS A 118 10.56 -6.98 -7.83
N TRP A 119 9.61 -7.47 -8.62
CA TRP A 119 8.24 -7.65 -8.12
C TRP A 119 8.15 -8.85 -7.17
N GLU A 120 9.08 -9.79 -7.30
CA GLU A 120 9.10 -10.97 -6.45
C GLU A 120 9.03 -10.58 -4.97
N VAL A 121 9.12 -9.28 -4.71
CA VAL A 121 9.09 -8.76 -3.35
C VAL A 121 7.66 -8.54 -2.85
N VAL A 122 6.67 -8.66 -3.74
CA VAL A 122 5.27 -8.46 -3.38
C VAL A 122 4.44 -9.61 -3.91
N GLU A 123 5.15 -10.61 -4.41
CA GLU A 123 4.50 -11.79 -4.98
C GLU A 123 4.11 -12.82 -3.93
N ASP A 124 2.97 -13.45 -4.17
CA ASP A 124 2.42 -14.47 -3.26
C ASP A 124 3.44 -15.60 -3.04
N HIS A 125 3.83 -15.79 -1.77
CA HIS A 125 4.79 -16.84 -1.44
C HIS A 125 4.15 -17.98 -0.65
N GLY A 126 3.26 -17.64 0.29
CA GLY A 126 2.59 -18.66 1.12
C GLY A 126 2.85 -18.38 2.60
N LYS A 127 2.92 -17.09 2.95
CA LYS A 127 3.17 -16.69 4.34
C LYS A 127 2.31 -15.50 4.72
N ASP A 128 2.08 -15.33 6.01
CA ASP A 128 1.30 -14.20 6.50
C ASP A 128 2.23 -13.01 6.72
N GLU A 129 2.41 -12.25 5.67
CA GLU A 129 3.29 -11.09 5.68
C GLU A 129 2.61 -9.90 5.01
N ILE A 130 3.23 -8.73 5.14
CA ILE A 130 2.70 -7.51 4.51
C ILE A 130 3.81 -6.79 3.76
N THR A 131 3.47 -6.19 2.62
CA THR A 131 4.46 -5.46 1.83
C THR A 131 3.90 -4.14 1.31
N LEU A 132 4.62 -3.04 1.55
CA LEU A 132 4.17 -1.71 1.08
C LEU A 132 5.14 -1.18 0.02
N ILE A 133 4.56 -0.84 -1.13
CA ILE A 133 5.32 -0.32 -2.28
C ILE A 133 4.63 0.91 -2.86
N THR A 134 5.35 1.66 -3.68
CA THR A 134 4.82 2.87 -4.30
C THR A 134 5.28 2.96 -5.75
N CYS A 135 4.61 3.81 -6.53
CA CYS A 135 4.97 3.98 -7.94
C CYS A 135 5.16 2.62 -8.60
N VAL A 136 4.09 2.12 -9.23
CA VAL A 136 4.14 0.82 -9.89
C VAL A 136 4.65 0.94 -11.32
N SER A 137 5.29 2.06 -11.63
CA SER A 137 5.82 2.27 -12.97
C SER A 137 6.99 1.32 -13.25
N VAL A 138 7.04 0.81 -14.48
CA VAL A 138 8.11 -0.12 -14.87
C VAL A 138 9.46 0.59 -14.81
N LYS A 139 9.51 1.80 -15.35
CA LYS A 139 10.73 2.58 -15.35
C LYS A 139 11.23 2.82 -13.92
N ASP A 140 12.54 2.83 -13.75
CA ASP A 140 13.12 3.05 -12.41
C ASP A 140 12.76 4.44 -11.91
N ASN A 141 12.47 5.35 -12.83
CA ASN A 141 12.09 6.72 -12.44
C ASN A 141 13.16 7.29 -11.50
N SER A 142 12.74 7.68 -10.29
CA SER A 142 13.67 8.24 -9.32
C SER A 142 14.22 7.16 -8.40
N LYS A 143 13.43 6.80 -7.40
CA LYS A 143 13.83 5.76 -6.44
C LYS A 143 12.61 4.98 -5.97
N ARG A 144 12.83 3.73 -5.57
CA ARG A 144 11.74 2.87 -5.11
C ARG A 144 12.08 2.23 -3.76
N TYR A 145 11.24 2.51 -2.76
CA TYR A 145 11.43 1.97 -1.40
C TYR A 145 10.29 1.01 -1.06
N VAL A 146 10.61 -0.07 -0.35
CA VAL A 146 9.60 -1.07 0.02
C VAL A 146 9.77 -1.49 1.48
N VAL A 147 8.64 -1.64 2.18
CA VAL A 147 8.64 -2.05 3.60
C VAL A 147 7.93 -3.39 3.77
N ALA A 148 8.58 -4.32 4.46
CA ALA A 148 8.00 -5.65 4.71
C ALA A 148 7.75 -5.85 6.19
N GLY A 149 6.58 -6.40 6.52
CA GLY A 149 6.20 -6.64 7.91
C GLY A 149 5.70 -8.06 8.11
N ASP A 150 6.00 -8.60 9.29
CA ASP A 150 5.61 -9.96 9.65
C ASP A 150 4.37 -9.98 10.55
N LEU A 151 3.46 -10.93 10.29
CA LEU A 151 2.24 -11.05 11.10
C LEU A 151 2.58 -11.44 12.53
N VAL A 152 2.09 -10.65 13.48
CA VAL A 152 2.34 -10.89 14.90
C VAL A 152 1.08 -11.40 15.59
N GLY A 153 -0.09 -11.06 15.04
CA GLY A 153 -1.34 -11.52 15.64
C GLY A 153 -2.57 -10.85 15.01
N THR A 154 -3.74 -11.47 15.20
CA THR A 154 -4.99 -10.94 14.64
C THR A 154 -6.10 -11.06 15.68
N LYS A 155 -7.11 -10.23 15.50
CA LYS A 155 -8.26 -10.22 16.40
C LYS A 155 -9.50 -9.81 15.61
N ALA A 156 -10.64 -9.76 16.28
CA ALA A 156 -11.88 -9.36 15.63
C ALA A 156 -12.14 -7.87 15.80
N LYS A 157 -12.72 -7.27 14.77
CA LYS A 157 -13.01 -5.84 14.77
C LYS A 157 -14.12 -5.54 15.77
N LYS A 158 -13.74 -5.46 17.03
CA LYS A 158 -14.70 -5.15 18.08
C LYS A 158 -15.86 -6.14 18.06
N GLY A 1 9.13 -3.89 -22.31
CA GLY A 1 9.58 -2.49 -22.56
C GLY A 1 8.72 -1.84 -23.62
N SER A 2 7.40 -1.96 -23.45
CA SER A 2 6.46 -1.37 -24.39
C SER A 2 6.40 0.14 -24.19
N HIS A 3 5.87 0.86 -25.19
CA HIS A 3 5.78 2.33 -25.12
C HIS A 3 4.39 2.77 -24.67
N MET A 4 3.70 1.91 -23.94
CA MET A 4 2.35 2.19 -23.47
C MET A 4 2.34 3.40 -22.53
N ASP A 5 3.30 3.45 -21.62
CA ASP A 5 3.39 4.58 -20.70
C ASP A 5 2.05 4.83 -20.00
N ALA A 6 1.28 3.76 -19.84
CA ALA A 6 -0.04 3.84 -19.21
C ALA A 6 0.06 4.15 -17.71
N SER A 7 1.07 3.60 -17.06
CA SER A 7 1.27 3.79 -15.62
C SER A 7 2.05 5.09 -15.34
N LYS A 8 1.95 6.04 -16.24
CA LYS A 8 2.65 7.32 -16.10
C LYS A 8 2.04 8.18 -14.98
N ILE A 9 1.58 7.53 -13.93
CA ILE A 9 0.96 8.24 -12.81
C ILE A 9 1.94 9.19 -12.15
N ASP A 10 3.14 8.70 -11.87
CA ASP A 10 4.15 9.54 -11.27
C ASP A 10 3.61 10.24 -10.02
N GLN A 11 3.12 11.45 -10.20
CA GLN A 11 2.59 12.21 -9.08
C GLN A 11 1.48 13.15 -9.56
N PRO A 12 0.28 12.66 -9.74
CA PRO A 12 -0.85 13.48 -10.20
C PRO A 12 -0.86 14.83 -9.49
N ASP A 13 -1.30 15.86 -10.21
CA ASP A 13 -1.36 17.20 -9.66
C ASP A 13 -2.48 17.27 -8.61
N LEU A 14 -2.34 18.20 -7.67
CA LEU A 14 -3.33 18.35 -6.60
C LEU A 14 -4.72 18.57 -7.17
N ALA A 15 -4.76 19.12 -8.38
CA ALA A 15 -6.03 19.39 -9.04
C ALA A 15 -6.76 18.08 -9.35
N GLU A 16 -6.01 17.08 -9.78
CA GLU A 16 -6.57 15.78 -10.10
C GLU A 16 -6.97 15.03 -8.83
N VAL A 17 -6.16 15.21 -7.80
CA VAL A 17 -6.40 14.54 -6.52
C VAL A 17 -7.57 15.19 -5.77
N ALA A 18 -7.59 16.51 -5.75
CA ALA A 18 -8.64 17.25 -5.07
C ALA A 18 -9.99 17.03 -5.74
N ASN A 19 -9.97 17.00 -7.07
CA ASN A 19 -11.19 16.81 -7.85
C ASN A 19 -11.60 15.34 -7.93
N ALA A 20 -10.61 14.47 -7.79
CA ALA A 20 -10.85 13.03 -7.83
C ALA A 20 -11.77 12.62 -6.68
N SER A 21 -12.70 11.69 -6.94
CA SER A 21 -13.64 11.24 -5.91
C SER A 21 -13.86 9.73 -6.00
N LEU A 22 -14.02 9.07 -4.85
CA LEU A 22 -14.20 7.62 -4.83
C LEU A 22 -15.23 7.21 -3.77
N ASP A 23 -16.06 6.23 -4.12
CA ASP A 23 -17.08 5.74 -3.20
C ASP A 23 -16.44 4.85 -2.13
N LYS A 24 -16.91 4.97 -0.89
CA LYS A 24 -16.38 4.17 0.21
C LYS A 24 -16.79 2.71 0.04
N LYS A 25 -17.62 2.47 -0.95
CA LYS A 25 -18.11 1.13 -1.23
C LYS A 25 -16.96 0.19 -1.63
N GLN A 26 -15.99 0.73 -2.35
CA GLN A 26 -14.84 -0.04 -2.82
C GLN A 26 -13.85 -0.32 -1.70
N VAL A 27 -14.29 -0.07 -0.47
CA VAL A 27 -13.46 -0.29 0.72
C VAL A 27 -13.63 -1.73 1.20
N ILE A 28 -12.53 -2.44 1.34
CA ILE A 28 -12.58 -3.85 1.77
C ILE A 28 -11.82 -4.08 3.07
N GLY A 29 -11.10 -3.08 3.51
CA GLY A 29 -10.34 -3.18 4.76
C GLY A 29 -9.71 -1.85 5.08
N ARG A 30 -8.82 -1.82 6.08
CA ARG A 30 -8.21 -0.56 6.47
C ARG A 30 -6.78 -0.76 6.95
N ILE A 31 -5.95 0.27 6.78
CA ILE A 31 -4.56 0.20 7.22
C ILE A 31 -4.31 1.34 8.21
N SER A 32 -3.81 0.98 9.37
CA SER A 32 -3.53 1.96 10.41
C SER A 32 -2.09 1.84 10.87
N ILE A 33 -1.37 2.97 10.86
CA ILE A 33 0.04 2.97 11.24
C ILE A 33 0.34 4.08 12.25
N PRO A 34 0.95 3.76 13.38
CA PRO A 34 1.28 4.78 14.42
C PRO A 34 2.58 5.50 14.11
N SER A 35 3.54 4.77 13.56
CA SER A 35 4.84 5.31 13.25
C SER A 35 4.74 6.66 12.57
N VAL A 36 3.75 6.82 11.69
CA VAL A 36 3.54 8.06 10.96
C VAL A 36 2.15 8.66 11.25
N SER A 37 1.36 7.98 12.08
CA SER A 37 0.02 8.49 12.37
C SER A 37 -0.79 8.55 11.08
N LEU A 38 -0.85 7.40 10.41
CA LEU A 38 -1.56 7.29 9.13
C LEU A 38 -2.71 6.30 9.19
N GLU A 39 -3.83 6.71 8.61
CA GLU A 39 -5.02 5.87 8.56
C GLU A 39 -5.58 5.95 7.17
N LEU A 40 -5.66 4.80 6.48
CA LEU A 40 -6.10 4.83 5.10
C LEU A 40 -6.91 3.60 4.69
N PRO A 41 -8.21 3.72 4.49
CA PRO A 41 -9.03 2.59 4.02
C PRO A 41 -8.27 1.81 2.93
N VAL A 42 -8.67 0.58 2.70
CA VAL A 42 -8.01 -0.25 1.68
C VAL A 42 -8.97 -0.45 0.52
N LEU A 43 -8.53 -0.09 -0.69
CA LEU A 43 -9.37 -0.22 -1.87
C LEU A 43 -8.86 -1.37 -2.75
N LYS A 44 -9.73 -2.33 -3.05
CA LYS A 44 -9.34 -3.47 -3.87
C LYS A 44 -9.03 -3.04 -5.31
N SER A 45 -9.94 -2.27 -5.90
CA SER A 45 -9.79 -1.78 -7.27
C SER A 45 -8.56 -0.88 -7.40
N SER A 46 -7.46 -1.44 -7.90
CA SER A 46 -6.22 -0.67 -8.07
C SER A 46 -6.27 0.11 -9.37
N THR A 47 -6.53 1.40 -9.25
CA THR A 47 -6.62 2.27 -10.41
C THR A 47 -6.02 3.62 -10.10
N GLU A 48 -5.57 4.33 -11.12
CA GLU A 48 -4.98 5.63 -10.93
C GLU A 48 -5.96 6.57 -10.24
N LYS A 49 -7.24 6.28 -10.37
CA LYS A 49 -8.28 7.10 -9.78
C LYS A 49 -8.49 6.80 -8.29
N ASN A 50 -8.64 5.52 -7.97
CA ASN A 50 -8.87 5.10 -6.60
C ASN A 50 -7.65 5.38 -5.71
N LEU A 51 -6.47 5.30 -6.31
CA LEU A 51 -5.23 5.52 -5.57
C LEU A 51 -5.19 6.91 -4.96
N LEU A 52 -5.96 7.82 -5.52
CA LEU A 52 -5.97 9.19 -5.05
C LEU A 52 -6.69 9.34 -3.71
N SER A 53 -7.48 8.35 -3.32
CA SER A 53 -8.24 8.45 -2.07
C SER A 53 -7.69 7.57 -0.95
N GLY A 54 -6.82 6.62 -1.27
CA GLY A 54 -6.28 5.74 -0.25
C GLY A 54 -5.34 4.71 -0.86
N ALA A 55 -4.79 3.87 0.00
CA ALA A 55 -3.88 2.81 -0.42
C ALA A 55 -4.67 1.72 -1.11
N ALA A 56 -4.24 1.33 -2.31
CA ALA A 56 -4.94 0.29 -3.07
C ALA A 56 -4.13 -1.01 -3.10
N THR A 57 -4.83 -2.15 -3.08
CA THR A 57 -4.16 -3.44 -3.11
C THR A 57 -3.54 -3.66 -4.48
N VAL A 58 -2.45 -4.40 -4.56
CA VAL A 58 -1.76 -4.60 -5.85
C VAL A 58 -2.39 -5.71 -6.70
N LYS A 59 -2.71 -6.84 -6.10
CA LYS A 59 -3.29 -7.96 -6.84
C LYS A 59 -4.82 -7.88 -6.84
N GLU A 60 -5.47 -8.94 -7.33
CA GLU A 60 -6.93 -8.96 -7.43
C GLU A 60 -7.53 -10.15 -6.66
N ASN A 61 -6.68 -11.06 -6.22
CA ASN A 61 -7.13 -12.26 -5.53
C ASN A 61 -6.27 -12.54 -4.29
N GLN A 62 -5.85 -11.47 -3.62
CA GLN A 62 -5.06 -11.59 -2.42
C GLN A 62 -5.95 -11.59 -1.19
N VAL A 63 -5.45 -12.11 -0.08
CA VAL A 63 -6.23 -12.18 1.16
C VAL A 63 -5.41 -11.68 2.35
N MET A 64 -5.99 -10.80 3.15
CA MET A 64 -5.30 -10.29 4.32
C MET A 64 -5.07 -11.41 5.32
N GLY A 65 -3.83 -11.55 5.78
CA GLY A 65 -3.52 -12.60 6.76
C GLY A 65 -3.05 -13.87 6.07
N LYS A 66 -3.05 -13.86 4.75
CA LYS A 66 -2.63 -15.05 4.00
C LYS A 66 -1.76 -14.66 2.81
N GLY A 67 -0.53 -15.18 2.78
CA GLY A 67 0.37 -14.86 1.70
C GLY A 67 0.91 -13.46 1.88
N ASN A 68 1.66 -12.96 0.91
CA ASN A 68 2.22 -11.62 0.99
C ASN A 68 1.18 -10.60 0.56
N TYR A 69 0.72 -9.78 1.49
CA TYR A 69 -0.28 -8.78 1.19
C TYR A 69 0.38 -7.51 0.65
N ALA A 70 0.29 -7.30 -0.65
CA ALA A 70 0.90 -6.14 -1.29
C ALA A 70 -0.05 -4.95 -1.32
N LEU A 71 0.44 -3.79 -0.87
CA LEU A 71 -0.34 -2.55 -0.87
C LEU A 71 0.46 -1.45 -1.53
N ALA A 72 -0.18 -0.69 -2.41
CA ALA A 72 0.52 0.37 -3.12
C ALA A 72 -0.05 1.74 -2.75
N GLY A 73 0.83 2.72 -2.69
CA GLY A 73 0.42 4.08 -2.35
C GLY A 73 1.19 5.12 -3.15
N HIS A 74 0.93 6.39 -2.88
CA HIS A 74 1.59 7.48 -3.59
C HIS A 74 2.90 7.84 -2.89
N ASN A 75 3.94 8.15 -3.69
CA ASN A 75 5.25 8.51 -3.14
C ASN A 75 5.52 10.00 -3.32
N MET A 76 4.44 10.77 -3.34
CA MET A 76 4.54 12.21 -3.50
C MET A 76 5.66 12.81 -2.67
N SER A 77 6.16 12.05 -1.70
CA SER A 77 7.25 12.55 -0.88
C SER A 77 6.82 13.81 -0.14
N LYS A 78 5.58 13.80 0.34
CA LYS A 78 5.02 14.94 1.05
C LYS A 78 4.33 14.45 2.30
N LYS A 79 4.93 14.70 3.43
CA LYS A 79 4.35 14.26 4.68
C LYS A 79 2.88 14.68 4.74
N GLY A 80 2.01 13.72 5.02
CA GLY A 80 0.56 13.99 5.07
C GLY A 80 -0.17 13.30 3.92
N VAL A 81 0.53 13.06 2.81
CA VAL A 81 -0.09 12.39 1.68
C VAL A 81 -0.05 10.88 1.91
N LEU A 82 -0.57 10.10 0.97
CA LEU A 82 -0.61 8.66 1.13
C LEU A 82 0.81 8.08 0.98
N PHE A 83 1.18 7.12 1.84
CA PHE A 83 2.49 6.49 1.72
C PHE A 83 3.59 7.52 1.47
N SER A 84 3.44 8.69 2.07
CA SER A 84 4.42 9.75 1.87
C SER A 84 5.63 9.58 2.79
N ASP A 85 5.52 8.70 3.78
CA ASP A 85 6.61 8.51 4.74
C ASP A 85 6.71 7.07 5.25
N ILE A 86 6.36 6.11 4.42
CA ILE A 86 6.43 4.70 4.80
C ILE A 86 7.88 4.21 4.91
N ALA A 87 8.78 4.87 4.20
CA ALA A 87 10.17 4.46 4.24
C ALA A 87 10.80 4.82 5.58
N SER A 88 9.98 5.39 6.46
CA SER A 88 10.45 5.81 7.78
C SER A 88 10.19 4.71 8.79
N LEU A 89 9.41 3.73 8.38
CA LEU A 89 9.08 2.61 9.24
C LEU A 89 10.31 1.80 9.55
N LYS A 90 10.64 1.69 10.82
CA LYS A 90 11.81 0.93 11.25
C LYS A 90 11.42 -0.49 11.65
N LYS A 91 12.34 -1.42 11.51
CA LYS A 91 12.08 -2.82 11.86
C LYS A 91 11.53 -2.93 13.29
N GLY A 92 10.35 -3.53 13.41
CA GLY A 92 9.72 -3.70 14.73
C GLY A 92 8.62 -2.69 14.96
N ASP A 93 8.18 -2.09 13.87
CA ASP A 93 7.10 -1.10 13.96
C ASP A 93 5.76 -1.83 13.87
N LYS A 94 4.78 -1.42 14.68
CA LYS A 94 3.47 -2.10 14.67
C LYS A 94 2.60 -1.62 13.52
N ILE A 95 2.09 -2.56 12.73
CA ILE A 95 1.22 -2.24 11.60
C ILE A 95 -0.16 -2.81 11.88
N TYR A 96 -1.18 -1.96 11.84
CA TYR A 96 -2.55 -2.38 12.12
C TYR A 96 -3.35 -2.46 10.82
N LEU A 97 -3.78 -3.65 10.47
CA LEU A 97 -4.54 -3.86 9.22
C LEU A 97 -5.92 -4.41 9.53
N TYR A 98 -6.91 -4.10 8.67
CA TYR A 98 -8.28 -4.55 8.90
C TYR A 98 -8.81 -5.35 7.71
N ASP A 99 -9.48 -6.44 8.03
CA ASP A 99 -10.07 -7.29 7.01
C ASP A 99 -11.58 -7.21 7.18
N ASN A 100 -12.32 -8.15 6.60
CA ASN A 100 -13.78 -8.16 6.73
C ASN A 100 -14.24 -7.47 8.02
N GLU A 101 -14.14 -8.19 9.12
CA GLU A 101 -14.50 -7.67 10.42
C GLU A 101 -13.40 -8.01 11.42
N ASN A 102 -12.17 -8.09 10.92
CA ASN A 102 -11.04 -8.50 11.77
C ASN A 102 -9.88 -7.53 11.71
N GLU A 103 -9.20 -7.38 12.84
CA GLU A 103 -8.04 -6.48 12.95
C GLU A 103 -6.78 -7.33 13.01
N TYR A 104 -5.87 -7.10 12.07
CA TYR A 104 -4.62 -7.86 12.00
C TYR A 104 -3.44 -7.03 12.48
N GLU A 105 -2.66 -7.60 13.39
CA GLU A 105 -1.47 -6.92 13.89
C GLU A 105 -0.24 -7.41 13.13
N TYR A 106 0.41 -6.50 12.41
CA TYR A 106 1.59 -6.84 11.61
C TYR A 106 2.78 -6.02 12.08
N ALA A 107 3.94 -6.66 12.18
CA ALA A 107 5.15 -5.95 12.61
C ALA A 107 6.15 -5.84 11.45
N VAL A 108 6.71 -4.65 11.30
CA VAL A 108 7.67 -4.38 10.25
C VAL A 108 8.95 -5.15 10.50
N THR A 109 9.46 -5.78 9.44
CA THR A 109 10.66 -6.59 9.52
C THR A 109 11.89 -5.81 9.04
N GLY A 110 11.68 -4.84 8.16
CA GLY A 110 12.79 -4.05 7.65
C GLY A 110 12.44 -3.40 6.32
N VAL A 111 12.97 -2.20 6.11
CA VAL A 111 12.75 -1.46 4.88
C VAL A 111 13.88 -1.78 3.90
N SER A 112 13.54 -1.90 2.62
CA SER A 112 14.55 -2.26 1.61
C SER A 112 14.35 -1.46 0.33
N GLU A 113 15.44 -1.22 -0.40
CA GLU A 113 15.38 -0.47 -1.66
C GLU A 113 15.55 -1.42 -2.83
N VAL A 114 14.52 -1.55 -3.66
CA VAL A 114 14.57 -2.48 -4.80
C VAL A 114 14.06 -1.81 -6.07
N THR A 115 14.44 -2.36 -7.21
CA THR A 115 13.99 -1.82 -8.49
C THR A 115 12.49 -2.04 -8.62
N PRO A 116 11.84 -1.45 -9.60
CA PRO A 116 10.37 -1.61 -9.77
C PRO A 116 10.02 -2.92 -10.49
N ASP A 117 11.02 -3.55 -11.07
CA ASP A 117 10.82 -4.80 -11.80
C ASP A 117 10.90 -6.00 -10.88
N LYS A 118 11.43 -5.79 -9.69
CA LYS A 118 11.59 -6.85 -8.70
C LYS A 118 10.31 -7.04 -7.88
N TRP A 119 9.28 -7.53 -8.52
CA TRP A 119 8.00 -7.73 -7.86
C TRP A 119 8.02 -8.94 -6.93
N GLU A 120 9.14 -9.62 -6.90
CA GLU A 120 9.28 -10.80 -6.03
C GLU A 120 8.93 -10.46 -4.59
N VAL A 121 9.27 -9.25 -4.17
CA VAL A 121 9.01 -8.79 -2.82
C VAL A 121 7.56 -8.33 -2.64
N VAL A 122 6.76 -8.47 -3.69
CA VAL A 122 5.36 -8.04 -3.66
C VAL A 122 4.44 -9.23 -3.89
N GLU A 123 5.05 -10.29 -4.37
CA GLU A 123 4.33 -11.52 -4.67
C GLU A 123 4.22 -12.42 -3.45
N ASP A 124 3.28 -13.35 -3.54
CA ASP A 124 3.02 -14.32 -2.48
C ASP A 124 4.20 -15.29 -2.29
N HIS A 125 4.67 -15.42 -1.05
CA HIS A 125 5.80 -16.31 -0.76
C HIS A 125 5.31 -17.65 -0.19
N GLY A 126 4.28 -17.60 0.66
CA GLY A 126 3.73 -18.83 1.26
C GLY A 126 3.54 -18.67 2.76
N LYS A 127 3.29 -17.44 3.18
CA LYS A 127 3.09 -17.18 4.60
C LYS A 127 2.27 -15.90 4.81
N ASP A 128 2.04 -15.55 6.08
CA ASP A 128 1.27 -14.35 6.40
C ASP A 128 2.20 -13.17 6.58
N GLU A 129 2.45 -12.47 5.50
CA GLU A 129 3.37 -11.32 5.50
C GLU A 129 2.67 -10.10 4.87
N ILE A 130 3.29 -8.93 5.00
CA ILE A 130 2.71 -7.70 4.43
C ILE A 130 3.78 -6.93 3.67
N THR A 131 3.42 -6.30 2.57
CA THR A 131 4.39 -5.56 1.77
C THR A 131 3.81 -4.23 1.27
N LEU A 132 4.45 -3.14 1.64
CA LEU A 132 3.99 -1.80 1.23
C LEU A 132 4.94 -1.19 0.20
N ILE A 133 4.37 -0.79 -0.94
CA ILE A 133 5.17 -0.21 -2.02
C ILE A 133 4.50 1.05 -2.56
N THR A 134 4.95 1.52 -3.71
CA THR A 134 4.39 2.72 -4.32
C THR A 134 4.19 2.53 -5.82
N CYS A 135 3.46 3.44 -6.46
CA CYS A 135 3.23 3.35 -7.89
C CYS A 135 4.57 3.13 -8.61
N VAL A 136 4.53 3.00 -9.93
CA VAL A 136 5.75 2.79 -10.71
C VAL A 136 6.64 4.04 -10.60
N SER A 137 7.95 3.84 -10.48
CA SER A 137 8.88 4.95 -10.36
C SER A 137 9.04 5.63 -11.72
N VAL A 138 9.72 6.77 -11.74
CA VAL A 138 9.95 7.49 -12.99
C VAL A 138 10.58 6.55 -14.01
N LYS A 139 11.07 7.09 -15.11
CA LYS A 139 11.69 6.27 -16.15
C LYS A 139 12.89 5.49 -15.60
N ASP A 140 13.77 6.18 -14.88
CA ASP A 140 14.96 5.53 -14.33
C ASP A 140 15.61 6.44 -13.30
N ASN A 141 16.90 6.24 -13.02
CA ASN A 141 17.59 7.10 -12.07
C ASN A 141 16.79 7.21 -10.77
N SER A 142 16.11 6.14 -10.39
CA SER A 142 15.29 6.15 -9.18
C SER A 142 15.12 4.74 -8.63
N LYS A 143 14.85 4.63 -7.33
CA LYS A 143 14.69 3.32 -6.69
C LYS A 143 13.36 3.26 -5.93
N ARG A 144 12.64 2.16 -6.10
CA ARG A 144 11.35 1.98 -5.43
C ARG A 144 11.55 1.59 -3.97
N TYR A 145 10.93 2.34 -3.06
CA TYR A 145 11.03 2.04 -1.63
C TYR A 145 9.92 1.07 -1.22
N VAL A 146 10.28 0.04 -0.47
CA VAL A 146 9.29 -0.96 -0.04
C VAL A 146 9.52 -1.39 1.41
N VAL A 147 8.43 -1.60 2.14
CA VAL A 147 8.50 -2.02 3.54
C VAL A 147 7.88 -3.40 3.71
N ALA A 148 8.61 -4.32 4.36
CA ALA A 148 8.12 -5.68 4.56
C ALA A 148 7.87 -5.93 6.04
N GLY A 149 6.73 -6.55 6.35
CA GLY A 149 6.37 -6.84 7.73
C GLY A 149 5.85 -8.26 7.89
N ASP A 150 5.95 -8.78 9.10
CA ASP A 150 5.50 -10.14 9.39
C ASP A 150 4.28 -10.13 10.31
N LEU A 151 3.41 -11.13 10.17
CA LEU A 151 2.21 -11.22 10.98
C LEU A 151 2.53 -11.64 12.41
N VAL A 152 2.05 -10.86 13.37
CA VAL A 152 2.31 -11.12 14.78
C VAL A 152 1.07 -11.64 15.49
N GLY A 153 -0.11 -11.28 14.97
CA GLY A 153 -1.35 -11.75 15.59
C GLY A 153 -2.56 -11.02 15.03
N THR A 154 -3.74 -11.59 15.25
CA THR A 154 -4.98 -11.01 14.75
C THR A 154 -6.08 -11.13 15.80
N LYS A 155 -7.09 -10.28 15.67
CA LYS A 155 -8.20 -10.28 16.61
C LYS A 155 -9.47 -9.90 15.86
N ALA A 156 -10.61 -9.87 16.56
CA ALA A 156 -11.87 -9.51 15.92
C ALA A 156 -12.19 -8.04 16.15
N LYS A 157 -12.76 -7.40 15.14
CA LYS A 157 -13.11 -5.99 15.22
C LYS A 157 -14.17 -5.77 16.29
N LYS A 158 -13.75 -5.73 17.55
CA LYS A 158 -14.70 -5.48 18.63
C LYS A 158 -15.90 -6.43 18.51
N GLY A 1 -11.67 5.91 -26.24
CA GLY A 1 -11.41 4.78 -27.20
C GLY A 1 -10.28 3.92 -26.67
N SER A 2 -10.62 2.72 -26.21
CA SER A 2 -9.63 1.80 -25.67
C SER A 2 -8.77 2.53 -24.63
N HIS A 3 -9.15 2.39 -23.36
CA HIS A 3 -8.41 3.05 -22.28
C HIS A 3 -6.97 2.55 -22.27
N MET A 4 -6.79 1.23 -22.38
CA MET A 4 -5.44 0.67 -22.38
C MET A 4 -4.67 1.24 -21.19
N ASP A 5 -3.50 1.79 -21.44
CA ASP A 5 -2.68 2.38 -20.37
C ASP A 5 -2.57 1.40 -19.20
N ALA A 6 -1.45 0.68 -19.16
CA ALA A 6 -1.21 -0.30 -18.10
C ALA A 6 -0.98 0.34 -16.75
N SER A 7 -0.25 1.45 -16.74
CA SER A 7 0.05 2.15 -15.49
C SER A 7 0.22 3.64 -15.76
N LYS A 8 1.45 4.08 -15.94
CA LYS A 8 1.72 5.48 -16.23
C LYS A 8 0.93 6.38 -15.29
N ILE A 9 0.73 5.92 -14.07
CA ILE A 9 -0.04 6.69 -13.10
C ILE A 9 0.70 7.96 -12.72
N ASP A 10 2.03 7.90 -12.75
CA ASP A 10 2.85 9.04 -12.39
C ASP A 10 2.36 9.64 -11.07
N GLN A 11 2.77 10.88 -10.79
CA GLN A 11 2.36 11.56 -9.57
C GLN A 11 1.15 12.48 -9.86
N PRO A 12 -0.07 11.98 -9.80
CA PRO A 12 -1.27 12.82 -10.10
C PRO A 12 -1.20 14.21 -9.45
N ASP A 13 -1.67 15.21 -10.19
CA ASP A 13 -1.67 16.58 -9.69
C ASP A 13 -2.80 16.77 -8.67
N LEU A 14 -2.62 17.72 -7.75
CA LEU A 14 -3.62 17.98 -6.73
C LEU A 14 -4.97 18.27 -7.36
N ALA A 15 -4.95 18.75 -8.60
CA ALA A 15 -6.19 19.06 -9.30
C ALA A 15 -6.98 17.79 -9.58
N GLU A 16 -6.25 16.73 -9.92
CA GLU A 16 -6.88 15.44 -10.21
C GLU A 16 -7.34 14.76 -8.92
N VAL A 17 -6.61 15.01 -7.86
CA VAL A 17 -6.92 14.43 -6.56
C VAL A 17 -8.11 15.14 -5.92
N ALA A 18 -8.08 16.46 -5.97
CA ALA A 18 -9.16 17.25 -5.39
C ALA A 18 -10.45 17.04 -6.17
N ASN A 19 -10.34 16.91 -7.48
CA ASN A 19 -11.49 16.72 -8.34
C ASN A 19 -11.94 15.26 -8.37
N ALA A 20 -10.99 14.35 -8.16
CA ALA A 20 -11.29 12.91 -8.19
C ALA A 20 -12.35 12.55 -7.15
N SER A 21 -13.54 12.18 -7.62
CA SER A 21 -14.64 11.80 -6.74
C SER A 21 -14.72 10.28 -6.58
N LEU A 22 -13.95 9.75 -5.64
CA LEU A 22 -13.93 8.31 -5.39
C LEU A 22 -15.20 7.90 -4.65
N ASP A 23 -15.67 6.68 -4.93
CA ASP A 23 -16.87 6.16 -4.29
C ASP A 23 -16.49 5.31 -3.07
N LYS A 24 -16.82 5.81 -1.89
CA LYS A 24 -16.51 5.09 -0.66
C LYS A 24 -17.04 3.65 -0.73
N LYS A 25 -17.84 3.40 -1.75
CA LYS A 25 -18.44 2.08 -1.94
C LYS A 25 -17.39 1.06 -2.37
N GLN A 26 -16.21 1.56 -2.74
CA GLN A 26 -15.11 0.69 -3.17
C GLN A 26 -14.18 0.38 -2.02
N VAL A 27 -14.65 0.64 -0.80
CA VAL A 27 -13.87 0.38 0.41
C VAL A 27 -14.15 -1.03 0.92
N ILE A 28 -13.09 -1.82 1.12
CA ILE A 28 -13.22 -3.21 1.58
C ILE A 28 -12.56 -3.42 2.93
N GLY A 29 -11.92 -2.38 3.43
CA GLY A 29 -11.24 -2.46 4.70
C GLY A 29 -10.47 -1.18 4.98
N ARG A 30 -9.52 -1.24 5.90
CA ARG A 30 -8.72 -0.04 6.21
C ARG A 30 -7.38 -0.41 6.81
N ILE A 31 -6.44 0.53 6.80
CA ILE A 31 -5.12 0.31 7.38
C ILE A 31 -4.72 1.48 8.27
N SER A 32 -4.10 1.15 9.39
CA SER A 32 -3.67 2.18 10.35
C SER A 32 -2.21 1.97 10.73
N ILE A 33 -1.44 3.07 10.77
CA ILE A 33 -0.02 2.99 11.11
C ILE A 33 0.35 4.06 12.17
N PRO A 34 0.96 3.70 13.30
CA PRO A 34 1.34 4.70 14.37
C PRO A 34 2.65 5.43 14.06
N SER A 35 3.59 4.70 13.47
CA SER A 35 4.91 5.22 13.19
C SER A 35 4.85 6.57 12.53
N VAL A 36 3.86 6.77 11.66
CA VAL A 36 3.70 8.03 10.93
C VAL A 36 2.36 8.67 11.26
N SER A 37 1.55 8.03 12.10
CA SER A 37 0.24 8.59 12.41
C SER A 37 -0.56 8.67 11.13
N LEU A 38 -0.62 7.54 10.43
CA LEU A 38 -1.33 7.46 9.16
C LEU A 38 -2.53 6.51 9.26
N GLU A 39 -3.67 6.97 8.75
CA GLU A 39 -4.89 6.18 8.75
C GLU A 39 -5.60 6.40 7.42
N LEU A 40 -5.96 5.31 6.74
CA LEU A 40 -6.61 5.48 5.45
C LEU A 40 -7.37 4.22 4.99
N PRO A 41 -8.63 4.31 4.58
CA PRO A 41 -9.38 3.12 4.07
C PRO A 41 -8.53 2.33 3.07
N VAL A 42 -8.84 1.05 2.89
CA VAL A 42 -8.13 0.21 1.91
C VAL A 42 -9.06 -0.06 0.74
N LEU A 43 -8.61 0.25 -0.47
CA LEU A 43 -9.42 0.07 -1.67
C LEU A 43 -8.91 -1.13 -2.48
N LYS A 44 -9.80 -2.06 -2.77
CA LYS A 44 -9.41 -3.23 -3.54
C LYS A 44 -9.09 -2.86 -4.98
N SER A 45 -9.96 -2.02 -5.57
CA SER A 45 -9.79 -1.60 -6.96
C SER A 45 -8.56 -0.71 -7.13
N SER A 46 -7.49 -1.27 -7.69
CA SER A 46 -6.27 -0.50 -7.89
C SER A 46 -6.39 0.34 -9.15
N THR A 47 -6.76 1.60 -8.97
CA THR A 47 -6.92 2.52 -10.08
C THR A 47 -6.29 3.86 -9.74
N GLU A 48 -5.96 4.62 -10.77
CA GLU A 48 -5.35 5.94 -10.59
C GLU A 48 -6.26 6.83 -9.76
N LYS A 49 -7.55 6.57 -9.83
CA LYS A 49 -8.51 7.38 -9.09
C LYS A 49 -8.65 6.90 -7.64
N ASN A 50 -8.74 5.59 -7.48
CA ASN A 50 -8.90 5.01 -6.15
C ASN A 50 -7.66 5.26 -5.29
N LEU A 51 -6.48 5.20 -5.91
CA LEU A 51 -5.23 5.38 -5.18
C LEU A 51 -5.13 6.78 -4.57
N LEU A 52 -5.93 7.71 -5.06
CA LEU A 52 -5.88 9.09 -4.59
C LEU A 52 -6.42 9.27 -3.17
N SER A 53 -7.37 8.41 -2.77
CA SER A 53 -7.98 8.55 -1.44
C SER A 53 -7.35 7.62 -0.41
N GLY A 54 -6.49 6.72 -0.84
CA GLY A 54 -5.89 5.78 0.11
C GLY A 54 -4.95 4.80 -0.56
N ALA A 55 -4.61 3.73 0.17
CA ALA A 55 -3.72 2.69 -0.34
C ALA A 55 -4.53 1.59 -1.00
N ALA A 56 -4.18 1.25 -2.23
CA ALA A 56 -4.90 0.21 -2.97
C ALA A 56 -4.09 -1.08 -3.02
N THR A 57 -4.80 -2.21 -3.00
CA THR A 57 -4.13 -3.50 -3.07
C THR A 57 -3.65 -3.73 -4.50
N VAL A 58 -2.61 -4.52 -4.66
CA VAL A 58 -2.04 -4.78 -5.99
C VAL A 58 -2.72 -5.90 -6.74
N LYS A 59 -2.96 -7.04 -6.09
CA LYS A 59 -3.58 -8.18 -6.76
C LYS A 59 -5.10 -8.15 -6.57
N GLU A 60 -5.75 -9.23 -6.97
CA GLU A 60 -7.21 -9.34 -6.87
C GLU A 60 -7.63 -10.28 -5.75
N ASN A 61 -7.10 -11.50 -5.77
CA ASN A 61 -7.47 -12.50 -4.77
C ASN A 61 -6.57 -12.42 -3.55
N GLN A 62 -6.32 -11.21 -3.07
CA GLN A 62 -5.48 -11.01 -1.90
C GLN A 62 -6.27 -11.27 -0.63
N VAL A 63 -5.58 -11.79 0.37
CA VAL A 63 -6.21 -12.11 1.65
C VAL A 63 -5.34 -11.62 2.81
N MET A 64 -5.90 -10.77 3.67
CA MET A 64 -5.18 -10.25 4.81
C MET A 64 -4.90 -11.37 5.82
N GLY A 65 -3.63 -11.54 6.16
CA GLY A 65 -3.23 -12.56 7.11
C GLY A 65 -2.87 -13.83 6.41
N LYS A 66 -2.96 -13.82 5.08
CA LYS A 66 -2.64 -15.00 4.29
C LYS A 66 -1.89 -14.62 3.02
N GLY A 67 -0.73 -15.23 2.83
CA GLY A 67 0.08 -14.94 1.66
C GLY A 67 0.73 -13.55 1.77
N ASN A 68 1.37 -13.10 0.70
CA ASN A 68 2.01 -11.79 0.71
C ASN A 68 0.98 -10.72 0.38
N TYR A 69 0.59 -9.93 1.39
CA TYR A 69 -0.39 -8.88 1.18
C TYR A 69 0.29 -7.62 0.67
N ALA A 70 0.17 -7.37 -0.63
CA ALA A 70 0.81 -6.23 -1.24
C ALA A 70 -0.11 -5.01 -1.28
N LEU A 71 0.38 -3.91 -0.71
CA LEU A 71 -0.36 -2.64 -0.70
C LEU A 71 0.44 -1.57 -1.43
N ALA A 72 -0.22 -0.86 -2.34
CA ALA A 72 0.44 0.18 -3.12
C ALA A 72 -0.09 1.55 -2.73
N GLY A 73 0.82 2.52 -2.68
CA GLY A 73 0.47 3.88 -2.31
C GLY A 73 1.25 4.90 -3.12
N HIS A 74 1.02 6.19 -2.84
CA HIS A 74 1.71 7.27 -3.54
C HIS A 74 3.05 7.59 -2.88
N ASN A 75 4.04 7.94 -3.70
CA ASN A 75 5.38 8.28 -3.19
C ASN A 75 5.62 9.78 -3.34
N MET A 76 4.54 10.55 -3.28
CA MET A 76 4.64 12.00 -3.42
C MET A 76 5.79 12.58 -2.63
N SER A 77 6.36 11.79 -1.72
CA SER A 77 7.47 12.25 -0.90
C SER A 77 7.07 13.51 -0.14
N LYS A 78 5.84 13.51 0.35
CA LYS A 78 5.30 14.66 1.08
C LYS A 78 4.59 14.18 2.32
N LYS A 79 5.20 14.43 3.46
CA LYS A 79 4.62 14.00 4.71
C LYS A 79 3.17 14.44 4.81
N GLY A 80 2.33 13.47 5.11
CA GLY A 80 0.89 13.72 5.21
C GLY A 80 0.15 13.03 4.07
N VAL A 81 0.82 12.82 2.93
CA VAL A 81 0.18 12.15 1.79
C VAL A 81 0.25 10.64 1.97
N LEU A 82 -0.31 9.89 1.03
CA LEU A 82 -0.33 8.45 1.16
C LEU A 82 1.07 7.87 0.95
N PHE A 83 1.42 6.92 1.80
CA PHE A 83 2.71 6.24 1.70
C PHE A 83 3.84 7.26 1.48
N SER A 84 3.69 8.44 2.06
CA SER A 84 4.69 9.49 1.90
C SER A 84 5.88 9.34 2.85
N ASP A 85 5.76 8.45 3.84
CA ASP A 85 6.84 8.27 4.81
C ASP A 85 6.91 6.84 5.34
N ILE A 86 6.56 5.87 4.50
CA ILE A 86 6.58 4.47 4.90
C ILE A 86 8.02 3.96 5.09
N ALA A 87 8.96 4.58 4.38
CA ALA A 87 10.35 4.17 4.48
C ALA A 87 10.93 4.56 5.83
N SER A 88 10.10 5.15 6.68
CA SER A 88 10.53 5.55 8.00
C SER A 88 10.27 4.43 8.97
N LEU A 89 9.46 3.48 8.54
CA LEU A 89 9.13 2.33 9.38
C LEU A 89 10.38 1.53 9.71
N LYS A 90 10.60 1.32 11.00
CA LYS A 90 11.75 0.56 11.50
C LYS A 90 11.40 -0.89 11.76
N LYS A 91 12.41 -1.70 12.04
CA LYS A 91 12.22 -3.11 12.30
C LYS A 91 11.67 -3.36 13.71
N GLY A 92 10.61 -4.15 13.75
CA GLY A 92 9.94 -4.48 15.00
C GLY A 92 8.91 -3.43 15.32
N ASP A 93 8.48 -2.69 14.29
CA ASP A 93 7.46 -1.66 14.49
C ASP A 93 6.09 -2.32 14.55
N LYS A 94 5.01 -1.57 14.29
CA LYS A 94 3.68 -2.18 14.37
C LYS A 94 2.72 -1.56 13.36
N ILE A 95 2.06 -2.43 12.60
CA ILE A 95 1.09 -2.03 11.58
C ILE A 95 -0.23 -2.76 11.80
N TYR A 96 -1.31 -1.99 11.94
CA TYR A 96 -2.63 -2.57 12.16
C TYR A 96 -3.43 -2.54 10.86
N LEU A 97 -3.83 -3.71 10.40
CA LEU A 97 -4.59 -3.83 9.15
C LEU A 97 -5.96 -4.40 9.45
N TYR A 98 -6.97 -4.00 8.65
CA TYR A 98 -8.34 -4.48 8.88
C TYR A 98 -8.92 -5.14 7.65
N ASP A 99 -9.48 -6.32 7.88
CA ASP A 99 -10.14 -7.09 6.83
C ASP A 99 -11.64 -7.06 7.10
N ASN A 100 -12.40 -7.93 6.40
CA ASN A 100 -13.86 -8.01 6.57
C ASN A 100 -14.32 -7.40 7.90
N GLU A 101 -14.12 -8.16 8.97
CA GLU A 101 -14.49 -7.71 10.31
C GLU A 101 -13.37 -8.11 11.27
N ASN A 102 -12.16 -8.21 10.73
CA ASN A 102 -11.01 -8.66 11.53
C ASN A 102 -9.88 -7.64 11.54
N GLU A 103 -9.21 -7.55 12.69
CA GLU A 103 -8.08 -6.64 12.84
C GLU A 103 -6.80 -7.46 12.87
N TYR A 104 -5.88 -7.18 11.94
CA TYR A 104 -4.62 -7.92 11.86
C TYR A 104 -3.47 -7.08 12.36
N GLU A 105 -2.69 -7.66 13.27
CA GLU A 105 -1.53 -6.98 13.81
C GLU A 105 -0.28 -7.42 13.04
N TYR A 106 0.39 -6.46 12.40
CA TYR A 106 1.59 -6.77 11.62
C TYR A 106 2.80 -6.07 12.23
N ALA A 107 3.96 -6.73 12.20
CA ALA A 107 5.20 -6.14 12.74
C ALA A 107 6.21 -5.95 11.63
N VAL A 108 6.80 -4.76 11.59
CA VAL A 108 7.78 -4.44 10.57
C VAL A 108 9.05 -5.22 10.79
N THR A 109 9.55 -5.82 9.71
CA THR A 109 10.75 -6.65 9.74
C THR A 109 11.94 -5.87 9.20
N GLY A 110 11.66 -4.94 8.30
CA GLY A 110 12.73 -4.15 7.72
C GLY A 110 12.31 -3.47 6.43
N VAL A 111 13.17 -2.57 5.97
CA VAL A 111 12.96 -1.81 4.75
C VAL A 111 14.16 -1.95 3.83
N SER A 112 13.95 -1.79 2.53
CA SER A 112 15.04 -1.92 1.56
C SER A 112 14.77 -1.12 0.29
N GLU A 113 15.80 -0.93 -0.52
CA GLU A 113 15.68 -0.21 -1.78
C GLU A 113 15.82 -1.16 -2.95
N VAL A 114 14.84 -1.14 -3.85
CA VAL A 114 14.85 -2.03 -5.01
C VAL A 114 14.55 -1.27 -6.29
N THR A 115 14.89 -1.85 -7.43
CA THR A 115 14.63 -1.20 -8.70
C THR A 115 13.13 -1.34 -9.05
N PRO A 116 12.52 -0.36 -9.68
CA PRO A 116 11.08 -0.43 -10.03
C PRO A 116 10.73 -1.74 -10.74
N ASP A 117 11.73 -2.37 -11.33
CA ASP A 117 11.52 -3.60 -12.06
C ASP A 117 11.49 -4.80 -11.12
N LYS A 118 11.70 -4.54 -9.83
CA LYS A 118 11.67 -5.60 -8.83
C LYS A 118 10.22 -5.91 -8.46
N TRP A 119 9.95 -7.15 -8.09
CA TRP A 119 8.59 -7.56 -7.72
C TRP A 119 8.59 -8.79 -6.84
N GLU A 120 9.64 -9.61 -6.92
CA GLU A 120 9.71 -10.80 -6.09
C GLU A 120 9.49 -10.44 -4.62
N VAL A 121 9.44 -9.14 -4.35
CA VAL A 121 9.25 -8.63 -3.00
C VAL A 121 7.79 -8.68 -2.52
N VAL A 122 6.85 -8.53 -3.46
CA VAL A 122 5.42 -8.54 -3.12
C VAL A 122 4.76 -9.80 -3.65
N GLU A 123 5.56 -10.61 -4.32
CA GLU A 123 5.06 -11.84 -4.91
C GLU A 123 4.94 -12.96 -3.88
N ASP A 124 3.72 -13.44 -3.70
CA ASP A 124 3.39 -14.52 -2.76
C ASP A 124 4.58 -15.49 -2.59
N HIS A 125 5.07 -15.60 -1.35
CA HIS A 125 6.21 -16.49 -1.07
C HIS A 125 5.74 -17.79 -0.42
N GLY A 126 4.83 -17.67 0.54
CA GLY A 126 4.31 -18.84 1.24
C GLY A 126 4.15 -18.57 2.73
N LYS A 127 3.90 -17.30 3.05
CA LYS A 127 3.71 -16.91 4.45
C LYS A 127 2.81 -15.69 4.56
N ASP A 128 2.47 -15.35 5.80
CA ASP A 128 1.64 -14.18 6.07
C ASP A 128 2.52 -12.98 6.37
N GLU A 129 2.88 -12.27 5.33
CA GLU A 129 3.76 -11.09 5.43
C GLU A 129 3.18 -9.94 4.59
N ILE A 130 3.01 -8.78 5.19
CA ILE A 130 2.48 -7.61 4.46
C ILE A 130 3.62 -6.95 3.70
N THR A 131 3.30 -6.35 2.56
CA THR A 131 4.34 -5.68 1.76
C THR A 131 3.82 -4.33 1.26
N LEU A 132 4.56 -3.26 1.56
CA LEU A 132 4.16 -1.90 1.13
C LEU A 132 5.08 -1.40 0.03
N ILE A 133 4.48 -0.92 -1.06
CA ILE A 133 5.24 -0.41 -2.20
C ILE A 133 4.56 0.83 -2.79
N THR A 134 5.03 1.24 -3.97
CA THR A 134 4.47 2.41 -4.66
C THR A 134 4.31 2.13 -6.16
N CYS A 135 3.28 2.72 -6.77
CA CYS A 135 3.02 2.54 -8.20
C CYS A 135 3.57 3.70 -9.01
N VAL A 136 4.04 4.73 -8.32
CA VAL A 136 4.59 5.91 -8.99
C VAL A 136 5.99 5.63 -9.52
N SER A 137 6.08 4.70 -10.49
CA SER A 137 7.38 4.36 -11.07
C SER A 137 7.81 5.40 -12.09
N VAL A 138 9.12 5.49 -12.32
CA VAL A 138 9.66 6.47 -13.27
C VAL A 138 10.86 5.87 -14.03
N LYS A 139 10.97 6.20 -15.32
CA LYS A 139 12.06 5.68 -16.16
C LYS A 139 13.31 6.55 -16.02
N ASP A 140 13.15 7.71 -15.41
CA ASP A 140 14.26 8.64 -15.22
C ASP A 140 15.31 8.02 -14.32
N ASN A 141 14.86 7.27 -13.31
CA ASN A 141 15.77 6.64 -12.36
C ASN A 141 15.21 5.30 -11.88
N SER A 142 16.04 4.52 -11.17
CA SER A 142 15.63 3.21 -10.66
C SER A 142 15.78 3.17 -9.14
N LYS A 143 14.77 3.66 -8.43
CA LYS A 143 14.80 3.68 -6.97
C LYS A 143 13.39 3.53 -6.42
N ARG A 144 13.23 2.60 -5.47
CA ARG A 144 11.91 2.35 -4.88
C ARG A 144 12.04 1.96 -3.40
N TYR A 145 11.10 2.42 -2.58
CA TYR A 145 11.10 2.09 -1.15
C TYR A 145 10.06 1.02 -0.85
N VAL A 146 10.51 -0.10 -0.27
CA VAL A 146 9.60 -1.21 0.06
C VAL A 146 9.77 -1.67 1.51
N VAL A 147 8.65 -1.84 2.21
CA VAL A 147 8.66 -2.26 3.62
C VAL A 147 7.90 -3.58 3.78
N ALA A 148 8.52 -4.55 4.45
CA ALA A 148 7.89 -5.86 4.68
C ALA A 148 7.58 -6.04 6.16
N GLY A 149 6.38 -6.53 6.45
CA GLY A 149 5.96 -6.75 7.84
C GLY A 149 5.49 -8.17 8.08
N ASP A 150 5.91 -8.73 9.22
CA ASP A 150 5.57 -10.11 9.57
C ASP A 150 4.35 -10.17 10.49
N LEU A 151 3.41 -11.06 10.15
CA LEU A 151 2.19 -11.23 10.96
C LEU A 151 2.54 -11.69 12.36
N VAL A 152 2.05 -10.94 13.35
CA VAL A 152 2.32 -11.25 14.75
C VAL A 152 1.07 -11.79 15.43
N GLY A 153 -0.11 -11.44 14.91
CA GLY A 153 -1.35 -11.92 15.49
C GLY A 153 -2.57 -11.23 14.91
N THR A 154 -3.73 -11.86 15.06
CA THR A 154 -4.99 -11.32 14.55
C THR A 154 -6.08 -11.42 15.60
N LYS A 155 -7.08 -10.55 15.48
CA LYS A 155 -8.21 -10.54 16.39
C LYS A 155 -9.46 -10.09 15.64
N ALA A 156 -10.59 -10.04 16.33
CA ALA A 156 -11.83 -9.61 15.70
C ALA A 156 -12.08 -8.12 15.91
N LYS A 157 -12.70 -7.51 14.92
CA LYS A 157 -13.01 -6.09 14.98
C LYS A 157 -14.09 -5.82 16.00
N LYS A 158 -13.69 -5.76 17.26
CA LYS A 158 -14.64 -5.48 18.32
C LYS A 158 -15.87 -6.37 18.20
N GLY A 1 2.27 4.59 -28.08
CA GLY A 1 2.38 5.83 -28.90
C GLY A 1 1.16 6.71 -28.69
N SER A 2 0.20 6.59 -29.59
CA SER A 2 -1.04 7.37 -29.51
C SER A 2 -1.78 7.07 -28.21
N HIS A 3 -1.87 5.78 -27.89
CA HIS A 3 -2.54 5.34 -26.67
C HIS A 3 -1.63 5.56 -25.47
N MET A 4 -2.22 6.04 -24.37
CA MET A 4 -1.47 6.29 -23.15
C MET A 4 -1.58 5.11 -22.18
N ASP A 5 -0.49 4.82 -21.49
CA ASP A 5 -0.46 3.72 -20.53
C ASP A 5 -1.22 4.10 -19.25
N ALA A 6 -1.96 3.15 -18.70
CA ALA A 6 -2.76 3.38 -17.49
C ALA A 6 -1.88 3.56 -16.25
N SER A 7 -0.63 3.13 -16.36
CA SER A 7 0.32 3.20 -15.26
C SER A 7 1.04 4.55 -15.23
N LYS A 8 0.73 5.40 -16.19
CA LYS A 8 1.35 6.71 -16.31
C LYS A 8 0.91 7.64 -15.16
N ILE A 9 0.77 7.07 -13.98
CA ILE A 9 0.34 7.84 -12.81
C ILE A 9 1.31 8.96 -12.50
N ASP A 10 2.59 8.61 -12.43
CA ASP A 10 3.62 9.61 -12.17
C ASP A 10 3.34 10.32 -10.85
N GLN A 11 2.75 11.51 -10.94
CA GLN A 11 2.46 12.31 -9.75
C GLN A 11 1.24 13.20 -10.01
N PRO A 12 0.03 12.65 -9.97
CA PRO A 12 -1.20 13.43 -10.21
C PRO A 12 -1.15 14.78 -9.50
N ASP A 13 -1.61 15.81 -10.19
CA ASP A 13 -1.63 17.15 -9.63
C ASP A 13 -2.70 17.24 -8.54
N LEU A 14 -2.44 18.04 -7.52
CA LEU A 14 -3.37 18.20 -6.42
C LEU A 14 -4.77 18.49 -6.93
N ALA A 15 -4.84 19.11 -8.12
CA ALA A 15 -6.13 19.45 -8.72
C ALA A 15 -6.90 18.19 -9.08
N GLU A 16 -6.18 17.20 -9.58
CA GLU A 16 -6.79 15.93 -9.97
C GLU A 16 -7.16 15.11 -8.73
N VAL A 17 -6.34 15.25 -7.70
CA VAL A 17 -6.56 14.52 -6.45
C VAL A 17 -7.70 15.12 -5.66
N ALA A 18 -7.70 16.43 -5.54
CA ALA A 18 -8.74 17.15 -4.81
C ALA A 18 -10.10 17.00 -5.50
N ASN A 19 -10.08 17.02 -6.83
CA ASN A 19 -11.29 16.92 -7.64
C ASN A 19 -11.72 15.45 -7.81
N ALA A 20 -10.76 14.56 -7.71
CA ALA A 20 -11.03 13.13 -7.86
C ALA A 20 -12.02 12.67 -6.80
N SER A 21 -13.06 11.96 -7.25
CA SER A 21 -14.11 11.46 -6.35
C SER A 21 -13.81 10.02 -5.94
N LEU A 22 -14.39 9.57 -4.82
CA LEU A 22 -14.14 8.20 -4.33
C LEU A 22 -15.43 7.57 -3.82
N ASP A 23 -15.78 6.42 -4.38
CA ASP A 23 -16.96 5.69 -3.97
C ASP A 23 -16.67 4.88 -2.72
N LYS A 24 -17.16 5.35 -1.59
CA LYS A 24 -16.94 4.68 -0.32
C LYS A 24 -17.29 3.20 -0.45
N LYS A 25 -18.31 2.92 -1.24
CA LYS A 25 -18.77 1.56 -1.47
C LYS A 25 -17.64 0.71 -2.07
N GLN A 26 -16.57 1.39 -2.48
CA GLN A 26 -15.42 0.73 -3.09
C GLN A 26 -14.39 0.34 -2.03
N VAL A 27 -14.67 0.71 -0.79
CA VAL A 27 -13.78 0.41 0.33
C VAL A 27 -14.10 -0.98 0.88
N ILE A 28 -13.05 -1.77 1.11
CA ILE A 28 -13.21 -3.14 1.60
C ILE A 28 -12.57 -3.33 2.97
N GLY A 29 -11.88 -2.30 3.43
CA GLY A 29 -11.21 -2.36 4.73
C GLY A 29 -10.37 -1.12 4.94
N ARG A 30 -9.45 -1.18 5.90
CA ARG A 30 -8.60 -0.03 6.17
C ARG A 30 -7.28 -0.45 6.80
N ILE A 31 -6.33 0.48 6.82
CA ILE A 31 -5.01 0.23 7.39
C ILE A 31 -4.62 1.38 8.30
N SER A 32 -4.09 1.01 9.46
CA SER A 32 -3.69 1.99 10.46
C SER A 32 -2.23 1.79 10.83
N ILE A 33 -1.47 2.88 10.80
CA ILE A 33 -0.05 2.83 11.09
C ILE A 33 0.38 3.93 12.07
N PRO A 34 0.76 3.59 13.30
CA PRO A 34 1.16 4.61 14.32
C PRO A 34 2.58 5.13 14.12
N SER A 35 3.46 4.25 13.69
CA SER A 35 4.85 4.58 13.52
C SER A 35 5.02 5.88 12.74
N VAL A 36 4.14 6.11 11.78
CA VAL A 36 4.20 7.32 10.95
C VAL A 36 2.94 8.16 11.11
N SER A 37 1.94 7.66 11.85
CA SER A 37 0.71 8.42 12.04
C SER A 37 -0.10 8.40 10.75
N LEU A 38 -0.21 7.22 10.16
CA LEU A 38 -0.93 7.05 8.91
C LEU A 38 -2.20 6.22 9.11
N GLU A 39 -3.30 6.76 8.62
CA GLU A 39 -4.60 6.09 8.72
C GLU A 39 -5.28 6.22 7.38
N LEU A 40 -5.50 5.08 6.71
CA LEU A 40 -6.10 5.12 5.38
C LEU A 40 -7.06 3.96 5.10
N PRO A 41 -7.91 4.11 4.10
CA PRO A 41 -8.86 3.06 3.69
C PRO A 41 -8.16 2.13 2.70
N VAL A 42 -8.60 0.89 2.66
CA VAL A 42 -8.03 -0.09 1.74
C VAL A 42 -8.98 -0.28 0.56
N LEU A 43 -8.53 0.10 -0.62
CA LEU A 43 -9.35 -0.01 -1.83
C LEU A 43 -8.95 -1.25 -2.62
N LYS A 44 -9.94 -2.08 -2.95
CA LYS A 44 -9.68 -3.31 -3.69
C LYS A 44 -9.18 -3.00 -5.11
N SER A 45 -9.90 -2.12 -5.80
CA SER A 45 -9.56 -1.75 -7.17
C SER A 45 -8.41 -0.74 -7.19
N SER A 46 -7.23 -1.20 -7.64
CA SER A 46 -6.06 -0.33 -7.73
C SER A 46 -6.06 0.40 -9.05
N THR A 47 -6.52 1.65 -9.01
CA THR A 47 -6.58 2.48 -10.20
C THR A 47 -6.02 3.86 -9.91
N GLU A 48 -5.56 4.51 -10.95
CA GLU A 48 -4.98 5.83 -10.81
C GLU A 48 -5.92 6.74 -10.05
N LYS A 49 -7.21 6.46 -10.15
CA LYS A 49 -8.23 7.26 -9.50
C LYS A 49 -8.43 6.84 -8.04
N ASN A 50 -8.54 5.55 -7.83
CA ASN A 50 -8.75 5.00 -6.50
C ASN A 50 -7.55 5.24 -5.59
N LEU A 51 -6.36 5.23 -6.17
CA LEU A 51 -5.14 5.42 -5.41
C LEU A 51 -5.08 6.81 -4.79
N LEU A 52 -5.87 7.73 -5.31
CA LEU A 52 -5.86 9.11 -4.84
C LEU A 52 -6.45 9.26 -3.44
N SER A 53 -7.33 8.33 -3.05
CA SER A 53 -7.97 8.42 -1.74
C SER A 53 -7.22 7.66 -0.64
N GLY A 54 -6.21 6.88 -1.01
CA GLY A 54 -5.46 6.13 -0.01
C GLY A 54 -4.61 5.04 -0.64
N ALA A 55 -4.35 4.01 0.14
CA ALA A 55 -3.56 2.87 -0.30
C ALA A 55 -4.47 1.82 -0.92
N ALA A 56 -4.15 1.44 -2.16
CA ALA A 56 -4.94 0.43 -2.88
C ALA A 56 -4.22 -0.91 -2.90
N THR A 57 -5.00 -2.00 -2.88
CA THR A 57 -4.42 -3.34 -2.93
C THR A 57 -3.95 -3.65 -4.35
N VAL A 58 -2.92 -4.47 -4.49
CA VAL A 58 -2.38 -4.77 -5.81
C VAL A 58 -3.10 -5.93 -6.50
N LYS A 59 -3.15 -7.10 -5.85
CA LYS A 59 -3.80 -8.28 -6.44
C LYS A 59 -5.23 -8.42 -5.91
N GLU A 60 -6.15 -8.77 -6.82
CA GLU A 60 -7.56 -8.92 -6.49
C GLU A 60 -7.86 -10.27 -5.82
N ASN A 61 -6.81 -11.00 -5.48
CA ASN A 61 -6.97 -12.34 -4.88
C ASN A 61 -6.08 -12.51 -3.66
N GLN A 62 -5.70 -11.38 -3.07
CA GLN A 62 -4.85 -11.40 -1.87
C GLN A 62 -5.71 -11.43 -0.63
N VAL A 63 -5.12 -11.92 0.47
CA VAL A 63 -5.84 -12.01 1.74
C VAL A 63 -4.97 -11.51 2.90
N MET A 64 -5.55 -10.69 3.76
CA MET A 64 -4.83 -10.16 4.91
C MET A 64 -4.50 -11.29 5.88
N GLY A 65 -3.24 -11.41 6.26
CA GLY A 65 -2.80 -12.44 7.20
C GLY A 65 -2.41 -13.72 6.48
N LYS A 66 -2.50 -13.70 5.15
CA LYS A 66 -2.17 -14.88 4.36
C LYS A 66 -1.46 -14.48 3.07
N GLY A 67 -0.31 -15.09 2.81
CA GLY A 67 0.44 -14.78 1.61
C GLY A 67 1.04 -13.38 1.74
N ASN A 68 1.60 -12.88 0.65
CA ASN A 68 2.19 -11.55 0.65
C ASN A 68 1.13 -10.50 0.33
N TYR A 69 0.75 -9.72 1.34
CA TYR A 69 -0.26 -8.68 1.18
C TYR A 69 0.39 -7.40 0.67
N ALA A 70 0.29 -7.19 -0.64
CA ALA A 70 0.89 -6.01 -1.26
C ALA A 70 -0.07 -4.83 -1.32
N LEU A 71 0.36 -3.73 -0.73
CA LEU A 71 -0.42 -2.47 -0.71
C LEU A 71 0.36 -1.40 -1.44
N ALA A 72 -0.32 -0.70 -2.34
CA ALA A 72 0.32 0.34 -3.14
C ALA A 72 -0.21 1.72 -2.74
N GLY A 73 0.71 2.67 -2.66
CA GLY A 73 0.36 4.03 -2.28
C GLY A 73 1.16 5.06 -3.08
N HIS A 74 0.94 6.32 -2.78
CA HIS A 74 1.62 7.42 -3.47
C HIS A 74 2.96 7.72 -2.79
N ASN A 75 3.98 8.03 -3.60
CA ASN A 75 5.32 8.33 -3.09
C ASN A 75 5.65 9.80 -3.26
N MET A 76 4.62 10.61 -3.29
CA MET A 76 4.77 12.05 -3.46
C MET A 76 5.91 12.60 -2.62
N SER A 77 6.38 11.84 -1.65
CA SER A 77 7.49 12.29 -0.83
C SER A 77 7.11 13.58 -0.12
N LYS A 78 5.87 13.66 0.33
CA LYS A 78 5.35 14.84 1.01
C LYS A 78 4.60 14.40 2.26
N LYS A 79 5.12 14.79 3.41
CA LYS A 79 4.49 14.42 4.65
C LYS A 79 3.06 14.92 4.69
N GLY A 80 2.14 13.99 4.93
CA GLY A 80 0.70 14.31 4.94
C GLY A 80 -0.04 13.62 3.80
N VAL A 81 0.67 13.30 2.72
CA VAL A 81 0.04 12.62 1.58
C VAL A 81 -0.02 11.14 1.89
N LEU A 82 -0.60 10.37 0.98
CA LEU A 82 -0.76 8.94 1.18
C LEU A 82 0.60 8.24 1.05
N PHE A 83 0.90 7.32 1.96
CA PHE A 83 2.16 6.57 1.90
C PHE A 83 3.33 7.50 1.58
N SER A 84 3.23 8.73 2.05
CA SER A 84 4.26 9.72 1.79
C SER A 84 5.45 9.55 2.72
N ASP A 85 5.33 8.67 3.71
CA ASP A 85 6.40 8.48 4.71
C ASP A 85 6.55 7.00 5.12
N ILE A 86 6.33 6.10 4.20
CA ILE A 86 6.45 4.67 4.50
C ILE A 86 7.89 4.25 4.77
N ALA A 87 8.83 4.95 4.14
CA ALA A 87 10.24 4.63 4.31
C ALA A 87 10.72 5.05 5.69
N SER A 88 9.81 5.51 6.54
CA SER A 88 10.14 5.97 7.86
C SER A 88 9.87 4.86 8.87
N LEU A 89 9.14 3.86 8.44
CA LEU A 89 8.80 2.73 9.29
C LEU A 89 10.06 1.97 9.66
N LYS A 90 10.27 1.82 10.96
CA LYS A 90 11.42 1.11 11.48
C LYS A 90 11.07 -0.34 11.79
N LYS A 91 12.09 -1.20 11.76
CA LYS A 91 11.90 -2.62 12.04
C LYS A 91 11.31 -2.84 13.43
N GLY A 92 10.21 -3.58 13.48
CA GLY A 92 9.55 -3.87 14.76
C GLY A 92 8.42 -2.90 15.03
N ASP A 93 7.94 -2.27 13.96
CA ASP A 93 6.84 -1.31 14.07
C ASP A 93 5.52 -2.05 13.88
N LYS A 94 4.55 -1.79 14.75
CA LYS A 94 3.26 -2.49 14.64
C LYS A 94 2.37 -1.83 13.58
N ILE A 95 1.65 -2.69 12.86
CA ILE A 95 0.73 -2.24 11.81
C ILE A 95 -0.61 -2.95 11.97
N TYR A 96 -1.68 -2.17 12.07
CA TYR A 96 -3.01 -2.72 12.26
C TYR A 96 -3.78 -2.67 10.95
N LEU A 97 -4.23 -3.85 10.50
CA LEU A 97 -4.98 -3.96 9.24
C LEU A 97 -6.41 -4.41 9.51
N TYR A 98 -7.31 -4.10 8.57
CA TYR A 98 -8.72 -4.46 8.73
C TYR A 98 -9.29 -5.06 7.46
N ASP A 99 -9.81 -6.27 7.59
CA ASP A 99 -10.45 -6.99 6.50
C ASP A 99 -11.91 -7.12 6.86
N ASN A 100 -12.64 -7.99 6.15
CA ASN A 100 -14.07 -8.22 6.41
C ASN A 100 -14.51 -7.58 7.72
N GLU A 101 -14.29 -8.31 8.82
CA GLU A 101 -14.61 -7.83 10.15
C GLU A 101 -13.48 -8.23 11.10
N ASN A 102 -12.28 -8.35 10.55
CA ASN A 102 -11.11 -8.81 11.33
C ASN A 102 -10.02 -7.75 11.42
N GLU A 103 -9.31 -7.78 12.55
CA GLU A 103 -8.20 -6.86 12.79
C GLU A 103 -6.90 -7.65 12.77
N TYR A 104 -6.00 -7.28 11.84
CA TYR A 104 -4.72 -7.98 11.69
C TYR A 104 -3.56 -7.15 12.21
N GLU A 105 -2.79 -7.73 13.13
CA GLU A 105 -1.63 -7.05 13.68
C GLU A 105 -0.38 -7.49 12.91
N TYR A 106 0.28 -6.54 12.27
CA TYR A 106 1.48 -6.81 11.47
C TYR A 106 2.68 -6.05 12.05
N ALA A 107 3.86 -6.66 11.98
CA ALA A 107 5.07 -6.02 12.49
C ALA A 107 6.10 -5.86 11.37
N VAL A 108 6.64 -4.65 11.26
CA VAL A 108 7.64 -4.32 10.25
C VAL A 108 8.92 -5.08 10.51
N THR A 109 9.47 -5.68 9.44
CA THR A 109 10.69 -6.47 9.53
C THR A 109 11.89 -5.69 9.03
N GLY A 110 11.64 -4.74 8.13
CA GLY A 110 12.72 -3.93 7.59
C GLY A 110 12.30 -3.25 6.30
N VAL A 111 13.23 -2.50 5.73
CA VAL A 111 13.02 -1.76 4.49
C VAL A 111 14.16 -2.02 3.52
N SER A 112 13.87 -2.02 2.23
CA SER A 112 14.89 -2.29 1.23
C SER A 112 14.56 -1.59 -0.09
N GLU A 113 15.59 -1.41 -0.92
CA GLU A 113 15.44 -0.75 -2.22
C GLU A 113 15.53 -1.78 -3.34
N VAL A 114 14.45 -1.92 -4.12
CA VAL A 114 14.41 -2.90 -5.20
C VAL A 114 13.90 -2.27 -6.48
N THR A 115 14.30 -2.85 -7.61
CA THR A 115 13.86 -2.33 -8.89
C THR A 115 12.41 -2.74 -9.14
N PRO A 116 11.56 -1.85 -9.62
CA PRO A 116 10.11 -2.18 -9.86
C PRO A 116 9.96 -3.51 -10.60
N ASP A 117 11.05 -3.99 -11.18
CA ASP A 117 11.02 -5.23 -11.94
C ASP A 117 11.09 -6.44 -11.03
N LYS A 118 11.63 -6.23 -9.84
CA LYS A 118 11.77 -7.29 -8.84
C LYS A 118 10.48 -7.41 -8.02
N TRP A 119 9.47 -8.00 -8.63
CA TRP A 119 8.17 -8.15 -7.97
C TRP A 119 8.20 -9.18 -6.86
N GLU A 120 9.22 -10.03 -6.86
CA GLU A 120 9.37 -11.05 -5.83
C GLU A 120 9.31 -10.44 -4.43
N VAL A 121 9.25 -9.11 -4.40
CA VAL A 121 9.20 -8.35 -3.16
C VAL A 121 7.78 -8.11 -2.67
N VAL A 122 6.80 -8.57 -3.44
CA VAL A 122 5.38 -8.40 -3.09
C VAL A 122 4.65 -9.72 -3.26
N GLU A 123 5.38 -10.67 -3.82
CA GLU A 123 4.82 -11.97 -4.12
C GLU A 123 4.77 -12.88 -2.90
N ASP A 124 3.91 -13.88 -2.99
CA ASP A 124 3.72 -14.86 -1.93
C ASP A 124 4.97 -15.70 -1.74
N HIS A 125 5.49 -15.71 -0.50
CA HIS A 125 6.71 -16.47 -0.18
C HIS A 125 6.42 -17.62 0.78
N GLY A 126 5.17 -18.11 0.80
CA GLY A 126 4.80 -19.22 1.67
C GLY A 126 4.59 -18.75 3.10
N LYS A 127 4.39 -17.46 3.26
CA LYS A 127 4.19 -16.87 4.57
C LYS A 127 3.28 -15.65 4.51
N ASP A 128 2.79 -15.22 5.67
CA ASP A 128 1.92 -14.06 5.75
C ASP A 128 2.70 -12.82 6.13
N GLU A 129 3.22 -12.16 5.11
CA GLU A 129 4.03 -10.95 5.29
C GLU A 129 3.40 -9.78 4.50
N ILE A 130 3.21 -8.63 5.15
CA ILE A 130 2.65 -7.46 4.48
C ILE A 130 3.74 -6.75 3.70
N THR A 131 3.39 -6.15 2.57
CA THR A 131 4.37 -5.45 1.74
C THR A 131 3.82 -4.10 1.24
N LEU A 132 4.49 -3.02 1.59
CA LEU A 132 4.07 -1.67 1.18
C LEU A 132 4.97 -1.14 0.08
N ILE A 133 4.35 -0.79 -1.04
CA ILE A 133 5.06 -0.28 -2.20
C ILE A 133 4.31 0.92 -2.82
N THR A 134 4.75 1.33 -3.99
CA THR A 134 4.15 2.48 -4.68
C THR A 134 3.91 2.18 -6.16
N CYS A 135 2.69 2.45 -6.63
CA CYS A 135 2.34 2.20 -8.03
C CYS A 135 2.68 3.42 -8.88
N VAL A 136 3.69 3.28 -9.74
CA VAL A 136 4.14 4.38 -10.60
C VAL A 136 4.49 3.87 -11.99
N SER A 137 4.63 4.81 -12.93
CA SER A 137 4.98 4.45 -14.31
C SER A 137 6.25 3.62 -14.32
N VAL A 138 6.35 2.71 -15.29
CA VAL A 138 7.52 1.83 -15.38
C VAL A 138 8.78 2.65 -15.55
N LYS A 139 8.76 3.59 -16.50
CA LYS A 139 9.92 4.44 -16.69
C LYS A 139 11.17 3.58 -16.88
N ASP A 140 12.28 4.24 -17.20
CA ASP A 140 13.54 3.53 -17.40
C ASP A 140 14.02 2.95 -16.06
N ASN A 141 15.18 3.41 -15.59
CA ASN A 141 15.74 2.94 -14.32
C ASN A 141 15.37 3.91 -13.21
N SER A 142 14.88 3.38 -12.09
CA SER A 142 14.47 4.22 -10.96
C SER A 142 14.55 3.47 -9.64
N LYS A 143 14.70 4.22 -8.54
CA LYS A 143 14.80 3.63 -7.21
C LYS A 143 13.45 3.71 -6.49
N ARG A 144 13.13 2.66 -5.72
CA ARG A 144 11.86 2.60 -5.01
C ARG A 144 12.03 2.03 -3.61
N TYR A 145 11.40 2.69 -2.63
CA TYR A 145 11.46 2.23 -1.25
C TYR A 145 10.37 1.20 -0.98
N VAL A 146 10.74 0.09 -0.33
CA VAL A 146 9.78 -0.98 -0.03
C VAL A 146 9.91 -1.43 1.42
N VAL A 147 8.75 -1.59 2.07
CA VAL A 147 8.69 -2.01 3.48
C VAL A 147 7.94 -3.33 3.61
N ALA A 148 8.56 -4.27 4.32
CA ALA A 148 7.97 -5.60 4.53
C ALA A 148 7.75 -5.85 6.02
N GLY A 149 6.59 -6.43 6.35
CA GLY A 149 6.23 -6.72 7.73
C GLY A 149 5.67 -8.13 7.88
N ASP A 150 5.98 -8.72 9.02
CA ASP A 150 5.56 -10.10 9.32
C ASP A 150 4.35 -10.11 10.25
N LEU A 151 3.42 -11.02 9.98
CA LEU A 151 2.20 -11.14 10.79
C LEU A 151 2.55 -11.57 12.21
N VAL A 152 2.04 -10.80 13.18
CA VAL A 152 2.31 -11.07 14.60
C VAL A 152 1.07 -11.64 15.29
N GLY A 153 -0.10 -11.33 14.76
CA GLY A 153 -1.33 -11.84 15.36
C GLY A 153 -2.58 -11.19 14.75
N THR A 154 -3.72 -11.84 14.93
CA THR A 154 -4.98 -11.34 14.40
C THR A 154 -6.11 -11.61 15.39
N LYS A 155 -7.16 -10.82 15.26
CA LYS A 155 -8.32 -10.95 16.13
C LYS A 155 -9.57 -10.50 15.37
N ALA A 156 -10.72 -10.58 16.02
CA ALA A 156 -11.97 -10.18 15.38
C ALA A 156 -12.33 -8.75 15.74
N LYS A 157 -12.92 -8.04 14.77
CA LYS A 157 -13.30 -6.66 14.97
C LYS A 157 -14.45 -6.54 15.94
N LYS A 158 -14.16 -6.66 17.22
CA LYS A 158 -15.19 -6.52 18.23
C LYS A 158 -16.38 -7.43 17.90
N GLY A 1 -3.99 -3.44 -23.71
CA GLY A 1 -2.69 -3.91 -24.26
C GLY A 1 -1.57 -3.14 -23.60
N SER A 2 -0.69 -2.56 -24.41
CA SER A 2 0.40 -1.77 -23.88
C SER A 2 1.10 -2.51 -22.74
N HIS A 3 0.94 -3.83 -22.71
CA HIS A 3 1.58 -4.62 -21.65
C HIS A 3 1.35 -3.96 -20.30
N MET A 4 2.17 -4.33 -19.32
CA MET A 4 2.05 -3.75 -17.98
C MET A 4 2.85 -2.45 -17.90
N ASP A 5 2.68 -1.70 -16.81
CA ASP A 5 3.38 -0.42 -16.64
C ASP A 5 3.89 -0.27 -15.22
N ALA A 6 5.05 0.39 -15.09
CA ALA A 6 5.67 0.60 -13.78
C ALA A 6 4.87 1.56 -12.92
N SER A 7 4.43 2.67 -13.51
CA SER A 7 3.68 3.68 -12.76
C SER A 7 2.80 4.51 -13.69
N LYS A 8 1.73 3.90 -14.18
CA LYS A 8 0.81 4.58 -15.10
C LYS A 8 0.03 5.68 -14.39
N ILE A 9 0.20 5.75 -13.10
CA ILE A 9 -0.50 6.74 -12.29
C ILE A 9 -0.04 8.14 -12.63
N ASP A 10 1.22 8.27 -13.02
CA ASP A 10 1.74 9.59 -13.39
C ASP A 10 1.58 10.54 -12.21
N GLN A 11 2.69 10.94 -11.59
CA GLN A 11 2.65 11.85 -10.45
C GLN A 11 1.56 12.91 -10.64
N PRO A 12 0.35 12.67 -10.15
CA PRO A 12 -0.78 13.63 -10.31
C PRO A 12 -0.63 14.81 -9.37
N ASP A 13 -1.17 15.96 -9.78
CA ASP A 13 -1.11 17.16 -8.96
C ASP A 13 -2.13 17.06 -7.84
N LEU A 14 -1.92 17.83 -6.78
CA LEU A 14 -2.82 17.82 -5.62
C LEU A 14 -4.22 18.21 -6.03
N ALA A 15 -4.32 18.95 -7.12
CA ALA A 15 -5.62 19.40 -7.61
C ALA A 15 -6.47 18.21 -8.04
N GLU A 16 -5.83 17.24 -8.67
CA GLU A 16 -6.51 16.03 -9.14
C GLU A 16 -6.87 15.14 -7.95
N VAL A 17 -6.00 15.13 -6.96
CA VAL A 17 -6.18 14.31 -5.76
C VAL A 17 -7.25 14.90 -4.86
N ALA A 18 -7.18 16.21 -4.65
CA ALA A 18 -8.14 16.90 -3.81
C ALA A 18 -9.54 16.85 -4.42
N ASN A 19 -9.60 16.96 -5.74
CA ASN A 19 -10.87 16.96 -6.47
C ASN A 19 -11.36 15.52 -6.72
N ALA A 20 -10.43 14.58 -6.67
CA ALA A 20 -10.75 13.16 -6.88
C ALA A 20 -11.74 12.68 -5.81
N SER A 21 -12.80 11.99 -6.25
CA SER A 21 -13.82 11.50 -5.33
C SER A 21 -14.33 10.11 -5.72
N LEU A 22 -13.58 9.09 -5.35
CA LEU A 22 -13.96 7.71 -5.63
C LEU A 22 -15.13 7.27 -4.74
N ASP A 23 -15.88 6.29 -5.21
CA ASP A 23 -17.00 5.76 -4.43
C ASP A 23 -16.47 4.97 -3.24
N LYS A 24 -17.08 5.17 -2.07
CA LYS A 24 -16.67 4.46 -0.86
C LYS A 24 -16.94 2.97 -0.99
N LYS A 25 -17.63 2.62 -2.06
CA LYS A 25 -17.98 1.24 -2.33
C LYS A 25 -16.74 0.39 -2.62
N GLN A 26 -15.71 1.04 -3.17
CA GLN A 26 -14.46 0.37 -3.53
C GLN A 26 -13.59 0.10 -2.31
N VAL A 27 -14.15 0.42 -1.13
CA VAL A 27 -13.45 0.22 0.15
C VAL A 27 -13.95 -1.04 0.83
N ILE A 28 -13.03 -1.92 1.21
CA ILE A 28 -13.39 -3.20 1.82
C ILE A 28 -12.52 -3.53 3.03
N GLY A 29 -11.71 -2.57 3.45
CA GLY A 29 -10.82 -2.78 4.59
C GLY A 29 -10.16 -1.47 4.97
N ARG A 30 -9.23 -1.52 5.90
CA ARG A 30 -8.56 -0.30 6.34
C ARG A 30 -7.16 -0.60 6.88
N ILE A 31 -6.29 0.41 6.81
CA ILE A 31 -4.92 0.29 7.29
C ILE A 31 -4.61 1.44 8.23
N SER A 32 -4.05 1.08 9.37
CA SER A 32 -3.70 2.07 10.40
C SER A 32 -2.26 1.88 10.84
N ILE A 33 -1.50 2.96 10.85
CA ILE A 33 -0.08 2.90 11.21
C ILE A 33 0.30 4.04 12.17
N PRO A 34 0.80 3.74 13.37
CA PRO A 34 1.19 4.78 14.37
C PRO A 34 2.59 5.34 14.10
N SER A 35 3.47 4.48 13.62
CA SER A 35 4.85 4.85 13.39
C SER A 35 4.96 6.14 12.59
N VAL A 36 4.09 6.31 11.61
CA VAL A 36 4.13 7.50 10.76
C VAL A 36 2.83 8.29 10.88
N SER A 37 1.84 7.73 11.58
CA SER A 37 0.55 8.42 11.75
C SER A 37 -0.27 8.33 10.46
N LEU A 38 -0.36 7.13 9.93
CA LEU A 38 -1.09 6.89 8.68
C LEU A 38 -2.41 6.14 8.96
N GLU A 39 -3.51 6.76 8.54
CA GLU A 39 -4.83 6.17 8.70
C GLU A 39 -5.52 6.26 7.36
N LEU A 40 -5.71 5.11 6.69
CA LEU A 40 -6.33 5.13 5.37
C LEU A 40 -7.22 3.93 5.11
N PRO A 41 -8.04 4.00 4.07
CA PRO A 41 -8.92 2.89 3.67
C PRO A 41 -8.16 1.98 2.72
N VAL A 42 -8.56 0.73 2.63
CA VAL A 42 -7.92 -0.22 1.73
C VAL A 42 -8.84 -0.50 0.55
N LEU A 43 -8.37 -0.19 -0.65
CA LEU A 43 -9.17 -0.41 -1.86
C LEU A 43 -8.69 -1.66 -2.59
N LYS A 44 -9.57 -2.63 -2.73
CA LYS A 44 -9.22 -3.88 -3.40
C LYS A 44 -8.82 -3.63 -4.85
N SER A 45 -9.64 -2.86 -5.55
CA SER A 45 -9.37 -2.55 -6.95
C SER A 45 -8.36 -1.41 -7.08
N SER A 46 -7.21 -1.70 -7.70
CA SER A 46 -6.17 -0.70 -7.87
C SER A 46 -6.46 0.16 -9.09
N THR A 47 -7.42 1.06 -8.93
CA THR A 47 -7.81 1.96 -10.00
C THR A 47 -6.98 3.24 -9.93
N GLU A 48 -6.62 3.77 -11.08
CA GLU A 48 -5.83 4.97 -11.14
C GLU A 48 -6.43 6.06 -10.25
N LYS A 49 -7.68 6.39 -10.52
CA LYS A 49 -8.41 7.42 -9.76
C LYS A 49 -8.64 7.00 -8.31
N ASN A 50 -8.81 5.71 -8.09
CA ASN A 50 -9.05 5.21 -6.75
C ASN A 50 -7.82 5.35 -5.84
N LEU A 51 -6.63 5.36 -6.44
CA LEU A 51 -5.40 5.47 -5.66
C LEU A 51 -5.20 6.86 -5.11
N LEU A 52 -6.02 7.79 -5.55
CA LEU A 52 -5.90 9.17 -5.12
C LEU A 52 -6.44 9.39 -3.70
N SER A 53 -7.20 8.44 -3.17
CA SER A 53 -7.80 8.62 -1.83
C SER A 53 -7.21 7.68 -0.77
N GLY A 54 -6.35 6.76 -1.17
CA GLY A 54 -5.76 5.84 -0.21
C GLY A 54 -4.86 4.83 -0.88
N ALA A 55 -4.50 3.81 -0.12
CA ALA A 55 -3.65 2.74 -0.62
C ALA A 55 -4.50 1.60 -1.14
N ALA A 56 -4.23 1.17 -2.39
CA ALA A 56 -4.99 0.09 -3.00
C ALA A 56 -4.19 -1.21 -3.02
N THR A 57 -4.89 -2.34 -3.01
CA THR A 57 -4.22 -3.65 -3.04
C THR A 57 -3.77 -3.94 -4.46
N VAL A 58 -2.76 -4.80 -4.63
CA VAL A 58 -2.24 -5.08 -5.97
C VAL A 58 -3.03 -6.17 -6.69
N LYS A 59 -3.16 -7.34 -6.07
CA LYS A 59 -3.89 -8.46 -6.69
C LYS A 59 -5.34 -8.48 -6.22
N GLU A 60 -6.24 -8.74 -7.17
CA GLU A 60 -7.68 -8.77 -6.88
C GLU A 60 -8.12 -10.12 -6.30
N ASN A 61 -7.16 -10.98 -6.02
CA ASN A 61 -7.45 -12.33 -5.50
C ASN A 61 -6.62 -12.65 -4.27
N GLN A 62 -6.20 -11.60 -3.57
CA GLN A 62 -5.40 -11.76 -2.36
C GLN A 62 -6.31 -11.74 -1.13
N VAL A 63 -5.79 -12.23 -0.01
CA VAL A 63 -6.54 -12.29 1.24
C VAL A 63 -5.74 -11.67 2.38
N MET A 64 -6.39 -10.85 3.20
CA MET A 64 -5.73 -10.21 4.32
C MET A 64 -5.40 -11.25 5.40
N GLY A 65 -4.13 -11.34 5.78
CA GLY A 65 -3.71 -12.29 6.81
C GLY A 65 -3.28 -13.61 6.19
N LYS A 66 -3.20 -13.64 4.87
CA LYS A 66 -2.82 -14.87 4.19
C LYS A 66 -1.96 -14.58 2.97
N GLY A 67 -0.78 -15.19 2.92
CA GLY A 67 0.13 -14.98 1.80
C GLY A 67 0.74 -13.59 1.91
N ASN A 68 1.44 -13.17 0.86
CA ASN A 68 2.06 -11.86 0.84
C ASN A 68 1.04 -10.80 0.44
N TYR A 69 0.62 -10.00 1.40
CA TYR A 69 -0.37 -8.95 1.15
C TYR A 69 0.31 -7.69 0.63
N ALA A 70 0.23 -7.49 -0.67
CA ALA A 70 0.85 -6.33 -1.30
C ALA A 70 -0.10 -5.14 -1.37
N LEU A 71 0.37 -4.00 -0.89
CA LEU A 71 -0.40 -2.76 -0.90
C LEU A 71 0.39 -1.69 -1.64
N ALA A 72 -0.26 -1.01 -2.57
CA ALA A 72 0.39 0.03 -3.37
C ALA A 72 -0.12 1.41 -3.02
N GLY A 73 0.79 2.37 -2.97
CA GLY A 73 0.44 3.74 -2.63
C GLY A 73 1.25 4.74 -3.45
N HIS A 74 1.00 6.02 -3.21
CA HIS A 74 1.70 7.09 -3.92
C HIS A 74 3.08 7.31 -3.31
N ASN A 75 4.00 7.88 -4.09
CA ASN A 75 5.37 8.13 -3.63
C ASN A 75 5.73 9.61 -3.73
N MET A 76 4.71 10.45 -3.66
CA MET A 76 4.90 11.88 -3.76
C MET A 76 6.06 12.36 -2.90
N SER A 77 6.55 11.50 -2.00
CA SER A 77 7.68 11.88 -1.17
C SER A 77 7.37 13.17 -0.42
N LYS A 78 6.13 13.27 0.04
CA LYS A 78 5.67 14.45 0.76
C LYS A 78 4.91 14.02 2.00
N LYS A 79 5.38 14.44 3.15
CA LYS A 79 4.73 14.06 4.39
C LYS A 79 3.29 14.53 4.39
N GLY A 80 2.38 13.59 4.59
CA GLY A 80 0.95 13.89 4.57
C GLY A 80 0.24 13.16 3.41
N VAL A 81 0.96 12.93 2.32
CA VAL A 81 0.37 12.23 1.17
C VAL A 81 0.28 10.75 1.52
N LEU A 82 -0.29 9.96 0.61
CA LEU A 82 -0.44 8.54 0.85
C LEU A 82 0.92 7.82 0.73
N PHE A 83 1.18 6.88 1.62
CA PHE A 83 2.44 6.12 1.55
C PHE A 83 3.63 7.05 1.31
N SER A 84 3.51 8.28 1.75
CA SER A 84 4.56 9.26 1.55
C SER A 84 5.66 9.17 2.62
N ASP A 85 5.35 8.48 3.72
CA ASP A 85 6.29 8.39 4.85
C ASP A 85 6.47 6.96 5.37
N ILE A 86 6.01 5.99 4.59
CA ILE A 86 6.12 4.59 4.99
C ILE A 86 7.57 4.11 4.96
N ALA A 87 8.38 4.75 4.14
CA ALA A 87 9.79 4.37 4.03
C ALA A 87 10.53 4.67 5.33
N SER A 88 9.80 5.18 6.32
CA SER A 88 10.38 5.52 7.60
C SER A 88 10.13 4.42 8.60
N LEU A 89 9.27 3.49 8.23
CA LEU A 89 8.93 2.37 9.08
C LEU A 89 10.16 1.50 9.32
N LYS A 90 10.53 1.36 10.57
CA LYS A 90 11.68 0.56 10.97
C LYS A 90 11.24 -0.80 11.47
N LYS A 91 12.20 -1.71 11.58
CA LYS A 91 11.91 -3.07 12.04
C LYS A 91 11.44 -3.07 13.50
N GLY A 92 10.22 -3.55 13.70
CA GLY A 92 9.64 -3.62 15.05
C GLY A 92 8.52 -2.62 15.22
N ASP A 93 8.04 -2.11 14.09
CA ASP A 93 6.96 -1.14 14.11
C ASP A 93 5.64 -1.88 13.89
N LYS A 94 4.63 -1.58 14.70
CA LYS A 94 3.34 -2.25 14.60
C LYS A 94 2.46 -1.62 13.52
N ILE A 95 1.79 -2.47 12.75
CA ILE A 95 0.88 -2.04 11.69
C ILE A 95 -0.48 -2.67 11.91
N TYR A 96 -1.51 -1.83 11.99
CA TYR A 96 -2.87 -2.29 12.22
C TYR A 96 -3.64 -2.37 10.90
N LEU A 97 -4.00 -3.60 10.52
CA LEU A 97 -4.73 -3.81 9.27
C LEU A 97 -6.14 -4.32 9.57
N TYR A 98 -7.11 -3.89 8.77
CA TYR A 98 -8.51 -4.28 8.97
C TYR A 98 -9.00 -5.20 7.88
N ASP A 99 -9.72 -6.23 8.31
CA ASP A 99 -10.32 -7.21 7.42
C ASP A 99 -11.83 -7.03 7.44
N ASN A 100 -12.55 -7.93 6.81
CA ASN A 100 -14.01 -7.82 6.76
C ASN A 100 -14.56 -7.32 8.09
N GLU A 101 -14.32 -8.09 9.13
CA GLU A 101 -14.77 -7.74 10.47
C GLU A 101 -13.66 -8.06 11.46
N ASN A 102 -12.43 -8.09 10.95
CA ASN A 102 -11.27 -8.48 11.78
C ASN A 102 -10.14 -7.45 11.73
N GLU A 103 -9.37 -7.41 12.82
CA GLU A 103 -8.24 -6.50 12.92
C GLU A 103 -6.96 -7.34 13.00
N TYR A 104 -6.05 -7.11 12.06
CA TYR A 104 -4.80 -7.85 11.99
C TYR A 104 -3.63 -7.00 12.47
N GLU A 105 -2.83 -7.58 13.35
CA GLU A 105 -1.65 -6.90 13.87
C GLU A 105 -0.43 -7.34 13.08
N TYR A 106 0.21 -6.39 12.40
CA TYR A 106 1.38 -6.67 11.57
C TYR A 106 2.60 -5.94 12.14
N ALA A 107 3.77 -6.60 12.11
CA ALA A 107 5.00 -5.98 12.61
C ALA A 107 6.02 -5.86 11.49
N VAL A 108 6.57 -4.65 11.36
CA VAL A 108 7.55 -4.35 10.33
C VAL A 108 8.83 -5.12 10.60
N THR A 109 9.37 -5.73 9.53
CA THR A 109 10.59 -6.52 9.62
C THR A 109 11.78 -5.75 9.09
N GLY A 110 11.54 -4.80 8.21
CA GLY A 110 12.64 -4.01 7.65
C GLY A 110 12.20 -3.28 6.40
N VAL A 111 13.02 -2.34 5.99
CA VAL A 111 12.76 -1.52 4.80
C VAL A 111 13.97 -1.55 3.88
N SER A 112 13.74 -1.35 2.59
CA SER A 112 14.84 -1.39 1.61
C SER A 112 14.51 -0.54 0.39
N GLU A 113 15.55 -0.19 -0.37
CA GLU A 113 15.40 0.63 -1.57
C GLU A 113 15.81 -0.16 -2.81
N VAL A 114 14.86 -0.39 -3.71
CA VAL A 114 15.14 -1.16 -4.92
C VAL A 114 14.54 -0.51 -6.15
N THR A 115 15.05 -0.88 -7.31
CA THR A 115 14.52 -0.34 -8.55
C THR A 115 13.03 -0.62 -8.64
N PRO A 116 12.31 -0.04 -9.57
CA PRO A 116 10.84 -0.26 -9.69
C PRO A 116 10.53 -1.56 -10.45
N ASP A 117 11.56 -2.16 -11.03
CA ASP A 117 11.39 -3.38 -11.82
C ASP A 117 11.38 -4.60 -10.91
N LYS A 118 11.49 -4.36 -9.61
CA LYS A 118 11.48 -5.44 -8.62
C LYS A 118 10.03 -5.81 -8.30
N TRP A 119 9.81 -7.08 -7.96
CA TRP A 119 8.46 -7.54 -7.67
C TRP A 119 8.44 -8.78 -6.80
N GLU A 120 9.48 -9.60 -6.92
CA GLU A 120 9.58 -10.81 -6.12
C GLU A 120 9.41 -10.48 -4.63
N VAL A 121 9.40 -9.19 -4.33
CA VAL A 121 9.27 -8.70 -2.96
C VAL A 121 7.83 -8.75 -2.44
N VAL A 122 6.87 -8.70 -3.36
CA VAL A 122 5.45 -8.71 -3.01
C VAL A 122 4.82 -10.02 -3.45
N GLU A 123 5.63 -10.84 -4.07
CA GLU A 123 5.19 -12.12 -4.60
C GLU A 123 5.12 -13.19 -3.51
N ASP A 124 3.91 -13.71 -3.32
CA ASP A 124 3.65 -14.75 -2.33
C ASP A 124 4.86 -15.68 -2.13
N HIS A 125 5.33 -15.77 -0.89
CA HIS A 125 6.49 -16.61 -0.57
C HIS A 125 6.06 -17.90 0.13
N GLY A 126 5.15 -17.77 1.10
CA GLY A 126 4.65 -18.95 1.83
C GLY A 126 4.36 -18.61 3.29
N LYS A 127 4.06 -17.35 3.54
CA LYS A 127 3.77 -16.91 4.89
C LYS A 127 2.88 -15.67 4.89
N ASP A 128 2.44 -15.26 6.08
CA ASP A 128 1.59 -14.07 6.21
C ASP A 128 2.44 -12.85 6.47
N GLU A 129 2.90 -12.23 5.39
CA GLU A 129 3.76 -11.05 5.47
C GLU A 129 3.20 -9.92 4.61
N ILE A 130 2.98 -8.74 5.20
CA ILE A 130 2.46 -7.61 4.46
C ILE A 130 3.59 -6.93 3.71
N THR A 131 3.29 -6.34 2.54
CA THR A 131 4.31 -5.68 1.75
C THR A 131 3.81 -4.36 1.17
N LEU A 132 4.52 -3.27 1.48
CA LEU A 132 4.13 -1.93 1.01
C LEU A 132 5.09 -1.41 -0.05
N ILE A 133 4.52 -1.04 -1.20
CA ILE A 133 5.30 -0.53 -2.32
C ILE A 133 4.64 0.71 -2.90
N THR A 134 5.41 1.49 -3.66
CA THR A 134 4.90 2.72 -4.25
C THR A 134 5.29 2.81 -5.74
N CYS A 135 4.47 3.53 -6.51
CA CYS A 135 4.72 3.69 -7.95
C CYS A 135 5.52 4.97 -8.20
N VAL A 136 6.50 4.89 -9.11
CA VAL A 136 7.34 6.05 -9.41
C VAL A 136 7.68 6.11 -10.90
N SER A 137 7.67 7.33 -11.46
CA SER A 137 7.97 7.52 -12.87
C SER A 137 9.43 7.15 -13.14
N VAL A 138 9.69 6.63 -14.34
CA VAL A 138 11.06 6.25 -14.72
C VAL A 138 11.90 7.49 -14.95
N LYS A 139 13.10 7.51 -14.37
CA LYS A 139 13.96 8.68 -14.51
C LYS A 139 15.40 8.36 -14.09
N ASP A 140 16.22 9.39 -13.96
CA ASP A 140 17.61 9.20 -13.55
C ASP A 140 17.68 8.80 -12.08
N ASN A 141 18.60 7.91 -11.74
CA ASN A 141 18.73 7.50 -10.34
C ASN A 141 17.37 7.12 -9.75
N SER A 142 16.51 6.56 -10.59
CA SER A 142 15.18 6.15 -10.15
C SER A 142 15.28 5.04 -9.11
N LYS A 143 14.50 5.14 -8.04
CA LYS A 143 14.53 4.15 -6.97
C LYS A 143 13.17 4.06 -6.27
N ARG A 144 12.90 2.91 -5.68
CA ARG A 144 11.64 2.68 -4.99
C ARG A 144 11.87 2.12 -3.58
N TYR A 145 11.03 2.55 -2.63
CA TYR A 145 11.13 2.12 -1.24
C TYR A 145 10.06 1.07 -0.94
N VAL A 146 10.46 -0.02 -0.28
CA VAL A 146 9.55 -1.10 0.05
C VAL A 146 9.70 -1.53 1.51
N VAL A 147 8.57 -1.73 2.19
CA VAL A 147 8.55 -2.14 3.59
C VAL A 147 7.84 -3.48 3.74
N ALA A 148 8.47 -4.42 4.44
CA ALA A 148 7.90 -5.76 4.67
C ALA A 148 7.60 -5.96 6.14
N GLY A 149 6.42 -6.50 6.44
CA GLY A 149 5.99 -6.75 7.81
C GLY A 149 5.46 -8.15 7.98
N ASP A 150 5.79 -8.73 9.12
CA ASP A 150 5.37 -10.10 9.44
C ASP A 150 4.17 -10.11 10.39
N LEU A 151 3.24 -11.04 10.16
CA LEU A 151 2.05 -11.15 11.00
C LEU A 151 2.43 -11.56 12.42
N VAL A 152 1.99 -10.74 13.39
CA VAL A 152 2.29 -10.99 14.80
C VAL A 152 1.05 -11.49 15.54
N GLY A 153 -0.12 -11.17 15.04
CA GLY A 153 -1.36 -11.59 15.70
C GLY A 153 -2.60 -11.03 15.01
N THR A 154 -3.76 -11.43 15.52
CA THR A 154 -5.02 -10.98 14.96
C THR A 154 -6.14 -11.03 16.01
N LYS A 155 -7.14 -10.21 15.82
CA LYS A 155 -8.27 -10.16 16.73
C LYS A 155 -9.53 -9.77 15.95
N ALA A 156 -10.67 -9.71 16.63
CA ALA A 156 -11.92 -9.36 15.97
C ALA A 156 -12.19 -7.87 16.10
N LYS A 157 -12.81 -7.29 15.08
CA LYS A 157 -13.10 -5.86 15.07
C LYS A 157 -14.27 -5.54 15.99
N LYS A 158 -13.98 -5.50 17.28
CA LYS A 158 -15.02 -5.17 18.24
C LYS A 158 -16.25 -6.04 18.03
N GLY A 1 -8.67 13.69 -33.75
CA GLY A 1 -7.51 12.97 -33.17
C GLY A 1 -7.38 13.30 -31.70
N SER A 2 -6.48 12.61 -31.02
CA SER A 2 -6.27 12.85 -29.60
C SER A 2 -4.89 12.38 -29.16
N HIS A 3 -4.45 12.86 -28.01
CA HIS A 3 -3.13 12.48 -27.48
C HIS A 3 -3.23 11.21 -26.66
N MET A 4 -4.44 10.78 -26.34
CA MET A 4 -4.61 9.56 -25.56
C MET A 4 -3.70 9.61 -24.34
N ASP A 5 -3.48 8.46 -23.71
CA ASP A 5 -2.59 8.43 -22.55
C ASP A 5 -2.97 9.50 -21.54
N ALA A 6 -4.26 9.81 -21.50
CA ALA A 6 -4.78 10.85 -20.60
C ALA A 6 -4.79 10.39 -19.14
N SER A 7 -4.58 9.09 -18.93
CA SER A 7 -4.58 8.52 -17.57
C SER A 7 -3.19 8.60 -16.94
N LYS A 8 -2.31 9.34 -17.58
CA LYS A 8 -0.94 9.50 -17.07
C LYS A 8 -0.94 10.11 -15.68
N ILE A 9 -1.36 9.34 -14.68
CA ILE A 9 -1.39 9.83 -13.30
C ILE A 9 0.03 10.04 -12.79
N ASP A 10 0.68 8.94 -12.47
CA ASP A 10 2.04 8.98 -11.97
C ASP A 10 2.17 9.95 -10.80
N GLN A 11 2.39 11.23 -11.12
CA GLN A 11 2.54 12.27 -10.10
C GLN A 11 1.68 13.49 -10.45
N PRO A 12 0.39 13.42 -10.19
CA PRO A 12 -0.55 14.54 -10.48
C PRO A 12 -0.47 15.63 -9.42
N ASP A 13 -1.13 16.75 -9.69
CA ASP A 13 -1.14 17.86 -8.77
C ASP A 13 -2.02 17.52 -7.57
N LEU A 14 -1.78 18.20 -6.46
CA LEU A 14 -2.54 17.95 -5.23
C LEU A 14 -4.02 18.31 -5.45
N ALA A 15 -4.26 19.25 -6.33
CA ALA A 15 -5.63 19.68 -6.61
C ALA A 15 -6.42 18.56 -7.25
N GLU A 16 -5.77 17.79 -8.12
CA GLU A 16 -6.43 16.68 -8.80
C GLU A 16 -6.67 15.51 -7.85
N VAL A 17 -5.67 15.26 -7.01
CA VAL A 17 -5.73 14.16 -6.04
C VAL A 17 -6.67 14.51 -4.91
N ALA A 18 -6.59 15.75 -4.45
CA ALA A 18 -7.44 16.22 -3.36
C ALA A 18 -8.91 16.22 -3.77
N ASN A 19 -9.16 16.57 -5.04
CA ASN A 19 -10.53 16.64 -5.56
C ASN A 19 -10.96 15.31 -6.17
N ALA A 20 -9.99 14.44 -6.42
CA ALA A 20 -10.29 13.14 -7.02
C ALA A 20 -11.25 12.34 -6.14
N SER A 21 -12.48 12.17 -6.64
CA SER A 21 -13.52 11.42 -5.92
C SER A 21 -13.75 10.06 -6.56
N LEU A 22 -13.86 9.03 -5.71
CA LEU A 22 -14.07 7.66 -6.18
C LEU A 22 -15.26 7.01 -5.47
N ASP A 23 -15.61 5.81 -5.91
CA ASP A 23 -16.71 5.07 -5.30
C ASP A 23 -16.20 4.31 -4.07
N LYS A 24 -16.43 4.89 -2.89
CA LYS A 24 -15.99 4.28 -1.64
C LYS A 24 -16.59 2.90 -1.49
N LYS A 25 -17.46 2.56 -2.42
CA LYS A 25 -18.12 1.26 -2.40
C LYS A 25 -17.11 0.13 -2.64
N GLN A 26 -15.90 0.52 -3.05
CA GLN A 26 -14.83 -0.44 -3.33
C GLN A 26 -13.92 -0.62 -2.12
N VAL A 27 -14.43 -0.22 -0.95
CA VAL A 27 -13.68 -0.34 0.29
C VAL A 27 -13.79 -1.77 0.80
N ILE A 28 -12.63 -2.39 1.00
CA ILE A 28 -12.57 -3.77 1.48
C ILE A 28 -12.15 -3.84 2.93
N GLY A 29 -11.27 -2.94 3.32
CA GLY A 29 -10.77 -2.92 4.69
C GLY A 29 -10.11 -1.59 5.00
N ARG A 30 -9.19 -1.57 5.97
CA ARG A 30 -8.52 -0.32 6.34
C ARG A 30 -7.08 -0.56 6.76
N ILE A 31 -6.25 0.49 6.64
CA ILE A 31 -4.85 0.38 7.03
C ILE A 31 -4.54 1.49 8.02
N SER A 32 -3.94 1.11 9.14
CA SER A 32 -3.60 2.08 10.18
C SER A 32 -2.15 1.91 10.61
N ILE A 33 -1.42 3.03 10.65
CA ILE A 33 0.00 2.99 11.01
C ILE A 33 0.34 4.07 12.06
N PRO A 34 0.81 3.72 13.25
CA PRO A 34 1.15 4.71 14.31
C PRO A 34 2.53 5.34 14.10
N SER A 35 3.46 4.53 13.63
CA SER A 35 4.83 4.97 13.43
C SER A 35 4.91 6.28 12.66
N VAL A 36 4.02 6.45 11.69
CA VAL A 36 4.01 7.66 10.87
C VAL A 36 2.66 8.38 10.97
N SER A 37 1.69 7.75 11.63
CA SER A 37 0.36 8.35 11.78
C SER A 37 -0.41 8.27 10.47
N LEU A 38 -0.45 7.06 9.89
CA LEU A 38 -1.14 6.84 8.63
C LEU A 38 -2.44 6.08 8.84
N GLU A 39 -3.52 6.67 8.39
CA GLU A 39 -4.84 6.06 8.49
C GLU A 39 -5.47 6.20 7.12
N LEU A 40 -5.57 5.09 6.38
CA LEU A 40 -6.13 5.17 5.03
C LEU A 40 -6.98 3.94 4.64
N PRO A 41 -8.27 4.08 4.40
CA PRO A 41 -9.11 2.95 3.93
C PRO A 41 -8.35 2.13 2.87
N VAL A 42 -8.59 0.83 2.86
CA VAL A 42 -7.92 -0.05 1.88
C VAL A 42 -8.87 -0.30 0.71
N LEU A 43 -8.42 0.05 -0.50
CA LEU A 43 -9.24 -0.12 -1.69
C LEU A 43 -8.77 -1.34 -2.48
N LYS A 44 -9.65 -2.32 -2.62
CA LYS A 44 -9.32 -3.53 -3.37
C LYS A 44 -9.07 -3.20 -4.84
N SER A 45 -9.96 -2.43 -5.43
CA SER A 45 -9.84 -2.04 -6.84
C SER A 45 -8.57 -1.24 -7.08
N SER A 46 -7.55 -1.89 -7.66
CA SER A 46 -6.30 -1.22 -7.94
C SER A 46 -6.38 -0.47 -9.26
N THR A 47 -6.78 0.79 -9.17
CA THR A 47 -6.91 1.64 -10.33
C THR A 47 -6.19 2.96 -10.09
N GLU A 48 -5.60 3.48 -11.15
CA GLU A 48 -4.88 4.73 -11.07
C GLU A 48 -5.78 5.79 -10.47
N LYS A 49 -7.02 5.80 -10.91
CA LYS A 49 -7.99 6.78 -10.41
C LYS A 49 -8.25 6.61 -8.92
N ASN A 50 -8.48 5.37 -8.49
CA ASN A 50 -8.76 5.10 -7.09
C ASN A 50 -7.55 5.36 -6.20
N LEU A 51 -6.36 5.06 -6.72
CA LEU A 51 -5.12 5.25 -5.98
C LEU A 51 -5.06 6.65 -5.36
N LEU A 52 -5.80 7.58 -5.92
CA LEU A 52 -5.78 8.96 -5.45
C LEU A 52 -6.50 9.13 -4.11
N SER A 53 -7.26 8.12 -3.69
CA SER A 53 -8.02 8.21 -2.43
C SER A 53 -7.40 7.39 -1.29
N GLY A 54 -6.44 6.53 -1.61
CA GLY A 54 -5.82 5.70 -0.56
C GLY A 54 -4.96 4.58 -1.14
N ALA A 55 -4.40 3.80 -0.23
CA ALA A 55 -3.56 2.67 -0.63
C ALA A 55 -4.42 1.55 -1.19
N ALA A 56 -4.09 1.10 -2.40
CA ALA A 56 -4.83 0.03 -3.04
C ALA A 56 -4.05 -1.28 -3.01
N THR A 57 -4.78 -2.40 -2.98
CA THR A 57 -4.15 -3.71 -2.97
C THR A 57 -3.65 -4.03 -4.38
N VAL A 58 -2.63 -4.87 -4.48
CA VAL A 58 -2.05 -5.19 -5.80
C VAL A 58 -2.76 -6.36 -6.49
N LYS A 59 -3.02 -7.43 -5.76
CA LYS A 59 -3.66 -8.61 -6.36
C LYS A 59 -5.19 -8.49 -6.25
N GLU A 60 -5.86 -8.83 -7.35
CA GLU A 60 -7.33 -8.75 -7.44
C GLU A 60 -8.01 -9.67 -6.43
N ASN A 61 -7.22 -10.52 -5.78
CA ASN A 61 -7.77 -11.48 -4.82
C ASN A 61 -6.79 -11.71 -3.67
N GLN A 62 -6.32 -10.62 -3.08
CA GLN A 62 -5.39 -10.71 -1.96
C GLN A 62 -6.15 -11.02 -0.67
N VAL A 63 -5.44 -11.49 0.34
CA VAL A 63 -6.05 -11.85 1.62
C VAL A 63 -5.19 -11.34 2.78
N MET A 64 -5.80 -10.61 3.69
CA MET A 64 -5.09 -10.09 4.85
C MET A 64 -4.84 -11.21 5.86
N GLY A 65 -3.58 -11.36 6.26
CA GLY A 65 -3.20 -12.39 7.22
C GLY A 65 -2.82 -13.67 6.51
N LYS A 66 -2.86 -13.65 5.18
CA LYS A 66 -2.51 -14.83 4.39
C LYS A 66 -1.73 -14.45 3.15
N GLY A 67 -0.56 -15.04 3.00
CA GLY A 67 0.29 -14.76 1.86
C GLY A 67 0.89 -13.36 2.00
N ASN A 68 1.53 -12.89 0.93
CA ASN A 68 2.14 -11.56 0.95
C ASN A 68 1.11 -10.52 0.58
N TYR A 69 0.70 -9.71 1.56
CA TYR A 69 -0.30 -8.68 1.32
C TYR A 69 0.40 -7.44 0.76
N ALA A 70 0.31 -7.27 -0.56
CA ALA A 70 0.94 -6.15 -1.22
C ALA A 70 0.00 -4.96 -1.32
N LEU A 71 0.43 -3.84 -0.74
CA LEU A 71 -0.35 -2.60 -0.77
C LEU A 71 0.42 -1.52 -1.53
N ALA A 72 -0.25 -0.86 -2.46
CA ALA A 72 0.38 0.18 -3.27
C ALA A 72 -0.18 1.54 -2.90
N GLY A 73 0.72 2.50 -2.82
CA GLY A 73 0.35 3.86 -2.45
C GLY A 73 1.16 4.91 -3.23
N HIS A 74 0.93 6.18 -2.91
CA HIS A 74 1.62 7.28 -3.59
C HIS A 74 2.92 7.64 -2.85
N ASN A 75 3.99 7.88 -3.60
CA ASN A 75 5.29 8.23 -3.03
C ASN A 75 5.57 9.72 -3.26
N MET A 76 4.50 10.49 -3.34
CA MET A 76 4.60 11.93 -3.57
C MET A 76 5.68 12.55 -2.69
N SER A 77 6.15 11.82 -1.69
CA SER A 77 7.19 12.35 -0.82
C SER A 77 6.69 13.61 -0.12
N LYS A 78 5.43 13.55 0.31
CA LYS A 78 4.79 14.67 0.98
C LYS A 78 4.09 14.20 2.23
N LYS A 79 4.66 14.53 3.38
CA LYS A 79 4.06 14.13 4.64
C LYS A 79 2.60 14.53 4.68
N GLY A 80 1.75 13.55 4.92
CA GLY A 80 0.30 13.76 4.95
C GLY A 80 -0.38 13.06 3.77
N VAL A 81 0.32 12.89 2.64
CA VAL A 81 -0.28 12.22 1.49
C VAL A 81 -0.26 10.72 1.72
N LEU A 82 -0.80 9.96 0.78
CA LEU A 82 -0.87 8.52 0.93
C LEU A 82 0.53 7.90 0.82
N PHE A 83 0.86 6.99 1.73
CA PHE A 83 2.17 6.32 1.70
C PHE A 83 3.29 7.33 1.43
N SER A 84 3.09 8.54 1.93
CA SER A 84 4.08 9.59 1.72
C SER A 84 5.23 9.52 2.72
N ASP A 85 5.14 8.63 3.71
CA ASP A 85 6.20 8.55 4.74
C ASP A 85 6.40 7.12 5.23
N ILE A 86 6.04 6.15 4.39
CA ILE A 86 6.19 4.74 4.76
C ILE A 86 7.66 4.32 4.78
N ALA A 87 8.51 5.07 4.09
CA ALA A 87 9.93 4.75 4.06
C ALA A 87 10.61 5.10 5.37
N SER A 88 9.82 5.57 6.33
CA SER A 88 10.34 5.96 7.63
C SER A 88 10.11 4.84 8.62
N LEU A 89 9.31 3.88 8.22
CA LEU A 89 9.00 2.75 9.06
C LEU A 89 10.25 1.93 9.35
N LYS A 90 10.54 1.75 10.62
CA LYS A 90 11.69 0.98 11.05
C LYS A 90 11.30 -0.45 11.39
N LYS A 91 12.29 -1.31 11.52
CA LYS A 91 12.05 -2.71 11.85
C LYS A 91 11.45 -2.86 13.24
N GLY A 92 10.29 -3.51 13.29
CA GLY A 92 9.60 -3.73 14.56
C GLY A 92 8.49 -2.71 14.75
N ASP A 93 8.10 -2.07 13.65
CA ASP A 93 7.02 -1.06 13.71
C ASP A 93 5.68 -1.77 13.65
N LYS A 94 4.77 -1.42 14.57
CA LYS A 94 3.46 -2.06 14.61
C LYS A 94 2.53 -1.49 13.54
N ILE A 95 1.93 -2.41 12.78
CA ILE A 95 0.99 -2.05 11.72
C ILE A 95 -0.31 -2.81 11.91
N TYR A 96 -1.42 -2.08 11.92
CA TYR A 96 -2.73 -2.70 12.12
C TYR A 96 -3.54 -2.66 10.83
N LEU A 97 -3.99 -3.84 10.38
CA LEU A 97 -4.79 -3.95 9.16
C LEU A 97 -6.19 -4.44 9.49
N TYR A 98 -7.17 -4.00 8.70
CA TYR A 98 -8.57 -4.41 8.91
C TYR A 98 -9.08 -5.18 7.72
N ASP A 99 -9.71 -6.32 8.01
CA ASP A 99 -10.31 -7.18 7.02
C ASP A 99 -11.81 -7.16 7.26
N ASN A 100 -12.54 -8.08 6.64
CA ASN A 100 -14.00 -8.17 6.80
C ASN A 100 -14.46 -7.55 8.12
N GLU A 101 -14.22 -8.27 9.20
CA GLU A 101 -14.58 -7.82 10.55
C GLU A 101 -13.44 -8.16 11.49
N ASN A 102 -12.21 -8.19 10.95
CA ASN A 102 -11.05 -8.59 11.75
C ASN A 102 -9.91 -7.60 11.65
N GLU A 103 -9.18 -7.47 12.76
CA GLU A 103 -8.03 -6.56 12.84
C GLU A 103 -6.76 -7.39 12.93
N TYR A 104 -5.84 -7.18 11.98
CA TYR A 104 -4.59 -7.94 11.93
C TYR A 104 -3.42 -7.10 12.41
N GLU A 105 -2.61 -7.69 13.29
CA GLU A 105 -1.43 -7.00 13.80
C GLU A 105 -0.20 -7.43 13.00
N TYR A 106 0.39 -6.46 12.32
CA TYR A 106 1.58 -6.70 11.49
C TYR A 106 2.77 -5.91 12.02
N ALA A 107 3.96 -6.53 11.97
CA ALA A 107 5.19 -5.87 12.42
C ALA A 107 6.21 -5.79 11.29
N VAL A 108 6.79 -4.61 11.14
CA VAL A 108 7.80 -4.37 10.11
C VAL A 108 9.06 -5.16 10.44
N THR A 109 9.58 -5.81 9.39
CA THR A 109 10.77 -6.63 9.50
C THR A 109 12.00 -5.90 8.94
N GLY A 110 11.78 -5.01 7.99
CA GLY A 110 12.89 -4.27 7.41
C GLY A 110 12.51 -3.60 6.10
N VAL A 111 13.08 -2.42 5.89
CA VAL A 111 12.83 -1.64 4.69
C VAL A 111 14.02 -1.74 3.75
N SER A 112 13.77 -1.65 2.44
CA SER A 112 14.83 -1.78 1.46
C SER A 112 14.49 -1.04 0.17
N GLU A 113 15.52 -0.81 -0.65
CA GLU A 113 15.35 -0.12 -1.93
C GLU A 113 15.57 -1.10 -3.08
N VAL A 114 14.53 -1.32 -3.87
CA VAL A 114 14.61 -2.26 -4.99
C VAL A 114 14.00 -1.66 -6.25
N THR A 115 14.36 -2.22 -7.40
CA THR A 115 13.84 -1.73 -8.65
C THR A 115 12.35 -2.14 -8.79
N PRO A 116 11.47 -1.25 -9.19
CA PRO A 116 10.01 -1.58 -9.32
C PRO A 116 9.79 -2.89 -10.06
N ASP A 117 10.85 -3.41 -10.67
CA ASP A 117 10.77 -4.66 -11.44
C ASP A 117 10.88 -5.87 -10.52
N LYS A 118 11.24 -5.64 -9.26
CA LYS A 118 11.39 -6.72 -8.28
C LYS A 118 10.06 -6.98 -7.60
N TRP A 119 9.13 -7.56 -8.33
CA TRP A 119 7.81 -7.85 -7.77
C TRP A 119 7.87 -9.07 -6.86
N GLU A 120 9.02 -9.72 -6.82
CA GLU A 120 9.19 -10.89 -5.97
C GLU A 120 8.77 -10.56 -4.53
N VAL A 121 9.31 -9.47 -4.02
CA VAL A 121 9.01 -9.03 -2.65
C VAL A 121 7.58 -8.52 -2.51
N VAL A 122 6.79 -8.67 -3.57
CA VAL A 122 5.40 -8.21 -3.60
C VAL A 122 4.53 -9.34 -4.09
N GLU A 123 4.97 -10.56 -3.84
CA GLU A 123 4.23 -11.72 -4.32
C GLU A 123 4.33 -12.88 -3.36
N ASP A 124 3.15 -13.45 -3.07
CA ASP A 124 3.00 -14.60 -2.18
C ASP A 124 4.24 -15.47 -2.15
N HIS A 125 4.82 -15.65 -0.95
CA HIS A 125 6.02 -16.46 -0.78
C HIS A 125 5.69 -17.79 -0.10
N GLY A 126 4.82 -17.74 0.90
CA GLY A 126 4.44 -18.95 1.64
C GLY A 126 4.19 -18.66 3.12
N LYS A 127 3.86 -17.41 3.41
CA LYS A 127 3.60 -17.00 4.78
C LYS A 127 2.65 -15.80 4.82
N ASP A 128 2.24 -15.45 6.03
CA ASP A 128 1.35 -14.30 6.23
C ASP A 128 2.17 -13.07 6.60
N GLU A 129 2.56 -12.34 5.58
CA GLU A 129 3.36 -11.14 5.72
C GLU A 129 2.69 -9.96 5.03
N ILE A 130 3.28 -8.78 5.18
CA ILE A 130 2.74 -7.55 4.56
C ILE A 130 3.84 -6.82 3.78
N THR A 131 3.46 -6.24 2.64
CA THR A 131 4.42 -5.52 1.81
C THR A 131 3.84 -4.20 1.31
N LEU A 132 4.53 -3.10 1.58
CA LEU A 132 4.06 -1.77 1.12
C LEU A 132 5.03 -1.19 0.11
N ILE A 133 4.47 -0.81 -1.05
CA ILE A 133 5.24 -0.26 -2.15
C ILE A 133 4.54 0.97 -2.73
N THR A 134 5.04 1.44 -3.87
CA THR A 134 4.47 2.63 -4.52
C THR A 134 4.40 2.45 -6.03
N CYS A 135 3.52 3.21 -6.67
CA CYS A 135 3.37 3.15 -8.12
C CYS A 135 4.69 3.55 -8.79
N VAL A 136 4.84 3.20 -10.06
CA VAL A 136 6.06 3.51 -10.81
C VAL A 136 5.76 4.38 -12.02
N SER A 137 6.50 5.46 -12.16
CA SER A 137 6.32 6.38 -13.27
C SER A 137 6.96 5.80 -14.54
N VAL A 138 6.62 6.38 -15.69
CA VAL A 138 7.16 5.93 -16.97
C VAL A 138 8.68 6.08 -16.99
N LYS A 139 9.16 7.01 -16.18
CA LYS A 139 10.60 7.29 -16.10
C LYS A 139 11.35 6.01 -15.73
N ASP A 140 12.53 5.84 -16.30
CA ASP A 140 13.36 4.65 -16.05
C ASP A 140 14.27 4.86 -14.85
N ASN A 141 14.06 5.97 -14.14
CA ASN A 141 14.87 6.27 -12.97
C ASN A 141 14.67 5.19 -11.89
N SER A 142 15.76 4.83 -11.21
CA SER A 142 15.70 3.80 -10.16
C SER A 142 15.60 4.46 -8.79
N LYS A 143 14.42 4.38 -8.19
CA LYS A 143 14.20 4.99 -6.88
C LYS A 143 12.85 4.58 -6.32
N ARG A 144 12.85 3.56 -5.46
CA ARG A 144 11.61 3.08 -4.87
C ARG A 144 11.83 2.57 -3.44
N TYR A 145 10.92 2.92 -2.54
CA TYR A 145 11.00 2.49 -1.14
C TYR A 145 9.99 1.38 -0.88
N VAL A 146 10.47 0.28 -0.27
CA VAL A 146 9.62 -0.88 0.02
C VAL A 146 9.76 -1.33 1.46
N VAL A 147 8.61 -1.51 2.12
CA VAL A 147 8.58 -1.94 3.53
C VAL A 147 7.95 -3.32 3.64
N ALA A 148 8.66 -4.23 4.31
CA ALA A 148 8.17 -5.60 4.50
C ALA A 148 7.99 -5.89 5.98
N GLY A 149 6.87 -6.52 6.30
CA GLY A 149 6.54 -6.84 7.69
C GLY A 149 5.93 -8.22 7.81
N ASP A 150 6.02 -8.76 9.03
CA ASP A 150 5.49 -10.09 9.33
C ASP A 150 4.28 -10.01 10.27
N LEU A 151 3.37 -10.98 10.15
CA LEU A 151 2.18 -11.03 10.99
C LEU A 151 2.54 -11.44 12.42
N VAL A 152 2.07 -10.66 13.38
CA VAL A 152 2.35 -10.93 14.79
C VAL A 152 1.11 -11.46 15.51
N GLY A 153 -0.07 -11.18 14.97
CA GLY A 153 -1.29 -11.64 15.61
C GLY A 153 -2.54 -11.12 14.90
N THR A 154 -3.70 -11.54 15.40
CA THR A 154 -4.98 -11.12 14.85
C THR A 154 -6.06 -11.12 15.93
N LYS A 155 -7.03 -10.25 15.74
CA LYS A 155 -8.15 -10.13 16.66
C LYS A 155 -9.39 -9.69 15.91
N ALA A 156 -10.51 -9.58 16.62
CA ALA A 156 -11.77 -9.17 15.99
C ALA A 156 -11.94 -7.65 16.06
N LYS A 157 -12.57 -7.10 15.03
CA LYS A 157 -12.80 -5.67 14.95
C LYS A 157 -13.96 -5.25 15.85
N LYS A 158 -13.68 -5.13 17.13
CA LYS A 158 -14.71 -4.70 18.06
C LYS A 158 -15.94 -5.60 17.96
N GLY A 1 -14.05 3.82 -20.84
CA GLY A 1 -12.85 4.67 -20.56
C GLY A 1 -11.88 3.90 -19.66
N SER A 2 -12.23 2.66 -19.34
CA SER A 2 -11.39 1.83 -18.48
C SER A 2 -10.02 1.62 -19.10
N HIS A 3 -9.99 1.32 -20.40
CA HIS A 3 -8.75 1.11 -21.12
C HIS A 3 -7.92 2.39 -21.10
N MET A 4 -7.70 2.98 -22.27
CA MET A 4 -6.94 4.21 -22.33
C MET A 4 -5.61 4.06 -21.58
N ASP A 5 -5.45 4.82 -20.50
CA ASP A 5 -4.25 4.77 -19.67
C ASP A 5 -4.38 3.69 -18.61
N ALA A 6 -3.56 2.66 -18.74
CA ALA A 6 -3.60 1.54 -17.81
C ALA A 6 -3.08 1.93 -16.42
N SER A 7 -1.90 2.51 -16.36
CA SER A 7 -1.31 2.90 -15.08
C SER A 7 -0.31 4.04 -15.26
N LYS A 8 -0.79 5.15 -15.81
CA LYS A 8 0.06 6.32 -16.07
C LYS A 8 -0.10 7.38 -14.98
N ILE A 9 -0.19 6.93 -13.74
CA ILE A 9 -0.35 7.84 -12.61
C ILE A 9 0.84 8.77 -12.49
N ASP A 10 2.03 8.19 -12.52
CA ASP A 10 3.25 8.98 -12.43
C ASP A 10 3.20 9.92 -11.22
N GLN A 11 2.85 11.18 -11.46
CA GLN A 11 2.78 12.17 -10.38
C GLN A 11 1.73 13.23 -10.70
N PRO A 12 0.48 12.99 -10.38
CA PRO A 12 -0.63 13.94 -10.65
C PRO A 12 -0.57 15.11 -9.67
N ASP A 13 -1.03 16.27 -10.13
CA ASP A 13 -1.04 17.45 -9.30
C ASP A 13 -2.23 17.40 -8.35
N LEU A 14 -2.29 18.36 -7.44
CA LEU A 14 -3.37 18.40 -6.45
C LEU A 14 -4.72 18.51 -7.12
N ALA A 15 -4.72 19.05 -8.33
CA ALA A 15 -5.95 19.24 -9.09
C ALA A 15 -6.57 17.89 -9.41
N GLU A 16 -5.74 16.94 -9.78
CA GLU A 16 -6.20 15.60 -10.12
C GLU A 16 -6.59 14.82 -8.88
N VAL A 17 -5.92 15.13 -7.77
CA VAL A 17 -6.16 14.46 -6.50
C VAL A 17 -7.45 14.95 -5.87
N ALA A 18 -7.62 16.26 -5.83
CA ALA A 18 -8.81 16.85 -5.26
C ALA A 18 -10.05 16.52 -6.09
N ASN A 19 -9.87 16.55 -7.42
CA ASN A 19 -10.96 16.27 -8.35
C ASN A 19 -11.27 14.78 -8.42
N ALA A 20 -10.24 13.96 -8.23
CA ALA A 20 -10.40 12.51 -8.26
C ALA A 20 -11.34 12.06 -7.15
N SER A 21 -12.30 11.20 -7.50
CA SER A 21 -13.29 10.70 -6.54
C SER A 21 -13.57 9.22 -6.77
N LEU A 22 -13.96 8.54 -5.70
CA LEU A 22 -14.25 7.10 -5.76
C LEU A 22 -15.50 6.76 -4.95
N ASP A 23 -15.95 5.51 -5.08
CA ASP A 23 -17.12 5.02 -4.36
C ASP A 23 -16.69 4.26 -3.11
N LYS A 24 -17.04 4.80 -1.94
CA LYS A 24 -16.69 4.17 -0.67
C LYS A 24 -17.01 2.67 -0.72
N LYS A 25 -17.82 2.31 -1.69
CA LYS A 25 -18.24 0.92 -1.88
C LYS A 25 -17.05 0.05 -2.29
N GLN A 26 -15.93 0.70 -2.61
CA GLN A 26 -14.71 0.01 -3.05
C GLN A 26 -13.79 -0.29 -1.88
N VAL A 27 -14.29 0.01 -0.68
CA VAL A 27 -13.52 -0.22 0.55
C VAL A 27 -13.71 -1.66 1.01
N ILE A 28 -12.59 -2.36 1.20
CA ILE A 28 -12.63 -3.77 1.60
C ILE A 28 -11.92 -4.01 2.93
N GLY A 29 -11.21 -3.01 3.40
CA GLY A 29 -10.50 -3.11 4.66
C GLY A 29 -9.80 -1.80 4.96
N ARG A 30 -8.98 -1.78 6.01
CA ARG A 30 -8.28 -0.56 6.39
C ARG A 30 -6.90 -0.86 6.93
N ILE A 31 -6.01 0.14 6.85
CA ILE A 31 -4.64 0.01 7.35
C ILE A 31 -4.34 1.17 8.26
N SER A 32 -3.81 0.83 9.42
CA SER A 32 -3.47 1.84 10.42
C SER A 32 -2.07 1.61 10.96
N ILE A 33 -1.30 2.69 11.05
CA ILE A 33 0.09 2.61 11.52
C ILE A 33 0.41 3.72 12.53
N PRO A 34 0.93 3.40 13.72
CA PRO A 34 1.25 4.42 14.76
C PRO A 34 2.61 5.08 14.53
N SER A 35 3.55 4.28 14.05
CA SER A 35 4.91 4.73 13.83
C SER A 35 4.95 6.03 13.04
N VAL A 36 4.08 6.14 12.03
CA VAL A 36 4.02 7.32 11.18
C VAL A 36 2.70 8.06 11.34
N SER A 37 1.81 7.52 12.18
CA SER A 37 0.51 8.15 12.37
C SER A 37 -0.25 8.17 11.06
N LEU A 38 -0.29 7.01 10.41
CA LEU A 38 -0.94 6.86 9.12
C LEU A 38 -2.19 5.99 9.20
N GLU A 39 -3.27 6.49 8.64
CA GLU A 39 -4.55 5.78 8.64
C GLU A 39 -5.14 5.95 7.27
N LEU A 40 -5.38 4.84 6.57
CA LEU A 40 -5.90 4.94 5.23
C LEU A 40 -6.72 3.72 4.80
N PRO A 41 -8.03 3.83 4.58
CA PRO A 41 -8.85 2.71 4.08
C PRO A 41 -8.09 1.94 2.99
N VAL A 42 -8.51 0.72 2.73
CA VAL A 42 -7.87 -0.11 1.70
C VAL A 42 -8.86 -0.30 0.54
N LEU A 43 -8.44 0.10 -0.66
CA LEU A 43 -9.28 -0.02 -1.86
C LEU A 43 -8.79 -1.15 -2.74
N LYS A 44 -9.65 -2.12 -2.99
CA LYS A 44 -9.28 -3.26 -3.81
C LYS A 44 -8.99 -2.83 -5.24
N SER A 45 -9.89 -2.01 -5.79
CA SER A 45 -9.75 -1.52 -7.15
C SER A 45 -8.53 -0.60 -7.29
N SER A 46 -7.44 -1.15 -7.82
CA SER A 46 -6.21 -0.38 -8.01
C SER A 46 -6.30 0.44 -9.27
N THR A 47 -6.72 1.69 -9.10
CA THR A 47 -6.89 2.62 -10.21
C THR A 47 -6.34 3.99 -9.85
N GLU A 48 -6.07 4.78 -10.86
CA GLU A 48 -5.54 6.11 -10.65
C GLU A 48 -6.45 6.91 -9.74
N LYS A 49 -7.75 6.77 -9.97
CA LYS A 49 -8.74 7.48 -9.17
C LYS A 49 -8.79 6.98 -7.74
N ASN A 50 -8.82 5.67 -7.59
CA ASN A 50 -8.89 5.04 -6.28
C ASN A 50 -7.63 5.30 -5.44
N LEU A 51 -6.48 5.28 -6.11
CA LEU A 51 -5.21 5.48 -5.43
C LEU A 51 -5.11 6.89 -4.86
N LEU A 52 -5.81 7.83 -5.48
CA LEU A 52 -5.75 9.22 -5.05
C LEU A 52 -6.49 9.46 -3.73
N SER A 53 -7.36 8.55 -3.35
CA SER A 53 -8.16 8.72 -2.13
C SER A 53 -7.68 7.85 -0.97
N GLY A 54 -6.78 6.91 -1.23
CA GLY A 54 -6.29 6.03 -0.17
C GLY A 54 -5.29 5.02 -0.70
N ALA A 55 -5.02 4.01 0.12
CA ALA A 55 -4.09 2.94 -0.23
C ALA A 55 -4.84 1.84 -0.97
N ALA A 56 -4.37 1.51 -2.16
CA ALA A 56 -5.02 0.48 -2.97
C ALA A 56 -4.20 -0.82 -2.98
N THR A 57 -4.90 -1.95 -2.97
CA THR A 57 -4.24 -3.24 -3.00
C THR A 57 -3.68 -3.50 -4.41
N VAL A 58 -2.61 -4.29 -4.50
CA VAL A 58 -1.97 -4.55 -5.80
C VAL A 58 -2.57 -5.75 -6.54
N LYS A 59 -2.84 -6.84 -5.83
CA LYS A 59 -3.39 -8.04 -6.46
C LYS A 59 -4.91 -8.03 -6.44
N GLU A 60 -5.52 -9.14 -6.85
CA GLU A 60 -6.98 -9.24 -6.92
C GLU A 60 -7.53 -10.23 -5.89
N ASN A 61 -7.09 -11.47 -5.97
CA ASN A 61 -7.55 -12.54 -5.07
C ASN A 61 -6.66 -12.64 -3.84
N GLN A 62 -6.32 -11.50 -3.27
CA GLN A 62 -5.48 -11.46 -2.07
C GLN A 62 -6.35 -11.29 -0.83
N VAL A 63 -5.83 -11.74 0.31
CA VAL A 63 -6.56 -11.66 1.57
C VAL A 63 -5.66 -11.14 2.69
N MET A 64 -6.18 -10.18 3.45
CA MET A 64 -5.43 -9.62 4.56
C MET A 64 -5.13 -10.71 5.59
N GLY A 65 -3.87 -10.83 6.00
CA GLY A 65 -3.48 -11.84 6.98
C GLY A 65 -3.17 -13.16 6.28
N LYS A 66 -3.16 -13.15 4.96
CA LYS A 66 -2.90 -14.38 4.20
C LYS A 66 -2.05 -14.09 2.97
N GLY A 67 -0.89 -14.71 2.91
CA GLY A 67 0.02 -14.49 1.79
C GLY A 67 0.65 -13.12 1.92
N ASN A 68 1.35 -12.70 0.88
CA ASN A 68 1.99 -11.38 0.88
C ASN A 68 0.97 -10.32 0.49
N TYR A 69 0.55 -9.53 1.47
CA TYR A 69 -0.43 -8.47 1.21
C TYR A 69 0.26 -7.22 0.69
N ALA A 70 0.19 -7.01 -0.62
CA ALA A 70 0.82 -5.87 -1.26
C ALA A 70 -0.13 -4.68 -1.33
N LEU A 71 0.29 -3.58 -0.69
CA LEU A 71 -0.46 -2.33 -0.68
C LEU A 71 0.35 -1.25 -1.39
N ALA A 72 -0.30 -0.56 -2.33
CA ALA A 72 0.35 0.48 -3.10
C ALA A 72 -0.21 1.86 -2.77
N GLY A 73 0.69 2.82 -2.65
CA GLY A 73 0.30 4.19 -2.33
C GLY A 73 1.12 5.21 -3.11
N HIS A 74 0.83 6.48 -2.88
CA HIS A 74 1.55 7.55 -3.55
C HIS A 74 2.89 7.81 -2.87
N ASN A 75 3.89 8.19 -3.67
CA ASN A 75 5.24 8.45 -3.16
C ASN A 75 5.60 9.92 -3.27
N MET A 76 4.58 10.76 -3.24
CA MET A 76 4.75 12.19 -3.35
C MET A 76 5.93 12.68 -2.50
N SER A 77 6.40 11.85 -1.58
CA SER A 77 7.53 12.25 -0.76
C SER A 77 7.21 13.51 0.01
N LYS A 78 5.98 13.60 0.47
CA LYS A 78 5.50 14.77 1.21
C LYS A 78 4.72 14.33 2.42
N LYS A 79 5.25 14.61 3.59
CA LYS A 79 4.57 14.24 4.82
C LYS A 79 3.14 14.75 4.78
N GLY A 80 2.20 13.84 4.98
CA GLY A 80 0.77 14.17 4.94
C GLY A 80 0.07 13.48 3.78
N VAL A 81 0.80 13.22 2.68
CA VAL A 81 0.20 12.54 1.53
C VAL A 81 0.14 11.06 1.84
N LEU A 82 -0.42 10.28 0.92
CA LEU A 82 -0.56 8.85 1.13
C LEU A 82 0.79 8.17 1.01
N PHE A 83 1.07 7.21 1.89
CA PHE A 83 2.33 6.46 1.83
C PHE A 83 3.52 7.42 1.62
N SER A 84 3.38 8.63 2.13
CA SER A 84 4.43 9.63 1.96
C SER A 84 5.53 9.51 3.01
N ASP A 85 5.26 8.74 4.08
CA ASP A 85 6.21 8.60 5.19
C ASP A 85 6.40 7.14 5.63
N ILE A 86 6.03 6.21 4.78
CA ILE A 86 6.16 4.78 5.08
C ILE A 86 7.62 4.32 5.11
N ALA A 87 8.48 5.09 4.47
CA ALA A 87 9.89 4.74 4.42
C ALA A 87 10.57 5.09 5.73
N SER A 88 9.78 5.56 6.70
CA SER A 88 10.30 5.94 8.00
C SER A 88 10.07 4.82 9.00
N LEU A 89 9.23 3.87 8.62
CA LEU A 89 8.92 2.74 9.46
C LEU A 89 10.16 1.90 9.68
N LYS A 90 10.48 1.69 10.95
CA LYS A 90 11.65 0.89 11.33
C LYS A 90 11.23 -0.55 11.64
N LYS A 91 12.23 -1.40 11.83
CA LYS A 91 11.99 -2.80 12.13
C LYS A 91 11.32 -2.96 13.50
N GLY A 92 10.22 -3.70 13.51
CA GLY A 92 9.49 -3.96 14.74
C GLY A 92 8.40 -2.93 14.94
N ASP A 93 8.00 -2.32 13.85
CA ASP A 93 6.94 -1.32 13.90
C ASP A 93 5.59 -2.02 13.79
N LYS A 94 4.66 -1.69 14.68
CA LYS A 94 3.35 -2.33 14.68
C LYS A 94 2.45 -1.76 13.58
N ILE A 95 1.82 -2.66 12.83
CA ILE A 95 0.91 -2.28 11.75
C ILE A 95 -0.42 -3.01 11.93
N TYR A 96 -1.51 -2.25 11.96
CA TYR A 96 -2.84 -2.82 12.17
C TYR A 96 -3.60 -2.90 10.85
N LEU A 97 -4.01 -4.11 10.50
CA LEU A 97 -4.76 -4.36 9.26
C LEU A 97 -6.19 -4.81 9.55
N TYR A 98 -7.13 -4.24 8.80
CA TYR A 98 -8.55 -4.57 8.97
C TYR A 98 -9.09 -5.34 7.79
N ASP A 99 -9.54 -6.56 8.07
CA ASP A 99 -10.14 -7.42 7.06
C ASP A 99 -11.64 -7.41 7.28
N ASN A 100 -12.35 -8.35 6.67
CA ASN A 100 -13.81 -8.44 6.82
C ASN A 100 -14.28 -7.79 8.12
N GLU A 101 -14.08 -8.50 9.21
CA GLU A 101 -14.45 -8.02 10.54
C GLU A 101 -13.32 -8.36 11.51
N ASN A 102 -12.10 -8.40 10.99
CA ASN A 102 -10.95 -8.80 11.81
C ASN A 102 -9.80 -7.80 11.74
N GLU A 103 -9.08 -7.69 12.87
CA GLU A 103 -7.94 -6.78 12.98
C GLU A 103 -6.67 -7.61 13.03
N TYR A 104 -5.75 -7.33 12.10
CA TYR A 104 -4.49 -8.05 12.01
C TYR A 104 -3.32 -7.20 12.47
N GLU A 105 -2.50 -7.77 13.34
CA GLU A 105 -1.32 -7.08 13.83
C GLU A 105 -0.09 -7.51 13.02
N TYR A 106 0.53 -6.55 12.34
CA TYR A 106 1.70 -6.82 11.50
C TYR A 106 2.91 -6.09 12.06
N ALA A 107 4.06 -6.74 12.02
CA ALA A 107 5.32 -6.14 12.51
C ALA A 107 6.35 -6.03 11.40
N VAL A 108 6.89 -4.82 11.27
CA VAL A 108 7.90 -4.52 10.26
C VAL A 108 9.19 -5.24 10.58
N THR A 109 9.79 -5.83 9.54
CA THR A 109 11.04 -6.59 9.70
C THR A 109 12.21 -5.81 9.14
N GLY A 110 11.94 -4.92 8.20
CA GLY A 110 13.01 -4.12 7.60
C GLY A 110 12.53 -3.43 6.33
N VAL A 111 13.32 -2.46 5.89
CA VAL A 111 13.04 -1.68 4.70
C VAL A 111 14.23 -1.72 3.74
N SER A 112 13.97 -1.59 2.45
CA SER A 112 15.04 -1.68 1.46
C SER A 112 14.65 -0.92 0.18
N GLU A 113 15.66 -0.66 -0.66
CA GLU A 113 15.45 0.07 -1.92
C GLU A 113 15.70 -0.88 -3.09
N VAL A 114 14.66 -1.18 -3.84
CA VAL A 114 14.76 -2.10 -4.97
C VAL A 114 14.08 -1.53 -6.22
N THR A 115 14.50 -2.04 -7.37
CA THR A 115 13.92 -1.59 -8.62
C THR A 115 12.44 -2.02 -8.68
N PRO A 116 11.66 -1.53 -9.61
CA PRO A 116 10.21 -1.90 -9.70
C PRO A 116 10.01 -3.24 -10.43
N ASP A 117 11.09 -3.78 -10.98
CA ASP A 117 11.02 -5.03 -11.71
C ASP A 117 11.06 -6.23 -10.75
N LYS A 118 11.41 -5.98 -9.49
CA LYS A 118 11.49 -7.02 -8.47
C LYS A 118 10.14 -7.17 -7.78
N TRP A 119 9.16 -7.69 -8.51
CA TRP A 119 7.82 -7.87 -7.96
C TRP A 119 7.77 -9.02 -6.98
N GLU A 120 8.86 -9.74 -6.85
CA GLU A 120 8.92 -10.86 -5.93
C GLU A 120 8.51 -10.41 -4.52
N VAL A 121 8.95 -9.23 -4.14
CA VAL A 121 8.66 -8.65 -2.84
C VAL A 121 7.20 -8.19 -2.73
N VAL A 122 6.44 -8.41 -3.79
CA VAL A 122 5.05 -7.98 -3.84
C VAL A 122 4.19 -9.12 -4.33
N GLU A 123 4.65 -10.33 -4.06
CA GLU A 123 3.95 -11.51 -4.54
C GLU A 123 4.00 -12.66 -3.53
N ASP A 124 2.81 -13.19 -3.26
CA ASP A 124 2.63 -14.31 -2.32
C ASP A 124 3.85 -15.21 -2.26
N HIS A 125 4.39 -15.38 -1.05
CA HIS A 125 5.59 -16.22 -0.85
C HIS A 125 5.21 -17.56 -0.21
N GLY A 126 4.26 -17.54 0.72
CA GLY A 126 3.81 -18.79 1.38
C GLY A 126 3.57 -18.55 2.87
N LYS A 127 3.31 -17.30 3.22
CA LYS A 127 3.05 -16.96 4.61
C LYS A 127 2.24 -15.68 4.73
N ASP A 128 1.93 -15.30 5.96
CA ASP A 128 1.18 -14.07 6.21
C ASP A 128 2.13 -12.89 6.36
N GLU A 129 2.45 -12.27 5.25
CA GLU A 129 3.36 -11.13 5.20
C GLU A 129 2.65 -9.90 4.61
N ILE A 130 3.24 -8.73 4.83
CA ILE A 130 2.68 -7.47 4.32
C ILE A 130 3.78 -6.68 3.61
N THR A 131 3.41 -6.02 2.51
CA THR A 131 4.38 -5.25 1.72
C THR A 131 3.81 -3.89 1.32
N LEU A 132 4.54 -2.82 1.64
CA LEU A 132 4.11 -1.46 1.31
C LEU A 132 5.05 -0.84 0.27
N ILE A 133 4.46 -0.48 -0.87
CA ILE A 133 5.19 0.10 -1.98
C ILE A 133 4.40 1.23 -2.63
N THR A 134 4.94 1.80 -3.70
CA THR A 134 4.29 2.90 -4.41
C THR A 134 4.44 2.74 -5.91
N CYS A 135 3.67 3.49 -6.69
CA CYS A 135 3.78 3.40 -8.14
C CYS A 135 3.74 1.95 -8.59
N VAL A 136 2.53 1.45 -8.86
CA VAL A 136 2.35 0.07 -9.29
C VAL A 136 3.06 -0.19 -10.63
N SER A 137 2.87 0.73 -11.55
CA SER A 137 3.49 0.63 -12.87
C SER A 137 5.01 0.57 -12.73
N VAL A 138 5.70 0.24 -13.82
CA VAL A 138 7.16 0.14 -13.81
C VAL A 138 7.77 1.33 -14.56
N LYS A 139 8.60 2.11 -13.85
CA LYS A 139 9.22 3.29 -14.44
C LYS A 139 10.68 3.42 -14.01
N ASP A 140 11.52 3.91 -14.91
CA ASP A 140 12.95 4.10 -14.63
C ASP A 140 13.19 5.47 -14.03
N ASN A 141 13.09 5.56 -12.70
CA ASN A 141 13.27 6.84 -12.02
C ASN A 141 13.67 6.65 -10.55
N SER A 142 14.95 6.80 -10.26
CA SER A 142 15.40 6.63 -8.88
C SER A 142 14.90 5.29 -8.35
N LYS A 143 15.26 4.98 -7.11
CA LYS A 143 14.85 3.72 -6.48
C LYS A 143 13.69 3.96 -5.53
N ARG A 144 12.70 3.09 -5.59
CA ARG A 144 11.52 3.20 -4.74
C ARG A 144 11.74 2.49 -3.40
N TYR A 145 11.21 3.08 -2.33
CA TYR A 145 11.35 2.50 -0.99
C TYR A 145 10.32 1.37 -0.80
N VAL A 146 10.76 0.25 -0.23
CA VAL A 146 9.89 -0.90 -0.01
C VAL A 146 9.98 -1.38 1.44
N VAL A 147 8.82 -1.57 2.08
CA VAL A 147 8.74 -2.02 3.47
C VAL A 147 7.99 -3.34 3.56
N ALA A 148 8.59 -4.29 4.28
CA ALA A 148 8.00 -5.63 4.45
C ALA A 148 7.78 -5.92 5.93
N GLY A 149 6.63 -6.52 6.23
CA GLY A 149 6.28 -6.85 7.62
C GLY A 149 5.79 -8.28 7.75
N ASP A 150 6.00 -8.82 8.94
CA ASP A 150 5.61 -10.19 9.25
C ASP A 150 4.43 -10.23 10.23
N LEU A 151 3.48 -11.14 9.98
CA LEU A 151 2.31 -11.27 10.85
C LEU A 151 2.72 -11.69 12.25
N VAL A 152 2.28 -10.91 13.24
CA VAL A 152 2.62 -11.18 14.64
C VAL A 152 1.39 -11.69 15.40
N GLY A 153 0.20 -11.35 14.93
CA GLY A 153 -1.02 -11.80 15.60
C GLY A 153 -2.27 -11.25 14.93
N THR A 154 -3.42 -11.68 15.44
CA THR A 154 -4.71 -11.24 14.91
C THR A 154 -5.80 -11.33 15.97
N LYS A 155 -6.80 -10.48 15.81
CA LYS A 155 -7.92 -10.44 16.73
C LYS A 155 -9.18 -10.06 15.96
N ALA A 156 -10.32 -10.05 16.66
CA ALA A 156 -11.59 -9.71 16.02
C ALA A 156 -11.90 -8.22 16.20
N LYS A 157 -12.55 -7.65 15.19
CA LYS A 157 -12.91 -6.24 15.22
C LYS A 157 -14.03 -5.99 16.21
N LYS A 158 -13.69 -5.92 17.49
CA LYS A 158 -14.68 -5.65 18.51
C LYS A 158 -15.87 -6.60 18.34
N GLY A 1 6.28 -3.08 -28.16
CA GLY A 1 5.05 -3.44 -27.41
C GLY A 1 4.13 -2.23 -27.33
N SER A 2 2.83 -2.48 -27.38
CA SER A 2 1.85 -1.41 -27.31
C SER A 2 1.72 -0.90 -25.88
N HIS A 3 1.17 0.30 -25.73
CA HIS A 3 1.01 0.90 -24.41
C HIS A 3 -0.14 0.20 -23.66
N MET A 4 0.01 0.03 -22.35
CA MET A 4 -1.00 -0.64 -21.53
C MET A 4 -1.62 0.34 -20.52
N ASP A 5 -2.91 0.16 -20.23
CA ASP A 5 -3.62 1.04 -19.29
C ASP A 5 -3.59 0.45 -17.88
N ALA A 6 -2.67 -0.47 -17.65
CA ALA A 6 -2.54 -1.14 -16.36
C ALA A 6 -1.99 -0.20 -15.29
N SER A 7 -1.36 0.90 -15.70
CA SER A 7 -0.79 1.84 -14.76
C SER A 7 -0.81 3.25 -15.33
N LYS A 8 0.30 3.65 -15.96
CA LYS A 8 0.35 4.97 -16.58
C LYS A 8 -0.17 6.05 -15.63
N ILE A 9 -0.05 5.79 -14.34
CA ILE A 9 -0.52 6.73 -13.32
C ILE A 9 0.24 8.03 -13.39
N ASP A 10 1.56 7.91 -13.52
CA ASP A 10 2.43 9.08 -13.58
C ASP A 10 2.50 9.76 -12.21
N GLN A 11 2.21 11.05 -12.16
CA GLN A 11 2.24 11.80 -10.91
C GLN A 11 1.08 12.78 -10.86
N PRO A 12 -0.13 12.31 -10.71
CA PRO A 12 -1.33 13.18 -10.65
C PRO A 12 -1.08 14.41 -9.79
N ASP A 13 -1.40 15.58 -10.35
CA ASP A 13 -1.20 16.83 -9.64
C ASP A 13 -2.42 17.13 -8.77
N LEU A 14 -2.31 18.16 -7.95
CA LEU A 14 -3.39 18.52 -7.05
C LEU A 14 -4.72 18.60 -7.81
N ALA A 15 -4.63 18.97 -9.08
CA ALA A 15 -5.83 19.08 -9.91
C ALA A 15 -6.46 17.71 -10.10
N GLU A 16 -5.62 16.70 -10.27
CA GLU A 16 -6.08 15.34 -10.47
C GLU A 16 -6.61 14.75 -9.16
N VAL A 17 -6.08 15.26 -8.05
CA VAL A 17 -6.47 14.80 -6.73
C VAL A 17 -7.76 15.47 -6.27
N ALA A 18 -7.82 16.78 -6.43
CA ALA A 18 -8.99 17.56 -6.02
C ALA A 18 -10.23 17.18 -6.82
N ASN A 19 -10.09 17.12 -8.14
CA ASN A 19 -11.20 16.79 -9.02
C ASN A 19 -11.60 15.32 -8.88
N ALA A 20 -10.63 14.49 -8.51
CA ALA A 20 -10.86 13.07 -8.34
C ALA A 20 -11.89 12.84 -7.22
N SER A 21 -12.81 11.91 -7.45
CA SER A 21 -13.86 11.62 -6.46
C SER A 21 -14.12 10.12 -6.37
N LEU A 22 -14.19 9.60 -5.14
CA LEU A 22 -14.41 8.17 -4.92
C LEU A 22 -15.35 7.92 -3.73
N ASP A 23 -16.31 7.01 -3.92
CA ASP A 23 -17.27 6.67 -2.87
C ASP A 23 -16.55 5.94 -1.73
N LYS A 24 -16.89 6.30 -0.50
CA LYS A 24 -16.27 5.69 0.67
C LYS A 24 -16.62 4.21 0.74
N LYS A 25 -17.52 3.80 -0.13
CA LYS A 25 -17.98 2.42 -0.19
C LYS A 25 -16.96 1.55 -0.94
N GLN A 26 -15.99 2.19 -1.58
CA GLN A 26 -14.98 1.48 -2.35
C GLN A 26 -13.90 0.88 -1.44
N VAL A 27 -14.03 1.14 -0.15
CA VAL A 27 -13.08 0.64 0.83
C VAL A 27 -13.45 -0.77 1.27
N ILE A 28 -12.46 -1.63 1.40
CA ILE A 28 -12.69 -3.02 1.79
C ILE A 28 -11.92 -3.38 3.05
N GLY A 29 -11.12 -2.45 3.52
CA GLY A 29 -10.33 -2.68 4.72
C GLY A 29 -9.64 -1.40 5.15
N ARG A 30 -8.79 -1.48 6.16
CA ARG A 30 -8.11 -0.28 6.64
C ARG A 30 -6.72 -0.59 7.16
N ILE A 31 -5.83 0.40 7.07
CA ILE A 31 -4.45 0.25 7.54
C ILE A 31 -4.15 1.33 8.54
N SER A 32 -3.80 0.91 9.75
CA SER A 32 -3.49 1.84 10.83
C SER A 32 -2.05 1.64 11.28
N ILE A 33 -1.28 2.72 11.32
CA ILE A 33 0.13 2.65 11.69
C ILE A 33 0.51 3.74 12.69
N PRO A 34 1.03 3.41 13.88
CA PRO A 34 1.41 4.44 14.91
C PRO A 34 2.78 5.04 14.64
N SER A 35 3.68 4.22 14.10
CA SER A 35 5.04 4.63 13.84
C SER A 35 5.09 5.95 13.08
N VAL A 36 4.18 6.13 12.12
CA VAL A 36 4.15 7.35 11.33
C VAL A 36 2.83 8.10 11.53
N SER A 37 1.94 7.54 12.35
CA SER A 37 0.65 8.17 12.60
C SER A 37 -0.14 8.22 11.29
N LEU A 38 -0.21 7.07 10.63
CA LEU A 38 -0.91 6.96 9.35
C LEU A 38 -2.11 6.04 9.46
N GLU A 39 -3.22 6.52 8.93
CA GLU A 39 -4.46 5.77 8.93
C GLU A 39 -5.11 5.99 7.58
N LEU A 40 -5.30 4.91 6.82
CA LEU A 40 -5.88 5.08 5.48
C LEU A 40 -6.72 3.88 5.01
N PRO A 41 -8.02 4.04 4.78
CA PRO A 41 -8.86 2.94 4.23
C PRO A 41 -8.09 2.17 3.15
N VAL A 42 -8.55 0.97 2.84
CA VAL A 42 -7.90 0.14 1.83
C VAL A 42 -8.84 -0.05 0.64
N LEU A 43 -8.36 0.27 -0.56
CA LEU A 43 -9.17 0.14 -1.76
C LEU A 43 -8.78 -1.12 -2.53
N LYS A 44 -9.76 -1.94 -2.85
CA LYS A 44 -9.50 -3.19 -3.57
C LYS A 44 -9.12 -2.91 -5.03
N SER A 45 -9.92 -2.08 -5.70
CA SER A 45 -9.69 -1.74 -7.09
C SER A 45 -8.44 -0.89 -7.26
N SER A 46 -7.37 -1.48 -7.81
CA SER A 46 -6.12 -0.75 -8.00
C SER A 46 -6.19 0.07 -9.29
N THR A 47 -6.48 1.36 -9.13
CA THR A 47 -6.60 2.26 -10.27
C THR A 47 -5.96 3.61 -9.95
N GLU A 48 -5.72 4.39 -10.97
CA GLU A 48 -5.11 5.69 -10.78
C GLU A 48 -6.04 6.60 -9.99
N LYS A 49 -7.33 6.47 -10.24
CA LYS A 49 -8.33 7.28 -9.56
C LYS A 49 -8.50 6.89 -8.09
N ASN A 50 -8.64 5.60 -7.85
CA ASN A 50 -8.83 5.12 -6.48
C ASN A 50 -7.60 5.37 -5.61
N LEU A 51 -6.42 5.23 -6.22
CA LEU A 51 -5.17 5.43 -5.49
C LEU A 51 -5.15 6.78 -4.78
N LEU A 52 -5.93 7.72 -5.30
CA LEU A 52 -5.96 9.06 -4.74
C LEU A 52 -6.61 9.09 -3.35
N SER A 53 -7.53 8.17 -3.10
CA SER A 53 -8.24 8.14 -1.82
C SER A 53 -7.48 7.37 -0.74
N GLY A 54 -6.47 6.60 -1.13
CA GLY A 54 -5.70 5.83 -0.15
C GLY A 54 -4.90 4.71 -0.80
N ALA A 55 -4.30 3.88 0.04
CA ALA A 55 -3.50 2.77 -0.43
C ALA A 55 -4.39 1.70 -1.03
N ALA A 56 -4.08 1.29 -2.25
CA ALA A 56 -4.88 0.26 -2.94
C ALA A 56 -4.14 -1.07 -2.94
N THR A 57 -4.90 -2.16 -2.91
CA THR A 57 -4.31 -3.50 -2.92
C THR A 57 -3.83 -3.81 -4.33
N VAL A 58 -2.84 -4.68 -4.46
CA VAL A 58 -2.29 -5.00 -5.78
C VAL A 58 -3.07 -6.09 -6.51
N LYS A 59 -3.27 -7.22 -5.85
CA LYS A 59 -3.99 -8.34 -6.48
C LYS A 59 -5.49 -8.26 -6.17
N GLU A 60 -6.30 -8.54 -7.19
CA GLU A 60 -7.77 -8.48 -7.07
C GLU A 60 -8.31 -9.65 -6.25
N ASN A 61 -7.43 -10.50 -5.76
CA ASN A 61 -7.84 -11.68 -5.01
C ASN A 61 -6.88 -11.97 -3.86
N GLN A 62 -6.36 -10.91 -3.25
CA GLN A 62 -5.43 -11.04 -2.13
C GLN A 62 -6.21 -11.27 -0.83
N VAL A 63 -5.54 -11.82 0.17
CA VAL A 63 -6.18 -12.08 1.46
C VAL A 63 -5.28 -11.61 2.60
N MET A 64 -5.86 -10.85 3.53
CA MET A 64 -5.10 -10.37 4.67
C MET A 64 -4.82 -11.52 5.65
N GLY A 65 -3.56 -11.68 6.01
CA GLY A 65 -3.17 -12.74 6.95
C GLY A 65 -2.74 -13.99 6.20
N LYS A 66 -2.81 -13.94 4.87
CA LYS A 66 -2.43 -15.09 4.06
C LYS A 66 -1.64 -14.66 2.83
N GLY A 67 -0.44 -15.22 2.69
CA GLY A 67 0.40 -14.88 1.55
C GLY A 67 0.96 -13.47 1.74
N ASN A 68 1.64 -12.97 0.71
CA ASN A 68 2.20 -11.62 0.78
C ASN A 68 1.14 -10.58 0.42
N TYR A 69 0.70 -9.82 1.42
CA TYR A 69 -0.32 -8.79 1.20
C TYR A 69 0.33 -7.52 0.69
N ALA A 70 0.24 -7.29 -0.61
CA ALA A 70 0.84 -6.11 -1.22
C ALA A 70 -0.12 -4.94 -1.27
N LEU A 71 0.36 -3.80 -0.79
CA LEU A 71 -0.43 -2.55 -0.79
C LEU A 71 0.35 -1.47 -1.53
N ALA A 72 -0.33 -0.77 -2.44
CA ALA A 72 0.32 0.28 -3.22
C ALA A 72 -0.21 1.65 -2.82
N GLY A 73 0.70 2.60 -2.73
CA GLY A 73 0.34 3.96 -2.33
C GLY A 73 1.13 5.00 -3.13
N HIS A 74 0.90 6.27 -2.81
CA HIS A 74 1.57 7.37 -3.49
C HIS A 74 2.88 7.73 -2.79
N ASN A 75 3.88 8.14 -3.57
CA ASN A 75 5.19 8.50 -3.02
C ASN A 75 5.41 10.00 -3.15
N MET A 76 4.33 10.75 -3.13
CA MET A 76 4.38 12.19 -3.27
C MET A 76 5.45 12.80 -2.36
N SER A 77 5.98 12.01 -1.44
CA SER A 77 7.02 12.50 -0.56
C SER A 77 6.53 13.74 0.19
N LYS A 78 5.26 13.69 0.61
CA LYS A 78 4.65 14.80 1.33
C LYS A 78 3.97 14.28 2.58
N LYS A 79 4.53 14.59 3.73
CA LYS A 79 3.96 14.13 4.97
C LYS A 79 2.48 14.50 5.02
N GLY A 80 1.65 13.49 5.25
CA GLY A 80 0.21 13.68 5.29
C GLY A 80 -0.48 12.99 4.09
N VAL A 81 0.22 12.88 2.96
CA VAL A 81 -0.36 12.22 1.79
C VAL A 81 -0.32 10.71 1.99
N LEU A 82 -0.83 9.96 1.02
CA LEU A 82 -0.87 8.51 1.14
C LEU A 82 0.54 7.93 1.04
N PHE A 83 0.86 6.98 1.92
CA PHE A 83 2.18 6.34 1.88
C PHE A 83 3.29 7.36 1.66
N SER A 84 3.08 8.56 2.19
CA SER A 84 4.06 9.62 2.02
C SER A 84 5.21 9.53 3.03
N ASP A 85 5.08 8.66 4.03
CA ASP A 85 6.11 8.53 5.06
C ASP A 85 6.31 7.09 5.53
N ILE A 86 6.01 6.14 4.66
CA ILE A 86 6.16 4.72 4.98
C ILE A 86 7.63 4.31 5.05
N ALA A 87 8.50 5.08 4.43
CA ALA A 87 9.92 4.76 4.44
C ALA A 87 10.54 5.09 5.78
N SER A 88 9.73 5.64 6.68
CA SER A 88 10.21 6.01 8.01
C SER A 88 9.97 4.88 8.99
N LEU A 89 9.16 3.93 8.56
CA LEU A 89 8.83 2.78 9.39
C LEU A 89 10.07 1.95 9.66
N LYS A 90 10.35 1.77 10.94
CA LYS A 90 11.52 1.00 11.38
C LYS A 90 11.13 -0.43 11.71
N LYS A 91 12.13 -1.26 11.97
CA LYS A 91 11.91 -2.65 12.28
C LYS A 91 11.25 -2.82 13.66
N GLY A 92 10.26 -3.71 13.71
CA GLY A 92 9.54 -3.99 14.95
C GLY A 92 8.44 -2.98 15.16
N ASP A 93 8.02 -2.35 14.07
CA ASP A 93 6.94 -1.35 14.15
C ASP A 93 5.60 -2.05 13.98
N LYS A 94 4.66 -1.78 14.88
CA LYS A 94 3.35 -2.44 14.81
C LYS A 94 2.47 -1.81 13.73
N ILE A 95 1.85 -2.68 12.94
CA ILE A 95 0.96 -2.25 11.86
C ILE A 95 -0.37 -2.98 11.98
N TYR A 96 -1.46 -2.23 12.12
CA TYR A 96 -2.78 -2.83 12.27
C TYR A 96 -3.53 -2.73 10.95
N LEU A 97 -3.95 -3.89 10.43
CA LEU A 97 -4.67 -3.96 9.16
C LEU A 97 -6.05 -4.54 9.36
N TYR A 98 -7.04 -4.03 8.61
CA TYR A 98 -8.42 -4.50 8.74
C TYR A 98 -8.90 -5.17 7.47
N ASP A 99 -9.52 -6.33 7.64
CA ASP A 99 -10.07 -7.09 6.54
C ASP A 99 -11.58 -7.12 6.73
N ASN A 100 -12.27 -7.98 5.99
CA ASN A 100 -13.73 -8.10 6.09
C ASN A 100 -14.25 -7.59 7.44
N GLU A 101 -14.03 -8.37 8.48
CA GLU A 101 -14.43 -8.01 9.83
C GLU A 101 -13.32 -8.40 10.79
N ASN A 102 -12.10 -8.48 10.26
CA ASN A 102 -10.96 -8.93 11.06
C ASN A 102 -9.82 -7.92 11.10
N GLU A 103 -9.16 -7.84 12.27
CA GLU A 103 -8.03 -6.93 12.45
C GLU A 103 -6.75 -7.76 12.55
N TYR A 104 -5.81 -7.50 11.66
CA TYR A 104 -4.55 -8.23 11.62
C TYR A 104 -3.40 -7.39 12.15
N GLU A 105 -2.63 -7.97 13.04
CA GLU A 105 -1.48 -7.28 13.61
C GLU A 105 -0.22 -7.67 12.83
N TYR A 106 0.40 -6.67 12.21
CA TYR A 106 1.60 -6.87 11.40
C TYR A 106 2.78 -6.10 11.99
N ALA A 107 3.97 -6.71 12.00
CA ALA A 107 5.16 -6.04 12.52
C ALA A 107 6.22 -5.92 11.44
N VAL A 108 6.83 -4.73 11.36
CA VAL A 108 7.87 -4.45 10.38
C VAL A 108 9.12 -5.23 10.71
N THR A 109 9.71 -5.86 9.69
CA THR A 109 10.92 -6.66 9.85
C THR A 109 12.11 -5.98 9.22
N GLY A 110 11.86 -5.11 8.24
CA GLY A 110 12.96 -4.42 7.58
C GLY A 110 12.47 -3.67 6.35
N VAL A 111 13.25 -2.66 5.96
CA VAL A 111 12.93 -1.83 4.81
C VAL A 111 14.11 -1.85 3.83
N SER A 112 13.82 -1.67 2.54
CA SER A 112 14.88 -1.70 1.54
C SER A 112 14.43 -1.02 0.25
N GLU A 113 15.38 -0.86 -0.68
CA GLU A 113 15.11 -0.23 -1.98
C GLU A 113 15.33 -1.24 -3.09
N VAL A 114 14.25 -1.65 -3.74
CA VAL A 114 14.32 -2.65 -4.82
C VAL A 114 13.86 -2.05 -6.13
N THR A 115 14.49 -2.49 -7.21
CA THR A 115 14.12 -1.98 -8.52
C THR A 115 12.64 -2.31 -8.79
N PRO A 116 11.84 -1.36 -9.26
CA PRO A 116 10.39 -1.62 -9.53
C PRO A 116 10.17 -2.91 -10.30
N ASP A 117 11.23 -3.40 -10.94
CA ASP A 117 11.14 -4.61 -11.74
C ASP A 117 11.23 -5.86 -10.87
N LYS A 118 11.73 -5.69 -9.65
CA LYS A 118 11.87 -6.78 -8.70
C LYS A 118 10.59 -6.98 -7.88
N TRP A 119 9.56 -7.50 -8.53
CA TRP A 119 8.28 -7.71 -7.88
C TRP A 119 8.32 -8.88 -6.91
N GLU A 120 9.32 -9.74 -7.07
CA GLU A 120 9.46 -10.90 -6.20
C GLU A 120 9.40 -10.50 -4.73
N VAL A 121 9.38 -9.20 -4.49
CA VAL A 121 9.35 -8.64 -3.14
C VAL A 121 7.93 -8.56 -2.57
N VAL A 122 6.93 -8.56 -3.45
CA VAL A 122 5.52 -8.47 -3.07
C VAL A 122 4.80 -9.76 -3.43
N GLU A 123 5.56 -10.66 -4.02
CA GLU A 123 5.01 -11.94 -4.45
C GLU A 123 4.98 -12.96 -3.33
N ASP A 124 3.78 -13.50 -3.11
CA ASP A 124 3.54 -14.52 -2.08
C ASP A 124 4.77 -15.39 -1.86
N HIS A 125 5.26 -15.43 -0.62
CA HIS A 125 6.45 -16.22 -0.28
C HIS A 125 6.11 -17.40 0.62
N GLY A 126 4.85 -17.86 0.60
CA GLY A 126 4.44 -18.99 1.43
C GLY A 126 4.27 -18.58 2.87
N LYS A 127 4.08 -17.28 3.09
CA LYS A 127 3.91 -16.77 4.44
C LYS A 127 3.01 -15.53 4.45
N ASP A 128 2.57 -15.15 5.65
CA ASP A 128 1.70 -13.98 5.80
C ASP A 128 2.53 -12.76 6.17
N GLU A 129 3.00 -12.07 5.15
CA GLU A 129 3.82 -10.88 5.32
C GLU A 129 3.25 -9.70 4.51
N ILE A 130 3.04 -8.57 5.17
CA ILE A 130 2.50 -7.39 4.47
C ILE A 130 3.63 -6.71 3.70
N THR A 131 3.31 -6.12 2.56
CA THR A 131 4.33 -5.43 1.76
C THR A 131 3.81 -4.10 1.22
N LEU A 132 4.51 -3.01 1.54
CA LEU A 132 4.11 -1.67 1.09
C LEU A 132 5.02 -1.18 -0.04
N ILE A 133 4.39 -0.77 -1.13
CA ILE A 133 5.09 -0.29 -2.31
C ILE A 133 4.40 0.94 -2.90
N THR A 134 5.01 1.52 -3.94
CA THR A 134 4.46 2.71 -4.58
C THR A 134 4.48 2.56 -6.10
N CYS A 135 3.66 3.36 -6.78
CA CYS A 135 3.59 3.31 -8.23
C CYS A 135 4.90 3.80 -8.83
N VAL A 136 5.25 3.28 -10.02
CA VAL A 136 6.49 3.66 -10.69
C VAL A 136 6.51 5.16 -10.93
N SER A 137 5.41 5.69 -11.42
CA SER A 137 5.33 7.13 -11.68
C SER A 137 6.59 7.63 -12.37
N VAL A 138 6.77 8.94 -12.46
CA VAL A 138 7.94 9.52 -13.11
C VAL A 138 8.63 10.51 -12.16
N LYS A 139 9.93 10.32 -11.96
CA LYS A 139 10.68 11.18 -11.04
C LYS A 139 12.17 11.09 -11.29
N ASP A 140 12.91 12.09 -10.81
CA ASP A 140 14.36 12.11 -10.98
C ASP A 140 15.00 11.20 -9.95
N ASN A 141 16.31 10.99 -10.05
CA ASN A 141 17.01 10.13 -9.08
C ASN A 141 16.57 8.67 -9.24
N SER A 142 15.37 8.45 -9.76
CA SER A 142 14.87 7.09 -9.95
C SER A 142 15.20 6.23 -8.74
N LYS A 143 14.28 6.20 -7.77
CA LYS A 143 14.48 5.43 -6.55
C LYS A 143 13.16 4.81 -6.07
N ARG A 144 13.26 3.65 -5.43
CA ARG A 144 12.09 2.94 -4.93
C ARG A 144 12.29 2.48 -3.49
N TYR A 145 11.23 2.57 -2.69
CA TYR A 145 11.26 2.17 -1.28
C TYR A 145 10.14 1.17 -0.97
N VAL A 146 10.49 0.08 -0.30
CA VAL A 146 9.51 -0.96 0.04
C VAL A 146 9.69 -1.43 1.48
N VAL A 147 8.56 -1.60 2.18
CA VAL A 147 8.58 -2.05 3.59
C VAL A 147 7.82 -3.36 3.73
N ALA A 148 8.44 -4.32 4.42
CA ALA A 148 7.83 -5.64 4.62
C ALA A 148 7.57 -5.89 6.10
N GLY A 149 6.40 -6.41 6.43
CA GLY A 149 6.02 -6.69 7.82
C GLY A 149 5.47 -8.09 7.99
N ASP A 150 5.95 -8.76 9.03
CA ASP A 150 5.53 -10.12 9.33
C ASP A 150 4.31 -10.14 10.26
N LEU A 151 3.37 -11.05 9.99
CA LEU A 151 2.18 -11.16 10.81
C LEU A 151 2.52 -11.65 12.21
N VAL A 152 2.06 -10.91 13.20
CA VAL A 152 2.33 -11.25 14.60
C VAL A 152 1.08 -11.74 15.31
N GLY A 153 -0.09 -11.42 14.78
CA GLY A 153 -1.34 -11.86 15.40
C GLY A 153 -2.56 -11.35 14.66
N THR A 154 -3.73 -11.78 15.12
CA THR A 154 -4.99 -11.38 14.51
C THR A 154 -6.14 -11.48 15.51
N LYS A 155 -7.15 -10.66 15.29
CA LYS A 155 -8.33 -10.65 16.15
C LYS A 155 -9.55 -10.27 15.33
N ALA A 156 -10.72 -10.25 15.95
CA ALA A 156 -11.95 -9.88 15.26
C ALA A 156 -12.30 -8.43 15.51
N LYS A 157 -12.81 -7.78 14.47
CA LYS A 157 -13.19 -6.38 14.55
C LYS A 157 -14.24 -6.18 15.63
N LYS A 158 -13.80 -6.11 16.87
CA LYS A 158 -14.72 -5.89 17.97
C LYS A 158 -15.80 -6.97 17.98
N GLY A 1 2.38 -2.48 -28.83
CA GLY A 1 2.82 -1.30 -28.04
C GLY A 1 1.70 -0.25 -27.99
N SER A 2 0.66 -0.49 -28.77
CA SER A 2 -0.46 0.44 -28.83
C SER A 2 -1.09 0.64 -27.46
N HIS A 3 -1.23 -0.47 -26.72
CA HIS A 3 -1.81 -0.44 -25.39
C HIS A 3 -0.72 -0.18 -24.33
N MET A 4 -0.85 0.93 -23.61
CA MET A 4 0.12 1.30 -22.58
C MET A 4 -0.36 0.84 -21.20
N ASP A 5 0.56 0.72 -20.26
CA ASP A 5 0.22 0.30 -18.91
C ASP A 5 -0.71 1.34 -18.26
N ALA A 6 -1.70 0.86 -17.50
CA ALA A 6 -2.67 1.73 -16.85
C ALA A 6 -2.08 2.47 -15.65
N SER A 7 -0.84 2.14 -15.32
CA SER A 7 -0.15 2.73 -14.17
C SER A 7 0.50 4.07 -14.52
N LYS A 8 -0.23 4.89 -15.26
CA LYS A 8 0.27 6.20 -15.69
C LYS A 8 0.09 7.25 -14.60
N ILE A 9 0.06 6.81 -13.35
CA ILE A 9 -0.12 7.70 -12.22
C ILE A 9 1.02 8.69 -12.10
N ASP A 10 2.25 8.19 -12.22
CA ASP A 10 3.41 9.04 -12.15
C ASP A 10 3.33 10.00 -10.97
N GLN A 11 2.89 11.22 -11.23
CA GLN A 11 2.78 12.22 -10.18
C GLN A 11 1.66 13.22 -10.48
N PRO A 12 0.45 12.89 -10.11
CA PRO A 12 -0.73 13.77 -10.34
C PRO A 12 -0.73 14.93 -9.36
N ASP A 13 -1.29 16.05 -9.79
CA ASP A 13 -1.37 17.23 -8.95
C ASP A 13 -2.50 17.07 -7.93
N LEU A 14 -2.53 17.95 -6.94
CA LEU A 14 -3.55 17.90 -5.90
C LEU A 14 -4.92 18.24 -6.46
N ALA A 15 -4.93 18.90 -7.60
CA ALA A 15 -6.16 19.29 -8.25
C ALA A 15 -6.97 18.07 -8.67
N GLU A 16 -6.27 17.07 -9.19
CA GLU A 16 -6.92 15.84 -9.61
C GLU A 16 -7.37 15.02 -8.41
N VAL A 17 -6.56 15.06 -7.36
CA VAL A 17 -6.84 14.30 -6.14
C VAL A 17 -8.00 14.91 -5.37
N ALA A 18 -7.97 16.22 -5.24
CA ALA A 18 -9.03 16.95 -4.54
C ALA A 18 -10.36 16.84 -5.28
N ASN A 19 -10.28 16.86 -6.62
CA ASN A 19 -11.46 16.79 -7.46
C ASN A 19 -11.91 15.34 -7.70
N ALA A 20 -10.95 14.43 -7.63
CA ALA A 20 -11.23 13.02 -7.83
C ALA A 20 -12.22 12.52 -6.76
N SER A 21 -13.21 11.72 -7.19
CA SER A 21 -14.21 11.18 -6.28
C SER A 21 -13.75 9.83 -5.74
N LEU A 22 -14.27 9.43 -4.58
CA LEU A 22 -13.89 8.16 -3.95
C LEU A 22 -15.09 7.24 -3.77
N ASP A 23 -14.98 6.01 -4.30
CA ASP A 23 -16.07 5.04 -4.21
C ASP A 23 -15.89 4.11 -3.01
N LYS A 24 -16.41 4.51 -1.85
CA LYS A 24 -16.28 3.71 -0.66
C LYS A 24 -16.69 2.28 -0.94
N LYS A 25 -17.65 2.13 -1.84
CA LYS A 25 -18.16 0.83 -2.22
C LYS A 25 -17.01 -0.11 -2.61
N GLN A 26 -15.83 0.46 -2.84
CA GLN A 26 -14.65 -0.30 -3.25
C GLN A 26 -13.70 -0.55 -2.08
N VAL A 27 -14.21 -0.33 -0.87
CA VAL A 27 -13.44 -0.53 0.35
C VAL A 27 -13.60 -1.96 0.85
N ILE A 28 -12.49 -2.65 1.08
CA ILE A 28 -12.53 -4.04 1.53
C ILE A 28 -11.87 -4.23 2.90
N GLY A 29 -11.26 -3.16 3.39
CA GLY A 29 -10.61 -3.21 4.68
C GLY A 29 -9.94 -1.88 4.97
N ARG A 30 -9.06 -1.84 5.97
CA ARG A 30 -8.42 -0.59 6.33
C ARG A 30 -7.00 -0.82 6.82
N ILE A 31 -6.17 0.23 6.74
CA ILE A 31 -4.78 0.14 7.18
C ILE A 31 -4.48 1.30 8.11
N SER A 32 -3.87 0.96 9.23
CA SER A 32 -3.56 1.97 10.23
C SER A 32 -2.13 1.84 10.69
N ILE A 33 -1.43 2.97 10.76
CA ILE A 33 -0.03 2.95 11.18
C ILE A 33 0.29 4.05 12.20
N PRO A 34 0.88 3.73 13.34
CA PRO A 34 1.21 4.73 14.39
C PRO A 34 2.53 5.44 14.11
N SER A 35 3.47 4.70 13.54
CA SER A 35 4.78 5.21 13.27
C SER A 35 4.72 6.55 12.55
N VAL A 36 3.80 6.68 11.59
CA VAL A 36 3.66 7.90 10.82
C VAL A 36 2.25 8.49 10.99
N SER A 37 1.37 7.81 11.72
CA SER A 37 0.02 8.31 11.91
C SER A 37 -0.74 8.26 10.59
N LEU A 38 -0.70 7.09 9.97
CA LEU A 38 -1.34 6.89 8.68
C LEU A 38 -2.58 6.01 8.81
N GLU A 39 -3.71 6.52 8.34
CA GLU A 39 -4.96 5.79 8.39
C GLU A 39 -5.62 5.94 7.06
N LEU A 40 -5.76 4.83 6.33
CA LEU A 40 -6.34 4.93 5.00
C LEU A 40 -7.13 3.67 4.59
N PRO A 41 -8.41 3.77 4.35
CA PRO A 41 -9.21 2.61 3.86
C PRO A 41 -8.42 1.84 2.81
N VAL A 42 -8.69 0.54 2.71
CA VAL A 42 -8.02 -0.29 1.72
C VAL A 42 -8.95 -0.51 0.54
N LEU A 43 -8.49 -0.11 -0.66
CA LEU A 43 -9.30 -0.26 -1.87
C LEU A 43 -8.79 -1.42 -2.71
N LYS A 44 -9.68 -2.32 -3.10
CA LYS A 44 -9.28 -3.48 -3.90
C LYS A 44 -8.95 -3.06 -5.34
N SER A 45 -9.76 -2.15 -5.87
CA SER A 45 -9.60 -1.67 -7.24
C SER A 45 -8.38 -0.76 -7.35
N SER A 46 -7.28 -1.30 -7.88
CA SER A 46 -6.06 -0.52 -8.05
C SER A 46 -6.15 0.31 -9.32
N THR A 47 -6.59 1.55 -9.17
CA THR A 47 -6.75 2.46 -10.29
C THR A 47 -6.15 3.81 -9.96
N GLU A 48 -5.81 4.57 -10.99
CA GLU A 48 -5.21 5.86 -10.79
C GLU A 48 -6.13 6.78 -10.00
N LYS A 49 -7.43 6.48 -10.08
CA LYS A 49 -8.45 7.28 -9.39
C LYS A 49 -8.62 6.88 -7.92
N ASN A 50 -8.67 5.58 -7.70
CA ASN A 50 -8.83 5.04 -6.35
C ASN A 50 -7.61 5.32 -5.47
N LEU A 51 -6.43 5.30 -6.08
CA LEU A 51 -5.20 5.52 -5.34
C LEU A 51 -5.07 6.95 -4.85
N LEU A 52 -5.94 7.83 -5.33
CA LEU A 52 -5.89 9.22 -4.95
C LEU A 52 -6.39 9.48 -3.56
N SER A 53 -7.09 8.50 -2.95
CA SER A 53 -7.66 8.71 -1.61
C SER A 53 -7.24 7.65 -0.59
N GLY A 54 -6.50 6.64 -1.03
CA GLY A 54 -6.08 5.59 -0.11
C GLY A 54 -5.16 4.60 -0.79
N ALA A 55 -4.61 3.69 0.01
CA ALA A 55 -3.72 2.67 -0.48
C ALA A 55 -4.52 1.54 -1.11
N ALA A 56 -4.19 1.18 -2.36
CA ALA A 56 -4.91 0.12 -3.07
C ALA A 56 -4.08 -1.17 -3.12
N THR A 57 -4.76 -2.33 -3.15
CA THR A 57 -4.08 -3.62 -3.23
C THR A 57 -3.56 -3.82 -4.65
N VAL A 58 -2.48 -4.56 -4.82
CA VAL A 58 -1.90 -4.74 -6.15
C VAL A 58 -2.51 -5.91 -6.94
N LYS A 59 -2.93 -6.96 -6.23
CA LYS A 59 -3.49 -8.13 -6.89
C LYS A 59 -5.01 -7.99 -7.05
N GLU A 60 -5.63 -9.02 -7.64
CA GLU A 60 -7.07 -9.01 -7.89
C GLU A 60 -7.82 -9.93 -6.94
N ASN A 61 -7.10 -10.82 -6.28
CA ASN A 61 -7.71 -11.81 -5.38
C ASN A 61 -6.82 -12.09 -4.17
N GLN A 62 -6.43 -11.02 -3.49
CA GLN A 62 -5.57 -11.13 -2.31
C GLN A 62 -6.43 -11.24 -1.06
N VAL A 63 -5.90 -11.88 -0.01
CA VAL A 63 -6.63 -12.05 1.24
C VAL A 63 -5.81 -11.49 2.40
N MET A 64 -6.45 -10.68 3.24
CA MET A 64 -5.78 -10.09 4.38
C MET A 64 -5.47 -11.17 5.42
N GLY A 65 -4.20 -11.29 5.82
CA GLY A 65 -3.82 -12.28 6.81
C GLY A 65 -3.38 -13.57 6.16
N LYS A 66 -3.31 -13.58 4.83
CA LYS A 66 -2.94 -14.79 4.13
C LYS A 66 -2.09 -14.49 2.90
N GLY A 67 -0.90 -15.08 2.84
CA GLY A 67 -0.01 -14.83 1.72
C GLY A 67 0.60 -13.45 1.86
N ASN A 68 1.33 -13.01 0.84
CA ASN A 68 1.96 -11.71 0.86
C ASN A 68 0.95 -10.63 0.45
N TYR A 69 0.51 -9.83 1.40
CA TYR A 69 -0.47 -8.78 1.14
C TYR A 69 0.24 -7.52 0.65
N ALA A 70 0.18 -7.28 -0.66
CA ALA A 70 0.81 -6.12 -1.25
C ALA A 70 -0.14 -4.92 -1.33
N LEU A 71 0.32 -3.80 -0.78
CA LEU A 71 -0.43 -2.55 -0.77
C LEU A 71 0.37 -1.48 -1.49
N ALA A 72 -0.27 -0.78 -2.43
CA ALA A 72 0.41 0.25 -3.20
C ALA A 72 -0.11 1.63 -2.84
N GLY A 73 0.80 2.59 -2.75
CA GLY A 73 0.44 3.95 -2.40
C GLY A 73 1.26 4.97 -3.19
N HIS A 74 1.02 6.25 -2.91
CA HIS A 74 1.71 7.32 -3.60
C HIS A 74 3.09 7.55 -2.97
N ASN A 75 4.01 8.12 -3.75
CA ASN A 75 5.38 8.38 -3.28
C ASN A 75 5.75 9.85 -3.43
N MET A 76 4.73 10.69 -3.37
CA MET A 76 4.92 12.13 -3.50
C MET A 76 6.11 12.62 -2.69
N SER A 77 6.58 11.80 -1.76
CA SER A 77 7.74 12.21 -0.97
C SER A 77 7.40 13.45 -0.17
N LYS A 78 6.16 13.50 0.33
CA LYS A 78 5.68 14.63 1.10
C LYS A 78 4.94 14.13 2.33
N LYS A 79 5.41 14.52 3.50
CA LYS A 79 4.78 14.07 4.72
C LYS A 79 3.32 14.53 4.72
N GLY A 80 2.41 13.56 4.89
CA GLY A 80 0.97 13.85 4.87
C GLY A 80 0.27 13.16 3.69
N VAL A 81 0.99 12.97 2.58
CA VAL A 81 0.41 12.30 1.43
C VAL A 81 0.27 10.83 1.76
N LEU A 82 -0.31 10.06 0.85
CA LEU A 82 -0.52 8.64 1.08
C LEU A 82 0.82 7.89 0.95
N PHE A 83 1.11 7.00 1.90
CA PHE A 83 2.34 6.21 1.82
C PHE A 83 3.56 7.08 1.50
N SER A 84 3.60 8.27 2.09
CA SER A 84 4.70 9.17 1.85
C SER A 84 5.95 8.75 2.63
N ASP A 85 5.88 8.87 3.96
CA ASP A 85 7.01 8.57 4.84
C ASP A 85 7.07 7.12 5.25
N ILE A 86 6.82 6.24 4.31
CA ILE A 86 6.84 4.81 4.59
C ILE A 86 8.25 4.29 4.84
N ALA A 87 9.24 4.96 4.30
CA ALA A 87 10.62 4.55 4.46
C ALA A 87 11.12 4.93 5.86
N SER A 88 10.22 5.46 6.68
CA SER A 88 10.55 5.88 8.02
C SER A 88 10.27 4.77 9.00
N LEU A 89 9.52 3.79 8.55
CA LEU A 89 9.15 2.66 9.37
C LEU A 89 10.38 1.84 9.71
N LYS A 90 10.65 1.71 11.00
CA LYS A 90 11.80 0.94 11.47
C LYS A 90 11.39 -0.48 11.82
N LYS A 91 12.35 -1.39 11.72
CA LYS A 91 12.09 -2.80 12.03
C LYS A 91 11.48 -2.96 13.41
N GLY A 92 10.29 -3.56 13.48
CA GLY A 92 9.61 -3.77 14.76
C GLY A 92 8.52 -2.74 14.99
N ASP A 93 8.13 -2.09 13.90
CA ASP A 93 7.07 -1.09 13.98
C ASP A 93 5.72 -1.79 13.88
N LYS A 94 4.77 -1.42 14.72
CA LYS A 94 3.47 -2.06 14.71
C LYS A 94 2.55 -1.49 13.64
N ILE A 95 1.93 -2.39 12.85
CA ILE A 95 1.01 -2.00 11.80
C ILE A 95 -0.32 -2.70 12.02
N TYR A 96 -1.40 -1.92 12.11
CA TYR A 96 -2.72 -2.47 12.36
C TYR A 96 -3.54 -2.47 11.09
N LEU A 97 -3.98 -3.66 10.66
CA LEU A 97 -4.77 -3.79 9.42
C LEU A 97 -6.17 -4.28 9.75
N TYR A 98 -7.12 -4.03 8.83
CA TYR A 98 -8.51 -4.43 9.05
C TYR A 98 -9.02 -5.30 7.93
N ASP A 99 -9.72 -6.37 8.31
CA ASP A 99 -10.32 -7.30 7.37
C ASP A 99 -11.83 -7.16 7.49
N ASN A 100 -12.57 -8.11 6.92
CA ASN A 100 -14.02 -8.06 6.98
C ASN A 100 -14.49 -7.48 8.31
N GLU A 101 -14.26 -8.23 9.37
CA GLU A 101 -14.63 -7.81 10.72
C GLU A 101 -13.49 -8.14 11.67
N ASN A 102 -12.27 -8.10 11.14
CA ASN A 102 -11.10 -8.49 11.93
C ASN A 102 -9.95 -7.49 11.84
N GLU A 103 -9.22 -7.38 12.95
CA GLU A 103 -8.07 -6.49 13.03
C GLU A 103 -6.79 -7.31 13.12
N TYR A 104 -5.87 -7.09 12.18
CA TYR A 104 -4.62 -7.83 12.13
C TYR A 104 -3.46 -6.99 12.62
N GLU A 105 -2.64 -7.59 13.48
CA GLU A 105 -1.46 -6.91 14.00
C GLU A 105 -0.22 -7.33 13.19
N TYR A 106 0.38 -6.38 12.50
CA TYR A 106 1.56 -6.64 11.66
C TYR A 106 2.77 -5.89 12.20
N ALA A 107 3.93 -6.53 12.15
CA ALA A 107 5.17 -5.88 12.62
C ALA A 107 6.20 -5.80 11.50
N VAL A 108 6.77 -4.60 11.34
CA VAL A 108 7.77 -4.35 10.31
C VAL A 108 9.02 -5.14 10.60
N THR A 109 9.54 -5.80 9.54
CA THR A 109 10.73 -6.63 9.66
C THR A 109 11.96 -5.91 9.13
N GLY A 110 11.76 -5.03 8.17
CA GLY A 110 12.88 -4.30 7.59
C GLY A 110 12.46 -3.56 6.34
N VAL A 111 13.23 -2.54 5.99
CA VAL A 111 12.97 -1.71 4.82
C VAL A 111 14.18 -1.75 3.88
N SER A 112 13.94 -1.60 2.57
CA SER A 112 15.03 -1.68 1.61
C SER A 112 14.69 -0.93 0.34
N GLU A 113 15.71 -0.65 -0.49
CA GLU A 113 15.51 0.07 -1.73
C GLU A 113 15.81 -0.85 -2.92
N VAL A 114 14.79 -1.14 -3.73
CA VAL A 114 14.96 -2.05 -4.87
C VAL A 114 14.34 -1.46 -6.13
N THR A 115 14.79 -1.95 -7.29
CA THR A 115 14.24 -1.47 -8.54
C THR A 115 12.74 -1.79 -8.59
N PRO A 116 11.99 -1.23 -9.52
CA PRO A 116 10.53 -1.50 -9.62
C PRO A 116 10.23 -2.80 -10.35
N ASP A 117 11.27 -3.42 -10.90
CA ASP A 117 11.11 -4.65 -11.67
C ASP A 117 11.12 -5.85 -10.75
N LYS A 118 11.41 -5.62 -9.47
CA LYS A 118 11.47 -6.68 -8.48
C LYS A 118 10.08 -6.93 -7.88
N TRP A 119 9.21 -7.47 -8.69
CA TRP A 119 7.85 -7.76 -8.26
C TRP A 119 7.81 -8.88 -7.25
N GLU A 120 8.75 -9.80 -7.35
CA GLU A 120 8.81 -10.93 -6.44
C GLU A 120 8.66 -10.47 -5.00
N VAL A 121 8.86 -9.17 -4.79
CA VAL A 121 8.78 -8.56 -3.47
C VAL A 121 7.34 -8.43 -2.97
N VAL A 122 6.40 -8.38 -3.91
CA VAL A 122 4.98 -8.21 -3.59
C VAL A 122 4.24 -9.51 -3.82
N GLU A 123 4.96 -10.44 -4.40
CA GLU A 123 4.39 -11.71 -4.75
C GLU A 123 4.33 -12.64 -3.54
N ASP A 124 3.43 -13.61 -3.65
CA ASP A 124 3.22 -14.60 -2.60
C ASP A 124 4.44 -15.51 -2.43
N HIS A 125 4.93 -15.65 -1.19
CA HIS A 125 6.10 -16.48 -0.90
C HIS A 125 5.72 -17.77 -0.18
N GLY A 126 4.85 -17.65 0.82
CA GLY A 126 4.39 -18.82 1.59
C GLY A 126 4.14 -18.47 3.04
N LYS A 127 3.86 -17.20 3.30
CA LYS A 127 3.60 -16.75 4.65
C LYS A 127 2.70 -15.50 4.66
N ASP A 128 2.27 -15.09 5.85
CA ASP A 128 1.43 -13.91 5.98
C ASP A 128 2.28 -12.68 6.29
N GLU A 129 2.76 -12.05 5.24
CA GLU A 129 3.62 -10.86 5.37
C GLU A 129 3.08 -9.72 4.51
N ILE A 130 2.86 -8.56 5.11
CA ILE A 130 2.36 -7.41 4.37
C ILE A 130 3.52 -6.72 3.65
N THR A 131 3.25 -6.12 2.48
CA THR A 131 4.29 -5.47 1.71
C THR A 131 3.84 -4.13 1.16
N LEU A 132 4.52 -3.06 1.56
CA LEU A 132 4.17 -1.71 1.12
C LEU A 132 5.09 -1.25 0.01
N ILE A 133 4.47 -0.80 -1.09
CA ILE A 133 5.21 -0.35 -2.26
C ILE A 133 4.55 0.89 -2.87
N THR A 134 5.04 1.30 -4.04
CA THR A 134 4.51 2.49 -4.71
C THR A 134 4.34 2.23 -6.21
N CYS A 135 3.46 2.99 -6.86
CA CYS A 135 3.19 2.82 -8.29
C CYS A 135 4.08 3.77 -9.10
N VAL A 136 5.34 3.38 -9.32
CA VAL A 136 6.29 4.22 -10.08
C VAL A 136 6.94 3.42 -11.21
N SER A 137 6.94 3.97 -12.43
CA SER A 137 7.52 3.26 -13.56
C SER A 137 7.85 4.20 -14.71
N VAL A 138 9.03 4.82 -14.65
CA VAL A 138 9.44 5.76 -15.68
C VAL A 138 10.94 5.70 -15.93
N LYS A 139 11.39 4.78 -16.77
CA LYS A 139 12.81 4.69 -17.06
C LYS A 139 13.61 4.76 -15.76
N ASP A 140 14.57 5.69 -15.70
CA ASP A 140 15.39 5.88 -14.49
C ASP A 140 14.86 7.06 -13.68
N ASN A 141 14.73 6.87 -12.36
CA ASN A 141 14.20 7.93 -11.50
C ASN A 141 14.71 7.77 -10.07
N SER A 142 13.89 8.16 -9.10
CA SER A 142 14.26 8.06 -7.71
C SER A 142 14.21 6.59 -7.28
N LYS A 143 14.92 6.25 -6.20
CA LYS A 143 14.95 4.88 -5.70
C LYS A 143 13.61 4.54 -5.06
N ARG A 144 13.05 3.39 -5.43
CA ARG A 144 11.77 2.94 -4.88
C ARG A 144 11.95 2.43 -3.44
N TYR A 145 11.05 2.81 -2.54
CA TYR A 145 11.11 2.39 -1.14
C TYR A 145 10.07 1.31 -0.87
N VAL A 146 10.47 0.23 -0.20
CA VAL A 146 9.55 -0.86 0.10
C VAL A 146 9.75 -1.36 1.54
N VAL A 147 8.64 -1.64 2.22
CA VAL A 147 8.66 -2.11 3.61
C VAL A 147 7.91 -3.43 3.73
N ALA A 148 8.50 -4.38 4.46
CA ALA A 148 7.86 -5.69 4.67
C ALA A 148 7.50 -5.89 6.13
N GLY A 149 6.29 -6.39 6.41
CA GLY A 149 5.83 -6.62 7.78
C GLY A 149 5.32 -8.03 7.96
N ASP A 150 5.75 -8.64 9.06
CA ASP A 150 5.37 -10.01 9.38
C ASP A 150 4.18 -10.03 10.35
N LEU A 151 3.23 -10.93 10.10
CA LEU A 151 2.06 -11.04 10.95
C LEU A 151 2.44 -11.50 12.35
N VAL A 152 2.00 -10.74 13.36
CA VAL A 152 2.31 -11.04 14.75
C VAL A 152 1.09 -11.56 15.50
N GLY A 153 -0.10 -11.21 15.03
CA GLY A 153 -1.32 -11.65 15.69
C GLY A 153 -2.57 -11.08 15.03
N THR A 154 -3.73 -11.47 15.55
CA THR A 154 -5.00 -11.01 15.01
C THR A 154 -6.08 -11.03 16.07
N LYS A 155 -7.07 -10.16 15.92
CA LYS A 155 -8.17 -10.07 16.87
C LYS A 155 -9.43 -9.67 16.13
N ALA A 156 -10.55 -9.58 16.83
CA ALA A 156 -11.81 -9.20 16.20
C ALA A 156 -12.04 -7.70 16.32
N LYS A 157 -12.64 -7.10 15.29
CA LYS A 157 -12.91 -5.67 15.28
C LYS A 157 -14.05 -5.34 16.23
N LYS A 158 -13.75 -5.26 17.52
CA LYS A 158 -14.78 -4.91 18.49
C LYS A 158 -15.94 -5.91 18.41
N GLY A 1 -3.89 10.23 -27.30
CA GLY A 1 -4.88 10.44 -28.39
C GLY A 1 -6.21 9.83 -27.98
N SER A 2 -6.55 8.70 -28.58
CA SER A 2 -7.79 8.02 -28.28
C SER A 2 -7.70 7.33 -26.91
N HIS A 3 -8.83 7.05 -26.28
CA HIS A 3 -8.79 6.39 -24.98
C HIS A 3 -7.77 7.09 -24.08
N MET A 4 -7.48 6.48 -22.93
CA MET A 4 -6.53 7.07 -21.97
C MET A 4 -5.49 6.02 -21.55
N ASP A 5 -4.39 6.48 -20.96
CA ASP A 5 -3.35 5.58 -20.50
C ASP A 5 -3.90 4.62 -19.46
N ALA A 6 -3.38 3.39 -19.43
CA ALA A 6 -3.84 2.38 -18.49
C ALA A 6 -3.47 2.72 -17.04
N SER A 7 -2.28 3.28 -16.86
CA SER A 7 -1.81 3.63 -15.52
C SER A 7 -0.91 4.85 -15.59
N LYS A 8 0.40 4.65 -15.67
CA LYS A 8 1.32 5.77 -15.77
C LYS A 8 1.05 6.81 -14.68
N ILE A 9 0.75 6.35 -13.48
CA ILE A 9 0.44 7.24 -12.37
C ILE A 9 1.63 8.13 -12.04
N ASP A 10 2.80 7.53 -11.94
CA ASP A 10 4.01 8.29 -11.67
C ASP A 10 3.79 9.28 -10.51
N GLN A 11 3.45 10.51 -10.85
CA GLN A 11 3.24 11.54 -9.85
C GLN A 11 2.21 12.58 -10.33
N PRO A 12 0.94 12.31 -10.14
CA PRO A 12 -0.14 13.22 -10.56
C PRO A 12 -0.25 14.41 -9.60
N ASP A 13 -0.75 15.52 -10.11
CA ASP A 13 -0.89 16.71 -9.31
C ASP A 13 -2.11 16.56 -8.40
N LEU A 14 -2.27 17.48 -7.46
CA LEU A 14 -3.39 17.42 -6.51
C LEU A 14 -4.72 17.69 -7.21
N ALA A 15 -4.64 18.23 -8.42
CA ALA A 15 -5.82 18.55 -9.20
C ALA A 15 -6.59 17.27 -9.53
N GLU A 16 -5.85 16.23 -9.89
CA GLU A 16 -6.46 14.95 -10.22
C GLU A 16 -6.89 14.22 -8.96
N VAL A 17 -6.33 14.61 -7.84
CA VAL A 17 -6.63 13.99 -6.55
C VAL A 17 -7.93 14.52 -5.96
N ALA A 18 -7.99 15.83 -5.81
CA ALA A 18 -9.18 16.48 -5.26
C ALA A 18 -10.39 16.29 -6.16
N ASN A 19 -10.17 16.45 -7.47
CA ASN A 19 -11.24 16.31 -8.45
C ASN A 19 -11.72 14.86 -8.56
N ALA A 20 -10.80 13.92 -8.36
CA ALA A 20 -11.13 12.51 -8.43
C ALA A 20 -12.14 12.14 -7.34
N SER A 21 -13.22 11.46 -7.74
CA SER A 21 -14.26 11.06 -6.79
C SER A 21 -13.98 9.64 -6.28
N LEU A 22 -14.56 9.28 -5.14
CA LEU A 22 -14.33 7.96 -4.55
C LEU A 22 -15.62 7.37 -4.00
N ASP A 23 -16.02 6.21 -4.52
CA ASP A 23 -17.22 5.53 -4.05
C ASP A 23 -16.89 4.65 -2.86
N LYS A 24 -17.31 5.08 -1.66
CA LYS A 24 -17.05 4.33 -0.44
C LYS A 24 -17.38 2.85 -0.64
N LYS A 25 -18.13 2.58 -1.70
CA LYS A 25 -18.53 1.23 -2.04
C LYS A 25 -17.32 0.37 -2.41
N GLN A 26 -16.18 1.02 -2.61
CA GLN A 26 -14.93 0.34 -3.00
C GLN A 26 -14.04 0.09 -1.79
N VAL A 27 -14.59 0.34 -0.61
CA VAL A 27 -13.85 0.14 0.64
C VAL A 27 -14.10 -1.26 1.17
N ILE A 28 -13.02 -1.99 1.43
CA ILE A 28 -13.13 -3.38 1.91
C ILE A 28 -12.41 -3.58 3.23
N GLY A 29 -11.76 -2.54 3.71
CA GLY A 29 -11.04 -2.61 4.98
C GLY A 29 -10.22 -1.36 5.18
N ARG A 30 -9.24 -1.43 6.09
CA ARG A 30 -8.42 -0.25 6.34
C ARG A 30 -7.08 -0.63 6.94
N ILE A 31 -6.14 0.32 6.92
CA ILE A 31 -4.81 0.10 7.48
C ILE A 31 -4.40 1.28 8.35
N SER A 32 -3.68 0.96 9.41
CA SER A 32 -3.24 1.98 10.35
C SER A 32 -1.78 1.80 10.70
N ILE A 33 -1.05 2.90 10.70
CA ILE A 33 0.40 2.86 10.98
C ILE A 33 0.80 3.86 12.05
N PRO A 34 0.53 3.56 13.30
CA PRO A 34 0.88 4.45 14.44
C PRO A 34 2.24 5.10 14.29
N SER A 35 3.19 4.31 13.84
CA SER A 35 4.55 4.77 13.69
C SER A 35 4.63 6.01 12.82
N VAL A 36 3.88 6.04 11.72
CA VAL A 36 3.89 7.17 10.80
C VAL A 36 2.58 7.96 10.90
N SER A 37 1.73 7.58 11.85
CA SER A 37 0.46 8.29 12.03
C SER A 37 -0.29 8.27 10.72
N LEU A 38 -0.34 7.10 10.10
CA LEU A 38 -1.01 6.94 8.82
C LEU A 38 -2.30 6.13 8.97
N GLU A 39 -3.39 6.71 8.52
CA GLU A 39 -4.68 6.04 8.57
C GLU A 39 -5.27 6.10 7.18
N LEU A 40 -5.41 4.95 6.52
CA LEU A 40 -5.89 4.96 5.16
C LEU A 40 -6.77 3.76 4.80
N PRO A 41 -8.06 3.94 4.59
CA PRO A 41 -8.95 2.83 4.16
C PRO A 41 -8.24 1.98 3.09
N VAL A 42 -8.66 0.74 2.95
CA VAL A 42 -8.08 -0.16 1.95
C VAL A 42 -9.05 -0.32 0.79
N LEU A 43 -8.63 0.12 -0.39
CA LEU A 43 -9.47 0.02 -1.58
C LEU A 43 -9.04 -1.17 -2.43
N LYS A 44 -9.97 -2.09 -2.66
CA LYS A 44 -9.67 -3.28 -3.44
C LYS A 44 -9.40 -2.93 -4.90
N SER A 45 -10.28 -2.12 -5.48
CA SER A 45 -10.15 -1.67 -6.87
C SER A 45 -8.84 -0.92 -7.08
N SER A 46 -7.85 -1.61 -7.65
CA SER A 46 -6.55 -1.00 -7.91
C SER A 46 -6.59 -0.21 -9.21
N THR A 47 -6.80 1.09 -9.09
CA THR A 47 -6.88 1.98 -10.23
C THR A 47 -6.17 3.28 -9.94
N GLU A 48 -5.77 3.98 -10.98
CA GLU A 48 -5.07 5.24 -10.82
C GLU A 48 -5.94 6.23 -10.05
N LYS A 49 -7.24 6.13 -10.24
CA LYS A 49 -8.20 7.01 -9.58
C LYS A 49 -8.38 6.64 -8.11
N ASN A 50 -8.53 5.36 -7.86
CA ASN A 50 -8.74 4.88 -6.49
C ASN A 50 -7.53 5.14 -5.60
N LEU A 51 -6.34 4.98 -6.16
CA LEU A 51 -5.12 5.20 -5.40
C LEU A 51 -5.06 6.60 -4.81
N LEU A 52 -5.81 7.52 -5.40
CA LEU A 52 -5.80 8.90 -4.96
C LEU A 52 -6.45 9.07 -3.59
N SER A 53 -7.45 8.27 -3.29
CA SER A 53 -8.17 8.40 -2.02
C SER A 53 -7.57 7.53 -0.90
N GLY A 54 -6.65 6.64 -1.25
CA GLY A 54 -6.06 5.76 -0.24
C GLY A 54 -5.16 4.71 -0.88
N ALA A 55 -4.63 3.84 -0.02
CA ALA A 55 -3.77 2.76 -0.48
C ALA A 55 -4.61 1.66 -1.10
N ALA A 56 -4.30 1.31 -2.35
CA ALA A 56 -5.05 0.26 -3.07
C ALA A 56 -4.25 -1.03 -3.15
N THR A 57 -4.96 -2.16 -3.19
CA THR A 57 -4.31 -3.46 -3.30
C THR A 57 -3.67 -3.59 -4.68
N VAL A 58 -2.56 -4.31 -4.78
CA VAL A 58 -1.85 -4.43 -6.07
C VAL A 58 -2.34 -5.58 -6.94
N LYS A 59 -2.75 -6.68 -6.32
CA LYS A 59 -3.22 -7.85 -7.08
C LYS A 59 -4.73 -7.77 -7.33
N GLU A 60 -5.22 -8.67 -8.18
CA GLU A 60 -6.63 -8.70 -8.55
C GLU A 60 -7.55 -8.84 -7.34
N ASN A 61 -7.21 -9.77 -6.45
CA ASN A 61 -8.04 -10.02 -5.27
C ASN A 61 -7.23 -10.70 -4.17
N GLN A 62 -6.30 -9.97 -3.58
CA GLN A 62 -5.49 -10.52 -2.51
C GLN A 62 -6.28 -10.59 -1.21
N VAL A 63 -5.68 -11.17 -0.17
CA VAL A 63 -6.37 -11.30 1.12
C VAL A 63 -5.44 -10.85 2.26
N MET A 64 -5.93 -9.92 3.05
CA MET A 64 -5.16 -9.43 4.19
C MET A 64 -5.11 -10.53 5.26
N GLY A 65 -3.90 -10.86 5.73
CA GLY A 65 -3.76 -11.90 6.74
C GLY A 65 -3.37 -13.22 6.10
N LYS A 66 -3.34 -13.24 4.77
CA LYS A 66 -3.01 -14.47 4.04
C LYS A 66 -2.14 -14.17 2.83
N GLY A 67 -0.97 -14.80 2.77
CA GLY A 67 -0.07 -14.58 1.65
C GLY A 67 0.55 -13.19 1.79
N ASN A 68 1.25 -12.75 0.75
CA ASN A 68 1.88 -11.44 0.77
C ASN A 68 0.87 -10.36 0.37
N TYR A 69 0.43 -9.58 1.34
CA TYR A 69 -0.54 -8.52 1.09
C TYR A 69 0.16 -7.26 0.58
N ALA A 70 0.09 -7.03 -0.71
CA ALA A 70 0.72 -5.87 -1.32
C ALA A 70 -0.21 -4.67 -1.37
N LEU A 71 0.23 -3.58 -0.76
CA LEU A 71 -0.53 -2.32 -0.73
C LEU A 71 0.28 -1.24 -1.44
N ALA A 72 -0.36 -0.52 -2.36
CA ALA A 72 0.31 0.52 -3.13
C ALA A 72 -0.18 1.90 -2.72
N GLY A 73 0.76 2.83 -2.63
CA GLY A 73 0.43 4.20 -2.25
C GLY A 73 1.23 5.21 -3.07
N HIS A 74 1.03 6.49 -2.78
CA HIS A 74 1.70 7.57 -3.48
C HIS A 74 2.97 7.99 -2.74
N ASN A 75 4.04 8.23 -3.50
CA ASN A 75 5.33 8.63 -2.92
C ASN A 75 5.51 10.13 -2.98
N MET A 76 4.39 10.84 -2.96
CA MET A 76 4.39 12.29 -3.02
C MET A 76 5.52 12.89 -2.18
N SER A 77 6.05 12.12 -1.25
CA SER A 77 7.13 12.62 -0.42
C SER A 77 6.70 13.87 0.33
N LYS A 78 5.45 13.86 0.76
CA LYS A 78 4.86 14.99 1.48
C LYS A 78 4.15 14.49 2.71
N LYS A 79 4.71 14.75 3.87
CA LYS A 79 4.08 14.31 5.11
C LYS A 79 2.61 14.67 5.11
N GLY A 80 1.77 13.67 5.29
CA GLY A 80 0.32 13.86 5.28
C GLY A 80 -0.32 13.18 4.06
N VAL A 81 0.41 13.09 2.94
CA VAL A 81 -0.13 12.44 1.75
C VAL A 81 -0.12 10.94 1.98
N LEU A 82 -0.59 10.18 1.00
CA LEU A 82 -0.66 8.74 1.13
C LEU A 82 0.75 8.15 1.07
N PHE A 83 1.03 7.19 1.95
CA PHE A 83 2.34 6.53 1.95
C PHE A 83 3.46 7.55 1.78
N SER A 84 3.28 8.72 2.35
CA SER A 84 4.26 9.77 2.23
C SER A 84 5.40 9.63 3.24
N ASP A 85 5.20 8.78 4.26
CA ASP A 85 6.20 8.61 5.32
C ASP A 85 6.35 7.16 5.77
N ILE A 86 6.04 6.23 4.89
CA ILE A 86 6.15 4.81 5.22
C ILE A 86 7.60 4.34 5.22
N ALA A 87 8.47 5.10 4.59
CA ALA A 87 9.87 4.73 4.52
C ALA A 87 10.57 4.99 5.84
N SER A 88 9.81 5.50 6.82
CA SER A 88 10.34 5.82 8.13
C SER A 88 10.18 4.63 9.05
N LEU A 89 9.36 3.69 8.62
CA LEU A 89 9.11 2.49 9.39
C LEU A 89 10.38 1.68 9.55
N LYS A 90 10.69 1.34 10.78
CA LYS A 90 11.88 0.56 11.09
C LYS A 90 11.53 -0.90 11.35
N LYS A 91 12.55 -1.72 11.54
CA LYS A 91 12.34 -3.15 11.80
C LYS A 91 11.71 -3.36 13.17
N GLY A 92 10.58 -4.06 13.19
CA GLY A 92 9.88 -4.34 14.45
C GLY A 92 8.83 -3.28 14.74
N ASP A 93 8.49 -2.53 13.71
CA ASP A 93 7.48 -1.48 13.85
C ASP A 93 6.11 -2.13 13.79
N LYS A 94 5.18 -1.72 14.68
CA LYS A 94 3.86 -2.34 14.72
C LYS A 94 2.92 -1.72 13.67
N ILE A 95 2.24 -2.59 12.93
CA ILE A 95 1.28 -2.16 11.90
C ILE A 95 -0.04 -2.88 12.13
N TYR A 96 -1.12 -2.12 12.20
CA TYR A 96 -2.46 -2.67 12.43
C TYR A 96 -3.25 -2.67 11.13
N LEU A 97 -3.67 -3.85 10.69
CA LEU A 97 -4.42 -3.99 9.45
C LEU A 97 -5.80 -4.57 9.73
N TYR A 98 -6.81 -4.13 8.98
CA TYR A 98 -8.19 -4.58 9.20
C TYR A 98 -8.74 -5.30 7.98
N ASP A 99 -9.39 -6.43 8.25
CA ASP A 99 -10.02 -7.24 7.21
C ASP A 99 -11.52 -7.13 7.40
N ASN A 100 -12.28 -8.02 6.78
CA ASN A 100 -13.74 -8.02 6.91
C ASN A 100 -14.18 -7.40 8.23
N GLU A 101 -14.06 -8.17 9.30
CA GLU A 101 -14.41 -7.72 10.64
C GLU A 101 -13.31 -8.11 11.60
N ASN A 102 -12.08 -8.17 11.09
CA ASN A 102 -10.95 -8.62 11.90
C ASN A 102 -9.77 -7.65 11.86
N GLU A 103 -9.04 -7.60 12.97
CA GLU A 103 -7.87 -6.73 13.10
C GLU A 103 -6.61 -7.59 13.12
N TYR A 104 -5.70 -7.31 12.19
CA TYR A 104 -4.45 -8.05 12.06
C TYR A 104 -3.26 -7.25 12.56
N GLU A 105 -2.46 -7.87 13.42
CA GLU A 105 -1.27 -7.22 13.95
C GLU A 105 -0.06 -7.61 13.10
N TYR A 106 0.51 -6.63 12.41
CA TYR A 106 1.67 -6.86 11.53
C TYR A 106 2.88 -6.14 12.08
N ALA A 107 4.06 -6.76 11.92
CA ALA A 107 5.30 -6.13 12.38
C ALA A 107 6.29 -6.01 11.24
N VAL A 108 6.87 -4.82 11.11
CA VAL A 108 7.83 -4.52 10.06
C VAL A 108 9.09 -5.31 10.28
N THR A 109 9.61 -5.88 9.19
CA THR A 109 10.82 -6.71 9.22
C THR A 109 12.03 -5.92 8.77
N GLY A 110 11.81 -4.92 7.92
CA GLY A 110 12.91 -4.10 7.44
C GLY A 110 12.54 -3.37 6.16
N VAL A 111 13.23 -2.28 5.92
CA VAL A 111 13.02 -1.45 4.73
C VAL A 111 14.13 -1.73 3.72
N SER A 112 13.78 -1.81 2.44
CA SER A 112 14.77 -2.11 1.39
C SER A 112 14.56 -1.21 0.17
N GLU A 113 15.66 -0.94 -0.54
CA GLU A 113 15.62 -0.10 -1.73
C GLU A 113 15.86 -0.94 -2.97
N VAL A 114 14.79 -1.25 -3.71
CA VAL A 114 14.90 -2.08 -4.91
C VAL A 114 14.11 -1.50 -6.06
N THR A 115 14.50 -1.86 -7.28
CA THR A 115 13.81 -1.37 -8.45
C THR A 115 12.36 -1.86 -8.43
N PRO A 116 11.49 -1.37 -9.28
CA PRO A 116 10.06 -1.80 -9.30
C PRO A 116 9.87 -3.09 -10.09
N ASP A 117 10.95 -3.57 -10.70
CA ASP A 117 10.89 -4.78 -11.50
C ASP A 117 10.94 -6.02 -10.62
N LYS A 118 11.41 -5.86 -9.39
CA LYS A 118 11.51 -6.95 -8.42
C LYS A 118 10.19 -7.11 -7.68
N TRP A 119 9.21 -7.67 -8.35
CA TRP A 119 7.90 -7.86 -7.76
C TRP A 119 7.88 -9.02 -6.77
N GLU A 120 9.00 -9.72 -6.69
CA GLU A 120 9.11 -10.85 -5.78
C GLU A 120 8.72 -10.43 -4.36
N VAL A 121 9.20 -9.27 -3.94
CA VAL A 121 8.94 -8.75 -2.61
C VAL A 121 7.49 -8.28 -2.46
N VAL A 122 6.68 -8.50 -3.50
CA VAL A 122 5.28 -8.07 -3.50
C VAL A 122 4.37 -9.28 -3.68
N GLU A 123 4.99 -10.36 -4.10
CA GLU A 123 4.28 -11.61 -4.35
C GLU A 123 4.16 -12.47 -3.09
N ASP A 124 3.40 -13.53 -3.23
CA ASP A 124 3.15 -14.48 -2.15
C ASP A 124 4.37 -15.36 -1.88
N HIS A 125 4.83 -15.38 -0.63
CA HIS A 125 6.00 -16.17 -0.25
C HIS A 125 5.63 -17.34 0.65
N GLY A 126 4.36 -17.77 0.58
CA GLY A 126 3.90 -18.91 1.40
C GLY A 126 3.73 -18.51 2.85
N LYS A 127 3.59 -17.20 3.07
CA LYS A 127 3.43 -16.69 4.42
C LYS A 127 2.60 -15.40 4.43
N ASP A 128 2.18 -14.97 5.61
CA ASP A 128 1.38 -13.75 5.76
C ASP A 128 2.28 -12.57 6.06
N GLU A 129 2.78 -11.95 5.00
CA GLU A 129 3.68 -10.80 5.11
C GLU A 129 3.12 -9.58 4.36
N ILE A 130 2.97 -8.46 5.03
CA ILE A 130 2.46 -7.25 4.38
C ILE A 130 3.58 -6.55 3.63
N THR A 131 3.25 -5.92 2.50
CA THR A 131 4.27 -5.25 1.71
C THR A 131 3.78 -3.89 1.21
N LEU A 132 4.51 -2.83 1.56
CA LEU A 132 4.14 -1.46 1.16
C LEU A 132 5.08 -0.95 0.07
N ILE A 133 4.47 -0.56 -1.05
CA ILE A 133 5.22 -0.07 -2.21
C ILE A 133 4.51 1.13 -2.84
N THR A 134 5.20 1.79 -3.77
CA THR A 134 4.64 2.97 -4.43
C THR A 134 4.90 2.92 -5.93
N CYS A 135 4.11 3.66 -6.71
CA CYS A 135 4.26 3.68 -8.16
C CYS A 135 5.33 4.70 -8.56
N VAL A 136 6.25 4.28 -9.42
CA VAL A 136 7.35 5.15 -9.85
C VAL A 136 7.73 4.90 -11.31
N SER A 137 8.26 5.91 -11.96
CA SER A 137 8.67 5.78 -13.36
C SER A 137 10.00 5.03 -13.45
N VAL A 138 10.95 5.59 -14.19
CA VAL A 138 12.25 4.98 -14.35
C VAL A 138 13.07 5.18 -13.06
N LYS A 139 14.21 5.83 -13.18
CA LYS A 139 15.09 6.07 -12.03
C LYS A 139 15.08 7.55 -11.63
N ASP A 140 14.07 8.27 -12.07
CA ASP A 140 13.94 9.69 -11.78
C ASP A 140 13.85 9.94 -10.28
N ASN A 141 13.09 9.10 -9.59
CA ASN A 141 12.90 9.23 -8.15
C ASN A 141 13.86 8.32 -7.39
N SER A 142 15.04 8.10 -7.95
CA SER A 142 16.01 7.25 -7.28
C SER A 142 15.43 5.85 -7.11
N LYS A 143 16.06 5.05 -6.28
CA LYS A 143 15.60 3.68 -6.02
C LYS A 143 14.28 3.72 -5.26
N ARG A 144 13.36 2.85 -5.62
CA ARG A 144 12.06 2.80 -4.97
C ARG A 144 12.20 2.25 -3.55
N TYR A 145 11.43 2.82 -2.61
CA TYR A 145 11.47 2.39 -1.21
C TYR A 145 10.33 1.42 -0.92
N VAL A 146 10.65 0.31 -0.25
CA VAL A 146 9.64 -0.70 0.07
C VAL A 146 9.82 -1.23 1.49
N VAL A 147 8.69 -1.46 2.17
CA VAL A 147 8.70 -1.95 3.55
C VAL A 147 7.96 -3.28 3.64
N ALA A 148 8.59 -4.26 4.30
CA ALA A 148 7.98 -5.59 4.46
C ALA A 148 7.73 -5.90 5.93
N GLY A 149 6.55 -6.45 6.23
CA GLY A 149 6.19 -6.77 7.61
C GLY A 149 5.59 -8.16 7.72
N ASP A 150 5.97 -8.84 8.79
CA ASP A 150 5.50 -10.20 9.03
C ASP A 150 4.31 -10.22 10.00
N LEU A 151 3.38 -11.15 9.77
CA LEU A 151 2.21 -11.27 10.63
C LEU A 151 2.58 -11.77 12.02
N VAL A 152 2.16 -11.01 13.03
CA VAL A 152 2.48 -11.35 14.42
C VAL A 152 1.25 -11.92 15.14
N GLY A 153 0.06 -11.56 14.69
CA GLY A 153 -1.16 -12.05 15.32
C GLY A 153 -2.40 -11.43 14.71
N THR A 154 -3.55 -11.88 15.19
CA THR A 154 -4.83 -11.40 14.71
C THR A 154 -5.91 -11.50 15.77
N LYS A 155 -6.89 -10.62 15.68
CA LYS A 155 -8.00 -10.60 16.63
C LYS A 155 -9.26 -10.11 15.93
N ALA A 156 -10.37 -10.07 16.65
CA ALA A 156 -11.63 -9.61 16.06
C ALA A 156 -11.80 -8.11 16.26
N LYS A 157 -12.42 -7.45 15.29
CA LYS A 157 -12.63 -6.02 15.35
C LYS A 157 -13.77 -5.67 16.29
N LYS A 158 -13.51 -5.69 17.58
CA LYS A 158 -14.53 -5.34 18.55
C LYS A 158 -15.79 -6.15 18.29
N GLY A 1 -8.16 0.95 -29.67
CA GLY A 1 -7.59 1.88 -28.66
C GLY A 1 -7.89 1.36 -27.26
N SER A 2 -7.99 0.03 -27.14
CA SER A 2 -8.27 -0.60 -25.85
C SER A 2 -7.13 -0.32 -24.86
N HIS A 3 -5.94 -0.12 -25.41
CA HIS A 3 -4.77 0.16 -24.58
C HIS A 3 -4.77 1.61 -24.11
N MET A 4 -4.65 1.82 -22.80
CA MET A 4 -4.67 3.17 -22.23
C MET A 4 -3.60 3.33 -21.15
N ASP A 5 -3.16 4.58 -20.95
CA ASP A 5 -2.14 4.87 -19.93
C ASP A 5 -2.50 4.18 -18.62
N ALA A 6 -1.84 3.06 -18.35
CA ALA A 6 -2.11 2.29 -17.15
C ALA A 6 -1.54 2.95 -15.90
N SER A 7 -0.21 3.09 -15.85
CA SER A 7 0.46 3.70 -14.72
C SER A 7 0.67 5.19 -14.96
N LYS A 8 1.89 5.55 -15.32
CA LYS A 8 2.21 6.95 -15.61
C LYS A 8 1.61 7.87 -14.56
N ILE A 9 1.40 7.34 -13.37
CA ILE A 9 0.82 8.13 -12.29
C ILE A 9 1.75 9.25 -11.88
N ASP A 10 3.01 8.92 -11.71
CA ASP A 10 4.02 9.90 -11.32
C ASP A 10 3.62 10.59 -10.01
N GLN A 11 3.05 11.79 -10.13
CA GLN A 11 2.64 12.55 -8.94
C GLN A 11 1.45 13.46 -9.29
N PRO A 12 0.25 12.93 -9.38
CA PRO A 12 -0.95 13.74 -9.71
C PRO A 12 -0.96 15.07 -8.95
N ASP A 13 -1.39 16.12 -9.64
CA ASP A 13 -1.45 17.44 -9.04
C ASP A 13 -2.55 17.47 -7.98
N LEU A 14 -2.39 18.33 -6.98
CA LEU A 14 -3.37 18.42 -5.90
C LEU A 14 -4.76 18.73 -6.46
N ALA A 15 -4.79 19.39 -7.62
CA ALA A 15 -6.06 19.74 -8.24
C ALA A 15 -6.81 18.48 -8.65
N GLU A 16 -6.07 17.51 -9.18
CA GLU A 16 -6.66 16.25 -9.62
C GLU A 16 -7.04 15.37 -8.44
N VAL A 17 -6.22 15.45 -7.39
CA VAL A 17 -6.44 14.65 -6.19
C VAL A 17 -7.63 15.19 -5.40
N ALA A 18 -7.67 16.51 -5.25
CA ALA A 18 -8.75 17.15 -4.53
C ALA A 18 -10.08 16.99 -5.27
N ASN A 19 -10.02 17.11 -6.59
CA ASN A 19 -11.20 16.99 -7.43
C ASN A 19 -11.58 15.52 -7.65
N ALA A 20 -10.59 14.65 -7.60
CA ALA A 20 -10.83 13.23 -7.81
C ALA A 20 -11.82 12.70 -6.78
N SER A 21 -12.71 11.82 -7.23
CA SER A 21 -13.72 11.24 -6.35
C SER A 21 -13.91 9.75 -6.64
N LEU A 22 -14.22 8.98 -5.59
CA LEU A 22 -14.41 7.54 -5.72
C LEU A 22 -15.62 7.07 -4.91
N ASP A 23 -15.97 5.79 -5.06
CA ASP A 23 -17.09 5.19 -4.33
C ASP A 23 -16.56 4.42 -3.12
N LYS A 24 -17.12 4.71 -1.94
CA LYS A 24 -16.70 4.04 -0.71
C LYS A 24 -17.09 2.56 -0.75
N LYS A 25 -17.90 2.21 -1.74
CA LYS A 25 -18.37 0.83 -1.90
C LYS A 25 -17.17 -0.10 -2.17
N GLN A 26 -16.15 0.45 -2.83
CA GLN A 26 -14.96 -0.33 -3.17
C GLN A 26 -14.07 -0.53 -1.95
N VAL A 27 -14.63 -0.25 -0.78
CA VAL A 27 -13.91 -0.42 0.48
C VAL A 27 -14.04 -1.86 0.97
N ILE A 28 -12.91 -2.52 1.19
CA ILE A 28 -12.89 -3.92 1.61
C ILE A 28 -12.20 -4.09 2.96
N GLY A 29 -11.63 -3.01 3.45
CA GLY A 29 -10.91 -3.05 4.72
C GLY A 29 -10.29 -1.70 5.02
N ARG A 30 -9.31 -1.68 5.91
CA ARG A 30 -8.65 -0.43 6.27
C ARG A 30 -7.20 -0.67 6.69
N ILE A 31 -6.39 0.39 6.59
CA ILE A 31 -4.99 0.32 6.96
C ILE A 31 -4.68 1.42 7.96
N SER A 32 -4.09 1.03 9.08
CA SER A 32 -3.75 2.00 10.13
C SER A 32 -2.30 1.84 10.54
N ILE A 33 -1.56 2.94 10.57
CA ILE A 33 -0.14 2.90 10.92
C ILE A 33 0.22 4.06 11.88
N PRO A 34 0.78 3.78 13.06
CA PRO A 34 1.16 4.85 14.04
C PRO A 34 2.51 5.49 13.73
N SER A 35 3.39 4.70 13.15
CA SER A 35 4.75 5.14 12.86
C SER A 35 4.77 6.49 12.17
N VAL A 36 3.84 6.71 11.24
CA VAL A 36 3.77 7.97 10.51
C VAL A 36 2.43 8.67 10.73
N SER A 37 1.52 8.01 11.45
CA SER A 37 0.21 8.59 11.73
C SER A 37 -0.66 8.53 10.47
N LEU A 38 -0.73 7.35 9.88
CA LEU A 38 -1.52 7.14 8.67
C LEU A 38 -2.74 6.26 8.95
N GLU A 39 -3.90 6.76 8.55
CA GLU A 39 -5.16 6.06 8.71
C GLU A 39 -5.91 6.19 7.40
N LEU A 40 -6.10 5.08 6.67
CA LEU A 40 -6.76 5.15 5.36
C LEU A 40 -7.61 3.92 5.07
N PRO A 41 -8.47 3.98 4.07
CA PRO A 41 -9.31 2.84 3.65
C PRO A 41 -8.54 1.97 2.66
N VAL A 42 -8.85 0.68 2.66
CA VAL A 42 -8.19 -0.24 1.73
C VAL A 42 -9.13 -0.53 0.58
N LEU A 43 -8.80 0.01 -0.60
CA LEU A 43 -9.63 -0.18 -1.78
C LEU A 43 -9.01 -1.24 -2.69
N LYS A 44 -9.76 -2.31 -2.96
CA LYS A 44 -9.26 -3.38 -3.80
C LYS A 44 -9.03 -2.90 -5.23
N SER A 45 -10.03 -2.22 -5.79
CA SER A 45 -9.94 -1.71 -7.15
C SER A 45 -8.72 -0.81 -7.31
N SER A 46 -7.64 -1.36 -7.84
CA SER A 46 -6.42 -0.59 -8.04
C SER A 46 -6.53 0.24 -9.31
N THR A 47 -6.82 1.52 -9.12
CA THR A 47 -6.97 2.45 -10.23
C THR A 47 -6.25 3.75 -9.92
N GLU A 48 -5.90 4.48 -10.96
CA GLU A 48 -5.23 5.76 -10.80
C GLU A 48 -6.04 6.66 -9.88
N LYS A 49 -7.36 6.61 -10.05
CA LYS A 49 -8.26 7.43 -9.24
C LYS A 49 -8.32 6.94 -7.79
N ASN A 50 -8.32 5.63 -7.61
CA ASN A 50 -8.39 5.05 -6.27
C ASN A 50 -7.19 5.44 -5.44
N LEU A 51 -6.02 5.46 -6.05
CA LEU A 51 -4.82 5.78 -5.33
C LEU A 51 -4.92 7.16 -4.68
N LEU A 52 -5.72 8.04 -5.27
CA LEU A 52 -5.84 9.41 -4.77
C LEU A 52 -6.61 9.49 -3.46
N SER A 53 -7.31 8.41 -3.09
CA SER A 53 -8.12 8.43 -1.86
C SER A 53 -7.49 7.63 -0.72
N GLY A 54 -6.48 6.82 -1.02
CA GLY A 54 -5.87 6.02 0.04
C GLY A 54 -4.92 4.96 -0.53
N ALA A 55 -4.82 3.85 0.20
CA ALA A 55 -3.95 2.74 -0.22
C ALA A 55 -4.77 1.68 -0.93
N ALA A 56 -4.34 1.34 -2.15
CA ALA A 56 -5.04 0.32 -2.96
C ALA A 56 -4.25 -0.97 -2.99
N THR A 57 -4.97 -2.10 -2.99
CA THR A 57 -4.33 -3.40 -3.04
C THR A 57 -3.86 -3.66 -4.47
N VAL A 58 -2.82 -4.48 -4.62
CA VAL A 58 -2.29 -4.77 -5.95
C VAL A 58 -3.00 -5.91 -6.67
N LYS A 59 -3.27 -7.01 -5.95
CA LYS A 59 -3.93 -8.16 -6.57
C LYS A 59 -5.45 -8.04 -6.49
N GLU A 60 -6.14 -9.13 -6.84
CA GLU A 60 -7.61 -9.14 -6.86
C GLU A 60 -8.17 -10.28 -6.01
N ASN A 61 -7.29 -11.13 -5.50
CA ASN A 61 -7.73 -12.28 -4.70
C ASN A 61 -6.78 -12.53 -3.55
N GLN A 62 -6.36 -11.45 -2.91
CA GLN A 62 -5.44 -11.53 -1.78
C GLN A 62 -6.21 -11.53 -0.46
N VAL A 63 -5.56 -11.97 0.62
CA VAL A 63 -6.20 -12.03 1.93
C VAL A 63 -5.27 -11.44 3.01
N MET A 64 -5.82 -10.57 3.85
CA MET A 64 -5.05 -9.98 4.93
C MET A 64 -4.70 -11.02 5.99
N GLY A 65 -3.42 -11.09 6.35
CA GLY A 65 -2.97 -12.05 7.35
C GLY A 65 -2.63 -13.37 6.70
N LYS A 66 -2.65 -13.38 5.37
CA LYS A 66 -2.36 -14.61 4.63
C LYS A 66 -1.65 -14.31 3.32
N GLY A 67 -0.51 -14.98 3.09
CA GLY A 67 0.24 -14.77 1.86
C GLY A 67 0.89 -13.39 1.86
N ASN A 68 1.44 -12.98 0.73
CA ASN A 68 2.07 -11.68 0.62
C ASN A 68 1.02 -10.61 0.31
N TYR A 69 0.64 -9.84 1.32
CA TYR A 69 -0.37 -8.79 1.14
C TYR A 69 0.29 -7.52 0.61
N ALA A 70 0.16 -7.29 -0.69
CA ALA A 70 0.77 -6.14 -1.33
C ALA A 70 -0.17 -4.94 -1.35
N LEU A 71 0.33 -3.84 -0.79
CA LEU A 71 -0.43 -2.57 -0.75
C LEU A 71 0.36 -1.48 -1.48
N ALA A 72 -0.32 -0.78 -2.39
CA ALA A 72 0.32 0.27 -3.17
C ALA A 72 -0.19 1.63 -2.73
N GLY A 73 0.73 2.59 -2.68
CA GLY A 73 0.39 3.94 -2.25
C GLY A 73 1.19 4.99 -3.02
N HIS A 74 0.97 6.25 -2.66
CA HIS A 74 1.65 7.37 -3.33
C HIS A 74 3.03 7.59 -2.72
N ASN A 75 3.94 8.14 -3.52
CA ASN A 75 5.31 8.42 -3.10
C ASN A 75 5.62 9.89 -3.28
N MET A 76 4.60 10.73 -3.20
CA MET A 76 4.80 12.16 -3.39
C MET A 76 6.02 12.68 -2.64
N SER A 77 6.56 11.89 -1.72
CA SER A 77 7.73 12.32 -0.97
C SER A 77 7.38 13.57 -0.18
N LYS A 78 6.14 13.60 0.33
CA LYS A 78 5.66 14.74 1.10
C LYS A 78 4.93 14.25 2.33
N LYS A 79 5.47 14.54 3.49
CA LYS A 79 4.83 14.11 4.71
C LYS A 79 3.41 14.65 4.76
N GLY A 80 2.47 13.75 4.97
CA GLY A 80 1.05 14.10 5.00
C GLY A 80 0.31 13.44 3.85
N VAL A 81 0.99 13.22 2.71
CA VAL A 81 0.35 12.55 1.57
C VAL A 81 0.17 11.08 1.88
N LEU A 82 -0.50 10.35 0.99
CA LEU A 82 -0.75 8.94 1.24
C LEU A 82 0.54 8.13 1.07
N PHE A 83 0.85 7.32 2.08
CA PHE A 83 2.04 6.47 2.01
C PHE A 83 3.26 7.28 1.57
N SER A 84 3.40 8.47 2.13
CA SER A 84 4.53 9.31 1.78
C SER A 84 5.83 8.82 2.45
N ASP A 85 5.88 8.92 3.78
CA ASP A 85 7.07 8.56 4.55
C ASP A 85 7.08 7.11 4.99
N ILE A 86 6.71 6.24 4.07
CA ILE A 86 6.69 4.81 4.36
C ILE A 86 8.09 4.25 4.57
N ALA A 87 9.07 4.89 3.96
CA ALA A 87 10.45 4.43 4.10
C ALA A 87 11.01 4.81 5.46
N SER A 88 10.13 5.34 6.32
CA SER A 88 10.53 5.76 7.65
C SER A 88 10.21 4.65 8.64
N LEU A 89 9.41 3.69 8.19
CA LEU A 89 9.02 2.58 9.03
C LEU A 89 10.25 1.77 9.42
N LYS A 90 10.45 1.66 10.74
CA LYS A 90 11.59 0.93 11.28
C LYS A 90 11.19 -0.50 11.65
N LYS A 91 12.17 -1.38 11.71
CA LYS A 91 11.94 -2.78 12.03
C LYS A 91 11.33 -2.93 13.42
N GLY A 92 10.14 -3.57 13.45
CA GLY A 92 9.42 -3.79 14.72
C GLY A 92 8.33 -2.76 14.88
N ASP A 93 7.96 -2.12 13.77
CA ASP A 93 6.88 -1.10 13.81
C ASP A 93 5.54 -1.82 13.71
N LYS A 94 4.58 -1.42 14.56
CA LYS A 94 3.28 -2.09 14.57
C LYS A 94 2.35 -1.57 13.47
N ILE A 95 1.83 -2.49 12.65
CA ILE A 95 0.91 -2.16 11.57
C ILE A 95 -0.41 -2.90 11.79
N TYR A 96 -1.50 -2.15 11.79
CA TYR A 96 -2.82 -2.72 11.99
C TYR A 96 -3.55 -2.87 10.67
N LEU A 97 -3.88 -4.11 10.32
CA LEU A 97 -4.59 -4.39 9.06
C LEU A 97 -6.04 -4.75 9.36
N TYR A 98 -6.95 -4.20 8.56
CA TYR A 98 -8.38 -4.47 8.75
C TYR A 98 -8.96 -5.21 7.56
N ASP A 99 -9.62 -6.32 7.85
CA ASP A 99 -10.29 -7.12 6.85
C ASP A 99 -11.77 -7.04 7.13
N ASN A 100 -12.56 -7.92 6.50
CA ASN A 100 -14.02 -7.94 6.69
C ASN A 100 -14.43 -7.29 8.02
N GLU A 101 -14.21 -8.02 9.10
CA GLU A 101 -14.53 -7.56 10.45
C GLU A 101 -13.41 -7.97 11.38
N ASN A 102 -12.20 -8.05 10.84
CA ASN A 102 -11.06 -8.52 11.62
C ASN A 102 -9.87 -7.57 11.57
N GLU A 103 -9.17 -7.47 12.70
CA GLU A 103 -8.00 -6.60 12.81
C GLU A 103 -6.75 -7.45 12.92
N TYR A 104 -5.82 -7.27 11.99
CA TYR A 104 -4.58 -8.04 11.96
C TYR A 104 -3.41 -7.22 12.47
N GLU A 105 -2.63 -7.82 13.35
CA GLU A 105 -1.45 -7.15 13.90
C GLU A 105 -0.22 -7.55 13.09
N TYR A 106 0.37 -6.58 12.42
CA TYR A 106 1.55 -6.81 11.59
C TYR A 106 2.76 -6.07 12.16
N ALA A 107 3.95 -6.66 12.01
CA ALA A 107 5.18 -6.01 12.48
C ALA A 107 6.21 -5.88 11.36
N VAL A 108 6.76 -4.68 11.23
CA VAL A 108 7.76 -4.39 10.22
C VAL A 108 9.03 -5.16 10.52
N THR A 109 9.56 -5.80 9.46
CA THR A 109 10.75 -6.62 9.57
C THR A 109 11.96 -5.86 9.01
N GLY A 110 11.72 -4.98 8.07
CA GLY A 110 12.80 -4.22 7.47
C GLY A 110 12.36 -3.47 6.22
N VAL A 111 13.19 -2.51 5.83
CA VAL A 111 12.93 -1.68 4.66
C VAL A 111 14.08 -1.78 3.68
N SER A 112 13.79 -1.68 2.38
CA SER A 112 14.83 -1.78 1.37
C SER A 112 14.45 -0.99 0.11
N GLU A 113 15.46 -0.71 -0.71
CA GLU A 113 15.28 0.04 -1.97
C GLU A 113 15.66 -0.84 -3.15
N VAL A 114 14.67 -1.23 -3.95
CA VAL A 114 14.93 -2.08 -5.11
C VAL A 114 14.17 -1.58 -6.33
N THR A 115 14.63 -2.01 -7.50
CA THR A 115 13.98 -1.60 -8.74
C THR A 115 12.54 -2.11 -8.73
N PRO A 116 11.69 -1.65 -9.63
CA PRO A 116 10.27 -2.10 -9.68
C PRO A 116 10.12 -3.42 -10.42
N ASP A 117 11.22 -3.88 -11.01
CA ASP A 117 11.21 -5.12 -11.76
C ASP A 117 11.28 -6.33 -10.84
N LYS A 118 11.69 -6.12 -9.59
CA LYS A 118 11.80 -7.19 -8.61
C LYS A 118 10.46 -7.37 -7.89
N TRP A 119 9.51 -7.95 -8.59
CA TRP A 119 8.18 -8.18 -8.00
C TRP A 119 8.22 -9.32 -6.98
N GLU A 120 9.23 -10.18 -7.09
CA GLU A 120 9.36 -11.29 -6.17
C GLU A 120 9.28 -10.83 -4.72
N VAL A 121 9.28 -9.52 -4.54
CA VAL A 121 9.24 -8.91 -3.21
C VAL A 121 7.81 -8.80 -2.66
N VAL A 122 6.83 -8.82 -3.55
CA VAL A 122 5.41 -8.70 -3.17
C VAL A 122 4.69 -10.01 -3.47
N GLU A 123 5.45 -10.94 -4.00
CA GLU A 123 4.91 -12.25 -4.37
C GLU A 123 4.83 -13.20 -3.18
N ASP A 124 3.73 -13.93 -3.13
CA ASP A 124 3.49 -14.92 -2.07
C ASP A 124 4.74 -15.74 -1.80
N HIS A 125 5.19 -15.75 -0.54
CA HIS A 125 6.40 -16.49 -0.17
C HIS A 125 6.08 -17.63 0.80
N GLY A 126 4.82 -18.11 0.80
CA GLY A 126 4.43 -19.20 1.68
C GLY A 126 4.29 -18.74 3.11
N LYS A 127 4.12 -17.44 3.28
CA LYS A 127 3.98 -16.87 4.61
C LYS A 127 3.08 -15.64 4.58
N ASP A 128 2.62 -15.24 5.77
CA ASP A 128 1.75 -14.07 5.89
C ASP A 128 2.59 -12.83 6.21
N GLU A 129 3.02 -12.17 5.15
CA GLU A 129 3.87 -10.98 5.26
C GLU A 129 3.28 -9.83 4.43
N ILE A 130 3.04 -8.68 5.04
CA ILE A 130 2.51 -7.54 4.31
C ILE A 130 3.64 -6.85 3.55
N THR A 131 3.32 -6.26 2.40
CA THR A 131 4.34 -5.59 1.59
C THR A 131 3.82 -4.25 1.08
N LEU A 132 4.56 -3.17 1.36
CA LEU A 132 4.17 -1.83 0.91
C LEU A 132 5.07 -1.36 -0.23
N ILE A 133 4.43 -0.95 -1.32
CA ILE A 133 5.13 -0.48 -2.51
C ILE A 133 4.47 0.77 -3.07
N THR A 134 5.05 1.35 -4.12
CA THR A 134 4.52 2.56 -4.73
C THR A 134 4.50 2.45 -6.25
N CYS A 135 3.78 3.37 -6.90
CA CYS A 135 3.70 3.34 -8.36
C CYS A 135 5.10 3.33 -8.97
N VAL A 136 5.16 3.36 -10.30
CA VAL A 136 6.46 3.33 -11.00
C VAL A 136 6.91 4.76 -11.32
N SER A 137 8.12 5.11 -10.86
CA SER A 137 8.67 6.43 -11.10
C SER A 137 9.29 6.50 -12.50
N VAL A 138 8.98 7.59 -13.22
CA VAL A 138 9.50 7.78 -14.59
C VAL A 138 10.61 8.82 -14.61
N LYS A 139 10.95 9.34 -13.44
CA LYS A 139 11.99 10.36 -13.34
C LYS A 139 13.37 9.78 -13.58
N ASP A 140 13.89 9.96 -14.78
CA ASP A 140 15.23 9.45 -15.10
C ASP A 140 15.34 7.99 -14.67
N ASN A 141 16.10 7.76 -13.60
CA ASN A 141 16.28 6.41 -13.08
C ASN A 141 15.14 6.05 -12.13
N SER A 142 14.32 5.07 -12.52
CA SER A 142 13.19 4.66 -11.69
C SER A 142 13.70 4.20 -10.33
N LYS A 143 13.04 4.66 -9.27
CA LYS A 143 13.45 4.31 -7.91
C LYS A 143 12.25 4.35 -6.96
N ARG A 144 12.27 3.46 -5.96
CA ARG A 144 11.18 3.39 -4.99
C ARG A 144 11.63 2.70 -3.70
N TYR A 145 10.78 2.83 -2.66
CA TYR A 145 11.04 2.20 -1.36
C TYR A 145 10.01 1.12 -1.07
N VAL A 146 10.46 0.02 -0.47
CA VAL A 146 9.57 -1.10 -0.15
C VAL A 146 9.76 -1.55 1.30
N VAL A 147 8.63 -1.76 2.00
CA VAL A 147 8.65 -2.19 3.40
C VAL A 147 7.87 -3.50 3.56
N ALA A 148 8.47 -4.45 4.28
CA ALA A 148 7.83 -5.75 4.50
C ALA A 148 7.55 -5.96 5.99
N GLY A 149 6.35 -6.46 6.30
CA GLY A 149 5.95 -6.70 7.69
C GLY A 149 5.45 -8.12 7.90
N ASP A 150 5.92 -8.73 8.99
CA ASP A 150 5.54 -10.10 9.32
C ASP A 150 4.31 -10.14 10.24
N LEU A 151 3.40 -11.07 9.96
CA LEU A 151 2.18 -11.22 10.76
C LEU A 151 2.53 -11.65 12.18
N VAL A 152 2.03 -10.90 13.15
CA VAL A 152 2.29 -11.18 14.57
C VAL A 152 1.05 -11.72 15.27
N GLY A 153 -0.13 -11.44 14.72
CA GLY A 153 -1.35 -11.89 15.36
C GLY A 153 -2.60 -11.34 14.69
N THR A 154 -3.76 -11.76 15.21
CA THR A 154 -5.03 -11.29 14.68
C THR A 154 -6.11 -11.31 15.75
N LYS A 155 -7.08 -10.41 15.58
CA LYS A 155 -8.19 -10.29 16.51
C LYS A 155 -9.44 -9.84 15.77
N ALA A 156 -10.55 -9.74 16.48
CA ALA A 156 -11.81 -9.31 15.85
C ALA A 156 -12.03 -7.82 16.02
N LYS A 157 -12.65 -7.21 15.01
CA LYS A 157 -12.92 -5.78 15.02
C LYS A 157 -14.07 -5.46 15.94
N LYS A 158 -13.78 -5.40 17.23
CA LYS A 158 -14.81 -5.08 18.21
C LYS A 158 -16.06 -5.93 18.00
N GLY A 1 -13.05 -3.25 -21.80
CA GLY A 1 -11.71 -3.05 -22.42
C GLY A 1 -10.78 -4.19 -22.02
N SER A 2 -10.94 -4.68 -20.79
CA SER A 2 -10.11 -5.78 -20.31
C SER A 2 -8.63 -5.52 -20.62
N HIS A 3 -8.31 -4.25 -20.86
CA HIS A 3 -6.94 -3.86 -21.16
C HIS A 3 -6.10 -3.76 -19.90
N MET A 4 -4.78 -3.75 -20.06
CA MET A 4 -3.87 -3.67 -18.93
C MET A 4 -3.89 -2.26 -18.34
N ASP A 5 -3.71 -2.18 -17.03
CA ASP A 5 -3.73 -0.88 -16.35
C ASP A 5 -2.55 -0.01 -16.83
N ALA A 6 -2.83 1.27 -17.08
CA ALA A 6 -1.80 2.19 -17.56
C ALA A 6 -0.74 2.46 -16.48
N SER A 7 -1.18 2.62 -15.24
CA SER A 7 -0.24 2.87 -14.14
C SER A 7 0.55 4.16 -14.38
N LYS A 8 0.08 4.98 -15.30
CA LYS A 8 0.74 6.24 -15.63
C LYS A 8 0.49 7.30 -14.57
N ILE A 9 0.35 6.87 -13.32
CA ILE A 9 0.07 7.79 -12.23
C ILE A 9 1.21 8.78 -12.04
N ASP A 10 2.41 8.26 -12.03
CA ASP A 10 3.59 9.09 -11.88
C ASP A 10 3.43 10.10 -10.74
N GLN A 11 2.99 11.31 -11.07
CA GLN A 11 2.81 12.35 -10.06
C GLN A 11 1.67 13.31 -10.46
N PRO A 12 0.45 12.98 -10.13
CA PRO A 12 -0.72 13.84 -10.47
C PRO A 12 -0.79 15.06 -9.55
N ASP A 13 -1.36 16.14 -10.08
CA ASP A 13 -1.49 17.37 -9.32
C ASP A 13 -2.56 17.20 -8.25
N LEU A 14 -2.49 18.04 -7.22
CA LEU A 14 -3.45 17.97 -6.12
C LEU A 14 -4.86 18.27 -6.61
N ALA A 15 -4.95 18.94 -7.74
CA ALA A 15 -6.24 19.30 -8.32
C ALA A 15 -7.01 18.05 -8.70
N GLU A 16 -6.29 17.07 -9.23
CA GLU A 16 -6.90 15.81 -9.65
C GLU A 16 -7.27 14.94 -8.43
N VAL A 17 -6.45 15.07 -7.40
CA VAL A 17 -6.65 14.31 -6.17
C VAL A 17 -7.78 14.90 -5.34
N ALA A 18 -7.77 16.21 -5.20
CA ALA A 18 -8.80 16.90 -4.44
C ALA A 18 -10.17 16.77 -5.12
N ASN A 19 -10.17 16.87 -6.44
CA ASN A 19 -11.39 16.78 -7.23
C ASN A 19 -11.84 15.33 -7.40
N ALA A 20 -10.89 14.42 -7.29
CA ALA A 20 -11.17 12.99 -7.43
C ALA A 20 -12.15 12.53 -6.35
N SER A 21 -13.40 12.30 -6.75
CA SER A 21 -14.44 11.86 -5.83
C SER A 21 -14.62 10.35 -5.87
N LEU A 22 -13.74 9.64 -5.17
CA LEU A 22 -13.79 8.18 -5.11
C LEU A 22 -14.94 7.73 -4.20
N ASP A 23 -15.53 6.58 -4.53
CA ASP A 23 -16.63 6.03 -3.74
C ASP A 23 -16.10 5.30 -2.52
N LYS A 24 -15.98 6.01 -1.40
CA LYS A 24 -15.47 5.42 -0.16
C LYS A 24 -16.28 4.17 0.19
N LYS A 25 -17.35 3.96 -0.54
CA LYS A 25 -18.22 2.82 -0.34
C LYS A 25 -17.63 1.56 -0.98
N GLN A 26 -16.59 1.76 -1.78
CA GLN A 26 -15.92 0.66 -2.49
C GLN A 26 -14.73 0.11 -1.70
N VAL A 27 -14.73 0.40 -0.41
CA VAL A 27 -13.65 -0.04 0.46
C VAL A 27 -13.90 -1.46 0.91
N ILE A 28 -12.82 -2.22 1.08
CA ILE A 28 -12.92 -3.62 1.48
C ILE A 28 -12.21 -3.87 2.81
N GLY A 29 -11.53 -2.85 3.29
CA GLY A 29 -10.81 -2.97 4.55
C GLY A 29 -10.14 -1.65 4.92
N ARG A 30 -9.23 -1.68 5.88
CA ARG A 30 -8.56 -0.46 6.30
C ARG A 30 -7.15 -0.74 6.82
N ILE A 31 -6.29 0.26 6.73
CA ILE A 31 -4.91 0.16 7.19
C ILE A 31 -4.60 1.31 8.14
N SER A 32 -4.04 0.96 9.29
CA SER A 32 -3.71 1.95 10.30
C SER A 32 -2.24 1.79 10.72
N ILE A 33 -1.50 2.88 10.72
CA ILE A 33 -0.08 2.84 11.06
C ILE A 33 0.29 4.00 12.02
N PRO A 34 0.76 3.70 13.23
CA PRO A 34 1.16 4.76 14.22
C PRO A 34 2.56 5.32 13.95
N SER A 35 3.43 4.46 13.47
CA SER A 35 4.83 4.83 13.22
C SER A 35 4.94 6.12 12.43
N VAL A 36 4.05 6.30 11.46
CA VAL A 36 4.08 7.49 10.61
C VAL A 36 2.78 8.29 10.74
N SER A 37 1.81 7.72 11.46
CA SER A 37 0.52 8.41 11.64
C SER A 37 -0.31 8.32 10.36
N LEU A 38 -0.43 7.10 9.84
CA LEU A 38 -1.18 6.85 8.60
C LEU A 38 -2.46 6.06 8.88
N GLU A 39 -3.57 6.62 8.45
CA GLU A 39 -4.88 5.99 8.60
C GLU A 39 -5.58 6.08 7.26
N LEU A 40 -5.79 4.94 6.60
CA LEU A 40 -6.40 4.96 5.28
C LEU A 40 -7.30 3.76 5.01
N PRO A 41 -8.17 3.85 4.01
CA PRO A 41 -9.06 2.73 3.62
C PRO A 41 -8.33 1.84 2.60
N VAL A 42 -8.69 0.59 2.57
CA VAL A 42 -8.08 -0.35 1.62
C VAL A 42 -9.01 -0.49 0.42
N LEU A 43 -8.55 -0.06 -0.75
CA LEU A 43 -9.36 -0.13 -1.97
C LEU A 43 -8.91 -1.32 -2.82
N LYS A 44 -9.84 -2.20 -3.12
CA LYS A 44 -9.55 -3.38 -3.93
C LYS A 44 -9.22 -2.98 -5.36
N SER A 45 -10.02 -2.06 -5.91
CA SER A 45 -9.82 -1.60 -7.28
C SER A 45 -8.56 -0.74 -7.40
N SER A 46 -7.48 -1.35 -7.89
CA SER A 46 -6.22 -0.64 -8.04
C SER A 46 -6.23 0.15 -9.33
N THR A 47 -6.57 1.43 -9.21
CA THR A 47 -6.64 2.33 -10.34
C THR A 47 -6.02 3.66 -9.99
N GLU A 48 -5.59 4.39 -11.01
CA GLU A 48 -4.97 5.68 -10.80
C GLU A 48 -5.91 6.61 -10.04
N LYS A 49 -7.19 6.42 -10.27
CA LYS A 49 -8.21 7.25 -9.61
C LYS A 49 -8.44 6.80 -8.17
N ASN A 50 -8.55 5.50 -7.98
CA ASN A 50 -8.82 4.97 -6.65
C ASN A 50 -7.64 5.21 -5.71
N LEU A 51 -6.43 5.16 -6.23
CA LEU A 51 -5.23 5.36 -5.43
C LEU A 51 -5.17 6.75 -4.83
N LEU A 52 -5.97 7.66 -5.35
CA LEU A 52 -5.95 9.04 -4.89
C LEU A 52 -6.55 9.20 -3.49
N SER A 53 -7.48 8.31 -3.11
CA SER A 53 -8.13 8.41 -1.80
C SER A 53 -7.45 7.58 -0.71
N GLY A 54 -6.49 6.75 -1.08
CA GLY A 54 -5.82 5.90 -0.09
C GLY A 54 -4.89 4.89 -0.74
N ALA A 55 -4.62 3.82 0.01
CA ALA A 55 -3.76 2.74 -0.46
C ALA A 55 -4.59 1.66 -1.12
N ALA A 56 -4.23 1.32 -2.35
CA ALA A 56 -4.96 0.27 -3.10
C ALA A 56 -4.17 -1.04 -3.11
N THR A 57 -4.90 -2.15 -3.11
CA THR A 57 -4.27 -3.47 -3.14
C THR A 57 -3.66 -3.70 -4.53
N VAL A 58 -2.56 -4.44 -4.59
CA VAL A 58 -1.89 -4.67 -5.87
C VAL A 58 -2.50 -5.82 -6.68
N LYS A 59 -2.80 -6.93 -6.02
CA LYS A 59 -3.37 -8.10 -6.72
C LYS A 59 -4.90 -8.02 -6.76
N GLU A 60 -5.53 -9.11 -7.20
CA GLU A 60 -7.00 -9.16 -7.33
C GLU A 60 -7.59 -10.30 -6.49
N ASN A 61 -6.73 -11.16 -5.97
CA ASN A 61 -7.20 -12.32 -5.20
C ASN A 61 -6.33 -12.57 -3.98
N GLN A 62 -5.93 -11.49 -3.33
CA GLN A 62 -5.10 -11.57 -2.13
C GLN A 62 -5.98 -11.64 -0.88
N VAL A 63 -5.43 -12.17 0.20
CA VAL A 63 -6.16 -12.28 1.46
C VAL A 63 -5.31 -11.78 2.62
N MET A 64 -5.90 -10.93 3.46
CA MET A 64 -5.19 -10.42 4.63
C MET A 64 -4.94 -11.55 5.62
N GLY A 65 -3.68 -11.67 6.05
CA GLY A 65 -3.30 -12.70 7.00
C GLY A 65 -2.90 -13.98 6.29
N LYS A 66 -2.88 -13.92 4.97
CA LYS A 66 -2.53 -15.10 4.18
C LYS A 66 -1.70 -14.71 2.96
N GLY A 67 -0.50 -15.26 2.88
CA GLY A 67 0.40 -14.94 1.78
C GLY A 67 0.96 -13.54 1.96
N ASN A 68 1.55 -13.01 0.90
CA ASN A 68 2.12 -11.66 0.94
C ASN A 68 1.07 -10.64 0.54
N TYR A 69 0.62 -9.84 1.50
CA TYR A 69 -0.40 -8.82 1.24
C TYR A 69 0.27 -7.55 0.73
N ALA A 70 0.19 -7.34 -0.58
CA ALA A 70 0.80 -6.17 -1.19
C ALA A 70 -0.18 -5.00 -1.28
N LEU A 71 0.31 -3.84 -0.82
CA LEU A 71 -0.47 -2.60 -0.83
C LEU A 71 0.35 -1.50 -1.52
N ALA A 72 -0.29 -0.79 -2.43
CA ALA A 72 0.38 0.28 -3.19
C ALA A 72 -0.20 1.63 -2.81
N GLY A 73 0.69 2.61 -2.73
CA GLY A 73 0.30 3.97 -2.37
C GLY A 73 1.13 5.01 -3.14
N HIS A 74 0.86 6.28 -2.85
CA HIS A 74 1.56 7.38 -3.51
C HIS A 74 2.90 7.64 -2.83
N ASN A 75 3.90 8.03 -3.63
CA ASN A 75 5.25 8.31 -3.11
C ASN A 75 5.62 9.77 -3.34
N MET A 76 4.60 10.62 -3.37
CA MET A 76 4.80 12.04 -3.59
C MET A 76 5.92 12.60 -2.72
N SER A 77 6.38 11.83 -1.75
CA SER A 77 7.46 12.29 -0.89
C SER A 77 7.04 13.55 -0.16
N LYS A 78 5.80 13.56 0.31
CA LYS A 78 5.24 14.70 1.02
C LYS A 78 4.51 14.23 2.25
N LYS A 79 5.00 14.61 3.39
CA LYS A 79 4.39 14.21 4.64
C LYS A 79 2.93 14.66 4.67
N GLY A 80 2.04 13.70 4.93
CA GLY A 80 0.61 13.98 4.96
C GLY A 80 -0.12 13.29 3.79
N VAL A 81 0.60 12.98 2.71
CA VAL A 81 -0.01 12.31 1.57
C VAL A 81 -0.03 10.80 1.82
N LEU A 82 -0.60 10.05 0.91
CA LEU A 82 -0.70 8.61 1.08
C LEU A 82 0.67 7.95 0.91
N PHE A 83 1.02 7.05 1.83
CA PHE A 83 2.30 6.34 1.74
C PHE A 83 3.43 7.31 1.43
N SER A 84 3.30 8.52 1.93
CA SER A 84 4.31 9.54 1.67
C SER A 84 5.51 9.39 2.61
N ASP A 85 5.44 8.46 3.56
CA ASP A 85 6.52 8.30 4.54
C ASP A 85 6.70 6.83 4.97
N ILE A 86 6.57 5.91 4.02
CA ILE A 86 6.72 4.49 4.32
C ILE A 86 8.16 4.12 4.64
N ALA A 87 9.11 4.87 4.10
CA ALA A 87 10.51 4.58 4.34
C ALA A 87 10.93 5.04 5.73
N SER A 88 9.98 5.54 6.50
CA SER A 88 10.25 6.02 7.84
C SER A 88 9.96 4.93 8.84
N LEU A 89 9.29 3.89 8.38
CA LEU A 89 8.94 2.78 9.23
C LEU A 89 10.19 2.04 9.67
N LYS A 90 10.33 1.90 10.97
CA LYS A 90 11.50 1.23 11.55
C LYS A 90 11.17 -0.23 11.86
N LYS A 91 12.20 -1.04 11.96
CA LYS A 91 12.04 -2.46 12.24
C LYS A 91 11.36 -2.67 13.61
N GLY A 92 10.30 -3.46 13.60
CA GLY A 92 9.57 -3.76 14.83
C GLY A 92 8.44 -2.75 15.03
N ASP A 93 8.07 -2.10 13.94
CA ASP A 93 6.99 -1.11 13.99
C ASP A 93 5.66 -1.82 13.83
N LYS A 94 4.69 -1.51 14.68
CA LYS A 94 3.40 -2.17 14.60
C LYS A 94 2.52 -1.58 13.50
N ILE A 95 1.89 -2.47 12.74
CA ILE A 95 1.00 -2.09 11.65
C ILE A 95 -0.34 -2.79 11.82
N TYR A 96 -1.40 -2.00 11.90
CA TYR A 96 -2.75 -2.53 12.08
C TYR A 96 -3.48 -2.56 10.75
N LEU A 97 -3.85 -3.76 10.32
CA LEU A 97 -4.54 -3.94 9.04
C LEU A 97 -5.94 -4.51 9.28
N TYR A 98 -6.92 -4.05 8.51
CA TYR A 98 -8.30 -4.50 8.67
C TYR A 98 -8.78 -5.24 7.43
N ASP A 99 -9.40 -6.40 7.68
CA ASP A 99 -9.97 -7.22 6.63
C ASP A 99 -11.47 -7.23 6.82
N ASN A 100 -12.16 -8.14 6.14
CA ASN A 100 -13.62 -8.25 6.24
C ASN A 100 -14.14 -7.63 7.54
N GLU A 101 -13.95 -8.36 8.64
CA GLU A 101 -14.35 -7.90 9.96
C GLU A 101 -13.24 -8.24 10.94
N ASN A 102 -12.01 -8.31 10.44
CA ASN A 102 -10.88 -8.73 11.28
C ASN A 102 -9.73 -7.73 11.25
N GLU A 103 -9.07 -7.58 12.40
CA GLU A 103 -7.93 -6.67 12.54
C GLU A 103 -6.66 -7.50 12.69
N TYR A 104 -5.72 -7.30 11.78
CA TYR A 104 -4.46 -8.04 11.79
C TYR A 104 -3.32 -7.18 12.29
N GLU A 105 -2.54 -7.75 13.21
CA GLU A 105 -1.39 -7.05 13.77
C GLU A 105 -0.13 -7.45 12.99
N TYR A 106 0.42 -6.48 12.27
CA TYR A 106 1.63 -6.72 11.46
C TYR A 106 2.79 -5.91 12.01
N ALA A 107 3.97 -6.53 12.09
CA ALA A 107 5.17 -5.83 12.57
C ALA A 107 6.26 -5.77 11.49
N VAL A 108 6.86 -4.59 11.36
CA VAL A 108 7.93 -4.35 10.40
C VAL A 108 9.16 -5.14 10.78
N THR A 109 9.71 -5.83 9.79
CA THR A 109 10.89 -6.67 9.98
C THR A 109 12.10 -6.09 9.25
N GLY A 110 11.87 -5.38 8.17
CA GLY A 110 12.97 -4.79 7.40
C GLY A 110 12.45 -3.86 6.31
N VAL A 111 13.21 -2.80 6.07
CA VAL A 111 12.86 -1.81 5.05
C VAL A 111 14.00 -1.71 4.04
N SER A 112 13.64 -1.62 2.75
CA SER A 112 14.65 -1.56 1.70
C SER A 112 14.10 -0.97 0.41
N GLU A 113 14.99 -0.71 -0.54
CA GLU A 113 14.61 -0.16 -1.84
C GLU A 113 15.05 -1.10 -2.96
N VAL A 114 14.14 -1.35 -3.90
CA VAL A 114 14.44 -2.26 -5.00
C VAL A 114 13.91 -1.73 -6.31
N THR A 115 14.46 -2.23 -7.42
CA THR A 115 14.00 -1.80 -8.72
C THR A 115 12.58 -2.33 -8.97
N PRO A 116 11.64 -1.52 -9.44
CA PRO A 116 10.24 -1.98 -9.67
C PRO A 116 10.20 -3.34 -10.40
N ASP A 117 11.33 -3.75 -10.93
CA ASP A 117 11.39 -5.00 -11.67
C ASP A 117 11.45 -6.20 -10.73
N LYS A 118 11.89 -5.97 -9.49
CA LYS A 118 11.97 -7.01 -8.48
C LYS A 118 10.62 -7.14 -7.78
N TRP A 119 9.68 -7.77 -8.46
CA TRP A 119 8.34 -7.94 -7.91
C TRP A 119 8.30 -9.01 -6.82
N GLU A 120 9.30 -9.86 -6.82
CA GLU A 120 9.39 -10.93 -5.82
C GLU A 120 9.26 -10.36 -4.40
N VAL A 121 9.25 -9.04 -4.32
CA VAL A 121 9.16 -8.34 -3.04
C VAL A 121 7.70 -8.08 -2.63
N VAL A 122 6.76 -8.45 -3.49
CA VAL A 122 5.33 -8.27 -3.22
C VAL A 122 4.60 -9.59 -3.44
N GLU A 123 5.35 -10.53 -3.97
CA GLU A 123 4.79 -11.82 -4.31
C GLU A 123 4.68 -12.74 -3.09
N ASP A 124 3.77 -13.71 -3.21
CA ASP A 124 3.52 -14.68 -2.16
C ASP A 124 4.72 -15.60 -1.94
N HIS A 125 5.18 -15.70 -0.69
CA HIS A 125 6.34 -16.55 -0.37
C HIS A 125 5.89 -17.88 0.27
N GLY A 126 4.90 -17.80 1.15
CA GLY A 126 4.39 -19.02 1.82
C GLY A 126 4.08 -18.74 3.29
N LYS A 127 3.74 -17.50 3.58
CA LYS A 127 3.40 -17.12 4.94
C LYS A 127 2.52 -15.87 4.96
N ASP A 128 2.13 -15.46 6.16
CA ASP A 128 1.30 -14.27 6.34
C ASP A 128 2.19 -13.05 6.57
N GLU A 129 2.51 -12.40 5.47
CA GLU A 129 3.37 -11.21 5.51
C GLU A 129 2.65 -10.02 4.85
N ILE A 130 3.22 -8.83 5.00
CA ILE A 130 2.64 -7.60 4.42
C ILE A 130 3.73 -6.84 3.67
N THR A 131 3.35 -6.22 2.55
CA THR A 131 4.32 -5.47 1.75
C THR A 131 3.73 -4.13 1.28
N LEU A 132 4.42 -3.04 1.62
CA LEU A 132 3.96 -1.70 1.22
C LEU A 132 4.92 -1.10 0.19
N ILE A 133 4.34 -0.72 -0.96
CA ILE A 133 5.12 -0.16 -2.05
C ILE A 133 4.36 0.99 -2.71
N THR A 134 4.89 1.47 -3.85
CA THR A 134 4.27 2.59 -4.57
C THR A 134 4.31 2.34 -6.08
N CYS A 135 3.39 2.96 -6.80
CA CYS A 135 3.30 2.81 -8.26
C CYS A 135 3.81 4.07 -8.97
N VAL A 136 5.14 4.20 -9.03
CA VAL A 136 5.75 5.37 -9.67
C VAL A 136 7.03 4.96 -10.41
N SER A 137 7.17 5.40 -11.66
CA SER A 137 8.37 5.04 -12.44
C SER A 137 8.23 5.55 -13.89
N VAL A 138 8.81 6.71 -14.18
CA VAL A 138 8.73 7.27 -15.52
C VAL A 138 9.96 8.11 -15.87
N LYS A 139 10.37 8.95 -14.93
CA LYS A 139 11.52 9.82 -15.13
C LYS A 139 12.80 9.18 -14.60
N ASP A 140 13.01 9.29 -13.29
CA ASP A 140 14.18 8.71 -12.65
C ASP A 140 14.08 7.19 -12.67
N ASN A 141 15.21 6.53 -12.90
CA ASN A 141 15.25 5.07 -12.95
C ASN A 141 15.65 4.50 -11.58
N SER A 142 15.16 3.31 -11.26
CA SER A 142 15.51 2.70 -9.97
C SER A 142 15.34 3.73 -8.85
N LYS A 143 14.11 3.89 -8.38
CA LYS A 143 13.83 4.87 -7.32
C LYS A 143 12.53 4.56 -6.60
N ARG A 144 12.55 3.48 -5.82
CA ARG A 144 11.35 3.07 -5.09
C ARG A 144 11.71 2.44 -3.73
N TYR A 145 10.84 2.69 -2.74
CA TYR A 145 11.04 2.15 -1.39
C TYR A 145 10.01 1.05 -1.11
N VAL A 146 10.49 -0.04 -0.48
CA VAL A 146 9.61 -1.17 -0.17
C VAL A 146 9.75 -1.58 1.30
N VAL A 147 8.60 -1.73 1.96
CA VAL A 147 8.56 -2.11 3.38
C VAL A 147 7.85 -3.44 3.55
N ALA A 148 8.49 -4.35 4.30
CA ALA A 148 7.93 -5.68 4.55
C ALA A 148 7.69 -5.89 6.04
N GLY A 149 6.53 -6.45 6.35
CA GLY A 149 6.17 -6.71 7.76
C GLY A 149 5.68 -8.14 7.95
N ASP A 150 5.96 -8.66 9.14
CA ASP A 150 5.58 -10.03 9.49
C ASP A 150 4.35 -10.05 10.41
N LEU A 151 3.45 -11.01 10.17
CA LEU A 151 2.24 -11.13 10.98
C LEU A 151 2.58 -11.53 12.40
N VAL A 152 2.09 -10.73 13.35
CA VAL A 152 2.35 -10.96 14.78
C VAL A 152 1.09 -11.47 15.49
N GLY A 153 -0.07 -11.17 14.93
CA GLY A 153 -1.31 -11.61 15.57
C GLY A 153 -2.54 -11.12 14.82
N THR A 154 -3.70 -11.54 15.30
CA THR A 154 -4.97 -11.16 14.68
C THR A 154 -6.10 -11.19 15.71
N LYS A 155 -7.09 -10.35 15.48
CA LYS A 155 -8.25 -10.26 16.34
C LYS A 155 -9.47 -9.83 15.53
N ALA A 156 -10.62 -9.74 16.18
CA ALA A 156 -11.85 -9.34 15.49
C ALA A 156 -12.08 -7.84 15.60
N LYS A 157 -12.62 -7.27 14.54
CA LYS A 157 -12.89 -5.83 14.49
C LYS A 157 -14.04 -5.46 15.41
N LYS A 158 -13.75 -5.36 16.69
CA LYS A 158 -14.78 -4.99 17.65
C LYS A 158 -16.01 -5.85 17.49
N GLY A 1 -4.13 -10.33 -24.29
CA GLY A 1 -3.23 -9.14 -24.40
C GLY A 1 -3.12 -8.45 -23.04
N SER A 2 -1.91 -8.48 -22.48
CA SER A 2 -1.68 -7.87 -21.17
C SER A 2 -2.04 -6.40 -21.19
N HIS A 3 -1.62 -5.70 -22.24
CA HIS A 3 -1.94 -4.28 -22.36
C HIS A 3 -1.56 -3.54 -21.07
N MET A 4 -0.44 -2.83 -21.12
CA MET A 4 0.04 -2.08 -19.95
C MET A 4 -1.05 -1.09 -19.49
N ASP A 5 -0.75 0.19 -19.52
CA ASP A 5 -1.74 1.19 -19.11
C ASP A 5 -2.45 0.79 -17.82
N ALA A 6 -1.81 -0.11 -17.08
CA ALA A 6 -2.36 -0.61 -15.83
C ALA A 6 -2.29 0.41 -14.71
N SER A 7 -1.55 1.50 -14.94
CA SER A 7 -1.40 2.54 -13.91
C SER A 7 -1.21 3.91 -14.55
N LYS A 8 -0.03 4.14 -15.11
CA LYS A 8 0.24 5.41 -15.77
C LYS A 8 -0.02 6.59 -14.83
N ILE A 9 -0.06 6.30 -13.55
CA ILE A 9 -0.32 7.32 -12.54
C ILE A 9 0.83 8.32 -12.48
N ASP A 10 2.05 7.80 -12.49
CA ASP A 10 3.22 8.64 -12.46
C ASP A 10 3.17 9.63 -11.29
N GLN A 11 2.78 10.87 -11.57
CA GLN A 11 2.71 11.90 -10.53
C GLN A 11 1.61 12.92 -10.86
N PRO A 12 0.39 12.68 -10.44
CA PRO A 12 -0.73 13.61 -10.70
C PRO A 12 -0.65 14.84 -9.78
N ASP A 13 -1.21 15.94 -10.25
CA ASP A 13 -1.20 17.17 -9.48
C ASP A 13 -2.10 17.02 -8.26
N LEU A 14 -1.72 17.67 -7.17
CA LEU A 14 -2.48 17.60 -5.94
C LEU A 14 -3.90 18.08 -6.15
N ALA A 15 -4.09 18.98 -7.09
CA ALA A 15 -5.40 19.53 -7.38
C ALA A 15 -6.34 18.43 -7.85
N GLU A 16 -5.81 17.52 -8.65
CA GLU A 16 -6.59 16.40 -9.16
C GLU A 16 -6.87 15.38 -8.07
N VAL A 17 -5.90 15.22 -7.18
CA VAL A 17 -6.00 14.26 -6.09
C VAL A 17 -6.93 14.79 -5.00
N ALA A 18 -6.78 16.05 -4.68
CA ALA A 18 -7.60 16.70 -3.67
C ALA A 18 -9.07 16.77 -4.12
N ASN A 19 -9.26 16.99 -5.41
CA ASN A 19 -10.60 17.10 -5.97
C ASN A 19 -11.16 15.74 -6.38
N ALA A 20 -10.29 14.75 -6.46
CA ALA A 20 -10.69 13.40 -6.83
C ALA A 20 -11.64 12.82 -5.79
N SER A 21 -12.74 12.23 -6.25
CA SER A 21 -13.72 11.63 -5.35
C SER A 21 -13.39 10.16 -5.11
N LEU A 22 -13.92 9.59 -4.02
CA LEU A 22 -13.66 8.19 -3.67
C LEU A 22 -14.96 7.43 -3.46
N ASP A 23 -15.02 6.22 -4.02
CA ASP A 23 -16.21 5.38 -3.91
C ASP A 23 -16.12 4.49 -2.67
N LYS A 24 -16.60 4.98 -1.54
CA LYS A 24 -16.56 4.22 -0.29
C LYS A 24 -17.05 2.80 -0.53
N LYS A 25 -17.73 2.61 -1.65
CA LYS A 25 -18.25 1.31 -2.02
C LYS A 25 -17.13 0.31 -2.29
N GLN A 26 -16.04 0.81 -2.87
CA GLN A 26 -14.89 -0.03 -3.21
C GLN A 26 -13.99 -0.28 -2.00
N VAL A 27 -14.53 -0.06 -0.81
CA VAL A 27 -13.80 -0.28 0.44
C VAL A 27 -14.04 -1.69 0.95
N ILE A 28 -12.94 -2.44 1.13
CA ILE A 28 -13.03 -3.83 1.59
C ILE A 28 -12.32 -4.04 2.92
N GLY A 29 -11.63 -3.02 3.38
CA GLY A 29 -10.91 -3.10 4.64
C GLY A 29 -10.24 -1.77 4.94
N ARG A 30 -9.37 -1.75 5.94
CA ARG A 30 -8.71 -0.50 6.32
C ARG A 30 -7.30 -0.75 6.82
N ILE A 31 -6.44 0.25 6.67
CA ILE A 31 -5.06 0.16 7.13
C ILE A 31 -4.75 1.35 8.03
N SER A 32 -4.18 1.05 9.18
CA SER A 32 -3.85 2.09 10.15
C SER A 32 -2.42 1.93 10.63
N ILE A 33 -1.68 3.03 10.63
CA ILE A 33 -0.28 3.00 11.04
C ILE A 33 0.05 4.14 12.03
N PRO A 34 0.69 3.85 13.17
CA PRO A 34 1.04 4.90 14.16
C PRO A 34 2.34 5.62 13.82
N SER A 35 3.27 4.87 13.24
CA SER A 35 4.58 5.39 12.92
C SER A 35 4.49 6.74 12.21
N VAL A 36 3.50 6.87 11.33
CA VAL A 36 3.31 8.09 10.56
C VAL A 36 1.93 8.69 10.83
N SER A 37 1.13 8.05 11.68
CA SER A 37 -0.21 8.57 11.97
C SER A 37 -1.02 8.58 10.67
N LEU A 38 -1.05 7.42 10.03
CA LEU A 38 -1.74 7.27 8.75
C LEU A 38 -2.92 6.32 8.86
N GLU A 39 -4.05 6.74 8.31
CA GLU A 39 -5.27 5.94 8.31
C GLU A 39 -5.86 6.04 6.92
N LEU A 40 -5.94 4.90 6.23
CA LEU A 40 -6.44 4.93 4.85
C LEU A 40 -7.28 3.70 4.46
N PRO A 41 -8.57 3.83 4.27
CA PRO A 41 -9.41 2.69 3.81
C PRO A 41 -8.67 1.89 2.73
N VAL A 42 -8.80 0.58 2.77
CA VAL A 42 -8.16 -0.28 1.78
C VAL A 42 -9.11 -0.48 0.60
N LEU A 43 -8.65 -0.16 -0.60
CA LEU A 43 -9.48 -0.29 -1.80
C LEU A 43 -8.99 -1.46 -2.65
N LYS A 44 -9.87 -2.42 -2.90
CA LYS A 44 -9.52 -3.59 -3.70
C LYS A 44 -9.18 -3.20 -5.14
N SER A 45 -10.06 -2.39 -5.73
CA SER A 45 -9.88 -1.94 -7.11
C SER A 45 -8.75 -0.93 -7.20
N SER A 46 -7.60 -1.37 -7.70
CA SER A 46 -6.44 -0.48 -7.86
C SER A 46 -6.54 0.29 -9.16
N THR A 47 -6.96 1.54 -9.05
CA THR A 47 -7.11 2.40 -10.21
C THR A 47 -6.47 3.75 -9.94
N GLU A 48 -6.10 4.44 -11.02
CA GLU A 48 -5.47 5.74 -10.90
C GLU A 48 -6.35 6.68 -10.09
N LYS A 49 -7.65 6.43 -10.12
CA LYS A 49 -8.61 7.27 -9.40
C LYS A 49 -8.75 6.85 -7.93
N ASN A 50 -8.83 5.55 -7.71
CA ASN A 50 -8.99 5.02 -6.36
C ASN A 50 -7.75 5.28 -5.51
N LEU A 51 -6.58 5.26 -6.14
CA LEU A 51 -5.32 5.46 -5.41
C LEU A 51 -5.19 6.89 -4.92
N LEU A 52 -6.04 7.78 -5.42
CA LEU A 52 -5.96 9.18 -5.04
C LEU A 52 -6.51 9.45 -3.64
N SER A 53 -7.23 8.49 -3.06
CA SER A 53 -7.83 8.70 -1.74
C SER A 53 -7.36 7.71 -0.68
N GLY A 54 -6.62 6.69 -1.07
CA GLY A 54 -6.13 5.71 -0.10
C GLY A 54 -5.25 4.65 -0.75
N ALA A 55 -4.71 3.78 0.08
CA ALA A 55 -3.85 2.70 -0.38
C ALA A 55 -4.69 1.60 -1.03
N ALA A 56 -4.32 1.20 -2.24
CA ALA A 56 -5.05 0.15 -2.95
C ALA A 56 -4.26 -1.16 -2.97
N THR A 57 -4.99 -2.28 -2.93
CA THR A 57 -4.35 -3.61 -2.97
C THR A 57 -3.88 -3.89 -4.40
N VAL A 58 -2.81 -4.65 -4.55
CA VAL A 58 -2.27 -4.94 -5.88
C VAL A 58 -2.89 -6.17 -6.55
N LYS A 59 -3.12 -7.23 -5.79
CA LYS A 59 -3.68 -8.47 -6.35
C LYS A 59 -5.22 -8.42 -6.34
N GLU A 60 -5.81 -9.02 -7.38
CA GLU A 60 -7.26 -9.06 -7.54
C GLU A 60 -7.94 -9.92 -6.47
N ASN A 61 -7.16 -10.78 -5.81
CA ASN A 61 -7.70 -11.68 -4.80
C ASN A 61 -6.73 -11.89 -3.64
N GLN A 62 -6.25 -10.79 -3.08
CA GLN A 62 -5.32 -10.84 -1.96
C GLN A 62 -6.09 -11.09 -0.66
N VAL A 63 -5.40 -11.66 0.32
CA VAL A 63 -6.03 -11.96 1.61
C VAL A 63 -5.13 -11.49 2.76
N MET A 64 -5.70 -10.70 3.68
CA MET A 64 -4.94 -10.21 4.81
C MET A 64 -4.66 -11.34 5.80
N GLY A 65 -3.38 -11.52 6.14
CA GLY A 65 -2.99 -12.57 7.08
C GLY A 65 -2.63 -13.85 6.36
N LYS A 66 -2.70 -13.82 5.03
CA LYS A 66 -2.39 -15.01 4.24
C LYS A 66 -1.59 -14.66 3.00
N GLY A 67 -0.39 -15.21 2.90
CA GLY A 67 0.47 -14.93 1.75
C GLY A 67 1.05 -13.53 1.89
N ASN A 68 1.58 -13.00 0.80
CA ASN A 68 2.17 -11.67 0.81
C ASN A 68 1.11 -10.63 0.46
N TYR A 69 0.72 -9.83 1.45
CA TYR A 69 -0.30 -8.80 1.24
C TYR A 69 0.35 -7.54 0.70
N ALA A 70 0.22 -7.34 -0.60
CA ALA A 70 0.81 -6.18 -1.25
C ALA A 70 -0.14 -4.99 -1.29
N LEU A 71 0.35 -3.86 -0.79
CA LEU A 71 -0.42 -2.61 -0.78
C LEU A 71 0.35 -1.54 -1.54
N ALA A 72 -0.35 -0.86 -2.46
CA ALA A 72 0.30 0.17 -3.27
C ALA A 72 -0.20 1.55 -2.88
N GLY A 73 0.72 2.50 -2.86
CA GLY A 73 0.40 3.87 -2.49
C GLY A 73 1.21 4.87 -3.30
N HIS A 74 1.00 6.15 -3.00
CA HIS A 74 1.70 7.23 -3.70
C HIS A 74 3.06 7.49 -3.04
N ASN A 75 4.07 7.76 -3.87
CA ASN A 75 5.43 8.03 -3.37
C ASN A 75 5.77 9.52 -3.55
N MET A 76 4.74 10.33 -3.53
CA MET A 76 4.91 11.78 -3.69
C MET A 76 6.09 12.30 -2.88
N SER A 77 6.58 11.50 -1.95
CA SER A 77 7.71 11.94 -1.13
C SER A 77 7.39 13.25 -0.46
N LYS A 78 6.15 13.38 0.01
CA LYS A 78 5.69 14.59 0.66
C LYS A 78 4.92 14.23 1.92
N LYS A 79 5.35 14.75 3.04
CA LYS A 79 4.67 14.46 4.28
C LYS A 79 3.25 15.00 4.25
N GLY A 80 2.29 14.12 4.47
CA GLY A 80 0.87 14.49 4.43
C GLY A 80 0.17 13.89 3.19
N VAL A 81 0.69 12.79 2.67
CA VAL A 81 0.10 12.12 1.51
C VAL A 81 0.12 10.61 1.73
N LEU A 82 -0.48 9.86 0.81
CA LEU A 82 -0.55 8.42 0.95
C LEU A 82 0.83 7.79 0.77
N PHE A 83 1.21 6.90 1.69
CA PHE A 83 2.50 6.22 1.60
C PHE A 83 3.62 7.20 1.29
N SER A 84 3.49 8.42 1.80
CA SER A 84 4.48 9.46 1.55
C SER A 84 5.68 9.33 2.50
N ASP A 85 5.56 8.47 3.51
CA ASP A 85 6.65 8.32 4.50
C ASP A 85 6.80 6.88 4.98
N ILE A 86 6.64 5.93 4.08
CA ILE A 86 6.76 4.51 4.41
C ILE A 86 8.21 4.15 4.77
N ALA A 87 9.15 4.77 4.10
CA ALA A 87 10.56 4.49 4.34
C ALA A 87 10.99 4.98 5.71
N SER A 88 10.03 5.51 6.48
CA SER A 88 10.31 6.03 7.80
C SER A 88 10.01 4.98 8.83
N LEU A 89 9.33 3.92 8.40
CA LEU A 89 8.97 2.84 9.28
C LEU A 89 10.21 2.09 9.73
N LYS A 90 10.36 1.97 11.04
CA LYS A 90 11.51 1.28 11.62
C LYS A 90 11.15 -0.16 11.97
N LYS A 91 12.17 -0.99 12.12
CA LYS A 91 11.97 -2.40 12.45
C LYS A 91 11.26 -2.54 13.79
N GLY A 92 10.17 -3.30 13.79
CA GLY A 92 9.39 -3.52 15.02
C GLY A 92 8.28 -2.48 15.14
N ASP A 93 7.92 -1.91 14.01
CA ASP A 93 6.85 -0.91 13.97
C ASP A 93 5.51 -1.62 13.86
N LYS A 94 4.54 -1.23 14.69
CA LYS A 94 3.23 -1.88 14.68
C LYS A 94 2.34 -1.37 13.54
N ILE A 95 1.77 -2.31 12.79
CA ILE A 95 0.88 -1.99 11.67
C ILE A 95 -0.44 -2.72 11.87
N TYR A 96 -1.54 -1.96 11.86
CA TYR A 96 -2.86 -2.55 12.08
C TYR A 96 -3.65 -2.58 10.78
N LEU A 97 -4.07 -3.78 10.38
CA LEU A 97 -4.83 -3.96 9.13
C LEU A 97 -6.23 -4.47 9.44
N TYR A 98 -7.19 -4.09 8.60
CA TYR A 98 -8.59 -4.50 8.78
C TYR A 98 -9.12 -5.23 7.56
N ASP A 99 -9.74 -6.37 7.83
CA ASP A 99 -10.36 -7.18 6.79
C ASP A 99 -11.85 -7.18 7.03
N ASN A 100 -12.58 -8.10 6.39
CA ASN A 100 -14.03 -8.20 6.56
C ASN A 100 -14.49 -7.60 7.89
N GLU A 101 -14.21 -8.34 8.97
CA GLU A 101 -14.55 -7.91 10.32
C GLU A 101 -13.39 -8.27 11.24
N ASN A 102 -12.19 -8.35 10.69
CA ASN A 102 -11.03 -8.78 11.46
C ASN A 102 -9.89 -7.77 11.42
N GLU A 103 -9.23 -7.62 12.57
CA GLU A 103 -8.10 -6.70 12.70
C GLU A 103 -6.80 -7.50 12.76
N TYR A 104 -5.90 -7.25 11.81
CA TYR A 104 -4.63 -7.97 11.74
C TYR A 104 -3.48 -7.10 12.24
N GLU A 105 -2.70 -7.65 13.16
CA GLU A 105 -1.55 -6.94 13.70
C GLU A 105 -0.29 -7.36 12.94
N TYR A 106 0.32 -6.38 12.27
CA TYR A 106 1.53 -6.62 11.48
C TYR A 106 2.70 -5.82 12.03
N ALA A 107 3.89 -6.42 12.04
CA ALA A 107 5.08 -5.72 12.54
C ALA A 107 6.17 -5.66 11.47
N VAL A 108 6.80 -4.50 11.36
CA VAL A 108 7.87 -4.28 10.40
C VAL A 108 9.10 -5.04 10.81
N THR A 109 9.68 -5.76 9.84
CA THR A 109 10.87 -6.58 10.07
C THR A 109 12.08 -6.01 9.35
N GLY A 110 11.84 -5.28 8.26
CA GLY A 110 12.95 -4.71 7.51
C GLY A 110 12.45 -3.86 6.35
N VAL A 111 13.23 -2.84 6.01
CA VAL A 111 12.89 -1.93 4.91
C VAL A 111 14.06 -1.86 3.93
N SER A 112 13.76 -1.66 2.65
CA SER A 112 14.80 -1.62 1.64
C SER A 112 14.33 -0.90 0.38
N GLU A 113 15.27 -0.62 -0.52
CA GLU A 113 14.97 0.06 -1.79
C GLU A 113 15.35 -0.85 -2.94
N VAL A 114 14.38 -1.11 -3.83
CA VAL A 114 14.60 -2.01 -4.96
C VAL A 114 14.04 -1.42 -6.25
N THR A 115 14.53 -1.91 -7.37
CA THR A 115 14.05 -1.43 -8.66
C THR A 115 12.62 -1.94 -8.89
N PRO A 116 11.71 -1.13 -9.39
CA PRO A 116 10.29 -1.55 -9.61
C PRO A 116 10.21 -2.92 -10.29
N ASP A 117 11.32 -3.37 -10.86
CA ASP A 117 11.35 -4.63 -11.58
C ASP A 117 11.42 -5.81 -10.60
N LYS A 118 11.68 -5.50 -9.34
CA LYS A 118 11.77 -6.52 -8.29
C LYS A 118 10.38 -6.83 -7.75
N TRP A 119 9.54 -7.37 -8.61
CA TRP A 119 8.19 -7.72 -8.21
C TRP A 119 8.18 -8.90 -7.25
N GLU A 120 9.14 -9.78 -7.40
CA GLU A 120 9.24 -10.94 -6.54
C GLU A 120 9.09 -10.56 -5.08
N VAL A 121 9.22 -9.26 -4.82
CA VAL A 121 9.12 -8.71 -3.46
C VAL A 121 7.72 -8.83 -2.86
N VAL A 122 6.71 -8.54 -3.68
CA VAL A 122 5.31 -8.57 -3.24
C VAL A 122 4.66 -9.88 -3.65
N GLU A 123 5.46 -10.72 -4.27
CA GLU A 123 4.98 -12.00 -4.78
C GLU A 123 4.94 -13.05 -3.69
N ASP A 124 3.75 -13.57 -3.46
CA ASP A 124 3.50 -14.62 -2.46
C ASP A 124 4.70 -15.56 -2.33
N HIS A 125 5.23 -15.66 -1.10
CA HIS A 125 6.40 -16.52 -0.84
C HIS A 125 5.99 -17.81 -0.11
N GLY A 126 5.09 -17.67 0.87
CA GLY A 126 4.62 -18.85 1.63
C GLY A 126 4.39 -18.50 3.09
N LYS A 127 4.09 -17.23 3.34
CA LYS A 127 3.84 -16.78 4.70
C LYS A 127 2.94 -15.54 4.72
N ASP A 128 2.54 -15.12 5.91
CA ASP A 128 1.70 -13.95 6.07
C ASP A 128 2.55 -12.71 6.37
N GLU A 129 3.01 -12.08 5.31
CA GLU A 129 3.86 -10.89 5.42
C GLU A 129 3.28 -9.75 4.57
N ILE A 130 3.10 -8.57 5.17
CA ILE A 130 2.57 -7.42 4.44
C ILE A 130 3.70 -6.76 3.64
N THR A 131 3.36 -6.20 2.48
CA THR A 131 4.37 -5.54 1.64
C THR A 131 3.85 -4.22 1.09
N LEU A 132 4.51 -3.12 1.46
CA LEU A 132 4.10 -1.79 0.99
C LEU A 132 5.02 -1.28 -0.12
N ILE A 133 4.40 -0.91 -1.24
CA ILE A 133 5.13 -0.43 -2.40
C ILE A 133 4.41 0.76 -3.03
N THR A 134 4.96 1.26 -4.14
CA THR A 134 4.37 2.41 -4.83
C THR A 134 4.40 2.20 -6.35
N CYS A 135 3.39 2.75 -7.05
CA CYS A 135 3.29 2.61 -8.50
C CYS A 135 3.69 3.90 -9.21
N VAL A 136 4.75 4.53 -8.73
CA VAL A 136 5.24 5.79 -9.32
C VAL A 136 6.66 5.62 -9.85
N SER A 137 6.89 6.06 -11.09
CA SER A 137 8.21 5.94 -11.73
C SER A 137 8.62 7.25 -12.40
N VAL A 138 9.57 7.94 -11.80
CA VAL A 138 10.05 9.22 -12.33
C VAL A 138 11.57 9.26 -12.34
N LYS A 139 12.14 10.17 -13.12
CA LYS A 139 13.59 10.29 -13.24
C LYS A 139 14.21 10.61 -11.89
N ASP A 140 13.56 11.49 -11.13
CA ASP A 140 14.05 11.88 -9.82
C ASP A 140 14.16 10.66 -8.89
N ASN A 141 13.10 9.87 -8.84
CA ASN A 141 13.05 8.68 -7.99
C ASN A 141 13.34 7.41 -8.81
N SER A 142 14.61 7.17 -9.07
CA SER A 142 15.00 6.00 -9.86
C SER A 142 14.53 4.72 -9.20
N LYS A 143 14.71 4.63 -7.89
CA LYS A 143 14.29 3.44 -7.13
C LYS A 143 13.31 3.83 -6.05
N ARG A 144 12.30 3.00 -5.85
CA ARG A 144 11.27 3.26 -4.84
C ARG A 144 11.59 2.54 -3.54
N TYR A 145 10.99 3.01 -2.45
CA TYR A 145 11.19 2.39 -1.13
C TYR A 145 10.11 1.34 -0.88
N VAL A 146 10.51 0.22 -0.27
CA VAL A 146 9.59 -0.88 0.02
C VAL A 146 9.74 -1.35 1.46
N VAL A 147 8.59 -1.53 2.13
CA VAL A 147 8.56 -1.98 3.53
C VAL A 147 7.84 -3.30 3.66
N ALA A 148 8.46 -4.25 4.35
CA ALA A 148 7.88 -5.58 4.57
C ALA A 148 7.61 -5.79 6.05
N GLY A 149 6.44 -6.34 6.37
CA GLY A 149 6.06 -6.59 7.77
C GLY A 149 5.51 -8.00 7.96
N ASP A 150 5.90 -8.60 9.08
CA ASP A 150 5.48 -9.95 9.41
C ASP A 150 4.27 -9.94 10.35
N LEU A 151 3.34 -10.85 10.12
CA LEU A 151 2.14 -10.93 10.95
C LEU A 151 2.48 -11.37 12.36
N VAL A 152 1.99 -10.60 13.33
CA VAL A 152 2.25 -10.89 14.74
C VAL A 152 1.01 -11.45 15.43
N GLY A 153 -0.17 -11.16 14.90
CA GLY A 153 -1.40 -11.67 15.49
C GLY A 153 -2.64 -11.02 14.88
N THR A 154 -3.79 -11.67 15.09
CA THR A 154 -5.06 -11.15 14.55
C THR A 154 -6.15 -11.32 15.58
N LYS A 155 -7.19 -10.53 15.44
CA LYS A 155 -8.33 -10.56 16.34
C LYS A 155 -9.58 -10.14 15.59
N ALA A 156 -10.72 -10.16 16.26
CA ALA A 156 -11.98 -9.78 15.63
C ALA A 156 -12.30 -8.32 15.90
N LYS A 157 -12.82 -7.65 14.87
CA LYS A 157 -13.17 -6.25 14.97
C LYS A 157 -14.25 -6.05 16.02
N LYS A 158 -13.87 -6.02 17.28
CA LYS A 158 -14.82 -5.80 18.35
C LYS A 158 -16.00 -6.76 18.22
#